data_3K39
#
_entry.id   3K39
#
_cell.length_a   111.964
_cell.length_b   124.874
_cell.length_c   125.245
_cell.angle_alpha   90.03
_cell.angle_beta   92.11
_cell.angle_gamma   91.27
#
_symmetry.space_group_name_H-M   'P 1'
#
loop_
_entity.id
_entity.type
_entity.pdbx_description
1 polymer Neuraminidase
2 non-polymer 2-acetamido-2-deoxy-beta-D-glucopyranose
3 non-polymer 'CALCIUM ION'
4 non-polymer '3-(1-ACETYLAMINO-2-ETHYL-BUTYL)-4-GUANIDINO-2-HYDROXY-CYCLOPENTANECARBOXYLIC ACID'
5 non-polymer 'YTTRIUM (III) ION'
6 water water
#
_entity_poly.entity_id   1
_entity_poly.type   'polypeptide(L)'
_entity_poly.pdbx_seq_one_letter_code
;GVTLLLPEPEWTYPRLSCPGSTFQKALLISPHRFGETKGNSAPLIIREPFIACGPKECKHFALTHYAAQPGGYYNGTRGD
RNKLRHLISVKLGKIPTVENSIFHMAAWSGSACHDGKEWTYIGVDGPENNALLKIKYGEAYTDTYHSYANNILRTQESAC
NCIGGNCYLMITDGSASGISECRFLKIREGRIIKEIFPTGRVKHTEECTCGFASNKTIECACRDNSYTAKRPFVKLNVET
DTAEIRLMCTETYLDTPRPDDGSITGPCESNGDKGSGGIKGGFVHQRMASKIGRWYSRTMSKTKRMGMGLYVKYDGDPWT
DSDALALSGVMVSMEEPGWYSFGFEIKDKKCDVPCIGIEMVHDGGKETWHSAATAIYCLMGSGQLLWDTVTGVDMAL
;
_entity_poly.pdbx_strand_id   A,B,C,D,E,F,G,H,I,J,K,L,M,N,O,P
#
# COMPACT_ATOMS: atom_id res chain seq x y z
N PRO A 9 2.46 -15.41 48.40
CA PRO A 9 2.94 -16.67 48.98
C PRO A 9 4.40 -16.58 49.42
N GLU A 10 4.85 -17.62 50.14
CA GLU A 10 6.16 -17.68 50.80
C GLU A 10 6.90 -19.02 50.59
N TRP A 11 8.18 -19.10 50.97
CA TRP A 11 8.92 -20.35 50.89
C TRP A 11 8.33 -21.30 51.93
N THR A 12 8.30 -22.59 51.57
CA THR A 12 7.81 -23.62 52.47
C THR A 12 8.96 -24.33 53.13
N TYR A 13 8.65 -24.98 54.26
CA TYR A 13 9.64 -25.73 55.06
C TYR A 13 8.95 -27.02 55.52
N PRO A 14 9.72 -28.08 55.83
CA PRO A 14 9.03 -29.24 56.42
C PRO A 14 8.48 -28.93 57.81
N ARG A 15 7.31 -29.44 58.15
CA ARG A 15 6.74 -29.24 59.48
C ARG A 15 6.58 -30.56 60.20
N LEU A 16 6.08 -30.51 61.43
CA LEU A 16 5.71 -31.73 62.13
C LEU A 16 4.62 -32.46 61.34
N SER A 17 4.74 -33.79 61.31
CA SER A 17 3.75 -34.63 60.66
C SER A 17 2.45 -34.56 61.42
N CYS A 18 1.35 -34.86 60.74
CA CYS A 18 0.03 -34.91 61.36
C CYS A 18 -0.01 -36.13 62.27
N PRO A 19 -0.90 -36.13 63.28
CA PRO A 19 -1.05 -37.27 64.19
C PRO A 19 -1.37 -38.58 63.49
N GLY A 20 -0.84 -39.68 64.01
CA GLY A 20 -1.12 -41.02 63.49
C GLY A 20 -0.04 -42.03 63.89
N SER A 21 -0.39 -43.31 63.87
CA SER A 21 0.58 -44.36 64.14
C SER A 21 0.46 -45.55 63.18
N THR A 22 -0.33 -45.39 62.11
CA THR A 22 -0.43 -46.41 61.05
C THR A 22 -0.77 -45.83 59.69
N PHE A 23 -0.29 -46.51 58.66
CA PHE A 23 -0.70 -46.21 57.30
C PHE A 23 -2.01 -46.93 56.96
N GLN A 24 -2.80 -46.34 56.06
CA GLN A 24 -3.96 -47.04 55.48
C GLN A 24 -3.97 -46.85 53.97
N LYS A 25 -4.78 -47.68 53.30
CA LYS A 25 -5.01 -47.59 51.87
C LYS A 25 -5.75 -46.31 51.58
N ALA A 26 -5.22 -45.47 50.69
CA ALA A 26 -5.89 -44.20 50.40
C ALA A 26 -6.63 -44.18 49.06
N LEU A 27 -5.96 -44.54 47.97
CA LEU A 27 -6.42 -44.17 46.63
C LEU A 27 -5.66 -44.97 45.57
N LEU A 28 -6.38 -45.42 44.55
CA LEU A 28 -5.81 -46.11 43.43
C LEU A 28 -6.01 -45.27 42.14
N ILE A 29 -4.93 -45.15 41.36
CA ILE A 29 -5.00 -44.57 40.03
C ILE A 29 -4.70 -45.67 39.00
N SER A 30 -5.74 -46.31 38.47
CA SER A 30 -5.56 -47.41 37.54
C SER A 30 -6.16 -47.04 36.21
N PRO A 31 -5.41 -46.27 35.40
CA PRO A 31 -5.94 -45.71 34.17
C PRO A 31 -6.29 -46.80 33.17
N HIS A 32 -5.65 -47.95 33.28
CA HIS A 32 -5.84 -49.01 32.30
C HIS A 32 -7.09 -49.85 32.49
N ARG A 33 -7.81 -49.62 33.60
CA ARG A 33 -9.19 -50.08 33.75
C ARG A 33 -10.10 -49.53 32.63
N PHE A 34 -9.62 -48.53 31.89
CA PHE A 34 -10.39 -47.86 30.84
C PHE A 34 -9.73 -47.98 29.47
N GLY A 35 -8.76 -48.88 29.33
CA GLY A 35 -8.11 -49.06 28.05
C GLY A 35 -8.52 -50.24 27.17
N GLU A 36 -9.69 -50.84 27.41
CA GLU A 36 -10.20 -51.91 26.56
C GLU A 36 -10.41 -51.52 25.08
N THR A 37 -10.36 -52.53 24.20
CA THR A 37 -10.71 -52.37 22.79
C THR A 37 -12.14 -51.88 22.71
N LYS A 38 -13.00 -52.48 23.56
CA LYS A 38 -14.44 -52.23 23.60
C LYS A 38 -14.88 -50.91 24.27
N GLY A 39 -13.93 -50.21 24.93
CA GLY A 39 -14.18 -48.89 25.55
C GLY A 39 -13.79 -47.69 24.67
N ASN A 40 -13.95 -46.48 25.21
CA ASN A 40 -13.75 -45.26 24.45
C ASN A 40 -12.81 -44.29 25.15
N SER A 41 -11.79 -44.81 25.82
CA SER A 41 -10.82 -43.95 26.49
C SER A 41 -9.39 -44.06 25.92
N ALA A 42 -8.54 -43.15 26.41
CA ALA A 42 -7.15 -43.01 26.01
C ALA A 42 -6.20 -42.78 27.23
N PRO A 43 -6.07 -43.79 28.13
CA PRO A 43 -5.05 -43.71 29.19
C PRO A 43 -3.66 -43.72 28.60
N LEU A 44 -2.76 -42.89 29.11
CA LEU A 44 -1.40 -42.83 28.56
C LEU A 44 -0.54 -43.99 29.05
N ILE A 45 0.31 -44.51 28.15
CA ILE A 45 1.26 -45.58 28.46
C ILE A 45 2.42 -44.94 29.20
N ILE A 46 2.68 -45.44 30.42
CA ILE A 46 3.70 -44.82 31.28
C ILE A 46 4.47 -45.85 32.07
N ARG A 47 5.49 -45.38 32.78
CA ARG A 47 6.21 -46.10 33.83
C ARG A 47 6.88 -45.02 34.69
N GLU A 48 7.58 -45.41 35.75
CA GLU A 48 8.21 -44.43 36.67
C GLU A 48 7.26 -43.35 37.16
N PRO A 49 6.14 -43.71 37.78
CA PRO A 49 5.30 -42.65 38.33
C PRO A 49 5.80 -42.15 39.69
N PHE A 50 5.34 -40.97 40.09
CA PHE A 50 5.63 -40.42 41.42
C PHE A 50 4.76 -39.20 41.67
N ILE A 51 4.66 -38.80 42.93
CA ILE A 51 3.74 -37.74 43.35
C ILE A 51 4.53 -36.67 44.12
N ALA A 52 4.17 -35.41 43.87
CA ALA A 52 4.76 -34.26 44.59
C ALA A 52 3.69 -33.23 44.84
N CYS A 53 3.73 -32.63 46.03
CA CYS A 53 2.64 -31.75 46.45
C CYS A 53 3.14 -30.35 46.81
N GLY A 54 2.38 -29.33 46.41
CA GLY A 54 2.55 -27.96 46.90
C GLY A 54 1.53 -27.65 47.99
N PRO A 55 1.36 -26.34 48.35
CA PRO A 55 0.50 -25.92 49.47
C PRO A 55 -1.00 -26.08 49.19
N LYS A 56 -1.36 -26.21 47.90
CA LYS A 56 -2.77 -26.41 47.55
C LYS A 56 -3.07 -27.67 46.69
N GLU A 57 -2.07 -28.17 45.98
CA GLU A 57 -2.27 -29.19 44.95
C GLU A 57 -1.28 -30.35 45.09
N CYS A 58 -1.72 -31.58 44.86
CA CYS A 58 -0.80 -32.72 44.61
C CYS A 58 -0.87 -33.11 43.13
N LYS A 59 0.29 -33.19 42.48
CA LYS A 59 0.38 -33.60 41.10
C LYS A 59 0.94 -35.01 41.01
N HIS A 60 0.39 -35.77 40.06
CA HIS A 60 0.80 -37.13 39.80
C HIS A 60 1.63 -37.11 38.51
N PHE A 61 2.92 -37.41 38.63
CA PHE A 61 3.81 -37.37 37.45
C PHE A 61 4.08 -38.77 36.91
N ALA A 62 4.51 -38.82 35.65
CA ALA A 62 5.03 -40.09 35.10
C ALA A 62 5.83 -39.83 33.84
N LEU A 63 6.57 -40.84 33.41
CA LEU A 63 7.30 -40.79 32.18
C LEU A 63 6.54 -41.60 31.14
N THR A 64 5.89 -40.91 30.18
CA THR A 64 5.13 -41.55 29.11
C THR A 64 6.01 -42.00 27.93
N HIS A 65 5.58 -42.99 27.14
CA HIS A 65 6.22 -43.29 25.85
C HIS A 65 5.47 -42.59 24.72
N TYR A 66 4.71 -41.55 25.05
CA TYR A 66 3.98 -40.79 24.05
C TYR A 66 3.07 -41.69 23.18
N ALA A 67 2.40 -42.64 23.85
CA ALA A 67 1.45 -43.56 23.21
C ALA A 67 0.36 -43.85 24.20
N ALA A 68 -0.75 -44.42 23.71
CA ALA A 68 -1.96 -44.62 24.50
C ALA A 68 -2.52 -46.00 24.26
N GLN A 69 -3.41 -46.46 25.16
CA GLN A 69 -4.06 -47.76 25.05
C GLN A 69 -5.56 -47.56 24.98
N PRO A 70 -6.24 -48.10 23.93
CA PRO A 70 -5.67 -48.83 22.79
C PRO A 70 -4.99 -47.93 21.76
N GLY A 71 -4.02 -48.47 21.03
CA GLY A 71 -3.27 -47.77 20.01
C GLY A 71 -2.43 -48.78 19.22
N GLY A 72 -1.59 -48.27 18.33
CA GLY A 72 -0.69 -49.09 17.54
C GLY A 72 0.77 -48.73 17.71
N TYR A 73 1.11 -48.12 18.86
CA TYR A 73 2.53 -47.83 19.19
C TYR A 73 3.11 -48.64 20.40
N TYR A 74 2.64 -49.87 20.56
CA TYR A 74 3.07 -50.69 21.69
C TYR A 74 4.53 -51.12 21.59
N ASN A 75 4.98 -51.47 20.39
CA ASN A 75 6.41 -51.77 20.17
C ASN A 75 7.36 -50.66 20.74
N GLY A 76 8.16 -51.01 21.74
CA GLY A 76 9.13 -50.09 22.36
C GLY A 76 8.73 -49.59 23.75
N THR A 77 7.55 -49.97 24.21
CA THR A 77 7.08 -49.45 25.48
C THR A 77 7.68 -50.16 26.69
N ARG A 78 8.34 -51.33 26.48
CA ARG A 78 9.20 -51.96 27.52
C ARG A 78 10.61 -51.36 27.67
N GLY A 79 11.08 -50.65 26.63
CA GLY A 79 12.37 -49.94 26.61
C GLY A 79 12.47 -48.84 27.63
N ASP A 80 13.70 -48.46 27.98
CA ASP A 80 13.88 -47.48 29.06
C ASP A 80 14.00 -46.05 28.58
N ARG A 81 14.68 -45.86 27.45
CA ARG A 81 15.00 -44.52 26.91
C ARG A 81 14.74 -44.47 25.41
N ASN A 82 14.11 -43.42 24.96
CA ASN A 82 14.02 -43.09 23.52
C ASN A 82 13.73 -41.59 23.38
N LYS A 83 13.62 -41.14 22.13
CA LYS A 83 13.43 -39.75 21.75
C LYS A 83 12.01 -39.21 21.94
N LEU A 84 11.04 -40.08 22.23
CA LEU A 84 9.62 -39.66 22.37
C LEU A 84 9.16 -39.51 23.85
N ARG A 85 9.80 -40.24 24.73
CA ARG A 85 9.60 -40.18 26.17
C ARG A 85 9.50 -38.74 26.77
N HIS A 86 8.51 -38.52 27.62
CA HIS A 86 8.17 -37.19 28.12
C HIS A 86 7.69 -37.27 29.56
N LEU A 87 8.07 -36.24 30.35
CA LEU A 87 7.52 -36.00 31.66
C LEU A 87 6.11 -35.38 31.53
N ILE A 88 5.12 -36.03 32.15
CA ILE A 88 3.73 -35.56 32.13
C ILE A 88 3.19 -35.48 33.55
N SER A 89 2.07 -34.81 33.71
CA SER A 89 1.40 -34.82 34.99
C SER A 89 -0.12 -34.62 34.85
N VAL A 90 -0.83 -34.98 35.91
CA VAL A 90 -2.19 -34.54 36.18
C VAL A 90 -2.30 -34.16 37.67
N LYS A 91 -3.35 -33.42 37.99
CA LYS A 91 -3.75 -33.22 39.37
C LYS A 91 -4.11 -34.60 39.94
N LEU A 92 -3.53 -34.94 41.11
CA LEU A 92 -3.73 -36.24 41.71
C LEU A 92 -5.23 -36.45 41.91
N GLY A 93 -5.76 -37.58 41.45
CA GLY A 93 -7.18 -37.85 41.46
C GLY A 93 -7.79 -37.94 40.07
N LYS A 94 -7.08 -37.40 39.07
CA LYS A 94 -7.52 -37.41 37.68
C LYS A 94 -6.83 -38.55 36.96
N ILE A 95 -7.52 -39.21 36.04
CA ILE A 95 -6.94 -40.26 35.24
C ILE A 95 -6.05 -39.57 34.19
N PRO A 96 -4.76 -39.96 34.11
CA PRO A 96 -3.87 -39.41 33.07
C PRO A 96 -4.11 -39.99 31.66
N THR A 97 -5.05 -39.35 30.96
CA THR A 97 -5.37 -39.70 29.58
C THR A 97 -4.69 -38.70 28.67
N VAL A 98 -4.90 -38.82 27.37
CA VAL A 98 -4.30 -37.91 26.41
C VAL A 98 -4.74 -36.47 26.69
N GLU A 99 -6.03 -36.27 26.92
CA GLU A 99 -6.55 -34.92 27.06
C GLU A 99 -6.34 -34.34 28.46
N ASN A 100 -6.44 -35.18 29.48
CA ASN A 100 -6.30 -34.72 30.85
C ASN A 100 -4.87 -34.28 31.22
N SER A 101 -3.86 -34.92 30.63
CA SER A 101 -2.47 -34.69 31.02
C SER A 101 -1.89 -33.40 30.43
N ILE A 102 -0.79 -32.94 30.99
CA ILE A 102 -0.02 -31.89 30.41
C ILE A 102 1.41 -32.43 30.22
N PHE A 103 2.02 -32.13 29.08
CA PHE A 103 3.38 -32.53 28.74
C PHE A 103 4.35 -31.45 29.06
N HIS A 104 5.23 -31.70 30.03
CA HIS A 104 6.14 -30.68 30.56
C HIS A 104 7.40 -30.52 29.73
N MET A 105 8.10 -31.64 29.47
CA MET A 105 9.30 -31.64 28.63
C MET A 105 9.67 -33.07 28.18
N ALA A 106 10.51 -33.17 27.16
CA ALA A 106 11.04 -34.46 26.75
C ALA A 106 11.95 -34.98 27.88
N ALA A 107 11.85 -36.27 28.21
CA ALA A 107 12.63 -36.84 29.31
C ALA A 107 12.46 -38.33 29.41
N TRP A 108 13.55 -39.03 29.68
CA TRP A 108 13.43 -40.45 29.99
C TRP A 108 13.88 -40.76 31.43
N SER A 109 14.01 -39.67 32.21
CA SER A 109 14.27 -39.71 33.65
C SER A 109 13.87 -38.35 34.20
N GLY A 110 13.13 -38.34 35.31
CA GLY A 110 12.48 -37.13 35.80
C GLY A 110 12.43 -36.94 37.32
N SER A 111 11.96 -35.75 37.71
CA SER A 111 11.70 -35.38 39.11
C SER A 111 10.94 -34.06 39.07
N ALA A 112 10.32 -33.70 40.19
CA ALA A 112 9.66 -32.39 40.31
C ALA A 112 9.49 -32.04 41.76
N CYS A 113 9.25 -30.76 42.03
CA CYS A 113 9.00 -30.27 43.41
C CYS A 113 8.52 -28.82 43.41
N HIS A 114 7.74 -28.49 44.42
CA HIS A 114 7.28 -27.13 44.66
C HIS A 114 8.05 -26.48 45.82
N ASP A 115 8.45 -25.21 45.65
CA ASP A 115 9.25 -24.52 46.67
C ASP A 115 8.44 -23.60 47.54
N GLY A 116 7.12 -23.64 47.37
CA GLY A 116 6.24 -22.70 48.06
C GLY A 116 5.69 -21.60 47.16
N LYS A 117 6.45 -21.21 46.15
CA LYS A 117 6.00 -20.18 45.17
C LYS A 117 5.71 -20.78 43.79
N GLU A 118 6.47 -21.80 43.41
CA GLU A 118 6.41 -22.30 42.07
C GLU A 118 6.96 -23.72 41.91
N TRP A 119 6.52 -24.38 40.84
CA TRP A 119 6.91 -25.76 40.50
C TRP A 119 8.23 -25.79 39.73
N THR A 120 9.13 -26.65 40.18
CA THR A 120 10.35 -26.96 39.44
C THR A 120 10.16 -28.33 38.80
N TYR A 121 10.42 -28.43 37.50
CA TYR A 121 10.34 -29.71 36.77
C TYR A 121 11.72 -30.13 36.27
N ILE A 122 12.04 -31.40 36.43
CA ILE A 122 13.35 -31.89 36.07
C ILE A 122 13.23 -33.09 35.13
N GLY A 123 13.96 -33.04 34.02
CA GLY A 123 13.96 -34.09 33.03
C GLY A 123 15.30 -34.28 32.33
N VAL A 124 15.74 -35.54 32.22
CA VAL A 124 16.93 -35.87 31.51
C VAL A 124 16.58 -36.54 30.19
N ASP A 125 17.23 -36.10 29.11
CA ASP A 125 17.27 -36.88 27.86
C ASP A 125 18.65 -36.69 27.20
N GLY A 126 18.73 -37.06 25.92
CA GLY A 126 20.00 -37.01 25.18
C GLY A 126 20.56 -38.40 24.99
N PRO A 127 21.72 -38.51 24.33
CA PRO A 127 22.22 -39.85 24.04
C PRO A 127 22.90 -40.51 25.24
N GLU A 128 23.04 -41.83 25.17
CA GLU A 128 23.68 -42.69 26.19
C GLU A 128 24.94 -42.11 26.79
N ASN A 129 25.94 -41.88 25.95
CA ASN A 129 27.25 -41.39 26.34
C ASN A 129 27.37 -39.88 26.66
N ASN A 130 26.27 -39.13 26.58
CA ASN A 130 26.28 -37.69 26.84
C ASN A 130 24.92 -37.06 27.14
N ALA A 131 24.14 -37.72 27.98
CA ALA A 131 22.82 -37.25 28.32
C ALA A 131 22.89 -35.89 29.02
N LEU A 132 21.71 -35.27 29.18
CA LEU A 132 21.61 -33.89 29.65
C LEU A 132 20.38 -33.72 30.53
N LEU A 133 20.61 -33.24 31.74
CA LEU A 133 19.52 -32.89 32.64
C LEU A 133 19.02 -31.50 32.35
N LYS A 134 17.69 -31.32 32.38
CA LYS A 134 17.09 -30.05 32.01
C LYS A 134 16.16 -29.62 33.10
N ILE A 135 16.16 -28.33 33.38
CA ILE A 135 15.36 -27.75 34.44
C ILE A 135 14.39 -26.72 33.89
N LYS A 136 13.15 -26.78 34.36
CA LYS A 136 12.06 -25.86 33.96
C LYS A 136 11.42 -25.27 35.24
N TYR A 137 11.26 -23.94 35.29
CA TYR A 137 10.64 -23.27 36.44
C TYR A 137 9.33 -22.60 36.03
N GLY A 138 8.21 -23.18 36.47
CA GLY A 138 6.90 -22.81 35.91
C GLY A 138 6.86 -23.15 34.42
N GLU A 139 6.86 -22.13 33.57
CA GLU A 139 6.76 -22.32 32.15
C GLU A 139 8.07 -22.20 31.43
N ALA A 140 9.04 -21.57 32.11
CA ALA A 140 10.37 -21.31 31.55
C ALA A 140 11.39 -22.43 31.71
N TYR A 141 12.09 -22.77 30.64
CA TYR A 141 13.34 -23.57 30.70
C TYR A 141 14.44 -22.64 31.18
N THR A 142 15.18 -23.05 32.22
CA THR A 142 16.09 -22.15 32.95
C THR A 142 17.58 -22.56 33.10
N ASP A 143 17.87 -23.88 33.09
CA ASP A 143 19.24 -24.38 33.30
C ASP A 143 19.44 -25.85 32.84
N THR A 144 20.73 -26.26 32.70
CA THR A 144 21.11 -27.65 32.44
C THR A 144 22.31 -28.12 33.24
N TYR A 145 22.46 -29.44 33.35
CA TYR A 145 23.65 -30.07 33.92
C TYR A 145 24.09 -31.15 32.94
N HIS A 146 25.38 -31.30 32.80
CA HIS A 146 25.97 -32.19 31.82
C HIS A 146 26.43 -33.49 32.46
N SER A 147 26.33 -34.55 31.65
CA SER A 147 26.94 -35.84 31.94
C SER A 147 28.41 -35.73 32.35
N TYR A 148 28.79 -36.40 33.44
CA TYR A 148 30.14 -36.29 34.00
C TYR A 148 30.87 -37.63 34.05
N ALA A 149 30.17 -38.72 33.75
CA ALA A 149 30.83 -40.03 33.62
C ALA A 149 30.46 -40.67 32.27
N ASN A 150 29.71 -39.92 31.46
CA ASN A 150 29.41 -40.33 30.09
C ASN A 150 28.78 -41.69 29.95
N ASN A 151 27.88 -42.03 30.89
CA ASN A 151 27.10 -43.25 30.80
C ASN A 151 25.76 -43.09 31.47
N ILE A 152 24.77 -42.67 30.68
CA ILE A 152 23.38 -42.52 31.13
C ILE A 152 23.25 -41.68 32.40
N LEU A 153 23.49 -40.36 32.28
CA LEU A 153 23.14 -39.39 33.32
C LEU A 153 21.67 -39.57 33.65
N ARG A 154 21.33 -39.47 34.93
CA ARG A 154 20.17 -40.16 35.49
C ARG A 154 19.68 -39.41 36.70
N THR A 155 18.39 -39.48 37.01
CA THR A 155 17.88 -38.82 38.24
C THR A 155 16.92 -39.68 39.04
N GLN A 156 16.26 -39.10 40.04
CA GLN A 156 15.54 -39.84 41.11
C GLN A 156 14.33 -40.69 40.73
N GLU A 157 13.56 -40.25 39.74
N GLU A 157 13.57 -40.25 39.74
CA GLU A 157 12.22 -40.80 39.49
CA GLU A 157 12.22 -40.77 39.46
C GLU A 157 11.30 -40.57 40.68
C GLU A 157 11.30 -40.57 40.65
N SER A 158 11.56 -39.50 41.41
CA SER A 158 10.66 -39.05 42.49
C SER A 158 10.92 -37.60 42.87
N ALA A 159 10.09 -37.11 43.79
CA ALA A 159 10.08 -35.73 44.22
C ALA A 159 11.40 -35.23 44.74
N CYS A 160 11.89 -34.12 44.23
CA CYS A 160 12.98 -33.39 44.89
C CYS A 160 12.39 -32.75 46.14
N ASN A 161 13.23 -32.00 46.86
CA ASN A 161 12.85 -31.48 48.16
C ASN A 161 13.33 -30.07 48.38
N CYS A 162 12.42 -29.13 48.62
CA CYS A 162 12.76 -27.74 48.74
C CYS A 162 12.59 -27.20 50.16
N ILE A 163 13.56 -26.40 50.59
CA ILE A 163 13.49 -25.70 51.87
C ILE A 163 14.00 -24.29 51.69
N GLY A 164 13.19 -23.31 52.12
CA GLY A 164 13.63 -21.91 52.12
C GLY A 164 14.05 -21.53 50.72
N GLY A 165 13.44 -22.22 49.75
CA GLY A 165 13.53 -21.88 48.34
C GLY A 165 14.63 -22.57 47.63
N ASN A 166 15.40 -23.33 48.39
CA ASN A 166 16.50 -24.15 47.89
C ASN A 166 16.00 -25.59 47.73
N CYS A 167 16.09 -26.11 46.51
CA CYS A 167 15.64 -27.46 46.22
C CYS A 167 16.82 -28.34 45.98
N TYR A 168 16.77 -29.54 46.55
CA TYR A 168 17.89 -30.49 46.49
C TYR A 168 17.55 -31.73 45.66
N LEU A 169 18.44 -32.07 44.71
CA LEU A 169 18.19 -33.13 43.75
C LEU A 169 19.33 -34.15 43.65
N MET A 170 19.03 -35.45 43.76
CA MET A 170 20.05 -36.47 43.49
C MET A 170 20.13 -36.77 42.00
N ILE A 171 21.37 -36.93 41.52
CA ILE A 171 21.67 -37.42 40.16
C ILE A 171 22.79 -38.49 40.21
N THR A 172 22.87 -39.27 39.15
CA THR A 172 23.97 -40.22 39.03
C THR A 172 24.36 -40.43 37.57
N ASP A 173 25.49 -41.09 37.36
CA ASP A 173 26.09 -41.26 36.04
C ASP A 173 27.12 -42.37 36.19
N GLY A 174 27.20 -43.24 35.21
CA GLY A 174 28.10 -44.38 35.32
C GLY A 174 27.47 -45.65 34.83
N SER A 175 28.14 -46.77 35.05
CA SER A 175 27.67 -48.04 34.54
C SER A 175 26.66 -48.65 35.50
N ALA A 176 25.53 -49.05 34.94
CA ALA A 176 24.49 -49.76 35.66
C ALA A 176 25.02 -51.06 36.33
N SER A 177 26.13 -51.57 35.80
CA SER A 177 26.81 -52.79 36.27
C SER A 177 28.05 -52.54 37.13
N GLY A 178 28.58 -51.31 37.15
CA GLY A 178 29.85 -51.03 37.80
C GLY A 178 29.73 -49.82 38.72
N ILE A 179 30.67 -48.89 38.58
CA ILE A 179 30.70 -47.69 39.41
C ILE A 179 29.67 -46.67 38.86
N SER A 180 28.88 -46.13 39.79
CA SER A 180 28.00 -45.01 39.51
C SER A 180 27.96 -44.12 40.74
N GLU A 181 28.86 -43.13 40.75
CA GLU A 181 29.00 -42.24 41.90
C GLU A 181 28.06 -41.05 41.74
N CYS A 182 27.03 -41.00 42.58
CA CYS A 182 26.04 -39.92 42.57
C CYS A 182 26.52 -38.55 43.12
N ARG A 183 25.85 -37.48 42.69
CA ARG A 183 26.06 -36.13 43.21
C ARG A 183 24.67 -35.58 43.61
N PHE A 184 24.66 -34.35 44.18
CA PHE A 184 23.44 -33.64 44.51
C PHE A 184 23.54 -32.23 43.95
N LEU A 185 22.46 -31.77 43.33
CA LEU A 185 22.37 -30.39 42.90
C LEU A 185 21.49 -29.58 43.84
N LYS A 186 21.92 -28.35 44.13
CA LYS A 186 21.14 -27.39 44.90
C LYS A 186 20.59 -26.35 43.93
N ILE A 187 19.27 -26.23 43.86
CA ILE A 187 18.63 -25.47 42.79
C ILE A 187 17.73 -24.39 43.37
N ARG A 188 17.83 -23.17 42.85
CA ARG A 188 17.06 -22.04 43.34
C ARG A 188 16.42 -21.31 42.20
N GLU A 189 15.10 -21.19 42.24
CA GLU A 189 14.34 -20.57 41.15
C GLU A 189 14.82 -21.04 39.78
N GLY A 190 14.93 -22.38 39.66
CA GLY A 190 15.21 -23.08 38.39
C GLY A 190 16.67 -23.12 37.94
N ARG A 191 17.56 -22.53 38.76
CA ARG A 191 18.99 -22.42 38.47
C ARG A 191 19.86 -23.08 39.52
N ILE A 192 20.97 -23.67 39.08
CA ILE A 192 21.80 -24.49 39.93
C ILE A 192 22.79 -23.58 40.59
N ILE A 193 22.84 -23.63 41.91
CA ILE A 193 23.70 -22.69 42.63
C ILE A 193 24.78 -23.38 43.44
N LYS A 194 24.70 -24.71 43.57
CA LYS A 194 25.81 -25.49 44.15
C LYS A 194 25.81 -26.97 43.72
N GLU A 195 26.98 -27.55 43.47
CA GLU A 195 27.15 -29.01 43.30
C GLU A 195 27.67 -29.53 44.63
N ILE A 196 27.11 -30.65 45.05
CA ILE A 196 27.48 -31.27 46.31
C ILE A 196 28.05 -32.67 46.02
N PHE A 197 29.28 -32.93 46.47
CA PHE A 197 29.90 -34.25 46.23
C PHE A 197 29.91 -35.06 47.52
N PRO A 198 29.09 -36.12 47.60
CA PRO A 198 29.01 -36.90 48.81
C PRO A 198 30.32 -37.63 49.15
N THR A 199 30.50 -37.98 50.42
CA THR A 199 31.71 -38.67 50.88
C THR A 199 31.26 -39.98 51.47
N GLY A 200 32.20 -40.92 51.66
CA GLY A 200 31.90 -42.25 52.20
C GLY A 200 31.64 -43.39 51.20
N ARG A 201 30.61 -44.20 51.46
CA ARG A 201 30.29 -45.34 50.59
C ARG A 201 29.60 -44.89 49.31
N VAL A 202 30.40 -44.49 48.30
CA VAL A 202 29.89 -43.80 47.12
C VAL A 202 30.02 -44.65 45.85
N LYS A 203 30.61 -45.82 46.00
CA LYS A 203 30.77 -46.86 44.98
C LYS A 203 29.61 -46.90 43.95
N HIS A 204 28.40 -47.07 44.47
CA HIS A 204 27.24 -47.16 43.62
C HIS A 204 25.93 -46.76 44.31
N THR A 205 25.34 -45.66 43.82
CA THR A 205 24.08 -45.12 44.34
C THR A 205 23.13 -44.69 43.20
N GLU A 206 21.92 -45.24 43.20
CA GLU A 206 20.86 -44.73 42.33
C GLU A 206 19.50 -44.54 42.89
N GLU A 207 18.73 -43.73 42.13
CA GLU A 207 17.32 -43.48 42.29
C GLU A 207 17.01 -43.22 43.72
N CYS A 208 17.64 -42.23 44.33
CA CYS A 208 17.37 -41.98 45.75
C CYS A 208 15.94 -41.53 45.95
N THR A 209 15.28 -42.11 46.96
CA THR A 209 13.99 -41.66 47.45
C THR A 209 14.31 -40.83 48.72
N CYS A 210 14.11 -39.51 48.61
CA CYS A 210 14.61 -38.53 49.61
C CYS A 210 13.51 -37.77 50.32
N GLY A 211 13.76 -37.40 51.57
CA GLY A 211 12.85 -36.51 52.31
C GLY A 211 13.54 -35.81 53.48
N PHE A 212 12.81 -34.92 54.15
CA PHE A 212 13.37 -34.22 55.31
C PHE A 212 13.21 -35.01 56.57
N ALA A 213 14.32 -35.22 57.28
CA ALA A 213 14.29 -35.74 58.64
C ALA A 213 14.10 -34.58 59.61
N SER A 214 14.32 -33.36 59.14
CA SER A 214 14.19 -32.13 59.95
C SER A 214 14.57 -30.90 59.11
N ASN A 215 14.55 -29.72 59.70
CA ASN A 215 14.99 -28.49 58.97
C ASN A 215 16.49 -28.54 58.58
N LYS A 216 17.25 -29.46 59.17
CA LYS A 216 18.72 -29.55 59.02
C LYS A 216 19.12 -30.68 58.06
N THR A 217 18.35 -31.77 58.01
CA THR A 217 18.80 -32.96 57.32
C THR A 217 17.82 -33.53 56.31
N ILE A 218 18.34 -33.89 55.13
CA ILE A 218 17.61 -34.70 54.16
C ILE A 218 18.20 -36.10 54.19
N GLU A 219 17.36 -37.12 54.20
CA GLU A 219 17.85 -38.47 54.07
C GLU A 219 17.25 -39.17 52.86
N CYS A 220 18.00 -40.11 52.29
CA CYS A 220 17.57 -40.78 51.08
C CYS A 220 17.84 -42.25 51.16
N ALA A 221 16.87 -43.06 50.75
CA ALA A 221 17.11 -44.51 50.65
C ALA A 221 17.25 -44.84 49.18
N CYS A 222 18.39 -45.41 48.80
CA CYS A 222 18.71 -45.52 47.40
C CYS A 222 18.84 -46.98 46.94
N ARG A 223 19.39 -47.15 45.72
CA ARG A 223 19.53 -48.43 45.08
C ARG A 223 20.98 -48.64 44.65
N ASP A 224 21.52 -49.80 44.99
CA ASP A 224 22.81 -50.25 44.44
C ASP A 224 22.48 -51.35 43.47
N ASN A 225 22.74 -51.10 42.20
CA ASN A 225 22.29 -52.02 41.15
C ASN A 225 23.34 -53.08 40.80
N SER A 226 24.49 -53.07 41.53
CA SER A 226 25.63 -53.99 41.26
C SER A 226 26.10 -54.80 42.45
N TYR A 227 26.32 -54.11 43.56
CA TYR A 227 27.15 -54.69 44.63
C TYR A 227 26.45 -55.33 45.78
N THR A 228 25.26 -54.81 46.14
CA THR A 228 24.64 -55.19 47.41
C THR A 228 23.10 -55.08 47.38
N ALA A 229 22.42 -55.92 48.16
CA ALA A 229 20.98 -55.79 48.41
C ALA A 229 20.61 -54.96 49.67
N LYS A 230 21.62 -54.48 50.42
CA LYS A 230 21.40 -53.40 51.38
C LYS A 230 21.18 -52.12 50.60
N ARG A 231 20.28 -51.26 51.04
CA ARG A 231 20.10 -49.94 50.41
C ARG A 231 21.16 -48.97 50.90
N PRO A 232 21.85 -48.29 49.98
CA PRO A 232 22.70 -47.15 50.39
C PRO A 232 21.87 -46.08 51.06
N PHE A 233 22.43 -45.33 52.01
CA PHE A 233 21.59 -44.38 52.77
C PHE A 233 22.31 -43.07 52.88
N VAL A 234 21.70 -42.02 52.38
CA VAL A 234 22.31 -40.70 52.33
C VAL A 234 21.79 -39.84 53.46
N LYS A 235 22.71 -39.06 54.06
CA LYS A 235 22.39 -37.99 55.00
C LYS A 235 23.05 -36.73 54.50
N LEU A 236 22.22 -35.78 54.04
CA LEU A 236 22.62 -34.50 53.53
C LEU A 236 22.33 -33.43 54.58
N ASN A 237 23.35 -32.67 54.96
CA ASN A 237 23.13 -31.55 55.86
C ASN A 237 22.83 -30.32 55.01
N VAL A 238 21.64 -29.74 55.14
CA VAL A 238 21.30 -28.59 54.27
C VAL A 238 21.79 -27.20 54.73
N GLU A 239 22.38 -27.14 55.93
CA GLU A 239 22.94 -25.90 56.46
C GLU A 239 24.37 -25.72 56.01
N THR A 240 25.17 -26.81 56.09
CA THR A 240 26.54 -26.83 55.57
C THR A 240 26.68 -27.35 54.12
N ASP A 241 25.57 -27.88 53.55
CA ASP A 241 25.57 -28.51 52.20
C ASP A 241 26.63 -29.62 52.03
N THR A 242 26.64 -30.58 52.95
CA THR A 242 27.56 -31.70 52.89
C THR A 242 26.74 -32.97 52.88
N ALA A 243 27.24 -34.02 52.24
CA ALA A 243 26.49 -35.27 52.21
C ALA A 243 27.38 -36.47 52.45
N GLU A 244 26.83 -37.45 53.18
CA GLU A 244 27.52 -38.70 53.52
C GLU A 244 26.69 -39.93 53.14
N ILE A 245 27.33 -41.04 52.77
CA ILE A 245 26.59 -42.24 52.38
C ILE A 245 27.17 -43.49 53.03
N ARG A 246 26.34 -44.29 53.68
CA ARG A 246 26.76 -45.61 54.13
C ARG A 246 25.62 -46.56 53.83
N LEU A 247 25.89 -47.87 53.78
CA LEU A 247 24.85 -48.89 53.66
C LEU A 247 23.96 -48.97 54.91
N MET A 248 22.67 -49.26 54.68
CA MET A 248 21.71 -49.57 55.76
C MET A 248 22.09 -50.87 56.42
N CYS A 249 22.16 -50.83 57.75
CA CYS A 249 22.64 -51.97 58.53
C CYS A 249 21.58 -53.04 58.83
N THR A 250 20.31 -52.70 58.70
CA THR A 250 19.22 -53.60 59.15
C THR A 250 19.27 -54.95 58.46
N GLU A 251 18.81 -56.00 59.15
CA GLU A 251 18.83 -57.33 58.54
C GLU A 251 17.67 -57.49 57.56
N THR A 252 16.75 -56.50 57.57
CA THR A 252 15.58 -56.48 56.71
C THR A 252 15.97 -55.78 55.42
N TYR A 253 16.64 -56.52 54.52
CA TYR A 253 17.22 -55.92 53.29
C TYR A 253 16.12 -55.47 52.37
N LEU A 254 16.20 -54.23 51.91
CA LEU A 254 15.07 -53.58 51.25
C LEU A 254 15.05 -53.70 49.73
N ASP A 255 16.18 -54.15 49.14
CA ASP A 255 16.31 -54.26 47.69
C ASP A 255 15.66 -55.54 47.13
N THR A 256 15.56 -55.61 45.79
CA THR A 256 15.13 -56.81 45.05
C THR A 256 15.93 -56.88 43.78
N PRO A 257 16.65 -58.01 43.56
CA PRO A 257 16.80 -59.23 44.38
C PRO A 257 17.47 -59.02 45.74
N ARG A 258 17.31 -59.99 46.63
CA ARG A 258 17.94 -59.98 47.94
C ARG A 258 18.05 -61.40 48.47
N PRO A 259 19.01 -61.64 49.40
CA PRO A 259 19.07 -62.96 50.07
C PRO A 259 18.15 -62.97 51.28
N ASP A 260 18.08 -64.08 52.02
CA ASP A 260 17.24 -64.13 53.23
C ASP A 260 17.64 -63.05 54.22
N ASP A 261 16.70 -62.60 55.04
CA ASP A 261 16.99 -61.55 55.97
C ASP A 261 18.06 -61.98 56.96
N GLY A 262 19.05 -61.13 57.21
CA GLY A 262 20.05 -61.36 58.27
C GLY A 262 21.23 -62.24 57.90
N SER A 263 21.19 -62.79 56.68
CA SER A 263 22.16 -63.79 56.24
C SER A 263 23.45 -63.19 55.65
N ILE A 264 23.56 -61.86 55.61
CA ILE A 264 24.82 -61.25 55.18
C ILE A 264 25.68 -61.03 56.42
N THR A 265 26.75 -61.81 56.50
CA THR A 265 27.61 -61.86 57.67
C THR A 265 28.60 -60.70 57.68
N GLY A 266 29.26 -60.45 58.80
CA GLY A 266 30.18 -59.33 58.87
C GLY A 266 29.49 -58.15 59.55
N PRO A 267 30.17 -56.99 59.61
CA PRO A 267 29.53 -55.85 60.27
C PRO A 267 28.68 -55.05 59.26
N CYS A 268 28.28 -53.86 59.66
CA CYS A 268 27.29 -53.10 58.91
C CYS A 268 27.72 -52.85 57.48
N GLU A 269 29.03 -52.80 57.22
CA GLU A 269 29.53 -52.40 55.89
C GLU A 269 29.60 -53.52 54.81
N SER A 270 29.42 -54.78 55.19
CA SER A 270 29.54 -55.88 54.19
C SER A 270 28.49 -55.85 53.08
N ASN A 271 28.90 -56.20 51.87
CA ASN A 271 27.98 -56.14 50.71
C ASN A 271 26.73 -57.06 50.71
N GLY A 272 26.77 -58.39 50.81
CA GLY A 272 27.83 -59.28 50.43
C GLY A 272 27.29 -60.00 49.19
N ASP A 273 26.19 -60.77 49.33
CA ASP A 273 25.64 -61.61 48.20
C ASP A 273 24.32 -61.10 47.51
N LYS A 274 24.03 -61.67 46.33
CA LYS A 274 22.86 -61.37 45.49
C LYS A 274 22.64 -59.87 45.24
N GLY A 275 23.74 -59.13 45.17
CA GLY A 275 23.69 -57.68 45.05
C GLY A 275 23.43 -57.09 43.67
N SER A 276 23.58 -57.89 42.60
CA SER A 276 23.44 -57.31 41.26
C SER A 276 21.97 -57.29 40.84
N GLY A 277 21.55 -56.21 40.17
CA GLY A 277 20.12 -55.92 39.97
C GLY A 277 19.58 -55.10 41.14
N GLY A 278 18.30 -54.70 41.07
CA GLY A 278 17.76 -53.81 42.09
C GLY A 278 16.43 -53.16 41.71
N ILE A 279 15.90 -52.34 42.60
CA ILE A 279 14.62 -51.68 42.42
C ILE A 279 14.65 -50.33 43.17
N LYS A 280 13.90 -49.34 42.68
CA LYS A 280 13.63 -48.11 43.47
C LYS A 280 12.69 -48.39 44.66
N GLY A 281 13.00 -47.82 45.82
CA GLY A 281 12.31 -48.14 47.05
C GLY A 281 11.63 -47.02 47.78
N GLY A 282 10.49 -47.34 48.40
CA GLY A 282 9.71 -46.33 49.08
C GLY A 282 10.38 -45.97 50.39
N PHE A 283 10.20 -44.71 50.80
CA PHE A 283 10.80 -44.20 52.02
C PHE A 283 10.21 -42.84 52.31
N VAL A 284 9.68 -42.67 53.53
CA VAL A 284 9.14 -41.37 53.95
C VAL A 284 9.31 -41.16 55.46
N HIS A 285 9.34 -39.89 55.89
CA HIS A 285 9.54 -39.54 57.31
C HIS A 285 8.27 -39.20 58.05
N GLN A 286 8.19 -39.62 59.30
CA GLN A 286 7.15 -39.21 60.24
C GLN A 286 7.82 -38.40 61.35
N ARG A 287 7.68 -37.08 61.30
CA ARG A 287 8.41 -36.19 62.21
C ARG A 287 7.55 -35.79 63.39
N MET A 288 7.94 -36.25 64.56
CA MET A 288 7.24 -35.93 65.82
C MET A 288 8.14 -35.04 66.70
N ALA A 289 7.58 -34.50 67.78
CA ALA A 289 8.28 -33.56 68.65
C ALA A 289 9.65 -34.07 69.11
N SER A 290 9.69 -35.27 69.70
CA SER A 290 10.93 -35.80 70.26
C SER A 290 11.22 -37.22 69.78
N LYS A 291 10.83 -37.53 68.55
CA LYS A 291 10.91 -38.87 68.01
C LYS A 291 10.87 -38.73 66.50
N ILE A 292 11.44 -39.69 65.79
CA ILE A 292 11.31 -39.75 64.35
C ILE A 292 11.03 -41.16 63.89
N GLY A 293 10.02 -41.34 63.06
CA GLY A 293 9.76 -42.66 62.46
C GLY A 293 10.26 -42.69 61.04
N ARG A 294 10.74 -43.85 60.62
CA ARG A 294 11.19 -44.03 59.23
C ARG A 294 10.41 -45.16 58.63
N TRP A 295 9.65 -44.87 57.58
CA TRP A 295 8.77 -45.87 56.95
C TRP A 295 9.40 -46.28 55.63
N TYR A 296 9.41 -47.58 55.33
CA TYR A 296 10.03 -48.11 54.09
C TYR A 296 9.13 -49.19 53.49
N SER A 297 9.36 -49.50 52.22
CA SER A 297 8.57 -50.56 51.58
C SER A 297 9.48 -51.45 50.77
N ARG A 298 9.07 -52.69 50.58
CA ARG A 298 9.86 -53.60 49.80
C ARG A 298 8.99 -54.68 49.22
N THR A 299 9.42 -55.28 48.12
CA THR A 299 8.64 -56.35 47.51
C THR A 299 8.35 -57.47 48.52
N MET A 300 7.31 -58.22 48.24
CA MET A 300 6.95 -59.35 49.09
C MET A 300 7.84 -60.55 48.71
N SER A 301 8.10 -60.67 47.41
CA SER A 301 9.02 -61.68 46.89
C SER A 301 10.47 -61.19 46.93
N LYS A 302 11.39 -62.13 47.19
CA LYS A 302 12.83 -61.85 47.34
C LYS A 302 13.54 -61.70 45.99
N THR A 303 12.95 -62.27 44.94
CA THR A 303 13.57 -62.39 43.62
C THR A 303 12.82 -61.57 42.60
N LYS A 304 11.52 -61.39 42.85
CA LYS A 304 10.60 -60.92 41.84
C LYS A 304 9.86 -59.65 42.22
N ARG A 305 9.38 -58.92 41.20
CA ARG A 305 8.69 -57.64 41.41
C ARG A 305 7.21 -57.90 41.62
N MET A 306 6.91 -58.58 42.73
CA MET A 306 5.58 -58.98 43.15
C MET A 306 5.37 -58.64 44.61
N GLY A 307 4.22 -58.04 44.91
CA GLY A 307 3.86 -57.64 46.27
C GLY A 307 4.55 -56.37 46.76
N MET A 308 4.07 -55.85 47.89
CA MET A 308 4.76 -54.76 48.58
C MET A 308 4.33 -54.69 50.05
N GLY A 309 5.30 -54.86 50.92
CA GLY A 309 5.06 -54.73 52.35
C GLY A 309 5.54 -53.40 52.84
N LEU A 310 4.88 -52.89 53.87
CA LEU A 310 5.27 -51.66 54.53
C LEU A 310 5.99 -52.01 55.84
N TYR A 311 7.10 -51.32 56.12
CA TYR A 311 7.93 -51.55 57.34
C TYR A 311 8.24 -50.22 58.01
N VAL A 312 8.53 -50.27 59.31
CA VAL A 312 8.78 -49.06 60.10
C VAL A 312 9.80 -49.26 61.25
N LYS A 313 10.52 -48.19 61.55
CA LYS A 313 11.44 -48.12 62.68
C LYS A 313 11.50 -46.69 63.23
N TYR A 314 11.43 -46.59 64.56
CA TYR A 314 11.46 -45.31 65.25
C TYR A 314 12.87 -45.02 65.78
N ASP A 315 13.37 -43.82 65.52
CA ASP A 315 14.70 -43.39 66.03
C ASP A 315 15.90 -44.29 65.61
N GLY A 316 17.01 -44.22 66.35
CA GLY A 316 18.21 -44.96 66.04
C GLY A 316 18.95 -44.35 64.87
N ASP A 317 19.92 -45.09 64.35
CA ASP A 317 20.77 -44.64 63.26
C ASP A 317 20.80 -45.81 62.29
N PRO A 318 20.21 -45.63 61.09
CA PRO A 318 20.04 -46.67 60.10
C PRO A 318 21.34 -47.19 59.55
N TRP A 319 22.41 -46.40 59.72
CA TRP A 319 23.77 -46.81 59.35
C TRP A 319 24.36 -47.90 60.25
N THR A 320 23.98 -47.91 61.54
CA THR A 320 24.62 -48.81 62.54
C THR A 320 23.66 -49.80 63.21
N ASP A 321 22.35 -49.57 63.06
CA ASP A 321 21.32 -50.47 63.62
C ASP A 321 21.08 -51.74 62.80
N SER A 322 21.46 -52.87 63.35
CA SER A 322 21.23 -54.13 62.69
C SER A 322 19.85 -54.77 63.06
N ASP A 323 19.13 -54.16 64.01
CA ASP A 323 17.81 -54.62 64.43
C ASP A 323 16.88 -54.75 63.19
N ALA A 324 15.98 -55.73 63.21
CA ALA A 324 14.99 -55.94 62.13
C ALA A 324 13.95 -54.83 62.13
N LEU A 325 13.59 -54.34 60.93
CA LEU A 325 12.47 -53.43 60.75
C LEU A 325 11.15 -54.16 61.06
N ALA A 326 10.25 -53.48 61.79
CA ALA A 326 8.95 -54.02 62.13
C ALA A 326 8.05 -54.04 60.89
N LEU A 327 7.48 -55.21 60.58
CA LEU A 327 6.58 -55.34 59.45
C LEU A 327 5.23 -54.77 59.81
N SER A 328 4.81 -53.72 59.11
CA SER A 328 3.58 -53.01 59.41
C SER A 328 2.33 -53.56 58.70
N GLY A 329 2.41 -53.80 57.39
CA GLY A 329 1.33 -54.52 56.69
C GLY A 329 1.64 -54.87 55.24
N VAL A 330 0.79 -55.70 54.65
CA VAL A 330 0.90 -56.02 53.22
C VAL A 330 0.03 -55.05 52.38
N MET A 331 0.68 -54.20 51.58
CA MET A 331 0.00 -53.22 50.72
C MET A 331 -0.40 -53.84 49.39
N VAL A 332 0.37 -54.82 48.94
CA VAL A 332 0.11 -55.46 47.67
C VAL A 332 0.45 -56.93 47.86
N SER A 333 -0.54 -57.78 47.68
CA SER A 333 -0.30 -59.23 47.82
C SER A 333 0.66 -59.74 46.76
N MET A 334 1.34 -60.83 47.12
CA MET A 334 2.30 -61.57 46.27
C MET A 334 1.79 -61.90 44.87
N GLU A 335 0.47 -61.94 44.70
CA GLU A 335 -0.15 -62.23 43.40
C GLU A 335 -0.34 -60.94 42.53
N GLU A 336 0.02 -59.78 43.07
CA GLU A 336 -0.08 -58.52 42.32
C GLU A 336 1.32 -57.93 42.09
N PRO A 337 1.49 -57.17 41.02
CA PRO A 337 2.83 -56.67 40.72
C PRO A 337 3.25 -55.50 41.64
N GLY A 338 4.49 -55.52 42.09
CA GLY A 338 5.06 -54.45 42.90
C GLY A 338 6.39 -54.03 42.32
N TRP A 339 6.38 -52.91 41.61
CA TRP A 339 7.61 -52.42 41.01
C TRP A 339 8.13 -51.24 41.85
N TYR A 340 8.48 -50.13 41.22
CA TYR A 340 9.01 -48.98 41.95
C TYR A 340 8.12 -48.54 43.09
N SER A 341 8.70 -47.98 44.14
CA SER A 341 7.93 -47.39 45.23
C SER A 341 8.61 -46.10 45.64
N PHE A 342 7.83 -45.14 46.17
CA PHE A 342 8.37 -43.81 46.50
C PHE A 342 7.60 -43.14 47.64
N GLY A 343 8.20 -42.09 48.19
CA GLY A 343 7.58 -41.33 49.26
C GLY A 343 7.27 -39.88 48.85
N PHE A 344 6.32 -39.26 49.56
CA PHE A 344 5.89 -37.90 49.37
C PHE A 344 5.04 -37.49 50.55
N GLU A 345 4.75 -36.20 50.63
CA GLU A 345 4.06 -35.66 51.79
C GLU A 345 2.96 -34.74 51.31
N ILE A 346 1.77 -34.91 51.90
CA ILE A 346 0.65 -34.04 51.57
C ILE A 346 0.58 -32.92 52.59
N LYS A 347 0.21 -31.70 52.19
CA LYS A 347 0.24 -30.56 53.10
C LYS A 347 -1.18 -30.24 53.63
N ASP A 348 -1.49 -30.71 54.84
CA ASP A 348 -2.72 -30.32 55.55
C ASP A 348 -2.54 -28.90 56.09
N LYS A 349 -3.58 -28.32 56.68
CA LYS A 349 -3.54 -26.91 57.07
C LYS A 349 -2.33 -26.51 57.95
N LYS A 350 -1.97 -27.37 58.92
CA LYS A 350 -0.95 -27.00 59.89
C LYS A 350 0.11 -28.08 60.09
N CYS A 351 0.05 -29.13 59.27
CA CYS A 351 0.95 -30.30 59.42
C CYS A 351 1.06 -31.10 58.14
N ASP A 352 2.06 -31.96 58.05
CA ASP A 352 2.37 -32.70 56.83
C ASP A 352 2.05 -34.17 56.97
N VAL A 353 1.52 -34.78 55.91
CA VAL A 353 1.10 -36.16 55.96
C VAL A 353 2.00 -37.05 55.10
N PRO A 354 2.77 -37.93 55.76
CA PRO A 354 3.59 -38.90 55.03
C PRO A 354 2.76 -39.96 54.26
N CYS A 355 3.25 -40.29 53.07
CA CYS A 355 2.58 -41.25 52.20
C CYS A 355 3.62 -42.09 51.43
N ILE A 356 3.24 -43.31 51.06
CA ILE A 356 4.05 -44.13 50.17
C ILE A 356 3.21 -44.49 48.95
N GLY A 357 3.79 -44.34 47.76
CA GLY A 357 3.09 -44.69 46.53
C GLY A 357 3.74 -45.90 45.89
N ILE A 358 2.99 -46.68 45.13
CA ILE A 358 3.55 -47.91 44.55
C ILE A 358 3.15 -48.04 43.08
N GLU A 359 4.16 -48.05 42.21
CA GLU A 359 4.00 -48.37 40.80
C GLU A 359 3.66 -49.85 40.65
N MET A 360 2.59 -50.11 39.89
CA MET A 360 2.05 -51.44 39.78
C MET A 360 1.96 -51.77 38.33
N VAL A 361 3.04 -52.32 37.81
CA VAL A 361 3.24 -52.46 36.37
C VAL A 361 2.45 -53.62 35.76
N HIS A 362 1.76 -53.35 34.65
CA HIS A 362 1.11 -54.37 33.82
C HIS A 362 2.16 -54.89 32.83
N ASP A 363 2.79 -56.01 33.20
CA ASP A 363 3.84 -56.63 32.38
C ASP A 363 3.38 -57.94 31.68
N GLY A 364 3.29 -57.87 30.35
CA GLY A 364 3.01 -59.03 29.50
C GLY A 364 4.10 -59.26 28.46
N GLY A 365 5.30 -58.77 28.70
CA GLY A 365 6.41 -58.97 27.75
C GLY A 365 6.53 -57.92 26.65
N LYS A 366 7.50 -58.09 25.77
CA LYS A 366 7.74 -57.08 24.73
C LYS A 366 6.77 -57.13 23.54
N GLU A 367 5.90 -58.13 23.49
CA GLU A 367 4.95 -58.28 22.35
C GLU A 367 3.59 -57.51 22.49
N THR A 368 3.39 -56.86 23.62
CA THR A 368 2.16 -56.12 23.90
C THR A 368 2.49 -54.81 24.68
N TRP A 369 1.49 -54.07 25.13
CA TRP A 369 1.78 -52.80 25.84
C TRP A 369 2.43 -52.96 27.24
N HIS A 370 3.07 -51.92 27.72
CA HIS A 370 3.73 -51.94 28.99
C HIS A 370 3.45 -50.63 29.72
N SER A 371 2.69 -50.68 30.81
CA SER A 371 2.41 -49.47 31.60
C SER A 371 2.25 -49.82 33.07
N ALA A 372 1.58 -48.97 33.85
CA ALA A 372 1.46 -49.17 35.32
C ALA A 372 0.32 -48.43 35.92
N ALA A 373 -0.23 -49.01 36.98
CA ALA A 373 -1.14 -48.30 37.85
C ALA A 373 -0.32 -47.67 38.99
N THR A 374 -0.96 -46.88 39.88
CA THR A 374 -0.28 -46.25 41.03
C THR A 374 -1.17 -46.29 42.24
N ALA A 375 -0.73 -46.99 43.27
CA ALA A 375 -1.47 -47.20 44.53
C ALA A 375 -0.86 -46.33 45.65
N ILE A 376 -1.70 -45.68 46.45
CA ILE A 376 -1.24 -44.69 47.44
C ILE A 376 -1.64 -45.05 48.88
N TYR A 377 -0.65 -45.08 49.77
CA TYR A 377 -0.88 -45.34 51.18
C TYR A 377 -0.41 -44.15 52.02
N CYS A 378 -1.22 -43.71 52.98
CA CYS A 378 -0.83 -42.58 53.85
C CYS A 378 -1.06 -42.88 55.33
N LEU A 379 -0.35 -42.12 56.16
CA LEU A 379 -0.47 -42.19 57.60
C LEU A 379 -1.79 -41.59 57.95
N MET A 380 -2.67 -42.38 58.58
CA MET A 380 -3.98 -41.91 59.02
C MET A 380 -4.57 -42.72 60.17
N GLY A 381 -4.81 -42.02 61.28
CA GLY A 381 -5.41 -42.61 62.47
C GLY A 381 -4.52 -43.56 63.20
N SER A 382 -5.10 -44.43 64.02
CA SER A 382 -4.35 -45.42 64.80
C SER A 382 -4.72 -46.88 64.43
N GLY A 383 -4.04 -47.87 65.02
CA GLY A 383 -4.32 -49.32 64.78
C GLY A 383 -3.34 -50.03 63.84
N GLN A 384 -3.82 -50.96 63.02
CA GLN A 384 -2.94 -51.63 62.02
C GLN A 384 -3.43 -51.39 60.60
N LEU A 385 -2.53 -51.50 59.63
CA LEU A 385 -2.88 -51.43 58.22
C LEU A 385 -3.88 -52.53 57.83
N LEU A 386 -4.96 -52.13 57.17
CA LEU A 386 -6.10 -53.05 56.98
C LEU A 386 -6.31 -53.70 55.61
N TRP A 387 -6.08 -52.99 54.50
CA TRP A 387 -6.45 -53.60 53.19
C TRP A 387 -5.40 -53.44 52.06
N ASP A 388 -5.29 -54.47 51.22
CA ASP A 388 -4.33 -54.46 50.10
C ASP A 388 -4.94 -53.83 48.82
N THR A 389 -4.12 -53.70 47.78
CA THR A 389 -4.55 -53.06 46.54
C THR A 389 -4.34 -54.00 45.36
N VAL A 390 -5.34 -54.11 44.48
CA VAL A 390 -5.23 -54.83 43.18
C VAL A 390 -5.46 -53.81 42.04
N THR A 391 -4.95 -54.07 40.84
CA THR A 391 -5.13 -53.10 39.76
C THR A 391 -6.47 -53.31 39.08
N GLY A 392 -6.93 -54.55 39.08
CA GLY A 392 -8.22 -54.90 38.48
C GLY A 392 -8.13 -55.13 36.97
N VAL A 393 -6.95 -54.92 36.40
CA VAL A 393 -6.75 -54.94 34.96
C VAL A 393 -6.38 -56.33 34.41
N ASP A 394 -7.07 -56.70 33.34
CA ASP A 394 -6.80 -57.90 32.58
C ASP A 394 -6.21 -57.43 31.25
N MET A 395 -4.99 -57.87 30.96
CA MET A 395 -4.18 -57.29 29.90
C MET A 395 -4.57 -57.76 28.50
N ALA A 396 -5.44 -58.77 28.45
CA ALA A 396 -6.00 -59.31 27.21
C ALA A 396 -7.09 -58.41 26.60
N LEU A 397 -7.66 -57.52 27.41
CA LEU A 397 -8.83 -56.74 26.98
C LEU A 397 -8.44 -55.50 26.13
N PRO B 9 -2.52 -5.42 36.47
CA PRO B 9 -1.44 -5.67 35.53
C PRO B 9 -1.05 -4.43 34.70
N GLU B 10 0.10 -4.49 34.04
CA GLU B 10 0.72 -3.40 33.28
C GLU B 10 1.17 -3.82 31.88
N TRP B 11 1.53 -2.82 31.05
CA TRP B 11 2.10 -3.09 29.72
C TRP B 11 3.44 -3.78 29.85
N THR B 12 3.72 -4.71 28.93
CA THR B 12 5.00 -5.40 28.93
C THR B 12 5.96 -4.84 27.90
N TYR B 13 7.24 -5.12 28.13
CA TYR B 13 8.35 -4.62 27.31
C TYR B 13 9.34 -5.80 27.17
N PRO B 14 10.14 -5.82 26.07
CA PRO B 14 11.21 -6.82 26.05
C PRO B 14 12.28 -6.55 27.12
N ARG B 15 12.80 -7.58 27.78
CA ARG B 15 13.88 -7.43 28.78
C ARG B 15 15.13 -8.17 28.32
N LEU B 16 16.15 -8.14 29.18
CA LEU B 16 17.35 -8.90 28.93
C LEU B 16 17.01 -10.39 28.90
N SER B 17 17.56 -11.12 27.92
CA SER B 17 17.41 -12.57 27.89
C SER B 17 18.02 -13.19 29.16
N CYS B 18 17.53 -14.37 29.52
CA CYS B 18 18.09 -15.14 30.64
C CYS B 18 19.49 -15.61 30.24
N PRO B 19 20.34 -15.97 31.23
CA PRO B 19 21.66 -16.55 30.93
C PRO B 19 21.65 -17.86 30.12
N GLY B 20 22.61 -17.97 29.19
CA GLY B 20 22.77 -19.19 28.40
C GLY B 20 23.62 -18.94 27.18
N SER B 21 24.24 -20.00 26.65
CA SER B 21 24.98 -19.89 25.40
C SER B 21 24.69 -21.02 24.41
N THR B 22 23.70 -21.84 24.70
CA THR B 22 23.27 -22.83 23.71
C THR B 22 21.80 -23.19 23.84
N PHE B 23 21.20 -23.57 22.71
CA PHE B 23 19.84 -24.07 22.70
C PHE B 23 19.83 -25.57 23.00
N GLN B 24 18.73 -26.06 23.57
CA GLN B 24 18.54 -27.50 23.75
C GLN B 24 17.13 -27.90 23.36
N LYS B 25 16.92 -29.22 23.22
CA LYS B 25 15.60 -29.78 22.91
C LYS B 25 14.72 -29.64 24.14
N ALA B 26 13.52 -29.04 23.99
CA ALA B 26 12.68 -28.79 25.17
C ALA B 26 11.41 -29.65 25.23
N LEU B 27 10.66 -29.72 24.14
CA LEU B 27 9.33 -30.28 24.23
C LEU B 27 8.81 -30.60 22.85
N LEU B 28 8.07 -31.71 22.76
CA LEU B 28 7.43 -32.11 21.53
C LEU B 28 5.92 -32.18 21.72
N ILE B 29 5.19 -31.53 20.82
CA ILE B 29 3.76 -31.66 20.70
C ILE B 29 3.43 -32.47 19.41
N SER B 30 3.26 -33.78 19.58
CA SER B 30 2.92 -34.61 18.45
C SER B 30 1.54 -35.22 18.64
N PRO B 31 0.48 -34.48 18.28
CA PRO B 31 -0.89 -34.92 18.54
C PRO B 31 -1.31 -36.13 17.74
N HIS B 32 -0.67 -36.36 16.61
CA HIS B 32 -1.02 -37.49 15.75
C HIS B 32 -0.41 -38.84 16.18
N ARG B 33 0.39 -38.83 17.24
CA ARG B 33 0.74 -40.04 17.96
C ARG B 33 -0.51 -40.74 18.55
N PHE B 34 -1.64 -40.04 18.57
CA PHE B 34 -2.89 -40.54 19.17
C PHE B 34 -4.04 -40.60 18.13
N GLY B 35 -3.72 -40.44 16.84
CA GLY B 35 -4.74 -40.52 15.84
C GLY B 35 -4.93 -41.86 15.11
N GLU B 36 -4.52 -42.96 15.69
CA GLU B 36 -4.73 -44.26 15.06
C GLU B 36 -6.23 -44.65 14.91
N THR B 37 -6.53 -45.46 13.91
CA THR B 37 -7.84 -46.09 13.80
C THR B 37 -8.13 -46.86 15.07
N LYS B 38 -7.08 -47.53 15.60
CA LYS B 38 -7.22 -48.42 16.77
C LYS B 38 -7.32 -47.66 18.12
N GLY B 39 -6.99 -46.36 18.12
CA GLY B 39 -7.08 -45.51 19.30
C GLY B 39 -8.44 -44.87 19.56
N ASN B 40 -8.51 -43.95 20.52
CA ASN B 40 -9.78 -43.32 20.90
C ASN B 40 -9.68 -41.83 21.06
N SER B 41 -8.83 -41.19 20.26
CA SER B 41 -8.61 -39.74 20.39
C SER B 41 -8.98 -38.97 19.12
N ALA B 42 -8.97 -37.63 19.26
CA ALA B 42 -9.36 -36.69 18.23
C ALA B 42 -8.39 -35.48 18.12
N PRO B 43 -7.12 -35.74 17.70
CA PRO B 43 -6.18 -34.62 17.38
C PRO B 43 -6.67 -33.84 16.18
N LEU B 44 -6.62 -32.52 16.27
CA LEU B 44 -7.06 -31.66 15.15
C LEU B 44 -6.09 -31.65 14.00
N ILE B 45 -6.62 -31.70 12.78
CA ILE B 45 -5.82 -31.54 11.56
C ILE B 45 -5.45 -30.06 11.37
N ILE B 46 -4.15 -29.76 11.31
CA ILE B 46 -3.68 -28.38 11.32
C ILE B 46 -2.42 -28.22 10.48
N ARG B 47 -2.01 -26.97 10.30
CA ARG B 47 -0.72 -26.59 9.69
C ARG B 47 -0.45 -25.16 10.19
N GLU B 48 0.69 -24.57 9.83
CA GLU B 48 1.06 -23.21 10.29
C GLU B 48 0.96 -23.03 11.78
N PRO B 49 1.66 -23.85 12.56
CA PRO B 49 1.61 -23.63 14.00
C PRO B 49 2.56 -22.54 14.47
N PHE B 50 2.31 -22.00 15.65
CA PHE B 50 3.21 -21.03 16.25
C PHE B 50 2.89 -20.84 17.73
N ILE B 51 3.82 -20.26 18.48
CA ILE B 51 3.65 -20.09 19.92
C ILE B 51 3.79 -18.61 20.27
N ALA B 52 3.03 -18.16 21.28
CA ALA B 52 3.10 -16.78 21.77
C ALA B 52 2.80 -16.79 23.27
N CYS B 53 3.55 -16.00 24.05
CA CYS B 53 3.46 -16.11 25.51
C CYS B 53 3.14 -14.79 26.13
N GLY B 54 2.38 -14.85 27.23
CA GLY B 54 2.14 -13.69 28.08
C GLY B 54 2.94 -13.87 29.38
N PRO B 55 2.67 -13.02 30.39
CA PRO B 55 3.39 -13.04 31.65
C PRO B 55 3.13 -14.31 32.52
N LYS B 56 2.05 -15.04 32.26
CA LYS B 56 1.81 -16.29 33.00
C LYS B 56 1.61 -17.57 32.14
N GLU B 57 1.23 -17.38 30.86
CA GLU B 57 0.81 -18.49 30.00
C GLU B 57 1.49 -18.46 28.60
N CYS B 58 1.91 -19.61 28.08
CA CYS B 58 2.25 -19.72 26.64
C CYS B 58 1.16 -20.49 25.93
N LYS B 59 0.67 -19.92 24.83
CA LYS B 59 -0.36 -20.56 24.01
C LYS B 59 0.23 -21.09 22.70
N HIS B 60 -0.24 -22.26 22.31
CA HIS B 60 0.20 -22.91 21.09
C HIS B 60 -0.89 -22.73 20.05
N PHE B 61 -0.64 -21.90 19.05
CA PHE B 61 -1.62 -21.64 17.99
C PHE B 61 -1.46 -22.48 16.75
N ALA B 62 -2.52 -22.62 15.98
CA ALA B 62 -2.45 -23.25 14.64
C ALA B 62 -3.67 -22.91 13.81
N LEU B 63 -3.55 -23.14 12.50
CA LEU B 63 -4.66 -23.01 11.60
C LEU B 63 -5.23 -24.39 11.30
N THR B 64 -6.37 -24.74 11.89
CA THR B 64 -7.06 -26.01 11.57
C THR B 64 -7.87 -26.03 10.23
N HIS B 65 -8.06 -27.21 9.63
CA HIS B 65 -9.07 -27.40 8.59
C HIS B 65 -10.41 -27.90 9.17
N TYR B 66 -10.62 -27.72 10.48
CA TYR B 66 -11.91 -28.05 11.12
C TYR B 66 -12.27 -29.52 10.95
N ALA B 67 -11.26 -30.37 11.06
CA ALA B 67 -11.41 -31.81 10.85
C ALA B 67 -10.41 -32.45 11.78
N ALA B 68 -10.57 -33.76 12.02
CA ALA B 68 -9.81 -34.51 13.04
C ALA B 68 -9.41 -35.85 12.51
N GLN B 69 -8.34 -36.42 13.09
CA GLN B 69 -7.89 -37.77 12.72
C GLN B 69 -8.08 -38.73 13.88
N PRO B 70 -8.77 -39.87 13.66
CA PRO B 70 -9.40 -40.29 12.40
C PRO B 70 -10.72 -39.61 12.15
N GLY B 71 -11.10 -39.54 10.88
CA GLY B 71 -12.33 -38.90 10.45
C GLY B 71 -12.47 -39.06 8.96
N GLY B 72 -13.42 -38.33 8.38
CA GLY B 72 -13.79 -38.51 6.98
C GLY B 72 -13.74 -37.24 6.18
N TYR B 73 -13.04 -36.24 6.71
CA TYR B 73 -12.86 -34.97 6.03
C TYR B 73 -11.42 -34.67 5.57
N TYR B 74 -10.70 -35.70 5.14
CA TYR B 74 -9.31 -35.56 4.75
C TYR B 74 -9.15 -34.79 3.43
N ASN B 75 -10.06 -35.07 2.48
CA ASN B 75 -10.06 -34.35 1.21
C ASN B 75 -10.03 -32.83 1.45
N GLY B 76 -8.98 -32.17 0.93
CA GLY B 76 -8.80 -30.73 1.07
C GLY B 76 -7.88 -30.24 2.19
N THR B 77 -7.29 -31.16 2.94
CA THR B 77 -6.44 -30.74 4.05
C THR B 77 -5.02 -30.34 3.64
N ARG B 78 -4.63 -30.66 2.40
CA ARG B 78 -3.42 -30.10 1.76
C ARG B 78 -3.60 -28.69 1.15
N GLY B 79 -4.82 -28.27 0.93
CA GLY B 79 -5.10 -26.91 0.45
C GLY B 79 -4.74 -25.81 1.44
N ASP B 80 -4.58 -24.60 0.94
CA ASP B 80 -4.10 -23.52 1.78
C ASP B 80 -5.20 -22.70 2.43
N ARG B 81 -6.22 -22.38 1.64
CA ARG B 81 -7.34 -21.52 2.04
C ARG B 81 -8.69 -22.19 1.71
N ASN B 82 -9.66 -22.04 2.62
CA ASN B 82 -11.06 -22.44 2.41
C ASN B 82 -11.92 -21.80 3.49
N LYS B 83 -13.23 -22.06 3.46
CA LYS B 83 -14.22 -21.39 4.30
C LYS B 83 -14.35 -22.00 5.67
N LEU B 84 -13.59 -23.07 5.93
CA LEU B 84 -13.72 -23.81 7.22
C LEU B 84 -12.57 -23.53 8.17
N ARG B 85 -11.47 -23.15 7.58
CA ARG B 85 -10.22 -22.89 8.24
C ARG B 85 -10.37 -21.94 9.45
N HIS B 86 -9.76 -22.29 10.58
CA HIS B 86 -9.93 -21.49 11.79
C HIS B 86 -8.65 -21.35 12.55
N LEU B 87 -8.46 -20.22 13.24
CA LEU B 87 -7.39 -20.04 14.23
C LEU B 87 -7.84 -20.71 15.54
N ILE B 88 -6.99 -21.58 16.08
CA ILE B 88 -7.27 -22.31 17.34
C ILE B 88 -6.05 -22.26 18.29
N SER B 89 -6.28 -22.60 19.54
CA SER B 89 -5.18 -22.61 20.49
C SER B 89 -5.43 -23.57 21.63
N VAL B 90 -4.32 -23.98 22.25
CA VAL B 90 -4.33 -24.60 23.56
C VAL B 90 -3.21 -23.97 24.36
N LYS B 91 -3.26 -24.19 25.66
CA LYS B 91 -2.17 -23.90 26.58
C LYS B 91 -1.02 -24.82 26.18
N LEU B 92 0.17 -24.24 25.98
CA LEU B 92 1.33 -25.02 25.53
C LEU B 92 1.56 -26.17 26.52
N GLY B 93 1.58 -27.40 25.97
CA GLY B 93 1.77 -28.63 26.75
C GLY B 93 0.52 -29.51 26.68
N LYS B 94 -0.57 -28.93 26.21
CA LYS B 94 -1.78 -29.70 26.02
C LYS B 94 -1.85 -30.16 24.56
N ILE B 95 -2.37 -31.37 24.36
CA ILE B 95 -2.57 -31.88 23.01
C ILE B 95 -3.77 -31.18 22.41
N PRO B 96 -3.61 -30.58 21.22
CA PRO B 96 -4.72 -29.89 20.61
C PRO B 96 -5.70 -30.85 19.92
N THR B 97 -6.66 -31.34 20.74
CA THR B 97 -7.71 -32.20 20.30
C THR B 97 -8.99 -31.37 20.11
N VAL B 98 -10.08 -32.01 19.67
CA VAL B 98 -11.38 -31.35 19.50
C VAL B 98 -11.83 -30.67 20.79
N GLU B 99 -11.77 -31.38 21.91
CA GLU B 99 -12.27 -30.85 23.16
C GLU B 99 -11.28 -29.90 23.86
N ASN B 100 -9.99 -30.14 23.73
CA ASN B 100 -9.01 -29.33 24.43
C ASN B 100 -8.87 -27.93 23.83
N SER B 101 -9.08 -27.82 22.52
CA SER B 101 -8.83 -26.55 21.81
C SER B 101 -9.95 -25.53 22.03
N ILE B 102 -9.64 -24.28 21.75
CA ILE B 102 -10.63 -23.23 21.66
C ILE B 102 -10.51 -22.64 20.24
N PHE B 103 -11.66 -22.37 19.60
CA PHE B 103 -11.76 -21.76 18.28
C PHE B 103 -11.91 -20.24 18.42
N HIS B 104 -10.95 -19.51 17.88
CA HIS B 104 -10.89 -18.06 18.07
C HIS B 104 -11.67 -17.29 16.99
N MET B 105 -11.42 -17.63 15.74
CA MET B 105 -12.08 -17.01 14.59
C MET B 105 -11.79 -17.74 13.31
N ALA B 106 -12.60 -17.54 12.28
CA ALA B 106 -12.34 -18.11 10.99
C ALA B 106 -11.11 -17.45 10.43
N ALA B 107 -10.24 -18.22 9.77
CA ALA B 107 -8.98 -17.65 9.26
C ALA B 107 -8.22 -18.70 8.50
N TRP B 108 -7.58 -18.28 7.41
CA TRP B 108 -6.61 -19.15 6.73
C TRP B 108 -5.21 -18.55 6.75
N SER B 109 -5.05 -17.51 7.57
CA SER B 109 -3.75 -16.91 7.88
C SER B 109 -3.89 -16.19 9.20
N GLY B 110 -2.91 -16.33 10.10
CA GLY B 110 -3.06 -15.83 11.47
C GLY B 110 -1.83 -15.27 12.17
N SER B 111 -2.05 -14.79 13.40
CA SER B 111 -1.03 -14.29 14.32
C SER B 111 -1.70 -14.01 15.65
N ALA B 112 -0.91 -13.83 16.70
CA ALA B 112 -1.47 -13.46 17.99
C ALA B 112 -0.38 -12.90 18.88
N CYS B 113 -0.73 -12.16 19.92
CA CYS B 113 0.26 -11.63 20.86
C CYS B 113 -0.38 -11.02 22.10
N HIS B 114 0.34 -11.05 23.21
CA HIS B 114 -0.14 -10.51 24.46
C HIS B 114 0.53 -9.18 24.72
N ASP B 115 -0.22 -8.19 25.16
CA ASP B 115 0.38 -6.88 25.38
C ASP B 115 0.75 -6.61 26.82
N GLY B 116 0.48 -7.58 27.69
CA GLY B 116 0.68 -7.44 29.14
C GLY B 116 -0.63 -7.45 29.90
N LYS B 117 -1.69 -6.97 29.24
CA LYS B 117 -3.02 -6.94 29.86
C LYS B 117 -3.98 -7.92 29.17
N GLU B 118 -3.78 -8.17 27.89
CA GLU B 118 -4.76 -8.95 27.16
C GLU B 118 -4.24 -9.47 25.84
N TRP B 119 -4.79 -10.59 25.40
CA TRP B 119 -4.48 -11.25 24.12
C TRP B 119 -5.11 -10.54 22.92
N THR B 120 -4.29 -10.31 21.88
CA THR B 120 -4.78 -9.87 20.59
C THR B 120 -4.69 -11.03 19.61
N TYR B 121 -5.76 -11.32 18.87
CA TYR B 121 -5.80 -12.45 17.91
C TYR B 121 -6.03 -11.93 16.47
N ILE B 122 -5.28 -12.45 15.52
CA ILE B 122 -5.34 -11.92 14.20
C ILE B 122 -5.64 -13.03 13.24
N GLY B 123 -6.62 -12.82 12.37
CA GLY B 123 -6.98 -13.79 11.36
C GLY B 123 -7.49 -13.22 10.06
N VAL B 124 -7.01 -13.78 8.96
CA VAL B 124 -7.41 -13.31 7.65
C VAL B 124 -8.25 -14.36 6.95
N ASP B 125 -9.42 -13.97 6.49
CA ASP B 125 -10.15 -14.83 5.55
C ASP B 125 -10.76 -14.01 4.42
N GLY B 126 -11.73 -14.58 3.71
CA GLY B 126 -12.34 -13.88 2.58
C GLY B 126 -11.83 -14.40 1.24
N PRO B 127 -12.33 -13.84 0.14
CA PRO B 127 -11.96 -14.41 -1.14
C PRO B 127 -10.58 -13.93 -1.62
N GLU B 128 -10.00 -14.69 -2.56
CA GLU B 128 -8.69 -14.45 -3.16
C GLU B 128 -8.40 -12.97 -3.50
N ASN B 129 -9.32 -12.37 -4.23
CA ASN B 129 -9.14 -11.01 -4.77
C ASN B 129 -9.62 -9.89 -3.85
N ASN B 130 -10.08 -10.24 -2.65
CA ASN B 130 -10.48 -9.25 -1.66
C ASN B 130 -10.53 -9.80 -0.22
N ALA B 131 -9.48 -10.51 0.20
CA ALA B 131 -9.40 -11.00 1.58
C ALA B 131 -9.42 -9.87 2.62
N LEU B 132 -9.61 -10.26 3.87
CA LEU B 132 -9.86 -9.33 4.96
C LEU B 132 -9.22 -9.80 6.24
N LEU B 133 -8.39 -8.94 6.83
CA LEU B 133 -7.77 -9.21 8.12
C LEU B 133 -8.67 -8.74 9.27
N LYS B 134 -8.78 -9.57 10.29
CA LYS B 134 -9.73 -9.36 11.33
C LYS B 134 -9.00 -9.43 12.65
N ILE B 135 -9.37 -8.54 13.56
CA ILE B 135 -8.71 -8.40 14.84
C ILE B 135 -9.71 -8.59 15.97
N LYS B 136 -9.30 -9.38 16.97
CA LYS B 136 -10.10 -9.71 18.12
C LYS B 136 -9.26 -9.42 19.41
N TYR B 137 -9.82 -8.68 20.36
CA TYR B 137 -9.14 -8.34 21.60
C TYR B 137 -9.86 -8.98 22.77
N GLY B 138 -9.25 -10.03 23.33
CA GLY B 138 -9.90 -10.88 24.34
C GLY B 138 -11.04 -11.58 23.62
N GLU B 139 -12.28 -11.23 23.98
CA GLU B 139 -13.46 -11.89 23.39
C GLU B 139 -14.10 -11.06 22.28
N ALA B 140 -13.79 -9.77 22.25
CA ALA B 140 -14.40 -8.84 21.30
C ALA B 140 -13.73 -8.76 19.94
N TYR B 141 -14.53 -8.88 18.89
CA TYR B 141 -14.08 -8.44 17.53
C TYR B 141 -14.02 -6.90 17.50
N THR B 142 -12.90 -6.33 17.09
CA THR B 142 -12.64 -4.88 17.25
C THR B 142 -12.29 -4.01 16.01
N ASP B 143 -11.69 -4.62 14.97
CA ASP B 143 -11.24 -3.90 13.77
C ASP B 143 -10.96 -4.79 12.55
N THR B 144 -10.79 -4.16 11.36
CA THR B 144 -10.38 -4.88 10.14
C THR B 144 -9.48 -4.06 9.24
N TYR B 145 -8.69 -4.75 8.41
CA TYR B 145 -7.90 -4.11 7.39
C TYR B 145 -8.17 -4.77 6.05
N HIS B 146 -8.23 -3.96 5.01
CA HIS B 146 -8.65 -4.41 3.67
C HIS B 146 -7.49 -4.70 2.75
N SER B 147 -7.70 -5.68 1.89
CA SER B 147 -6.78 -6.02 0.85
C SER B 147 -6.42 -4.77 -0.02
N TYR B 148 -5.13 -4.55 -0.28
CA TYR B 148 -4.66 -3.37 -0.98
C TYR B 148 -3.96 -3.67 -2.29
N ALA B 149 -3.69 -4.93 -2.57
CA ALA B 149 -3.20 -5.34 -3.87
C ALA B 149 -4.10 -6.44 -4.48
N ASN B 150 -5.18 -6.80 -3.78
CA ASN B 150 -6.23 -7.64 -4.35
C ASN B 150 -5.73 -8.99 -4.80
N ASN B 151 -4.77 -9.54 -4.05
CA ASN B 151 -4.26 -10.89 -4.28
C ASN B 151 -3.76 -11.53 -2.99
N ILE B 152 -4.68 -12.23 -2.32
CA ILE B 152 -4.42 -12.97 -1.09
C ILE B 152 -3.76 -12.13 -0.01
N LEU B 153 -4.48 -11.17 0.54
CA LEU B 153 -4.01 -10.50 1.74
C LEU B 153 -3.63 -11.54 2.81
N ARG B 154 -2.53 -11.31 3.51
CA ARG B 154 -1.80 -12.41 4.11
C ARG B 154 -1.12 -11.88 5.37
N THR B 155 -0.86 -12.74 6.35
CA THR B 155 -0.06 -12.30 7.54
C THR B 155 1.06 -13.31 7.97
N GLN B 156 1.67 -13.08 9.13
CA GLN B 156 2.92 -13.71 9.56
C GLN B 156 2.98 -15.20 9.76
N GLU B 157 1.88 -15.79 10.23
N GLU B 157 1.87 -15.79 10.24
CA GLU B 157 1.87 -17.18 10.73
CA GLU B 157 1.83 -17.18 10.74
C GLU B 157 2.79 -17.32 11.95
C GLU B 157 2.77 -17.33 11.94
N SER B 158 2.93 -16.25 12.71
CA SER B 158 3.67 -16.27 13.97
C SER B 158 3.35 -15.05 14.82
N ALA B 159 3.92 -15.03 16.01
CA ALA B 159 3.56 -14.05 17.04
C ALA B 159 3.82 -12.63 16.59
N CYS B 160 2.83 -11.76 16.75
CA CYS B 160 3.13 -10.31 16.66
C CYS B 160 3.96 -9.88 17.91
N ASN B 161 4.27 -8.59 18.02
CA ASN B 161 5.13 -8.12 19.08
C ASN B 161 4.65 -6.82 19.70
N CYS B 162 4.45 -6.83 21.02
CA CYS B 162 3.83 -5.70 21.72
C CYS B 162 4.81 -5.02 22.70
N ILE B 163 4.85 -3.70 22.63
CA ILE B 163 5.65 -2.89 23.56
C ILE B 163 4.78 -1.69 24.02
N GLY B 164 4.75 -1.47 25.33
CA GLY B 164 4.02 -0.35 25.88
C GLY B 164 2.62 -0.27 25.31
N GLY B 165 2.06 -1.43 25.02
CA GLY B 165 0.66 -1.55 24.63
C GLY B 165 0.41 -1.40 23.15
N ASN B 166 1.47 -1.14 22.40
CA ASN B 166 1.44 -1.04 20.99
C ASN B 166 1.97 -2.34 20.41
N CYS B 167 1.12 -3.02 19.62
CA CYS B 167 1.50 -4.28 18.95
C CYS B 167 1.75 -4.06 17.46
N TYR B 168 2.85 -4.63 16.97
CA TYR B 168 3.24 -4.45 15.57
C TYR B 168 3.09 -5.77 14.80
N LEU B 169 2.51 -5.66 13.61
CA LEU B 169 2.14 -6.83 12.78
C LEU B 169 2.51 -6.62 11.30
N MET B 170 3.21 -7.58 10.70
CA MET B 170 3.49 -7.56 9.27
C MET B 170 2.30 -8.16 8.53
N ILE B 171 1.97 -7.56 7.39
CA ILE B 171 1.04 -8.14 6.42
C ILE B 171 1.62 -8.02 5.04
N THR B 172 1.11 -8.82 4.11
CA THR B 172 1.47 -8.60 2.71
C THR B 172 0.30 -8.87 1.79
N ASP B 173 0.45 -8.51 0.52
CA ASP B 173 -0.60 -8.68 -0.46
C ASP B 173 0.10 -8.57 -1.81
N GLY B 174 -0.34 -9.34 -2.79
CA GLY B 174 0.30 -9.37 -4.10
C GLY B 174 0.47 -10.79 -4.58
N SER B 175 1.11 -10.92 -5.73
CA SER B 175 1.29 -12.21 -6.36
C SER B 175 2.38 -13.03 -5.66
N ALA B 176 2.06 -14.30 -5.33
CA ALA B 176 3.04 -15.24 -4.76
C ALA B 176 4.21 -15.48 -5.72
N SER B 177 4.03 -15.12 -6.98
CA SER B 177 5.05 -15.26 -8.07
C SER B 177 5.71 -13.97 -8.54
N GLY B 178 5.20 -12.82 -8.14
CA GLY B 178 5.69 -11.53 -8.61
C GLY B 178 5.90 -10.60 -7.44
N ILE B 179 5.39 -9.38 -7.57
CA ILE B 179 5.49 -8.34 -6.54
C ILE B 179 4.51 -8.57 -5.38
N SER B 180 5.04 -8.53 -4.17
CA SER B 180 4.24 -8.54 -2.94
C SER B 180 4.90 -7.61 -1.92
N GLU B 181 4.47 -6.37 -1.93
CA GLU B 181 5.05 -5.32 -1.08
C GLU B 181 4.33 -5.28 0.27
N CYS B 182 5.04 -5.67 1.31
CA CYS B 182 4.48 -5.75 2.66
C CYS B 182 4.28 -4.39 3.33
N ARG B 183 3.35 -4.32 4.30
CA ARG B 183 3.23 -3.18 5.23
C ARG B 183 3.25 -3.69 6.67
N PHE B 184 3.28 -2.74 7.61
CA PHE B 184 3.15 -3.10 9.03
C PHE B 184 1.99 -2.34 9.65
N LEU B 185 1.20 -3.00 10.49
CA LEU B 185 0.16 -2.33 11.24
C LEU B 185 0.60 -2.15 12.67
N LYS B 186 0.26 -0.98 13.24
CA LYS B 186 0.46 -0.70 14.68
C LYS B 186 -0.89 -0.75 15.39
N ILE B 187 -1.04 -1.72 16.30
CA ILE B 187 -2.35 -2.03 16.88
C ILE B 187 -2.40 -1.77 18.38
N ARG B 188 -3.40 -1.04 18.84
CA ARG B 188 -3.54 -0.73 20.27
C ARG B 188 -4.91 -1.12 20.78
N GLU B 189 -4.94 -1.97 21.81
CA GLU B 189 -6.19 -2.48 22.35
C GLU B 189 -7.17 -2.85 21.21
N GLY B 190 -6.66 -3.58 20.22
CA GLY B 190 -7.47 -4.29 19.25
C GLY B 190 -7.76 -3.46 18.03
N ARG B 191 -7.32 -2.19 18.07
CA ARG B 191 -7.59 -1.23 16.97
C ARG B 191 -6.34 -0.68 16.32
N ILE B 192 -6.45 -0.40 15.03
CA ILE B 192 -5.28 -0.01 14.24
C ILE B 192 -5.13 1.48 14.38
N ILE B 193 -3.93 1.91 14.78
CA ILE B 193 -3.71 3.33 15.03
C ILE B 193 -2.66 3.96 14.13
N LYS B 194 -1.96 3.11 13.35
CA LYS B 194 -1.06 3.57 12.27
C LYS B 194 -0.77 2.46 11.21
N GLU B 195 -0.69 2.87 9.95
CA GLU B 195 -0.08 2.07 8.86
C GLU B 195 1.34 2.54 8.65
N ILE B 196 2.26 1.58 8.53
CA ILE B 196 3.69 1.84 8.32
C ILE B 196 4.09 1.26 6.96
N PHE B 197 4.58 2.13 6.08
CA PHE B 197 5.07 1.72 4.76
C PHE B 197 6.60 1.60 4.74
N PRO B 198 7.14 0.36 4.61
CA PRO B 198 8.59 0.22 4.63
C PRO B 198 9.23 0.83 3.40
N THR B 199 10.50 1.22 3.52
CA THR B 199 11.30 1.72 2.40
C THR B 199 12.44 0.73 2.10
N GLY B 200 13.10 0.88 0.93
CA GLY B 200 14.19 0.02 0.50
C GLY B 200 13.87 -1.19 -0.38
N ARG B 201 14.42 -2.35 -0.02
CA ARG B 201 14.17 -3.56 -0.81
C ARG B 201 12.77 -4.14 -0.46
N VAL B 202 11.75 -3.72 -1.17
CA VAL B 202 10.36 -4.00 -0.83
C VAL B 202 9.64 -4.85 -1.89
N LYS B 203 10.34 -5.09 -2.98
CA LYS B 203 9.97 -5.99 -4.11
C LYS B 203 9.10 -7.20 -3.71
N HIS B 204 9.59 -7.99 -2.75
CA HIS B 204 8.87 -9.16 -2.29
C HIS B 204 9.22 -9.61 -0.86
N THR B 205 8.24 -9.49 0.03
CA THR B 205 8.41 -9.87 1.45
C THR B 205 7.20 -10.63 2.02
N GLU B 206 7.42 -11.84 2.53
CA GLU B 206 6.39 -12.57 3.25
C GLU B 206 6.75 -13.29 4.53
N GLU B 207 5.69 -13.57 5.31
CA GLU B 207 5.75 -14.36 6.50
C GLU B 207 6.92 -13.96 7.36
N CYS B 208 7.03 -12.67 7.68
CA CYS B 208 8.08 -12.22 8.60
C CYS B 208 8.01 -12.92 9.94
N THR B 209 9.14 -13.44 10.38
CA THR B 209 9.32 -13.91 11.75
C THR B 209 10.01 -12.75 12.49
N CYS B 210 9.30 -12.13 13.42
CA CYS B 210 9.75 -10.86 14.03
C CYS B 210 10.01 -10.94 15.54
N GLY B 211 10.94 -10.13 16.03
CA GLY B 211 11.13 -9.99 17.48
C GLY B 211 11.81 -8.66 17.80
N PHE B 212 11.94 -8.37 19.08
CA PHE B 212 12.68 -7.20 19.53
C PHE B 212 14.17 -7.43 19.61
N ALA B 213 14.93 -6.56 18.96
CA ALA B 213 16.36 -6.46 19.18
C ALA B 213 16.66 -5.55 20.38
N SER B 214 15.69 -4.71 20.75
CA SER B 214 15.84 -3.79 21.89
C SER B 214 14.55 -3.04 22.11
N ASN B 215 14.51 -2.15 23.10
CA ASN B 215 13.30 -1.29 23.29
C ASN B 215 12.99 -0.36 22.08
N LYS B 216 13.96 -0.20 21.18
CA LYS B 216 13.89 0.72 20.04
C LYS B 216 13.58 0.01 18.70
N THR B 217 13.98 -1.26 18.56
CA THR B 217 13.95 -1.89 17.24
C THR B 217 13.35 -3.29 17.22
N ILE B 218 12.44 -3.49 16.27
CA ILE B 218 11.97 -4.83 15.91
C ILE B 218 12.68 -5.27 14.65
N GLU B 219 13.11 -6.53 14.58
CA GLU B 219 13.71 -7.06 13.34
C GLU B 219 12.96 -8.27 12.91
N CYS B 220 12.86 -8.47 11.61
CA CYS B 220 12.18 -9.64 11.07
C CYS B 220 13.01 -10.31 10.00
N ALA B 221 13.06 -11.65 10.05
CA ALA B 221 13.62 -12.44 8.93
C ALA B 221 12.46 -13.02 8.13
N CYS B 222 12.41 -12.72 6.84
CA CYS B 222 11.21 -13.01 6.07
C CYS B 222 11.48 -13.92 4.88
N ARG B 223 10.49 -14.01 3.97
CA ARG B 223 10.53 -14.92 2.83
C ARG B 223 10.26 -14.20 1.50
N ASP B 224 11.15 -14.38 0.54
CA ASP B 224 10.91 -13.94 -0.80
C ASP B 224 10.58 -15.20 -1.60
N ASN B 225 9.36 -15.26 -2.10
CA ASN B 225 8.84 -16.48 -2.71
C ASN B 225 9.06 -16.50 -4.24
N SER B 226 9.68 -15.41 -4.77
CA SER B 226 9.93 -15.27 -6.23
C SER B 226 11.39 -15.10 -6.65
N TYR B 227 12.10 -14.21 -5.95
CA TYR B 227 13.30 -13.59 -6.52
C TYR B 227 14.63 -14.06 -6.00
N THR B 228 14.68 -14.47 -4.73
CA THR B 228 15.95 -14.77 -4.10
C THR B 228 15.85 -15.79 -2.96
N ALA B 229 16.93 -16.54 -2.71
CA ALA B 229 17.02 -17.45 -1.57
C ALA B 229 17.69 -16.79 -0.35
N LYS B 230 18.12 -15.53 -0.50
CA LYS B 230 18.51 -14.71 0.66
C LYS B 230 17.23 -14.27 1.33
N ARG B 231 17.19 -14.27 2.67
CA ARG B 231 16.00 -13.78 3.37
C ARG B 231 15.99 -12.24 3.41
N PRO B 232 14.85 -11.59 3.04
CA PRO B 232 14.72 -10.16 3.22
C PRO B 232 14.81 -9.92 4.70
N PHE B 233 15.32 -8.78 5.14
CA PHE B 233 15.51 -8.53 6.58
C PHE B 233 14.98 -7.18 6.96
N VAL B 234 13.97 -7.14 7.83
CA VAL B 234 13.34 -5.87 8.24
C VAL B 234 13.89 -5.31 9.55
N LYS B 235 14.08 -3.98 9.58
CA LYS B 235 14.39 -3.22 10.80
C LYS B 235 13.39 -2.12 10.96
N LEU B 236 12.54 -2.29 11.97
CA LEU B 236 11.47 -1.33 12.28
C LEU B 236 11.86 -0.54 13.53
N ASN B 237 11.93 0.78 13.41
CA ASN B 237 12.14 1.65 14.56
C ASN B 237 10.80 1.95 15.22
N VAL B 238 10.60 1.50 16.45
CA VAL B 238 9.26 1.65 17.05
C VAL B 238 9.02 2.99 17.76
N GLU B 239 10.04 3.86 17.79
CA GLU B 239 9.91 5.21 18.37
C GLU B 239 9.45 6.16 17.28
N THR B 240 10.01 6.03 16.08
CA THR B 240 9.64 6.88 14.96
C THR B 240 8.62 6.18 14.05
N ASP B 241 8.37 4.90 14.30
CA ASP B 241 7.50 4.07 13.45
C ASP B 241 7.90 4.11 11.95
N THR B 242 9.18 3.81 11.68
CA THR B 242 9.69 3.73 10.31
C THR B 242 10.28 2.34 10.10
N ALA B 243 10.19 1.83 8.88
CA ALA B 243 10.73 0.50 8.58
C ALA B 243 11.53 0.47 7.31
N GLU B 244 12.60 -0.33 7.32
CA GLU B 244 13.52 -0.45 6.19
C GLU B 244 13.78 -1.96 5.90
N ILE B 245 13.99 -2.31 4.64
CA ILE B 245 14.21 -3.71 4.28
C ILE B 245 15.39 -3.82 3.31
N ARG B 246 16.34 -4.70 3.65
CA ARG B 246 17.39 -5.13 2.70
C ARG B 246 17.63 -6.62 2.82
N LEU B 247 18.21 -7.26 1.80
CA LEU B 247 18.53 -8.71 1.86
C LEU B 247 19.61 -9.04 2.89
N MET B 248 19.46 -10.15 3.59
CA MET B 248 20.56 -10.69 4.42
C MET B 248 21.78 -11.04 3.55
N CYS B 249 22.95 -10.53 3.96
CA CYS B 249 24.16 -10.66 3.18
C CYS B 249 24.92 -11.96 3.38
N THR B 250 24.62 -12.68 4.47
CA THR B 250 25.34 -13.91 4.80
C THR B 250 25.38 -14.94 3.68
N GLU B 251 26.50 -15.64 3.56
CA GLU B 251 26.63 -16.71 2.59
C GLU B 251 25.86 -17.97 2.98
N THR B 252 25.37 -18.01 4.21
CA THR B 252 24.55 -19.08 4.71
C THR B 252 23.08 -18.79 4.38
N TYR B 253 22.68 -19.00 3.13
CA TYR B 253 21.33 -18.61 2.69
C TYR B 253 20.29 -19.44 3.40
N LEU B 254 19.28 -18.78 3.96
CA LEU B 254 18.36 -19.40 4.92
C LEU B 254 17.07 -19.96 4.34
N ASP B 255 16.79 -19.66 3.06
CA ASP B 255 15.57 -20.09 2.41
C ASP B 255 15.66 -21.55 1.93
N THR B 256 14.52 -22.10 1.51
CA THR B 256 14.47 -23.35 0.78
C THR B 256 13.42 -23.22 -0.30
N PRO B 257 13.77 -23.48 -1.58
CA PRO B 257 15.05 -23.90 -2.14
C PRO B 257 16.13 -22.84 -1.99
N ARG B 258 17.37 -23.24 -2.23
CA ARG B 258 18.53 -22.35 -2.19
C ARG B 258 19.67 -23.01 -2.96
N PRO B 259 20.61 -22.20 -3.50
CA PRO B 259 21.84 -22.76 -4.10
C PRO B 259 22.90 -22.97 -3.00
N ASP B 260 24.08 -23.47 -3.38
CA ASP B 260 25.15 -23.75 -2.44
C ASP B 260 25.53 -22.48 -1.70
N ASP B 261 26.03 -22.61 -0.48
CA ASP B 261 26.36 -21.44 0.33
C ASP B 261 27.45 -20.62 -0.36
N GLY B 262 27.29 -19.31 -0.39
CA GLY B 262 28.35 -18.45 -0.92
C GLY B 262 28.44 -18.28 -2.43
N SER B 263 27.60 -19.00 -3.16
CA SER B 263 27.72 -19.09 -4.62
C SER B 263 26.94 -18.00 -5.36
N ILE B 264 26.29 -17.12 -4.62
CA ILE B 264 25.65 -15.97 -5.26
C ILE B 264 26.70 -14.86 -5.30
N THR B 265 27.14 -14.56 -6.51
CA THR B 265 28.19 -13.58 -6.73
C THR B 265 27.65 -12.13 -6.69
N GLY B 266 28.55 -11.15 -6.60
CA GLY B 266 28.12 -9.76 -6.51
C GLY B 266 28.09 -9.30 -5.06
N PRO B 267 27.62 -8.07 -4.82
CA PRO B 267 27.64 -7.60 -3.45
C PRO B 267 26.38 -8.04 -2.68
N CYS B 268 26.19 -7.49 -1.48
CA CYS B 268 25.10 -7.92 -0.60
C CYS B 268 23.72 -7.89 -1.25
N GLU B 269 23.53 -7.02 -2.23
CA GLU B 269 22.20 -6.86 -2.82
C GLU B 269 21.76 -7.86 -3.92
N SER B 270 22.67 -8.67 -4.45
CA SER B 270 22.33 -9.58 -5.56
C SER B 270 21.32 -10.66 -5.19
N ASN B 271 20.46 -11.03 -6.14
CA ASN B 271 19.40 -11.97 -5.89
C ASN B 271 19.77 -13.47 -5.57
N GLY B 272 20.47 -14.25 -6.39
CA GLY B 272 20.57 -14.15 -7.81
C GLY B 272 19.83 -15.37 -8.33
N ASP B 273 20.27 -16.58 -7.96
CA ASP B 273 19.70 -17.86 -8.51
C ASP B 273 18.85 -18.71 -7.52
N LYS B 274 18.03 -19.62 -8.11
CA LYS B 274 17.12 -20.55 -7.39
C LYS B 274 16.18 -19.87 -6.38
N GLY B 275 15.80 -18.62 -6.71
CA GLY B 275 15.03 -17.76 -5.83
C GLY B 275 13.55 -17.99 -5.77
N SER B 276 12.98 -18.75 -6.71
CA SER B 276 11.52 -18.94 -6.76
C SER B 276 11.11 -20.10 -5.84
N GLY B 277 10.03 -19.93 -5.08
CA GLY B 277 9.66 -20.86 -4.01
C GLY B 277 10.26 -20.35 -2.70
N GLY B 278 9.92 -20.96 -1.58
CA GLY B 278 10.46 -20.53 -0.30
C GLY B 278 9.78 -21.19 0.92
N ILE B 279 10.23 -20.80 2.12
CA ILE B 279 9.73 -21.34 3.35
C ILE B 279 9.74 -20.22 4.44
N LYS B 280 8.82 -20.28 5.39
CA LYS B 280 8.91 -19.42 6.58
C LYS B 280 10.04 -19.92 7.48
N GLY B 281 10.86 -18.98 7.98
CA GLY B 281 12.07 -19.29 8.74
C GLY B 281 12.10 -18.84 10.19
N GLY B 282 12.75 -19.65 11.02
CA GLY B 282 12.89 -19.35 12.46
C GLY B 282 13.89 -18.23 12.71
N PHE B 283 13.60 -17.41 13.71
CA PHE B 283 14.47 -16.28 14.02
C PHE B 283 14.08 -15.74 15.37
N VAL B 284 15.05 -15.64 16.27
CA VAL B 284 14.78 -15.13 17.62
C VAL B 284 16.03 -14.38 18.20
N HIS B 285 15.80 -13.41 19.08
CA HIS B 285 16.89 -12.60 19.66
C HIS B 285 17.32 -13.07 21.05
N GLN B 286 18.64 -13.04 21.29
CA GLN B 286 19.25 -13.20 22.60
C GLN B 286 19.82 -11.84 23.01
N ARG B 287 19.12 -11.12 23.90
CA ARG B 287 19.57 -9.77 24.27
C ARG B 287 20.42 -9.77 25.54
N MET B 288 21.70 -9.42 25.37
CA MET B 288 22.61 -9.28 26.50
C MET B 288 22.98 -7.81 26.71
N ALA B 289 23.67 -7.54 27.83
CA ALA B 289 24.03 -6.18 28.25
C ALA B 289 24.71 -5.36 27.15
N SER B 290 25.81 -5.87 26.61
CA SER B 290 26.59 -5.16 25.57
C SER B 290 26.79 -5.95 24.26
N LYS B 291 25.82 -6.79 23.92
CA LYS B 291 26.02 -7.79 22.88
C LYS B 291 24.63 -8.24 22.47
N ILE B 292 24.49 -8.67 21.22
CA ILE B 292 23.22 -9.25 20.77
C ILE B 292 23.48 -10.49 19.91
N GLY B 293 22.77 -11.56 20.23
CA GLY B 293 22.84 -12.78 19.46
C GLY B 293 21.63 -12.92 18.55
N ARG B 294 21.85 -13.36 17.33
CA ARG B 294 20.72 -13.63 16.42
C ARG B 294 20.77 -15.11 16.10
N TRP B 295 19.67 -15.79 16.39
CA TRP B 295 19.59 -17.23 16.14
C TRP B 295 18.64 -17.50 14.96
N TYR B 296 19.00 -18.43 14.09
CA TYR B 296 18.19 -18.69 12.89
C TYR B 296 18.09 -20.18 12.63
N SER B 297 17.11 -20.61 11.86
CA SER B 297 17.03 -22.02 11.49
C SER B 297 16.77 -22.18 10.01
N ARG B 298 17.25 -23.28 9.45
CA ARG B 298 17.00 -23.57 8.06
C ARG B 298 17.00 -25.08 7.83
N THR B 299 16.29 -25.51 6.78
CA THR B 299 16.23 -26.92 6.43
C THR B 299 17.63 -27.49 6.25
N MET B 300 17.74 -28.80 6.41
CA MET B 300 19.01 -29.48 6.27
C MET B 300 19.27 -29.69 4.80
N SER B 301 18.20 -30.02 4.08
CA SER B 301 18.25 -30.16 2.63
C SER B 301 18.10 -28.82 1.94
N LYS B 302 18.82 -28.64 0.84
CA LYS B 302 18.80 -27.41 0.06
C LYS B 302 17.52 -27.26 -0.82
N THR B 303 16.85 -28.36 -1.10
CA THR B 303 15.78 -28.39 -2.09
C THR B 303 14.47 -28.78 -1.42
N LYS B 304 14.59 -29.53 -0.34
CA LYS B 304 13.42 -30.16 0.23
C LYS B 304 13.13 -29.74 1.67
N ARG B 305 11.88 -29.97 2.11
CA ARG B 305 11.49 -29.59 3.44
C ARG B 305 11.82 -30.72 4.44
N MET B 306 13.11 -31.00 4.56
CA MET B 306 13.62 -32.08 5.37
C MET B 306 14.73 -31.55 6.31
N GLY B 307 14.71 -31.97 7.55
CA GLY B 307 15.63 -31.52 8.57
C GLY B 307 15.48 -30.08 9.04
N MET B 308 16.19 -29.74 10.13
CA MET B 308 16.31 -28.35 10.57
C MET B 308 17.57 -28.12 11.39
N GLY B 309 18.41 -27.18 10.91
CA GLY B 309 19.64 -26.87 11.59
C GLY B 309 19.52 -25.54 12.26
N LEU B 310 20.18 -25.39 13.42
CA LEU B 310 20.15 -24.11 14.13
C LEU B 310 21.44 -23.41 13.88
N TYR B 311 21.36 -22.09 13.64
CA TYR B 311 22.55 -21.26 13.38
C TYR B 311 22.53 -20.00 14.25
N VAL B 312 23.71 -19.42 14.47
CA VAL B 312 23.86 -18.22 15.33
C VAL B 312 24.98 -17.26 14.85
N LYS B 313 24.75 -15.96 15.07
CA LYS B 313 25.76 -14.93 14.91
C LYS B 313 25.58 -13.82 15.93
N TYR B 314 26.68 -13.38 16.51
CA TYR B 314 26.63 -12.32 17.50
C TYR B 314 27.01 -10.98 16.87
N ASP B 315 26.22 -9.93 17.15
CA ASP B 315 26.50 -8.54 16.68
C ASP B 315 26.61 -8.38 15.14
N GLY B 316 27.26 -7.30 14.70
CA GLY B 316 27.35 -7.01 13.29
C GLY B 316 26.04 -6.49 12.74
N ASP B 317 25.96 -6.41 11.43
CA ASP B 317 24.80 -5.88 10.73
C ASP B 317 24.49 -6.91 9.64
N PRO B 318 23.37 -7.63 9.76
CA PRO B 318 22.97 -8.68 8.85
C PRO B 318 22.74 -8.21 7.41
N TRP B 319 22.60 -6.90 7.21
CA TRP B 319 22.47 -6.32 5.86
C TRP B 319 23.80 -6.26 5.09
N THR B 320 24.91 -6.18 5.83
CA THR B 320 26.25 -5.98 5.21
C THR B 320 27.27 -7.08 5.50
N ASP B 321 27.02 -7.90 6.51
CA ASP B 321 27.91 -9.01 6.86
C ASP B 321 27.75 -10.21 5.96
N SER B 322 28.78 -10.50 5.19
CA SER B 322 28.80 -11.66 4.34
C SER B 322 29.39 -12.91 5.02
N ASP B 323 29.93 -12.75 6.24
CA ASP B 323 30.48 -13.87 7.02
C ASP B 323 29.43 -14.98 7.14
N ALA B 324 29.87 -16.24 7.15
CA ALA B 324 29.00 -17.41 7.36
C ALA B 324 28.48 -17.44 8.78
N LEU B 325 27.22 -17.86 8.92
CA LEU B 325 26.60 -18.12 10.22
C LEU B 325 27.16 -19.39 10.83
N ALA B 326 27.45 -19.35 12.12
CA ALA B 326 27.95 -20.54 12.85
C ALA B 326 26.85 -21.60 13.03
N LEU B 327 27.11 -22.80 12.51
CA LEU B 327 26.18 -23.91 12.70
C LEU B 327 26.22 -24.37 14.14
N SER B 328 25.09 -24.26 14.84
CA SER B 328 25.01 -24.61 16.24
C SER B 328 24.58 -26.07 16.54
N GLY B 329 23.60 -26.57 15.80
CA GLY B 329 23.28 -28.00 15.89
C GLY B 329 22.16 -28.49 14.97
N VAL B 330 22.01 -29.80 14.89
CA VAL B 330 20.92 -30.39 14.11
C VAL B 330 19.73 -30.67 15.03
N MET B 331 18.62 -29.96 14.79
CA MET B 331 17.39 -30.11 15.59
C MET B 331 16.51 -31.18 15.01
N VAL B 332 16.59 -31.37 13.70
CA VAL B 332 15.76 -32.39 13.03
C VAL B 332 16.61 -33.00 11.93
N SER B 333 16.81 -34.30 11.98
CA SER B 333 17.68 -34.96 11.01
C SER B 333 17.02 -34.94 9.63
N MET B 334 17.86 -35.09 8.61
CA MET B 334 17.50 -35.12 7.20
C MET B 334 16.44 -36.15 6.87
N GLU B 335 16.20 -37.07 7.79
CA GLU B 335 15.22 -38.12 7.57
C GLU B 335 13.84 -37.77 8.16
N GLU B 336 13.76 -36.66 8.89
CA GLU B 336 12.48 -36.15 9.40
C GLU B 336 12.05 -34.86 8.70
N PRO B 337 10.73 -34.58 8.68
CA PRO B 337 10.26 -33.38 7.96
C PRO B 337 10.54 -32.07 8.72
N GLY B 338 10.99 -31.05 8.00
CA GLY B 338 11.22 -29.73 8.56
C GLY B 338 10.55 -28.71 7.68
N TRP B 339 9.39 -28.24 8.11
CA TRP B 339 8.65 -27.26 7.34
C TRP B 339 8.82 -25.86 7.95
N TYR B 340 7.73 -25.17 8.28
CA TYR B 340 7.86 -23.82 8.79
C TYR B 340 8.62 -23.82 10.12
N SER B 341 9.26 -22.71 10.44
CA SER B 341 9.92 -22.55 11.72
C SER B 341 9.75 -21.10 12.19
N PHE B 342 9.76 -20.90 13.51
CA PHE B 342 9.38 -19.59 14.06
C PHE B 342 10.07 -19.32 15.39
N GLY B 343 10.05 -18.06 15.81
CA GLY B 343 10.65 -17.66 17.09
C GLY B 343 9.62 -17.12 18.06
N PHE B 344 9.91 -17.26 19.36
CA PHE B 344 9.07 -16.74 20.44
C PHE B 344 9.90 -16.70 21.71
N GLU B 345 9.35 -16.08 22.74
CA GLU B 345 10.09 -15.87 23.96
C GLU B 345 9.21 -16.21 25.14
N ILE B 346 9.75 -17.00 26.07
CA ILE B 346 9.03 -17.35 27.30
C ILE B 346 9.43 -16.40 28.40
N LYS B 347 8.49 -16.00 29.24
CA LYS B 347 8.76 -14.98 30.25
C LYS B 347 9.04 -15.63 31.60
N ASP B 348 10.32 -15.75 31.96
CA ASP B 348 10.71 -16.15 33.33
C ASP B 348 10.51 -14.96 34.26
N LYS B 349 10.74 -15.13 35.56
CA LYS B 349 10.39 -14.10 36.56
C LYS B 349 11.00 -12.72 36.28
N LYS B 350 12.26 -12.69 35.84
CA LYS B 350 12.99 -11.42 35.68
C LYS B 350 13.68 -11.26 34.34
N CYS B 351 13.54 -12.26 33.47
CA CYS B 351 14.19 -12.28 32.16
C CYS B 351 13.42 -13.12 31.13
N ASP B 352 13.79 -12.97 29.86
CA ASP B 352 13.09 -13.60 28.75
C ASP B 352 13.90 -14.72 28.12
N VAL B 353 13.25 -15.84 27.79
CA VAL B 353 13.96 -16.96 27.21
C VAL B 353 13.63 -17.18 25.73
N PRO B 354 14.61 -16.96 24.84
CA PRO B 354 14.42 -17.13 23.43
C PRO B 354 14.27 -18.61 23.05
N CYS B 355 13.36 -18.89 22.12
CA CYS B 355 13.07 -20.26 21.66
C CYS B 355 12.79 -20.30 20.16
N ILE B 356 13.03 -21.44 19.54
CA ILE B 356 12.65 -21.68 18.16
C ILE B 356 11.74 -22.88 18.08
N GLY B 357 10.63 -22.76 17.37
CA GLY B 357 9.70 -23.85 17.18
C GLY B 357 9.74 -24.38 15.76
N ILE B 358 9.36 -25.63 15.55
CA ILE B 358 9.47 -26.21 14.19
C ILE B 358 8.27 -27.02 13.84
N GLU B 359 7.59 -26.62 12.77
CA GLU B 359 6.47 -27.34 12.22
C GLU B 359 6.99 -28.57 11.48
N MET B 360 6.56 -29.75 11.91
CA MET B 360 7.05 -31.00 11.32
C MET B 360 5.89 -31.75 10.66
N VAL B 361 5.69 -31.49 9.39
CA VAL B 361 4.47 -31.89 8.69
C VAL B 361 4.44 -33.37 8.32
N HIS B 362 3.34 -34.03 8.63
CA HIS B 362 3.03 -35.37 8.13
C HIS B 362 2.48 -35.25 6.72
N ASP B 363 3.36 -35.37 5.73
CA ASP B 363 2.96 -35.29 4.35
C ASP B 363 2.91 -36.66 3.63
N GLY B 364 1.70 -37.06 3.23
CA GLY B 364 1.54 -38.24 2.40
C GLY B 364 0.76 -37.97 1.12
N GLY B 365 0.79 -36.75 0.65
CA GLY B 365 0.04 -36.41 -0.56
C GLY B 365 -1.42 -36.02 -0.34
N LYS B 366 -2.12 -35.73 -1.44
CA LYS B 366 -3.50 -35.26 -1.36
C LYS B 366 -4.52 -36.38 -1.08
N GLU B 367 -4.08 -37.63 -1.13
CA GLU B 367 -5.01 -38.74 -1.02
C GLU B 367 -5.26 -39.20 0.41
N THR B 368 -4.61 -38.58 1.37
CA THR B 368 -4.78 -38.92 2.79
C THR B 368 -4.68 -37.62 3.60
N TRP B 369 -4.65 -37.71 4.93
CA TRP B 369 -4.67 -36.51 5.80
C TRP B 369 -3.36 -35.74 5.73
N HIS B 370 -3.39 -34.48 6.14
CA HIS B 370 -2.23 -33.60 6.10
C HIS B 370 -2.25 -32.75 7.37
N SER B 371 -1.28 -32.98 8.25
CA SER B 371 -1.15 -32.18 9.48
C SER B 371 0.30 -32.09 9.92
N ALA B 372 0.51 -31.73 11.19
CA ALA B 372 1.86 -31.41 11.65
C ALA B 372 2.06 -31.60 13.12
N ALA B 373 3.24 -32.05 13.51
CA ALA B 373 3.71 -31.95 14.87
C ALA B 373 4.42 -30.58 15.09
N THR B 374 4.77 -30.24 16.34
CA THR B 374 5.53 -29.02 16.66
C THR B 374 6.64 -29.31 17.67
N ALA B 375 7.88 -29.11 17.26
CA ALA B 375 9.03 -29.30 18.14
C ALA B 375 9.57 -27.95 18.65
N ILE B 376 9.97 -27.91 19.92
CA ILE B 376 10.40 -26.66 20.55
C ILE B 376 11.83 -26.74 21.10
N TYR B 377 12.70 -25.80 20.67
CA TYR B 377 14.05 -25.64 21.18
C TYR B 377 14.22 -24.29 21.87
N CYS B 378 14.87 -24.26 23.03
CA CYS B 378 15.07 -23.02 23.79
C CYS B 378 16.48 -22.89 24.28
N LEU B 379 16.91 -21.65 24.49
CA LEU B 379 18.19 -21.33 25.12
C LEU B 379 18.19 -21.82 26.54
N MET B 380 19.06 -22.78 26.85
CA MET B 380 19.20 -23.24 28.25
C MET B 380 20.59 -23.77 28.62
N GLY B 381 21.23 -23.12 29.59
CA GLY B 381 22.56 -23.50 30.08
C GLY B 381 23.68 -23.27 29.07
N SER B 382 24.82 -23.94 29.27
CA SER B 382 25.98 -23.81 28.39
C SER B 382 26.34 -25.13 27.63
N GLY B 383 27.37 -25.09 26.78
CA GLY B 383 27.82 -26.25 25.98
C GLY B 383 27.33 -26.26 24.55
N GLN B 384 27.04 -27.43 23.99
CA GLN B 384 26.51 -27.54 22.61
C GLN B 384 25.15 -28.24 22.56
N LEU B 385 24.35 -27.92 21.54
CA LEU B 385 23.06 -28.58 21.34
C LEU B 385 23.22 -30.12 21.22
N LEU B 386 22.44 -30.87 21.98
CA LEU B 386 22.69 -32.33 22.14
C LEU B 386 21.77 -33.32 21.40
N TRP B 387 20.46 -33.07 21.24
CA TRP B 387 19.61 -34.12 20.65
C TRP B 387 18.61 -33.63 19.64
N ASP B 388 18.27 -34.50 18.69
CA ASP B 388 17.33 -34.17 17.64
C ASP B 388 15.90 -34.59 18.00
N THR B 389 14.94 -34.27 17.13
CA THR B 389 13.55 -34.58 17.36
C THR B 389 12.96 -35.42 16.23
N VAL B 390 12.25 -36.50 16.57
CA VAL B 390 11.42 -37.24 15.59
C VAL B 390 9.91 -37.09 15.94
N THR B 391 9.00 -37.27 14.97
CA THR B 391 7.59 -37.15 15.35
C THR B 391 7.05 -38.42 15.98
N GLY B 392 7.61 -39.55 15.57
CA GLY B 392 7.20 -40.89 16.04
C GLY B 392 6.02 -41.44 15.27
N VAL B 393 5.46 -40.66 14.33
CA VAL B 393 4.18 -40.99 13.71
C VAL B 393 4.37 -41.79 12.40
N ASP B 394 3.64 -42.89 12.31
CA ASP B 394 3.51 -43.64 11.08
C ASP B 394 2.14 -43.34 10.45
N MET B 395 2.13 -42.78 9.26
CA MET B 395 0.91 -42.25 8.63
C MET B 395 -0.08 -43.29 8.13
N ALA B 396 0.34 -44.55 8.09
CA ALA B 396 -0.51 -45.68 7.74
C ALA B 396 -1.50 -46.08 8.83
N LEU B 397 -1.25 -45.68 10.08
CA LEU B 397 -2.04 -46.16 11.23
C LEU B 397 -3.31 -45.36 11.46
N PRO C 9 -18.00 -6.36 41.69
CA PRO C 9 -18.62 -6.07 40.39
C PRO C 9 -19.93 -5.31 40.57
N GLU C 10 -20.45 -4.73 39.48
CA GLU C 10 -21.64 -3.85 39.48
C GLU C 10 -22.69 -4.22 38.41
N TRP C 11 -23.88 -3.62 38.47
CA TRP C 11 -24.88 -3.80 37.41
C TRP C 11 -24.37 -3.24 36.08
N THR C 12 -24.68 -3.95 35.00
CA THR C 12 -24.34 -3.47 33.69
C THR C 12 -25.52 -2.77 33.02
N TYR C 13 -25.20 -1.96 32.01
CA TYR C 13 -26.15 -1.14 31.25
C TYR C 13 -25.70 -1.18 29.80
N PRO C 14 -26.63 -1.01 28.83
CA PRO C 14 -26.14 -0.90 27.43
C PRO C 14 -25.30 0.36 27.24
N ARG C 15 -24.22 0.26 26.46
CA ARG C 15 -23.41 1.43 26.13
C ARG C 15 -23.47 1.72 24.63
N LEU C 16 -22.79 2.78 24.20
CA LEU C 16 -22.57 3.02 22.77
C LEU C 16 -21.83 1.83 22.13
N SER C 17 -22.28 1.43 20.95
CA SER C 17 -21.62 0.39 20.19
C SER C 17 -20.25 0.83 19.78
N CYS C 18 -19.36 -0.13 19.50
CA CYS C 18 -18.02 0.16 19.05
C CYS C 18 -18.11 0.68 17.63
N PRO C 19 -17.07 1.41 17.16
CA PRO C 19 -17.01 1.92 15.79
C PRO C 19 -17.11 0.83 14.74
N GLY C 20 -17.84 1.13 13.66
CA GLY C 20 -17.97 0.22 12.52
C GLY C 20 -19.14 0.58 11.64
N SER C 21 -19.13 0.08 10.38
CA SER C 21 -20.25 0.32 9.47
C SER C 21 -20.56 -0.89 8.61
N THR C 22 -19.98 -2.03 8.95
CA THR C 22 -20.33 -3.30 8.28
C THR C 22 -20.10 -4.51 9.17
N PHE C 23 -20.91 -5.54 8.95
CA PHE C 23 -20.67 -6.82 9.58
C PHE C 23 -19.70 -7.66 8.77
N GLN C 24 -18.97 -8.54 9.44
CA GLN C 24 -18.15 -9.54 8.74
C GLN C 24 -18.35 -10.90 9.36
N LYS C 25 -17.86 -11.93 8.70
CA LYS C 25 -17.88 -13.32 9.20
C LYS C 25 -16.89 -13.41 10.35
N ALA C 26 -17.34 -13.89 11.50
CA ALA C 26 -16.45 -14.00 12.66
C ALA C 26 -16.00 -15.44 13.00
N LEU C 27 -16.96 -16.36 13.14
CA LEU C 27 -16.66 -17.64 13.79
C LEU C 27 -17.74 -18.69 13.52
N LEU C 28 -17.34 -19.93 13.27
CA LEU C 28 -18.26 -21.02 13.05
C LEU C 28 -18.09 -22.06 14.16
N ILE C 29 -19.21 -22.46 14.75
CA ILE C 29 -19.25 -23.60 15.64
C ILE C 29 -19.99 -24.76 14.95
N SER C 30 -19.24 -25.66 14.33
CA SER C 30 -19.82 -26.80 13.64
C SER C 30 -19.37 -28.08 14.31
N PRO C 31 -20.08 -28.50 15.37
CA PRO C 31 -19.69 -29.61 16.20
C PRO C 31 -19.79 -30.92 15.45
N HIS C 32 -20.61 -30.93 14.41
CA HIS C 32 -20.84 -32.19 13.70
C HIS C 32 -19.84 -32.55 12.63
N ARG C 33 -18.91 -31.63 12.35
CA ARG C 33 -17.67 -31.93 11.66
C ARG C 33 -16.85 -33.06 12.38
N PHE C 34 -17.23 -33.37 13.62
CA PHE C 34 -16.51 -34.38 14.42
C PHE C 34 -17.41 -35.55 14.85
N GLY C 35 -18.59 -35.64 14.23
CA GLY C 35 -19.48 -36.70 14.55
C GLY C 35 -19.48 -37.92 13.66
N GLU C 36 -18.43 -38.14 12.86
CA GLU C 36 -18.38 -39.33 11.98
C GLU C 36 -18.39 -40.68 12.75
N THR C 37 -18.85 -41.73 12.09
CA THR C 37 -18.69 -43.09 12.60
C THR C 37 -17.21 -43.39 12.82
N LYS C 38 -16.38 -42.96 11.84
CA LYS C 38 -14.94 -43.23 11.81
C LYS C 38 -14.12 -42.34 12.76
N GLY C 39 -14.72 -41.28 13.33
CA GLY C 39 -14.08 -40.44 14.36
C GLY C 39 -14.24 -40.91 15.81
N ASN C 40 -13.74 -40.15 16.78
CA ASN C 40 -13.80 -40.49 18.18
C ASN C 40 -14.35 -39.35 19.05
N SER C 41 -15.33 -38.60 18.53
CA SER C 41 -15.94 -37.54 19.31
C SER C 41 -17.42 -37.72 19.63
N ALA C 42 -17.95 -36.79 20.44
CA ALA C 42 -19.32 -36.81 20.95
C ALA C 42 -19.95 -35.39 20.99
N PRO C 43 -20.12 -34.75 19.80
CA PRO C 43 -20.90 -33.50 19.72
C PRO C 43 -22.34 -33.76 20.12
N LEU C 44 -22.91 -32.86 20.94
CA LEU C 44 -24.30 -33.04 21.40
C LEU C 44 -25.28 -32.71 20.29
N ILE C 45 -26.38 -33.49 20.24
CA ILE C 45 -27.52 -33.21 19.32
C ILE C 45 -28.38 -32.09 19.91
N ILE C 46 -28.49 -30.99 19.17
CA ILE C 46 -29.18 -29.79 19.64
C ILE C 46 -30.01 -29.13 18.54
N ARG C 47 -30.75 -28.11 18.95
CA ARG C 47 -31.39 -27.13 18.10
C ARG C 47 -31.59 -25.85 18.97
N GLU C 48 -32.15 -24.81 18.39
CA GLU C 48 -32.41 -23.55 19.13
C GLU C 48 -31.16 -23.03 19.83
N PRO C 49 -30.06 -22.82 19.09
CA PRO C 49 -28.89 -22.26 19.76
C PRO C 49 -29.01 -20.73 19.92
N PHE C 50 -28.19 -20.15 20.80
CA PHE C 50 -28.14 -18.72 20.96
C PHE C 50 -26.98 -18.35 21.84
N ILE C 51 -26.57 -17.09 21.79
CA ILE C 51 -25.41 -16.61 22.52
C ILE C 51 -25.77 -15.45 23.45
N ALA C 52 -25.13 -15.40 24.62
CA ALA C 52 -25.33 -14.30 25.57
C ALA C 52 -24.01 -14.04 26.31
N CYS C 53 -23.68 -12.77 26.53
CA CYS C 53 -22.37 -12.42 27.02
C CYS C 53 -22.45 -11.58 28.27
N GLY C 54 -21.52 -11.81 29.19
CA GLY C 54 -21.33 -10.99 30.37
C GLY C 54 -20.07 -10.17 30.16
N PRO C 55 -19.53 -9.55 31.24
CA PRO C 55 -18.42 -8.62 31.16
C PRO C 55 -17.10 -9.31 30.84
N LYS C 56 -17.00 -10.62 31.07
CA LYS C 56 -15.76 -11.32 30.74
C LYS C 56 -15.90 -12.52 29.77
N GLU C 57 -17.11 -13.07 29.68
CA GLU C 57 -17.33 -14.35 28.99
C GLU C 57 -18.58 -14.27 28.08
N CYS C 58 -18.51 -14.88 26.91
CA CYS C 58 -19.71 -15.20 26.10
C CYS C 58 -19.96 -16.70 26.18
N LYS C 59 -21.21 -17.06 26.50
CA LYS C 59 -21.63 -18.44 26.52
C LYS C 59 -22.54 -18.75 25.32
N HIS C 60 -22.35 -19.94 24.77
CA HIS C 60 -23.09 -20.46 23.65
C HIS C 60 -24.12 -21.48 24.20
N PHE C 61 -25.40 -21.13 24.16
CA PHE C 61 -26.46 -22.00 24.70
C PHE C 61 -27.14 -22.80 23.62
N ALA C 62 -27.75 -23.92 24.01
CA ALA C 62 -28.64 -24.66 23.11
C ALA C 62 -29.59 -25.59 23.86
N LEU C 63 -30.63 -26.04 23.17
CA LEU C 63 -31.50 -27.05 23.70
C LEU C 63 -31.10 -28.42 23.13
N THR C 64 -30.45 -29.25 23.93
CA THR C 64 -30.14 -30.61 23.53
C THR C 64 -31.32 -31.61 23.65
N HIS C 65 -31.30 -32.72 22.87
CA HIS C 65 -32.21 -33.86 23.12
C HIS C 65 -31.51 -34.93 23.98
N TYR C 66 -30.44 -34.54 24.69
CA TYR C 66 -29.74 -35.47 25.60
C TYR C 66 -29.25 -36.73 24.88
N ALA C 67 -28.71 -36.51 23.68
CA ALA C 67 -28.15 -37.58 22.86
C ALA C 67 -26.95 -36.99 22.12
N ALA C 68 -26.12 -37.85 21.52
CA ALA C 68 -24.91 -37.43 20.84
C ALA C 68 -24.75 -38.16 19.53
N GLN C 69 -23.86 -37.66 18.68
CA GLN C 69 -23.55 -38.21 17.36
C GLN C 69 -22.08 -38.58 17.26
N PRO C 70 -21.76 -39.86 16.95
CA PRO C 70 -22.69 -41.01 16.76
C PRO C 70 -23.28 -41.59 18.06
N GLY C 71 -24.43 -42.22 17.92
CA GLY C 71 -25.16 -42.83 19.02
C GLY C 71 -26.37 -43.58 18.51
N GLY C 72 -27.21 -44.04 19.43
CA GLY C 72 -28.40 -44.81 19.07
C GLY C 72 -29.71 -44.20 19.56
N TYR C 73 -29.72 -42.89 19.82
CA TYR C 73 -30.95 -42.19 20.24
C TYR C 73 -31.45 -41.11 19.25
N TYR C 74 -31.24 -41.36 17.98
CA TYR C 74 -31.64 -40.46 16.93
C TYR C 74 -33.17 -40.32 16.83
N ASN C 75 -33.89 -41.44 16.97
CA ASN C 75 -35.37 -41.36 16.98
C ASN C 75 -35.89 -40.30 17.98
N GLY C 76 -36.52 -39.24 17.45
CA GLY C 76 -37.18 -38.20 18.26
C GLY C 76 -36.41 -36.88 18.30
N THR C 77 -35.29 -36.83 17.61
CA THR C 77 -34.49 -35.63 17.62
C THR C 77 -35.00 -34.51 16.68
N ARG C 78 -35.93 -34.85 15.75
CA ARG C 78 -36.76 -33.85 15.02
C ARG C 78 -37.94 -33.27 15.78
N GLY C 79 -38.36 -33.92 16.88
CA GLY C 79 -39.44 -33.42 17.76
C GLY C 79 -39.09 -32.14 18.52
N ASP C 80 -40.11 -31.47 19.05
CA ASP C 80 -39.90 -30.14 19.62
C ASP C 80 -39.76 -30.19 21.10
N ARG C 81 -40.59 -31.01 21.74
CA ARG C 81 -40.68 -31.08 23.19
C ARG C 81 -40.69 -32.56 23.62
N ASN C 82 -39.90 -32.89 24.64
CA ASN C 82 -39.97 -34.19 25.38
C ASN C 82 -39.36 -34.00 26.77
N LYS C 83 -39.41 -35.07 27.58
CA LYS C 83 -38.96 -35.07 28.97
C LYS C 83 -37.45 -35.15 29.17
N LEU C 84 -36.68 -35.27 28.08
CA LEU C 84 -35.20 -35.35 28.13
C LEU C 84 -34.46 -34.05 27.78
N ARG C 85 -35.10 -33.26 26.93
CA ARG C 85 -34.61 -31.96 26.52
C ARG C 85 -34.04 -31.10 27.70
N HIS C 86 -32.88 -30.50 27.46
CA HIS C 86 -32.19 -29.70 28.48
C HIS C 86 -31.51 -28.46 27.88
N LEU C 87 -31.40 -27.39 28.68
CA LEU C 87 -30.62 -26.23 28.37
C LEU C 87 -29.22 -26.55 28.77
N ILE C 88 -28.29 -26.35 27.81
CA ILE C 88 -26.86 -26.57 28.01
C ILE C 88 -26.06 -25.35 27.53
N SER C 89 -24.79 -25.29 27.93
CA SER C 89 -23.92 -24.26 27.44
C SER C 89 -22.44 -24.68 27.40
N VAL C 90 -21.67 -23.98 26.59
CA VAL C 90 -20.23 -23.94 26.67
C VAL C 90 -19.75 -22.48 26.54
N LYS C 91 -18.54 -22.24 26.99
CA LYS C 91 -17.85 -21.00 26.66
C LYS C 91 -17.74 -20.87 25.13
N LEU C 92 -18.16 -19.73 24.58
CA LEU C 92 -18.16 -19.53 23.14
C LEU C 92 -16.75 -19.78 22.61
N GLY C 93 -16.63 -20.71 21.65
CA GLY C 93 -15.37 -21.08 21.04
C GLY C 93 -15.03 -22.55 21.32
N LYS C 94 -15.75 -23.15 22.27
CA LYS C 94 -15.54 -24.55 22.61
C LYS C 94 -16.61 -25.34 21.89
N ILE C 95 -16.27 -26.57 21.50
CA ILE C 95 -17.21 -27.45 20.81
C ILE C 95 -18.11 -28.07 21.88
N PRO C 96 -19.45 -27.97 21.74
CA PRO C 96 -20.34 -28.53 22.74
C PRO C 96 -20.51 -30.05 22.60
N THR C 97 -19.55 -30.75 23.21
CA THR C 97 -19.54 -32.21 23.30
C THR C 97 -20.16 -32.63 24.62
N VAL C 98 -20.25 -33.94 24.85
CA VAL C 98 -20.75 -34.47 26.12
C VAL C 98 -19.93 -33.96 27.31
N GLU C 99 -18.60 -33.94 27.17
CA GLU C 99 -17.73 -33.61 28.30
C GLU C 99 -17.55 -32.12 28.48
N ASN C 100 -17.59 -31.40 27.38
CA ASN C 100 -17.33 -29.94 27.43
C ASN C 100 -18.50 -29.12 27.97
N SER C 101 -19.72 -29.59 27.70
CA SER C 101 -20.92 -28.82 28.04
C SER C 101 -21.21 -28.89 29.53
N ILE C 102 -22.08 -28.01 30.00
CA ILE C 102 -22.69 -28.10 31.32
C ILE C 102 -24.21 -28.10 31.10
N PHE C 103 -24.94 -28.94 31.85
CA PHE C 103 -26.41 -29.06 31.80
C PHE C 103 -27.01 -28.24 32.91
N HIS C 104 -27.82 -27.24 32.55
CA HIS C 104 -28.30 -26.21 33.47
C HIS C 104 -29.61 -26.64 34.12
N MET C 105 -30.58 -27.03 33.27
CA MET C 105 -31.89 -27.51 33.72
C MET C 105 -32.66 -28.19 32.61
N ALA C 106 -33.68 -28.95 32.99
CA ALA C 106 -34.58 -29.52 32.00
C ALA C 106 -35.34 -28.37 31.31
N ALA C 107 -35.50 -28.45 30.00
CA ALA C 107 -36.17 -27.40 29.24
C ALA C 107 -36.36 -27.79 27.80
N TRP C 108 -37.53 -27.48 27.25
CA TRP C 108 -37.70 -27.53 25.79
C TRP C 108 -37.86 -26.16 25.15
N SER C 109 -37.64 -25.12 25.95
CA SER C 109 -37.62 -23.72 25.52
C SER C 109 -36.76 -22.95 26.53
N GLY C 110 -35.90 -22.07 26.04
CA GLY C 110 -34.91 -21.44 26.91
C GLY C 110 -34.53 -19.98 26.62
N SER C 111 -33.79 -19.43 27.59
CA SER C 111 -33.17 -18.10 27.48
C SER C 111 -32.15 -17.95 28.59
N ALA C 112 -31.28 -16.95 28.47
CA ALA C 112 -30.31 -16.67 29.51
C ALA C 112 -29.78 -15.25 29.37
N CYS C 113 -29.25 -14.70 30.48
CA CYS C 113 -28.66 -13.35 30.47
C CYS C 113 -27.86 -13.07 31.73
N HIS C 114 -26.87 -12.20 31.60
CA HIS C 114 -26.02 -11.77 32.71
C HIS C 114 -26.39 -10.34 33.10
N ASP C 115 -26.58 -10.08 34.38
CA ASP C 115 -26.96 -8.77 34.84
C ASP C 115 -25.79 -7.87 35.26
N GLY C 116 -24.57 -8.38 35.11
CA GLY C 116 -23.37 -7.69 35.59
C GLY C 116 -22.73 -8.33 36.82
N LYS C 117 -23.53 -9.03 37.65
CA LYS C 117 -23.05 -9.80 38.82
C LYS C 117 -23.16 -11.33 38.64
N GLU C 118 -24.18 -11.78 37.89
CA GLU C 118 -24.50 -13.19 37.84
C GLU C 118 -25.41 -13.54 36.66
N TRP C 119 -25.29 -14.80 36.25
CA TRP C 119 -26.10 -15.42 35.20
C TRP C 119 -27.51 -15.80 35.67
N THR C 120 -28.49 -15.41 34.86
CA THR C 120 -29.87 -15.91 34.99
C THR C 120 -30.13 -16.88 33.85
N TYR C 121 -30.67 -18.04 34.19
CA TYR C 121 -31.01 -19.11 33.21
C TYR C 121 -32.51 -19.39 33.20
N ILE C 122 -33.06 -19.50 32.01
CA ILE C 122 -34.48 -19.66 31.91
C ILE C 122 -34.82 -20.88 31.08
N GLY C 123 -35.68 -21.73 31.64
CA GLY C 123 -36.11 -22.92 30.93
C GLY C 123 -37.54 -23.36 31.22
N VAL C 124 -38.27 -23.65 30.15
CA VAL C 124 -39.65 -24.09 30.25
C VAL C 124 -39.74 -25.57 29.95
N ASP C 125 -40.45 -26.31 30.79
CA ASP C 125 -40.85 -27.67 30.46
C ASP C 125 -42.22 -27.97 31.06
N GLY C 126 -42.59 -29.23 31.18
CA GLY C 126 -43.92 -29.62 31.62
C GLY C 126 -44.85 -29.97 30.47
N PRO C 127 -46.10 -30.37 30.79
CA PRO C 127 -46.94 -30.87 29.70
C PRO C 127 -47.51 -29.75 28.82
N GLU C 128 -47.99 -30.14 27.64
CA GLU C 128 -48.64 -29.25 26.66
C GLU C 128 -49.61 -28.22 27.23
N ASN C 129 -50.61 -28.72 27.96
CA ASN C 129 -51.70 -27.93 28.49
C ASN C 129 -51.40 -27.19 29.78
N ASN C 130 -50.20 -27.36 30.34
CA ASN C 130 -49.85 -26.71 31.60
C ASN C 130 -48.34 -26.62 31.85
N ALA C 131 -47.58 -26.24 30.82
CA ALA C 131 -46.15 -26.04 30.93
C ALA C 131 -45.75 -25.01 32.01
N LEU C 132 -44.46 -24.97 32.33
CA LEU C 132 -43.95 -24.21 33.46
C LEU C 132 -42.59 -23.64 33.16
N LEU C 133 -42.46 -22.33 33.32
CA LEU C 133 -41.19 -21.66 33.14
C LEU C 133 -40.44 -21.64 34.45
N LYS C 134 -39.15 -21.92 34.37
CA LYS C 134 -38.33 -22.09 35.56
C LYS C 134 -37.16 -21.19 35.44
N ILE C 135 -36.79 -20.58 36.57
CA ILE C 135 -35.70 -19.60 36.63
C ILE C 135 -34.66 -20.09 37.61
N LYS C 136 -33.39 -19.95 37.20
CA LYS C 136 -32.21 -20.34 37.97
C LYS C 136 -31.23 -19.15 38.00
N TYR C 137 -30.78 -18.77 39.21
CA TYR C 137 -29.79 -17.69 39.39
C TYR C 137 -28.45 -18.23 39.91
N GLY C 138 -27.45 -18.25 39.04
CA GLY C 138 -26.18 -18.94 39.32
C GLY C 138 -26.48 -20.43 39.46
N GLU C 139 -26.38 -20.96 40.68
CA GLU C 139 -26.61 -22.38 40.91
C GLU C 139 -27.99 -22.70 41.46
N ALA C 140 -28.65 -21.68 42.02
CA ALA C 140 -29.93 -21.82 42.70
C ALA C 140 -31.14 -21.72 41.80
N TYR C 141 -32.04 -22.69 41.92
CA TYR C 141 -33.42 -22.52 41.38
C TYR C 141 -34.17 -21.54 42.27
N THR C 142 -34.77 -20.50 41.68
CA THR C 142 -35.32 -19.33 42.44
C THR C 142 -36.81 -18.96 42.26
N ASP C 143 -37.42 -19.33 41.13
CA ASP C 143 -38.81 -18.90 40.81
C ASP C 143 -39.42 -19.66 39.63
N THR C 144 -40.75 -19.53 39.48
CA THR C 144 -41.50 -20.09 38.34
C THR C 144 -42.64 -19.19 37.87
N TYR C 145 -43.07 -19.38 36.63
CA TYR C 145 -44.25 -18.73 36.10
C TYR C 145 -45.12 -19.77 35.42
N HIS C 146 -46.42 -19.64 35.58
CA HIS C 146 -47.35 -20.67 35.15
C HIS C 146 -48.02 -20.33 33.82
N SER C 147 -48.34 -21.38 33.08
CA SER C 147 -49.11 -21.27 31.86
C SER C 147 -50.42 -20.52 32.10
N TYR C 148 -50.70 -19.53 31.25
CA TYR C 148 -51.90 -18.69 31.39
C TYR C 148 -52.91 -18.85 30.25
N ALA C 149 -52.54 -19.55 29.18
CA ALA C 149 -53.50 -19.89 28.11
C ALA C 149 -53.53 -21.40 27.85
N ASN C 150 -52.79 -22.16 28.66
CA ASN C 150 -52.85 -23.63 28.66
C ASN C 150 -52.59 -24.28 27.32
N ASN C 151 -51.64 -23.71 26.58
CA ASN C 151 -51.22 -24.28 25.32
C ASN C 151 -49.80 -23.90 25.03
N ILE C 152 -48.88 -24.74 25.49
CA ILE C 152 -47.44 -24.62 25.26
C ILE C 152 -46.89 -23.24 25.66
N LEU C 153 -46.90 -22.95 26.96
CA LEU C 153 -46.12 -21.82 27.49
C LEU C 153 -44.70 -21.88 26.94
N ARG C 154 -44.13 -20.74 26.59
CA ARG C 154 -43.05 -20.68 25.58
C ARG C 154 -42.18 -19.46 25.85
N THR C 155 -40.93 -19.49 25.41
CA THR C 155 -40.07 -18.29 25.55
C THR C 155 -39.21 -18.03 24.32
N GLN C 156 -38.22 -17.16 24.44
CA GLN C 156 -37.55 -16.49 23.29
C GLN C 156 -36.62 -17.31 22.39
N GLU C 157 -36.03 -18.35 22.96
N GLU C 157 -36.02 -18.35 22.97
CA GLU C 157 -34.88 -19.04 22.32
CA GLU C 157 -34.88 -19.05 22.36
C GLU C 157 -33.74 -18.09 22.02
C GLU C 157 -33.75 -18.10 22.04
N SER C 158 -33.61 -17.03 22.83
CA SER C 158 -32.46 -16.12 22.75
C SER C 158 -32.32 -15.30 24.00
N ALA C 159 -31.25 -14.53 24.03
CA ALA C 159 -30.81 -13.78 25.23
C ALA C 159 -31.87 -12.84 25.76
N CYS C 160 -32.14 -12.91 27.06
CA CYS C 160 -32.92 -11.85 27.73
C CYS C 160 -32.00 -10.62 27.91
N ASN C 161 -32.53 -9.55 28.48
CA ASN C 161 -31.77 -8.31 28.51
C ASN C 161 -31.86 -7.63 29.84
N CYS C 162 -30.73 -7.37 30.47
CA CYS C 162 -30.73 -6.80 31.82
C CYS C 162 -30.20 -5.37 31.82
N ILE C 163 -30.84 -4.53 32.62
CA ILE C 163 -30.37 -3.19 32.88
C ILE C 163 -30.54 -2.87 34.36
N GLY C 164 -29.47 -2.41 35.00
CA GLY C 164 -29.53 -1.95 36.37
C GLY C 164 -30.08 -3.05 37.23
N GLY C 165 -29.78 -4.29 36.83
CA GLY C 165 -30.15 -5.48 37.62
C GLY C 165 -31.54 -6.01 37.35
N ASN C 166 -32.26 -5.36 36.46
CA ASN C 166 -33.59 -5.78 36.09
C ASN C 166 -33.53 -6.39 34.73
N CYS C 167 -33.88 -7.67 34.64
CA CYS C 167 -33.82 -8.41 33.36
C CYS C 167 -35.22 -8.59 32.82
N TYR C 168 -35.36 -8.38 31.53
CA TYR C 168 -36.68 -8.43 30.89
C TYR C 168 -36.75 -9.61 29.94
N LEU C 169 -37.85 -10.37 30.01
CA LEU C 169 -38.02 -11.62 29.24
C LEU C 169 -39.39 -11.71 28.56
N MET C 170 -39.41 -12.07 27.28
CA MET C 170 -40.67 -12.31 26.58
C MET C 170 -41.08 -13.76 26.74
N ILE C 171 -42.37 -13.98 27.05
CA ILE C 171 -43.01 -15.29 26.99
C ILE C 171 -44.28 -15.22 26.18
N THR C 172 -44.79 -16.38 25.76
CA THR C 172 -46.08 -16.48 25.09
C THR C 172 -46.76 -17.81 25.41
N ASP C 173 -48.05 -17.90 25.09
CA ASP C 173 -48.86 -19.03 25.40
C ASP C 173 -50.10 -18.96 24.51
N GLY C 174 -50.53 -20.09 23.97
CA GLY C 174 -51.64 -20.04 23.06
C GLY C 174 -51.40 -20.95 21.88
N SER C 175 -52.28 -20.90 20.89
CA SER C 175 -52.21 -21.84 19.79
C SER C 175 -51.21 -21.35 18.76
N ALA C 176 -50.36 -22.28 18.32
CA ALA C 176 -49.41 -22.01 17.26
C ALA C 176 -50.11 -21.60 15.96
N SER C 177 -51.41 -21.94 15.86
CA SER C 177 -52.26 -21.65 14.69
C SER C 177 -53.26 -20.50 14.87
N GLY C 178 -53.44 -20.03 16.10
CA GLY C 178 -54.45 -19.04 16.38
C GLY C 178 -53.84 -17.95 17.25
N ILE C 179 -54.58 -17.58 18.30
CA ILE C 179 -54.20 -16.48 19.18
C ILE C 179 -53.09 -16.94 20.11
N SER C 180 -52.03 -16.15 20.19
CA SER C 180 -50.96 -16.33 21.16
C SER C 180 -50.51 -14.94 21.62
N GLU C 181 -51.17 -14.46 22.66
CA GLU C 181 -50.87 -13.13 23.21
C GLU C 181 -49.70 -13.20 24.22
N CYS C 182 -48.56 -12.59 23.85
CA CYS C 182 -47.35 -12.60 24.67
C CYS C 182 -47.37 -11.63 25.86
N ARG C 183 -46.57 -11.94 26.87
CA ARG C 183 -46.34 -11.03 28.02
C ARG C 183 -44.83 -10.82 28.18
N PHE C 184 -44.44 -9.89 29.06
CA PHE C 184 -43.05 -9.73 29.46
C PHE C 184 -42.91 -9.91 30.97
N LEU C 185 -41.87 -10.62 31.41
CA LEU C 185 -41.54 -10.68 32.82
C LEU C 185 -40.35 -9.80 33.10
N LYS C 186 -40.38 -9.11 34.24
CA LYS C 186 -39.25 -8.35 34.74
C LYS C 186 -38.68 -9.08 35.96
N ILE C 187 -37.41 -9.45 35.89
CA ILE C 187 -36.84 -10.43 36.84
C ILE C 187 -35.60 -9.83 37.49
N ARG C 188 -35.52 -9.92 38.81
CA ARG C 188 -34.41 -9.37 39.56
C ARG C 188 -33.82 -10.39 40.51
N GLU C 189 -32.54 -10.67 40.35
CA GLU C 189 -31.84 -11.67 41.15
C GLU C 189 -32.63 -12.98 41.21
N GLY C 190 -33.18 -13.36 40.06
CA GLY C 190 -33.77 -14.70 39.85
C GLY C 190 -35.24 -14.78 40.13
N ARG C 191 -35.79 -13.69 40.65
CA ARG C 191 -37.20 -13.59 41.06
C ARG C 191 -38.00 -12.56 40.28
N ILE C 192 -39.26 -12.90 39.99
CA ILE C 192 -40.12 -12.08 39.17
C ILE C 192 -40.75 -10.99 40.01
N ILE C 193 -40.52 -9.75 39.62
CA ILE C 193 -41.03 -8.61 40.39
C ILE C 193 -42.10 -7.80 39.68
N LYS C 194 -42.35 -8.10 38.40
CA LYS C 194 -43.48 -7.48 37.68
C LYS C 194 -43.87 -8.25 36.41
N GLU C 195 -45.17 -8.35 36.15
CA GLU C 195 -45.71 -8.83 34.86
C GLU C 195 -46.08 -7.60 34.06
N ILE C 196 -45.75 -7.61 32.77
CA ILE C 196 -46.03 -6.50 31.87
C ILE C 196 -46.89 -6.98 30.72
N PHE C 197 -48.06 -6.39 30.57
CA PHE C 197 -49.03 -6.80 29.53
C PHE C 197 -49.02 -5.79 28.39
N PRO C 198 -48.47 -6.16 27.24
CA PRO C 198 -48.37 -5.26 26.12
C PRO C 198 -49.74 -4.81 25.57
N THR C 199 -49.77 -3.64 24.94
CA THR C 199 -51.00 -3.13 24.31
C THR C 199 -50.77 -3.06 22.81
N GLY C 200 -51.84 -2.83 22.03
CA GLY C 200 -51.78 -2.78 20.54
C GLY C 200 -52.03 -4.08 19.76
N ARG C 201 -51.20 -4.32 18.75
CA ARG C 201 -51.32 -5.51 17.91
C ARG C 201 -50.73 -6.76 18.62
N VAL C 202 -51.57 -7.42 19.41
CA VAL C 202 -51.13 -8.45 20.33
C VAL C 202 -51.69 -9.84 19.95
N LYS C 203 -52.49 -9.86 18.89
CA LYS C 203 -53.08 -11.06 18.26
C LYS C 203 -52.16 -12.31 18.33
N HIS C 204 -50.93 -12.15 17.83
CA HIS C 204 -50.01 -13.25 17.79
C HIS C 204 -48.55 -12.82 17.73
N THR C 205 -47.82 -13.14 18.81
CA THR C 205 -46.38 -12.78 18.94
C THR C 205 -45.58 -13.93 19.51
N GLU C 206 -44.53 -14.34 18.80
CA GLU C 206 -43.58 -15.32 19.37
C GLU C 206 -42.13 -15.12 19.12
N GLU C 207 -41.36 -15.78 20.01
CA GLU C 207 -39.92 -15.87 19.91
C GLU C 207 -39.37 -14.49 19.59
N CYS C 208 -39.65 -13.51 20.44
CA CYS C 208 -39.02 -12.21 20.25
C CYS C 208 -37.48 -12.26 20.36
N THR C 209 -36.80 -11.68 19.37
CA THR C 209 -35.39 -11.38 19.43
C THR C 209 -35.31 -9.92 19.89
N CYS C 210 -34.76 -9.70 21.09
CA CYS C 210 -34.84 -8.41 21.81
C CYS C 210 -33.49 -7.79 22.09
N GLY C 211 -33.40 -6.47 22.06
CA GLY C 211 -32.19 -5.76 22.52
C GLY C 211 -32.49 -4.33 22.97
N PHE C 212 -31.50 -3.64 23.49
CA PHE C 212 -31.64 -2.22 23.87
C PHE C 212 -31.42 -1.27 22.72
N ALA C 213 -32.40 -0.40 22.50
CA ALA C 213 -32.23 0.71 21.58
C ALA C 213 -31.66 1.86 22.34
N SER C 214 -31.71 1.81 23.68
CA SER C 214 -31.14 2.87 24.56
C SER C 214 -31.37 2.50 26.02
N ASN C 215 -30.92 3.34 26.95
CA ASN C 215 -31.17 3.10 28.39
C ASN C 215 -32.70 3.09 28.75
N LYS C 216 -33.53 3.60 27.83
CA LYS C 216 -34.99 3.78 28.05
C LYS C 216 -35.84 2.70 27.34
N THR C 217 -35.36 2.17 26.21
CA THR C 217 -36.18 1.30 25.38
C THR C 217 -35.55 -0.04 24.96
N ILE C 218 -36.33 -1.11 25.09
CA ILE C 218 -36.00 -2.40 24.52
C ILE C 218 -36.91 -2.59 23.32
N GLU C 219 -36.35 -3.09 22.22
CA GLU C 219 -37.16 -3.39 21.05
C GLU C 219 -36.95 -4.84 20.67
N CYS C 220 -37.97 -5.46 20.10
CA CYS C 220 -37.93 -6.88 19.74
C CYS C 220 -38.53 -7.08 18.38
N ALA C 221 -37.88 -7.89 17.54
CA ALA C 221 -38.51 -8.33 16.29
C ALA C 221 -38.94 -9.77 16.50
N CYS C 222 -40.24 -10.00 16.29
CA CYS C 222 -40.81 -11.30 16.68
C CYS C 222 -41.38 -12.08 15.51
N ARG C 223 -42.15 -13.11 15.82
CA ARG C 223 -42.70 -14.04 14.85
C ARG C 223 -44.19 -14.13 14.99
N ASP C 224 -44.90 -14.03 13.89
CA ASP C 224 -46.33 -14.35 13.89
C ASP C 224 -46.43 -15.62 13.09
N ASN C 225 -46.86 -16.69 13.73
CA ASN C 225 -46.89 -18.01 13.11
C ASN C 225 -48.23 -18.33 12.40
N SER C 226 -49.18 -17.38 12.41
CA SER C 226 -50.51 -17.59 11.84
C SER C 226 -50.95 -16.60 10.79
N TYR C 227 -50.81 -15.31 11.10
CA TYR C 227 -51.57 -14.27 10.39
C TYR C 227 -50.81 -13.48 9.32
N THR C 228 -49.52 -13.25 9.53
CA THR C 228 -48.77 -12.34 8.65
C THR C 228 -47.28 -12.71 8.49
N ALA C 229 -46.69 -12.34 7.36
CA ALA C 229 -45.24 -12.48 7.17
C ALA C 229 -44.46 -11.20 7.54
N LYS C 230 -45.18 -10.14 7.91
CA LYS C 230 -44.53 -9.00 8.54
C LYS C 230 -44.21 -9.41 9.96
N ARG C 231 -43.07 -8.99 10.48
CA ARG C 231 -42.69 -9.31 11.87
C ARG C 231 -43.35 -8.35 12.86
N PRO C 232 -43.99 -8.88 13.90
CA PRO C 232 -44.46 -7.97 14.94
C PRO C 232 -43.31 -7.27 15.61
N PHE C 233 -43.49 -6.03 16.06
CA PHE C 233 -42.35 -5.27 16.57
C PHE C 233 -42.68 -4.62 17.90
N VAL C 234 -41.93 -5.00 18.93
CA VAL C 234 -42.21 -4.55 20.30
C VAL C 234 -41.32 -3.41 20.71
N LYS C 235 -41.91 -2.45 21.43
CA LYS C 235 -41.19 -1.34 22.05
C LYS C 235 -41.60 -1.33 23.49
N LEU C 236 -40.65 -1.66 24.34
CA LEU C 236 -40.84 -1.75 25.78
C LEU C 236 -40.15 -0.54 26.44
N ASN C 237 -40.89 0.26 27.17
CA ASN C 237 -40.26 1.34 27.93
C ASN C 237 -39.84 0.82 29.30
N VAL C 238 -38.54 0.77 29.57
CA VAL C 238 -38.10 0.15 30.85
C VAL C 238 -38.17 1.04 32.10
N GLU C 239 -38.54 2.31 31.90
CA GLU C 239 -38.65 3.27 33.01
C GLU C 239 -40.07 3.23 33.55
N THR C 240 -41.04 3.17 32.64
CA THR C 240 -42.45 3.05 33.02
C THR C 240 -42.95 1.60 33.00
N ASP C 241 -42.15 0.67 32.47
CA ASP C 241 -42.54 -0.75 32.31
C ASP C 241 -43.86 -0.90 31.52
N THR C 242 -43.91 -0.28 30.34
CA THR C 242 -45.06 -0.43 29.47
C THR C 242 -44.55 -0.93 28.12
N ALA C 243 -45.36 -1.72 27.41
CA ALA C 243 -44.96 -2.26 26.11
C ALA C 243 -46.06 -2.12 25.08
N GLU C 244 -45.66 -1.95 23.83
CA GLU C 244 -46.58 -1.69 22.73
C GLU C 244 -46.12 -2.53 21.52
N ILE C 245 -47.06 -3.00 20.71
CA ILE C 245 -46.71 -3.87 19.60
C ILE C 245 -47.45 -3.46 18.34
N ARG C 246 -46.71 -3.23 17.25
CA ARG C 246 -47.33 -3.08 15.94
C ARG C 246 -46.51 -3.89 14.93
N LEU C 247 -47.09 -4.22 13.78
CA LEU C 247 -46.36 -4.87 12.70
C LEU C 247 -45.29 -3.94 12.12
N MET C 248 -44.17 -4.52 11.72
CA MET C 248 -43.17 -3.80 10.89
C MET C 248 -43.73 -3.44 9.52
N CYS C 249 -43.54 -2.18 9.14
CA CYS C 249 -44.13 -1.63 7.91
C CYS C 249 -43.32 -1.85 6.64
N THR C 250 -42.03 -2.18 6.78
CA THR C 250 -41.13 -2.30 5.64
C THR C 250 -41.65 -3.27 4.58
N GLU C 251 -41.30 -3.02 3.32
CA GLU C 251 -41.72 -3.91 2.24
C GLU C 251 -40.81 -5.12 2.15
N THR C 252 -39.74 -5.10 2.95
CA THR C 252 -38.78 -6.18 3.02
C THR C 252 -39.22 -7.11 4.15
N TYR C 253 -40.22 -7.95 3.86
CA TYR C 253 -40.85 -8.80 4.89
C TYR C 253 -39.84 -9.83 5.36
N LEU C 254 -39.69 -9.95 6.69
CA LEU C 254 -38.57 -10.68 7.31
C LEU C 254 -38.85 -12.12 7.69
N ASP C 255 -40.12 -12.51 7.65
CA ASP C 255 -40.54 -13.89 8.00
C ASP C 255 -40.31 -14.88 6.85
N THR C 256 -40.46 -16.18 7.16
CA THR C 256 -40.47 -17.29 6.17
C THR C 256 -41.52 -18.29 6.63
N PRO C 257 -42.50 -18.61 5.77
CA PRO C 257 -42.76 -18.16 4.40
C PRO C 257 -43.10 -16.68 4.34
N ARG C 258 -43.04 -16.12 3.13
CA ARG C 258 -43.41 -14.74 2.87
C ARG C 258 -43.76 -14.59 1.38
N PRO C 259 -44.58 -13.58 1.01
CA PRO C 259 -44.81 -13.27 -0.39
C PRO C 259 -43.69 -12.34 -0.93
N ASP C 260 -43.78 -11.90 -2.19
CA ASP C 260 -42.80 -11.02 -2.79
C ASP C 260 -42.76 -9.70 -2.02
N ASP C 261 -41.59 -9.05 -2.02
CA ASP C 261 -41.44 -7.83 -1.26
C ASP C 261 -42.37 -6.75 -1.79
N GLY C 262 -43.10 -6.08 -0.89
CA GLY C 262 -43.92 -4.93 -1.26
C GLY C 262 -45.33 -5.23 -1.76
N SER C 263 -45.66 -6.51 -1.89
CA SER C 263 -46.91 -6.96 -2.53
C SER C 263 -48.06 -7.10 -1.54
N ILE C 264 -47.81 -6.79 -0.26
CA ILE C 264 -48.95 -6.67 0.66
C ILE C 264 -49.53 -5.24 0.57
N THR C 265 -50.77 -5.14 0.10
CA THR C 265 -51.38 -3.84 -0.19
C THR C 265 -52.03 -3.29 1.06
N GLY C 266 -52.33 -2.00 1.09
CA GLY C 266 -52.95 -1.43 2.28
C GLY C 266 -51.91 -0.66 3.07
N PRO C 267 -52.31 -0.11 4.22
CA PRO C 267 -51.32 0.64 4.99
C PRO C 267 -50.50 -0.29 5.90
N CYS C 268 -49.75 0.32 6.80
CA CYS C 268 -48.77 -0.43 7.57
C CYS C 268 -49.39 -1.62 8.27
N GLU C 269 -50.65 -1.50 8.68
CA GLU C 269 -51.26 -2.54 9.51
C GLU C 269 -51.79 -3.81 8.82
N SER C 270 -51.85 -3.86 7.50
CA SER C 270 -52.40 -5.04 6.80
C SER C 270 -51.59 -6.32 6.97
N ASN C 271 -52.28 -7.46 7.04
CA ASN C 271 -51.61 -8.73 7.30
C ASN C 271 -50.63 -9.32 6.25
N GLY C 272 -50.95 -9.54 4.97
CA GLY C 272 -52.25 -9.84 4.42
C GLY C 272 -52.16 -11.32 4.04
N ASP C 273 -51.23 -11.68 3.13
CA ASP C 273 -51.10 -13.08 2.58
C ASP C 273 -49.86 -13.90 3.02
N LYS C 274 -49.92 -15.22 2.76
CA LYS C 274 -48.88 -16.21 3.10
C LYS C 274 -48.36 -16.15 4.54
N GLY C 275 -49.23 -15.74 5.46
CA GLY C 275 -48.87 -15.46 6.85
C GLY C 275 -48.79 -16.64 7.81
N SER C 276 -49.29 -17.81 7.42
CA SER C 276 -49.26 -18.96 8.33
C SER C 276 -47.93 -19.70 8.22
N GLY C 277 -47.37 -20.14 9.36
CA GLY C 277 -45.97 -20.61 9.45
C GLY C 277 -45.04 -19.42 9.77
N GLY C 278 -43.78 -19.68 10.06
CA GLY C 278 -42.83 -18.64 10.46
C GLY C 278 -41.44 -19.13 10.85
N ILE C 279 -40.60 -18.21 11.28
CA ILE C 279 -39.26 -18.49 11.69
C ILE C 279 -38.82 -17.42 12.70
N LYS C 280 -37.98 -17.81 13.68
CA LYS C 280 -37.28 -16.83 14.53
C LYS C 280 -36.26 -16.02 13.71
N GLY C 281 -36.24 -14.71 13.95
CA GLY C 281 -35.43 -13.80 13.16
C GLY C 281 -34.38 -12.99 13.89
N GLY C 282 -33.22 -12.81 13.26
CA GLY C 282 -32.14 -12.05 13.87
C GLY C 282 -32.44 -10.58 13.90
N PHE C 283 -31.91 -9.91 14.92
CA PHE C 283 -32.13 -8.48 15.11
C PHE C 283 -31.23 -7.96 16.21
N VAL C 284 -30.47 -6.91 15.88
CA VAL C 284 -29.55 -6.32 16.85
C VAL C 284 -29.39 -4.80 16.59
N HIS C 285 -29.07 -4.06 17.64
CA HIS C 285 -28.92 -2.60 17.61
C HIS C 285 -27.48 -2.11 17.53
N GLN C 286 -27.25 -1.12 16.68
CA GLN C 286 -26.01 -0.38 16.63
C GLN C 286 -26.30 1.02 17.20
N ARG C 287 -25.88 1.27 18.44
CA ARG C 287 -26.18 2.55 19.09
C ARG C 287 -25.07 3.58 18.93
N MET C 288 -25.36 4.65 18.17
CA MET C 288 -24.42 5.73 17.97
C MET C 288 -24.89 6.99 18.66
N ALA C 289 -23.99 7.99 18.79
CA ALA C 289 -24.27 9.23 19.53
C ALA C 289 -25.61 9.87 19.17
N SER C 290 -25.80 10.16 17.88
CA SER C 290 -27.02 10.81 17.39
C SER C 290 -27.73 10.03 16.27
N LYS C 291 -27.68 8.70 16.32
CA LYS C 291 -28.13 7.87 15.22
C LYS C 291 -28.32 6.46 15.78
N ILE C 292 -29.25 5.71 15.22
CA ILE C 292 -29.40 4.31 15.60
C ILE C 292 -29.56 3.45 14.36
N GLY C 293 -28.75 2.41 14.28
CA GLY C 293 -28.91 1.40 13.24
C GLY C 293 -29.65 0.17 13.70
N ARG C 294 -30.50 -0.34 12.81
CA ARG C 294 -31.20 -1.60 13.10
C ARG C 294 -30.81 -2.67 12.08
N TRP C 295 -30.18 -3.73 12.57
CA TRP C 295 -29.72 -4.80 11.70
C TRP C 295 -30.63 -6.03 11.82
N TYR C 296 -31.01 -6.62 10.68
CA TYR C 296 -31.93 -7.76 10.65
C TYR C 296 -31.47 -8.83 9.65
N SER C 297 -31.90 -10.07 9.86
CA SER C 297 -31.57 -11.12 8.89
C SER C 297 -32.78 -11.88 8.49
N ARG C 298 -32.75 -12.44 7.29
CA ARG C 298 -33.87 -13.26 6.82
C ARG C 298 -33.41 -14.27 5.80
N THR C 299 -34.13 -15.38 5.69
CA THR C 299 -33.74 -16.42 4.74
C THR C 299 -33.60 -15.86 3.34
N MET C 300 -32.79 -16.54 2.54
CA MET C 300 -32.55 -16.12 1.17
C MET C 300 -33.76 -16.55 0.32
N SER C 301 -34.26 -17.76 0.59
CA SER C 301 -35.48 -18.30 -0.01
C SER C 301 -36.72 -17.76 0.66
N LYS C 302 -37.78 -17.58 -0.12
CA LYS C 302 -39.04 -17.02 0.37
C LYS C 302 -39.94 -18.06 1.05
N THR C 303 -39.72 -19.33 0.74
CA THR C 303 -40.58 -20.45 1.12
C THR C 303 -39.86 -21.39 2.06
N LYS C 304 -38.53 -21.43 1.94
CA LYS C 304 -37.73 -22.48 2.56
C LYS C 304 -36.66 -21.93 3.49
N ARG C 305 -36.17 -22.82 4.37
CA ARG C 305 -35.18 -22.45 5.39
C ARG C 305 -33.77 -22.63 4.83
N MET C 306 -33.48 -21.81 3.81
CA MET C 306 -32.23 -21.88 3.05
C MET C 306 -31.67 -20.48 2.91
N GLY C 307 -30.37 -20.36 3.16
CA GLY C 307 -29.67 -19.09 3.10
C GLY C 307 -29.98 -18.14 4.25
N MET C 308 -29.20 -17.07 4.34
CA MET C 308 -29.51 -15.94 5.22
C MET C 308 -28.81 -14.68 4.73
N GLY C 309 -29.60 -13.67 4.40
CA GLY C 309 -29.08 -12.33 4.11
C GLY C 309 -29.13 -11.39 5.31
N LEU C 310 -28.18 -10.48 5.38
CA LEU C 310 -28.19 -9.42 6.40
C LEU C 310 -28.73 -8.09 5.79
N TYR C 311 -29.63 -7.43 6.51
CA TYR C 311 -30.21 -6.15 6.08
C TYR C 311 -29.99 -5.08 7.16
N VAL C 312 -30.09 -3.80 6.79
CA VAL C 312 -29.89 -2.69 7.74
C VAL C 312 -30.71 -1.44 7.36
N LYS C 313 -31.12 -0.71 8.40
CA LYS C 313 -31.77 0.60 8.29
C LYS C 313 -31.44 1.53 9.45
N TYR C 314 -31.06 2.75 9.12
CA TYR C 314 -30.68 3.73 10.13
C TYR C 314 -31.86 4.63 10.50
N ASP C 315 -32.09 4.86 11.79
CA ASP C 315 -33.18 5.75 12.25
C ASP C 315 -34.60 5.42 11.74
N GLY C 316 -35.50 6.41 11.78
CA GLY C 316 -36.90 6.18 11.42
C GLY C 316 -37.66 5.36 12.46
N ASP C 317 -38.89 5.00 12.11
CA ASP C 317 -39.80 4.27 13.01
C ASP C 317 -40.25 3.06 12.21
N PRO C 318 -39.81 1.86 12.63
CA PRO C 318 -40.10 0.61 11.95
C PRO C 318 -41.59 0.26 11.83
N TRP C 319 -42.41 0.89 12.71
CA TRP C 319 -43.87 0.76 12.69
C TRP C 319 -44.54 1.51 11.50
N THR C 320 -43.90 2.60 11.04
CA THR C 320 -44.53 3.44 9.99
C THR C 320 -43.73 3.58 8.69
N ASP C 321 -42.46 3.17 8.70
CA ASP C 321 -41.60 3.24 7.51
C ASP C 321 -41.81 2.08 6.57
N SER C 322 -42.30 2.41 5.38
CA SER C 322 -42.55 1.39 4.38
C SER C 322 -41.34 1.20 3.46
N ASP C 323 -40.34 2.09 3.61
CA ASP C 323 -39.10 2.02 2.82
C ASP C 323 -38.48 0.63 2.92
N ALA C 324 -37.88 0.16 1.81
CA ALA C 324 -37.16 -1.11 1.78
C ALA C 324 -35.93 -1.05 2.66
N LEU C 325 -35.64 -2.16 3.36
CA LEU C 325 -34.39 -2.34 4.06
C LEU C 325 -33.23 -2.54 3.05
N ALA C 326 -32.09 -1.90 3.31
CA ALA C 326 -30.90 -2.07 2.49
C ALA C 326 -30.25 -3.45 2.72
N LEU C 327 -30.06 -4.20 1.63
CA LEU C 327 -29.43 -5.50 1.68
C LEU C 327 -27.92 -5.31 1.88
N SER C 328 -27.39 -5.78 3.01
CA SER C 328 -25.99 -5.60 3.35
C SER C 328 -25.03 -6.69 2.87
N GLY C 329 -25.43 -7.97 2.98
CA GLY C 329 -24.66 -9.08 2.39
C GLY C 329 -25.32 -10.45 2.54
N VAL C 330 -24.80 -11.42 1.80
CA VAL C 330 -25.23 -12.82 1.94
C VAL C 330 -24.33 -13.56 2.94
N MET C 331 -24.88 -13.96 4.08
CA MET C 331 -24.15 -14.65 5.14
C MET C 331 -24.20 -16.15 4.93
N VAL C 332 -25.27 -16.65 4.32
CA VAL C 332 -25.38 -18.09 4.04
C VAL C 332 -26.01 -18.20 2.66
N SER C 333 -25.28 -18.80 1.72
CA SER C 333 -25.82 -18.98 0.39
C SER C 333 -27.08 -19.89 0.42
N MET C 334 -27.90 -19.69 -0.61
CA MET C 334 -29.13 -20.42 -0.87
C MET C 334 -28.93 -21.97 -0.80
N GLU C 335 -27.73 -22.44 -1.06
CA GLU C 335 -27.45 -23.87 -1.06
C GLU C 335 -27.15 -24.42 0.34
N GLU C 336 -27.03 -23.54 1.35
CA GLU C 336 -26.84 -23.95 2.74
C GLU C 336 -28.09 -23.69 3.57
N PRO C 337 -28.28 -24.44 4.67
CA PRO C 337 -29.48 -24.27 5.49
C PRO C 337 -29.41 -23.02 6.40
N GLY C 338 -30.50 -22.23 6.40
CA GLY C 338 -30.68 -21.07 7.27
C GLY C 338 -31.95 -21.20 8.10
N TRP C 339 -31.80 -21.57 9.37
CA TRP C 339 -32.95 -21.72 10.22
C TRP C 339 -33.09 -20.49 11.15
N TYR C 340 -33.27 -20.69 12.46
CA TYR C 340 -33.37 -19.59 13.39
C TYR C 340 -32.17 -18.65 13.27
N SER C 341 -32.38 -17.38 13.61
CA SER C 341 -31.29 -16.41 13.70
C SER C 341 -31.57 -15.53 14.90
N PHE C 342 -30.53 -14.94 15.47
CA PHE C 342 -30.67 -14.18 16.73
C PHE C 342 -29.62 -13.08 16.85
N GLY C 343 -29.83 -12.17 17.80
CA GLY C 343 -28.84 -11.14 18.08
C GLY C 343 -28.25 -11.22 19.50
N PHE C 344 -27.08 -10.61 19.66
CA PHE C 344 -26.39 -10.52 20.92
C PHE C 344 -25.29 -9.51 20.78
N GLU C 345 -24.69 -9.15 21.92
CA GLU C 345 -23.69 -8.12 21.97
C GLU C 345 -22.54 -8.56 22.81
N ILE C 346 -21.33 -8.36 22.30
CA ILE C 346 -20.11 -8.73 23.00
C ILE C 346 -19.58 -7.49 23.69
N LYS C 347 -18.99 -7.65 24.86
CA LYS C 347 -18.63 -6.46 25.66
C LYS C 347 -17.14 -6.17 25.55
N ASP C 348 -16.76 -5.25 24.68
CA ASP C 348 -15.36 -4.77 24.62
C ASP C 348 -15.06 -3.88 25.82
N LYS C 349 -13.83 -3.43 25.99
CA LYS C 349 -13.45 -2.69 27.19
C LYS C 349 -14.32 -1.48 27.53
N LYS C 350 -14.73 -0.71 26.51
CA LYS C 350 -15.48 0.54 26.75
C LYS C 350 -16.70 0.69 25.84
N CYS C 351 -17.01 -0.35 25.09
CA CYS C 351 -18.13 -0.30 24.12
C CYS C 351 -18.66 -1.70 23.78
N ASP C 352 -19.83 -1.75 23.15
CA ASP C 352 -20.53 -3.02 22.88
C ASP C 352 -20.52 -3.37 21.40
N VAL C 353 -20.35 -4.66 21.10
CA VAL C 353 -20.26 -5.09 19.70
C VAL C 353 -21.47 -5.90 19.26
N PRO C 354 -22.30 -5.32 18.38
CA PRO C 354 -23.49 -6.02 17.87
C PRO C 354 -23.14 -7.20 16.93
N CYS C 355 -23.88 -8.30 17.09
CA CYS C 355 -23.59 -9.54 16.37
C CYS C 355 -24.87 -10.25 16.03
N ILE C 356 -24.89 -10.98 14.92
CA ILE C 356 -26.01 -11.84 14.57
C ILE C 356 -25.49 -13.25 14.45
N GLY C 357 -26.20 -14.20 15.05
CA GLY C 357 -25.84 -15.61 14.96
C GLY C 357 -26.87 -16.37 14.14
N ILE C 358 -26.49 -17.49 13.53
CA ILE C 358 -27.41 -18.22 12.67
C ILE C 358 -27.31 -19.70 12.91
N GLU C 359 -28.44 -20.29 13.34
CA GLU C 359 -28.61 -21.71 13.42
C GLU C 359 -28.65 -22.34 12.05
N MET C 360 -27.82 -23.33 11.81
CA MET C 360 -27.68 -23.92 10.49
C MET C 360 -27.91 -25.40 10.64
N VAL C 361 -29.15 -25.79 10.45
CA VAL C 361 -29.64 -27.11 10.85
C VAL C 361 -29.26 -28.16 9.85
N HIS C 362 -28.74 -29.29 10.31
CA HIS C 362 -28.52 -30.49 9.49
C HIS C 362 -29.85 -31.27 9.49
N ASP C 363 -30.63 -31.09 8.42
CA ASP C 363 -31.90 -31.79 8.27
C ASP C 363 -31.84 -32.88 7.20
N GLY C 364 -32.04 -34.13 7.62
CA GLY C 364 -32.20 -35.28 6.73
C GLY C 364 -33.44 -36.09 7.02
N GLY C 365 -34.44 -35.48 7.65
CA GLY C 365 -35.71 -36.14 7.91
C GLY C 365 -35.75 -36.91 9.23
N LYS C 366 -36.89 -37.54 9.53
CA LYS C 366 -37.08 -38.16 10.84
C LYS C 366 -36.37 -39.51 10.99
N GLU C 367 -35.76 -40.00 9.92
CA GLU C 367 -35.10 -41.33 9.94
C GLU C 367 -33.61 -41.32 10.32
N THR C 368 -33.07 -40.15 10.61
CA THR C 368 -31.66 -40.00 10.99
C THR C 368 -31.55 -38.85 12.02
N TRP C 369 -30.34 -38.46 12.40
CA TRP C 369 -30.16 -37.42 13.43
C TRP C 369 -30.54 -35.99 12.98
N HIS C 370 -30.91 -35.14 13.94
CA HIS C 370 -31.30 -33.77 13.64
C HIS C 370 -30.59 -32.81 14.58
N SER C 371 -29.64 -32.04 14.08
CA SER C 371 -28.97 -31.04 14.91
C SER C 371 -28.61 -29.78 14.09
N ALA C 372 -27.65 -28.99 14.56
CA ALA C 372 -27.35 -27.70 13.94
C ALA C 372 -25.98 -27.19 14.24
N ALA C 373 -25.38 -26.53 13.26
CA ALA C 373 -24.22 -25.68 13.47
C ALA C 373 -24.67 -24.25 13.85
N THR C 374 -23.74 -23.39 14.28
CA THR C 374 -23.99 -21.99 14.61
C THR C 374 -22.92 -21.07 13.99
N ALA C 375 -23.34 -20.21 13.06
CA ALA C 375 -22.46 -19.22 12.42
C ALA C 375 -22.63 -17.85 13.05
N ILE C 376 -21.55 -17.09 13.22
CA ILE C 376 -21.55 -15.79 13.92
C ILE C 376 -21.02 -14.66 13.02
N TYR C 377 -21.82 -13.60 12.90
CA TYR C 377 -21.42 -12.38 12.18
C TYR C 377 -21.42 -11.16 13.14
N CYS C 378 -20.38 -10.34 13.10
CA CYS C 378 -20.33 -9.14 13.97
C CYS C 378 -19.95 -7.89 13.20
N LEU C 379 -20.33 -6.75 13.75
CA LEU C 379 -19.90 -5.44 13.28
C LEU C 379 -18.43 -5.30 13.51
N MET C 380 -17.67 -5.16 12.41
CA MET C 380 -16.23 -4.92 12.51
C MET C 380 -15.66 -4.16 11.30
N GLY C 381 -15.12 -2.96 11.57
CA GLY C 381 -14.43 -2.15 10.57
C GLY C 381 -15.38 -1.51 9.59
N SER C 382 -14.88 -1.11 8.42
CA SER C 382 -15.68 -0.47 7.39
C SER C 382 -15.74 -1.29 6.10
N GLY C 383 -16.55 -0.86 5.12
CA GLY C 383 -16.65 -1.50 3.80
C GLY C 383 -17.93 -2.32 3.58
N GLN C 384 -17.84 -3.44 2.88
CA GLN C 384 -19.00 -4.34 2.69
C GLN C 384 -18.71 -5.73 3.25
N LEU C 385 -19.77 -6.46 3.63
CA LEU C 385 -19.67 -7.84 4.04
C LEU C 385 -19.05 -8.73 2.92
N LEU C 386 -18.00 -9.49 3.30
CA LEU C 386 -17.19 -10.19 2.30
C LEU C 386 -17.42 -11.70 2.09
N TRP C 387 -17.66 -12.49 3.14
CA TRP C 387 -17.70 -13.95 2.93
C TRP C 387 -18.87 -14.71 3.61
N ASP C 388 -19.34 -15.77 2.95
CA ASP C 388 -20.44 -16.59 3.45
C ASP C 388 -19.92 -17.80 4.25
N THR C 389 -20.85 -18.56 4.82
CA THR C 389 -20.52 -19.65 5.76
C THR C 389 -21.16 -20.93 5.29
N VAL C 390 -20.39 -22.02 5.25
CA VAL C 390 -20.90 -23.36 4.98
C VAL C 390 -20.65 -24.21 6.25
N THR C 391 -21.41 -25.29 6.45
CA THR C 391 -21.21 -26.10 7.67
C THR C 391 -20.07 -27.10 7.49
N GLY C 392 -19.89 -27.56 6.25
CA GLY C 392 -18.88 -28.53 5.91
C GLY C 392 -19.26 -29.98 6.18
N VAL C 393 -20.46 -30.17 6.74
CA VAL C 393 -20.91 -31.48 7.21
C VAL C 393 -21.68 -32.29 6.15
N ASP C 394 -21.26 -33.54 6.01
CA ASP C 394 -21.93 -34.50 5.16
C ASP C 394 -22.66 -35.46 6.10
N MET C 395 -23.98 -35.52 5.98
CA MET C 395 -24.82 -36.21 6.98
C MET C 395 -24.80 -37.75 6.89
N ALA C 396 -24.14 -38.29 5.84
CA ALA C 396 -24.02 -39.72 5.61
C ALA C 396 -22.90 -40.33 6.46
N LEU C 397 -22.01 -39.47 6.94
CA LEU C 397 -20.77 -39.91 7.57
C LEU C 397 -20.97 -40.26 9.05
N PRO D 9 -12.96 -16.28 53.69
CA PRO D 9 -14.24 -16.97 53.88
C PRO D 9 -14.46 -17.38 55.33
N GLU D 10 -15.71 -17.68 55.66
CA GLU D 10 -16.18 -17.97 57.04
C GLU D 10 -16.96 -19.29 57.19
N TRP D 11 -17.22 -19.70 58.46
CA TRP D 11 -18.04 -20.89 58.70
C TRP D 11 -19.47 -20.63 58.22
N THR D 12 -20.11 -21.66 57.69
CA THR D 12 -21.52 -21.54 57.28
C THR D 12 -22.47 -22.13 58.32
N TYR D 13 -23.72 -21.70 58.22
CA TYR D 13 -24.78 -22.05 59.15
C TYR D 13 -26.03 -22.23 58.28
N PRO D 14 -27.04 -23.02 58.75
CA PRO D 14 -28.27 -23.07 57.97
C PRO D 14 -29.04 -21.77 58.09
N ARG D 15 -29.62 -21.31 56.98
CA ARG D 15 -30.47 -20.10 56.98
C ARG D 15 -31.93 -20.42 56.67
N LEU D 16 -32.75 -19.38 56.65
CA LEU D 16 -34.11 -19.51 56.18
C LEU D 16 -34.18 -19.98 54.73
N SER D 17 -35.09 -20.91 54.45
CA SER D 17 -35.27 -21.38 53.09
C SER D 17 -35.78 -20.25 52.20
N CYS D 18 -35.46 -20.34 50.91
CA CYS D 18 -35.99 -19.41 49.93
C CYS D 18 -37.53 -19.57 49.86
N PRO D 19 -38.24 -18.53 49.39
CA PRO D 19 -39.70 -18.63 49.21
C PRO D 19 -40.16 -19.71 48.23
N GLY D 20 -41.26 -20.38 48.57
CA GLY D 20 -41.88 -21.37 47.70
C GLY D 20 -42.83 -22.26 48.49
N SER D 21 -43.72 -22.92 47.76
CA SER D 21 -44.63 -23.89 48.38
C SER D 21 -44.79 -25.21 47.59
N THR D 22 -43.96 -25.43 46.58
CA THR D 22 -44.01 -26.69 45.83
C THR D 22 -42.67 -27.00 45.18
N PHE D 23 -42.39 -28.29 45.03
CA PHE D 23 -41.19 -28.73 44.29
C PHE D 23 -41.49 -28.83 42.81
N GLN D 24 -40.47 -28.63 41.98
CA GLN D 24 -40.59 -28.89 40.55
C GLN D 24 -39.41 -29.69 40.07
N LYS D 25 -39.52 -30.24 38.86
CA LYS D 25 -38.46 -30.98 38.19
C LYS D 25 -37.37 -30.01 37.80
N ALA D 26 -36.13 -30.23 38.22
CA ALA D 26 -35.03 -29.31 37.92
C ALA D 26 -34.03 -29.80 36.86
N LEU D 27 -33.50 -31.00 37.03
CA LEU D 27 -32.36 -31.42 36.23
C LEU D 27 -32.21 -32.93 36.23
N LEU D 28 -31.76 -33.48 35.10
CA LEU D 28 -31.47 -34.90 34.99
C LEU D 28 -29.99 -35.10 34.63
N ILE D 29 -29.31 -35.95 35.39
CA ILE D 29 -27.99 -36.41 35.03
C ILE D 29 -28.08 -37.91 34.61
N SER D 30 -28.16 -38.15 33.30
CA SER D 30 -28.24 -39.52 32.78
C SER D 30 -27.05 -39.85 31.92
N PRO D 31 -25.93 -40.21 32.55
CA PRO D 31 -24.67 -40.40 31.83
C PRO D 31 -24.73 -41.55 30.85
N HIS D 32 -25.62 -42.48 31.08
CA HIS D 32 -25.69 -43.66 30.26
C HIS D 32 -26.46 -43.50 28.94
N ARG D 33 -27.14 -42.36 28.78
CA ARG D 33 -27.57 -41.88 27.47
C ARG D 33 -26.41 -41.80 26.41
N PHE D 34 -25.16 -41.84 26.90
CA PHE D 34 -23.96 -41.72 26.04
C PHE D 34 -23.07 -42.98 26.10
N GLY D 35 -23.58 -44.06 26.70
CA GLY D 35 -22.82 -45.30 26.77
C GLY D 35 -23.07 -46.39 25.73
N GLU D 36 -23.63 -46.04 24.57
CA GLU D 36 -23.86 -47.00 23.48
C GLU D 36 -22.56 -47.58 22.89
N THR D 37 -22.64 -48.81 22.39
CA THR D 37 -21.57 -49.38 21.60
C THR D 37 -21.25 -48.45 20.43
N LYS D 38 -22.30 -47.92 19.81
CA LYS D 38 -22.20 -47.05 18.63
C LYS D 38 -21.63 -45.64 18.93
N GLY D 39 -21.64 -45.28 20.21
CA GLY D 39 -21.15 -43.97 20.68
C GLY D 39 -19.65 -43.88 20.91
N ASN D 40 -19.18 -42.72 21.37
CA ASN D 40 -17.75 -42.50 21.67
C ASN D 40 -17.51 -41.91 23.04
N SER D 41 -18.31 -42.30 24.02
CA SER D 41 -18.16 -41.78 25.39
C SER D 41 -17.84 -42.83 26.46
N ALA D 42 -17.53 -42.33 27.65
CA ALA D 42 -17.10 -43.14 28.78
C ALA D 42 -17.74 -42.71 30.11
N PRO D 43 -19.08 -42.88 30.24
CA PRO D 43 -19.72 -42.67 31.55
C PRO D 43 -19.25 -43.72 32.56
N LEU D 44 -18.96 -43.29 33.77
CA LEU D 44 -18.59 -44.22 34.82
C LEU D 44 -19.77 -45.01 35.34
N ILE D 45 -19.53 -46.31 35.57
CA ILE D 45 -20.48 -47.19 36.24
C ILE D 45 -20.49 -46.89 37.77
N ILE D 46 -21.66 -46.53 38.28
CA ILE D 46 -21.80 -46.09 39.66
C ILE D 46 -23.10 -46.56 40.30
N ARG D 47 -23.18 -46.35 41.60
CA ARG D 47 -24.40 -46.47 42.40
C ARG D 47 -24.25 -45.53 43.64
N GLU D 48 -25.29 -45.41 44.45
CA GLU D 48 -25.26 -44.56 45.66
C GLU D 48 -24.83 -43.13 45.35
N PRO D 49 -25.54 -42.46 44.44
CA PRO D 49 -25.15 -41.06 44.21
C PRO D 49 -25.71 -40.15 45.31
N PHE D 50 -25.16 -38.96 45.41
CA PHE D 50 -25.73 -37.94 46.27
C PHE D 50 -25.14 -36.58 45.92
N ILE D 51 -25.74 -35.49 46.42
CA ILE D 51 -25.29 -34.15 46.08
C ILE D 51 -25.01 -33.37 47.36
N ALA D 52 -23.99 -32.51 47.33
CA ALA D 52 -23.66 -31.68 48.48
C ALA D 52 -23.13 -30.36 47.94
N CYS D 53 -23.55 -29.25 48.55
CA CYS D 53 -23.19 -27.92 48.05
C CYS D 53 -22.46 -27.07 49.05
N GLY D 54 -21.49 -26.28 48.58
CA GLY D 54 -20.89 -25.19 49.35
C GLY D 54 -21.41 -23.83 48.88
N PRO D 55 -20.73 -22.75 49.29
CA PRO D 55 -21.24 -21.40 49.01
C PRO D 55 -21.19 -21.00 47.52
N LYS D 56 -20.40 -21.70 46.70
CA LYS D 56 -20.31 -21.35 45.28
C LYS D 56 -20.57 -22.52 44.29
N GLU D 57 -20.43 -23.76 44.77
CA GLU D 57 -20.44 -24.95 43.92
C GLU D 57 -21.32 -26.08 44.54
N CYS D 58 -22.06 -26.80 43.70
CA CYS D 58 -22.67 -28.11 44.08
C CYS D 58 -21.94 -29.25 43.38
N LYS D 59 -21.55 -30.24 44.16
CA LYS D 59 -20.82 -31.39 43.62
C LYS D 59 -21.71 -32.60 43.66
N HIS D 60 -21.62 -33.39 42.61
CA HIS D 60 -22.42 -34.58 42.45
C HIS D 60 -21.51 -35.78 42.74
N PHE D 61 -21.71 -36.42 43.88
CA PHE D 61 -20.90 -37.60 44.27
C PHE D 61 -21.49 -38.93 43.88
N ALA D 62 -20.64 -39.95 43.80
CA ALA D 62 -21.10 -41.35 43.64
C ALA D 62 -20.04 -42.34 44.07
N LEU D 63 -20.43 -43.59 44.22
CA LEU D 63 -19.49 -44.68 44.41
C LEU D 63 -19.35 -45.48 43.10
N THR D 64 -18.25 -45.30 42.40
CA THR D 64 -17.92 -46.07 41.19
C THR D 64 -17.38 -47.52 41.43
N HIS D 65 -17.54 -48.41 40.44
CA HIS D 65 -16.86 -49.70 40.45
C HIS D 65 -15.57 -49.61 39.62
N TYR D 66 -15.10 -48.39 39.35
CA TYR D 66 -13.85 -48.18 38.61
C TYR D 66 -13.92 -48.81 37.23
N ALA D 67 -15.04 -48.63 36.56
CA ALA D 67 -15.28 -49.23 35.25
C ALA D 67 -16.20 -48.30 34.49
N ALA D 68 -16.31 -48.48 33.18
CA ALA D 68 -17.06 -47.53 32.34
C ALA D 68 -17.87 -48.28 31.32
N GLN D 69 -18.88 -47.61 30.75
CA GLN D 69 -19.72 -48.19 29.69
C GLN D 69 -19.57 -47.43 28.38
N PRO D 70 -19.23 -48.13 27.28
CA PRO D 70 -18.92 -49.56 27.16
C PRO D 70 -17.54 -49.91 27.68
N GLY D 71 -17.39 -51.16 28.11
CA GLY D 71 -16.15 -51.70 28.64
C GLY D 71 -16.32 -53.19 28.86
N GLY D 72 -15.33 -53.82 29.49
CA GLY D 72 -15.31 -55.25 29.70
C GLY D 72 -15.13 -55.63 31.15
N TYR D 73 -15.49 -54.71 32.05
CA TYR D 73 -15.48 -55.01 33.49
C TYR D 73 -16.85 -55.01 34.17
N TYR D 74 -17.89 -55.46 33.44
CA TYR D 74 -19.27 -55.46 33.93
C TYR D 74 -19.46 -56.47 35.09
N ASN D 75 -18.83 -57.64 34.95
CA ASN D 75 -18.85 -58.64 36.05
C ASN D 75 -18.44 -58.05 37.44
N GLY D 76 -19.42 -58.06 38.36
CA GLY D 76 -19.25 -57.55 39.73
C GLY D 76 -19.83 -56.17 40.01
N THR D 77 -20.48 -55.57 39.02
CA THR D 77 -20.96 -54.21 39.21
C THR D 77 -22.29 -54.17 39.97
N ARG D 78 -22.97 -55.32 40.13
CA ARG D 78 -24.11 -55.45 41.05
C ARG D 78 -23.70 -55.68 42.52
N GLY D 79 -22.44 -56.07 42.75
CA GLY D 79 -21.92 -56.24 44.11
C GLY D 79 -21.85 -54.94 44.90
N ASP D 80 -21.76 -55.06 46.21
CA ASP D 80 -21.86 -53.88 47.05
C ASP D 80 -20.52 -53.30 47.46
N ARG D 81 -19.57 -54.19 47.77
CA ARG D 81 -18.24 -53.81 48.23
C ARG D 81 -17.23 -54.62 47.45
N ASN D 82 -16.13 -53.97 47.07
CA ASN D 82 -14.89 -54.63 46.59
C ASN D 82 -13.72 -53.66 46.74
N LYS D 83 -12.53 -54.13 46.33
CA LYS D 83 -11.26 -53.39 46.47
C LYS D 83 -11.03 -52.30 45.45
N LEU D 84 -11.93 -52.19 44.47
CA LEU D 84 -11.80 -51.16 43.39
C LEU D 84 -12.68 -49.90 43.56
N ARG D 85 -13.75 -50.09 44.30
CA ARG D 85 -14.75 -49.09 44.58
C ARG D 85 -14.16 -47.74 45.10
N HIS D 86 -14.68 -46.63 44.57
CA HIS D 86 -14.07 -45.32 44.86
C HIS D 86 -15.14 -44.27 44.97
N LEU D 87 -14.90 -43.28 45.84
CA LEU D 87 -15.73 -42.09 45.91
C LEU D 87 -15.22 -41.11 44.85
N ILE D 88 -16.14 -40.68 43.95
CA ILE D 88 -15.84 -39.75 42.85
C ILE D 88 -16.81 -38.57 42.83
N SER D 89 -16.47 -37.53 42.08
CA SER D 89 -17.36 -36.39 41.97
C SER D 89 -17.15 -35.62 40.70
N VAL D 90 -18.16 -34.86 40.34
CA VAL D 90 -18.07 -33.81 39.33
C VAL D 90 -18.85 -32.59 39.86
N LYS D 91 -18.60 -31.45 39.22
CA LYS D 91 -19.45 -30.28 39.41
C LYS D 91 -20.85 -30.61 38.88
N LEU D 92 -21.87 -30.37 39.71
CA LEU D 92 -23.22 -30.72 39.34
C LEU D 92 -23.58 -30.03 38.02
N GLY D 93 -24.09 -30.80 37.06
CA GLY D 93 -24.28 -30.33 35.69
C GLY D 93 -23.33 -30.96 34.68
N LYS D 94 -22.23 -31.53 35.16
CA LYS D 94 -21.30 -32.23 34.28
C LYS D 94 -21.61 -33.73 34.25
N ILE D 95 -21.44 -34.36 33.08
CA ILE D 95 -21.58 -35.81 32.99
C ILE D 95 -20.36 -36.50 33.61
N PRO D 96 -20.57 -37.39 34.60
CA PRO D 96 -19.44 -38.07 35.20
C PRO D 96 -18.86 -39.20 34.33
N THR D 97 -17.94 -38.79 33.47
CA THR D 97 -17.20 -39.67 32.60
C THR D 97 -15.83 -39.92 33.24
N VAL D 98 -15.02 -40.75 32.59
CA VAL D 98 -13.65 -41.05 33.05
C VAL D 98 -12.84 -39.75 33.20
N GLU D 99 -12.92 -38.87 32.20
CA GLU D 99 -12.07 -37.72 32.21
C GLU D 99 -12.63 -36.61 33.12
N ASN D 100 -13.96 -36.49 33.17
CA ASN D 100 -14.58 -35.36 33.84
C ASN D 100 -14.48 -35.52 35.36
N SER D 101 -14.49 -36.76 35.82
CA SER D 101 -14.57 -37.02 37.24
C SER D 101 -13.24 -36.80 37.93
N ILE D 102 -13.27 -36.69 39.26
CA ILE D 102 -12.10 -36.73 40.09
C ILE D 102 -12.28 -37.87 41.11
N PHE D 103 -11.22 -38.67 41.34
CA PHE D 103 -11.25 -39.79 42.27
C PHE D 103 -10.69 -39.33 43.62
N HIS D 104 -11.54 -39.38 44.64
CA HIS D 104 -11.21 -38.80 45.94
C HIS D 104 -10.47 -39.78 46.85
N MET D 105 -11.06 -40.95 47.03
CA MET D 105 -10.49 -42.05 47.81
C MET D 105 -11.17 -43.42 47.57
N ALA D 106 -10.49 -44.51 47.92
CA ALA D 106 -11.07 -45.85 47.84
C ALA D 106 -12.18 -45.90 48.85
N ALA D 107 -13.33 -46.43 48.45
CA ALA D 107 -14.52 -46.47 49.34
C ALA D 107 -15.63 -47.29 48.71
N TRP D 108 -16.31 -48.06 49.55
CA TRP D 108 -17.58 -48.67 49.11
C TRP D 108 -18.78 -48.16 49.95
N SER D 109 -18.52 -47.12 50.74
CA SER D 109 -19.56 -46.34 51.43
C SER D 109 -19.03 -44.93 51.65
N GLY D 110 -19.80 -43.90 51.34
CA GLY D 110 -19.29 -42.54 51.46
C GLY D 110 -20.24 -41.47 51.95
N SER D 111 -19.69 -40.25 52.01
CA SER D 111 -20.39 -39.01 52.36
C SER D 111 -19.48 -37.83 52.07
N ALA D 112 -20.00 -36.61 52.10
CA ALA D 112 -19.17 -35.42 51.93
C ALA D 112 -19.91 -34.19 52.39
N CYS D 113 -19.22 -33.09 52.66
CA CYS D 113 -19.86 -31.84 53.10
C CYS D 113 -18.87 -30.68 53.14
N HIS D 114 -19.39 -29.48 52.93
CA HIS D 114 -18.58 -28.27 52.97
C HIS D 114 -18.85 -27.52 54.26
N ASP D 115 -17.81 -27.03 54.92
CA ASP D 115 -18.03 -26.33 56.21
C ASP D 115 -18.06 -24.80 56.09
N GLY D 116 -17.92 -24.31 54.86
CA GLY D 116 -17.84 -22.86 54.57
C GLY D 116 -16.46 -22.44 54.09
N LYS D 117 -15.41 -23.18 54.53
CA LYS D 117 -14.02 -22.95 54.13
C LYS D 117 -13.46 -24.06 53.21
N GLU D 118 -13.90 -25.31 53.45
CA GLU D 118 -13.27 -26.44 52.77
C GLU D 118 -14.16 -27.67 52.77
N TRP D 119 -13.89 -28.57 51.84
CA TRP D 119 -14.61 -29.84 51.66
C TRP D 119 -14.09 -30.97 52.54
N THR D 120 -15.00 -31.64 53.24
CA THR D 120 -14.66 -32.87 53.96
C THR D 120 -15.19 -34.06 53.15
N TYR D 121 -14.35 -35.06 52.92
CA TYR D 121 -14.76 -36.27 52.16
C TYR D 121 -14.64 -37.50 53.06
N ILE D 122 -15.68 -38.33 53.05
CA ILE D 122 -15.74 -39.46 53.89
C ILE D 122 -15.90 -40.73 53.05
N GLY D 123 -15.07 -41.72 53.36
CA GLY D 123 -15.12 -43.00 52.68
C GLY D 123 -14.74 -44.18 53.55
N VAL D 124 -15.57 -45.24 53.52
CA VAL D 124 -15.32 -46.48 54.23
C VAL D 124 -14.89 -47.59 53.27
N ASP D 125 -13.81 -48.28 53.61
CA ASP D 125 -13.44 -49.54 52.97
C ASP D 125 -12.81 -50.49 53.98
N GLY D 126 -12.14 -51.52 53.48
CA GLY D 126 -11.60 -52.56 54.34
C GLY D 126 -12.43 -53.84 54.37
N PRO D 127 -11.99 -54.85 55.14
CA PRO D 127 -12.72 -56.11 55.03
C PRO D 127 -14.02 -56.11 55.85
N GLU D 128 -14.93 -57.02 55.51
CA GLU D 128 -16.23 -57.23 56.18
C GLU D 128 -16.22 -57.08 57.70
N ASN D 129 -15.36 -57.86 58.34
CA ASN D 129 -15.30 -57.94 59.80
C ASN D 129 -14.42 -56.89 60.49
N ASN D 130 -13.83 -55.97 59.72
CA ASN D 130 -13.03 -54.90 60.30
C ASN D 130 -12.86 -53.69 59.38
N ALA D 131 -13.95 -53.21 58.79
CA ALA D 131 -13.86 -52.06 57.89
C ALA D 131 -13.38 -50.77 58.58
N LEU D 132 -13.12 -49.74 57.81
CA LEU D 132 -12.45 -48.54 58.31
C LEU D 132 -12.96 -47.30 57.58
N LEU D 133 -13.45 -46.35 58.38
CA LEU D 133 -13.90 -45.08 57.83
C LEU D 133 -12.73 -44.12 57.77
N LYS D 134 -12.61 -43.44 56.62
CA LYS D 134 -11.46 -42.58 56.31
C LYS D 134 -11.94 -41.18 56.01
N ILE D 135 -11.20 -40.19 56.50
CA ILE D 135 -11.56 -38.79 56.38
C ILE D 135 -10.47 -38.02 55.66
N LYS D 136 -10.87 -37.17 54.72
CA LYS D 136 -9.95 -36.37 53.91
C LYS D 136 -10.49 -34.91 53.90
N TYR D 137 -9.61 -33.96 54.24
CA TYR D 137 -9.97 -32.53 54.27
C TYR D 137 -9.22 -31.75 53.18
N GLY D 138 -9.95 -31.32 52.15
CA GLY D 138 -9.33 -30.80 50.93
C GLY D 138 -8.56 -31.97 50.36
N GLU D 139 -7.24 -31.85 50.34
CA GLU D 139 -6.36 -32.82 49.68
C GLU D 139 -5.76 -33.81 50.65
N ALA D 140 -5.80 -33.46 51.94
CA ALA D 140 -5.13 -34.25 52.97
C ALA D 140 -6.01 -35.33 53.60
N TYR D 141 -5.48 -36.54 53.69
CA TYR D 141 -6.06 -37.58 54.59
C TYR D 141 -5.72 -37.18 56.03
N THR D 142 -6.73 -37.14 56.91
CA THR D 142 -6.57 -36.53 58.23
C THR D 142 -6.97 -37.39 59.43
N ASP D 143 -7.88 -38.35 59.25
CA ASP D 143 -8.35 -39.18 60.38
C ASP D 143 -9.04 -40.52 59.98
N THR D 144 -9.23 -41.42 60.97
CA THR D 144 -9.99 -42.67 60.77
C THR D 144 -10.83 -43.09 61.97
N TYR D 145 -11.89 -43.88 61.72
CA TYR D 145 -12.69 -44.47 62.79
C TYR D 145 -12.80 -45.96 62.53
N HIS D 146 -12.72 -46.73 63.60
CA HIS D 146 -12.67 -48.18 63.50
C HIS D 146 -14.04 -48.82 63.71
N SER D 147 -14.25 -49.92 63.00
CA SER D 147 -15.38 -50.79 63.21
C SER D 147 -15.54 -51.18 64.70
N TYR D 148 -16.76 -51.04 65.23
CA TYR D 148 -17.05 -51.30 66.66
C TYR D 148 -18.01 -52.47 66.87
N ALA D 149 -18.64 -52.96 65.81
CA ALA D 149 -19.43 -54.22 65.93
C ALA D 149 -18.93 -55.28 64.97
N ASN D 150 -17.85 -54.98 64.25
CA ASN D 150 -17.17 -55.99 63.41
C ASN D 150 -18.07 -56.62 62.34
N ASN D 151 -18.99 -55.83 61.80
CA ASN D 151 -19.81 -56.28 60.68
C ASN D 151 -20.22 -55.14 59.78
N ILE D 152 -19.39 -54.89 58.76
CA ILE D 152 -19.60 -53.86 57.73
C ILE D 152 -19.85 -52.46 58.31
N LEU D 153 -18.82 -51.86 58.88
CA LEU D 153 -18.89 -50.45 59.28
C LEU D 153 -19.31 -49.69 58.06
N ARG D 154 -20.15 -48.66 58.23
CA ARG D 154 -21.02 -48.20 57.14
C ARG D 154 -21.31 -46.72 57.35
N THR D 155 -21.61 -45.98 56.29
CA THR D 155 -22.07 -44.60 56.50
C THR D 155 -23.30 -44.18 55.66
N GLN D 156 -23.59 -42.88 55.56
CA GLN D 156 -24.86 -42.34 55.07
C GLN D 156 -25.27 -42.54 53.62
N GLU D 157 -24.29 -42.51 52.71
N GLU D 157 -24.28 -42.51 52.72
CA GLU D 157 -24.52 -42.39 51.27
CA GLU D 157 -24.48 -42.39 51.27
C GLU D 157 -25.21 -41.08 50.93
C GLU D 157 -25.19 -41.09 50.93
N SER D 158 -24.96 -40.07 51.75
CA SER D 158 -25.43 -38.71 51.47
C SER D 158 -24.64 -37.66 52.27
N ALA D 159 -24.99 -36.41 52.02
CA ALA D 159 -24.26 -35.27 52.57
C ALA D 159 -24.24 -35.28 54.09
N CYS D 160 -23.06 -35.09 54.67
CA CYS D 160 -22.98 -34.74 56.09
C CYS D 160 -23.44 -33.28 56.28
N ASN D 161 -23.42 -32.78 57.52
CA ASN D 161 -23.98 -31.49 57.82
C ASN D 161 -23.12 -30.64 58.74
N CYS D 162 -22.68 -29.49 58.24
CA CYS D 162 -21.71 -28.65 58.97
C CYS D 162 -22.31 -27.36 59.51
N ILE D 163 -22.03 -27.05 60.76
CA ILE D 163 -22.43 -25.78 61.36
C ILE D 163 -21.26 -25.23 62.20
N GLY D 164 -20.94 -23.95 62.02
CA GLY D 164 -19.90 -23.30 62.80
C GLY D 164 -18.61 -24.12 62.78
N GLY D 165 -18.39 -24.79 61.65
CA GLY D 165 -17.18 -25.59 61.39
C GLY D 165 -17.19 -27.01 61.94
N ASN D 166 -18.26 -27.37 62.66
CA ASN D 166 -18.45 -28.71 63.19
C ASN D 166 -19.37 -29.46 62.25
N CYS D 167 -18.89 -30.61 61.77
CA CYS D 167 -19.62 -31.44 60.78
C CYS D 167 -20.06 -32.70 61.46
N TYR D 168 -21.32 -33.08 61.25
CA TYR D 168 -21.91 -34.21 61.94
C TYR D 168 -22.18 -35.28 60.93
N LEU D 169 -21.84 -36.52 61.27
CA LEU D 169 -21.92 -37.70 60.37
C LEU D 169 -22.51 -38.91 61.08
N MET D 170 -23.47 -39.59 60.46
CA MET D 170 -24.01 -40.86 60.99
C MET D 170 -23.16 -41.99 60.45
N ILE D 171 -22.92 -42.98 61.30
CA ILE D 171 -22.34 -44.26 60.91
C ILE D 171 -23.11 -45.40 61.55
N THR D 172 -22.92 -46.60 61.04
CA THR D 172 -23.48 -47.78 61.71
C THR D 172 -22.58 -49.01 61.49
N ASP D 173 -22.88 -50.07 62.22
CA ASP D 173 -22.09 -51.28 62.22
C ASP D 173 -22.95 -52.37 62.86
N GLY D 174 -22.88 -53.58 62.33
CA GLY D 174 -23.77 -54.61 62.81
C GLY D 174 -24.36 -55.43 61.69
N SER D 175 -25.29 -56.30 62.03
CA SER D 175 -25.83 -57.20 61.04
C SER D 175 -26.93 -56.52 60.22
N ALA D 176 -26.86 -56.66 58.91
CA ALA D 176 -27.91 -56.15 58.04
C ALA D 176 -29.26 -56.83 58.35
N SER D 177 -29.21 -57.98 59.01
CA SER D 177 -30.39 -58.77 59.38
C SER D 177 -30.80 -58.68 60.88
N GLY D 178 -29.95 -58.09 61.71
CA GLY D 178 -30.20 -58.07 63.13
C GLY D 178 -29.95 -56.69 63.68
N ILE D 179 -29.18 -56.62 64.77
CA ILE D 179 -28.92 -55.38 65.45
C ILE D 179 -27.86 -54.60 64.69
N SER D 180 -28.15 -53.34 64.42
CA SER D 180 -27.17 -52.36 63.93
C SER D 180 -27.33 -50.99 64.58
N GLU D 181 -26.64 -50.82 65.71
CA GLU D 181 -26.81 -49.62 66.52
C GLU D 181 -25.88 -48.50 66.02
N CYS D 182 -26.47 -47.48 65.40
CA CYS D 182 -25.73 -46.36 64.84
C CYS D 182 -25.12 -45.39 65.88
N ARG D 183 -24.07 -44.67 65.48
CA ARG D 183 -23.47 -43.58 66.27
C ARG D 183 -23.35 -42.35 65.37
N PHE D 184 -22.98 -41.21 65.97
CA PHE D 184 -22.69 -40.00 65.21
C PHE D 184 -21.30 -39.49 65.54
N LEU D 185 -20.57 -39.05 64.51
CA LEU D 185 -19.27 -38.45 64.70
C LEU D 185 -19.42 -36.98 64.51
N LYS D 186 -18.75 -36.21 65.38
CA LYS D 186 -18.61 -34.76 65.23
C LYS D 186 -17.17 -34.49 64.75
N ILE D 187 -17.06 -33.82 63.59
CA ILE D 187 -15.77 -33.69 62.86
C ILE D 187 -15.43 -32.22 62.60
N ARG D 188 -14.20 -31.83 62.92
CA ARG D 188 -13.76 -30.45 62.74
C ARG D 188 -12.44 -30.39 61.98
N GLU D 189 -12.44 -29.65 60.88
CA GLU D 189 -11.30 -29.58 59.96
C GLU D 189 -10.64 -30.95 59.75
N GLY D 190 -11.47 -31.97 59.49
CA GLY D 190 -11.00 -33.29 59.09
C GLY D 190 -10.77 -34.27 60.22
N ARG D 191 -10.88 -33.80 61.45
CA ARG D 191 -10.57 -34.63 62.64
C ARG D 191 -11.76 -34.79 63.58
N ILE D 192 -11.88 -35.98 64.15
CA ILE D 192 -13.01 -36.32 64.99
C ILE D 192 -12.78 -35.77 66.38
N ILE D 193 -13.73 -34.97 66.87
CA ILE D 193 -13.56 -34.36 68.18
C ILE D 193 -14.63 -34.80 69.20
N LYS D 194 -15.61 -35.56 68.74
CA LYS D 194 -16.55 -36.23 69.65
C LYS D 194 -17.28 -37.45 69.03
N GLU D 195 -17.46 -38.49 69.84
CA GLU D 195 -18.40 -39.57 69.52
C GLU D 195 -19.70 -39.34 70.27
N ILE D 196 -20.82 -39.52 69.57
CA ILE D 196 -22.16 -39.28 70.11
C ILE D 196 -22.95 -40.55 70.02
N PHE D 197 -23.36 -41.08 71.18
CA PHE D 197 -24.15 -42.33 71.28
C PHE D 197 -25.61 -42.00 71.50
N PRO D 198 -26.47 -42.26 70.50
CA PRO D 198 -27.88 -41.94 70.60
C PRO D 198 -28.56 -42.77 71.67
N THR D 199 -29.65 -42.27 72.24
CA THR D 199 -30.51 -43.00 73.16
C THR D 199 -31.89 -43.26 72.53
N GLY D 200 -32.66 -44.19 73.12
CA GLY D 200 -33.99 -44.55 72.64
C GLY D 200 -34.11 -45.77 71.74
N ARG D 201 -34.89 -45.65 70.66
CA ARG D 201 -35.09 -46.76 69.73
C ARG D 201 -33.83 -46.90 68.83
N VAL D 202 -32.85 -47.70 69.27
CA VAL D 202 -31.54 -47.75 68.62
C VAL D 202 -31.27 -49.13 68.01
N LYS D 203 -32.24 -50.02 68.18
CA LYS D 203 -32.26 -51.40 67.67
C LYS D 203 -31.60 -51.56 66.30
N HIS D 204 -32.11 -50.80 65.35
CA HIS D 204 -31.59 -50.85 64.00
C HIS D 204 -31.80 -49.54 63.21
N THR D 205 -30.70 -48.90 62.85
CA THR D 205 -30.68 -47.62 62.11
C THR D 205 -29.60 -47.60 61.02
N GLU D 206 -30.01 -47.33 59.77
CA GLU D 206 -29.04 -47.10 58.70
C GLU D 206 -29.31 -46.02 57.69
N GLU D 207 -28.24 -45.70 56.96
CA GLU D 207 -28.25 -44.72 55.91
C GLU D 207 -29.12 -43.53 56.21
N CYS D 208 -28.86 -42.85 57.33
CA CYS D 208 -29.61 -41.62 57.65
C CYS D 208 -29.45 -40.56 56.56
N THR D 209 -30.58 -40.00 56.14
CA THR D 209 -30.64 -38.81 55.33
C THR D 209 -30.91 -37.66 56.31
N CYS D 210 -29.93 -36.77 56.47
CA CYS D 210 -29.94 -35.76 57.54
C CYS D 210 -29.95 -34.32 57.06
N GLY D 211 -30.58 -33.43 57.83
CA GLY D 211 -30.50 -32.00 57.57
C GLY D 211 -30.77 -31.18 58.84
N PHE D 212 -30.58 -29.85 58.74
CA PHE D 212 -30.89 -28.94 59.82
C PHE D 212 -32.35 -28.57 59.85
N ALA D 213 -32.96 -28.75 61.01
CA ALA D 213 -34.29 -28.24 61.25
C ALA D 213 -34.16 -26.81 61.78
N SER D 214 -32.98 -26.48 62.33
CA SER D 214 -32.71 -25.13 62.84
C SER D 214 -31.25 -25.03 63.23
N ASN D 215 -30.84 -23.90 63.81
CA ASN D 215 -29.45 -23.78 64.32
C ASN D 215 -29.12 -24.75 65.47
N LYS D 216 -30.16 -25.32 66.08
CA LYS D 216 -30.08 -26.16 67.29
C LYS D 216 -30.21 -27.65 66.97
N THR D 217 -30.95 -28.02 65.93
CA THR D 217 -31.29 -29.42 65.69
C THR D 217 -31.04 -29.95 64.28
N ILE D 218 -30.42 -31.14 64.22
CA ILE D 218 -30.32 -31.93 63.01
C ILE D 218 -31.33 -33.05 63.12
N GLU D 219 -32.05 -33.33 62.03
CA GLU D 219 -32.99 -34.45 61.98
C GLU D 219 -32.65 -35.34 60.82
N CYS D 220 -32.89 -36.64 60.99
CA CYS D 220 -32.53 -37.61 59.98
C CYS D 220 -33.66 -38.61 59.82
N ALA D 221 -34.03 -38.92 58.59
CA ALA D 221 -34.91 -40.05 58.34
C ALA D 221 -34.09 -41.23 57.82
N CYS D 222 -34.21 -42.37 58.48
CA CYS D 222 -33.25 -43.43 58.24
C CYS D 222 -33.94 -44.71 57.77
N ARG D 223 -33.20 -45.83 57.81
CA ARG D 223 -33.64 -47.13 57.29
C ARG D 223 -33.43 -48.21 58.33
N ASP D 224 -34.48 -48.98 58.60
CA ASP D 224 -34.37 -50.16 59.42
C ASP D 224 -34.48 -51.31 58.45
N ASN D 225 -33.42 -52.09 58.32
CA ASN D 225 -33.36 -53.14 57.30
C ASN D 225 -33.85 -54.52 57.77
N SER D 226 -34.35 -54.58 59.03
CA SER D 226 -34.78 -55.85 59.63
C SER D 226 -36.18 -55.86 60.16
N TYR D 227 -36.50 -54.83 60.96
CA TYR D 227 -37.61 -54.91 61.92
C TYR D 227 -38.91 -54.25 61.53
N THR D 228 -38.84 -53.14 60.79
CA THR D 228 -40.02 -52.29 60.55
C THR D 228 -39.93 -51.51 59.24
N ALA D 229 -41.09 -51.16 58.66
CA ALA D 229 -41.20 -50.31 57.46
C ALA D 229 -41.47 -48.85 57.83
N LYS D 230 -41.62 -48.58 59.13
CA LYS D 230 -41.59 -47.19 59.61
C LYS D 230 -40.14 -46.77 59.59
N ARG D 231 -39.86 -45.52 59.19
CA ARG D 231 -38.49 -45.04 59.21
C ARG D 231 -38.13 -44.64 60.64
N PRO D 232 -36.99 -45.11 61.17
CA PRO D 232 -36.44 -44.50 62.40
C PRO D 232 -36.17 -43.02 62.18
N PHE D 233 -36.29 -42.19 63.20
CA PHE D 233 -36.18 -40.75 63.02
C PHE D 233 -35.29 -40.15 64.10
N VAL D 234 -34.19 -39.53 63.69
CA VAL D 234 -33.20 -39.04 64.64
C VAL D 234 -33.36 -37.55 64.91
N LYS D 235 -33.19 -37.16 66.18
CA LYS D 235 -33.13 -35.75 66.54
C LYS D 235 -31.89 -35.53 67.32
N LEU D 236 -30.97 -34.77 66.74
CA LEU D 236 -29.67 -34.45 67.28
C LEU D 236 -29.62 -33.01 67.74
N ASN D 237 -29.37 -32.80 69.02
CA ASN D 237 -29.18 -31.44 69.50
C ASN D 237 -27.70 -31.10 69.33
N VAL D 238 -27.41 -30.12 68.48
CA VAL D 238 -26.00 -29.79 68.23
C VAL D 238 -25.33 -28.85 69.25
N GLU D 239 -26.12 -28.33 70.19
CA GLU D 239 -25.56 -27.48 71.29
C GLU D 239 -25.12 -28.33 72.46
N THR D 240 -25.91 -29.34 72.83
CA THR D 240 -25.53 -30.32 73.86
C THR D 240 -24.86 -31.59 73.29
N ASP D 241 -24.90 -31.76 71.97
CA ASP D 241 -24.38 -32.97 71.32
C ASP D 241 -25.02 -34.25 71.85
N THR D 242 -26.35 -34.29 71.88
CA THR D 242 -27.08 -35.47 72.32
C THR D 242 -28.02 -35.89 71.18
N ALA D 243 -28.29 -37.18 71.06
CA ALA D 243 -29.20 -37.64 70.01
C ALA D 243 -30.19 -38.66 70.51
N GLU D 244 -31.39 -38.60 69.95
CA GLU D 244 -32.48 -39.47 70.35
C GLU D 244 -33.12 -40.09 69.09
N ILE D 245 -33.60 -41.32 69.20
CA ILE D 245 -34.21 -42.00 68.07
C ILE D 245 -35.56 -42.61 68.46
N ARG D 246 -36.61 -42.34 67.68
CA ARG D 246 -37.88 -43.09 67.76
C ARG D 246 -38.42 -43.30 66.36
N LEU D 247 -39.31 -44.28 66.19
CA LEU D 247 -39.94 -44.51 64.87
C LEU D 247 -40.85 -43.35 64.41
N MET D 248 -40.88 -43.06 63.12
CA MET D 248 -41.93 -42.16 62.58
C MET D 248 -43.33 -42.78 62.76
N CYS D 249 -44.25 -41.96 63.30
CA CYS D 249 -45.59 -42.44 63.64
C CYS D 249 -46.62 -42.40 62.47
N THR D 250 -46.27 -41.71 61.39
CA THR D 250 -47.19 -41.51 60.28
C THR D 250 -47.73 -42.83 59.66
N GLU D 251 -48.98 -42.83 59.24
CA GLU D 251 -49.52 -44.00 58.59
C GLU D 251 -49.03 -44.18 57.15
N THR D 252 -48.32 -43.15 56.64
CA THR D 252 -47.71 -43.14 55.34
C THR D 252 -46.29 -43.68 55.45
N TYR D 253 -46.16 -44.99 55.62
CA TYR D 253 -44.86 -45.63 55.82
C TYR D 253 -43.93 -45.41 54.62
N LEU D 254 -42.70 -44.96 54.90
CA LEU D 254 -41.79 -44.46 53.85
C LEU D 254 -40.78 -45.46 53.30
N ASP D 255 -40.70 -46.65 53.93
CA ASP D 255 -39.77 -47.71 53.52
C ASP D 255 -40.28 -48.54 52.35
N THR D 256 -39.38 -49.35 51.76
CA THR D 256 -39.76 -50.34 50.76
C THR D 256 -38.92 -51.58 51.06
N PRO D 257 -39.56 -52.74 51.26
CA PRO D 257 -40.99 -53.06 51.23
C PRO D 257 -41.71 -52.41 52.38
N ARG D 258 -43.04 -52.38 52.30
CA ARG D 258 -43.89 -51.85 53.34
C ARG D 258 -45.27 -52.49 53.15
N PRO D 259 -46.10 -52.55 54.24
CA PRO D 259 -47.51 -52.96 54.12
C PRO D 259 -48.41 -51.78 53.71
N ASP D 260 -49.73 -51.98 53.63
CA ASP D 260 -50.64 -50.89 53.28
C ASP D 260 -50.53 -49.76 54.30
N ASP D 261 -50.80 -48.53 53.90
CA ASP D 261 -50.70 -47.41 54.80
C ASP D 261 -51.70 -47.59 55.93
N GLY D 262 -51.28 -47.29 57.16
CA GLY D 262 -52.19 -47.30 58.28
C GLY D 262 -52.50 -48.66 58.93
N SER D 263 -51.99 -49.73 58.33
CA SER D 263 -52.38 -51.08 58.72
C SER D 263 -51.51 -51.68 59.81
N ILE D 264 -50.56 -50.92 60.34
CA ILE D 264 -49.79 -51.38 61.48
C ILE D 264 -50.52 -50.88 62.72
N THR D 265 -51.07 -51.82 63.47
CA THR D 265 -51.89 -51.52 64.62
C THR D 265 -51.01 -51.22 65.85
N GLY D 266 -51.60 -50.67 66.89
CA GLY D 266 -50.84 -50.34 68.09
C GLY D 266 -50.45 -48.87 68.07
N PRO D 267 -49.67 -48.42 69.06
CA PRO D 267 -49.37 -47.01 69.10
C PRO D 267 -48.15 -46.72 68.23
N CYS D 268 -47.60 -45.51 68.37
CA CYS D 268 -46.53 -45.05 67.52
C CYS D 268 -45.33 -45.99 67.48
N GLU D 269 -45.08 -46.70 68.57
CA GLU D 269 -43.89 -47.52 68.68
C GLU D 269 -43.90 -48.93 68.05
N SER D 270 -45.05 -49.42 67.58
CA SER D 270 -45.12 -50.78 66.99
C SER D 270 -44.35 -50.93 65.69
N ASN D 271 -43.78 -52.13 65.49
CA ASN D 271 -42.94 -52.41 64.33
C ASN D 271 -43.58 -52.42 62.91
N GLY D 272 -44.61 -53.20 62.56
CA GLY D 272 -44.96 -54.49 63.09
C GLY D 272 -44.61 -55.46 61.97
N ASP D 273 -45.25 -55.32 60.80
CA ASP D 273 -45.12 -56.30 59.66
C ASP D 273 -44.32 -55.84 58.42
N LYS D 274 -43.92 -56.81 57.59
CA LYS D 274 -43.12 -56.60 56.37
C LYS D 274 -41.86 -55.72 56.53
N GLY D 275 -41.21 -55.82 57.70
CA GLY D 275 -40.13 -54.93 58.11
C GLY D 275 -38.75 -55.27 57.60
N SER D 276 -38.54 -56.51 57.16
CA SER D 276 -37.21 -56.93 56.71
C SER D 276 -36.95 -56.51 55.26
N GLY D 277 -35.75 -55.99 55.01
CA GLY D 277 -35.41 -55.29 53.75
C GLY D 277 -35.65 -53.80 53.93
N GLY D 278 -35.31 -52.97 52.94
CA GLY D 278 -35.45 -51.53 53.08
C GLY D 278 -34.80 -50.75 51.95
N ILE D 279 -34.86 -49.41 52.05
CA ILE D 279 -34.30 -48.51 51.05
C ILE D 279 -33.85 -47.18 51.75
N LYS D 280 -32.81 -46.53 51.24
CA LYS D 280 -32.49 -45.17 51.72
C LYS D 280 -33.49 -44.17 51.17
N GLY D 281 -33.98 -43.30 52.06
CA GLY D 281 -35.10 -42.40 51.75
C GLY D 281 -34.80 -40.92 51.71
N GLY D 282 -35.42 -40.22 50.76
CA GLY D 282 -35.27 -38.77 50.67
C GLY D 282 -35.90 -38.00 51.81
N PHE D 283 -35.27 -36.89 52.21
CA PHE D 283 -35.75 -36.07 53.33
C PHE D 283 -35.00 -34.78 53.35
N VAL D 284 -35.74 -33.68 53.34
CA VAL D 284 -35.14 -32.35 53.38
C VAL D 284 -36.07 -31.35 54.14
N HIS D 285 -35.49 -30.29 54.69
CA HIS D 285 -36.24 -29.29 55.47
C HIS D 285 -36.50 -27.99 54.69
N GLN D 286 -37.67 -27.43 54.93
CA GLN D 286 -38.04 -26.12 54.47
C GLN D 286 -38.23 -25.26 55.73
N ARG D 287 -37.25 -24.40 56.01
CA ARG D 287 -37.27 -23.58 57.23
C ARG D 287 -37.83 -22.18 56.97
N MET D 288 -38.99 -21.92 57.60
CA MET D 288 -39.65 -20.63 57.52
C MET D 288 -39.63 -19.96 58.88
N ALA D 289 -39.95 -18.66 58.91
CA ALA D 289 -39.93 -17.84 60.12
C ALA D 289 -40.59 -18.50 61.35
N SER D 290 -41.87 -18.90 61.21
CA SER D 290 -42.61 -19.49 62.34
C SER D 290 -43.25 -20.81 62.02
N LYS D 291 -42.60 -21.59 61.16
CA LYS D 291 -43.20 -22.81 60.62
C LYS D 291 -42.04 -23.67 60.08
N ILE D 292 -42.20 -24.99 60.06
CA ILE D 292 -41.23 -25.87 59.40
C ILE D 292 -41.90 -26.94 58.53
N GLY D 293 -41.45 -27.05 57.28
CA GLY D 293 -41.95 -28.10 56.40
C GLY D 293 -41.00 -29.27 56.33
N ARG D 294 -41.53 -30.48 56.33
CA ARG D 294 -40.69 -31.67 56.18
C ARG D 294 -41.10 -32.35 54.88
N TRP D 295 -40.16 -32.43 53.94
CA TRP D 295 -40.41 -33.10 52.67
C TRP D 295 -39.79 -34.52 52.65
N TYR D 296 -40.53 -35.49 52.12
CA TYR D 296 -40.03 -36.86 52.09
C TYR D 296 -40.37 -37.50 50.77
N SER D 297 -39.70 -38.59 50.43
CA SER D 297 -40.03 -39.31 49.21
C SER D 297 -40.06 -40.82 49.44
N ARG D 298 -40.86 -41.52 48.65
CA ARG D 298 -40.91 -42.97 48.78
C ARG D 298 -41.32 -43.60 47.45
N THR D 299 -40.96 -44.86 47.27
CA THR D 299 -41.29 -45.54 46.03
C THR D 299 -42.78 -45.53 45.80
N MET D 300 -43.17 -45.64 44.55
CA MET D 300 -44.58 -45.71 44.19
C MET D 300 -45.13 -47.09 44.51
N SER D 301 -44.33 -48.10 44.20
CA SER D 301 -44.65 -49.48 44.51
C SER D 301 -44.34 -49.80 45.96
N LYS D 302 -45.18 -50.62 46.57
CA LYS D 302 -45.00 -51.04 47.95
C LYS D 302 -43.93 -52.12 48.16
N THR D 303 -43.59 -52.83 47.11
CA THR D 303 -42.75 -54.03 47.18
C THR D 303 -41.48 -53.83 46.39
N LYS D 304 -41.55 -52.98 45.37
CA LYS D 304 -40.44 -52.88 44.40
C LYS D 304 -39.80 -51.51 44.29
N ARG D 305 -38.62 -51.45 43.70
CA ARG D 305 -37.93 -50.17 43.57
C ARG D 305 -38.33 -49.46 42.25
N MET D 306 -39.60 -49.12 42.18
CA MET D 306 -40.20 -48.48 41.00
C MET D 306 -40.96 -47.24 41.42
N GLY D 307 -40.75 -46.16 40.71
CA GLY D 307 -41.44 -44.91 40.99
C GLY D 307 -40.86 -44.13 42.17
N MET D 308 -41.24 -42.85 42.27
CA MET D 308 -40.92 -42.07 43.45
C MET D 308 -41.93 -40.95 43.60
N GLY D 309 -42.64 -40.96 44.71
CA GLY D 309 -43.57 -39.88 45.05
C GLY D 309 -43.01 -38.93 46.09
N LEU D 310 -43.42 -37.66 46.03
CA LEU D 310 -42.98 -36.66 46.98
C LEU D 310 -44.09 -36.38 48.00
N TYR D 311 -43.76 -36.33 49.28
CA TYR D 311 -44.78 -36.09 50.30
C TYR D 311 -44.35 -34.95 51.23
N VAL D 312 -45.29 -34.32 51.93
CA VAL D 312 -45.00 -33.17 52.78
C VAL D 312 -45.88 -33.06 54.01
N LYS D 313 -45.31 -32.57 55.11
CA LYS D 313 -46.04 -32.22 56.33
C LYS D 313 -45.44 -31.01 57.05
N TYR D 314 -46.29 -30.09 57.47
CA TYR D 314 -45.82 -28.88 58.12
C TYR D 314 -45.98 -28.98 59.65
N ASP D 315 -44.95 -28.59 60.38
CA ASP D 315 -44.96 -28.67 61.85
C ASP D 315 -45.27 -30.03 62.48
N GLY D 316 -45.73 -30.02 63.73
CA GLY D 316 -45.95 -31.23 64.52
C GLY D 316 -44.66 -31.95 64.89
N ASP D 317 -44.81 -33.16 65.42
CA ASP D 317 -43.72 -33.98 65.91
C ASP D 317 -43.88 -35.33 65.23
N PRO D 318 -42.97 -35.68 64.30
CA PRO D 318 -43.01 -36.90 63.50
C PRO D 318 -42.93 -38.18 64.33
N TRP D 319 -42.44 -38.08 65.58
CA TRP D 319 -42.44 -39.22 66.52
C TRP D 319 -43.84 -39.61 67.03
N THR D 320 -44.77 -38.63 67.06
CA THR D 320 -46.09 -38.84 67.70
C THR D 320 -47.29 -38.59 66.79
N ASP D 321 -47.07 -37.92 65.66
CA ASP D 321 -48.13 -37.67 64.68
C ASP D 321 -48.47 -38.84 63.79
N SER D 322 -49.66 -39.39 63.96
CA SER D 322 -50.07 -40.51 63.15
C SER D 322 -50.77 -40.06 61.86
N ASP D 323 -51.06 -38.76 61.75
CA ASP D 323 -51.70 -38.19 60.56
C ASP D 323 -50.92 -38.62 59.30
N ALA D 324 -51.65 -38.85 58.19
CA ALA D 324 -51.07 -39.15 56.88
C ALA D 324 -50.31 -37.98 56.34
N LEU D 325 -49.16 -38.24 55.74
CA LEU D 325 -48.42 -37.25 54.94
C LEU D 325 -49.21 -36.88 53.66
N ALA D 326 -49.25 -35.58 53.34
CA ALA D 326 -49.87 -35.09 52.10
C ALA D 326 -49.04 -35.46 50.85
N LEU D 327 -49.66 -36.18 49.91
CA LEU D 327 -49.00 -36.54 48.68
C LEU D 327 -48.89 -35.31 47.79
N SER D 328 -47.67 -34.90 47.45
CA SER D 328 -47.41 -33.67 46.70
C SER D 328 -47.29 -33.87 45.19
N GLY D 329 -46.57 -34.90 44.76
CA GLY D 329 -46.54 -35.25 43.34
C GLY D 329 -45.77 -36.50 42.97
N VAL D 330 -45.96 -36.97 41.73
CA VAL D 330 -45.24 -38.13 41.22
C VAL D 330 -43.97 -37.63 40.51
N MET D 331 -42.80 -37.88 41.09
CA MET D 331 -41.51 -37.54 40.48
C MET D 331 -41.04 -38.59 39.47
N VAL D 332 -41.36 -39.85 39.72
CA VAL D 332 -40.96 -40.93 38.84
C VAL D 332 -42.13 -41.90 38.74
N SER D 333 -42.64 -42.11 37.53
CA SER D 333 -43.76 -43.03 37.35
C SER D 333 -43.38 -44.43 37.71
N MET D 334 -44.40 -45.22 38.07
CA MET D 334 -44.31 -46.65 38.37
C MET D 334 -43.59 -47.45 37.30
N GLU D 335 -43.47 -46.92 36.09
CA GLU D 335 -42.78 -47.61 35.01
C GLU D 335 -41.27 -47.29 34.93
N GLU D 336 -40.81 -46.32 35.74
CA GLU D 336 -39.39 -46.02 35.84
C GLU D 336 -38.77 -46.51 37.19
N PRO D 337 -37.46 -46.78 37.20
CA PRO D 337 -36.83 -47.24 38.47
C PRO D 337 -36.61 -46.13 39.50
N GLY D 338 -36.88 -46.46 40.76
CA GLY D 338 -36.77 -45.53 41.87
C GLY D 338 -36.05 -46.26 42.98
N TRP D 339 -34.76 -45.99 43.08
CA TRP D 339 -33.96 -46.59 44.09
C TRP D 339 -33.72 -45.61 45.25
N TYR D 340 -32.48 -45.49 45.73
CA TYR D 340 -32.18 -44.56 46.80
C TYR D 340 -32.67 -43.15 46.44
N SER D 341 -32.98 -42.37 47.48
CA SER D 341 -33.30 -40.96 47.36
C SER D 341 -32.68 -40.18 48.53
N PHE D 342 -32.46 -38.88 48.34
CA PHE D 342 -31.68 -38.11 49.32
C PHE D 342 -31.99 -36.60 49.28
N GLY D 343 -31.65 -35.91 50.38
CA GLY D 343 -31.86 -34.47 50.48
C GLY D 343 -30.58 -33.64 50.43
N PHE D 344 -30.71 -32.43 49.90
CA PHE D 344 -29.61 -31.49 49.94
C PHE D 344 -30.17 -30.08 49.78
N GLU D 345 -29.32 -29.08 49.93
CA GLU D 345 -29.76 -27.70 49.86
C GLU D 345 -28.76 -26.91 49.07
N ILE D 346 -29.26 -26.13 48.13
CA ILE D 346 -28.43 -25.25 47.32
C ILE D 346 -28.38 -23.86 47.98
N LYS D 347 -27.23 -23.21 47.94
CA LYS D 347 -27.08 -21.91 48.61
C LYS D 347 -27.30 -20.76 47.64
N ASP D 348 -28.46 -20.10 47.72
CA ASP D 348 -28.72 -18.88 46.95
C ASP D 348 -28.04 -17.69 47.71
N LYS D 349 -28.08 -16.49 47.14
CA LYS D 349 -27.36 -15.36 47.74
C LYS D 349 -27.65 -15.10 49.23
N LYS D 350 -28.92 -15.22 49.61
CA LYS D 350 -29.38 -14.90 50.98
C LYS D 350 -30.30 -15.94 51.65
N CYS D 351 -30.51 -17.07 50.97
CA CYS D 351 -31.39 -18.13 51.47
C CYS D 351 -31.05 -19.48 50.85
N ASP D 352 -31.58 -20.56 51.44
CA ASP D 352 -31.19 -21.92 51.07
C ASP D 352 -32.33 -22.62 50.34
N VAL D 353 -32.02 -23.41 49.33
CA VAL D 353 -33.08 -24.05 48.56
C VAL D 353 -33.12 -25.57 48.77
N PRO D 354 -34.15 -26.09 49.48
CA PRO D 354 -34.31 -27.52 49.66
C PRO D 354 -34.61 -28.29 48.37
N CYS D 355 -33.89 -29.40 48.21
CA CYS D 355 -34.01 -30.28 47.06
C CYS D 355 -33.99 -31.76 47.45
N ILE D 356 -34.63 -32.58 46.61
CA ILE D 356 -34.56 -34.04 46.72
C ILE D 356 -33.96 -34.60 45.45
N GLY D 357 -33.04 -35.54 45.58
CA GLY D 357 -32.44 -36.22 44.45
C GLY D 357 -32.83 -37.67 44.43
N ILE D 358 -32.84 -38.30 43.25
CA ILE D 358 -33.31 -39.69 43.13
C ILE D 358 -32.38 -40.53 42.25
N GLU D 359 -31.86 -41.60 42.84
CA GLU D 359 -31.06 -42.58 42.13
C GLU D 359 -31.94 -43.47 41.30
N MET D 360 -31.65 -43.57 40.02
CA MET D 360 -32.56 -44.22 39.09
C MET D 360 -31.75 -45.32 38.39
N VAL D 361 -31.78 -46.49 38.98
CA VAL D 361 -30.83 -47.52 38.62
C VAL D 361 -31.21 -48.26 37.35
N HIS D 362 -30.24 -48.43 36.44
CA HIS D 362 -30.37 -49.29 35.29
C HIS D 362 -30.05 -50.72 35.72
N ASP D 363 -31.09 -51.49 36.04
CA ASP D 363 -30.93 -52.86 36.49
C ASP D 363 -31.36 -53.90 35.47
N GLY D 364 -30.41 -54.67 34.99
CA GLY D 364 -30.67 -55.77 34.07
C GLY D 364 -30.09 -57.07 34.56
N GLY D 365 -29.87 -57.19 35.87
CA GLY D 365 -29.31 -58.39 36.45
C GLY D 365 -27.81 -58.47 36.48
N LYS D 366 -27.29 -59.60 36.97
CA LYS D 366 -25.83 -59.73 37.14
C LYS D 366 -25.04 -59.97 35.84
N GLU D 367 -25.74 -60.27 34.75
CA GLU D 367 -25.09 -60.65 33.49
C GLU D 367 -24.74 -59.46 32.60
N THR D 368 -25.07 -58.27 33.04
CA THR D 368 -24.75 -57.07 32.26
C THR D 368 -24.38 -55.94 33.21
N TRP D 369 -24.20 -54.72 32.69
CA TRP D 369 -23.76 -53.61 33.56
C TRP D 369 -24.83 -53.13 34.58
N HIS D 370 -24.38 -52.51 35.65
CA HIS D 370 -25.28 -52.02 36.67
C HIS D 370 -24.88 -50.61 37.05
N SER D 371 -25.71 -49.63 36.74
CA SER D 371 -25.39 -48.24 37.09
C SER D 371 -26.66 -47.42 37.35
N ALA D 372 -26.56 -46.09 37.37
CA ALA D 372 -27.71 -45.25 37.75
C ALA D 372 -27.68 -43.85 37.17
N ALA D 373 -28.85 -43.33 36.82
CA ALA D 373 -28.99 -41.92 36.55
C ALA D 373 -29.30 -41.20 37.86
N THR D 374 -29.37 -39.86 37.84
CA THR D 374 -29.72 -39.05 39.01
C THR D 374 -30.70 -37.91 38.64
N ALA D 375 -31.92 -37.96 39.20
CA ALA D 375 -32.95 -36.90 38.93
C ALA D 375 -33.04 -35.95 40.12
N ILE D 376 -33.17 -34.65 39.84
CA ILE D 376 -33.18 -33.63 40.89
C ILE D 376 -34.48 -32.79 40.94
N TYR D 377 -35.13 -32.76 42.10
CA TYR D 377 -36.33 -31.94 42.32
C TYR D 377 -36.08 -30.88 43.39
N CYS D 378 -36.45 -29.62 43.14
CA CYS D 378 -36.20 -28.55 44.13
C CYS D 378 -37.43 -27.67 44.36
N LEU D 379 -37.53 -27.12 45.56
CA LEU D 379 -38.53 -26.13 45.90
C LEU D 379 -38.40 -24.90 45.02
N MET D 380 -39.42 -24.61 44.21
CA MET D 380 -39.39 -23.43 43.35
C MET D 380 -40.79 -22.94 42.98
N GLY D 381 -41.09 -21.72 43.40
CA GLY D 381 -42.37 -21.03 43.10
C GLY D 381 -43.56 -21.58 43.88
N SER D 382 -44.76 -21.37 43.35
CA SER D 382 -45.98 -21.86 43.96
C SER D 382 -46.77 -22.79 42.99
N GLY D 383 -47.88 -23.38 43.45
CA GLY D 383 -48.67 -24.33 42.64
C GLY D 383 -48.54 -25.80 43.03
N GLN D 384 -48.63 -26.69 42.05
CA GLN D 384 -48.41 -28.14 42.27
C GLN D 384 -47.31 -28.69 41.41
N LEU D 385 -46.61 -29.71 41.90
CA LEU D 385 -45.57 -30.39 41.11
C LEU D 385 -46.13 -30.87 39.72
N LEU D 386 -45.44 -30.51 38.64
CA LEU D 386 -45.97 -30.71 37.28
C LEU D 386 -45.45 -31.89 36.44
N TRP D 387 -44.16 -32.26 36.49
CA TRP D 387 -43.69 -33.29 35.55
C TRP D 387 -42.79 -34.35 36.16
N ASP D 388 -42.85 -35.56 35.60
CA ASP D 388 -42.05 -36.68 36.04
C ASP D 388 -40.73 -36.81 35.24
N THR D 389 -39.89 -37.75 35.68
CA THR D 389 -38.58 -37.97 35.06
C THR D 389 -38.43 -39.40 34.54
N VAL D 390 -37.92 -39.54 33.32
CA VAL D 390 -37.51 -40.83 32.75
C VAL D 390 -35.98 -40.78 32.48
N THR D 391 -35.29 -41.94 32.46
CA THR D 391 -33.86 -41.94 32.21
C THR D 391 -33.54 -41.84 30.72
N GLY D 392 -34.40 -42.45 29.91
CA GLY D 392 -34.26 -42.39 28.45
C GLY D 392 -33.40 -43.51 27.93
N VAL D 393 -32.82 -44.28 28.85
CA VAL D 393 -31.81 -45.29 28.51
C VAL D 393 -32.39 -46.68 28.19
N ASP D 394 -31.97 -47.20 27.04
CA ASP D 394 -32.24 -48.58 26.65
C ASP D 394 -30.98 -49.44 26.91
N MET D 395 -31.08 -50.40 27.80
CA MET D 395 -29.91 -51.15 28.32
C MET D 395 -29.32 -52.15 27.33
N ALA D 396 -30.03 -52.40 26.22
CA ALA D 396 -29.52 -53.23 25.12
C ALA D 396 -28.43 -52.55 24.24
N LEU D 397 -28.40 -51.21 24.26
CA LEU D 397 -27.56 -50.43 23.34
C LEU D 397 -26.10 -50.32 23.78
N PRO E 9 11.71 5.23 -38.07
CA PRO E 9 13.01 5.31 -37.42
C PRO E 9 13.33 4.05 -36.61
N GLU E 10 14.60 3.90 -36.21
CA GLU E 10 15.12 2.67 -35.62
C GLU E 10 15.98 2.96 -34.37
N TRP E 11 16.36 1.91 -33.62
CA TRP E 11 17.25 2.06 -32.44
C TRP E 11 18.65 2.48 -32.87
N THR E 12 19.26 3.35 -32.08
CA THR E 12 20.61 3.76 -32.38
C THR E 12 21.63 3.01 -31.52
N TYR E 13 22.86 2.97 -32.04
CA TYR E 13 23.98 2.28 -31.46
C TYR E 13 25.19 3.24 -31.59
N PRO E 14 26.22 3.09 -30.70
CA PRO E 14 27.44 3.90 -30.92
C PRO E 14 28.18 3.45 -32.19
N ARG E 15 28.71 4.39 -32.97
CA ARG E 15 29.51 4.04 -34.16
C ARG E 15 30.95 4.48 -33.98
N LEU E 16 31.75 4.27 -35.04
CA LEU E 16 33.11 4.78 -35.08
C LEU E 16 33.05 6.29 -35.06
N SER E 17 33.95 6.90 -34.30
CA SER E 17 34.07 8.34 -34.27
C SER E 17 34.47 8.90 -35.63
N CYS E 18 34.13 10.17 -35.87
CA CYS E 18 34.57 10.84 -37.08
C CYS E 18 36.10 11.00 -37.02
N PRO E 19 36.76 11.19 -38.19
CA PRO E 19 38.22 11.46 -38.22
C PRO E 19 38.62 12.72 -37.47
N GLY E 20 39.77 12.68 -36.79
CA GLY E 20 40.33 13.84 -36.08
C GLY E 20 41.39 13.41 -35.08
N SER E 21 42.26 14.34 -34.70
CA SER E 21 43.23 14.05 -33.66
C SER E 21 43.41 15.18 -32.62
N THR E 22 42.57 16.22 -32.72
CA THR E 22 42.55 17.29 -31.72
C THR E 22 41.15 17.86 -31.53
N PHE E 23 40.87 18.33 -30.31
CA PHE E 23 39.67 19.10 -30.07
C PHE E 23 39.90 20.56 -30.41
N GLN E 24 38.84 21.27 -30.74
CA GLN E 24 38.88 22.75 -30.94
C GLN E 24 37.66 23.42 -30.30
N LYS E 25 37.78 24.72 -30.03
CA LYS E 25 36.68 25.53 -29.52
C LYS E 25 35.56 25.59 -30.54
N ALA E 26 34.36 25.14 -30.14
CA ALA E 26 33.22 25.10 -31.07
C ALA E 26 32.19 26.23 -30.87
N LEU E 27 31.69 26.39 -29.66
CA LEU E 27 30.53 27.23 -29.45
C LEU E 27 30.35 27.65 -28.00
N LEU E 28 29.94 28.89 -27.79
CA LEU E 28 29.65 29.40 -26.44
C LEU E 28 28.18 29.78 -26.27
N ILE E 29 27.56 29.27 -25.21
CA ILE E 29 26.21 29.66 -24.85
C ILE E 29 26.27 30.51 -23.56
N SER E 30 26.35 31.83 -23.71
CA SER E 30 26.41 32.73 -22.55
C SER E 30 25.14 33.60 -22.43
N PRO E 31 24.09 33.02 -21.84
CA PRO E 31 22.81 33.69 -21.87
C PRO E 31 22.84 34.97 -21.07
N HIS E 32 23.76 35.06 -20.12
CA HIS E 32 23.84 36.21 -19.23
C HIS E 32 24.55 37.42 -19.82
N ARG E 33 25.11 37.28 -21.01
CA ARG E 33 25.47 38.44 -21.84
C ARG E 33 24.25 39.35 -22.17
N PHE E 34 23.05 38.86 -21.88
CA PHE E 34 21.83 39.59 -22.21
C PHE E 34 21.01 39.87 -20.97
N GLY E 35 21.58 39.65 -19.78
CA GLY E 35 20.83 39.89 -18.56
C GLY E 35 21.04 41.22 -17.85
N GLU E 36 21.48 42.24 -18.56
CA GLU E 36 21.70 43.57 -17.92
C GLU E 36 20.40 44.20 -17.44
N THR E 37 20.48 45.09 -16.46
CA THR E 37 19.36 45.96 -16.08
C THR E 37 18.94 46.76 -17.30
N LYS E 38 19.92 47.29 -18.02
CA LYS E 38 19.70 48.17 -19.16
C LYS E 38 19.22 47.42 -20.43
N GLY E 39 19.17 46.09 -20.37
CA GLY E 39 18.74 45.27 -21.51
C GLY E 39 17.26 44.87 -21.44
N ASN E 40 16.80 44.11 -22.43
CA ASN E 40 15.40 43.71 -22.49
C ASN E 40 15.23 42.19 -22.63
N SER E 41 16.05 41.40 -21.95
CA SER E 41 15.99 39.95 -22.10
C SER E 41 15.80 39.23 -20.78
N ALA E 42 15.55 37.93 -20.90
CA ALA E 42 15.18 37.09 -19.77
C ALA E 42 15.86 35.70 -19.79
N PRO E 43 17.22 35.68 -19.74
CA PRO E 43 17.93 34.42 -19.59
C PRO E 43 17.52 33.76 -18.29
N LEU E 44 17.28 32.46 -18.33
CA LEU E 44 17.00 31.67 -17.13
C LEU E 44 18.21 31.50 -16.21
N ILE E 45 17.97 31.62 -14.89
CA ILE E 45 18.96 31.28 -13.86
C ILE E 45 19.06 29.75 -13.70
N ILE E 46 20.24 29.22 -14.02
CA ILE E 46 20.49 27.78 -14.07
C ILE E 46 21.83 27.36 -13.44
N ARG E 47 21.98 26.05 -13.24
CA ARG E 47 23.25 25.35 -12.95
C ARG E 47 23.17 23.89 -13.53
N GLU E 48 24.24 23.11 -13.39
CA GLU E 48 24.25 21.74 -13.90
C GLU E 48 23.76 21.63 -15.33
N PRO E 49 24.39 22.34 -16.27
CA PRO E 49 24.00 22.12 -17.65
C PRO E 49 24.61 20.87 -18.23
N PHE E 50 24.09 20.42 -19.38
CA PHE E 50 24.62 19.31 -20.13
C PHE E 50 23.98 19.22 -21.46
N ILE E 51 24.57 18.42 -22.36
CA ILE E 51 24.06 18.30 -23.70
C ILE E 51 23.84 16.82 -24.06
N ALA E 52 22.86 16.56 -24.91
CA ALA E 52 22.56 15.21 -25.39
C ALA E 52 21.99 15.32 -26.78
N CYS E 53 22.38 14.41 -27.65
CA CYS E 53 21.99 14.50 -29.05
C CYS E 53 21.26 13.27 -29.56
N GLY E 54 20.29 13.51 -30.44
CA GLY E 54 19.60 12.44 -31.17
C GLY E 54 20.10 12.44 -32.61
N PRO E 55 19.43 11.67 -33.49
CA PRO E 55 19.86 11.58 -34.90
C PRO E 55 19.71 12.88 -35.72
N LYS E 56 18.88 13.82 -35.27
CA LYS E 56 18.73 15.09 -35.98
C LYS E 56 18.99 16.37 -35.14
N GLU E 57 18.89 16.27 -33.81
CA GLU E 57 18.90 17.45 -32.93
C GLU E 57 19.80 17.23 -31.70
N CYS E 58 20.53 18.28 -31.30
CA CYS E 58 21.18 18.30 -29.97
C CYS E 58 20.43 19.27 -29.07
N LYS E 59 20.13 18.82 -27.85
CA LYS E 59 19.41 19.63 -26.86
C LYS E 59 20.34 19.96 -25.72
N HIS E 60 20.22 21.19 -25.23
CA HIS E 60 21.04 21.74 -24.18
C HIS E 60 20.15 21.78 -22.99
N PHE E 61 20.43 20.94 -22.00
CA PHE E 61 19.65 20.84 -20.76
C PHE E 61 20.30 21.64 -19.63
N ALA E 62 19.51 21.94 -18.60
CA ALA E 62 19.98 22.56 -17.37
C ALA E 62 18.90 22.46 -16.28
N LEU E 63 19.35 22.61 -15.02
CA LEU E 63 18.46 22.69 -13.90
C LEU E 63 18.25 24.15 -13.50
N THR E 64 17.08 24.70 -13.84
CA THR E 64 16.75 26.10 -13.47
C THR E 64 16.24 26.28 -12.02
N HIS E 65 16.37 27.49 -11.46
CA HIS E 65 15.73 27.83 -10.17
C HIS E 65 14.43 28.58 -10.45
N TYR E 66 13.91 28.46 -11.68
CA TYR E 66 12.60 29.01 -12.04
C TYR E 66 12.56 30.51 -11.83
N ALA E 67 13.64 31.17 -12.23
CA ALA E 67 13.82 32.60 -12.02
C ALA E 67 14.69 33.08 -13.15
N ALA E 68 14.68 34.39 -13.42
CA ALA E 68 15.38 34.95 -14.56
C ALA E 68 16.17 36.18 -14.15
N GLN E 69 17.13 36.57 -15.02
CA GLN E 69 17.96 37.77 -14.79
C GLN E 69 17.75 38.81 -15.91
N PRO E 70 17.38 40.06 -15.56
CA PRO E 70 17.11 40.56 -14.21
C PRO E 70 15.79 40.07 -13.63
N GLY E 71 15.70 40.11 -12.32
CA GLY E 71 14.48 39.71 -11.61
C GLY E 71 14.67 39.91 -10.10
N GLY E 72 13.70 39.42 -9.32
CA GLY E 72 13.72 39.62 -7.89
C GLY E 72 13.63 38.33 -7.11
N TYR E 73 14.04 37.22 -7.74
CA TYR E 73 14.10 35.92 -7.03
C TYR E 73 15.52 35.33 -6.85
N TYR E 74 16.52 36.21 -6.82
CA TYR E 74 17.92 35.82 -6.64
C TYR E 74 18.17 35.07 -5.33
N ASN E 75 17.58 35.52 -4.23
CA ASN E 75 17.73 34.76 -2.97
C ASN E 75 17.36 33.24 -3.12
N GLY E 76 18.35 32.37 -2.88
CA GLY E 76 18.16 30.91 -2.97
C GLY E 76 18.81 30.27 -4.20
N THR E 77 19.39 31.07 -5.09
CA THR E 77 19.86 30.53 -6.36
C THR E 77 21.22 29.87 -6.23
N ARG E 78 21.91 30.11 -5.11
CA ARG E 78 23.12 29.32 -4.72
C ARG E 78 22.84 27.94 -4.09
N GLY E 79 21.63 27.73 -3.59
CA GLY E 79 21.22 26.47 -3.00
C GLY E 79 21.13 25.36 -4.03
N ASP E 80 21.16 24.12 -3.56
CA ASP E 80 21.21 22.96 -4.45
C ASP E 80 19.86 22.36 -4.81
N ARG E 81 18.99 22.26 -3.82
CA ARG E 81 17.67 21.65 -3.97
C ARG E 81 16.58 22.56 -3.36
N ASN E 82 15.45 22.69 -4.05
CA ASN E 82 14.20 23.28 -3.50
C ASN E 82 13.01 22.78 -4.33
N LYS E 83 11.81 23.24 -3.98
CA LYS E 83 10.58 22.82 -4.62
C LYS E 83 10.26 23.50 -5.96
N LEU E 84 11.08 24.46 -6.40
CA LEU E 84 10.84 25.17 -7.70
C LEU E 84 11.74 24.70 -8.86
N ARG E 85 12.88 24.17 -8.50
CA ARG E 85 13.85 23.64 -9.45
C ARG E 85 13.21 22.73 -10.55
N HIS E 86 13.61 22.95 -11.80
CA HIS E 86 13.04 22.22 -12.93
C HIS E 86 14.07 21.85 -13.99
N LEU E 87 13.86 20.71 -14.65
CA LEU E 87 14.69 20.36 -15.81
C LEU E 87 14.11 21.09 -17.03
N ILE E 88 14.96 21.85 -17.71
CA ILE E 88 14.57 22.60 -18.90
C ILE E 88 15.55 22.28 -20.06
N SER E 89 15.13 22.62 -21.29
CA SER E 89 15.97 22.48 -22.45
C SER E 89 15.65 23.47 -23.57
N VAL E 90 16.66 23.72 -24.41
CA VAL E 90 16.50 24.33 -25.70
C VAL E 90 17.31 23.54 -26.75
N LYS E 91 16.98 23.78 -28.00
CA LYS E 91 17.76 23.27 -29.10
C LYS E 91 19.15 23.93 -28.99
N LEU E 92 20.20 23.12 -29.08
CA LEU E 92 21.55 23.65 -28.89
C LEU E 92 21.78 24.73 -29.91
N GLY E 93 22.20 25.90 -29.44
CA GLY E 93 22.38 27.06 -30.32
C GLY E 93 21.42 28.21 -30.03
N LYS E 94 20.33 27.92 -29.32
CA LYS E 94 19.37 28.91 -28.86
C LYS E 94 19.71 29.34 -27.44
N ILE E 95 19.50 30.62 -27.15
CA ILE E 95 19.65 31.14 -25.79
C ILE E 95 18.50 30.64 -24.90
N PRO E 96 18.81 29.97 -23.76
CA PRO E 96 17.72 29.54 -22.87
C PRO E 96 17.15 30.72 -22.04
N THR E 97 16.13 31.36 -22.62
CA THR E 97 15.40 32.44 -21.99
C THR E 97 14.07 31.85 -21.56
N VAL E 98 13.22 32.67 -20.92
CA VAL E 98 11.92 32.20 -20.42
C VAL E 98 11.08 31.64 -21.58
N GLU E 99 11.08 32.36 -22.71
CA GLU E 99 10.19 31.99 -23.80
C GLU E 99 10.78 30.86 -24.67
N ASN E 100 12.09 30.87 -24.83
CA ASN E 100 12.74 29.91 -25.69
C ASN E 100 12.75 28.50 -25.13
N SER E 101 12.86 28.39 -23.80
CA SER E 101 12.95 27.08 -23.12
C SER E 101 11.64 26.33 -23.08
N ILE E 102 11.73 25.03 -22.78
CA ILE E 102 10.60 24.17 -22.43
C ILE E 102 10.94 23.54 -21.08
N PHE E 103 9.93 23.48 -20.21
CA PHE E 103 10.02 22.92 -18.87
C PHE E 103 9.52 21.48 -18.92
N HIS E 104 10.42 20.51 -18.68
CA HIS E 104 10.11 19.08 -18.77
C HIS E 104 9.45 18.50 -17.53
N MET E 105 10.08 18.74 -16.36
CA MET E 105 9.58 18.27 -15.06
C MET E 105 10.28 18.92 -13.88
N ALA E 106 9.63 18.91 -12.72
CA ALA E 106 10.27 19.35 -11.49
C ALA E 106 11.44 18.43 -11.24
N ALA E 107 12.58 19.01 -10.84
CA ALA E 107 13.81 18.25 -10.60
C ALA E 107 14.91 19.11 -10.03
N TRP E 108 15.64 18.57 -9.05
CA TRP E 108 16.89 19.21 -8.65
C TRP E 108 18.12 18.32 -8.91
N SER E 109 17.94 17.32 -9.76
CA SER E 109 19.02 16.48 -10.30
C SER E 109 18.45 15.85 -11.57
N GLY E 110 19.19 15.81 -12.67
CA GLY E 110 18.61 15.36 -13.92
C GLY E 110 19.51 14.58 -14.87
N SER E 111 18.92 14.12 -15.97
CA SER E 111 19.64 13.46 -17.05
C SER E 111 18.66 13.30 -18.20
N ALA E 112 19.16 12.96 -19.38
CA ALA E 112 18.31 12.75 -20.54
C ALA E 112 19.11 12.04 -21.61
N CYS E 113 18.42 11.37 -22.53
CA CYS E 113 19.02 10.65 -23.65
C CYS E 113 17.97 10.20 -24.69
N HIS E 114 18.42 10.12 -25.93
CA HIS E 114 17.60 9.70 -27.07
C HIS E 114 17.95 8.27 -27.48
N ASP E 115 16.94 7.43 -27.68
CA ASP E 115 17.20 6.00 -27.98
C ASP E 115 17.16 5.68 -29.49
N GLY E 116 16.89 6.70 -30.28
CA GLY E 116 16.78 6.56 -31.73
C GLY E 116 15.38 6.83 -32.21
N LYS E 117 14.42 6.58 -31.32
CA LYS E 117 12.99 6.80 -31.59
C LYS E 117 12.44 7.99 -30.82
N GLU E 118 12.95 8.18 -29.60
CA GLU E 118 12.33 9.10 -28.66
C GLU E 118 13.24 9.51 -27.50
N TRP E 119 13.00 10.71 -26.98
CA TRP E 119 13.66 11.26 -25.81
C TRP E 119 13.15 10.64 -24.51
N THR E 120 14.10 10.29 -23.64
CA THR E 120 13.83 9.93 -22.25
C THR E 120 14.36 11.04 -21.38
N TYR E 121 13.55 11.51 -20.44
CA TYR E 121 13.97 12.60 -19.53
C TYR E 121 13.94 12.10 -18.09
N ILE E 122 14.98 12.44 -17.33
CA ILE E 122 15.12 11.95 -15.98
C ILE E 122 15.29 13.08 -15.00
N GLY E 123 14.49 13.08 -13.95
CA GLY E 123 14.58 14.15 -12.94
C GLY E 123 14.22 13.65 -11.54
N VAL E 124 15.01 14.05 -10.57
CA VAL E 124 14.84 13.64 -9.18
C VAL E 124 14.42 14.84 -8.36
N ASP E 125 13.38 14.67 -7.57
CA ASP E 125 12.99 15.67 -6.56
C ASP E 125 12.48 14.94 -5.33
N GLY E 126 11.87 15.66 -4.41
CA GLY E 126 11.36 15.04 -3.18
C GLY E 126 12.21 15.45 -2.00
N PRO E 127 11.79 15.09 -0.78
CA PRO E 127 12.57 15.51 0.39
C PRO E 127 13.91 14.78 0.54
N GLU E 128 14.79 15.40 1.34
CA GLU E 128 16.12 14.90 1.65
C GLU E 128 16.16 13.40 1.92
N ASN E 129 15.30 12.96 2.82
CA ASN E 129 15.43 11.62 3.37
C ASN E 129 14.61 10.60 2.60
N ASN E 130 14.06 11.03 1.47
CA ASN E 130 13.19 10.16 0.67
C ASN E 130 12.86 10.71 -0.70
N ALA E 131 13.88 11.23 -1.38
CA ALA E 131 13.75 11.74 -2.74
C ALA E 131 13.27 10.68 -3.71
N LEU E 132 12.93 11.13 -4.93
CA LEU E 132 12.26 10.28 -5.91
C LEU E 132 12.69 10.56 -7.36
N LEU E 133 13.15 9.53 -8.04
CA LEU E 133 13.60 9.67 -9.41
C LEU E 133 12.40 9.44 -10.32
N LYS E 134 12.20 10.36 -11.26
CA LYS E 134 11.04 10.32 -12.13
C LYS E 134 11.46 10.25 -13.60
N ILE E 135 10.75 9.42 -14.36
CA ILE E 135 11.11 9.15 -15.76
C ILE E 135 9.98 9.56 -16.67
N LYS E 136 10.32 10.22 -17.78
CA LYS E 136 9.34 10.74 -18.73
C LYS E 136 9.78 10.36 -20.14
N TYR E 137 8.90 9.70 -20.88
CA TYR E 137 9.21 9.25 -22.26
C TYR E 137 8.40 10.06 -23.31
N GLY E 138 9.06 10.94 -24.02
CA GLY E 138 8.33 11.91 -24.85
C GLY E 138 7.52 12.82 -23.94
N GLU E 139 6.20 12.68 -23.98
CA GLU E 139 5.32 13.56 -23.22
C GLU E 139 4.79 12.93 -21.96
N ALA E 140 4.83 11.62 -21.92
CA ALA E 140 4.28 10.83 -20.84
C ALA E 140 5.25 10.57 -19.66
N TYR E 141 4.76 10.77 -18.44
CA TYR E 141 5.39 10.27 -17.23
C TYR E 141 5.16 8.77 -17.14
N THR E 142 6.25 7.98 -17.07
CA THR E 142 6.17 6.51 -17.21
C THR E 142 6.65 5.60 -16.04
N ASP E 143 7.49 6.10 -15.14
CA ASP E 143 8.06 5.28 -14.03
C ASP E 143 8.75 6.12 -12.94
N THR E 144 9.01 5.50 -11.79
CA THR E 144 9.85 6.08 -10.71
C THR E 144 10.74 5.05 -10.05
N TYR E 145 11.76 5.54 -9.36
CA TYR E 145 12.65 4.72 -8.53
C TYR E 145 12.78 5.42 -7.20
N HIS E 146 12.80 4.65 -6.14
CA HIS E 146 12.78 5.17 -4.79
C HIS E 146 14.16 5.28 -4.16
N SER E 147 14.34 6.24 -3.28
CA SER E 147 15.55 6.34 -2.48
C SER E 147 15.80 5.01 -1.76
N TYR E 148 17.05 4.55 -1.77
CA TYR E 148 17.44 3.28 -1.09
C TYR E 148 18.47 3.42 0.04
N ALA E 149 18.96 4.63 0.28
CA ALA E 149 19.83 4.90 1.42
C ALA E 149 19.33 6.11 2.21
N ASN E 150 18.16 6.60 1.81
CA ASN E 150 17.50 7.69 2.52
C ASN E 150 18.34 8.94 2.76
N ASN E 151 19.15 9.34 1.76
CA ASN E 151 19.95 10.55 1.86
C ASN E 151 20.29 11.12 0.50
N ILE E 152 19.36 11.95 0.01
CA ILE E 152 19.51 12.65 -1.28
C ILE E 152 19.79 11.69 -2.45
N LEU E 153 18.84 10.82 -2.75
CA LEU E 153 18.83 10.13 -4.05
C LEU E 153 19.11 11.13 -5.18
N ARG E 154 20.00 10.72 -6.10
CA ARG E 154 20.80 11.64 -6.93
C ARG E 154 21.12 10.98 -8.29
N THR E 155 21.28 11.80 -9.35
CA THR E 155 21.72 11.24 -10.63
C THR E 155 22.92 11.97 -11.31
N GLN E 156 23.16 11.71 -12.60
CA GLN E 156 24.41 12.09 -13.28
C GLN E 156 24.71 13.57 -13.54
N GLU E 157 23.65 14.36 -13.74
N GLU E 157 23.65 14.36 -13.74
CA GLU E 157 23.77 15.73 -14.30
CA GLU E 157 23.73 15.73 -14.28
C GLU E 157 24.37 15.72 -15.68
C GLU E 157 24.36 15.72 -15.69
N SER E 158 24.18 14.60 -16.40
CA SER E 158 24.63 14.49 -17.79
C SER E 158 23.90 13.35 -18.55
N ALA E 159 24.21 13.26 -19.84
CA ALA E 159 23.47 12.40 -20.76
C ALA E 159 23.51 10.94 -20.35
N CYS E 160 22.36 10.27 -20.29
CA CYS E 160 22.38 8.81 -20.19
C CYS E 160 22.81 8.24 -21.55
N ASN E 161 22.80 6.91 -21.69
CA ASN E 161 23.37 6.28 -22.87
C ASN E 161 22.53 5.13 -23.31
N CYS E 162 22.04 5.16 -24.56
CA CYS E 162 21.11 4.14 -25.06
C CYS E 162 21.72 3.27 -26.14
N ILE E 163 21.45 1.98 -26.05
CA ILE E 163 21.87 1.04 -27.10
C ILE E 163 20.75 0.03 -27.36
N GLY E 164 20.44 -0.19 -28.63
CA GLY E 164 19.38 -1.14 -29.01
C GLY E 164 18.10 -0.90 -28.24
N GLY E 165 17.89 0.35 -27.86
CA GLY E 165 16.67 0.77 -27.14
C GLY E 165 16.74 0.65 -25.64
N ASN E 166 17.84 0.09 -25.13
CA ASN E 166 18.08 0.02 -23.70
C ASN E 166 18.94 1.19 -23.21
N CYS E 167 18.39 2.02 -22.34
CA CYS E 167 19.15 3.18 -21.81
C CYS E 167 19.69 2.90 -20.40
N TYR E 168 20.96 3.22 -20.19
CA TYR E 168 21.64 2.98 -18.92
C TYR E 168 21.89 4.26 -18.15
N LEU E 169 21.51 4.28 -16.87
CA LEU E 169 21.61 5.46 -16.03
C LEU E 169 22.28 5.18 -14.66
N MET E 170 23.23 6.01 -14.24
CA MET E 170 23.81 5.94 -12.92
C MET E 170 23.00 6.75 -11.98
N ILE E 171 22.82 6.20 -10.78
CA ILE E 171 22.25 6.91 -9.64
C ILE E 171 23.12 6.64 -8.42
N THR E 172 22.93 7.47 -7.39
CA THR E 172 23.52 7.23 -6.08
C THR E 172 22.64 7.76 -4.95
N ASP E 173 22.97 7.33 -3.73
CA ASP E 173 22.22 7.68 -2.57
C ASP E 173 23.15 7.49 -1.34
N GLY E 174 23.06 8.37 -0.36
CA GLY E 174 23.98 8.24 0.75
C GLY E 174 24.55 9.58 1.17
N SER E 175 25.51 9.54 2.08
CA SER E 175 26.01 10.77 2.65
C SER E 175 27.07 11.35 1.72
N ALA E 176 26.96 12.65 1.42
CA ALA E 176 27.94 13.35 0.61
C ALA E 176 29.30 13.35 1.32
N SER E 177 29.31 13.08 2.62
CA SER E 177 30.52 13.02 3.43
C SER E 177 31.00 11.60 3.76
N GLY E 178 30.20 10.58 3.45
CA GLY E 178 30.51 9.23 3.91
C GLY E 178 30.26 8.28 2.77
N ILE E 179 29.56 7.17 3.05
CA ILE E 179 29.35 6.14 2.06
C ILE E 179 28.23 6.58 1.15
N SER E 180 28.46 6.49 -0.17
CA SER E 180 27.40 6.63 -1.18
C SER E 180 27.61 5.62 -2.29
N GLU E 181 26.97 4.47 -2.16
CA GLU E 181 27.17 3.36 -3.07
C GLU E 181 26.18 3.42 -4.23
N CYS E 182 26.69 3.61 -5.45
CA CYS E 182 25.86 3.87 -6.63
C CYS E 182 25.23 2.60 -7.24
N ARG E 183 24.17 2.75 -8.02
CA ARG E 183 23.59 1.69 -8.81
C ARG E 183 23.42 2.16 -10.25
N PHE E 184 23.08 1.25 -11.14
CA PHE E 184 22.72 1.61 -12.49
C PHE E 184 21.34 1.09 -12.84
N LEU E 185 20.55 1.94 -13.52
CA LEU E 185 19.23 1.54 -14.01
C LEU E 185 19.30 1.27 -15.51
N LYS E 186 18.62 0.20 -15.95
CA LYS E 186 18.48 -0.14 -17.35
C LYS E 186 17.04 0.15 -17.69
N ILE E 187 16.82 1.08 -18.63
CA ILE E 187 15.49 1.64 -18.88
C ILE E 187 15.10 1.42 -20.34
N ARG E 188 13.87 0.96 -20.56
CA ARG E 188 13.36 0.74 -21.91
C ARG E 188 12.01 1.42 -22.16
N GLU E 189 11.97 2.27 -23.17
CA GLU E 189 10.77 3.03 -23.51
C GLU E 189 10.13 3.63 -22.23
N GLY E 190 10.97 4.22 -21.38
CA GLY E 190 10.58 4.97 -20.19
C GLY E 190 10.37 4.15 -18.95
N ARG E 191 10.57 2.83 -19.07
CA ARG E 191 10.34 1.94 -17.92
C ARG E 191 11.57 1.16 -17.50
N ILE E 192 11.71 0.92 -16.20
CA ILE E 192 12.88 0.27 -15.66
C ILE E 192 12.79 -1.25 -15.77
N ILE E 193 13.74 -1.86 -16.46
CA ILE E 193 13.62 -3.31 -16.64
C ILE E 193 14.71 -4.14 -15.93
N LYS E 194 15.70 -3.46 -15.35
CA LYS E 194 16.70 -4.08 -14.51
C LYS E 194 17.44 -3.09 -13.60
N GLU E 195 17.73 -3.51 -12.38
CA GLU E 195 18.66 -2.80 -11.49
C GLU E 195 19.97 -3.56 -11.58
N ILE E 196 21.08 -2.82 -11.65
CA ILE E 196 22.40 -3.39 -11.74
C ILE E 196 23.18 -2.90 -10.54
N PHE E 197 23.74 -3.84 -9.77
CA PHE E 197 24.53 -3.50 -8.58
C PHE E 197 26.01 -3.72 -8.87
N PRO E 198 26.81 -2.62 -8.90
CA PRO E 198 28.22 -2.75 -9.23
C PRO E 198 28.99 -3.49 -8.15
N THR E 199 30.11 -4.11 -8.53
CA THR E 199 31.02 -4.80 -7.61
C THR E 199 32.33 -4.01 -7.57
N GLY E 200 33.17 -4.30 -6.57
CA GLY E 200 34.51 -3.66 -6.45
C GLY E 200 34.62 -2.45 -5.52
N ARG E 201 35.31 -1.40 -6.00
CA ARG E 201 35.50 -0.17 -5.21
C ARG E 201 34.23 0.69 -5.29
N VAL E 202 33.32 0.46 -4.34
CA VAL E 202 31.97 1.01 -4.40
C VAL E 202 31.69 1.96 -3.26
N LYS E 203 32.64 2.06 -2.35
CA LYS E 203 32.65 2.96 -1.20
C LYS E 203 31.97 4.31 -1.46
N HIS E 204 32.38 4.99 -2.52
CA HIS E 204 31.78 6.30 -2.82
C HIS E 204 31.89 6.67 -4.30
N THR E 205 30.75 6.76 -4.99
CA THR E 205 30.68 7.14 -6.40
C THR E 205 29.56 8.12 -6.69
N GLU E 206 29.89 9.28 -7.26
CA GLU E 206 28.84 10.16 -7.80
C GLU E 206 29.03 10.80 -9.16
N GLU E 207 27.94 11.31 -9.68
CA GLU E 207 27.89 12.10 -10.91
C GLU E 207 28.73 11.50 -12.02
N CYS E 208 28.48 10.23 -12.33
CA CYS E 208 29.25 9.57 -13.38
C CYS E 208 29.00 10.25 -14.70
N THR E 209 30.10 10.51 -15.41
CA THR E 209 30.10 10.99 -16.79
C THR E 209 30.40 9.76 -17.62
N CYS E 210 29.45 9.32 -18.43
CA CYS E 210 29.46 7.97 -19.01
C CYS E 210 29.33 8.03 -20.51
N GLY E 211 29.99 7.09 -21.18
CA GLY E 211 29.89 6.95 -22.63
C GLY E 211 30.22 5.53 -23.08
N PHE E 212 29.98 5.24 -24.35
CA PHE E 212 30.33 3.94 -24.91
C PHE E 212 31.81 3.86 -25.31
N ALA E 213 32.50 2.84 -24.81
CA ALA E 213 33.81 2.48 -25.30
C ALA E 213 33.64 1.54 -26.51
N SER E 214 32.49 0.87 -26.60
CA SER E 214 32.16 0.00 -27.75
C SER E 214 30.74 -0.50 -27.63
N ASN E 215 30.29 -1.34 -28.57
CA ASN E 215 28.96 -1.95 -28.47
C ASN E 215 28.74 -2.78 -27.19
N LYS E 216 29.84 -3.13 -26.49
CA LYS E 216 29.83 -4.07 -25.37
C LYS E 216 30.00 -3.33 -24.04
N THR E 217 30.69 -2.17 -24.06
CA THR E 217 31.09 -1.53 -22.79
C THR E 217 30.76 -0.05 -22.63
N ILE E 218 30.15 0.30 -21.51
CA ILE E 218 30.03 1.68 -21.08
C ILE E 218 31.13 1.96 -20.03
N GLU E 219 31.72 3.12 -20.07
CA GLU E 219 32.69 3.50 -19.07
C GLU E 219 32.29 4.84 -18.53
N CYS E 220 32.56 5.09 -17.26
CA CYS E 220 32.18 6.35 -16.64
C CYS E 220 33.29 6.85 -15.77
N ALA E 221 33.63 8.12 -15.87
CA ALA E 221 34.55 8.73 -14.92
C ALA E 221 33.72 9.51 -13.90
N CYS E 222 33.89 9.16 -12.62
CA CYS E 222 32.99 9.65 -11.58
C CYS E 222 33.66 10.54 -10.55
N ARG E 223 32.93 10.86 -9.48
CA ARG E 223 33.39 11.76 -8.42
C ARG E 223 33.28 11.04 -7.07
N ASP E 224 34.35 11.09 -6.28
CA ASP E 224 34.33 10.68 -4.90
C ASP E 224 34.37 11.97 -4.12
N ASN E 225 33.35 12.23 -3.31
CA ASN E 225 33.24 13.50 -2.63
C ASN E 225 33.80 13.47 -1.17
N SER E 226 34.35 12.32 -0.76
CA SER E 226 34.87 12.14 0.65
C SER E 226 36.30 11.64 0.74
N TYR E 227 36.61 10.60 -0.02
CA TYR E 227 37.79 9.79 0.25
C TYR E 227 39.04 10.10 -0.57
N THR E 228 38.85 10.45 -1.84
CA THR E 228 39.99 10.51 -2.75
C THR E 228 39.86 11.57 -3.86
N ALA E 229 40.99 12.04 -4.37
CA ALA E 229 41.03 12.91 -5.54
C ALA E 229 41.25 12.11 -6.82
N LYS E 230 41.43 10.80 -6.72
CA LYS E 230 41.39 9.95 -7.92
C LYS E 230 39.91 9.75 -8.27
N ARG E 231 39.61 9.74 -9.55
CA ARG E 231 38.21 9.55 -10.00
C ARG E 231 37.94 8.06 -10.01
N PRO E 232 36.84 7.63 -9.39
CA PRO E 232 36.38 6.25 -9.55
C PRO E 232 36.06 6.00 -11.01
N PHE E 233 36.24 4.79 -11.51
CA PHE E 233 36.08 4.55 -12.95
C PHE E 233 35.23 3.29 -13.13
N VAL E 234 34.11 3.42 -13.83
CA VAL E 234 33.15 2.32 -13.96
C VAL E 234 33.31 1.70 -15.31
N LYS E 235 33.20 0.36 -15.36
CA LYS E 235 33.10 -0.42 -16.60
C LYS E 235 31.88 -1.31 -16.52
N LEU E 236 30.88 -0.98 -17.32
CA LEU E 236 29.60 -1.68 -17.36
C LEU E 236 29.54 -2.51 -18.64
N ASN E 237 29.40 -3.83 -18.49
CA ASN E 237 29.22 -4.70 -19.65
C ASN E 237 27.71 -4.76 -19.99
N VAL E 238 27.33 -4.28 -21.17
CA VAL E 238 25.88 -4.17 -21.48
C VAL E 238 25.27 -5.42 -22.08
N GLU E 239 26.07 -6.45 -22.30
CA GLU E 239 25.57 -7.75 -22.77
C GLU E 239 25.22 -8.64 -21.59
N THR E 240 26.09 -8.64 -20.58
CA THR E 240 25.78 -9.36 -19.33
C THR E 240 25.13 -8.49 -18.24
N ASP E 241 25.10 -7.16 -18.45
CA ASP E 241 24.56 -6.22 -17.46
C ASP E 241 25.27 -6.35 -16.11
N THR E 242 26.59 -6.31 -16.13
CA THR E 242 27.39 -6.35 -14.89
C THR E 242 28.30 -5.14 -14.87
N ALA E 243 28.56 -4.59 -13.68
CA ALA E 243 29.39 -3.40 -13.58
C ALA E 243 30.42 -3.53 -12.50
N GLU E 244 31.59 -2.96 -12.74
CA GLU E 244 32.74 -3.01 -11.84
C GLU E 244 33.35 -1.61 -11.68
N ILE E 245 33.83 -1.29 -10.47
CA ILE E 245 34.38 0.04 -10.21
C ILE E 245 35.73 -0.05 -9.54
N ARG E 246 36.72 0.67 -10.06
CA ARG E 246 38.05 0.82 -9.42
C ARG E 246 38.55 2.22 -9.66
N LEU E 247 39.43 2.71 -8.80
CA LEU E 247 39.99 4.03 -8.92
C LEU E 247 40.86 4.19 -10.17
N MET E 248 40.87 5.36 -10.77
CA MET E 248 41.80 5.64 -11.86
C MET E 248 43.21 5.68 -11.29
N CYS E 249 44.13 4.97 -11.94
CA CYS E 249 45.53 4.88 -11.51
C CYS E 249 46.48 6.02 -11.92
N THR E 250 46.10 6.81 -12.93
CA THR E 250 46.95 7.90 -13.43
C THR E 250 47.45 8.86 -12.36
N GLU E 251 48.65 9.36 -12.51
CA GLU E 251 49.18 10.37 -11.58
C GLU E 251 48.58 11.74 -11.84
N THR E 252 47.88 11.88 -12.98
CA THR E 252 47.16 13.09 -13.34
C THR E 252 45.76 13.01 -12.71
N TYR E 253 45.68 13.35 -11.41
CA TYR E 253 44.42 13.27 -10.64
C TYR E 253 43.42 14.28 -11.15
N LEU E 254 42.17 13.83 -11.38
CA LEU E 254 41.22 14.61 -12.20
C LEU E 254 40.20 15.40 -11.39
N ASP E 255 40.17 15.17 -10.10
CA ASP E 255 39.22 15.81 -9.20
C ASP E 255 39.70 17.18 -8.78
N THR E 256 38.85 17.93 -8.06
CA THR E 256 39.21 19.21 -7.43
C THR E 256 38.38 19.25 -6.18
N PRO E 257 39.01 19.40 -4.98
CA PRO E 257 40.46 19.55 -4.71
C PRO E 257 41.27 18.29 -5.02
N ARG E 258 42.59 18.46 -5.06
CA ARG E 258 43.52 17.38 -5.37
C ARG E 258 44.91 17.83 -4.89
N PRO E 259 45.76 16.87 -4.48
CA PRO E 259 47.19 17.18 -4.20
C PRO E 259 48.00 17.24 -5.49
N ASP E 260 49.32 17.50 -5.43
CA ASP E 260 50.18 17.53 -6.63
C ASP E 260 50.20 16.18 -7.39
N ASP E 261 50.34 16.23 -8.69
CA ASP E 261 50.26 15.03 -9.53
C ASP E 261 51.29 14.01 -9.07
N GLY E 262 50.92 12.75 -8.98
CA GLY E 262 51.91 11.71 -8.64
C GLY E 262 52.32 11.52 -7.19
N SER E 263 51.81 12.38 -6.30
CA SER E 263 52.22 12.41 -4.89
C SER E 263 51.35 11.52 -3.96
N ILE E 264 50.41 10.79 -4.53
CA ILE E 264 49.76 9.75 -3.76
C ILE E 264 50.52 8.43 -3.87
N THR E 265 51.15 8.04 -2.76
CA THR E 265 52.06 6.89 -2.73
C THR E 265 51.30 5.58 -2.63
N GLY E 266 51.96 4.46 -2.91
CA GLY E 266 51.29 3.15 -2.84
C GLY E 266 50.82 2.76 -4.22
N PRO E 267 50.11 1.60 -4.33
CA PRO E 267 49.74 1.14 -5.68
C PRO E 267 48.47 1.83 -6.18
N CYS E 268 47.89 1.33 -7.27
CA CYS E 268 46.74 1.96 -7.89
C CYS E 268 45.59 2.22 -6.94
N GLU E 269 45.40 1.37 -5.94
CA GLU E 269 44.19 1.49 -5.10
C GLU E 269 44.21 2.55 -3.99
N SER E 270 45.34 3.22 -3.75
CA SER E 270 45.46 4.11 -2.57
C SER E 270 44.61 5.36 -2.70
N ASN E 271 44.03 5.83 -1.60
CA ASN E 271 43.14 6.99 -1.63
C ASN E 271 43.71 8.36 -2.06
N GLY E 272 44.74 8.95 -1.45
CA GLY E 272 45.14 8.85 -0.09
C GLY E 272 44.76 10.21 0.53
N ASP E 273 45.31 11.33 0.02
CA ASP E 273 45.14 12.68 0.65
C ASP E 273 44.27 13.68 -0.15
N LYS E 274 43.83 14.75 0.54
CA LYS E 274 42.98 15.85 0.00
C LYS E 274 41.73 15.35 -0.77
N GLY E 275 41.16 14.25 -0.28
CA GLY E 275 40.08 13.54 -0.94
C GLY E 275 38.71 14.07 -0.70
N SER E 276 38.52 14.84 0.37
CA SER E 276 37.17 15.35 0.67
C SER E 276 36.80 16.57 -0.20
N GLY E 277 35.52 16.65 -0.60
CA GLY E 277 35.11 17.60 -1.67
C GLY E 277 35.36 16.99 -3.06
N GLY E 278 34.96 17.71 -4.11
CA GLY E 278 35.06 17.20 -5.47
C GLY E 278 34.27 17.99 -6.51
N ILE E 279 34.33 17.53 -7.76
CA ILE E 279 33.69 18.16 -8.88
C ILE E 279 33.29 17.10 -9.91
N LYS E 280 32.17 17.31 -10.63
CA LYS E 280 31.83 16.50 -11.81
C LYS E 280 32.84 16.75 -12.94
N GLY E 281 33.22 15.68 -13.66
CA GLY E 281 34.32 15.78 -14.60
C GLY E 281 34.01 15.33 -16.01
N GLY E 282 34.61 15.99 -16.99
CA GLY E 282 34.36 15.67 -18.38
C GLY E 282 35.03 14.38 -18.82
N PHE E 283 34.39 13.68 -19.74
CA PHE E 283 34.93 12.42 -20.19
C PHE E 283 34.16 11.94 -21.39
N VAL E 284 34.89 11.74 -22.51
CA VAL E 284 34.25 11.26 -23.74
C VAL E 284 35.18 10.28 -24.49
N HIS E 285 34.60 9.41 -25.32
CA HIS E 285 35.39 8.41 -26.09
C HIS E 285 35.60 8.80 -27.55
N GLN E 286 36.77 8.46 -28.07
CA GLN E 286 37.10 8.56 -29.48
C GLN E 286 37.29 7.11 -29.95
N ARG E 287 36.33 6.56 -30.68
CA ARG E 287 36.38 5.14 -31.08
C ARG E 287 36.90 4.97 -32.48
N MET E 288 38.10 4.38 -32.57
CA MET E 288 38.74 4.09 -33.85
C MET E 288 38.79 2.59 -34.11
N ALA E 289 39.10 2.21 -35.34
CA ALA E 289 39.08 0.78 -35.76
C ALA E 289 39.82 -0.17 -34.79
N SER E 290 41.09 0.10 -34.53
CA SER E 290 41.91 -0.75 -33.66
C SER E 290 42.57 0.03 -32.52
N LYS E 291 41.89 1.07 -32.04
CA LYS E 291 42.48 1.96 -31.07
C LYS E 291 41.32 2.67 -30.36
N ILE E 292 41.52 3.04 -29.09
CA ILE E 292 40.55 3.87 -28.38
C ILE E 292 41.20 5.03 -27.63
N GLY E 293 40.69 6.24 -27.85
CA GLY E 293 41.15 7.41 -27.13
C GLY E 293 40.20 7.75 -26.01
N ARG E 294 40.75 8.10 -24.86
CA ARG E 294 39.95 8.60 -23.74
C ARG E 294 40.31 10.07 -23.45
N TRP E 295 39.34 10.98 -23.64
CA TRP E 295 39.58 12.38 -23.42
C TRP E 295 38.93 12.80 -22.10
N TYR E 296 39.62 13.63 -21.32
CA TYR E 296 39.19 14.01 -19.93
C TYR E 296 39.43 15.49 -19.73
N SER E 297 38.75 16.09 -18.75
CA SER E 297 39.01 17.50 -18.43
C SER E 297 39.11 17.73 -16.92
N ARG E 298 39.95 18.67 -16.52
CA ARG E 298 40.04 18.98 -15.11
C ARG E 298 40.39 20.44 -14.91
N THR E 299 40.02 20.97 -13.73
CA THR E 299 40.31 22.37 -13.45
C THR E 299 41.78 22.67 -13.60
N MET E 300 42.10 23.93 -13.89
CA MET E 300 43.49 24.38 -13.99
C MET E 300 44.09 24.50 -12.59
N SER E 301 43.28 25.03 -11.67
CA SER E 301 43.67 25.15 -10.30
C SER E 301 43.46 23.83 -9.55
N LYS E 302 44.41 23.52 -8.66
CA LYS E 302 44.29 22.34 -7.84
C LYS E 302 43.22 22.39 -6.71
N THR E 303 42.84 23.60 -6.28
CA THR E 303 42.02 23.85 -5.08
C THR E 303 40.70 24.50 -5.45
N LYS E 304 40.69 25.24 -6.55
CA LYS E 304 39.55 26.08 -6.89
C LYS E 304 38.91 25.77 -8.23
N ARG E 305 37.69 26.25 -8.41
CA ARG E 305 36.93 25.96 -9.63
C ARG E 305 37.23 27.01 -10.70
N MET E 306 38.48 27.02 -11.14
CA MET E 306 39.01 28.01 -12.08
C MET E 306 39.76 27.31 -13.21
N GLY E 307 39.49 27.71 -14.46
CA GLY E 307 40.11 27.13 -15.63
C GLY E 307 39.59 25.76 -16.00
N MET E 308 40.07 25.24 -17.15
CA MET E 308 39.76 23.85 -17.55
C MET E 308 40.75 23.39 -18.61
N GLY E 309 41.52 22.34 -18.29
CA GLY E 309 42.46 21.77 -19.26
C GLY E 309 41.89 20.51 -19.88
N LEU E 310 42.35 20.15 -21.07
CA LEU E 310 41.88 18.96 -21.74
C LEU E 310 43.02 18.02 -21.78
N TYR E 311 42.77 16.75 -21.49
CA TYR E 311 43.82 15.72 -21.42
C TYR E 311 43.38 14.47 -22.18
N VAL E 312 44.34 13.68 -22.64
CA VAL E 312 44.07 12.49 -23.49
C VAL E 312 45.03 11.34 -23.24
N LYS E 313 44.51 10.12 -23.38
CA LYS E 313 45.32 8.92 -23.38
C LYS E 313 44.74 7.85 -24.30
N TYR E 314 45.59 7.22 -25.09
CA TYR E 314 45.13 6.21 -26.04
C TYR E 314 45.34 4.78 -25.49
N ASP E 315 44.31 3.94 -25.56
CA ASP E 315 44.39 2.53 -25.14
C ASP E 315 44.80 2.33 -23.66
N GLY E 316 45.30 1.14 -23.33
CA GLY E 316 45.67 0.86 -21.97
C GLY E 316 44.45 0.54 -21.13
N ASP E 317 44.66 0.39 -19.82
CA ASP E 317 43.62 0.14 -18.82
C ASP E 317 43.76 1.23 -17.75
N PRO E 318 42.77 2.14 -17.67
CA PRO E 318 42.84 3.28 -16.73
C PRO E 318 42.84 2.84 -15.26
N TRP E 319 42.52 1.57 -15.01
CA TRP E 319 42.50 1.01 -13.65
C TRP E 319 43.89 0.69 -13.12
N THR E 320 44.84 0.42 -14.04
CA THR E 320 46.20 -0.04 -13.70
C THR E 320 47.31 0.81 -14.26
N ASP E 321 47.02 1.67 -15.25
CA ASP E 321 48.01 2.59 -15.83
C ASP E 321 48.33 3.82 -14.97
N SER E 322 49.55 3.88 -14.44
CA SER E 322 49.96 5.03 -13.64
C SER E 322 50.61 6.13 -14.46
N ASP E 323 50.82 5.88 -15.76
CA ASP E 323 51.39 6.91 -16.65
C ASP E 323 50.54 8.20 -16.59
N ALA E 324 51.21 9.34 -16.67
CA ALA E 324 50.55 10.63 -16.74
C ALA E 324 49.74 10.74 -18.00
N LEU E 325 48.59 11.41 -17.90
CA LEU E 325 47.76 11.83 -19.04
C LEU E 325 48.45 12.97 -19.82
N ALA E 326 48.49 12.88 -21.14
CA ALA E 326 49.04 13.96 -22.00
C ALA E 326 48.12 15.19 -21.93
N LEU E 327 48.70 16.36 -21.62
CA LEU E 327 47.96 17.61 -21.61
C LEU E 327 47.75 18.11 -23.03
N SER E 328 46.50 18.14 -23.48
CA SER E 328 46.18 18.54 -24.88
C SER E 328 45.99 20.06 -25.14
N GLY E 329 45.35 20.78 -24.22
CA GLY E 329 45.19 22.23 -24.31
C GLY E 329 44.43 22.87 -23.16
N VAL E 330 44.50 24.21 -23.09
CA VAL E 330 43.79 25.00 -22.09
C VAL E 330 42.50 25.51 -22.71
N MET E 331 41.37 25.01 -22.22
CA MET E 331 40.06 25.41 -22.74
C MET E 331 39.55 26.62 -21.99
N VAL E 332 39.92 26.72 -20.72
CA VAL E 332 39.52 27.88 -19.91
C VAL E 332 40.71 28.34 -19.06
N SER E 333 41.15 29.58 -19.24
CA SER E 333 42.27 30.06 -18.48
C SER E 333 41.92 30.13 -17.00
N MET E 334 42.99 30.09 -16.20
CA MET E 334 42.95 30.21 -14.75
C MET E 334 42.18 31.43 -14.24
N GLU E 335 42.00 32.44 -15.08
CA GLU E 335 41.26 33.64 -14.70
C GLU E 335 39.74 33.54 -14.99
N GLU E 336 39.29 32.45 -15.62
CA GLU E 336 37.85 32.23 -15.82
C GLU E 336 37.31 31.05 -15.00
N PRO E 337 36.00 31.05 -14.71
CA PRO E 337 35.52 29.97 -13.86
C PRO E 337 35.33 28.65 -14.65
N GLY E 338 35.63 27.53 -13.98
CA GLY E 338 35.58 26.19 -14.53
C GLY E 338 34.92 25.34 -13.48
N TRP E 339 33.62 25.12 -13.65
CA TRP E 339 32.90 24.25 -12.76
C TRP E 339 32.70 22.84 -13.36
N TYR E 340 31.49 22.31 -13.31
CA TYR E 340 31.21 20.97 -13.84
C TYR E 340 31.63 20.86 -15.31
N SER E 341 32.02 19.67 -15.74
CA SER E 341 32.30 19.44 -17.17
C SER E 341 31.75 18.08 -17.56
N PHE E 342 31.38 17.89 -18.81
CA PHE E 342 30.68 16.68 -19.24
C PHE E 342 30.99 16.26 -20.69
N GLY E 343 30.65 15.03 -21.04
CA GLY E 343 30.86 14.55 -22.39
C GLY E 343 29.57 14.24 -23.11
N PHE E 344 29.63 14.35 -24.42
CA PHE E 344 28.54 14.00 -25.32
C PHE E 344 29.07 13.82 -26.74
N GLU E 345 28.20 13.27 -27.58
CA GLU E 345 28.56 12.96 -28.94
C GLU E 345 27.49 13.51 -29.86
N ILE E 346 27.91 14.16 -30.92
CA ILE E 346 27.00 14.67 -31.94
C ILE E 346 26.99 13.64 -33.07
N LYS E 347 25.84 13.48 -33.73
CA LYS E 347 25.71 12.43 -34.75
C LYS E 347 25.80 13.02 -36.15
N ASP E 348 27.00 12.90 -36.77
CA ASP E 348 27.15 13.23 -38.19
C ASP E 348 26.52 12.12 -39.06
N LYS E 349 26.51 12.28 -40.38
CA LYS E 349 25.78 11.34 -41.24
C LYS E 349 26.11 9.84 -41.02
N LYS E 350 27.40 9.54 -40.83
CA LYS E 350 27.90 8.17 -40.83
C LYS E 350 28.85 7.90 -39.67
N CYS E 351 29.09 8.91 -38.82
CA CYS E 351 30.01 8.76 -37.71
C CYS E 351 29.67 9.70 -36.56
N ASP E 352 30.24 9.44 -35.38
CA ASP E 352 29.95 10.19 -34.17
C ASP E 352 31.07 11.15 -33.78
N VAL E 353 30.73 12.37 -33.38
CA VAL E 353 31.73 13.37 -32.97
C VAL E 353 31.79 13.62 -31.44
N PRO E 354 32.88 13.17 -30.79
CA PRO E 354 33.06 13.37 -29.34
C PRO E 354 33.26 14.85 -29.00
N CYS E 355 32.60 15.29 -27.93
CA CYS E 355 32.67 16.70 -27.50
C CYS E 355 32.71 16.75 -25.99
N ILE E 356 33.30 17.81 -25.44
CA ILE E 356 33.30 18.06 -24.00
C ILE E 356 32.68 19.44 -23.81
N GLY E 357 31.71 19.52 -22.90
CA GLY E 357 31.15 20.82 -22.51
C GLY E 357 31.56 21.27 -21.10
N ILE E 358 31.54 22.58 -20.86
CA ILE E 358 32.03 23.13 -19.59
C ILE E 358 31.10 24.19 -19.04
N GLU E 359 30.52 23.89 -17.87
CA GLU E 359 29.74 24.84 -17.08
C GLU E 359 30.66 25.92 -16.51
N MET E 360 30.32 27.17 -16.74
CA MET E 360 31.21 28.26 -16.40
C MET E 360 30.38 29.19 -15.53
N VAL E 361 30.50 29.00 -14.22
CA VAL E 361 29.54 29.59 -13.29
C VAL E 361 29.87 31.05 -12.97
N HIS E 362 28.87 31.94 -13.03
CA HIS E 362 28.98 33.29 -12.56
C HIS E 362 28.72 33.26 -11.07
N ASP E 363 29.80 33.25 -10.30
CA ASP E 363 29.69 33.21 -8.84
C ASP E 363 30.06 34.55 -8.20
N GLY E 364 29.10 35.16 -7.52
CA GLY E 364 29.35 36.38 -6.75
C GLY E 364 28.77 36.29 -5.36
N GLY E 365 28.65 35.06 -4.84
CA GLY E 365 28.14 34.85 -3.47
C GLY E 365 26.63 34.75 -3.34
N LYS E 366 26.16 34.51 -2.10
CA LYS E 366 24.73 34.33 -1.87
C LYS E 366 23.90 35.64 -1.93
N GLU E 367 24.57 36.79 -2.11
CA GLU E 367 23.87 38.08 -2.02
C GLU E 367 23.41 38.58 -3.39
N THR E 368 23.77 37.84 -4.43
CA THR E 368 23.34 38.17 -5.82
C THR E 368 23.04 36.92 -6.63
N TRP E 369 22.69 37.06 -7.90
CA TRP E 369 22.26 35.87 -8.68
C TRP E 369 23.37 34.87 -8.85
N HIS E 370 22.98 33.61 -9.14
CA HIS E 370 23.97 32.53 -9.38
C HIS E 370 23.54 31.69 -10.58
N SER E 371 24.34 31.70 -11.64
CA SER E 371 24.03 30.95 -12.84
C SER E 371 25.31 30.54 -13.54
N ALA E 372 25.21 30.12 -14.82
CA ALA E 372 26.34 29.62 -15.59
C ALA E 372 26.19 29.78 -17.10
N ALA E 373 27.32 29.99 -17.77
CA ALA E 373 27.44 29.83 -19.23
C ALA E 373 27.81 28.37 -19.56
N THR E 374 27.79 28.03 -20.84
CA THR E 374 28.20 26.68 -21.27
C THR E 374 29.13 26.78 -22.48
N ALA E 375 30.34 26.27 -22.36
CA ALA E 375 31.32 26.30 -23.46
C ALA E 375 31.50 24.91 -24.06
N ILE E 376 31.57 24.81 -25.38
CA ILE E 376 31.64 23.50 -26.03
C ILE E 376 32.92 23.28 -26.86
N TYR E 377 33.64 22.20 -26.56
CA TYR E 377 34.78 21.77 -27.37
C TYR E 377 34.47 20.41 -28.07
N CYS E 378 34.81 20.28 -29.34
CA CYS E 378 34.66 19.01 -30.06
C CYS E 378 35.92 18.64 -30.89
N LEU E 379 36.05 17.34 -31.16
CA LEU E 379 37.09 16.79 -31.98
C LEU E 379 36.87 17.27 -33.37
N MET E 380 37.85 17.97 -33.91
CA MET E 380 37.75 18.43 -35.30
C MET E 380 39.11 18.68 -35.96
N GLY E 381 39.41 17.93 -37.01
CA GLY E 381 40.62 18.12 -37.82
C GLY E 381 41.86 17.66 -37.06
N SER E 382 43.01 18.13 -37.51
CA SER E 382 44.29 17.75 -36.91
C SER E 382 45.02 18.94 -36.28
N GLY E 383 46.11 18.68 -35.56
CA GLY E 383 46.94 19.79 -35.02
C GLY E 383 46.86 19.82 -33.51
N GLN E 384 46.93 21.03 -32.92
CA GLN E 384 46.76 21.21 -31.46
C GLN E 384 45.62 22.14 -31.17
N LEU E 385 45.03 22.01 -29.98
CA LEU E 385 43.97 22.93 -29.53
C LEU E 385 44.44 24.40 -29.49
N LEU E 386 43.66 25.29 -30.10
CA LEU E 386 44.11 26.67 -30.36
C LEU E 386 43.57 27.81 -29.47
N TRP E 387 42.29 27.79 -29.08
CA TRP E 387 41.82 28.97 -28.33
C TRP E 387 40.95 28.66 -27.10
N ASP E 388 41.07 29.53 -26.09
CA ASP E 388 40.29 29.44 -24.88
C ASP E 388 38.94 30.19 -24.97
N THR E 389 38.16 30.06 -23.91
CA THR E 389 36.83 30.61 -23.83
C THR E 389 36.68 31.49 -22.61
N VAL E 390 36.06 32.67 -22.83
CA VAL E 390 35.67 33.57 -21.74
C VAL E 390 34.12 33.73 -21.74
N THR E 391 33.52 34.02 -20.58
CA THR E 391 32.06 34.24 -20.61
C THR E 391 31.67 35.62 -21.17
N GLY E 392 32.49 36.64 -20.89
CA GLY E 392 32.25 38.00 -21.35
C GLY E 392 31.36 38.75 -20.37
N VAL E 393 30.88 38.07 -19.33
CA VAL E 393 29.87 38.62 -18.40
C VAL E 393 30.45 39.34 -17.16
N ASP E 394 29.96 40.55 -16.96
CA ASP E 394 30.29 41.35 -15.80
C ASP E 394 29.09 41.33 -14.85
N MET E 395 29.28 40.77 -13.69
CA MET E 395 28.14 40.45 -12.81
C MET E 395 27.48 41.65 -12.15
N ALA E 396 28.14 42.81 -12.23
CA ALA E 396 27.56 44.08 -11.75
C ALA E 396 26.43 44.64 -12.63
N LEU E 397 26.37 44.23 -13.90
CA LEU E 397 25.45 44.87 -14.85
C LEU E 397 24.01 44.32 -14.78
N PRO F 9 -4.18 9.73 -40.10
CA PRO F 9 -4.59 9.53 -38.70
C PRO F 9 -6.02 9.06 -38.60
N GLU F 10 -6.41 8.60 -37.40
CA GLU F 10 -7.68 7.91 -37.12
C GLU F 10 -8.35 8.44 -35.83
N TRP F 11 -9.61 8.06 -35.60
CA TRP F 11 -10.31 8.49 -34.38
C TRP F 11 -9.72 7.81 -33.16
N THR F 12 -9.60 8.55 -32.06
CA THR F 12 -9.10 7.97 -30.82
C THR F 12 -10.19 7.49 -29.87
N TYR F 13 -9.80 6.66 -28.91
CA TYR F 13 -10.69 5.98 -27.99
C TYR F 13 -9.93 5.92 -26.65
N PRO F 14 -10.64 5.86 -25.53
CA PRO F 14 -9.91 5.63 -24.27
C PRO F 14 -9.28 4.22 -24.20
N ARG F 15 -8.06 4.10 -23.67
CA ARG F 15 -7.43 2.78 -23.54
C ARG F 15 -7.18 2.53 -22.09
N LEU F 16 -6.63 1.35 -21.80
CA LEU F 16 -6.23 0.99 -20.44
C LEU F 16 -5.14 1.94 -19.98
N SER F 17 -5.30 2.45 -18.75
CA SER F 17 -4.28 3.29 -18.14
C SER F 17 -2.92 2.60 -18.02
N CYS F 18 -1.84 3.40 -18.09
CA CYS F 18 -0.49 2.87 -17.85
C CYS F 18 -0.39 2.31 -16.43
N PRO F 19 0.54 1.36 -16.20
CA PRO F 19 0.77 0.82 -14.84
C PRO F 19 1.13 1.91 -13.81
N GLY F 20 0.67 1.74 -12.58
CA GLY F 20 1.02 2.60 -11.45
C GLY F 20 0.04 2.37 -10.33
N SER F 21 0.40 2.77 -9.11
CA SER F 21 -0.56 2.82 -8.00
C SER F 21 -0.47 4.09 -7.14
N THR F 22 0.31 5.08 -7.59
CA THR F 22 0.34 6.36 -6.89
C THR F 22 0.61 7.53 -7.84
N PHE F 23 0.07 8.70 -7.50
CA PHE F 23 0.39 9.93 -8.19
C PHE F 23 1.68 10.52 -7.59
N GLN F 24 2.42 11.28 -8.40
CA GLN F 24 3.57 12.08 -7.96
C GLN F 24 3.54 13.47 -8.61
N LYS F 25 4.33 14.37 -8.04
CA LYS F 25 4.49 15.75 -8.54
C LYS F 25 5.17 15.70 -9.87
N ALA F 26 4.57 16.25 -10.93
CA ALA F 26 5.21 16.20 -12.26
C ALA F 26 5.82 17.54 -12.71
N LEU F 27 5.04 18.61 -12.66
CA LEU F 27 5.42 19.84 -13.35
C LEU F 27 4.70 21.05 -12.77
N LEU F 28 5.43 22.15 -12.66
CA LEU F 28 4.83 23.45 -12.35
C LEU F 28 4.94 24.46 -13.51
N ILE F 29 3.82 25.07 -13.88
CA ILE F 29 3.77 26.22 -14.75
C ILE F 29 3.46 27.45 -13.90
N SER F 30 4.49 28.19 -13.49
CA SER F 30 4.28 29.43 -12.74
C SER F 30 4.77 30.68 -13.52
N PRO F 31 3.96 31.15 -14.48
CA PRO F 31 4.40 32.22 -15.35
C PRO F 31 4.68 33.50 -14.59
N HIS F 32 4.08 33.68 -13.42
CA HIS F 32 4.28 34.92 -12.68
C HIS F 32 5.58 35.01 -11.88
N ARG F 33 6.36 33.93 -11.87
CA ARG F 33 7.75 33.99 -11.41
C ARG F 33 8.59 34.96 -12.27
N PHE F 34 8.03 35.38 -13.42
CA PHE F 34 8.74 36.24 -14.40
C PHE F 34 8.05 37.58 -14.61
N GLY F 35 7.12 37.91 -13.73
CA GLY F 35 6.38 39.15 -13.89
C GLY F 35 6.77 40.35 -13.01
N GLU F 36 7.96 40.31 -12.42
CA GLU F 36 8.47 41.46 -11.65
C GLU F 36 8.61 42.77 -12.50
N THR F 37 8.41 43.90 -11.82
CA THR F 37 8.79 45.21 -12.35
C THR F 37 10.21 45.18 -12.85
N LYS F 38 11.09 44.51 -12.11
CA LYS F 38 12.56 44.51 -12.39
C LYS F 38 12.96 43.55 -13.54
N GLY F 39 12.01 42.69 -13.92
CA GLY F 39 12.19 41.71 -14.99
C GLY F 39 11.83 42.22 -16.39
N ASN F 40 11.98 41.33 -17.38
CA ASN F 40 11.73 41.70 -18.78
C ASN F 40 10.78 40.75 -19.50
N SER F 41 9.79 40.23 -18.78
CA SER F 41 8.81 39.28 -19.38
C SER F 41 7.37 39.78 -19.34
N ALA F 42 6.50 39.01 -19.99
CA ALA F 42 5.10 39.35 -20.18
C ALA F 42 4.22 38.13 -20.03
N PRO F 43 4.17 37.55 -18.81
CA PRO F 43 3.24 36.46 -18.58
C PRO F 43 1.83 36.99 -18.64
N LEU F 44 0.92 36.25 -19.30
CA LEU F 44 -0.49 36.62 -19.42
C LEU F 44 -1.31 36.47 -18.10
N ILE F 45 -2.17 37.45 -17.82
CA ILE F 45 -3.12 37.41 -16.70
C ILE F 45 -4.29 36.47 -17.03
N ILE F 46 -4.48 35.45 -16.20
CA ILE F 46 -5.42 34.38 -16.54
C ILE F 46 -6.14 33.84 -15.31
N ARG F 47 -7.12 33.00 -15.57
CA ARG F 47 -7.74 32.14 -14.56
C ARG F 47 -8.36 30.95 -15.33
N GLU F 48 -9.01 30.06 -14.59
CA GLU F 48 -9.64 28.87 -15.21
C GLU F 48 -8.71 28.18 -16.21
N PRO F 49 -7.58 27.66 -15.73
CA PRO F 49 -6.73 26.92 -16.65
C PRO F 49 -7.18 25.49 -16.74
N PHE F 50 -6.76 24.81 -17.80
CA PHE F 50 -6.92 23.38 -17.91
C PHE F 50 -6.01 22.83 -19.00
N ILE F 51 -5.85 21.51 -19.03
CA ILE F 51 -4.99 20.81 -19.98
C ILE F 51 -5.81 19.73 -20.78
N ALA F 52 -5.46 19.57 -22.05
CA ALA F 52 -6.08 18.57 -22.92
C ALA F 52 -5.03 18.10 -23.90
N CYS F 53 -5.01 16.80 -24.19
CA CYS F 53 -3.93 16.20 -24.95
C CYS F 53 -4.43 15.42 -26.16
N GLY F 54 -3.71 15.56 -27.27
CA GLY F 54 -3.93 14.68 -28.41
C GLY F 54 -2.88 13.58 -28.46
N PRO F 55 -2.79 12.86 -29.60
CA PRO F 55 -1.84 11.73 -29.74
C PRO F 55 -0.37 12.14 -29.71
N LYS F 56 -0.06 13.41 -30.02
CA LYS F 56 1.33 13.86 -30.02
C LYS F 56 1.66 15.06 -29.10
N GLU F 57 0.65 15.81 -28.69
CA GLU F 57 0.82 17.11 -28.00
C GLU F 57 -0.18 17.28 -26.85
N CYS F 58 0.28 17.85 -25.73
CA CYS F 58 -0.63 18.36 -24.69
C CYS F 58 -0.61 19.89 -24.73
N LYS F 59 -1.80 20.49 -24.75
CA LYS F 59 -1.92 21.93 -24.74
C LYS F 59 -2.48 22.37 -23.39
N HIS F 60 -1.99 23.52 -22.92
CA HIS F 60 -2.34 24.11 -21.66
C HIS F 60 -3.19 25.30 -22.06
N PHE F 61 -4.49 25.22 -21.72
CA PHE F 61 -5.46 26.29 -21.98
C PHE F 61 -5.72 27.18 -20.75
N ALA F 62 -6.17 28.42 -21.01
CA ALA F 62 -6.64 29.33 -19.96
C ALA F 62 -7.53 30.43 -20.55
N LEU F 63 -8.30 31.07 -19.65
CA LEU F 63 -9.09 32.22 -20.01
C LEU F 63 -8.35 33.45 -19.55
N THR F 64 -7.78 34.20 -20.51
CA THR F 64 -7.06 35.46 -20.24
C THR F 64 -7.96 36.67 -20.09
N HIS F 65 -7.48 37.72 -19.40
CA HIS F 65 -8.20 39.01 -19.42
C HIS F 65 -7.56 39.93 -20.47
N TYR F 66 -6.75 39.37 -21.35
CA TYR F 66 -6.11 40.14 -22.42
C TYR F 66 -5.24 41.26 -21.84
N ALA F 67 -4.52 40.92 -20.78
CA ALA F 67 -3.59 41.86 -20.13
C ALA F 67 -2.45 41.03 -19.57
N ALA F 68 -1.32 41.69 -19.29
CA ALA F 68 -0.08 41.03 -18.86
C ALA F 68 0.55 41.68 -17.61
N GLN F 69 1.48 40.98 -16.97
CA GLN F 69 2.13 41.47 -15.77
C GLN F 69 3.66 41.56 -15.96
N PRO F 70 4.26 42.74 -15.75
CA PRO F 70 3.64 44.02 -15.40
C PRO F 70 2.88 44.69 -16.55
N GLY F 71 1.91 45.52 -16.17
CA GLY F 71 1.07 46.24 -17.12
C GLY F 71 0.24 47.25 -16.36
N GLY F 72 -0.71 47.85 -17.07
CA GLY F 72 -1.60 48.86 -16.49
C GLY F 72 -3.09 48.55 -16.69
N TYR F 73 -3.43 47.30 -17.00
CA TYR F 73 -4.83 46.91 -17.09
C TYR F 73 -5.29 45.92 -15.98
N TYR F 74 -4.77 46.09 -14.76
CA TYR F 74 -5.08 45.22 -13.61
C TYR F 74 -6.53 45.36 -13.16
N ASN F 75 -7.05 46.58 -13.23
CA ASN F 75 -8.46 46.83 -12.85
C ASN F 75 -9.41 45.93 -13.68
N GLY F 76 -10.14 45.06 -12.97
CA GLY F 76 -11.14 44.19 -13.60
C GLY F 76 -10.69 42.75 -13.80
N THR F 77 -9.46 42.44 -13.38
CA THR F 77 -8.92 41.10 -13.59
C THR F 77 -9.45 40.09 -12.59
N ARG F 78 -10.10 40.58 -11.51
CA ARG F 78 -10.87 39.74 -10.55
C ARG F 78 -12.28 39.37 -11.01
N GLY F 79 -12.83 40.15 -11.93
CA GLY F 79 -14.13 39.88 -12.53
C GLY F 79 -14.21 38.59 -13.34
N ASP F 80 -15.42 38.08 -13.52
CA ASP F 80 -15.57 36.79 -14.18
C ASP F 80 -15.75 36.86 -15.68
N ARG F 81 -16.53 37.83 -16.15
CA ARG F 81 -16.89 37.98 -17.56
C ARG F 81 -16.72 39.45 -18.03
N ASN F 82 -16.10 39.64 -19.20
CA ASN F 82 -16.10 40.92 -19.89
C ASN F 82 -15.87 40.67 -21.39
N LYS F 83 -15.85 41.76 -22.17
CA LYS F 83 -15.74 41.70 -23.63
C LYS F 83 -14.35 41.45 -24.14
N LEU F 84 -13.35 41.47 -23.26
CA LEU F 84 -11.93 41.24 -23.65
C LEU F 84 -11.40 39.79 -23.43
N ARG F 85 -12.10 39.07 -22.58
CA ARG F 85 -11.75 37.71 -22.19
C ARG F 85 -11.61 36.73 -23.40
N HIS F 86 -10.55 35.91 -23.40
CA HIS F 86 -10.27 35.05 -24.56
C HIS F 86 -9.71 33.72 -24.13
N LEU F 87 -10.08 32.67 -24.87
CA LEU F 87 -9.48 31.36 -24.72
C LEU F 87 -8.12 31.38 -25.42
N ILE F 88 -7.05 31.07 -24.66
CA ILE F 88 -5.66 30.99 -25.17
C ILE F 88 -5.03 29.61 -24.84
N SER F 89 -3.94 29.28 -25.56
CA SER F 89 -3.20 28.08 -25.24
C SER F 89 -1.71 28.18 -25.58
N VAL F 90 -0.93 27.32 -24.93
CA VAL F 90 0.43 27.02 -25.32
C VAL F 90 0.62 25.49 -25.29
N LYS F 91 1.66 25.01 -25.95
CA LYS F 91 2.14 23.64 -25.75
C LYS F 91 2.57 23.48 -24.27
N LEU F 92 2.05 22.45 -23.61
CA LEU F 92 2.34 22.23 -22.19
C LEU F 92 3.84 22.19 -21.99
N GLY F 93 4.33 23.00 -21.04
CA GLY F 93 5.77 23.12 -20.80
C GLY F 93 6.33 24.49 -21.21
N LYS F 94 5.57 25.24 -22.00
CA LYS F 94 5.93 26.61 -22.36
C LYS F 94 5.21 27.57 -21.42
N ILE F 95 5.92 28.62 -21.03
CA ILE F 95 5.33 29.75 -20.30
C ILE F 95 4.33 30.50 -21.22
N PRO F 96 3.05 30.64 -20.80
CA PRO F 96 2.07 31.43 -21.56
C PRO F 96 2.27 32.95 -21.41
N THR F 97 3.12 33.49 -22.28
CA THR F 97 3.41 34.91 -22.35
C THR F 97 2.68 35.47 -23.56
N VAL F 98 2.78 36.78 -23.77
CA VAL F 98 2.13 37.44 -24.89
C VAL F 98 2.53 36.80 -26.21
N GLU F 99 3.83 36.58 -26.41
CA GLU F 99 4.33 36.04 -27.68
C GLU F 99 4.19 34.53 -27.82
N ASN F 100 4.41 33.80 -26.73
CA ASN F 100 4.30 32.33 -26.77
C ASN F 100 2.88 31.78 -27.03
N SER F 101 1.86 32.45 -26.47
CA SER F 101 0.46 32.00 -26.58
C SER F 101 -0.16 32.19 -27.97
N ILE F 102 -1.26 31.49 -28.17
CA ILE F 102 -2.12 31.72 -29.31
C ILE F 102 -3.56 31.98 -28.80
N PHE F 103 -4.19 33.05 -29.32
CA PHE F 103 -5.56 33.40 -28.99
C PHE F 103 -6.55 32.72 -29.94
N HIS F 104 -7.40 31.86 -29.37
CA HIS F 104 -8.29 31.03 -30.16
C HIS F 104 -9.60 31.75 -30.55
N MET F 105 -10.24 32.32 -29.52
CA MET F 105 -11.52 33.04 -29.71
C MET F 105 -11.87 33.82 -28.47
N ALA F 106 -12.71 34.83 -28.61
CA ALA F 106 -13.28 35.49 -27.43
C ALA F 106 -14.09 34.50 -26.60
N ALA F 107 -13.96 34.58 -25.28
CA ALA F 107 -14.66 33.64 -24.35
C ALA F 107 -14.42 34.03 -22.89
N TRP F 108 -15.48 33.94 -22.09
CA TRP F 108 -15.26 33.98 -20.65
C TRP F 108 -15.62 32.64 -19.97
N SER F 109 -15.78 31.60 -20.78
CA SER F 109 -15.96 30.22 -20.31
C SER F 109 -15.53 29.33 -21.46
N GLY F 110 -14.75 28.28 -21.18
CA GLY F 110 -14.13 27.51 -22.29
C GLY F 110 -14.05 26.02 -22.10
N SER F 111 -13.68 25.32 -23.16
CA SER F 111 -13.32 23.91 -23.10
C SER F 111 -12.56 23.57 -24.39
N ALA F 112 -11.98 22.37 -24.47
CA ALA F 112 -11.30 21.92 -25.69
C ALA F 112 -11.02 20.44 -25.64
N CYS F 113 -10.75 19.84 -26.79
CA CYS F 113 -10.48 18.39 -26.89
C CYS F 113 -10.04 18.01 -28.30
N HIS F 114 -9.30 16.92 -28.40
CA HIS F 114 -8.82 16.36 -29.65
C HIS F 114 -9.53 15.06 -29.94
N ASP F 115 -9.94 14.87 -31.17
CA ASP F 115 -10.73 13.67 -31.50
C ASP F 115 -9.89 12.57 -32.11
N GLY F 116 -8.61 12.87 -32.32
CA GLY F 116 -7.73 11.98 -33.02
C GLY F 116 -7.24 12.55 -34.31
N LYS F 117 -8.05 13.41 -34.94
CA LYS F 117 -7.68 14.02 -36.23
C LYS F 117 -7.47 15.53 -36.08
N GLU F 118 -8.19 16.15 -35.14
CA GLU F 118 -8.19 17.60 -35.04
C GLU F 118 -8.70 18.11 -33.70
N TRP F 119 -8.26 19.32 -33.36
CA TRP F 119 -8.67 20.05 -32.16
C TRP F 119 -10.03 20.73 -32.32
N THR F 120 -10.89 20.51 -31.31
CA THR F 120 -12.13 21.25 -31.15
C THR F 120 -11.97 22.25 -30.00
N TYR F 121 -12.31 23.50 -30.24
CA TYR F 121 -12.22 24.58 -29.21
C TYR F 121 -13.60 25.14 -28.89
N ILE F 122 -13.90 25.28 -27.61
CA ILE F 122 -15.20 25.74 -27.20
C ILE F 122 -15.05 27.01 -26.35
N GLY F 123 -15.87 28.03 -26.64
CA GLY F 123 -15.83 29.30 -25.91
C GLY F 123 -17.18 30.02 -25.88
N VAL F 124 -17.60 30.43 -24.69
CA VAL F 124 -18.86 31.10 -24.51
C VAL F 124 -18.61 32.57 -24.19
N ASP F 125 -19.25 33.46 -24.96
CA ASP F 125 -19.33 34.86 -24.58
C ASP F 125 -20.76 35.42 -24.79
N GLY F 126 -20.87 36.75 -24.83
CA GLY F 126 -22.16 37.42 -25.00
C GLY F 126 -22.75 37.91 -23.68
N PRO F 127 -23.92 38.55 -23.73
CA PRO F 127 -24.43 39.17 -22.52
C PRO F 127 -25.06 38.17 -21.53
N GLU F 128 -25.20 38.62 -20.29
CA GLU F 128 -25.70 37.79 -19.17
C GLU F 128 -26.96 37.01 -19.54
N ASN F 129 -27.96 37.73 -19.99
CA ASN F 129 -29.29 37.16 -20.25
C ASN F 129 -29.45 36.43 -21.59
N ASN F 130 -28.37 36.37 -22.38
CA ASN F 130 -28.40 35.70 -23.67
C ASN F 130 -26.99 35.39 -24.22
N ALA F 131 -26.17 34.76 -23.39
CA ALA F 131 -24.84 34.32 -23.80
C ALA F 131 -24.93 33.29 -24.91
N LEU F 132 -23.79 33.01 -25.54
CA LEU F 132 -23.67 32.18 -26.75
C LEU F 132 -22.41 31.33 -26.77
N LEU F 133 -22.57 30.01 -26.88
CA LEU F 133 -21.46 29.07 -26.98
C LEU F 133 -21.05 28.95 -28.42
N LYS F 134 -19.75 29.02 -28.66
CA LYS F 134 -19.20 29.03 -30.00
C LYS F 134 -18.23 27.88 -30.13
N ILE F 135 -18.25 27.23 -31.29
CA ILE F 135 -17.41 26.07 -31.60
C ILE F 135 -16.45 26.34 -32.79
N LYS F 136 -15.19 25.94 -32.64
CA LYS F 136 -14.17 26.12 -33.65
C LYS F 136 -13.47 24.78 -33.84
N TYR F 137 -13.39 24.33 -35.09
CA TYR F 137 -12.70 23.09 -35.46
C TYR F 137 -11.44 23.42 -36.28
N GLY F 138 -10.29 23.24 -35.66
CA GLY F 138 -9.04 23.62 -36.30
C GLY F 138 -9.06 25.12 -36.36
N GLU F 139 -9.11 25.66 -37.58
CA GLU F 139 -9.08 27.10 -37.79
C GLU F 139 -10.46 27.70 -38.05
N ALA F 140 -11.43 26.83 -38.31
CA ALA F 140 -12.76 27.26 -38.72
C ALA F 140 -13.77 27.36 -37.57
N TYR F 141 -14.47 28.50 -37.50
CA TYR F 141 -15.68 28.61 -36.68
C TYR F 141 -16.80 27.81 -37.36
N THR F 142 -17.43 26.87 -36.63
CA THR F 142 -18.33 25.89 -37.25
C THR F 142 -19.78 25.84 -36.76
N ASP F 143 -20.05 26.22 -35.51
CA ASP F 143 -21.41 26.09 -34.93
C ASP F 143 -21.60 26.94 -33.63
N THR F 144 -22.86 27.07 -33.18
CA THR F 144 -23.17 27.74 -31.91
C THR F 144 -24.32 27.05 -31.21
N TYR F 145 -24.42 27.28 -29.90
CA TYR F 145 -25.58 26.85 -29.12
C TYR F 145 -26.06 28.04 -28.30
N HIS F 146 -27.38 28.19 -28.16
CA HIS F 146 -27.97 29.38 -27.55
C HIS F 146 -28.40 29.16 -26.12
N SER F 147 -28.39 30.25 -25.35
CA SER F 147 -28.82 30.24 -23.98
C SER F 147 -30.27 29.72 -23.85
N TYR F 148 -30.52 28.81 -22.91
CA TYR F 148 -31.85 28.20 -22.77
C TYR F 148 -32.53 28.47 -21.44
N ALA F 149 -31.81 29.05 -20.49
CA ALA F 149 -32.43 29.56 -19.29
C ALA F 149 -32.15 31.04 -19.08
N ASN F 150 -31.57 31.69 -20.08
CA ASN F 150 -31.34 33.13 -20.04
C ASN F 150 -30.62 33.69 -18.81
N ASN F 151 -29.64 32.93 -18.30
CA ASN F 151 -28.82 33.38 -17.17
C ASN F 151 -27.44 32.76 -17.19
N ILE F 152 -26.50 33.45 -17.86
CA ILE F 152 -25.09 33.05 -17.99
C ILE F 152 -24.92 31.60 -18.45
N LEU F 153 -25.22 31.33 -19.72
CA LEU F 153 -24.85 30.07 -20.36
C LEU F 153 -23.38 29.89 -20.13
N ARG F 154 -22.98 28.65 -19.91
CA ARG F 154 -21.75 28.34 -19.15
C ARG F 154 -21.24 26.98 -19.59
N THR F 155 -19.92 26.77 -19.58
CA THR F 155 -19.40 25.42 -19.81
C THR F 155 -18.38 24.87 -18.73
N GLN F 156 -17.63 23.82 -19.06
CA GLN F 156 -16.86 23.03 -18.05
C GLN F 156 -15.63 23.66 -17.40
N GLU F 157 -14.94 24.53 -18.15
N GLU F 157 -14.95 24.54 -18.15
CA GLU F 157 -13.59 25.00 -17.76
CA GLU F 157 -13.60 25.02 -17.80
C GLU F 157 -12.60 23.84 -17.68
C GLU F 157 -12.61 23.85 -17.69
N SER F 158 -12.82 22.82 -18.52
CA SER F 158 -11.91 21.68 -18.64
C SER F 158 -12.17 20.90 -19.94
N ALA F 159 -11.30 19.94 -20.22
CA ALA F 159 -11.30 19.14 -21.45
C ALA F 159 -12.62 18.44 -21.68
N CYS F 160 -13.18 18.59 -22.88
CA CYS F 160 -14.28 17.71 -23.32
C CYS F 160 -13.68 16.32 -23.59
N ASN F 161 -14.48 15.40 -24.11
CA ASN F 161 -14.07 14.02 -24.24
C ASN F 161 -14.57 13.38 -25.52
N CYS F 162 -13.66 12.91 -26.36
CA CYS F 162 -14.04 12.41 -27.68
C CYS F 162 -13.85 10.92 -27.81
N ILE F 163 -14.84 10.26 -28.40
CA ILE F 163 -14.74 8.84 -28.74
C ILE F 163 -15.29 8.58 -30.15
N GLY F 164 -14.51 7.90 -30.99
CA GLY F 164 -14.98 7.54 -32.32
C GLY F 164 -15.43 8.76 -33.08
N GLY F 165 -14.88 9.91 -32.69
CA GLY F 165 -15.03 11.15 -33.45
C GLY F 165 -16.18 11.97 -32.94
N ASN F 166 -16.84 11.45 -31.93
CA ASN F 166 -17.93 12.12 -31.23
C ASN F 166 -17.39 12.69 -29.92
N CYS F 167 -17.48 14.01 -29.78
CA CYS F 167 -17.00 14.68 -28.55
C CYS F 167 -18.20 15.10 -27.73
N TYR F 168 -18.12 14.94 -26.40
CA TYR F 168 -19.24 15.20 -25.46
C TYR F 168 -18.87 16.33 -24.53
N LEU F 169 -19.77 17.31 -24.38
CA LEU F 169 -19.50 18.54 -23.61
C LEU F 169 -20.66 18.85 -22.69
N MET F 170 -20.36 19.18 -21.44
CA MET F 170 -21.34 19.65 -20.46
C MET F 170 -21.51 21.13 -20.58
N ILE F 171 -22.76 21.58 -20.41
CA ILE F 171 -23.08 23.01 -20.34
C ILE F 171 -24.13 23.19 -19.27
N THR F 172 -24.29 24.42 -18.79
CA THR F 172 -25.40 24.73 -17.91
C THR F 172 -25.85 26.18 -18.10
N ASP F 173 -27.00 26.51 -17.53
CA ASP F 173 -27.61 27.83 -17.68
C ASP F 173 -28.61 27.98 -16.53
N GLY F 174 -28.71 29.17 -15.98
CA GLY F 174 -29.55 29.37 -14.84
C GLY F 174 -28.90 30.18 -13.76
N SER F 175 -29.53 30.27 -12.61
CA SER F 175 -29.05 31.14 -11.56
C SER F 175 -27.98 30.43 -10.76
N ALA F 176 -26.86 31.12 -10.58
CA ALA F 176 -25.79 30.64 -9.73
C ALA F 176 -26.28 30.34 -8.31
N SER F 177 -27.40 30.98 -7.92
CA SER F 177 -28.00 30.86 -6.58
C SER F 177 -29.20 29.91 -6.49
N GLY F 178 -29.73 29.50 -7.64
CA GLY F 178 -30.96 28.72 -7.65
C GLY F 178 -30.81 27.54 -8.58
N ILE F 179 -31.83 27.33 -9.44
CA ILE F 179 -31.84 26.21 -10.38
C ILE F 179 -30.85 26.49 -11.52
N SER F 180 -29.99 25.51 -11.81
CA SER F 180 -29.22 25.49 -13.03
C SER F 180 -29.16 24.06 -13.57
N GLU F 181 -30.09 23.76 -14.45
CA GLU F 181 -30.20 22.41 -15.00
C GLU F 181 -29.29 22.27 -16.23
N CYS F 182 -28.27 21.43 -16.11
CA CYS F 182 -27.27 21.21 -17.14
C CYS F 182 -27.71 20.29 -18.31
N ARG F 183 -26.98 20.36 -19.43
CA ARG F 183 -27.24 19.54 -20.61
C ARG F 183 -25.92 19.07 -21.13
N PHE F 184 -25.95 18.10 -22.04
CA PHE F 184 -24.75 17.66 -22.72
C PHE F 184 -24.90 17.80 -24.22
N LEU F 185 -23.87 18.34 -24.87
CA LEU F 185 -23.84 18.39 -26.32
C LEU F 185 -22.96 17.28 -26.85
N LYS F 186 -23.38 16.71 -27.99
CA LYS F 186 -22.61 15.71 -28.73
C LYS F 186 -22.16 16.37 -30.04
N ILE F 187 -20.84 16.45 -30.22
CA ILE F 187 -20.29 17.28 -31.30
C ILE F 187 -19.41 16.45 -32.23
N ARG F 188 -19.66 16.56 -33.52
CA ARG F 188 -18.85 15.85 -34.48
C ARG F 188 -18.23 16.79 -35.52
N GLU F 189 -16.92 16.79 -35.61
CA GLU F 189 -16.18 17.64 -36.58
C GLU F 189 -16.69 19.08 -36.51
N GLY F 190 -16.77 19.59 -35.27
CA GLY F 190 -17.15 20.98 -34.99
C GLY F 190 -18.63 21.31 -34.99
N ARG F 191 -19.48 20.31 -35.24
CA ARG F 191 -20.94 20.56 -35.37
C ARG F 191 -21.77 19.70 -34.45
N ILE F 192 -22.84 20.28 -33.90
CA ILE F 192 -23.64 19.62 -32.86
C ILE F 192 -24.63 18.67 -33.49
N ILE F 193 -24.60 17.40 -33.08
CA ILE F 193 -25.44 16.41 -33.75
C ILE F 193 -26.49 15.76 -32.82
N LYS F 194 -26.44 16.14 -31.53
CA LYS F 194 -27.48 15.76 -30.57
C LYS F 194 -27.42 16.63 -29.30
N GLU F 195 -28.59 16.92 -28.72
CA GLU F 195 -28.69 17.48 -27.36
C GLU F 195 -29.15 16.36 -26.47
N ILE F 196 -28.53 16.28 -25.29
CA ILE F 196 -28.79 15.20 -24.36
C ILE F 196 -29.28 15.80 -23.07
N PHE F 197 -30.50 15.41 -22.65
CA PHE F 197 -31.09 15.97 -21.42
C PHE F 197 -31.02 14.94 -20.32
N PRO F 198 -30.22 15.22 -19.28
CA PRO F 198 -30.02 14.23 -18.18
C PRO F 198 -31.27 14.08 -17.32
N THR F 199 -31.41 12.94 -16.66
CA THR F 199 -32.54 12.63 -15.77
C THR F 199 -31.98 12.48 -14.36
N GLY F 200 -32.86 12.44 -13.36
CA GLY F 200 -32.47 12.29 -11.95
C GLY F 200 -32.32 13.58 -11.15
N ARG F 201 -31.25 13.65 -10.34
CA ARG F 201 -30.96 14.83 -9.52
C ARG F 201 -30.36 15.96 -10.39
N VAL F 202 -31.23 16.76 -11.03
CA VAL F 202 -30.82 17.77 -12.01
C VAL F 202 -30.99 19.24 -11.54
N LYS F 203 -31.50 19.38 -10.34
CA LYS F 203 -31.67 20.65 -9.63
C LYS F 203 -30.53 21.67 -9.87
N HIS F 204 -29.28 21.23 -9.69
CA HIS F 204 -28.14 22.17 -9.84
C HIS F 204 -26.84 21.45 -10.14
N THR F 205 -26.29 21.66 -11.34
CA THR F 205 -25.06 21.05 -11.77
C THR F 205 -24.16 22.02 -12.56
N GLU F 206 -22.91 22.24 -12.08
CA GLU F 206 -21.95 23.00 -12.87
C GLU F 206 -20.53 22.50 -12.97
N GLU F 207 -19.84 23.04 -13.98
CA GLU F 207 -18.42 22.84 -14.16
C GLU F 207 -18.02 21.39 -13.97
N CYS F 208 -18.69 20.51 -14.72
CA CYS F 208 -18.36 19.09 -14.69
C CYS F 208 -16.93 18.83 -15.13
N THR F 209 -16.23 18.04 -14.33
CA THR F 209 -14.94 17.51 -14.68
C THR F 209 -15.23 16.07 -15.09
N CYS F 210 -15.09 15.77 -16.39
CA CYS F 210 -15.56 14.52 -17.02
C CYS F 210 -14.41 13.71 -17.63
N GLY F 211 -14.57 12.38 -17.61
CA GLY F 211 -13.63 11.47 -18.27
C GLY F 211 -14.28 10.12 -18.55
N PHE F 212 -13.60 9.26 -19.30
CA PHE F 212 -14.12 7.95 -19.63
C PHE F 212 -13.86 6.96 -18.50
N ALA F 213 -14.94 6.31 -18.03
CA ALA F 213 -14.82 5.14 -17.21
C ALA F 213 -14.63 3.88 -18.08
N SER F 214 -14.99 3.95 -19.36
CA SER F 214 -14.78 2.86 -20.33
C SER F 214 -15.22 3.31 -21.70
N ASN F 215 -15.13 2.43 -22.71
CA ASN F 215 -15.71 2.74 -24.06
C ASN F 215 -17.23 3.03 -24.05
N LYS F 216 -17.91 2.65 -22.96
CA LYS F 216 -19.37 2.79 -22.85
C LYS F 216 -19.81 4.00 -21.99
N THR F 217 -19.01 4.43 -21.02
CA THR F 217 -19.46 5.41 -20.05
C THR F 217 -18.52 6.59 -19.83
N ILE F 218 -19.09 7.80 -19.76
CA ILE F 218 -18.40 8.98 -19.30
C ILE F 218 -18.94 9.30 -17.92
N GLU F 219 -18.08 9.74 -17.02
CA GLU F 219 -18.52 10.11 -15.68
C GLU F 219 -17.96 11.47 -15.39
N CYS F 220 -18.70 12.29 -14.63
CA CYS F 220 -18.27 13.64 -14.31
C CYS F 220 -18.52 13.95 -12.86
N ALA F 221 -17.57 14.62 -12.23
CA ALA F 221 -17.80 15.10 -10.86
C ALA F 221 -18.01 16.59 -10.93
N CYS F 222 -19.15 17.06 -10.47
CA CYS F 222 -19.51 18.45 -10.76
C CYS F 222 -19.61 19.33 -9.51
N ARG F 223 -20.21 20.52 -9.69
CA ARG F 223 -20.35 21.52 -8.63
C ARG F 223 -21.80 21.94 -8.49
N ASP F 224 -22.32 21.87 -7.27
CA ASP F 224 -23.58 22.45 -6.92
C ASP F 224 -23.28 23.73 -6.13
N ASN F 225 -23.63 24.87 -6.71
CA ASN F 225 -23.25 26.14 -6.13
C ASN F 225 -24.33 26.76 -5.21
N SER F 226 -25.44 26.03 -4.99
CA SER F 226 -26.52 26.48 -4.07
C SER F 226 -26.88 25.56 -2.92
N TYR F 227 -27.06 24.26 -3.22
CA TYR F 227 -27.83 23.38 -2.34
C TYR F 227 -27.02 22.45 -1.45
N THR F 228 -25.89 21.96 -1.96
CA THR F 228 -25.13 20.93 -1.26
C THR F 228 -23.58 20.98 -1.43
N ALA F 229 -22.86 20.45 -0.43
CA ALA F 229 -21.42 20.28 -0.51
C ALA F 229 -21.03 18.89 -1.04
N LYS F 230 -22.02 18.03 -1.27
CA LYS F 230 -21.79 16.78 -2.00
C LYS F 230 -21.64 17.14 -3.48
N ARG F 231 -20.79 16.44 -4.20
CA ARG F 231 -20.63 16.72 -5.63
C ARG F 231 -21.68 15.96 -6.41
N PRO F 232 -22.43 16.63 -7.28
CA PRO F 232 -23.31 15.88 -8.18
C PRO F 232 -22.45 14.97 -9.03
N PHE F 233 -22.95 13.79 -9.42
CA PHE F 233 -22.13 12.84 -10.17
C PHE F 233 -22.86 12.35 -11.40
N VAL F 234 -22.30 12.55 -12.57
CA VAL F 234 -22.97 12.21 -13.83
C VAL F 234 -22.44 10.89 -14.40
N LYS F 235 -23.34 10.08 -14.96
CA LYS F 235 -22.98 8.91 -15.73
C LYS F 235 -23.70 8.98 -17.07
N LEU F 236 -22.91 9.15 -18.13
CA LEU F 236 -23.43 9.32 -19.45
C LEU F 236 -23.13 8.04 -20.21
N ASN F 237 -24.16 7.41 -20.77
CA ASN F 237 -23.92 6.22 -21.62
C ASN F 237 -23.78 6.70 -23.04
N VAL F 238 -22.61 6.52 -23.64
CA VAL F 238 -22.32 7.10 -24.96
C VAL F 238 -22.79 6.23 -26.12
N GLU F 239 -23.37 5.06 -25.82
CA GLU F 239 -23.89 4.18 -26.88
C GLU F 239 -25.35 4.52 -27.09
N THR F 240 -26.08 4.68 -25.96
CA THR F 240 -27.48 5.11 -26.03
C THR F 240 -27.66 6.65 -25.94
N ASP F 241 -26.57 7.37 -25.64
CA ASP F 241 -26.61 8.82 -25.43
C ASP F 241 -27.64 9.23 -24.37
N THR F 242 -27.57 8.60 -23.20
CA THR F 242 -28.48 8.93 -22.08
C THR F 242 -27.66 9.30 -20.86
N ALA F 243 -28.13 10.21 -20.02
CA ALA F 243 -27.34 10.64 -18.88
C ALA F 243 -28.17 10.74 -17.63
N GLU F 244 -27.57 10.36 -16.51
CA GLU F 244 -28.23 10.32 -15.21
C GLU F 244 -27.33 11.02 -14.18
N ILE F 245 -27.94 11.68 -13.21
CA ILE F 245 -27.18 12.43 -12.21
C ILE F 245 -27.72 12.16 -10.81
N ARG F 246 -26.83 11.79 -9.89
CA ARG F 246 -27.17 11.68 -8.45
C ARG F 246 -26.00 12.22 -7.64
N LEU F 247 -26.29 12.71 -6.43
CA LEU F 247 -25.22 13.13 -5.51
C LEU F 247 -24.24 11.99 -5.12
N MET F 248 -22.97 12.36 -4.97
CA MET F 248 -21.94 11.46 -4.41
C MET F 248 -22.24 11.18 -2.96
N CYS F 249 -22.33 9.88 -2.64
CA CYS F 249 -22.73 9.42 -1.28
C CYS F 249 -21.60 9.47 -0.20
N THR F 250 -20.35 9.56 -0.65
CA THR F 250 -19.19 9.49 0.25
C THR F 250 -19.24 10.52 1.38
N GLU F 251 -18.77 10.15 2.57
CA GLU F 251 -18.75 11.09 3.68
C GLU F 251 -17.60 12.07 3.55
N THR F 252 -16.71 11.80 2.58
CA THR F 252 -15.61 12.69 2.22
C THR F 252 -16.10 13.75 1.20
N TYR F 253 -16.83 14.75 1.69
CA TYR F 253 -17.44 15.75 0.79
C TYR F 253 -16.35 16.56 0.06
N LEU F 254 -16.48 16.65 -1.27
CA LEU F 254 -15.41 17.17 -2.11
C LEU F 254 -15.51 18.66 -2.44
N ASP F 255 -16.63 19.29 -2.08
CA ASP F 255 -16.84 20.72 -2.40
C ASP F 255 -16.14 21.64 -1.40
N THR F 256 -16.14 22.94 -1.67
CA THR F 256 -15.73 23.98 -0.72
C THR F 256 -16.62 25.19 -1.00
N PRO F 257 -17.31 25.73 0.03
CA PRO F 257 -17.34 25.30 1.46
C PRO F 257 -17.93 23.90 1.63
N ARG F 258 -17.70 23.32 2.81
CA ARG F 258 -18.28 22.04 3.21
C ARG F 258 -18.31 21.93 4.76
N PRO F 259 -19.24 21.12 5.30
CA PRO F 259 -19.23 20.79 6.74
C PRO F 259 -18.24 19.64 7.05
N ASP F 260 -18.12 19.22 8.31
CA ASP F 260 -17.20 18.12 8.64
C ASP F 260 -17.59 16.85 7.89
N ASP F 261 -16.64 15.97 7.63
CA ASP F 261 -16.93 14.77 6.86
C ASP F 261 -17.92 13.94 7.63
N GLY F 262 -18.95 13.44 6.92
CA GLY F 262 -19.86 12.42 7.48
C GLY F 262 -21.00 12.98 8.30
N SER F 263 -21.01 14.29 8.49
CA SER F 263 -21.99 14.98 9.38
C SER F 263 -23.29 15.37 8.67
N ILE F 264 -23.43 15.03 7.39
CA ILE F 264 -24.73 15.17 6.74
C ILE F 264 -25.50 13.89 6.97
N THR F 265 -26.56 13.99 7.78
CA THR F 265 -27.40 12.84 8.17
C THR F 265 -28.41 12.46 7.08
N GLY F 266 -29.00 11.28 7.21
CA GLY F 266 -29.98 10.83 6.22
C GLY F 266 -29.27 9.97 5.19
N PRO F 267 -30.00 9.50 4.14
CA PRO F 267 -29.36 8.57 3.21
C PRO F 267 -28.57 9.30 2.14
N CYS F 268 -28.16 8.56 1.11
CA CYS F 268 -27.29 9.10 0.10
C CYS F 268 -27.80 10.40 -0.55
N GLU F 269 -29.12 10.58 -0.64
CA GLU F 269 -29.67 11.75 -1.33
C GLU F 269 -29.71 13.10 -0.56
N SER F 270 -29.47 13.08 0.75
CA SER F 270 -29.61 14.33 1.53
C SER F 270 -28.63 15.45 1.13
N ASN F 271 -29.08 16.71 1.16
CA ASN F 271 -28.26 17.85 0.75
C ASN F 271 -27.01 18.19 1.60
N GLY F 272 -27.05 18.42 2.91
CA GLY F 272 -28.11 19.05 3.69
C GLY F 272 -27.60 20.46 4.05
N ASP F 273 -26.42 20.55 4.72
CA ASP F 273 -25.89 21.88 5.20
C ASP F 273 -24.65 22.49 4.46
N LYS F 274 -24.42 23.80 4.71
CA LYS F 274 -23.31 24.58 4.11
C LYS F 274 -23.14 24.41 2.58
N GLY F 275 -24.27 24.19 1.89
CA GLY F 275 -24.29 23.89 0.48
C GLY F 275 -24.11 25.06 -0.48
N SER F 276 -24.25 26.30 0.00
CA SER F 276 -24.21 27.43 -0.93
C SER F 276 -22.76 27.86 -1.14
N GLY F 277 -22.43 28.21 -2.39
CA GLY F 277 -21.02 28.40 -2.83
C GLY F 277 -20.42 27.07 -3.28
N GLY F 278 -19.20 27.10 -3.81
CA GLY F 278 -18.62 25.90 -4.38
C GLY F 278 -17.34 26.16 -5.15
N ILE F 279 -16.81 25.08 -5.74
CA ILE F 279 -15.53 25.11 -6.44
C ILE F 279 -15.52 23.99 -7.49
N LYS F 280 -14.82 24.20 -8.60
CA LYS F 280 -14.59 23.14 -9.59
C LYS F 280 -13.61 22.15 -9.02
N GLY F 281 -13.83 20.86 -9.29
CA GLY F 281 -13.08 19.79 -8.62
C GLY F 281 -12.36 18.80 -9.52
N GLY F 282 -11.18 18.36 -9.09
CA GLY F 282 -10.41 17.41 -9.89
C GLY F 282 -11.01 16.01 -9.86
N PHE F 283 -10.89 15.31 -10.98
CA PHE F 283 -11.44 13.95 -11.10
C PHE F 283 -10.92 13.29 -12.36
N VAL F 284 -10.37 12.09 -12.21
CA VAL F 284 -9.78 11.38 -13.34
C VAL F 284 -9.84 9.89 -13.09
N HIS F 285 -9.92 9.11 -14.17
CA HIS F 285 -10.04 7.62 -14.13
C HIS F 285 -8.73 6.88 -14.36
N GLN F 286 -8.53 5.83 -13.57
CA GLN F 286 -7.46 4.86 -13.74
C GLN F 286 -8.15 3.55 -14.22
N ARG F 287 -8.00 3.20 -15.49
CA ARG F 287 -8.72 2.07 -16.05
C ARG F 287 -7.85 0.83 -16.15
N MET F 288 -8.16 -0.16 -15.32
CA MET F 288 -7.42 -1.43 -15.32
C MET F 288 -8.30 -2.55 -15.90
N ALA F 289 -7.69 -3.71 -16.18
CA ALA F 289 -8.39 -4.85 -16.82
C ALA F 289 -9.72 -5.23 -16.12
N SER F 290 -9.69 -5.46 -14.81
CA SER F 290 -10.88 -5.89 -14.07
C SER F 290 -11.15 -5.04 -12.83
N LYS F 291 -10.87 -3.75 -12.91
CA LYS F 291 -10.88 -2.88 -11.74
C LYS F 291 -10.91 -1.44 -12.27
N ILE F 292 -11.51 -0.53 -11.53
CA ILE F 292 -11.45 0.90 -11.87
C ILE F 292 -11.20 1.77 -10.66
N GLY F 293 -10.18 2.62 -10.75
CA GLY F 293 -9.89 3.56 -9.70
C GLY F 293 -10.42 4.94 -10.08
N ARG F 294 -11.00 5.63 -9.09
CA ARG F 294 -11.46 7.00 -9.27
C ARG F 294 -10.64 7.92 -8.36
N TRP F 295 -10.04 8.94 -8.96
CA TRP F 295 -9.10 9.82 -8.24
C TRP F 295 -9.73 11.18 -8.17
N TYR F 296 -9.62 11.86 -7.03
CA TYR F 296 -10.37 13.12 -6.80
C TYR F 296 -9.50 14.06 -6.01
N SER F 297 -9.78 15.35 -6.06
CA SER F 297 -9.03 16.29 -5.23
C SER F 297 -9.95 17.25 -4.54
N ARG F 298 -9.51 17.83 -3.43
CA ARG F 298 -10.33 18.80 -2.71
C ARG F 298 -9.48 19.65 -1.85
N THR F 299 -9.92 20.88 -1.58
CA THR F 299 -9.12 21.80 -0.79
C THR F 299 -8.75 21.14 0.52
N MET F 300 -7.70 21.64 1.15
CA MET F 300 -7.29 21.18 2.46
C MET F 300 -8.21 21.82 3.50
N SER F 301 -8.55 23.10 3.30
CA SER F 301 -9.43 23.84 4.18
C SER F 301 -10.89 23.57 3.82
N LYS F 302 -11.74 23.51 4.83
CA LYS F 302 -13.17 23.30 4.62
C LYS F 302 -13.95 24.56 4.13
N THR F 303 -13.41 25.75 4.40
CA THR F 303 -14.07 27.02 4.17
C THR F 303 -13.39 27.83 3.07
N LYS F 304 -12.09 27.61 2.91
CA LYS F 304 -11.28 28.48 2.09
C LYS F 304 -10.61 27.76 0.92
N ARG F 305 -10.19 28.55 -0.05
CA ARG F 305 -9.49 28.02 -1.21
C ARG F 305 -7.99 27.88 -0.97
N MET F 306 -7.65 27.01 -0.02
CA MET F 306 -6.27 26.80 0.44
C MET F 306 -5.93 25.30 0.47
N GLY F 307 -4.78 24.96 -0.09
CA GLY F 307 -4.37 23.56 -0.12
C GLY F 307 -5.07 22.73 -1.19
N MET F 308 -4.59 21.49 -1.38
CA MET F 308 -5.27 20.51 -2.22
C MET F 308 -4.77 19.11 -1.90
N GLY F 309 -5.68 18.25 -1.42
CA GLY F 309 -5.36 16.86 -1.12
C GLY F 309 -5.86 15.95 -2.23
N LEU F 310 -5.18 14.83 -2.44
CA LEU F 310 -5.60 13.84 -3.45
C LEU F 310 -6.22 12.66 -2.74
N TYR F 311 -7.33 12.17 -3.30
CA TYR F 311 -8.09 11.07 -2.69
C TYR F 311 -8.38 10.01 -3.76
N VAL F 312 -8.60 8.77 -3.32
CA VAL F 312 -8.82 7.63 -4.23
C VAL F 312 -9.79 6.56 -3.67
N LYS F 313 -10.53 5.93 -4.59
CA LYS F 313 -11.38 4.78 -4.30
C LYS F 313 -11.50 3.87 -5.50
N TYR F 314 -11.38 2.58 -5.25
CA TYR F 314 -11.40 1.58 -6.31
C TYR F 314 -12.76 0.87 -6.36
N ASP F 315 -13.35 0.80 -7.58
CA ASP F 315 -14.68 0.17 -7.84
C ASP F 315 -15.82 0.74 -6.97
N GLY F 316 -16.90 -0.04 -6.81
CA GLY F 316 -18.07 0.43 -6.11
C GLY F 316 -18.91 1.28 -7.04
N ASP F 317 -19.93 1.91 -6.45
CA ASP F 317 -20.81 2.86 -7.11
C ASP F 317 -20.82 4.14 -6.25
N PRO F 318 -20.29 5.26 -6.78
CA PRO F 318 -20.17 6.52 -6.03
C PRO F 318 -21.50 7.09 -5.62
N TRP F 319 -22.57 6.56 -6.24
CA TRP F 319 -23.92 7.07 -5.96
C TRP F 319 -24.44 6.54 -4.64
N THR F 320 -23.99 5.33 -4.26
CA THR F 320 -24.53 4.60 -3.12
C THR F 320 -23.51 4.25 -2.04
N ASP F 321 -22.21 4.38 -2.35
CA ASP F 321 -21.17 4.12 -1.37
C ASP F 321 -20.92 5.25 -0.41
N SER F 322 -21.24 5.03 0.87
CA SER F 322 -20.98 6.07 1.88
C SER F 322 -19.57 5.97 2.49
N ASP F 323 -18.82 4.92 2.13
CA ASP F 323 -17.46 4.73 2.67
C ASP F 323 -16.60 5.97 2.40
N ALA F 324 -15.70 6.28 3.35
CA ALA F 324 -14.80 7.40 3.18
C ALA F 324 -13.81 7.13 2.06
N LEU F 325 -13.46 8.17 1.31
CA LEU F 325 -12.39 8.13 0.31
C LEU F 325 -11.03 8.07 1.01
N ALA F 326 -10.14 7.24 0.47
CA ALA F 326 -8.78 7.11 1.00
C ALA F 326 -7.93 8.33 0.65
N LEU F 327 -7.39 9.01 1.69
CA LEU F 327 -6.48 10.14 1.51
C LEU F 327 -5.14 9.66 0.98
N SER F 328 -4.79 10.07 -0.24
CA SER F 328 -3.56 9.60 -0.89
C SER F 328 -2.34 10.53 -0.65
N GLY F 329 -2.52 11.85 -0.68
CA GLY F 329 -1.43 12.77 -0.32
C GLY F 329 -1.81 14.23 -0.35
N VAL F 330 -0.98 15.09 0.25
CA VAL F 330 -1.10 16.55 0.14
C VAL F 330 -0.30 17.09 -1.07
N MET F 331 -1.02 17.52 -2.11
CA MET F 331 -0.44 18.19 -3.29
C MET F 331 -0.13 19.67 -3.06
N VAL F 332 -0.90 20.34 -2.20
CA VAL F 332 -0.67 21.75 -1.92
C VAL F 332 -0.96 21.98 -0.45
N SER F 333 0.04 22.43 0.29
CA SER F 333 -0.12 22.62 1.71
C SER F 333 -1.11 23.75 1.96
N MET F 334 -1.71 23.70 3.15
CA MET F 334 -2.70 24.66 3.63
C MET F 334 -2.22 26.12 3.53
N GLU F 335 -0.92 26.33 3.40
CA GLU F 335 -0.37 27.69 3.30
C GLU F 335 -0.33 28.24 1.85
N GLU F 336 -0.66 27.40 0.88
CA GLU F 336 -0.64 27.81 -0.54
C GLU F 336 -2.06 27.76 -1.10
N PRO F 337 -2.33 28.58 -2.13
CA PRO F 337 -3.66 28.62 -2.67
C PRO F 337 -4.06 27.38 -3.50
N GLY F 338 -5.25 26.86 -3.23
CA GLY F 338 -5.85 25.79 -4.03
C GLY F 338 -7.21 26.18 -4.58
N TRP F 339 -7.23 26.58 -5.84
CA TRP F 339 -8.48 26.97 -6.45
C TRP F 339 -9.05 25.83 -7.31
N TYR F 340 -9.48 26.12 -8.53
CA TYR F 340 -10.06 25.06 -9.35
C TYR F 340 -9.10 23.90 -9.49
N SER F 341 -9.62 22.70 -9.77
CA SER F 341 -8.77 21.53 -10.09
C SER F 341 -9.46 20.71 -11.18
N PHE F 342 -8.71 19.98 -11.97
CA PHE F 342 -9.27 19.29 -13.12
C PHE F 342 -8.48 18.02 -13.47
N GLY F 343 -9.07 17.14 -14.28
CA GLY F 343 -8.39 15.93 -14.73
C GLY F 343 -8.17 15.91 -16.22
N PHE F 344 -7.17 15.15 -16.64
CA PHE F 344 -6.83 14.94 -18.04
C PHE F 344 -5.92 13.74 -18.15
N GLU F 345 -5.70 13.31 -19.39
CA GLU F 345 -4.95 12.11 -19.62
C GLU F 345 -3.91 12.38 -20.66
N ILE F 346 -2.69 11.94 -20.42
CA ILE F 346 -1.62 12.00 -21.40
C ILE F 346 -1.50 10.66 -22.16
N LYS F 347 -1.18 10.74 -23.46
CA LYS F 347 -1.19 9.54 -24.31
C LYS F 347 0.23 9.02 -24.52
N ASP F 348 0.62 8.04 -23.72
CA ASP F 348 1.84 7.26 -23.97
C ASP F 348 1.64 6.33 -25.20
N LYS F 349 2.68 5.61 -25.61
CA LYS F 349 2.64 4.84 -26.87
C LYS F 349 1.48 3.84 -26.97
N LYS F 350 1.22 3.15 -25.87
CA LYS F 350 0.20 2.09 -25.87
C LYS F 350 -0.79 2.17 -24.71
N CYS F 351 -0.72 3.23 -23.92
CA CYS F 351 -1.62 3.38 -22.78
C CYS F 351 -1.78 4.85 -22.38
N ASP F 352 -2.81 5.12 -21.58
CA ASP F 352 -3.12 6.48 -21.14
C ASP F 352 -2.72 6.75 -19.69
N VAL F 353 -2.24 7.95 -19.41
CA VAL F 353 -1.77 8.31 -18.07
C VAL F 353 -2.68 9.35 -17.46
N PRO F 354 -3.41 8.97 -16.40
CA PRO F 354 -4.29 9.89 -15.67
C PRO F 354 -3.48 10.93 -14.85
N CYS F 355 -3.93 12.19 -14.87
CA CYS F 355 -3.29 13.31 -14.17
C CYS F 355 -4.34 14.23 -13.64
N ILE F 356 -3.95 15.04 -12.64
CA ILE F 356 -4.83 16.06 -12.06
C ILE F 356 -4.03 17.34 -12.05
N GLY F 357 -4.62 18.39 -12.61
CA GLY F 357 -4.05 19.75 -12.58
C GLY F 357 -4.68 20.64 -11.50
N ILE F 358 -3.93 21.63 -11.00
CA ILE F 358 -4.43 22.50 -9.93
C ILE F 358 -4.12 23.97 -10.20
N GLU F 359 -5.18 24.77 -10.28
CA GLU F 359 -5.07 26.21 -10.46
C GLU F 359 -4.70 26.79 -9.11
N MET F 360 -3.66 27.60 -9.09
CA MET F 360 -3.10 28.11 -7.84
C MET F 360 -3.11 29.62 -7.97
N VAL F 361 -4.16 30.23 -7.46
CA VAL F 361 -4.46 31.63 -7.77
C VAL F 361 -3.68 32.58 -6.89
N HIS F 362 -3.10 33.61 -7.52
CA HIS F 362 -2.42 34.69 -6.83
C HIS F 362 -3.56 35.67 -6.62
N ASP F 363 -4.13 35.62 -5.43
CA ASP F 363 -5.13 36.56 -4.98
C ASP F 363 -4.60 37.60 -3.95
N GLY F 364 -4.64 38.88 -4.35
CA GLY F 364 -4.40 40.01 -3.44
C GLY F 364 -5.52 41.06 -3.43
N GLY F 365 -6.76 40.62 -3.68
CA GLY F 365 -7.89 41.57 -3.78
C GLY F 365 -8.05 42.30 -5.11
N LYS F 366 -9.07 43.18 -5.19
CA LYS F 366 -9.37 43.91 -6.44
C LYS F 366 -8.45 45.10 -6.77
N GLU F 367 -7.51 45.43 -5.88
CA GLU F 367 -6.68 46.62 -6.06
C GLU F 367 -5.37 46.34 -6.80
N THR F 368 -5.16 45.07 -7.12
CA THR F 368 -3.91 44.65 -7.83
C THR F 368 -4.23 43.54 -8.84
N TRP F 369 -3.24 42.90 -9.44
CA TRP F 369 -3.53 41.89 -10.47
C TRP F 369 -4.07 40.59 -9.89
N HIS F 370 -4.76 39.81 -10.75
CA HIS F 370 -5.31 38.54 -10.34
C HIS F 370 -5.02 37.49 -11.43
N SER F 371 -4.19 36.48 -11.12
CA SER F 371 -3.89 35.40 -12.06
C SER F 371 -3.68 34.08 -11.35
N ALA F 372 -3.07 33.12 -12.05
CA ALA F 372 -2.82 31.79 -11.44
C ALA F 372 -1.65 31.04 -12.03
N ALA F 373 -0.97 30.25 -11.19
CA ALA F 373 -0.05 29.19 -11.62
C ALA F 373 -0.82 27.89 -11.90
N THR F 374 -0.15 26.89 -12.49
CA THR F 374 -0.81 25.58 -12.72
C THR F 374 0.09 24.43 -12.31
N ALA F 375 -0.31 23.62 -11.33
CA ALA F 375 0.54 22.50 -10.86
C ALA F 375 -0.01 21.17 -11.37
N ILE F 376 0.87 20.27 -11.81
CA ILE F 376 0.43 19.00 -12.41
C ILE F 376 0.91 17.73 -11.64
N TYR F 377 -0.03 16.85 -11.32
CA TYR F 377 0.26 15.57 -10.67
C TYR F 377 -0.23 14.43 -11.55
N CYS F 378 0.58 13.40 -11.73
CA CYS F 378 0.20 12.26 -12.58
C CYS F 378 0.55 10.94 -11.93
N LEU F 379 -0.16 9.90 -12.37
CA LEU F 379 0.06 8.55 -11.91
C LEU F 379 1.40 8.14 -12.46
N MET F 380 2.32 7.78 -11.56
CA MET F 380 3.65 7.25 -11.97
C MET F 380 4.34 6.35 -10.90
N GLY F 381 4.60 5.09 -11.31
CA GLY F 381 5.26 4.10 -10.46
C GLY F 381 4.41 3.70 -9.26
N SER F 382 5.06 3.24 -8.20
CA SER F 382 4.39 2.71 -7.01
C SER F 382 4.81 3.49 -5.76
N GLY F 383 4.22 3.21 -4.61
CA GLY F 383 4.56 3.89 -3.36
C GLY F 383 3.50 4.86 -2.84
N GLN F 384 3.94 5.99 -2.28
CA GLN F 384 3.01 7.04 -1.82
C GLN F 384 3.44 8.36 -2.42
N LEU F 385 2.48 9.27 -2.56
CA LEU F 385 2.77 10.62 -3.01
C LEU F 385 3.78 11.31 -2.06
N LEU F 386 4.87 11.80 -2.63
CA LEU F 386 6.01 12.37 -1.90
C LEU F 386 6.14 13.91 -1.68
N TRP F 387 5.86 14.77 -2.67
CA TRP F 387 6.10 16.22 -2.45
C TRP F 387 4.98 17.17 -2.87
N ASP F 388 4.88 18.28 -2.13
CA ASP F 388 3.89 19.31 -2.44
C ASP F 388 4.39 20.36 -3.45
N THR F 389 3.54 21.33 -3.80
CA THR F 389 3.88 22.39 -4.78
C THR F 389 3.66 23.79 -4.23
N VAL F 390 4.66 24.64 -4.40
CA VAL F 390 4.48 26.06 -4.05
C VAL F 390 4.56 26.89 -5.35
N THR F 391 3.99 28.11 -5.38
CA THR F 391 4.09 28.90 -6.61
C THR F 391 5.43 29.65 -6.70
N GLY F 392 5.99 29.96 -5.51
CA GLY F 392 7.23 30.72 -5.40
C GLY F 392 7.04 32.21 -5.65
N VAL F 393 5.78 32.65 -5.88
CA VAL F 393 5.48 34.07 -6.27
C VAL F 393 5.15 35.02 -5.08
N ASP F 394 5.85 36.14 -5.07
CA ASP F 394 5.58 37.21 -4.15
C ASP F 394 4.85 38.30 -4.96
N MET F 395 3.63 38.60 -4.55
CA MET F 395 2.77 39.47 -5.32
C MET F 395 3.16 40.96 -5.30
N ALA F 396 4.07 41.32 -4.38
CA ALA F 396 4.54 42.69 -4.22
C ALA F 396 5.55 43.10 -5.32
N LEU F 397 6.13 42.10 -5.99
CA LEU F 397 7.26 42.34 -6.88
C LEU F 397 6.82 42.73 -8.29
N PRO G 9 -0.46 18.97 -53.17
CA PRO G 9 -1.60 19.90 -53.15
C PRO G 9 -2.06 20.33 -54.56
N GLU G 10 -3.25 20.95 -54.60
CA GLU G 10 -3.95 21.39 -55.83
C GLU G 10 -4.45 22.86 -55.79
N TRP G 11 -4.88 23.39 -56.94
CA TRP G 11 -5.50 24.71 -57.00
C TRP G 11 -6.80 24.71 -56.22
N THR G 12 -7.08 25.82 -55.53
CA THR G 12 -8.35 25.97 -54.83
C THR G 12 -9.34 26.80 -55.60
N TYR G 13 -10.62 26.61 -55.25
CA TYR G 13 -11.75 27.25 -55.90
C TYR G 13 -12.70 27.69 -54.77
N PRO G 14 -13.55 28.68 -55.00
CA PRO G 14 -14.57 28.94 -53.96
C PRO G 14 -15.57 27.79 -53.88
N ARG G 15 -16.00 27.40 -52.66
CA ARG G 15 -17.07 26.42 -52.50
C ARG G 15 -18.34 27.01 -51.90
N LEU G 16 -19.36 26.17 -51.68
CA LEU G 16 -20.53 26.61 -50.94
C LEU G 16 -20.12 27.03 -49.53
N SER G 17 -20.69 28.12 -49.03
CA SER G 17 -20.50 28.54 -47.65
C SER G 17 -21.01 27.51 -46.63
N CYS G 18 -20.45 27.58 -45.43
CA CYS G 18 -20.90 26.70 -44.36
C CYS G 18 -22.27 27.16 -43.94
N PRO G 19 -23.07 26.26 -43.30
CA PRO G 19 -24.41 26.63 -42.81
C PRO G 19 -24.39 27.78 -41.78
N GLY G 20 -25.42 28.62 -41.83
CA GLY G 20 -25.59 29.72 -40.88
C GLY G 20 -26.48 30.81 -41.45
N SER G 21 -27.05 31.62 -40.56
CA SER G 21 -27.84 32.75 -40.97
C SER G 21 -27.54 34.05 -40.18
N THR G 22 -26.55 34.01 -39.28
CA THR G 22 -26.10 35.24 -38.61
C THR G 22 -24.60 35.24 -38.36
N PHE G 23 -24.01 36.43 -38.34
CA PHE G 23 -22.63 36.60 -37.89
C PHE G 23 -22.57 36.68 -36.38
N GLN G 24 -21.43 36.31 -35.81
CA GLN G 24 -21.16 36.53 -34.37
C GLN G 24 -19.72 37.00 -34.15
N LYS G 25 -19.46 37.61 -33.00
CA LYS G 25 -18.14 38.07 -32.57
C LYS G 25 -17.22 36.89 -32.40
N ALA G 26 -16.10 36.89 -33.12
CA ALA G 26 -15.21 35.73 -33.09
C ALA G 26 -13.92 35.95 -32.29
N LEU G 27 -13.21 37.04 -32.56
CA LEU G 27 -11.87 37.17 -32.05
C LEU G 27 -11.38 38.60 -32.13
N LEU G 28 -10.64 39.03 -31.11
CA LEU G 28 -10.03 40.34 -31.10
C LEU G 28 -8.52 40.24 -31.07
N ILE G 29 -7.84 40.94 -31.97
CA ILE G 29 -6.37 41.11 -31.96
C ILE G 29 -6.04 42.56 -31.52
N SER G 30 -5.77 42.75 -30.23
CA SER G 30 -5.47 44.08 -29.74
C SER G 30 -4.09 44.11 -29.15
N PRO G 31 -3.07 44.22 -30.02
CA PRO G 31 -1.71 44.12 -29.60
C PRO G 31 -1.32 45.23 -28.65
N HIS G 32 -2.03 46.34 -28.71
CA HIS G 32 -1.66 47.52 -27.90
C HIS G 32 -2.10 47.47 -26.46
N ARG G 33 -2.90 46.45 -26.11
CA ARG G 33 -3.12 46.06 -24.71
C ARG G 33 -1.80 45.70 -23.98
N PHE G 34 -0.72 45.55 -24.74
CA PHE G 34 0.56 45.18 -24.21
C PHE G 34 1.64 46.23 -24.49
N GLY G 35 1.27 47.39 -25.02
CA GLY G 35 2.23 48.46 -25.24
C GLY G 35 2.47 49.50 -24.14
N GLU G 36 2.13 49.22 -22.89
CA GLU G 36 2.35 50.20 -21.79
C GLU G 36 3.84 50.47 -21.51
N THR G 37 4.15 51.68 -21.06
CA THR G 37 5.49 51.99 -20.54
C THR G 37 5.88 50.99 -19.48
N LYS G 38 4.91 50.62 -18.63
CA LYS G 38 5.10 49.74 -17.45
C LYS G 38 5.23 48.25 -17.79
N GLY G 39 4.85 47.87 -19.02
CA GLY G 39 4.93 46.48 -19.54
C GLY G 39 6.22 46.18 -20.29
N ASN G 40 6.38 44.94 -20.74
CA ASN G 40 7.65 44.50 -21.36
C ASN G 40 7.44 43.93 -22.77
N SER G 41 6.50 44.47 -23.55
CA SER G 41 6.25 43.94 -24.89
C SER G 41 6.54 44.95 -26.00
N ALA G 42 6.50 44.42 -27.22
CA ALA G 42 6.83 45.18 -28.40
C ALA G 42 5.81 45.01 -29.58
N PRO G 43 4.55 45.40 -29.35
CA PRO G 43 3.59 45.36 -30.49
C PRO G 43 4.01 46.31 -31.61
N LEU G 44 3.88 45.85 -32.84
CA LEU G 44 4.20 46.72 -33.98
C LEU G 44 3.16 47.83 -34.27
N ILE G 45 3.67 49.02 -34.60
CA ILE G 45 2.83 50.14 -35.05
C ILE G 45 2.39 49.90 -36.49
N ILE G 46 1.07 49.78 -36.66
CA ILE G 46 0.48 49.43 -37.96
C ILE G 46 -0.77 50.24 -38.35
N ARG G 47 -1.18 50.08 -39.60
CA ARG G 47 -2.53 50.43 -40.06
C ARG G 47 -2.87 49.51 -41.26
N GLU G 48 -4.02 49.71 -41.90
CA GLU G 48 -4.46 48.88 -43.05
C GLU G 48 -4.29 47.38 -42.77
N PRO G 49 -4.97 46.82 -41.75
CA PRO G 49 -4.83 45.39 -41.56
C PRO G 49 -5.78 44.65 -42.47
N PHE G 50 -5.53 43.35 -42.67
CA PHE G 50 -6.43 42.47 -43.37
C PHE G 50 -6.06 41.03 -43.16
N ILE G 51 -6.97 40.13 -43.49
CA ILE G 51 -6.76 38.72 -43.28
C ILE G 51 -6.99 37.93 -44.60
N ALA G 52 -6.17 36.87 -44.80
CA ALA G 52 -6.30 35.98 -45.94
C ALA G 52 -5.95 34.58 -45.54
N CYS G 53 -6.68 33.62 -46.06
CA CYS G 53 -6.53 32.22 -45.59
C CYS G 53 -6.25 31.26 -46.73
N GLY G 54 -5.41 30.28 -46.44
CA GLY G 54 -5.20 29.13 -47.32
C GLY G 54 -5.86 27.91 -46.71
N PRO G 55 -5.59 26.71 -47.26
CA PRO G 55 -6.25 25.46 -46.85
C PRO G 55 -5.92 24.99 -45.44
N LYS G 56 -4.81 25.46 -44.86
CA LYS G 56 -4.52 25.13 -43.48
C LYS G 56 -4.32 26.31 -42.48
N GLU G 57 -4.03 27.50 -43.00
CA GLU G 57 -3.60 28.63 -42.17
C GLU G 57 -4.30 29.95 -42.59
N CYS G 58 -4.67 30.79 -41.60
CA CYS G 58 -5.08 32.19 -41.86
C CYS G 58 -4.01 33.13 -41.36
N LYS G 59 -3.61 34.04 -42.24
CA LYS G 59 -2.55 35.00 -41.90
C LYS G 59 -3.15 36.36 -41.75
N HIS G 60 -2.65 37.11 -40.78
CA HIS G 60 -3.15 38.44 -40.42
C HIS G 60 -2.11 39.41 -40.89
N PHE G 61 -2.43 40.14 -41.96
CA PHE G 61 -1.49 41.10 -42.54
C PHE G 61 -1.71 42.54 -42.05
N ALA G 62 -0.65 43.36 -42.13
CA ALA G 62 -0.75 44.81 -41.89
C ALA G 62 0.40 45.58 -42.53
N LEU G 63 0.22 46.89 -42.69
CA LEU G 63 1.30 47.75 -43.12
C LEU G 63 1.92 48.46 -41.90
N THR G 64 3.08 48.03 -41.45
CA THR G 64 3.77 48.65 -40.33
C THR G 64 4.54 49.93 -40.69
N HIS G 65 4.79 50.81 -39.69
CA HIS G 65 5.74 51.93 -39.85
C HIS G 65 7.08 51.55 -39.28
N TYR G 66 7.33 50.24 -39.15
CA TYR G 66 8.66 49.73 -38.77
C TYR G 66 9.08 50.35 -37.43
N ALA G 67 8.10 50.46 -36.54
CA ALA G 67 8.31 51.01 -35.21
C ALA G 67 7.41 50.30 -34.24
N ALA G 68 7.70 50.40 -32.94
CA ALA G 68 6.99 49.63 -31.93
C ALA G 68 6.59 50.53 -30.81
N GLN G 69 5.62 50.06 -29.99
CA GLN G 69 5.13 50.74 -28.82
C GLN G 69 5.40 49.90 -27.55
N PRO G 70 6.10 50.48 -26.53
CA PRO G 70 6.68 51.81 -26.52
C PRO G 70 7.91 51.91 -27.40
N GLY G 71 8.26 53.13 -27.79
CA GLY G 71 9.44 53.40 -28.62
C GLY G 71 9.67 54.90 -28.76
N GLY G 72 10.60 55.25 -29.64
CA GLY G 72 10.90 56.66 -29.90
C GLY G 72 10.72 57.07 -31.36
N TYR G 73 10.01 56.26 -32.13
CA TYR G 73 9.74 56.61 -33.54
C TYR G 73 8.27 56.91 -33.90
N TYR G 74 7.55 57.52 -32.95
CA TYR G 74 6.15 57.86 -33.11
C TYR G 74 5.90 58.94 -34.20
N ASN G 75 6.74 59.98 -34.19
CA ASN G 75 6.65 61.01 -35.22
C ASN G 75 6.62 60.36 -36.60
N GLY G 76 5.53 60.61 -37.36
CA GLY G 76 5.36 60.10 -38.74
C GLY G 76 4.37 58.94 -38.88
N THR G 77 3.88 58.44 -37.77
CA THR G 77 3.14 57.18 -37.83
C THR G 77 1.71 57.41 -38.26
N ARG G 78 1.27 58.68 -38.29
CA ARG G 78 -0.01 59.10 -38.89
C ARG G 78 0.05 59.27 -40.43
N GLY G 79 1.25 59.45 -40.97
CA GLY G 79 1.42 59.57 -42.42
C GLY G 79 1.05 58.29 -43.16
N ASP G 80 0.82 58.42 -44.45
CA ASP G 80 0.35 57.30 -45.24
C ASP G 80 1.43 56.51 -45.95
N ARG G 81 2.43 57.22 -46.47
CA ARG G 81 3.53 56.64 -47.26
C ARG G 81 4.90 57.15 -46.75
N ASN G 82 5.89 56.26 -46.64
CA ASN G 82 7.30 56.62 -46.45
C ASN G 82 8.17 55.42 -46.90
N LYS G 83 9.48 55.62 -46.85
CA LYS G 83 10.45 54.62 -47.20
C LYS G 83 10.67 53.46 -46.20
N LEU G 84 10.06 53.50 -45.02
CA LEU G 84 10.24 52.43 -43.99
C LEU G 84 9.06 51.43 -43.93
N ARG G 85 7.94 51.86 -44.42
CA ARG G 85 6.70 51.09 -44.44
C ARG G 85 6.86 49.66 -45.03
N HIS G 86 6.37 48.66 -44.33
CA HIS G 86 6.55 47.27 -44.78
C HIS G 86 5.28 46.44 -44.65
N LEU G 87 5.10 45.47 -45.55
CA LEU G 87 4.01 44.50 -45.40
C LEU G 87 4.51 43.41 -44.47
N ILE G 88 3.78 43.15 -43.38
CA ILE G 88 4.13 42.11 -42.38
C ILE G 88 2.92 41.15 -42.16
N SER G 89 3.17 40.00 -41.55
CA SER G 89 2.10 39.11 -41.16
C SER G 89 2.48 38.26 -39.96
N VAL G 90 1.44 37.71 -39.34
CA VAL G 90 1.51 36.63 -38.36
C VAL G 90 0.36 35.64 -38.64
N LYS G 91 0.54 34.42 -38.17
CA LYS G 91 -0.53 33.47 -38.12
C LYS G 91 -1.67 34.07 -37.27
N LEU G 92 -2.89 34.08 -37.84
CA LEU G 92 -4.03 34.67 -37.12
C LEU G 92 -4.18 34.05 -35.75
N GLY G 93 -4.29 34.88 -34.72
CA GLY G 93 -4.27 34.37 -33.34
C GLY G 93 -3.04 34.73 -32.54
N LYS G 94 -1.96 35.11 -33.22
CA LYS G 94 -0.73 35.57 -32.59
C LYS G 94 -0.73 37.10 -32.55
N ILE G 95 -0.15 37.67 -31.49
CA ILE G 95 0.02 39.10 -31.38
C ILE G 95 1.18 39.51 -32.30
N PRO G 96 0.95 40.51 -33.20
CA PRO G 96 2.03 40.93 -34.08
C PRO G 96 3.00 41.88 -33.38
N THR G 97 4.02 41.29 -32.77
CA THR G 97 5.08 42.00 -32.11
C THR G 97 6.33 41.97 -33.03
N VAL G 98 7.44 42.56 -32.55
CA VAL G 98 8.68 42.61 -33.34
C VAL G 98 9.10 41.19 -33.65
N GLU G 99 9.11 40.30 -32.64
CA GLU G 99 9.66 38.95 -32.81
C GLU G 99 8.69 38.01 -33.49
N ASN G 100 7.42 38.10 -33.16
CA ASN G 100 6.41 37.22 -33.75
C ASN G 100 6.18 37.38 -35.27
N SER G 101 6.32 38.62 -35.76
CA SER G 101 6.00 38.96 -37.15
C SER G 101 7.08 38.50 -38.08
N ILE G 102 6.73 38.43 -39.37
CA ILE G 102 7.67 38.30 -40.46
C ILE G 102 7.48 39.51 -41.41
N PHE G 103 8.59 40.09 -41.89
CA PHE G 103 8.59 41.20 -42.86
C PHE G 103 8.72 40.66 -44.26
N HIS G 104 7.68 40.88 -45.09
CA HIS G 104 7.61 40.31 -46.44
C HIS G 104 8.35 41.15 -47.48
N MET G 105 7.98 42.43 -47.55
CA MET G 105 8.60 43.40 -48.45
C MET G 105 8.32 44.84 -48.04
N ALA G 106 9.14 45.79 -48.50
CA ALA G 106 8.79 47.21 -48.36
C ALA G 106 7.48 47.50 -49.11
N ALA G 107 6.59 48.29 -48.50
CA ALA G 107 5.32 48.63 -49.13
C ALA G 107 4.58 49.64 -48.26
N TRP G 108 3.85 50.55 -48.92
CA TRP G 108 2.90 51.39 -48.21
C TRP G 108 1.47 51.18 -48.75
N SER G 109 1.29 50.10 -49.50
CA SER G 109 -0.04 49.63 -49.91
C SER G 109 0.11 48.15 -50.19
N GLY G 110 -0.86 47.34 -49.79
CA GLY G 110 -0.65 45.90 -49.86
C GLY G 110 -1.82 45.01 -50.22
N SER G 111 -1.54 43.71 -50.38
CA SER G 111 -2.52 42.66 -50.63
C SER G 111 -1.83 41.29 -50.55
N ALA G 112 -2.62 40.24 -50.43
CA ALA G 112 -2.07 38.89 -50.38
C ALA G 112 -3.17 37.85 -50.61
N CYS G 113 -2.77 36.66 -51.03
CA CYS G 113 -3.72 35.57 -51.29
C CYS G 113 -2.96 34.26 -51.57
N HIS G 114 -3.62 33.16 -51.23
CA HIS G 114 -3.16 31.80 -51.43
C HIS G 114 -3.93 31.19 -52.59
N ASP G 115 -3.25 30.49 -53.49
CA ASP G 115 -3.88 29.90 -54.67
C ASP G 115 -4.15 28.42 -54.49
N GLY G 116 -3.79 27.90 -53.35
CA GLY G 116 -3.93 26.47 -53.11
C GLY G 116 -2.62 25.75 -53.00
N LYS G 117 -1.58 26.26 -53.68
CA LYS G 117 -0.22 25.72 -53.56
C LYS G 117 0.72 26.63 -52.78
N GLU G 118 0.52 27.94 -52.87
CA GLU G 118 1.50 28.92 -52.39
C GLU G 118 0.90 30.33 -52.21
N TRP G 119 1.51 31.07 -51.28
CA TRP G 119 1.19 32.48 -51.00
C TRP G 119 1.76 33.43 -52.07
N THR G 120 0.89 34.34 -52.51
CA THR G 120 1.29 35.50 -53.28
C THR G 120 1.23 36.72 -52.37
N TYR G 121 2.25 37.56 -52.40
CA TYR G 121 2.28 38.79 -51.63
C TYR G 121 2.44 40.02 -52.54
N ILE G 122 1.65 41.05 -52.27
CA ILE G 122 1.65 42.25 -53.13
C ILE G 122 1.93 43.48 -52.31
N GLY G 123 2.89 44.26 -52.77
CA GLY G 123 3.27 45.48 -52.09
C GLY G 123 3.70 46.58 -53.04
N VAL G 124 3.11 47.77 -52.88
CA VAL G 124 3.46 48.94 -53.64
C VAL G 124 4.34 49.88 -52.83
N ASP G 125 5.48 50.29 -53.39
CA ASP G 125 6.23 51.45 -52.87
C ASP G 125 6.78 52.35 -54.01
N GLY G 126 7.69 53.25 -53.69
CA GLY G 126 8.20 54.17 -54.70
C GLY G 126 7.64 55.59 -54.59
N PRO G 127 8.14 56.50 -55.43
CA PRO G 127 7.74 57.89 -55.23
C PRO G 127 6.33 58.18 -55.73
N GLU G 128 5.78 59.29 -55.24
CA GLU G 128 4.41 59.74 -55.55
C GLU G 128 4.07 59.62 -57.04
N ASN G 129 4.93 60.18 -57.86
CA ASN G 129 4.62 60.36 -59.26
C ASN G 129 5.07 59.20 -60.13
N ASN G 130 5.53 58.12 -59.49
CA ASN G 130 5.96 56.92 -60.23
C ASN G 130 6.15 55.68 -59.35
N ALA G 131 5.21 55.46 -58.42
CA ALA G 131 5.20 54.25 -57.57
C ALA G 131 5.25 52.96 -58.39
N LEU G 132 5.50 51.87 -57.67
CA LEU G 132 5.74 50.55 -58.27
C LEU G 132 5.16 49.39 -57.47
N LEU G 133 4.37 48.56 -58.13
CA LEU G 133 3.74 47.43 -57.47
C LEU G 133 4.66 46.26 -57.64
N LYS G 134 4.89 45.54 -56.55
CA LYS G 134 5.85 44.44 -56.54
C LYS G 134 5.13 43.19 -56.10
N ILE G 135 5.50 42.07 -56.69
CA ILE G 135 4.86 40.76 -56.45
C ILE G 135 5.91 39.77 -56.00
N LYS G 136 5.56 38.98 -54.99
CA LYS G 136 6.46 38.00 -54.38
C LYS G 136 5.69 36.67 -54.24
N TYR G 137 6.26 35.58 -54.75
CA TYR G 137 5.60 34.25 -54.74
C TYR G 137 6.39 33.28 -53.87
N GLY G 138 5.85 32.97 -52.69
CA GLY G 138 6.61 32.29 -51.64
C GLY G 138 7.73 33.21 -51.19
N GLU G 139 8.95 32.83 -51.50
CA GLU G 139 10.11 33.57 -51.05
C GLU G 139 10.72 34.42 -52.15
N ALA G 140 10.28 34.19 -53.40
CA ALA G 140 10.88 34.83 -54.58
C ALA G 140 10.16 36.12 -55.06
N TYR G 141 10.92 37.18 -55.29
CA TYR G 141 10.36 38.33 -55.99
C TYR G 141 10.21 37.97 -57.49
N THR G 142 9.03 38.13 -58.06
CA THR G 142 8.74 37.56 -59.39
C THR G 142 8.30 38.50 -60.54
N ASP G 143 7.76 39.68 -60.22
CA ASP G 143 7.22 40.62 -61.20
C ASP G 143 6.90 42.04 -60.61
N THR G 144 6.70 43.02 -61.53
CA THR G 144 6.23 44.37 -61.15
C THR G 144 5.22 44.91 -62.14
N TYR G 145 4.46 45.91 -61.67
CA TYR G 145 3.57 46.72 -62.54
C TYR G 145 3.85 48.19 -62.24
N HIS G 146 3.87 48.99 -63.31
CA HIS G 146 4.27 50.39 -63.27
C HIS G 146 3.06 51.34 -63.14
N SER G 147 3.26 52.47 -62.47
CA SER G 147 2.29 53.53 -62.44
C SER G 147 1.83 53.94 -63.85
N TYR G 148 0.52 54.10 -64.03
CA TYR G 148 -0.02 54.45 -65.35
C TYR G 148 -0.78 55.79 -65.39
N ALA G 149 -0.95 56.41 -64.22
CA ALA G 149 -1.52 57.76 -64.18
C ALA G 149 -0.62 58.68 -63.35
N ASN G 150 0.53 58.17 -62.93
CA ASN G 150 1.57 59.00 -62.29
C ASN G 150 1.08 59.78 -61.07
N ASN G 151 0.21 59.14 -60.29
CA ASN G 151 -0.22 59.72 -59.04
C ASN G 151 -0.64 58.67 -58.04
N ILE G 152 0.35 58.20 -57.28
CA ILE G 152 0.17 57.21 -56.22
C ILE G 152 -0.55 55.96 -56.74
N LEU G 153 0.14 55.21 -57.58
CA LEU G 153 -0.26 53.82 -57.82
C LEU G 153 -0.52 53.10 -56.48
N ARG G 154 -1.63 52.36 -56.43
CA ARG G 154 -2.31 51.98 -55.18
C ARG G 154 -3.01 50.64 -55.37
N THR G 155 -3.18 49.87 -54.27
CA THR G 155 -3.93 48.59 -54.32
C THR G 155 -4.96 48.41 -53.20
N GLN G 156 -5.46 47.18 -52.98
CA GLN G 156 -6.69 46.92 -52.22
C GLN G 156 -6.71 47.12 -50.71
N GLU G 157 -5.56 46.91 -50.06
N GLU G 157 -5.55 46.90 -50.07
CA GLU G 157 -5.49 46.79 -48.60
CA GLU G 157 -5.44 46.79 -48.61
C GLU G 157 -6.34 45.65 -48.10
C GLU G 157 -6.33 45.66 -48.10
N SER G 158 -6.50 44.63 -48.94
CA SER G 158 -7.18 43.39 -48.53
C SER G 158 -6.87 42.24 -49.48
N ALA G 159 -7.31 41.05 -49.09
CA ALA G 159 -7.04 39.81 -49.82
C ALA G 159 -7.39 39.87 -51.30
N CYS G 160 -6.45 39.47 -52.14
CA CYS G 160 -6.77 39.15 -53.55
C CYS G 160 -7.49 37.79 -53.57
N ASN G 161 -7.84 37.32 -54.77
CA ASN G 161 -8.72 36.20 -54.90
C ASN G 161 -8.32 35.27 -55.96
N CYS G 162 -8.02 34.04 -55.59
CA CYS G 162 -7.49 33.07 -56.56
C CYS G 162 -8.49 31.96 -56.95
N ILE G 163 -8.52 31.62 -58.23
CA ILE G 163 -9.29 30.49 -58.73
C ILE G 163 -8.50 29.76 -59.81
N GLY G 164 -8.41 28.43 -59.67
CA GLY G 164 -7.71 27.60 -60.66
C GLY G 164 -6.32 28.11 -60.94
N GLY G 165 -5.72 28.71 -59.90
CA GLY G 165 -4.33 29.19 -59.93
C GLY G 165 -4.16 30.59 -60.47
N ASN G 166 -5.26 31.20 -60.92
CA ASN G 166 -5.28 32.56 -61.40
C ASN G 166 -5.76 33.48 -60.26
N CYS G 167 -4.91 34.43 -59.89
CA CYS G 167 -5.26 35.39 -58.85
C CYS G 167 -5.60 36.77 -59.44
N TYR G 168 -6.72 37.35 -58.98
CA TYR G 168 -7.18 38.62 -59.49
C TYR G 168 -6.99 39.72 -58.46
N LEU G 169 -6.42 40.85 -58.89
CA LEU G 169 -6.10 41.97 -58.01
C LEU G 169 -6.59 43.33 -58.57
N MET G 170 -7.27 44.13 -57.76
CA MET G 170 -7.54 45.52 -58.12
C MET G 170 -6.37 46.45 -57.83
N ILE G 171 -6.14 47.37 -58.76
CA ILE G 171 -5.22 48.51 -58.54
C ILE G 171 -5.91 49.81 -59.03
N THR G 172 -5.38 50.94 -58.57
CA THR G 172 -5.80 52.24 -59.09
C THR G 172 -4.66 53.26 -59.07
N ASP G 173 -4.83 54.33 -59.81
CA ASP G 173 -3.82 55.35 -59.95
C ASP G 173 -4.57 56.63 -60.37
N GLY G 174 -4.11 57.77 -59.89
CA GLY G 174 -4.80 59.00 -60.20
C GLY G 174 -4.97 59.84 -58.95
N SER G 175 -5.71 60.93 -59.08
CA SER G 175 -5.80 61.90 -58.02
C SER G 175 -6.84 61.48 -57.00
N ALA G 176 -6.45 61.51 -55.71
CA ALA G 176 -7.34 61.14 -54.63
C ALA G 176 -8.55 62.07 -54.61
N SER G 177 -8.44 63.25 -55.24
CA SER G 177 -9.53 64.26 -55.34
C SER G 177 -10.24 64.31 -56.71
N GLY G 178 -9.71 63.62 -57.71
CA GLY G 178 -10.26 63.73 -59.05
C GLY G 178 -10.49 62.35 -59.65
N ILE G 179 -9.99 62.16 -60.88
CA ILE G 179 -10.18 60.91 -61.61
C ILE G 179 -9.15 59.93 -61.12
N SER G 180 -9.63 58.71 -60.75
CA SER G 180 -8.77 57.57 -60.48
C SER G 180 -9.42 56.31 -61.06
N GLU G 181 -9.02 55.96 -62.28
CA GLU G 181 -9.62 54.87 -63.01
C GLU G 181 -8.86 53.58 -62.71
N CYS G 182 -9.52 52.62 -62.07
CA CYS G 182 -8.88 51.39 -61.65
C CYS G 182 -8.70 50.35 -62.78
N ARG G 183 -7.81 49.39 -62.56
CA ARG G 183 -7.62 48.24 -63.43
C ARG G 183 -7.53 46.99 -62.56
N PHE G 184 -7.57 45.84 -63.22
CA PHE G 184 -7.39 44.58 -62.54
C PHE G 184 -6.24 43.78 -63.15
N LEU G 185 -5.41 43.19 -62.28
CA LEU G 185 -4.36 42.31 -62.75
C LEU G 185 -4.77 40.86 -62.55
N LYS G 186 -4.46 40.02 -63.54
CA LYS G 186 -4.60 38.58 -63.44
C LYS G 186 -3.18 37.98 -63.33
N ILE G 187 -2.92 37.29 -62.21
CA ILE G 187 -1.57 36.89 -61.83
C ILE G 187 -1.48 35.36 -61.63
N ARG G 188 -0.47 34.73 -62.22
CA ARG G 188 -0.34 33.29 -62.10
C ARG G 188 1.09 32.94 -61.64
N GLU G 189 1.19 32.20 -60.55
CA GLU G 189 2.48 31.82 -59.96
C GLU G 189 3.44 33.01 -59.87
N GLY G 190 2.86 34.16 -59.47
CA GLY G 190 3.61 35.37 -59.14
C GLY G 190 3.88 36.29 -60.29
N ARG G 191 3.39 35.92 -61.49
CA ARG G 191 3.60 36.70 -62.72
C ARG G 191 2.31 37.15 -63.33
N ILE G 192 2.31 38.35 -63.93
CA ILE G 192 1.11 38.94 -64.50
C ILE G 192 0.88 38.43 -65.89
N ILE G 193 -0.29 37.86 -66.13
CA ILE G 193 -0.57 37.27 -67.45
C ILE G 193 -1.67 37.97 -68.24
N LYS G 194 -2.33 38.95 -67.61
CA LYS G 194 -3.33 39.78 -68.27
C LYS G 194 -3.67 41.09 -67.50
N GLU G 195 -3.84 42.18 -68.23
CA GLU G 195 -4.43 43.43 -67.72
C GLU G 195 -5.89 43.46 -68.15
N ILE G 196 -6.76 43.86 -67.23
CA ILE G 196 -8.17 43.90 -67.47
C ILE G 196 -8.61 45.34 -67.23
N PHE G 197 -9.24 45.93 -68.25
CA PHE G 197 -9.67 47.34 -68.18
C PHE G 197 -11.18 47.36 -68.09
N PRO G 198 -11.69 47.77 -66.91
CA PRO G 198 -13.13 47.74 -66.67
C PRO G 198 -13.87 48.75 -67.54
N THR G 199 -15.16 48.49 -67.79
CA THR G 199 -16.04 49.39 -68.57
C THR G 199 -17.11 49.91 -67.64
N GLY G 200 -17.79 51.01 -68.04
CA GLY G 200 -18.88 51.58 -67.23
C GLY G 200 -18.54 52.82 -66.37
N ARG G 201 -19.02 52.81 -65.14
CA ARG G 201 -18.80 53.92 -64.22
C ARG G 201 -17.41 53.78 -63.61
N VAL G 202 -16.42 54.37 -64.28
CA VAL G 202 -15.01 54.15 -63.95
C VAL G 202 -14.32 55.40 -63.46
N LYS G 203 -15.04 56.51 -63.50
CA LYS G 203 -14.62 57.84 -63.01
C LYS G 203 -13.73 57.76 -61.74
N HIS G 204 -14.17 57.03 -60.72
CA HIS G 204 -13.35 56.94 -59.53
C HIS G 204 -13.59 55.68 -58.69
N THR G 205 -12.59 54.80 -58.62
CA THR G 205 -12.69 53.56 -57.84
C THR G 205 -11.43 53.28 -57.01
N GLU G 206 -11.59 53.10 -55.71
CA GLU G 206 -10.47 52.61 -54.90
C GLU G 206 -10.75 51.55 -53.86
N GLU G 207 -9.66 50.95 -53.39
CA GLU G 207 -9.66 50.01 -52.31
C GLU G 207 -10.78 49.01 -52.39
N CYS G 208 -10.88 48.31 -53.52
CA CYS G 208 -11.94 47.34 -53.66
C CYS G 208 -11.80 46.25 -52.64
N THR G 209 -12.91 45.89 -52.01
CA THR G 209 -13.03 44.71 -51.17
C THR G 209 -13.75 43.69 -52.02
N CYS G 210 -13.07 42.62 -52.42
CA CYS G 210 -13.53 41.68 -53.47
C CYS G 210 -13.64 40.26 -52.96
N GLY G 211 -14.57 39.49 -53.54
CA GLY G 211 -14.74 38.06 -53.27
C GLY G 211 -15.48 37.36 -54.42
N PHE G 212 -15.58 36.03 -54.32
CA PHE G 212 -16.32 35.25 -55.28
C PHE G 212 -17.83 35.19 -54.97
N ALA G 213 -18.64 35.51 -55.98
CA ALA G 213 -20.05 35.29 -55.95
C ALA G 213 -20.32 33.87 -56.48
N SER G 214 -19.37 33.36 -57.26
CA SER G 214 -19.50 32.01 -57.79
C SER G 214 -18.23 31.69 -58.50
N ASN G 215 -18.12 30.48 -59.06
CA ASN G 215 -16.95 30.09 -59.93
C ASN G 215 -16.76 31.00 -61.16
N LYS G 216 -17.79 31.78 -61.51
CA LYS G 216 -17.80 32.62 -62.72
C LYS G 216 -17.56 34.11 -62.38
N THR G 217 -17.93 34.57 -61.19
CA THR G 217 -17.95 36.03 -60.91
C THR G 217 -17.27 36.50 -59.63
N ILE G 218 -16.39 37.48 -59.77
CA ILE G 218 -15.87 38.20 -58.62
C ILE G 218 -16.64 39.52 -58.49
N GLU G 219 -16.99 39.90 -57.26
CA GLU G 219 -17.66 41.18 -57.03
C GLU G 219 -16.89 41.98 -55.99
N CYS G 220 -16.89 43.30 -56.13
CA CYS G 220 -16.12 44.13 -55.23
C CYS G 220 -16.89 45.34 -54.83
N ALA G 221 -16.93 45.64 -53.54
CA ALA G 221 -17.48 46.89 -53.07
C ALA G 221 -16.33 47.86 -52.80
N CYS G 222 -16.35 49.00 -53.47
CA CYS G 222 -15.20 49.90 -53.47
C CYS G 222 -15.49 51.27 -52.87
N ARG G 223 -14.55 52.21 -53.07
CA ARG G 223 -14.58 53.53 -52.43
C ARG G 223 -14.43 54.60 -53.51
N ASP G 224 -15.30 55.60 -53.49
CA ASP G 224 -15.14 56.76 -54.35
C ASP G 224 -14.78 57.87 -53.38
N ASN G 225 -13.60 58.45 -53.59
CA ASN G 225 -13.05 59.37 -52.62
C ASN G 225 -13.31 60.83 -52.99
N SER G 226 -14.02 61.05 -54.10
CA SER G 226 -14.35 62.42 -54.57
C SER G 226 -15.83 62.68 -54.77
N TYR G 227 -16.50 61.75 -55.44
CA TYR G 227 -17.75 62.11 -56.13
C TYR G 227 -19.03 61.72 -55.43
N THR G 228 -19.02 60.60 -54.73
CA THR G 228 -20.26 60.07 -54.21
C THR G 228 -20.05 59.31 -52.88
N ALA G 229 -21.10 59.18 -52.10
CA ALA G 229 -21.11 58.31 -50.93
C ALA G 229 -21.71 56.92 -51.24
N LYS G 230 -22.20 56.71 -52.46
CA LYS G 230 -22.59 55.36 -52.87
C LYS G 230 -21.29 54.64 -53.18
N ARG G 231 -21.18 53.38 -52.82
CA ARG G 231 -19.99 52.59 -53.17
C ARG G 231 -20.07 52.11 -54.63
N PRO G 232 -19.01 52.32 -55.41
CA PRO G 232 -18.92 51.69 -56.72
C PRO G 232 -18.93 50.17 -56.57
N PHE G 233 -19.49 49.44 -57.51
CA PHE G 233 -19.62 48.01 -57.36
C PHE G 233 -19.12 47.33 -58.60
N VAL G 234 -18.12 46.47 -58.46
CA VAL G 234 -17.50 45.78 -59.61
C VAL G 234 -18.02 44.36 -59.78
N LYS G 235 -18.23 43.99 -61.04
CA LYS G 235 -18.55 42.61 -61.42
C LYS G 235 -17.55 42.16 -62.47
N LEU G 236 -16.67 41.23 -62.08
CA LEU G 236 -15.61 40.71 -62.92
C LEU G 236 -15.97 39.31 -63.35
N ASN G 237 -16.08 39.07 -64.65
CA ASN G 237 -16.32 37.72 -65.13
C ASN G 237 -14.96 37.01 -65.36
N VAL G 238 -14.67 35.99 -64.55
CA VAL G 238 -13.36 35.34 -64.65
C VAL G 238 -13.18 34.28 -65.76
N GLU G 239 -14.22 33.99 -66.53
CA GLU G 239 -14.12 33.12 -67.69
C GLU G 239 -13.78 33.93 -68.94
N THR G 240 -14.45 35.07 -69.13
CA THR G 240 -14.11 35.97 -70.22
C THR G 240 -13.09 37.08 -69.84
N ASP G 241 -12.80 37.22 -68.54
CA ASP G 241 -11.88 38.26 -68.04
C ASP G 241 -12.33 39.66 -68.43
N THR G 242 -13.57 40.01 -68.09
CA THR G 242 -14.13 41.32 -68.42
C THR G 242 -14.72 41.89 -67.14
N ALA G 243 -14.66 43.20 -66.97
CA ALA G 243 -15.17 43.80 -65.75
C ALA G 243 -16.03 44.98 -66.05
N GLU G 244 -17.04 45.17 -65.21
CA GLU G 244 -18.01 46.26 -65.32
C GLU G 244 -18.19 46.95 -63.96
N ILE G 245 -18.39 48.26 -63.96
CA ILE G 245 -18.57 49.00 -62.71
C ILE G 245 -19.78 49.94 -62.75
N ARG G 246 -20.67 49.84 -61.76
CA ARG G 246 -21.75 50.81 -61.58
C ARG G 246 -21.92 51.07 -60.08
N LEU G 247 -22.51 52.22 -59.74
CA LEU G 247 -22.77 52.56 -58.33
C LEU G 247 -23.79 51.62 -57.72
N MET G 248 -23.62 51.34 -56.43
CA MET G 248 -24.65 50.64 -55.64
C MET G 248 -25.89 51.51 -55.54
N CYS G 249 -27.05 50.92 -55.86
CA CYS G 249 -28.32 51.65 -55.83
C CYS G 249 -28.99 51.80 -54.45
N THR G 250 -28.60 50.97 -53.48
CA THR G 250 -29.31 50.94 -52.20
C THR G 250 -29.34 52.31 -51.51
N GLU G 251 -30.39 52.56 -50.76
CA GLU G 251 -30.53 53.83 -50.07
C GLU G 251 -29.69 53.84 -48.79
N THR G 252 -29.15 52.66 -48.43
CA THR G 252 -28.26 52.46 -47.29
C THR G 252 -26.83 52.73 -47.78
N TYR G 253 -26.48 54.01 -47.87
CA TYR G 253 -25.16 54.40 -48.41
C TYR G 253 -24.04 53.99 -47.49
N LEU G 254 -23.02 53.29 -48.03
CA LEU G 254 -22.07 52.51 -47.22
C LEU G 254 -20.78 53.26 -46.89
N ASP G 255 -20.59 54.42 -47.51
CA ASP G 255 -19.36 55.20 -47.38
C ASP G 255 -19.43 56.08 -46.15
N THR G 256 -18.30 56.71 -45.81
CA THR G 256 -18.21 57.73 -44.76
C THR G 256 -17.20 58.77 -45.23
N PRO G 257 -17.57 60.06 -45.27
CA PRO G 257 -18.87 60.69 -45.02
C PRO G 257 -19.98 60.23 -45.96
N ARG G 258 -21.22 60.45 -45.54
CA ARG G 258 -22.42 60.15 -46.30
C ARG G 258 -23.60 61.04 -45.82
N PRO G 259 -24.57 61.32 -46.71
CA PRO G 259 -25.80 62.02 -46.28
C PRO G 259 -26.83 61.02 -45.66
N ASP G 260 -28.02 61.48 -45.29
CA ASP G 260 -29.01 60.59 -44.68
C ASP G 260 -29.43 59.54 -45.70
N ASP G 261 -29.84 58.37 -45.22
CA ASP G 261 -30.16 57.26 -46.11
C ASP G 261 -31.32 57.70 -47.02
N GLY G 262 -31.23 57.36 -48.30
CA GLY G 262 -32.33 57.59 -49.25
C GLY G 262 -32.49 59.02 -49.79
N SER G 263 -31.68 59.93 -49.27
CA SER G 263 -31.82 61.35 -49.59
C SER G 263 -31.06 61.78 -50.88
N ILE G 264 -30.42 60.83 -51.54
CA ILE G 264 -29.92 61.12 -52.89
C ILE G 264 -31.05 60.89 -53.94
N THR G 265 -31.48 61.97 -54.56
CA THR G 265 -32.61 61.92 -55.50
C THR G 265 -32.16 61.51 -56.89
N GLY G 266 -33.09 61.15 -57.75
CA GLY G 266 -32.72 60.66 -59.10
C GLY G 266 -32.60 59.15 -59.12
N PRO G 267 -32.19 58.56 -60.27
CA PRO G 267 -32.22 57.10 -60.33
C PRO G 267 -30.93 56.52 -59.76
N CYS G 268 -30.71 55.23 -59.95
CA CYS G 268 -29.55 54.52 -59.42
C CYS G 268 -28.21 55.23 -59.68
N GLU G 269 -28.07 55.91 -60.82
CA GLU G 269 -26.76 56.46 -61.20
C GLU G 269 -26.31 57.78 -60.52
N SER G 270 -27.22 58.47 -59.82
CA SER G 270 -26.89 59.81 -59.30
C SER G 270 -25.83 59.80 -58.19
N ASN G 271 -24.97 60.83 -58.18
CA ASN G 271 -23.83 60.85 -57.25
C ASN G 271 -24.11 60.97 -55.71
N GLY G 272 -24.83 61.96 -55.18
CA GLY G 272 -25.03 63.30 -55.67
C GLY G 272 -24.28 64.15 -54.64
N ASP G 273 -24.67 64.11 -53.37
CA ASP G 273 -24.06 65.00 -52.31
C ASP G 273 -23.14 64.30 -51.26
N LYS G 274 -22.33 65.12 -50.58
CA LYS G 274 -21.35 64.70 -49.53
C LYS G 274 -20.42 63.56 -49.98
N GLY G 275 -20.09 63.57 -51.27
CA GLY G 275 -19.30 62.52 -51.89
C GLY G 275 -17.79 62.57 -51.70
N SER G 276 -17.24 63.72 -51.27
CA SER G 276 -15.78 63.85 -51.15
C SER G 276 -15.27 63.29 -49.81
N GLY G 277 -14.13 62.61 -49.85
CA GLY G 277 -13.71 61.75 -48.73
C GLY G 277 -14.30 60.35 -48.84
N GLY G 278 -13.91 59.46 -47.93
CA GLY G 278 -14.38 58.07 -47.95
C GLY G 278 -13.60 57.14 -47.01
N ILE G 279 -13.97 55.86 -47.06
CA ILE G 279 -13.41 54.82 -46.23
C ILE G 279 -13.44 53.51 -47.03
N LYS G 280 -12.48 52.60 -46.79
CA LYS G 280 -12.58 51.20 -47.26
C LYS G 280 -13.70 50.45 -46.50
N GLY G 281 -14.45 49.62 -47.21
CA GLY G 281 -15.65 48.99 -46.61
C GLY G 281 -15.68 47.48 -46.67
N GLY G 282 -16.24 46.87 -45.62
CA GLY G 282 -16.34 45.42 -45.50
C GLY G 282 -17.35 44.86 -46.48
N PHE G 283 -17.10 43.66 -46.97
CA PHE G 283 -17.97 43.03 -47.97
C PHE G 283 -17.55 41.60 -48.18
N VAL G 284 -18.47 40.66 -47.98
CA VAL G 284 -18.18 39.22 -48.10
C VAL G 284 -19.41 38.43 -48.62
N HIS G 285 -19.19 37.33 -49.32
CA HIS G 285 -20.30 36.52 -49.87
C HIS G 285 -20.65 35.32 -49.01
N GLN G 286 -21.95 35.03 -48.92
CA GLN G 286 -22.48 33.78 -48.38
C GLN G 286 -23.11 33.04 -49.56
N ARG G 287 -22.43 32.00 -50.05
CA ARG G 287 -22.90 31.27 -51.24
C ARG G 287 -23.68 30.04 -50.90
N MET G 288 -24.97 30.05 -51.20
CA MET G 288 -25.85 28.91 -50.98
C MET G 288 -26.27 28.28 -52.31
N ALA G 289 -26.91 27.10 -52.23
CA ALA G 289 -27.27 26.31 -53.43
C ALA G 289 -28.02 27.13 -54.48
N SER G 290 -29.13 27.77 -54.10
CA SER G 290 -29.98 28.56 -55.01
C SER G 290 -30.25 29.98 -54.51
N LYS G 291 -29.29 30.55 -53.78
CA LYS G 291 -29.45 31.84 -53.13
C LYS G 291 -28.06 32.42 -52.88
N ILE G 292 -27.95 33.75 -52.86
CA ILE G 292 -26.69 34.38 -52.50
C ILE G 292 -26.93 35.54 -51.54
N GLY G 293 -26.25 35.53 -50.41
CA GLY G 293 -26.29 36.66 -49.49
C GLY G 293 -25.07 37.55 -49.68
N ARG G 294 -25.29 38.86 -49.62
CA ARG G 294 -24.20 39.83 -49.60
C ARG G 294 -24.17 40.53 -48.25
N TRP G 295 -23.04 40.47 -47.59
CA TRP G 295 -22.93 41.06 -46.26
C TRP G 295 -22.04 42.28 -46.35
N TYR G 296 -22.42 43.38 -45.72
CA TYR G 296 -21.64 44.63 -45.82
C TYR G 296 -21.50 45.29 -44.46
N SER G 297 -20.54 46.18 -44.31
CA SER G 297 -20.43 46.94 -43.06
C SER G 297 -20.20 48.45 -43.30
N ARG G 298 -20.65 49.26 -42.35
CA ARG G 298 -20.40 50.70 -42.48
C ARG G 298 -20.37 51.34 -41.14
N THR G 299 -19.75 52.51 -41.05
CA THR G 299 -19.61 53.18 -39.77
C THR G 299 -20.99 53.48 -39.21
N MET G 300 -21.06 53.60 -37.89
CA MET G 300 -22.30 53.92 -37.18
C MET G 300 -22.58 55.40 -37.39
N SER G 301 -21.51 56.21 -37.35
CA SER G 301 -21.61 57.64 -37.54
C SER G 301 -21.57 57.97 -39.02
N LYS G 302 -22.37 58.96 -39.40
CA LYS G 302 -22.44 59.39 -40.81
C LYS G 302 -21.23 60.23 -41.31
N THR G 303 -20.50 60.82 -40.36
CA THR G 303 -19.45 61.81 -40.63
C THR G 303 -18.11 61.30 -40.15
N LYS G 304 -18.12 60.48 -39.11
CA LYS G 304 -16.88 60.15 -38.41
C LYS G 304 -16.56 58.66 -38.42
N ARG G 305 -15.32 58.32 -38.08
CA ARG G 305 -14.90 56.93 -38.14
C ARG G 305 -15.07 56.26 -36.81
N MET G 306 -16.36 56.17 -36.43
CA MET G 306 -16.81 55.64 -35.15
C MET G 306 -17.88 54.57 -35.36
N GLY G 307 -17.73 53.44 -34.67
CA GLY G 307 -18.70 52.36 -34.72
C GLY G 307 -18.65 51.54 -36.00
N MET G 308 -19.39 50.43 -36.02
CA MET G 308 -19.48 49.63 -37.25
C MET G 308 -20.69 48.68 -37.19
N GLY G 309 -21.64 48.89 -38.10
CA GLY G 309 -22.83 48.05 -38.18
C GLY G 309 -22.70 47.03 -39.29
N LEU G 310 -23.35 45.89 -39.14
CA LEU G 310 -23.30 44.86 -40.17
C LEU G 310 -24.61 44.87 -40.85
N TYR G 311 -24.59 44.77 -42.17
CA TYR G 311 -25.87 44.80 -42.97
C TYR G 311 -25.87 43.61 -43.92
N VAL G 312 -27.07 43.20 -44.35
CA VAL G 312 -27.23 42.08 -45.28
C VAL G 312 -28.35 42.23 -46.31
N LYS G 313 -28.17 41.64 -47.47
CA LYS G 313 -29.26 41.52 -48.47
C LYS G 313 -29.07 40.24 -49.27
N TYR G 314 -30.16 39.53 -49.51
CA TYR G 314 -30.14 38.28 -50.26
C TYR G 314 -30.59 38.45 -51.73
N ASP G 315 -29.80 37.93 -52.66
CA ASP G 315 -30.13 38.00 -54.11
C ASP G 315 -30.30 39.44 -54.66
N GLY G 316 -30.99 39.56 -55.79
CA GLY G 316 -31.18 40.85 -56.41
C GLY G 316 -29.95 41.26 -57.18
N ASP G 317 -29.95 42.52 -57.62
CA ASP G 317 -28.85 43.12 -58.36
C ASP G 317 -28.54 44.44 -57.68
N PRO G 318 -27.38 44.51 -56.97
CA PRO G 318 -27.00 45.71 -56.19
C PRO G 318 -26.84 46.97 -57.05
N TRP G 319 -26.74 46.79 -58.38
CA TRP G 319 -26.69 47.91 -59.33
C TRP G 319 -28.03 48.63 -59.56
N THR G 320 -29.14 47.90 -59.37
CA THR G 320 -30.51 48.44 -59.66
C THR G 320 -31.47 48.36 -58.49
N ASP G 321 -31.13 47.63 -57.44
CA ASP G 321 -31.97 47.57 -56.25
C ASP G 321 -31.82 48.77 -55.31
N SER G 322 -32.89 49.56 -55.19
CA SER G 322 -32.86 50.72 -54.29
C SER G 322 -33.34 50.37 -52.86
N ASP G 323 -33.89 49.16 -52.68
CA ASP G 323 -34.35 48.70 -51.35
C ASP G 323 -33.23 48.90 -50.32
N ALA G 324 -33.64 49.22 -49.08
CA ALA G 324 -32.70 49.37 -47.97
C ALA G 324 -32.11 48.03 -47.60
N LEU G 325 -30.85 48.06 -47.17
CA LEU G 325 -30.14 46.90 -46.66
C LEU G 325 -30.62 46.64 -45.24
N ALA G 326 -30.86 45.37 -44.91
CA ALA G 326 -31.35 44.99 -43.54
C ALA G 326 -30.20 45.16 -42.55
N LEU G 327 -30.44 45.91 -41.48
CA LEU G 327 -29.45 46.07 -40.42
C LEU G 327 -29.35 44.80 -39.57
N SER G 328 -28.21 44.11 -39.61
CA SER G 328 -28.06 42.83 -38.87
C SER G 328 -27.56 42.95 -37.40
N GLY G 329 -26.63 43.85 -37.15
CA GLY G 329 -26.20 44.14 -35.77
C GLY G 329 -25.09 45.16 -35.62
N VAL G 330 -24.86 45.58 -34.38
CA VAL G 330 -23.81 46.57 -34.11
C VAL G 330 -22.57 45.81 -33.65
N MET G 331 -21.53 45.81 -34.50
CA MET G 331 -20.22 45.20 -34.18
C MET G 331 -19.32 46.10 -33.34
N VAL G 332 -19.50 47.42 -33.49
CA VAL G 332 -18.66 48.36 -32.75
C VAL G 332 -19.53 49.53 -32.38
N SER G 333 -19.70 49.79 -31.09
CA SER G 333 -20.53 50.89 -30.67
C SER G 333 -19.93 52.22 -31.09
N MET G 334 -20.82 53.21 -31.19
CA MET G 334 -20.52 54.58 -31.57
C MET G 334 -19.46 55.24 -30.70
N GLU G 335 -19.12 54.62 -29.58
CA GLU G 335 -18.09 55.16 -28.69
C GLU G 335 -16.70 54.59 -29.00
N GLU G 336 -16.63 53.55 -29.84
CA GLU G 336 -15.33 52.96 -30.24
C GLU G 336 -14.98 53.31 -31.69
N PRO G 337 -13.68 53.25 -32.02
CA PRO G 337 -13.28 53.64 -33.38
C PRO G 337 -13.53 52.54 -34.41
N GLY G 338 -13.98 52.96 -35.61
CA GLY G 338 -14.37 52.06 -36.68
C GLY G 338 -13.77 52.65 -37.93
N TRP G 339 -12.64 52.12 -38.33
CA TRP G 339 -11.96 52.60 -39.51
C TRP G 339 -12.19 51.58 -40.65
N TYR G 340 -11.15 51.24 -41.41
CA TYR G 340 -11.30 50.32 -42.54
C TYR G 340 -11.98 49.01 -42.11
N SER G 341 -12.67 48.37 -43.05
CA SER G 341 -13.26 47.04 -42.80
C SER G 341 -13.09 46.22 -44.07
N PHE G 342 -13.05 44.89 -43.93
CA PHE G 342 -12.71 44.02 -45.06
C PHE G 342 -13.33 42.63 -44.90
N GLY G 343 -13.36 41.87 -45.99
CA GLY G 343 -13.92 40.55 -46.00
C GLY G 343 -12.88 39.48 -46.31
N PHE G 344 -13.15 38.28 -45.79
CA PHE G 344 -12.34 37.11 -46.04
C PHE G 344 -13.11 35.86 -45.69
N GLU G 345 -12.52 34.73 -46.02
CA GLU G 345 -13.19 33.47 -45.88
C GLU G 345 -12.21 32.51 -45.31
N ILE G 346 -12.64 31.76 -44.31
CA ILE G 346 -11.88 30.72 -43.66
C ILE G 346 -12.32 29.40 -44.26
N LYS G 347 -11.38 28.47 -44.46
CA LYS G 347 -11.65 27.23 -45.17
C LYS G 347 -11.83 26.08 -44.19
N ASP G 348 -13.09 25.76 -43.86
CA ASP G 348 -13.43 24.54 -43.10
C ASP G 348 -13.25 23.28 -44.01
N LYS G 349 -13.39 22.09 -43.47
CA LYS G 349 -13.06 20.85 -44.19
C LYS G 349 -13.76 20.73 -45.56
N LYS G 350 -15.04 21.08 -45.61
CA LYS G 350 -15.80 20.91 -46.86
C LYS G 350 -16.59 22.15 -47.30
N CYS G 351 -16.41 23.26 -46.61
CA CYS G 351 -17.11 24.49 -46.93
C CYS G 351 -16.35 25.73 -46.50
N ASP G 352 -16.75 26.89 -47.00
CA ASP G 352 -16.08 28.15 -46.68
C ASP G 352 -16.86 28.99 -45.68
N VAL G 353 -16.16 29.63 -44.73
CA VAL G 353 -16.82 30.52 -43.75
C VAL G 353 -16.59 32.03 -44.00
N PRO G 354 -17.65 32.77 -44.40
CA PRO G 354 -17.50 34.20 -44.61
C PRO G 354 -17.28 34.96 -43.29
N CYS G 355 -16.40 35.95 -43.34
CA CYS G 355 -16.05 36.76 -42.16
C CYS G 355 -15.83 38.21 -42.58
N ILE G 356 -16.07 39.12 -41.63
CA ILE G 356 -15.74 40.54 -41.79
C ILE G 356 -14.80 40.92 -40.65
N GLY G 357 -13.68 41.53 -41.01
CA GLY G 357 -12.74 42.13 -40.05
C GLY G 357 -12.80 43.66 -39.98
N ILE G 358 -12.40 44.22 -38.85
CA ILE G 358 -12.54 45.66 -38.66
C ILE G 358 -11.34 46.28 -38.01
N GLU G 359 -10.70 47.19 -38.73
CA GLU G 359 -9.58 47.97 -38.20
C GLU G 359 -10.10 48.98 -37.20
N MET G 360 -9.54 48.97 -35.99
CA MET G 360 -10.04 49.82 -34.94
C MET G 360 -8.88 50.66 -34.46
N VAL G 361 -8.75 51.83 -35.06
CA VAL G 361 -7.58 52.68 -34.93
C VAL G 361 -7.50 53.40 -33.57
N HIS G 362 -6.33 53.38 -32.97
CA HIS G 362 -6.08 54.21 -31.79
C HIS G 362 -5.57 55.52 -32.34
N ASP G 363 -6.46 56.49 -32.41
CA ASP G 363 -6.12 57.84 -32.87
C ASP G 363 -6.07 58.89 -31.75
N GLY G 364 -4.91 59.49 -31.58
CA GLY G 364 -4.74 60.57 -30.59
C GLY G 364 -3.97 61.74 -31.19
N GLY G 365 -4.08 61.89 -32.52
CA GLY G 365 -3.37 62.97 -33.26
C GLY G 365 -1.93 62.68 -33.68
N LYS G 366 -1.30 63.68 -34.31
CA LYS G 366 0.08 63.53 -34.77
C LYS G 366 1.18 63.67 -33.69
N GLU G 367 0.79 63.99 -32.45
CA GLU G 367 1.78 64.20 -31.38
C GLU G 367 2.12 62.92 -30.59
N THR G 368 1.43 61.81 -30.91
CA THR G 368 1.64 60.52 -30.24
C THR G 368 1.53 59.36 -31.25
N TRP G 369 1.57 58.10 -30.79
CA TRP G 369 1.60 56.93 -31.69
C TRP G 369 0.27 56.74 -32.38
N HIS G 370 0.29 56.07 -33.53
CA HIS G 370 -0.91 55.84 -34.35
C HIS G 370 -0.93 54.40 -34.85
N SER G 371 -1.83 53.58 -34.33
CA SER G 371 -1.91 52.17 -34.71
C SER G 371 -3.34 51.69 -34.67
N ALA G 372 -3.54 50.36 -34.67
CA ALA G 372 -4.90 49.79 -34.72
C ALA G 372 -4.98 48.40 -34.14
N ALA G 373 -6.11 48.10 -33.50
CA ALA G 373 -6.52 46.74 -33.24
C ALA G 373 -7.27 46.13 -34.47
N THR G 374 -7.62 44.84 -34.39
CA THR G 374 -8.41 44.19 -35.44
C THR G 374 -9.47 43.24 -34.85
N ALA G 375 -10.75 43.54 -35.07
CA ALA G 375 -11.85 42.71 -34.58
C ALA G 375 -12.43 41.84 -35.70
N ILE G 376 -12.75 40.59 -35.39
CA ILE G 376 -13.22 39.64 -36.41
C ILE G 376 -14.63 39.08 -36.13
N TYR G 377 -15.52 39.21 -37.12
CA TYR G 377 -16.86 38.65 -37.05
C TYR G 377 -17.03 37.59 -38.14
N CYS G 378 -17.56 36.43 -37.81
CA CYS G 378 -17.84 35.39 -38.82
C CYS G 378 -19.26 34.80 -38.71
N LEU G 379 -19.75 34.31 -39.86
CA LEU G 379 -21.02 33.60 -39.95
C LEU G 379 -20.90 32.34 -39.10
N MET G 380 -21.74 32.26 -38.06
CA MET G 380 -21.82 31.04 -37.22
C MET G 380 -23.18 30.79 -36.54
N GLY G 381 -23.81 29.66 -36.88
CA GLY G 381 -25.08 29.24 -36.26
C GLY G 381 -26.22 30.12 -36.75
N SER G 382 -27.32 30.11 -35.99
CA SER G 382 -28.53 30.86 -36.31
C SER G 382 -28.84 31.95 -35.26
N GLY G 383 -29.82 32.83 -35.53
CA GLY G 383 -30.29 33.82 -34.52
C GLY G 383 -29.92 35.24 -34.90
N GLN G 384 -29.64 36.10 -33.92
CA GLN G 384 -29.15 37.49 -34.18
C GLN G 384 -27.78 37.77 -33.59
N LEU G 385 -27.02 38.64 -34.24
CA LEU G 385 -25.72 39.06 -33.72
C LEU G 385 -25.82 39.59 -32.28
N LEU G 386 -24.99 39.04 -31.39
CA LEU G 386 -25.14 39.29 -29.93
C LEU G 386 -24.22 40.31 -29.22
N TRP G 387 -22.93 40.36 -29.54
CA TRP G 387 -22.08 41.28 -28.78
C TRP G 387 -21.16 42.16 -29.59
N ASP G 388 -20.86 43.34 -29.03
CA ASP G 388 -19.93 44.30 -29.67
C ASP G 388 -18.47 44.09 -29.21
N THR G 389 -17.57 44.91 -29.78
CA THR G 389 -16.13 44.81 -29.50
C THR G 389 -15.54 46.15 -29.07
N VAL G 390 -14.78 46.12 -27.98
CA VAL G 390 -13.98 47.26 -27.54
C VAL G 390 -12.48 46.93 -27.68
N THR G 391 -11.61 47.93 -27.83
CA THR G 391 -10.18 47.62 -27.91
C THR G 391 -9.54 47.42 -26.53
N GLY G 392 -10.12 48.06 -25.54
CA GLY G 392 -9.63 47.97 -24.17
C GLY G 392 -8.44 48.88 -23.94
N VAL G 393 -8.00 49.60 -24.99
CA VAL G 393 -6.75 50.37 -24.93
C VAL G 393 -6.89 51.82 -24.43
N ASP G 394 -6.08 52.18 -23.42
CA ASP G 394 -5.98 53.57 -22.99
C ASP G 394 -4.67 54.15 -23.55
N MET G 395 -4.77 55.20 -24.37
CA MET G 395 -3.62 55.68 -25.15
C MET G 395 -2.58 56.43 -24.32
N ALA G 396 -2.95 56.73 -23.07
CA ALA G 396 -2.06 57.48 -22.17
C ALA G 396 -0.99 56.57 -21.58
N LEU G 397 -1.21 55.26 -21.63
CA LEU G 397 -0.42 54.32 -20.86
C LEU G 397 0.84 53.87 -21.59
N PRO H 9 15.42 14.50 -51.26
CA PRO H 9 15.98 15.68 -51.93
C PRO H 9 17.27 15.33 -52.67
N GLU H 10 17.71 16.26 -53.54
CA GLU H 10 18.83 16.07 -54.49
C GLU H 10 19.85 17.24 -54.48
N TRP H 11 21.01 17.05 -55.10
CA TRP H 11 22.00 18.14 -55.22
C TRP H 11 21.46 19.26 -56.11
N THR H 12 21.78 20.49 -55.75
CA THR H 12 21.36 21.61 -56.56
C THR H 12 22.47 22.13 -57.46
N TYR H 13 22.06 22.86 -58.50
CA TYR H 13 22.91 23.37 -59.56
C TYR H 13 22.39 24.77 -59.87
N PRO H 14 23.24 25.66 -60.41
CA PRO H 14 22.68 26.95 -60.88
C PRO H 14 21.79 26.76 -62.10
N ARG H 15 20.68 27.50 -62.17
CA ARG H 15 19.80 27.44 -63.35
C ARG H 15 19.79 28.79 -63.96
N LEU H 16 19.02 28.92 -65.06
CA LEU H 16 18.79 30.19 -65.76
C LEU H 16 18.08 31.10 -64.78
N SER H 17 18.51 32.35 -64.74
CA SER H 17 17.84 33.40 -63.98
C SER H 17 16.40 33.63 -64.42
N CYS H 18 15.56 34.11 -63.50
CA CYS H 18 14.17 34.44 -63.82
C CYS H 18 14.17 35.65 -64.71
N PRO H 19 13.07 35.87 -65.49
CA PRO H 19 12.99 37.04 -66.38
C PRO H 19 13.06 38.38 -65.64
N GLY H 20 13.73 39.36 -66.25
CA GLY H 20 13.82 40.71 -65.72
C GLY H 20 14.94 41.49 -66.39
N SER H 21 14.84 42.82 -66.34
CA SER H 21 15.92 43.67 -66.82
C SER H 21 16.27 44.82 -65.87
N THR H 22 15.68 44.83 -64.69
CA THR H 22 16.09 45.82 -63.68
C THR H 22 15.95 45.31 -62.25
N PHE H 23 16.80 45.81 -61.37
CA PHE H 23 16.68 45.54 -59.95
C PHE H 23 15.72 46.54 -59.33
N GLN H 24 15.05 46.13 -58.25
CA GLN H 24 14.19 47.04 -57.45
C GLN H 24 14.41 46.78 -55.97
N LYS H 25 13.98 47.74 -55.16
CA LYS H 25 14.07 47.65 -53.71
C LYS H 25 13.13 46.57 -53.23
N ALA H 26 13.65 45.59 -52.48
CA ALA H 26 12.81 44.48 -52.05
C ALA H 26 12.43 44.49 -50.57
N LEU H 27 13.39 44.72 -49.66
CA LEU H 27 13.17 44.47 -48.24
C LEU H 27 14.25 45.11 -47.41
N LEU H 28 13.86 45.66 -46.26
CA LEU H 28 14.83 46.17 -45.29
C LEU H 28 14.73 45.40 -43.97
N ILE H 29 15.88 44.94 -43.49
CA ILE H 29 16.03 44.41 -42.13
C ILE H 29 16.80 45.44 -41.30
N SER H 30 16.05 46.29 -40.58
CA SER H 30 16.63 47.26 -39.66
C SER H 30 16.31 46.99 -38.18
N PRO H 31 17.06 46.08 -37.55
CA PRO H 31 16.71 45.59 -36.23
C PRO H 31 16.84 46.72 -35.23
N HIS H 32 17.62 47.73 -35.57
CA HIS H 32 17.91 48.75 -34.57
C HIS H 32 16.85 49.83 -34.47
N ARG H 33 15.84 49.73 -35.34
CA ARG H 33 14.61 50.50 -35.18
C ARG H 33 13.88 50.12 -33.87
N PHE H 34 14.38 49.10 -33.18
CA PHE H 34 13.72 48.56 -31.99
C PHE H 34 14.67 48.51 -30.82
N GLY H 35 15.83 49.13 -31.00
CA GLY H 35 16.78 49.14 -29.88
C GLY H 35 16.77 50.35 -28.96
N GLU H 36 15.70 51.17 -28.95
CA GLU H 36 15.65 52.34 -28.03
C GLU H 36 15.69 51.94 -26.51
N THR H 37 16.26 52.81 -25.66
CA THR H 37 16.07 52.75 -24.22
C THR H 37 14.58 52.62 -23.84
N LYS H 38 13.70 53.41 -24.49
CA LYS H 38 12.24 53.46 -24.20
C LYS H 38 11.44 52.23 -24.74
N GLY H 39 12.07 51.41 -25.57
CA GLY H 39 11.46 50.20 -26.10
C GLY H 39 11.69 48.94 -25.25
N ASN H 40 11.22 47.81 -25.76
CA ASN H 40 11.31 46.56 -25.06
C ASN H 40 11.84 45.40 -25.90
N SER H 41 12.82 45.68 -26.76
CA SER H 41 13.42 44.64 -27.60
C SER H 41 14.92 44.52 -27.41
N ALA H 42 15.47 43.51 -28.12
CA ALA H 42 16.83 43.03 -27.97
C ALA H 42 17.45 42.61 -29.33
N PRO H 43 17.54 43.57 -30.28
CA PRO H 43 18.30 43.32 -31.51
C PRO H 43 19.77 43.07 -31.22
N LEU H 44 20.34 42.02 -31.83
CA LEU H 44 21.75 41.72 -31.73
C LEU H 44 22.68 42.72 -32.41
N ILE H 45 23.79 43.04 -31.72
CA ILE H 45 24.86 43.87 -32.28
C ILE H 45 25.70 43.02 -33.26
N ILE H 46 25.72 43.45 -34.52
CA ILE H 46 26.35 42.68 -35.57
C ILE H 46 27.07 43.55 -36.60
N ARG H 47 27.87 42.88 -37.43
CA ARG H 47 28.45 43.44 -38.64
C ARG H 47 28.67 42.26 -39.65
N GLU H 48 29.19 42.54 -40.81
CA GLU H 48 29.40 41.51 -41.84
C GLU H 48 28.20 40.63 -42.02
N PRO H 49 27.06 41.21 -42.41
CA PRO H 49 25.93 40.35 -42.70
C PRO H 49 26.00 39.82 -44.12
N PHE H 50 25.24 38.77 -44.38
CA PHE H 50 25.05 38.24 -45.71
C PHE H 50 23.87 37.28 -45.74
N ILE H 51 23.43 36.91 -46.94
CA ILE H 51 22.27 36.04 -47.13
C ILE H 51 22.63 34.85 -48.03
N ALA H 52 22.06 33.70 -47.72
CA ALA H 52 22.27 32.47 -48.50
C ALA H 52 20.97 31.66 -48.49
N CYS H 53 20.63 31.04 -49.59
CA CYS H 53 19.32 30.45 -49.74
C CYS H 53 19.40 29.02 -50.20
N GLY H 54 18.53 28.19 -49.64
CA GLY H 54 18.32 26.84 -50.15
C GLY H 54 17.03 26.74 -50.96
N PRO H 55 16.59 25.49 -51.28
CA PRO H 55 15.41 25.28 -52.12
C PRO H 55 14.08 25.72 -51.48
N LYS H 56 14.04 25.89 -50.16
CA LYS H 56 12.83 26.35 -49.53
C LYS H 56 12.96 27.62 -48.62
N GLU H 57 14.18 27.93 -48.18
CA GLU H 57 14.45 28.95 -47.17
C GLU H 57 15.64 29.85 -47.56
N CYS H 58 15.54 31.15 -47.29
CA CYS H 58 16.71 32.04 -47.27
C CYS H 58 17.05 32.41 -45.81
N LYS H 59 18.31 32.25 -45.44
CA LYS H 59 18.76 32.63 -44.10
C LYS H 59 19.65 33.87 -44.18
N HIS H 60 19.53 34.70 -43.15
CA HIS H 60 20.21 35.97 -43.04
C HIS H 60 21.25 35.76 -41.97
N PHE H 61 22.52 35.74 -42.39
CA PHE H 61 23.66 35.52 -41.49
C PHE H 61 24.37 36.82 -41.07
N ALA H 62 25.01 36.81 -39.91
CA ALA H 62 25.87 37.93 -39.47
C ALA H 62 26.84 37.46 -38.37
N LEU H 63 27.88 38.25 -38.19
CA LEU H 63 28.83 38.04 -37.12
C LEU H 63 28.47 38.98 -35.98
N THR H 64 27.86 38.43 -34.93
CA THR H 64 27.54 39.18 -33.72
C THR H 64 28.74 39.40 -32.77
N HIS H 65 28.69 40.43 -31.91
CA HIS H 65 29.67 40.57 -30.80
C HIS H 65 29.10 39.98 -29.51
N TYR H 66 28.02 39.20 -29.64
CA TYR H 66 27.38 38.57 -28.48
C TYR H 66 26.94 39.60 -27.46
N ALA H 67 26.36 40.67 -27.98
CA ALA H 67 25.77 41.72 -27.16
C ALA H 67 24.57 42.31 -27.89
N ALA H 68 23.72 43.03 -27.16
CA ALA H 68 22.45 43.52 -27.69
C ALA H 68 22.28 45.02 -27.37
N GLN H 69 21.35 45.65 -28.09
CA GLN H 69 20.98 47.05 -27.84
C GLN H 69 19.50 47.21 -27.42
N PRO H 70 19.22 47.88 -26.27
CA PRO H 70 20.18 48.42 -25.29
C PRO H 70 20.86 47.34 -24.43
N GLY H 71 22.00 47.72 -23.85
CA GLY H 71 22.82 46.80 -23.10
C GLY H 71 24.03 47.56 -22.57
N GLY H 72 24.95 46.83 -21.94
CA GLY H 72 26.11 47.44 -21.31
C GLY H 72 27.41 46.83 -21.79
N TYR H 73 27.38 46.17 -22.96
CA TYR H 73 28.58 45.61 -23.58
C TYR H 73 28.99 46.28 -24.91
N TYR H 74 28.72 47.58 -25.03
CA TYR H 74 29.11 48.37 -26.19
C TYR H 74 30.60 48.49 -26.44
N ASN H 75 31.38 48.64 -25.36
CA ASN H 75 32.84 48.71 -25.49
C ASN H 75 33.39 47.47 -26.26
N GLY H 76 33.99 47.74 -27.41
CA GLY H 76 34.67 46.71 -28.22
C GLY H 76 33.88 46.27 -29.43
N THR H 77 32.66 46.79 -29.60
CA THR H 77 31.83 46.40 -30.76
C THR H 77 32.32 46.98 -32.09
N ARG H 78 33.24 47.96 -32.07
CA ARG H 78 33.92 48.47 -33.29
C ARG H 78 35.12 47.63 -33.75
N GLY H 79 35.73 46.87 -32.83
CA GLY H 79 36.78 45.90 -33.13
C GLY H 79 36.38 44.76 -34.08
N ASP H 80 37.37 44.18 -34.71
CA ASP H 80 37.13 43.19 -35.72
C ASP H 80 37.04 41.74 -35.24
N ARG H 81 37.90 41.36 -34.28
CA ARG H 81 38.04 39.99 -33.83
C ARG H 81 38.14 39.98 -32.30
N ASN H 82 37.44 39.02 -31.68
CA ASN H 82 37.60 38.73 -30.24
C ASN H 82 37.10 37.33 -29.96
N LYS H 83 37.21 36.90 -28.71
CA LYS H 83 36.76 35.58 -28.30
C LYS H 83 35.25 35.34 -28.16
N LEU H 84 34.43 36.40 -28.27
CA LEU H 84 32.97 36.27 -28.09
C LEU H 84 32.17 36.22 -29.42
N ARG H 85 32.81 36.71 -30.46
CA ARG H 85 32.24 36.82 -31.77
C ARG H 85 31.67 35.46 -32.26
N HIS H 86 30.49 35.46 -32.86
CA HIS H 86 29.82 34.24 -33.26
C HIS H 86 29.04 34.43 -34.56
N LEU H 87 29.00 33.35 -35.38
CA LEU H 87 28.14 33.30 -36.58
C LEU H 87 26.71 32.97 -36.13
N ILE H 88 25.76 33.86 -36.44
CA ILE H 88 24.35 33.68 -36.12
C ILE H 88 23.49 33.77 -37.40
N SER H 89 22.24 33.32 -37.29
CA SER H 89 21.31 33.46 -38.39
C SER H 89 19.86 33.52 -37.95
N VAL H 90 19.05 34.09 -38.86
CA VAL H 90 17.61 33.97 -38.81
C VAL H 90 17.05 33.63 -40.20
N LYS H 91 15.81 33.18 -40.23
CA LYS H 91 15.09 33.07 -41.49
C LYS H 91 14.89 34.52 -42.01
N LEU H 92 15.24 34.77 -43.27
CA LEU H 92 15.18 36.10 -43.83
C LEU H 92 13.78 36.62 -43.70
N GLY H 93 13.64 37.80 -43.07
CA GLY H 93 12.34 38.41 -42.82
C GLY H 93 12.08 38.51 -41.34
N LYS H 94 12.87 37.80 -40.55
CA LYS H 94 12.74 37.87 -39.11
C LYS H 94 13.78 38.85 -38.60
N ILE H 95 13.43 39.60 -37.56
CA ILE H 95 14.41 40.46 -36.88
C ILE H 95 15.38 39.62 -36.05
N PRO H 96 16.70 39.78 -36.28
CA PRO H 96 17.66 39.01 -35.48
C PRO H 96 17.85 39.61 -34.10
N THR H 97 17.01 39.15 -33.18
CA THR H 97 17.07 39.47 -31.79
C THR H 97 17.74 38.32 -31.03
N VAL H 98 17.91 38.50 -29.71
CA VAL H 98 18.50 37.45 -28.86
C VAL H 98 17.70 36.16 -29.02
N GLU H 99 16.39 36.25 -28.91
CA GLU H 99 15.56 35.00 -28.92
C GLU H 99 15.33 34.43 -30.33
N ASN H 100 15.09 35.30 -31.31
CA ASN H 100 14.88 34.85 -32.69
C ASN H 100 16.06 34.13 -33.35
N SER H 101 17.29 34.53 -33.01
CA SER H 101 18.49 34.02 -33.70
C SER H 101 18.88 32.63 -33.20
N ILE H 102 19.77 32.02 -33.97
CA ILE H 102 20.41 30.79 -33.57
C ILE H 102 21.91 31.03 -33.71
N PHE H 103 22.68 30.61 -32.67
CA PHE H 103 24.14 30.70 -32.66
C PHE H 103 24.80 29.42 -33.19
N HIS H 104 25.50 29.55 -34.31
CA HIS H 104 26.02 28.40 -35.05
C HIS H 104 27.38 27.94 -34.52
N MET H 105 28.32 28.88 -34.38
CA MET H 105 29.66 28.60 -33.87
C MET H 105 30.45 29.88 -33.58
N ALA H 106 31.47 29.75 -32.75
CA ALA H 106 32.34 30.89 -32.51
C ALA H 106 33.03 31.28 -33.83
N ALA H 107 33.12 32.58 -34.12
CA ALA H 107 33.72 33.04 -35.41
C ALA H 107 33.86 34.55 -35.48
N TRP H 108 34.99 35.02 -35.99
CA TRP H 108 35.04 36.44 -36.36
C TRP H 108 35.20 36.65 -37.88
N SER H 109 34.96 35.58 -38.66
CA SER H 109 34.90 35.65 -40.11
C SER H 109 34.10 34.45 -40.52
N GLY H 110 33.23 34.60 -41.53
CA GLY H 110 32.28 33.52 -41.83
C GLY H 110 31.75 33.38 -43.26
N SER H 111 31.03 32.28 -43.47
CA SER H 111 30.38 32.00 -44.72
C SER H 111 29.34 30.90 -44.50
N ALA H 112 28.47 30.67 -45.47
CA ALA H 112 27.57 29.53 -45.42
C ALA H 112 27.03 29.22 -46.77
N CYS H 113 26.48 28.03 -46.96
CA CYS H 113 25.82 27.67 -48.22
C CYS H 113 25.07 26.35 -48.12
N HIS H 114 24.07 26.19 -48.97
CA HIS H 114 23.22 24.98 -49.00
C HIS H 114 23.54 24.22 -50.26
N ASP H 115 23.72 22.91 -50.13
CA ASP H 115 24.11 22.10 -51.28
C ASP H 115 22.97 21.41 -51.99
N GLY H 116 21.77 21.57 -51.47
CA GLY H 116 20.60 20.85 -51.97
C GLY H 116 20.00 19.92 -50.94
N LYS H 117 20.87 19.34 -50.11
CA LYS H 117 20.46 18.43 -49.03
C LYS H 117 20.58 19.05 -47.64
N GLU H 118 21.58 19.92 -47.46
CA GLU H 118 21.95 20.37 -46.11
C GLU H 118 22.81 21.61 -46.12
N TRP H 119 22.69 22.37 -45.03
CA TRP H 119 23.51 23.57 -44.75
C TRP H 119 24.94 23.26 -44.33
N THR H 120 25.88 23.99 -44.95
CA THR H 120 27.28 24.04 -44.51
C THR H 120 27.57 25.43 -43.92
N TYR H 121 28.20 25.46 -42.75
CA TYR H 121 28.46 26.71 -42.04
C TYR H 121 29.95 26.84 -41.81
N ILE H 122 30.50 28.02 -42.06
CA ILE H 122 31.92 28.18 -42.03
C ILE H 122 32.24 29.34 -41.09
N GLY H 123 33.16 29.09 -40.16
CA GLY H 123 33.55 30.09 -39.18
C GLY H 123 35.01 30.01 -38.78
N VAL H 124 35.72 31.14 -38.89
CA VAL H 124 37.12 31.25 -38.51
C VAL H 124 37.24 31.96 -37.16
N ASP H 125 37.93 31.33 -36.21
CA ASP H 125 38.44 32.04 -35.04
C ASP H 125 39.89 31.61 -34.71
N GLY H 126 40.34 31.92 -33.49
CA GLY H 126 41.70 31.64 -33.05
C GLY H 126 42.62 32.86 -33.13
N PRO H 127 43.88 32.70 -32.71
CA PRO H 127 44.67 33.90 -32.53
C PRO H 127 45.19 34.42 -33.86
N GLU H 128 45.63 35.69 -33.84
CA GLU H 128 46.14 36.40 -35.01
C GLU H 128 47.12 35.57 -35.87
N ASN H 129 48.10 35.00 -35.20
CA ASN H 129 49.23 34.37 -35.89
C ASN H 129 48.98 32.89 -36.24
N ASN H 130 47.80 32.38 -35.88
CA ASN H 130 47.46 30.96 -36.12
C ASN H 130 45.98 30.68 -36.02
N ALA H 131 45.16 31.54 -36.61
CA ALA H 131 43.72 31.34 -36.71
C ALA H 131 43.33 30.00 -37.37
N LEU H 132 42.06 29.62 -37.21
CA LEU H 132 41.57 28.31 -37.63
C LEU H 132 40.16 28.36 -38.25
N LEU H 133 40.05 27.84 -39.47
CA LEU H 133 38.76 27.77 -40.13
C LEU H 133 38.05 26.50 -39.76
N LYS H 134 36.78 26.61 -39.37
CA LYS H 134 36.01 25.50 -38.85
C LYS H 134 34.78 25.30 -39.68
N ILE H 135 34.44 24.04 -39.91
CA ILE H 135 33.33 23.66 -40.81
C ILE H 135 32.31 22.83 -40.04
N LYS H 136 31.04 23.14 -40.25
CA LYS H 136 29.91 22.48 -39.58
C LYS H 136 28.92 22.09 -40.69
N TYR H 137 28.49 20.83 -40.70
CA TYR H 137 27.47 20.34 -41.64
C TYR H 137 26.17 19.94 -40.89
N GLY H 138 25.14 20.76 -41.04
CA GLY H 138 23.92 20.56 -40.26
C GLY H 138 24.30 20.88 -38.84
N GLU H 139 24.20 19.88 -37.97
CA GLU H 139 24.52 20.06 -36.54
C GLU H 139 25.94 19.64 -36.15
N ALA H 140 26.62 18.93 -37.06
CA ALA H 140 27.92 18.35 -36.78
C ALA H 140 29.11 19.23 -37.20
N TYR H 141 30.07 19.37 -36.28
CA TYR H 141 31.38 19.92 -36.63
C TYR H 141 32.16 18.81 -37.35
N THR H 142 32.68 19.12 -38.55
CA THR H 142 33.20 18.06 -39.44
C THR H 142 34.66 18.16 -39.91
N ASP H 143 35.24 19.37 -39.93
CA ASP H 143 36.59 19.59 -40.47
C ASP H 143 37.18 20.97 -40.11
N THR H 144 38.50 21.15 -40.36
CA THR H 144 39.18 22.45 -40.17
C THR H 144 40.25 22.64 -41.20
N TYR H 145 40.66 23.90 -41.40
CA TYR H 145 41.80 24.23 -42.22
C TYR H 145 42.69 25.18 -41.41
N HIS H 146 43.99 25.05 -41.57
CA HIS H 146 44.93 25.82 -40.77
C HIS H 146 45.52 27.01 -41.50
N SER H 147 45.80 28.07 -40.76
CA SER H 147 46.56 29.22 -41.24
C SER H 147 47.84 28.84 -41.94
N TYR H 148 48.07 29.43 -43.10
CA TYR H 148 49.23 29.06 -43.94
C TYR H 148 50.16 30.23 -44.28
N ALA H 149 49.82 31.43 -43.82
CA ALA H 149 50.75 32.56 -43.82
C ALA H 149 50.82 33.21 -42.44
N ASN H 150 50.20 32.60 -41.45
CA ASN H 150 50.35 33.06 -40.07
C ASN H 150 50.02 34.53 -39.82
N ASN H 151 48.99 35.01 -40.53
CA ASN H 151 48.47 36.39 -40.31
C ASN H 151 47.01 36.46 -40.65
N ILE H 152 46.17 36.23 -39.63
CA ILE H 152 44.71 36.38 -39.74
C ILE H 152 44.14 35.64 -40.95
N LEU H 153 44.18 34.32 -40.90
CA LEU H 153 43.36 33.47 -41.80
C LEU H 153 41.94 33.96 -41.75
N ARG H 154 41.30 34.00 -42.91
CA ARG H 154 40.17 34.89 -43.17
C ARG H 154 39.34 34.28 -44.27
N THR H 155 38.02 34.52 -44.26
CA THR H 155 37.15 34.06 -45.35
C THR H 155 36.20 35.14 -45.99
N GLN H 156 35.23 34.72 -46.80
CA GLN H 156 34.48 35.65 -47.67
C GLN H 156 33.54 36.71 -47.05
N GLU H 157 32.97 36.40 -45.88
N GLU H 157 32.97 36.40 -45.87
CA GLU H 157 31.86 37.19 -45.32
CA GLU H 157 31.87 37.17 -45.30
C GLU H 157 30.68 37.20 -46.28
C GLU H 157 30.68 37.19 -46.27
N SER H 158 30.52 36.10 -47.04
CA SER H 158 29.34 35.91 -47.90
C SER H 158 29.22 34.47 -48.34
N ALA H 159 28.15 34.18 -49.06
CA ALA H 159 27.70 32.84 -49.34
C ALA H 159 28.73 32.10 -50.17
N CYS H 160 29.08 30.89 -49.73
CA CYS H 160 29.83 29.96 -50.58
C CYS H 160 28.88 29.43 -51.66
N ASN H 161 29.36 28.56 -52.54
CA ASN H 161 28.62 28.19 -53.75
C ASN H 161 28.73 26.73 -54.03
N CYS H 162 27.61 26.03 -54.05
CA CYS H 162 27.62 24.56 -54.20
C CYS H 162 27.09 24.06 -55.55
N ILE H 163 27.82 23.15 -56.17
CA ILE H 163 27.34 22.46 -57.37
C ILE H 163 27.53 20.94 -57.28
N GLY H 164 26.48 20.16 -57.56
CA GLY H 164 26.60 18.69 -57.55
C GLY H 164 27.18 18.18 -56.23
N GLY H 165 26.95 18.97 -55.19
CA GLY H 165 27.32 18.53 -53.84
C GLY H 165 28.69 19.01 -53.44
N ASN H 166 29.33 19.73 -54.36
CA ASN H 166 30.66 20.26 -54.12
C ASN H 166 30.50 21.73 -53.86
N CYS H 167 30.99 22.19 -52.71
CA CYS H 167 30.89 23.61 -52.36
C CYS H 167 32.27 24.22 -52.42
N TYR H 168 32.37 25.42 -53.01
CA TYR H 168 33.67 26.10 -53.20
C TYR H 168 33.72 27.36 -52.33
N LEU H 169 34.85 27.59 -51.68
CA LEU H 169 34.99 28.65 -50.67
C LEU H 169 36.33 29.35 -50.79
N MET H 170 36.34 30.68 -50.81
CA MET H 170 37.56 31.46 -50.84
C MET H 170 38.05 31.67 -49.43
N ILE H 171 39.37 31.62 -49.26
CA ILE H 171 40.01 32.05 -48.04
C ILE H 171 41.23 32.86 -48.41
N THR H 172 41.74 33.59 -47.41
CA THR H 172 43.02 34.28 -47.55
C THR H 172 43.80 34.33 -46.21
N ASP H 173 45.08 34.64 -46.31
CA ASP H 173 45.92 34.73 -45.15
C ASP H 173 47.08 35.64 -45.57
N GLY H 174 47.54 36.48 -44.66
CA GLY H 174 48.61 37.42 -44.99
C GLY H 174 48.35 38.79 -44.39
N SER H 175 49.18 39.73 -44.72
CA SER H 175 49.14 41.03 -44.12
C SER H 175 48.06 41.83 -44.83
N ALA H 176 47.23 42.50 -44.04
CA ALA H 176 46.23 43.37 -44.60
C ALA H 176 46.88 44.50 -45.38
N SER H 177 48.15 44.78 -45.12
CA SER H 177 48.91 45.85 -45.77
C SER H 177 49.87 45.42 -46.88
N GLY H 178 50.13 44.13 -47.01
CA GLY H 178 51.14 43.64 -47.94
C GLY H 178 50.57 42.52 -48.79
N ILE H 179 51.31 41.40 -48.86
CA ILE H 179 50.91 40.21 -49.61
C ILE H 179 49.86 39.42 -48.81
N SER H 180 48.76 39.07 -49.47
CA SER H 180 47.79 38.12 -48.97
C SER H 180 47.28 37.32 -50.16
N GLU H 181 47.91 36.16 -50.36
CA GLU H 181 47.60 35.26 -51.47
C GLU H 181 46.49 34.28 -51.08
N CYS H 182 45.36 34.40 -51.77
CA CYS H 182 44.17 33.63 -51.47
C CYS H 182 44.20 32.17 -52.01
N ARG H 183 43.41 31.28 -51.42
CA ARG H 183 43.19 29.90 -51.92
C ARG H 183 41.70 29.60 -51.96
N PHE H 184 41.37 28.48 -52.53
CA PHE H 184 39.97 28.06 -52.58
C PHE H 184 39.89 26.65 -52.06
N LEU H 185 38.90 26.41 -51.20
CA LEU H 185 38.65 25.06 -50.72
C LEU H 185 37.46 24.47 -51.46
N LYS H 186 37.54 23.17 -51.76
CA LYS H 186 36.41 22.44 -52.30
C LYS H 186 35.95 21.50 -51.20
N ILE H 187 34.71 21.68 -50.77
CA ILE H 187 34.18 20.97 -49.59
C ILE H 187 32.97 20.08 -49.94
N ARG H 188 33.00 18.85 -49.47
CA ARG H 188 31.88 17.94 -49.74
C ARG H 188 31.33 17.32 -48.45
N GLU H 189 30.05 17.51 -48.20
CA GLU H 189 29.38 17.01 -47.00
C GLU H 189 30.20 17.37 -45.74
N GLY H 190 30.68 18.63 -45.72
CA GLY H 190 31.35 19.22 -44.55
C GLY H 190 32.83 18.92 -44.44
N ARG H 191 33.36 18.16 -45.40
CA ARG H 191 34.80 17.84 -45.40
C ARG H 191 35.55 18.34 -46.65
N ILE H 192 36.81 18.72 -46.46
CA ILE H 192 37.61 19.29 -47.53
C ILE H 192 38.23 18.20 -48.40
N ILE H 193 37.95 18.23 -49.70
CA ILE H 193 38.44 17.18 -50.58
C ILE H 193 39.46 17.70 -51.62
N LYS H 194 39.65 19.02 -51.69
CA LYS H 194 40.72 19.58 -52.53
C LYS H 194 41.09 21.01 -52.13
N GLU H 195 42.38 21.34 -52.19
CA GLU H 195 42.88 22.71 -52.10
C GLU H 195 43.18 23.16 -53.50
N ILE H 196 42.81 24.39 -53.84
CA ILE H 196 42.99 24.94 -55.19
C ILE H 196 43.83 26.20 -55.08
N PHE H 197 44.99 26.19 -55.74
CA PHE H 197 45.91 27.34 -55.71
C PHE H 197 45.77 28.14 -57.01
N PRO H 198 45.24 29.38 -56.89
CA PRO H 198 45.04 30.17 -58.10
C PRO H 198 46.35 30.63 -58.77
N THR H 199 46.31 30.88 -60.07
CA THR H 199 47.46 31.40 -60.82
C THR H 199 47.15 32.82 -61.25
N GLY H 200 48.18 33.54 -61.74
CA GLY H 200 48.06 34.94 -62.25
C GLY H 200 48.31 36.08 -61.24
N ARG H 201 47.42 37.08 -61.24
CA ARG H 201 47.52 38.22 -60.34
C ARG H 201 47.06 37.83 -58.91
N VAL H 202 47.98 37.24 -58.13
CA VAL H 202 47.64 36.69 -56.81
C VAL H 202 48.21 37.49 -55.61
N LYS H 203 48.95 38.53 -55.92
CA LYS H 203 49.55 39.49 -54.97
C LYS H 203 48.67 39.78 -53.74
N HIS H 204 47.40 40.13 -53.97
CA HIS H 204 46.52 40.48 -52.87
C HIS H 204 45.06 40.32 -53.24
N THR H 205 44.37 39.40 -52.59
CA THR H 205 42.94 39.15 -52.83
C THR H 205 42.18 38.83 -51.54
N GLU H 206 41.13 39.62 -51.23
CA GLU H 206 40.25 39.31 -50.10
C GLU H 206 38.76 39.42 -50.29
N GLU H 207 38.04 38.76 -49.38
CA GLU H 207 36.60 38.84 -49.26
C GLU H 207 35.95 38.74 -50.63
N CYS H 208 36.23 37.65 -51.35
CA CYS H 208 35.61 37.43 -52.65
C CYS H 208 34.10 37.28 -52.51
N THR H 209 33.37 37.99 -53.37
CA THR H 209 31.93 37.84 -53.54
C THR H 209 31.78 37.04 -54.82
N CYS H 210 31.33 35.79 -54.69
CA CYS H 210 31.41 34.77 -55.74
C CYS H 210 30.06 34.21 -56.10
N GLY H 211 29.90 33.85 -57.37
CA GLY H 211 28.69 33.20 -57.88
C GLY H 211 28.95 32.42 -59.16
N PHE H 212 27.95 31.65 -59.61
CA PHE H 212 28.07 30.90 -60.85
C PHE H 212 27.76 31.74 -62.09
N ALA H 213 28.71 31.79 -63.01
CA ALA H 213 28.47 32.29 -64.35
C ALA H 213 27.89 31.16 -65.25
N SER H 214 28.05 29.91 -64.84
CA SER H 214 27.43 28.81 -65.55
C SER H 214 27.72 27.54 -64.77
N ASN H 215 27.26 26.40 -65.26
CA ASN H 215 27.62 25.08 -64.66
C ASN H 215 29.14 24.79 -64.61
N LYS H 216 29.92 25.52 -65.40
CA LYS H 216 31.40 25.30 -65.56
C LYS H 216 32.24 26.30 -64.76
N THR H 217 31.74 27.53 -64.55
CA THR H 217 32.56 28.59 -63.99
C THR H 217 31.94 29.32 -62.78
N ILE H 218 32.75 29.50 -61.74
CA ILE H 218 32.48 30.45 -60.69
C ILE H 218 33.32 31.71 -60.92
N GLU H 219 32.74 32.88 -60.66
CA GLU H 219 33.49 34.13 -60.79
C GLU H 219 33.35 34.89 -59.51
N CYS H 220 34.39 35.63 -59.11
CA CYS H 220 34.35 36.39 -57.87
C CYS H 220 34.90 37.81 -58.03
N ALA H 221 34.22 38.79 -57.48
CA ALA H 221 34.77 40.15 -57.44
C ALA H 221 35.29 40.41 -56.03
N CYS H 222 36.58 40.72 -55.91
CA CYS H 222 37.22 40.71 -54.60
C CYS H 222 37.76 42.07 -54.17
N ARG H 223 38.61 42.09 -53.14
CA ARG H 223 39.11 43.31 -52.56
C ARG H 223 40.61 43.27 -52.46
N ASP H 224 41.29 44.29 -52.92
CA ASP H 224 42.73 44.41 -52.74
C ASP H 224 42.86 45.51 -51.73
N ASN H 225 43.37 45.19 -50.55
CA ASN H 225 43.38 46.15 -49.47
C ASN H 225 44.67 46.97 -49.39
N SER H 226 45.61 46.75 -50.34
CA SER H 226 46.95 47.44 -50.36
C SER H 226 47.32 48.16 -51.64
N TYR H 227 47.13 47.49 -52.78
CA TYR H 227 47.80 47.93 -54.01
C TYR H 227 46.95 48.73 -54.99
N THR H 228 45.67 48.40 -55.08
CA THR H 228 44.84 48.95 -56.15
C THR H 228 43.37 49.15 -55.78
N ALA H 229 42.71 50.10 -56.48
CA ALA H 229 41.26 50.33 -56.37
C ALA H 229 40.47 49.54 -57.43
N LYS H 230 41.14 48.84 -58.34
CA LYS H 230 40.47 47.92 -59.25
C LYS H 230 40.23 46.67 -58.43
N ARG H 231 39.09 46.03 -58.66
CA ARG H 231 38.79 44.76 -57.96
C ARG H 231 39.49 43.58 -58.66
N PRO H 232 40.20 42.74 -57.88
CA PRO H 232 40.69 41.50 -58.44
C PRO H 232 39.50 40.66 -58.92
N PHE H 233 39.66 39.87 -59.98
CA PHE H 233 38.51 39.15 -60.52
C PHE H 233 38.89 37.70 -60.77
N VAL H 234 38.19 36.78 -60.12
CA VAL H 234 38.57 35.36 -60.14
C VAL H 234 37.67 34.56 -61.07
N LYS H 235 38.27 33.64 -61.82
CA LYS H 235 37.54 32.72 -62.66
C LYS H 235 37.98 31.33 -62.30
N LEU H 236 37.08 30.60 -61.67
CA LEU H 236 37.35 29.26 -61.19
C LEU H 236 36.65 28.27 -62.12
N ASN H 237 37.38 27.36 -62.73
CA ASN H 237 36.76 26.30 -63.53
C ASN H 237 36.45 25.11 -62.61
N VAL H 238 35.16 24.81 -62.40
CA VAL H 238 34.79 23.74 -61.44
C VAL H 238 34.88 22.31 -62.00
N GLU H 239 35.17 22.15 -63.28
CA GLU H 239 35.31 20.83 -63.89
C GLU H 239 36.77 20.40 -63.76
N THR H 240 37.69 21.33 -64.03
CA THR H 240 39.11 21.04 -63.86
C THR H 240 39.67 21.48 -62.50
N ASP H 241 38.87 22.20 -61.71
CA ASP H 241 39.26 22.77 -60.42
C ASP H 241 40.53 23.61 -60.52
N THR H 242 40.53 24.55 -61.46
CA THR H 242 41.64 25.49 -61.64
C THR H 242 41.08 26.90 -61.51
N ALA H 243 41.90 27.86 -61.04
CA ALA H 243 41.46 29.24 -60.84
C ALA H 243 42.53 30.20 -61.28
N GLU H 244 42.09 31.30 -61.88
CA GLU H 244 42.94 32.34 -62.40
C GLU H 244 42.44 33.72 -61.90
N ILE H 245 43.37 34.66 -61.70
CA ILE H 245 43.02 35.99 -61.16
C ILE H 245 43.66 37.12 -61.95
N ARG H 246 42.86 38.11 -62.32
CA ARG H 246 43.39 39.32 -62.98
C ARG H 246 42.55 40.50 -62.55
N LEU H 247 43.13 41.69 -62.50
CA LEU H 247 42.38 42.89 -62.18
C LEU H 247 41.26 43.19 -63.20
N MET H 248 40.15 43.74 -62.70
CA MET H 248 39.06 44.26 -63.55
C MET H 248 39.56 45.48 -64.29
N CYS H 249 39.40 45.43 -65.61
CA CYS H 249 39.87 46.48 -66.51
C CYS H 249 38.98 47.74 -66.59
N THR H 250 37.72 47.65 -66.15
CA THR H 250 36.77 48.76 -66.33
C THR H 250 37.28 50.09 -65.74
N GLU H 251 36.86 51.21 -66.32
CA GLU H 251 37.28 52.50 -65.79
C GLU H 251 36.43 52.88 -64.59
N THR H 252 35.36 52.09 -64.35
CA THR H 252 34.43 52.29 -63.24
C THR H 252 34.95 51.49 -62.07
N TYR H 253 36.02 52.00 -61.44
CA TYR H 253 36.67 51.29 -60.29
C TYR H 253 35.70 51.09 -59.13
N LEU H 254 35.59 49.85 -58.65
CA LEU H 254 34.53 49.43 -57.73
C LEU H 254 34.92 49.48 -56.24
N ASP H 255 36.18 49.74 -55.95
CA ASP H 255 36.64 49.74 -54.55
C ASP H 255 36.41 51.08 -53.89
N THR H 256 36.68 51.15 -52.58
CA THR H 256 36.67 52.40 -51.82
C THR H 256 37.75 52.26 -50.76
N PRO H 257 38.67 53.25 -50.68
CA PRO H 257 38.89 54.43 -51.53
C PRO H 257 39.17 54.11 -53.00
N ARG H 258 39.00 55.11 -53.88
CA ARG H 258 39.34 55.01 -55.30
C ARG H 258 39.60 56.41 -55.89
N PRO H 259 40.38 56.48 -56.98
CA PRO H 259 40.55 57.76 -57.69
C PRO H 259 39.40 58.00 -58.68
N ASP H 260 39.45 59.08 -59.47
CA ASP H 260 38.36 59.33 -60.42
C ASP H 260 38.29 58.20 -61.45
N ASP H 261 37.11 57.99 -62.03
CA ASP H 261 36.95 56.90 -62.99
C ASP H 261 37.87 57.15 -64.19
N GLY H 262 38.56 56.12 -64.66
CA GLY H 262 39.34 56.17 -65.90
C GLY H 262 40.72 56.81 -65.80
N SER H 263 41.04 57.32 -64.61
CA SER H 263 42.28 58.09 -64.40
C SER H 263 43.50 57.24 -64.03
N ILE H 264 43.35 55.92 -63.97
CA ILE H 264 44.52 55.03 -63.90
C ILE H 264 44.99 54.72 -65.33
N THR H 265 46.18 55.22 -65.63
CA THR H 265 46.78 55.14 -66.96
C THR H 265 47.44 53.79 -67.19
N GLY H 266 47.78 53.47 -68.43
CA GLY H 266 48.41 52.18 -68.72
C GLY H 266 47.37 51.14 -69.09
N PRO H 267 47.80 49.88 -69.33
CA PRO H 267 46.79 48.90 -69.79
C PRO H 267 45.99 48.31 -68.63
N CYS H 268 45.23 47.27 -68.93
CA CYS H 268 44.37 46.62 -67.98
C CYS H 268 45.04 46.25 -66.64
N GLU H 269 46.34 45.92 -66.68
CA GLU H 269 47.02 45.41 -65.47
C GLU H 269 47.54 46.46 -64.44
N SER H 270 47.53 47.75 -64.78
CA SER H 270 48.13 48.76 -63.89
C SER H 270 47.36 48.90 -62.58
N ASN H 271 48.10 49.14 -61.49
CA ASN H 271 47.49 49.27 -60.17
C ASN H 271 46.50 50.44 -59.88
N GLY H 272 46.80 51.73 -60.07
CA GLY H 272 48.08 52.38 -59.94
C GLY H 272 48.01 53.18 -58.64
N ASP H 273 47.04 54.11 -58.52
CA ASP H 273 46.91 55.04 -57.33
C ASP H 273 45.73 54.81 -56.32
N LYS H 274 45.86 55.42 -55.14
CA LYS H 274 44.86 55.35 -54.03
C LYS H 274 44.37 53.91 -53.70
N GLY H 275 45.29 52.95 -53.87
CA GLY H 275 45.00 51.53 -53.71
C GLY H 275 44.93 50.98 -52.29
N SER H 276 45.47 51.71 -51.31
CA SER H 276 45.54 51.12 -49.97
C SER H 276 44.22 51.39 -49.26
N GLY H 277 43.75 50.43 -48.46
CA GLY H 277 42.36 50.45 -48.00
C GLY H 277 41.42 49.77 -49.02
N GLY H 278 40.15 49.54 -48.65
CA GLY H 278 39.20 48.79 -49.46
C GLY H 278 37.87 48.48 -48.78
N ILE H 279 37.02 47.78 -49.51
CA ILE H 279 35.71 47.42 -49.05
C ILE H 279 35.27 46.12 -49.78
N LYS H 280 34.49 45.28 -49.09
CA LYS H 280 33.82 44.15 -49.75
C LYS H 280 32.73 44.68 -50.71
N GLY H 281 32.58 44.02 -51.87
CA GLY H 281 31.75 44.55 -52.94
C GLY H 281 30.68 43.61 -53.49
N GLY H 282 29.50 44.17 -53.78
CA GLY H 282 28.41 43.38 -54.32
C GLY H 282 28.69 42.89 -55.74
N PHE H 283 28.20 41.69 -56.03
CA PHE H 283 28.40 41.10 -57.35
C PHE H 283 27.53 39.88 -57.48
N VAL H 284 26.73 39.87 -58.53
CA VAL H 284 25.84 38.74 -58.78
C VAL H 284 25.62 38.55 -60.29
N HIS H 285 25.35 37.29 -60.69
CA HIS H 285 25.09 36.93 -62.10
C HIS H 285 23.62 36.87 -62.49
N GLN H 286 23.33 37.34 -63.70
CA GLN H 286 22.04 37.15 -64.36
C GLN H 286 22.31 36.22 -65.55
N ARG H 287 21.91 34.96 -65.43
CA ARG H 287 22.19 33.97 -66.51
C ARG H 287 21.02 33.80 -67.49
N MET H 288 21.24 34.20 -68.73
CA MET H 288 20.25 34.06 -69.80
C MET H 288 20.72 33.04 -70.83
N ALA H 289 19.82 32.60 -71.71
CA ALA H 289 20.13 31.56 -72.71
C ALA H 289 21.43 31.81 -73.50
N SER H 290 21.57 33.01 -74.09
CA SER H 290 22.74 33.29 -74.92
C SER H 290 23.43 34.59 -74.54
N LYS H 291 23.45 34.91 -73.25
CA LYS H 291 23.86 36.22 -72.80
C LYS H 291 24.12 36.10 -71.31
N ILE H 292 25.00 36.92 -70.77
CA ILE H 292 25.21 36.95 -69.33
C ILE H 292 25.36 38.38 -68.86
N GLY H 293 24.60 38.73 -67.83
CA GLY H 293 24.74 40.04 -67.21
C GLY H 293 25.56 39.93 -65.94
N ARG H 294 26.42 40.91 -65.69
CA ARG H 294 27.14 40.98 -64.43
C ARG H 294 26.75 42.25 -63.71
N TRP H 295 26.24 42.09 -62.49
CA TRP H 295 25.71 43.22 -61.69
C TRP H 295 26.67 43.52 -60.55
N TYR H 296 26.97 44.79 -60.31
CA TYR H 296 27.97 45.15 -59.28
C TYR H 296 27.48 46.34 -58.49
N SER H 297 27.99 46.52 -57.29
CA SER H 297 27.64 47.73 -56.53
C SER H 297 28.87 48.44 -55.99
N ARG H 298 28.78 49.76 -55.84
CA ARG H 298 29.91 50.49 -55.22
C ARG H 298 29.44 51.71 -54.46
N THR H 299 30.21 52.15 -53.47
CA THR H 299 29.83 53.36 -52.73
C THR H 299 29.53 54.54 -53.67
N MET H 300 28.71 55.46 -53.20
CA MET H 300 28.44 56.68 -53.95
C MET H 300 29.63 57.64 -53.82
N SER H 301 30.20 57.67 -52.61
CA SER H 301 31.42 58.46 -52.35
C SER H 301 32.69 57.72 -52.73
N LYS H 302 33.65 58.47 -53.27
CA LYS H 302 34.95 57.90 -53.64
C LYS H 302 35.90 57.61 -52.46
N THR H 303 35.67 58.26 -51.32
CA THR H 303 36.60 58.22 -50.18
C THR H 303 35.98 57.56 -48.98
N LYS H 304 34.64 57.65 -48.91
CA LYS H 304 33.92 57.29 -47.70
C LYS H 304 32.90 56.18 -47.87
N ARG H 305 32.51 55.58 -46.74
CA ARG H 305 31.54 54.50 -46.78
C ARG H 305 30.10 54.98 -46.74
N MET H 306 29.74 55.75 -47.79
CA MET H 306 28.47 56.44 -47.90
C MET H 306 27.80 56.15 -49.25
N GLY H 307 26.53 55.77 -49.22
CA GLY H 307 25.74 55.52 -50.42
C GLY H 307 26.09 54.19 -51.04
N MET H 308 25.31 53.78 -52.05
CA MET H 308 25.56 52.58 -52.84
C MET H 308 24.80 52.65 -54.18
N GLY H 309 25.57 52.66 -55.27
CA GLY H 309 25.03 52.64 -56.65
C GLY H 309 25.10 51.26 -57.28
N LEU H 310 24.14 50.95 -58.13
CA LEU H 310 24.12 49.63 -58.79
C LEU H 310 24.56 49.82 -60.21
N TYR H 311 25.42 48.93 -60.69
CA TYR H 311 25.97 49.02 -62.06
C TYR H 311 25.80 47.68 -62.76
N VAL H 312 25.79 47.69 -64.08
CA VAL H 312 25.62 46.46 -64.89
C VAL H 312 26.41 46.48 -66.21
N LYS H 313 26.89 45.31 -66.62
CA LYS H 313 27.45 45.08 -67.95
C LYS H 313 27.12 43.69 -68.49
N TYR H 314 26.74 43.63 -69.76
CA TYR H 314 26.33 42.37 -70.37
C TYR H 314 27.46 41.83 -71.27
N ASP H 315 27.81 40.55 -71.07
CA ASP H 315 28.86 39.83 -71.82
C ASP H 315 30.26 40.45 -71.71
N GLY H 316 31.13 40.13 -72.67
CA GLY H 316 32.50 40.63 -72.67
C GLY H 316 33.34 39.86 -71.67
N ASP H 317 34.55 40.35 -71.45
CA ASP H 317 35.51 39.78 -70.55
C ASP H 317 35.96 40.91 -69.62
N PRO H 318 35.58 40.82 -68.33
CA PRO H 318 35.91 41.85 -67.32
C PRO H 318 37.41 42.05 -67.11
N TRP H 319 38.21 41.09 -67.57
CA TRP H 319 39.68 41.20 -67.48
C TRP H 319 40.27 42.17 -68.49
N THR H 320 39.66 42.24 -69.68
CA THR H 320 40.16 43.08 -70.80
C THR H 320 39.26 44.24 -71.24
N ASP H 321 38.02 44.28 -70.77
CA ASP H 321 37.11 45.38 -71.14
C ASP H 321 37.31 46.64 -70.32
N SER H 322 37.74 47.70 -70.98
CA SER H 322 37.94 48.98 -70.30
C SER H 322 36.70 49.85 -70.37
N ASP H 323 35.69 49.41 -71.12
CA ASP H 323 34.43 50.19 -71.20
C ASP H 323 33.87 50.47 -69.78
N ALA H 324 33.22 51.62 -69.63
CA ALA H 324 32.57 51.97 -68.38
C ALA H 324 31.35 51.08 -68.17
N LEU H 325 31.12 50.74 -66.90
CA LEU H 325 29.94 50.03 -66.41
C LEU H 325 28.76 50.98 -66.44
N ALA H 326 27.60 50.48 -66.91
CA ALA H 326 26.39 51.30 -66.98
C ALA H 326 25.86 51.51 -65.57
N LEU H 327 25.71 52.77 -65.18
CA LEU H 327 25.00 53.11 -63.93
C LEU H 327 23.49 52.79 -64.00
N SER H 328 23.03 51.82 -63.19
CA SER H 328 21.63 51.39 -63.20
C SER H 328 20.76 52.13 -62.21
N GLY H 329 21.19 52.31 -60.96
CA GLY H 329 20.43 53.14 -59.98
C GLY H 329 21.10 53.43 -58.66
N VAL H 330 20.58 54.40 -57.91
CA VAL H 330 21.06 54.69 -56.55
C VAL H 330 20.23 53.93 -55.51
N MET H 331 20.85 52.92 -54.90
CA MET H 331 20.21 52.11 -53.86
C MET H 331 20.30 52.76 -52.48
N VAL H 332 21.35 53.55 -52.27
CA VAL H 332 21.53 54.24 -50.98
C VAL H 332 22.11 55.62 -51.24
N SER H 333 21.40 56.64 -50.82
CA SER H 333 21.82 58.01 -51.11
C SER H 333 23.06 58.34 -50.30
N MET H 334 23.84 59.29 -50.82
CA MET H 334 25.10 59.76 -50.26
C MET H 334 24.99 60.19 -48.80
N GLU H 335 23.76 60.48 -48.35
CA GLU H 335 23.50 60.81 -46.96
C GLU H 335 23.28 59.60 -46.02
N GLU H 336 23.29 58.38 -46.55
CA GLU H 336 23.14 57.15 -45.74
C GLU H 336 24.39 56.28 -45.83
N PRO H 337 24.63 55.46 -44.79
CA PRO H 337 25.85 54.67 -44.78
C PRO H 337 25.78 53.45 -45.69
N GLY H 338 26.89 53.19 -46.40
CA GLY H 338 27.03 52.10 -47.36
C GLY H 338 28.35 51.41 -47.12
N TRP H 339 28.25 50.28 -46.43
CA TRP H 339 29.45 49.54 -46.07
C TRP H 339 29.54 48.29 -46.97
N TYR H 340 29.86 47.13 -46.44
CA TYR H 340 29.97 45.93 -47.27
C TYR H 340 28.75 45.73 -48.20
N SER H 341 28.94 45.11 -49.34
CA SER H 341 27.82 44.66 -50.14
C SER H 341 28.08 43.25 -50.68
N PHE H 342 27.05 42.48 -50.98
CA PHE H 342 27.21 41.08 -51.37
C PHE H 342 26.12 40.63 -52.34
N GLY H 343 26.31 39.49 -52.98
CA GLY H 343 25.33 38.92 -53.88
C GLY H 343 24.84 37.59 -53.38
N PHE H 344 23.63 37.24 -53.82
CA PHE H 344 22.99 35.94 -53.54
C PHE H 344 21.81 35.70 -54.48
N GLU H 345 21.27 34.50 -54.42
CA GLU H 345 20.25 34.17 -55.35
C GLU H 345 19.16 33.46 -54.60
N ILE H 346 17.93 33.86 -54.85
CA ILE H 346 16.77 33.20 -54.31
C ILE H 346 16.23 32.19 -55.34
N LYS H 347 15.73 31.07 -54.84
CA LYS H 347 15.31 29.96 -55.71
C LYS H 347 13.81 29.95 -55.91
N ASP H 348 13.32 30.53 -57.02
CA ASP H 348 11.92 30.39 -57.44
C ASP H 348 11.67 28.94 -57.93
N LYS H 349 10.45 28.64 -58.34
CA LYS H 349 10.08 27.26 -58.66
C LYS H 349 10.95 26.63 -59.76
N LYS H 350 11.24 27.42 -60.80
CA LYS H 350 11.93 26.89 -61.96
C LYS H 350 13.08 27.74 -62.42
N CYS H 351 13.39 28.80 -61.67
CA CYS H 351 14.52 29.67 -62.04
C CYS H 351 15.08 30.39 -60.81
N ASP H 352 16.25 31.02 -60.97
CA ASP H 352 16.95 31.69 -59.88
C ASP H 352 16.86 33.20 -59.97
N VAL H 353 16.72 33.88 -58.84
CA VAL H 353 16.59 35.34 -58.81
C VAL H 353 17.80 36.05 -58.19
N PRO H 354 18.62 36.74 -59.03
CA PRO H 354 19.81 37.42 -58.54
C PRO H 354 19.44 38.64 -57.70
N CYS H 355 20.13 38.81 -56.57
CA CYS H 355 19.90 39.92 -55.64
C CYS H 355 21.23 40.45 -55.10
N ILE H 356 21.22 41.71 -54.63
CA ILE H 356 22.37 42.34 -53.97
C ILE H 356 21.92 42.87 -52.65
N GLY H 357 22.66 42.50 -51.60
CA GLY H 357 22.37 43.00 -50.24
C GLY H 357 23.38 44.05 -49.82
N ILE H 358 22.98 44.98 -48.96
CA ILE H 358 23.89 46.06 -48.53
C ILE H 358 23.88 46.22 -47.01
N GLU H 359 25.06 46.10 -46.40
CA GLU H 359 25.27 46.36 -44.99
C GLU H 359 25.25 47.87 -44.77
N MET H 360 24.38 48.33 -43.87
CA MET H 360 24.24 49.77 -43.64
C MET H 360 24.58 49.99 -42.18
N VAL H 361 25.85 50.32 -41.94
CA VAL H 361 26.37 50.36 -40.58
C VAL H 361 25.96 51.64 -39.85
N HIS H 362 25.50 51.49 -38.61
CA HIS H 362 25.27 52.62 -37.70
C HIS H 362 26.60 52.88 -36.99
N ASP H 363 27.37 53.81 -37.55
CA ASP H 363 28.65 54.23 -36.97
C ASP H 363 28.61 55.56 -36.20
N GLY H 364 28.92 55.50 -34.90
CA GLY H 364 29.03 56.68 -34.06
C GLY H 364 30.33 56.70 -33.26
N GLY H 365 31.32 55.94 -33.71
CA GLY H 365 32.62 55.92 -33.06
C GLY H 365 32.74 54.86 -32.00
N LYS H 366 33.90 54.80 -31.36
CA LYS H 366 34.17 53.73 -30.40
C LYS H 366 33.53 53.93 -29.03
N GLU H 367 32.88 55.07 -28.81
CA GLU H 367 32.31 55.38 -27.49
C GLU H 367 30.83 54.97 -27.32
N THR H 368 30.24 54.42 -28.38
CA THR H 368 28.84 53.94 -28.34
C THR H 368 28.72 52.62 -29.15
N TRP H 369 27.52 52.09 -29.29
CA TRP H 369 27.34 50.83 -30.05
C TRP H 369 27.64 50.92 -31.57
N HIS H 370 27.97 49.77 -32.16
CA HIS H 370 28.31 49.67 -33.56
C HIS H 370 27.63 48.43 -34.11
N SER H 371 26.68 48.64 -35.03
CA SER H 371 26.00 47.53 -35.68
C SER H 371 25.59 47.93 -37.06
N ALA H 372 24.64 47.20 -37.66
CA ALA H 372 24.25 47.45 -39.05
C ALA H 372 22.83 47.00 -39.40
N ALA H 373 22.16 47.76 -40.26
CA ALA H 373 20.98 47.24 -40.97
C ALA H 373 21.39 46.44 -42.24
N THR H 374 20.44 45.75 -42.88
CA THR H 374 20.70 45.07 -44.15
C THR H 374 19.59 45.37 -45.19
N ALA H 375 19.94 46.04 -46.29
CA ALA H 375 18.99 46.36 -47.35
C ALA H 375 19.11 45.37 -48.53
N ILE H 376 17.98 44.95 -49.11
CA ILE H 376 18.01 43.95 -50.18
C ILE H 376 17.38 44.46 -51.48
N TYR H 377 18.12 44.33 -52.58
CA TYR H 377 17.63 44.69 -53.93
C TYR H 377 17.67 43.45 -54.83
N CYS H 378 16.61 43.18 -55.57
CA CYS H 378 16.55 42.00 -56.47
C CYS H 378 16.08 42.35 -57.85
N LEU H 379 16.43 41.49 -58.81
CA LEU H 379 15.99 41.62 -60.18
C LEU H 379 14.50 41.29 -60.16
N MET H 380 13.67 42.24 -60.59
CA MET H 380 12.24 42.01 -60.75
C MET H 380 11.59 42.96 -61.78
N GLY H 381 11.01 42.34 -62.83
CA GLY H 381 10.28 43.05 -63.87
C GLY H 381 11.19 43.87 -64.78
N SER H 382 10.61 44.87 -65.46
CA SER H 382 11.34 45.69 -66.41
C SER H 382 11.33 47.19 -66.02
N GLY H 383 12.11 48.02 -66.69
CA GLY H 383 12.11 49.46 -66.38
C GLY H 383 13.41 49.94 -65.76
N GLN H 384 13.33 50.94 -64.87
CA GLN H 384 14.53 51.43 -64.17
C GLN H 384 14.37 51.32 -62.67
N LEU H 385 15.48 51.23 -61.95
CA LEU H 385 15.44 51.16 -60.48
C LEU H 385 14.80 52.43 -59.90
N LEU H 386 13.79 52.25 -59.05
CA LEU H 386 12.90 53.37 -58.60
C LEU H 386 13.18 54.05 -57.22
N TRP H 387 13.54 53.30 -56.17
CA TRP H 387 13.64 53.95 -54.86
C TRP H 387 14.84 53.54 -54.01
N ASP H 388 15.32 54.48 -53.19
CA ASP H 388 16.44 54.22 -52.31
C ASP H 388 16.00 53.70 -50.95
N THR H 389 16.98 53.32 -50.10
CA THR H 389 16.75 52.82 -48.75
C THR H 389 17.40 53.67 -47.68
N VAL H 390 16.64 53.97 -46.64
CA VAL H 390 17.20 54.60 -45.43
C VAL H 390 17.06 53.62 -44.22
N THR H 391 17.92 53.75 -43.19
CA THR H 391 17.79 52.84 -42.05
C THR H 391 16.67 53.25 -41.12
N GLY H 392 16.43 54.56 -41.05
CA GLY H 392 15.43 55.13 -40.15
C GLY H 392 15.92 55.24 -38.73
N VAL H 393 17.17 54.84 -38.47
CA VAL H 393 17.73 54.79 -37.10
C VAL H 393 18.42 56.09 -36.63
N ASP H 394 17.96 56.59 -35.48
CA ASP H 394 18.67 57.65 -34.77
C ASP H 394 19.47 57.02 -33.60
N MET H 395 20.79 57.14 -33.69
CA MET H 395 21.70 56.47 -32.77
C MET H 395 21.72 57.00 -31.33
N ALA H 396 21.03 58.14 -31.11
CA ALA H 396 20.91 58.77 -29.80
C ALA H 396 19.86 58.08 -28.91
N LEU H 397 18.94 57.37 -29.56
CA LEU H 397 17.78 56.83 -28.85
C LEU H 397 18.08 55.55 -28.10
N PRO I 9 19.54 -67.08 -38.05
CA PRO I 9 18.62 -67.00 -36.90
C PRO I 9 17.17 -67.10 -37.33
N GLU I 10 16.29 -67.33 -36.34
CA GLU I 10 14.86 -67.56 -36.57
C GLU I 10 13.97 -66.66 -35.69
N TRP I 11 12.67 -66.60 -35.99
CA TRP I 11 11.67 -65.96 -35.11
C TRP I 11 11.60 -66.64 -33.73
N THR I 12 11.46 -65.83 -32.69
CA THR I 12 11.32 -66.34 -31.33
C THR I 12 9.88 -66.42 -30.89
N TYR I 13 9.65 -67.25 -29.87
CA TYR I 13 8.33 -67.55 -29.31
C TYR I 13 8.49 -67.63 -27.78
N PRO I 14 7.41 -67.39 -27.01
CA PRO I 14 7.56 -67.62 -25.55
C PRO I 14 7.65 -69.09 -25.30
N ARG I 15 8.50 -69.49 -24.35
CA ARG I 15 8.63 -70.91 -23.96
C ARG I 15 8.21 -71.08 -22.51
N LEU I 16 8.33 -72.31 -22.00
CA LEU I 16 8.16 -72.57 -20.58
C LEU I 16 9.20 -71.82 -19.74
N SER I 17 8.77 -71.24 -18.63
CA SER I 17 9.68 -70.56 -17.73
C SER I 17 10.64 -71.56 -17.09
N CYS I 18 11.79 -71.06 -16.64
CA CYS I 18 12.78 -71.94 -15.98
C CYS I 18 12.22 -72.34 -14.59
N PRO I 19 12.72 -73.44 -14.02
CA PRO I 19 12.27 -73.87 -12.68
C PRO I 19 12.53 -72.84 -11.59
N GLY I 20 11.59 -72.76 -10.65
CA GLY I 20 11.69 -71.82 -9.53
C GLY I 20 10.36 -71.56 -8.87
N SER I 21 10.39 -71.13 -7.62
CA SER I 21 9.16 -70.73 -6.94
C SER I 21 9.29 -69.42 -6.13
N THR I 22 10.39 -68.70 -6.30
CA THR I 22 10.55 -67.41 -5.62
C THR I 22 11.48 -66.52 -6.37
N PHE I 23 11.24 -65.22 -6.24
CA PHE I 23 12.12 -64.22 -6.80
C PHE I 23 13.24 -63.89 -5.78
N GLN I 24 14.39 -63.47 -6.30
CA GLN I 24 15.45 -62.95 -5.46
C GLN I 24 16.04 -61.68 -6.07
N LYS I 25 16.81 -60.95 -5.26
CA LYS I 25 17.50 -59.76 -5.68
C LYS I 25 18.59 -60.15 -6.65
N ALA I 26 18.59 -59.58 -7.85
CA ALA I 26 19.61 -59.94 -8.85
C ALA I 26 20.73 -58.88 -9.08
N LEU I 27 20.35 -57.62 -9.31
CA LEU I 27 21.31 -56.66 -9.85
C LEU I 27 20.82 -55.23 -9.68
N LEU I 28 21.70 -54.31 -9.35
CA LEU I 28 21.36 -52.90 -9.23
C LEU I 28 22.19 -52.11 -10.24
N ILE I 29 21.51 -51.25 -10.99
CA ILE I 29 22.15 -50.25 -11.85
C ILE I 29 21.90 -48.86 -11.23
N SER I 30 22.87 -48.37 -10.44
CA SER I 30 22.78 -47.05 -9.80
C SER I 30 23.86 -46.15 -10.35
N PRO I 31 23.61 -45.52 -11.51
CA PRO I 31 24.64 -44.72 -12.19
C PRO I 31 25.00 -43.48 -11.41
N HIS I 32 24.11 -43.03 -10.55
CA HIS I 32 24.36 -41.81 -9.82
C HIS I 32 25.25 -41.94 -8.58
N ARG I 33 25.64 -43.19 -8.24
CA ARG I 33 26.74 -43.45 -7.33
C ARG I 33 28.08 -42.85 -7.86
N PHE I 34 28.11 -42.49 -9.14
CA PHE I 34 29.32 -41.96 -9.73
C PHE I 34 29.13 -40.51 -10.25
N GLY I 35 28.06 -39.84 -9.84
CA GLY I 35 27.85 -38.47 -10.25
C GLY I 35 28.22 -37.34 -9.31
N GLU I 36 29.04 -37.60 -8.28
CA GLU I 36 29.50 -36.55 -7.37
C GLU I 36 30.31 -35.44 -8.11
N THR I 37 30.26 -34.22 -7.55
CA THR I 37 31.15 -33.13 -7.94
C THR I 37 32.60 -33.61 -7.86
N LYS I 38 32.94 -34.33 -6.78
CA LYS I 38 34.32 -34.77 -6.49
C LYS I 38 34.83 -35.92 -7.38
N GLY I 39 33.91 -36.58 -8.11
CA GLY I 39 34.25 -37.71 -8.99
C GLY I 39 34.58 -37.26 -10.41
N ASN I 40 34.78 -38.24 -11.30
CA ASN I 40 35.09 -37.97 -12.70
C ASN I 40 34.25 -38.72 -13.68
N SER I 41 32.96 -38.89 -13.39
CA SER I 41 32.07 -39.62 -14.32
C SER I 41 30.92 -38.78 -14.89
N ALA I 42 30.21 -39.37 -15.84
CA ALA I 42 29.11 -38.73 -16.54
C ALA I 42 27.91 -39.66 -16.73
N PRO I 43 27.24 -40.09 -15.62
CA PRO I 43 25.98 -40.82 -15.75
C PRO I 43 24.89 -39.94 -16.36
N LEU I 44 24.12 -40.50 -17.28
CA LEU I 44 23.06 -39.77 -17.95
C LEU I 44 21.86 -39.57 -17.01
N ILE I 45 21.22 -38.39 -17.11
CA ILE I 45 19.99 -38.06 -16.42
C ILE I 45 18.81 -38.68 -17.19
N ILE I 46 18.02 -39.50 -16.51
CA ILE I 46 17.00 -40.28 -17.15
C ILE I 46 15.79 -40.47 -16.24
N ARG I 47 14.73 -41.02 -16.83
CA ARG I 47 13.57 -41.55 -16.14
C ARG I 47 12.94 -42.62 -17.08
N GLU I 48 11.90 -43.31 -16.63
CA GLU I 48 11.22 -44.33 -17.43
C GLU I 48 12.18 -45.39 -17.95
N PRO I 49 12.95 -46.02 -17.06
CA PRO I 49 13.77 -47.09 -17.56
C PRO I 49 12.98 -48.41 -17.78
N PHE I 50 13.49 -49.29 -18.64
CA PHE I 50 12.96 -50.62 -18.78
C PHE I 50 13.98 -51.54 -19.42
N ILE I 51 13.73 -52.85 -19.40
CA ILE I 51 14.66 -53.84 -19.95
C ILE I 51 13.96 -54.75 -20.98
N ALA I 52 14.70 -55.16 -21.99
CA ALA I 52 14.19 -56.06 -23.03
C ALA I 52 15.34 -56.93 -23.51
N CYS I 53 15.08 -58.22 -23.67
CA CYS I 53 16.13 -59.18 -24.02
C CYS I 53 15.88 -59.91 -25.32
N GLY I 54 16.95 -60.14 -26.07
CA GLY I 54 16.91 -61.02 -27.23
C GLY I 54 17.56 -62.36 -26.87
N PRO I 55 17.89 -63.18 -27.89
CA PRO I 55 18.44 -64.50 -27.63
C PRO I 55 19.87 -64.50 -27.05
N LYS I 56 20.63 -63.42 -27.25
CA LYS I 56 21.99 -63.36 -26.68
C LYS I 56 22.26 -62.21 -25.69
N GLU I 57 21.46 -61.14 -25.79
CA GLU I 57 21.71 -59.86 -25.10
C GLU I 57 20.46 -59.30 -24.39
N CYS I 58 20.63 -58.75 -23.20
CA CYS I 58 19.61 -57.88 -22.60
C CYS I 58 20.07 -56.42 -22.66
N LYS I 59 19.22 -55.55 -23.18
CA LYS I 59 19.46 -54.11 -23.19
C LYS I 59 18.63 -53.35 -22.16
N HIS I 60 19.25 -52.34 -21.54
CA HIS I 60 18.64 -51.52 -20.50
C HIS I 60 18.31 -50.17 -21.13
N PHE I 61 17.02 -49.92 -21.34
CA PHE I 61 16.57 -48.70 -22.00
C PHE I 61 16.16 -47.62 -21.01
N ALA I 62 16.26 -46.36 -21.45
CA ALA I 62 15.69 -45.25 -20.64
C ALA I 62 15.41 -44.04 -21.53
N LEU I 63 14.62 -43.11 -21.03
CA LEU I 63 14.39 -41.83 -21.69
C LEU I 63 15.22 -40.77 -21.01
N THR I 64 16.31 -40.35 -21.67
CA THR I 64 17.19 -39.28 -21.15
C THR I 64 16.66 -37.85 -21.40
N HIS I 65 17.12 -36.90 -20.58
CA HIS I 65 16.91 -35.47 -20.86
C HIS I 65 18.15 -34.92 -21.55
N TYR I 66 18.99 -35.78 -22.11
CA TYR I 66 20.16 -35.30 -22.88
C TYR I 66 21.08 -34.40 -22.03
N ALA I 67 21.20 -34.79 -20.76
CA ALA I 67 22.01 -34.06 -19.79
C ALA I 67 22.64 -35.08 -18.87
N ALA I 68 23.69 -34.66 -18.13
CA ALA I 68 24.50 -35.58 -17.30
C ALA I 68 24.78 -34.97 -15.95
N GLN I 69 25.09 -35.82 -14.97
CA GLN I 69 25.44 -35.36 -13.62
C GLN I 69 26.90 -35.71 -13.30
N PRO I 70 27.72 -34.72 -12.89
CA PRO I 70 27.41 -33.30 -12.78
C PRO I 70 27.36 -32.56 -14.11
N GLY I 71 26.63 -31.46 -14.11
CA GLY I 71 26.43 -30.62 -15.29
C GLY I 71 25.59 -29.40 -14.96
N GLY I 72 25.27 -28.62 -15.98
CA GLY I 72 24.52 -27.37 -15.80
C GLY I 72 23.22 -27.32 -16.56
N TYR I 73 22.68 -28.47 -16.92
CA TYR I 73 21.33 -28.56 -17.50
C TYR I 73 20.24 -29.23 -16.66
N TYR I 74 20.30 -29.06 -15.35
CA TYR I 74 19.34 -29.69 -14.44
C TYR I 74 17.93 -29.09 -14.60
N ASN I 75 17.84 -27.78 -14.87
CA ASN I 75 16.55 -27.13 -15.07
C ASN I 75 15.72 -27.82 -16.20
N GLY I 76 14.57 -28.39 -15.82
CA GLY I 76 13.68 -29.04 -16.78
C GLY I 76 13.72 -30.55 -16.73
N THR I 77 14.56 -31.13 -15.85
CA THR I 77 14.71 -32.58 -15.79
C THR I 77 13.59 -33.28 -15.00
N ARG I 78 12.76 -32.52 -14.27
CA ARG I 78 11.49 -33.05 -13.69
C ARG I 78 10.29 -33.02 -14.68
N GLY I 79 10.43 -32.27 -15.78
CA GLY I 79 9.42 -32.23 -16.83
C GLY I 79 9.29 -33.57 -17.56
N ASP I 80 8.19 -33.75 -18.28
CA ASP I 80 7.86 -35.06 -18.85
C ASP I 80 8.23 -35.14 -20.32
N ARG I 81 7.98 -34.05 -21.04
CA ARG I 81 8.20 -33.99 -22.48
C ARG I 81 8.94 -32.70 -22.83
N ASN I 82 9.89 -32.80 -23.74
CA ASN I 82 10.55 -31.65 -24.39
C ASN I 82 11.22 -32.12 -25.68
N LYS I 83 11.87 -31.20 -26.40
CA LYS I 83 12.51 -31.45 -27.68
C LYS I 83 13.87 -32.14 -27.61
N LEU I 84 14.40 -32.35 -26.41
CA LEU I 84 15.75 -32.93 -26.25
C LEU I 84 15.76 -34.43 -25.86
N ARG I 85 14.71 -34.83 -25.19
CA ARG I 85 14.47 -36.18 -24.74
C ARG I 85 14.72 -37.27 -25.82
N HIS I 86 15.40 -38.34 -25.43
CA HIS I 86 15.81 -39.37 -26.38
C HIS I 86 15.76 -40.70 -25.71
N LEU I 87 15.44 -41.73 -26.52
CA LEU I 87 15.51 -43.14 -26.13
C LEU I 87 16.95 -43.58 -26.30
N ILE I 88 17.52 -44.09 -25.20
CA ILE I 88 18.91 -44.58 -25.15
C ILE I 88 18.96 -46.03 -24.60
N SER I 89 20.11 -46.67 -24.80
CA SER I 89 20.31 -47.96 -24.23
C SER I 89 21.77 -48.27 -23.92
N VAL I 90 21.99 -49.26 -23.06
CA VAL I 90 23.26 -49.95 -22.90
C VAL I 90 22.97 -51.46 -22.78
N LYS I 91 24.00 -52.24 -22.95
CA LYS I 91 23.99 -53.65 -22.54
C LYS I 91 23.77 -53.78 -21.02
N LEU I 92 22.80 -54.59 -20.62
CA LEU I 92 22.43 -54.66 -19.20
C LEU I 92 23.67 -55.09 -18.45
N GLY I 93 24.04 -54.33 -17.42
CA GLY I 93 25.27 -54.54 -16.64
C GLY I 93 26.26 -53.39 -16.79
N LYS I 94 26.13 -52.60 -17.87
CA LYS I 94 26.96 -51.43 -18.07
C LYS I 94 26.26 -50.19 -17.49
N ILE I 95 27.04 -49.27 -16.92
CA ILE I 95 26.52 -48.01 -16.42
C ILE I 95 26.21 -47.10 -17.61
N PRO I 96 24.98 -46.55 -17.69
CA PRO I 96 24.65 -45.67 -18.81
C PRO I 96 25.21 -44.25 -18.64
N THR I 97 26.44 -44.08 -19.12
CA THR I 97 27.10 -42.79 -19.10
C THR I 97 27.02 -42.20 -20.49
N VAL I 98 27.61 -41.03 -20.69
CA VAL I 98 27.63 -40.35 -21.99
C VAL I 98 28.27 -41.24 -23.04
N GLU I 99 29.42 -41.81 -22.71
CA GLU I 99 30.15 -42.59 -23.70
C GLU I 99 29.64 -44.01 -23.87
N ASN I 100 29.16 -44.62 -22.79
CA ASN I 100 28.69 -46.01 -22.84
C ASN I 100 27.38 -46.20 -23.60
N SER I 101 26.53 -45.17 -23.56
CA SER I 101 25.17 -45.26 -24.11
C SER I 101 25.14 -45.11 -25.63
N ILE I 102 24.05 -45.54 -26.24
CA ILE I 102 23.80 -45.25 -27.64
C ILE I 102 22.45 -44.54 -27.69
N PHE I 103 22.35 -43.48 -28.52
CA PHE I 103 21.12 -42.74 -28.72
C PHE I 103 20.37 -43.27 -29.97
N HIS I 104 19.16 -43.76 -29.74
CA HIS I 104 18.39 -44.46 -30.77
C HIS I 104 17.56 -43.50 -31.60
N MET I 105 16.76 -42.68 -30.94
CA MET I 105 15.94 -41.64 -31.57
C MET I 105 15.39 -40.63 -30.55
N ALA I 106 14.88 -39.49 -31.05
CA ALA I 106 14.21 -38.52 -30.21
C ALA I 106 12.90 -39.12 -29.72
N ALA I 107 12.56 -38.88 -28.44
CA ALA I 107 11.36 -39.51 -27.85
C ALA I 107 11.19 -39.05 -26.43
N TRP I 108 9.94 -38.80 -26.06
CA TRP I 108 9.60 -38.62 -24.64
C TRP I 108 8.63 -39.70 -24.12
N SER I 109 8.46 -40.75 -24.92
CA SER I 109 7.76 -41.99 -24.54
C SER I 109 8.31 -43.07 -25.44
N GLY I 110 8.57 -44.25 -24.88
CA GLY I 110 9.33 -45.30 -25.60
C GLY I 110 8.97 -46.76 -25.31
N SER I 111 9.52 -47.66 -26.12
CA SER I 111 9.37 -49.11 -25.98
C SER I 111 10.44 -49.76 -26.88
N ALA I 112 10.70 -51.06 -26.69
CA ALA I 112 11.56 -51.79 -27.60
C ALA I 112 11.37 -53.30 -27.46
N CYS I 113 11.73 -54.06 -28.48
CA CYS I 113 11.63 -55.53 -28.41
C CYS I 113 12.41 -56.22 -29.54
N HIS I 114 12.93 -57.40 -29.26
CA HIS I 114 13.60 -58.23 -30.25
C HIS I 114 12.69 -59.32 -30.79
N ASP I 115 12.68 -59.51 -32.10
CA ASP I 115 11.76 -60.50 -32.69
C ASP I 115 12.41 -61.88 -32.97
N GLY I 116 13.66 -62.02 -32.54
CA GLY I 116 14.48 -63.20 -32.85
C GLY I 116 15.56 -62.93 -33.91
N LYS I 117 15.29 -61.97 -34.81
CA LYS I 117 16.25 -61.58 -35.87
C LYS I 117 16.85 -60.22 -35.66
N GLU I 118 16.11 -59.33 -35.01
CA GLU I 118 16.44 -57.89 -34.98
C GLU I 118 15.61 -57.13 -33.95
N TRP I 119 16.22 -56.05 -33.46
CA TRP I 119 15.62 -55.08 -32.56
C TRP I 119 14.66 -54.09 -33.24
N THR I 120 13.47 -53.96 -32.67
CA THR I 120 12.53 -52.89 -33.00
C THR I 120 12.55 -51.82 -31.89
N TYR I 121 12.67 -50.55 -32.28
CA TYR I 121 12.74 -49.42 -31.31
C TYR I 121 11.59 -48.49 -31.53
N ILE I 122 10.94 -48.09 -30.46
CA ILE I 122 9.76 -47.27 -30.57
C ILE I 122 9.91 -46.00 -29.75
N GLY I 123 9.63 -44.87 -30.39
CA GLY I 123 9.69 -43.58 -29.74
C GLY I 123 8.68 -42.56 -30.22
N VAL I 124 8.02 -41.93 -29.27
CA VAL I 124 7.04 -40.90 -29.55
C VAL I 124 7.60 -39.52 -29.21
N ASP I 125 7.49 -38.58 -30.14
CA ASP I 125 7.69 -37.17 -29.80
C ASP I 125 6.69 -36.31 -30.57
N GLY I 126 6.99 -35.01 -30.70
CA GLY I 126 6.06 -34.08 -31.36
C GLY I 126 5.23 -33.26 -30.37
N PRO I 127 4.36 -32.38 -30.88
CA PRO I 127 3.69 -31.49 -29.95
C PRO I 127 2.50 -32.15 -29.22
N GLU I 128 2.09 -31.54 -28.12
CA GLU I 128 0.97 -32.01 -27.29
C GLU I 128 -0.23 -32.51 -28.07
N ASN I 129 -0.75 -31.64 -28.93
CA ASN I 129 -2.02 -31.87 -29.63
C ASN I 129 -1.87 -32.67 -30.95
N ASN I 130 -0.65 -33.13 -31.25
CA ASN I 130 -0.42 -33.91 -32.46
C ASN I 130 0.90 -34.69 -32.46
N ALA I 131 1.19 -35.36 -31.34
CA ALA I 131 2.36 -36.20 -31.22
C ALA I 131 2.39 -37.34 -32.26
N LEU I 132 3.56 -37.96 -32.40
CA LEU I 132 3.84 -38.91 -33.46
C LEU I 132 4.72 -40.04 -32.94
N LEU I 133 4.26 -41.27 -33.15
CA LEU I 133 5.03 -42.46 -32.73
C LEU I 133 5.88 -42.88 -33.88
N LYS I 134 7.14 -43.20 -33.60
CA LYS I 134 8.11 -43.50 -34.63
C LYS I 134 8.69 -44.86 -34.38
N ILE I 135 8.95 -45.58 -35.48
CA ILE I 135 9.43 -46.96 -35.43
C ILE I 135 10.73 -47.10 -36.23
N LYS I 136 11.71 -47.75 -35.60
CA LYS I 136 13.05 -47.99 -36.14
C LYS I 136 13.39 -49.51 -36.03
N TYR I 137 13.81 -50.09 -37.14
CA TYR I 137 14.17 -51.52 -37.20
C TYR I 137 15.65 -51.71 -37.49
N GLY I 138 16.39 -52.13 -36.46
CA GLY I 138 17.85 -52.07 -36.50
C GLY I 138 18.23 -50.59 -36.62
N GLU I 139 18.76 -50.19 -37.79
CA GLU I 139 19.32 -48.84 -37.98
C GLU I 139 18.36 -47.98 -38.74
N ALA I 140 17.44 -48.63 -39.44
CA ALA I 140 16.48 -47.94 -40.30
C ALA I 140 15.22 -47.41 -39.61
N TYR I 141 14.89 -46.15 -39.85
CA TYR I 141 13.52 -45.62 -39.56
C TYR I 141 12.58 -46.16 -40.62
N THR I 142 11.45 -46.74 -40.21
CA THR I 142 10.60 -47.56 -41.11
C THR I 142 9.10 -47.18 -41.18
N ASP I 143 8.56 -46.58 -40.12
CA ASP I 143 7.11 -46.30 -40.06
C ASP I 143 6.71 -45.27 -38.98
N THR I 144 5.47 -44.75 -39.07
CA THR I 144 4.87 -43.87 -38.02
C THR I 144 3.39 -44.08 -37.81
N TYR I 145 2.90 -43.71 -36.62
CA TYR I 145 1.48 -43.73 -36.34
C TYR I 145 1.14 -42.38 -35.77
N HIS I 146 -0.02 -41.87 -36.17
CA HIS I 146 -0.48 -40.53 -35.83
C HIS I 146 -1.45 -40.45 -34.66
N SER I 147 -1.35 -39.33 -33.95
CA SER I 147 -2.24 -39.05 -32.86
C SER I 147 -3.70 -39.16 -33.32
N TYR I 148 -4.54 -39.85 -32.54
CA TYR I 148 -5.96 -40.04 -32.91
C TYR I 148 -6.95 -39.38 -31.94
N ALA I 149 -6.48 -38.95 -30.77
CA ALA I 149 -7.35 -38.15 -29.89
C ALA I 149 -6.74 -36.77 -29.59
N ASN I 150 -5.63 -36.45 -30.24
CA ASN I 150 -5.04 -35.12 -30.18
C ASN I 150 -4.71 -34.64 -28.79
N ASN I 151 -4.27 -35.56 -27.93
CA ASN I 151 -3.82 -35.19 -26.60
C ASN I 151 -2.79 -36.17 -26.06
N ILE I 152 -1.51 -35.89 -26.36
CA ILE I 152 -0.34 -36.64 -25.93
C ILE I 152 -0.42 -38.13 -26.30
N LEU I 153 -0.27 -38.43 -27.59
CA LEU I 153 -0.11 -39.80 -28.01
C LEU I 153 1.06 -40.37 -27.23
N ARG I 154 0.97 -41.63 -26.82
CA ARG I 154 1.72 -42.13 -25.68
C ARG I 154 1.96 -43.64 -25.85
N THR I 155 3.05 -44.18 -25.29
CA THR I 155 3.20 -45.65 -25.31
C THR I 155 3.58 -46.28 -23.93
N GLN I 156 4.01 -47.54 -23.94
CA GLN I 156 4.13 -48.36 -22.73
C GLN I 156 5.16 -47.99 -21.67
N GLU I 157 6.31 -47.47 -22.10
N GLU I 157 6.31 -47.47 -22.10
CA GLU I 157 7.49 -47.32 -21.23
CA GLU I 157 7.51 -47.30 -21.26
C GLU I 157 8.01 -48.68 -20.76
C GLU I 157 8.02 -48.67 -20.78
N SER I 158 7.77 -49.71 -21.58
CA SER I 158 8.34 -51.05 -21.36
C SER I 158 8.32 -51.88 -22.62
N ALA I 159 8.84 -53.10 -22.51
CA ALA I 159 9.09 -53.96 -23.64
C ALA I 159 7.82 -54.29 -24.41
N CYS I 160 7.87 -54.17 -25.72
CA CYS I 160 6.80 -54.75 -26.52
C CYS I 160 7.03 -56.26 -26.57
N ASN I 161 6.21 -56.99 -27.32
CA ASN I 161 6.26 -58.43 -27.27
C ASN I 161 6.12 -59.08 -28.62
N CYS I 162 7.13 -59.85 -29.03
CA CYS I 162 7.14 -60.46 -30.38
C CYS I 162 6.93 -61.97 -30.39
N ILE I 163 6.06 -62.42 -31.29
CA ILE I 163 5.86 -63.84 -31.54
C ILE I 163 5.80 -64.10 -33.05
N GLY I 164 6.54 -65.11 -33.50
CA GLY I 164 6.55 -65.45 -34.93
C GLY I 164 6.72 -64.21 -35.81
N GLY I 165 7.45 -63.23 -35.27
CA GLY I 165 7.90 -62.08 -36.04
C GLY I 165 6.91 -60.94 -36.03
N ASN I 166 5.82 -61.15 -35.33
CA ASN I 166 4.81 -60.15 -35.15
C ASN I 166 4.97 -59.61 -33.74
N CYS I 167 5.22 -58.30 -33.65
CA CYS I 167 5.39 -57.59 -32.37
C CYS I 167 4.16 -56.75 -32.04
N TYR I 168 3.68 -56.88 -30.81
CA TYR I 168 2.47 -56.19 -30.36
C TYR I 168 2.79 -55.08 -29.34
N LEU I 169 2.22 -53.89 -29.57
CA LEU I 169 2.51 -52.68 -28.80
C LEU I 169 1.24 -51.93 -28.40
N MET I 170 1.11 -51.59 -27.11
CA MET I 170 0.01 -50.76 -26.61
C MET I 170 0.36 -49.30 -26.79
N ILE I 171 -0.63 -48.51 -27.21
CA ILE I 171 -0.54 -47.05 -27.25
C ILE I 171 -1.81 -46.45 -26.65
N THR I 172 -1.73 -45.19 -26.23
CA THR I 172 -2.93 -44.46 -25.81
C THR I 172 -2.86 -42.99 -26.20
N ASP I 173 -4.00 -42.31 -26.11
CA ASP I 173 -4.15 -40.92 -26.52
C ASP I 173 -5.42 -40.38 -25.87
N GLY I 174 -5.38 -39.15 -25.40
CA GLY I 174 -6.52 -38.63 -24.65
C GLY I 174 -6.07 -37.89 -23.40
N SER I 175 -7.04 -37.48 -22.60
CA SER I 175 -6.76 -36.66 -21.44
C SER I 175 -6.22 -37.51 -20.28
N ALA I 176 -5.14 -37.05 -19.66
CA ALA I 176 -4.61 -37.72 -18.49
C ALA I 176 -5.64 -37.73 -17.34
N SER I 177 -6.60 -36.79 -17.41
CA SER I 177 -7.67 -36.59 -16.43
C SER I 177 -9.04 -37.16 -16.80
N GLY I 178 -9.20 -37.58 -18.05
CA GLY I 178 -10.51 -37.95 -18.57
C GLY I 178 -10.40 -39.23 -19.34
N ILE I 179 -11.03 -39.28 -20.52
CA ILE I 179 -11.01 -40.45 -21.37
C ILE I 179 -9.66 -40.60 -22.07
N SER I 180 -9.07 -41.80 -21.96
CA SER I 180 -7.91 -42.20 -22.77
C SER I 180 -8.08 -43.66 -23.23
N GLU I 181 -8.67 -43.82 -24.41
CA GLU I 181 -8.98 -45.15 -24.95
C GLU I 181 -7.77 -45.65 -25.74
N CYS I 182 -7.15 -46.72 -25.25
CA CYS I 182 -5.93 -47.29 -25.85
C CYS I 182 -6.22 -48.15 -27.06
N ARG I 183 -5.22 -48.28 -27.94
CA ARG I 183 -5.23 -49.26 -29.05
C ARG I 183 -3.97 -50.12 -28.96
N PHE I 184 -3.89 -51.15 -29.82
CA PHE I 184 -2.68 -51.97 -29.97
C PHE I 184 -2.26 -51.97 -31.42
N LEU I 185 -0.96 -51.85 -31.65
CA LEU I 185 -0.40 -51.98 -32.98
C LEU I 185 0.27 -53.34 -33.13
N LYS I 186 0.13 -53.94 -34.32
CA LYS I 186 0.79 -55.20 -34.66
C LYS I 186 1.87 -54.85 -35.68
N ILE I 187 3.13 -55.14 -35.35
CA ILE I 187 4.26 -54.62 -36.13
C ILE I 187 5.18 -55.73 -36.60
N ARG I 188 5.55 -55.71 -37.88
CA ARG I 188 6.36 -56.76 -38.46
C ARG I 188 7.48 -56.12 -39.24
N GLU I 189 8.69 -56.56 -38.92
CA GLU I 189 9.89 -55.98 -39.50
C GLU I 189 9.82 -54.46 -39.63
N GLY I 190 9.35 -53.82 -38.57
CA GLY I 190 9.37 -52.33 -38.45
C GLY I 190 8.17 -51.60 -38.97
N ARG I 191 7.24 -52.35 -39.57
CA ARG I 191 6.04 -51.78 -40.26
C ARG I 191 4.74 -52.25 -39.68
N ILE I 192 3.79 -51.32 -39.54
CA ILE I 192 2.53 -51.64 -38.93
C ILE I 192 1.63 -52.37 -39.92
N ILE I 193 1.14 -53.55 -39.53
CA ILE I 193 0.33 -54.37 -40.45
C ILE I 193 -1.10 -54.59 -39.98
N LYS I 194 -1.40 -54.15 -38.76
CA LYS I 194 -2.79 -54.15 -38.23
C LYS I 194 -2.95 -53.19 -37.02
N GLU I 195 -4.08 -52.48 -36.98
CA GLU I 195 -4.58 -51.79 -35.78
C GLU I 195 -5.61 -52.65 -35.08
N ILE I 196 -5.49 -52.75 -33.76
CA ILE I 196 -6.41 -53.54 -32.95
C ILE I 196 -7.13 -52.62 -31.97
N PHE I 197 -8.46 -52.67 -32.01
CA PHE I 197 -9.30 -51.84 -31.14
C PHE I 197 -9.91 -52.74 -30.07
N PRO I 198 -9.46 -52.59 -28.83
CA PRO I 198 -9.97 -53.42 -27.76
C PRO I 198 -11.44 -53.15 -27.53
N THR I 199 -12.15 -54.11 -26.92
CA THR I 199 -13.55 -53.99 -26.51
C THR I 199 -13.64 -54.13 -24.97
N GLY I 200 -14.77 -53.72 -24.38
CA GLY I 200 -14.99 -53.76 -22.93
C GLY I 200 -14.77 -52.49 -22.12
N ARG I 201 -14.10 -52.64 -20.98
CA ARG I 201 -13.78 -51.50 -20.13
C ARG I 201 -12.58 -50.69 -20.70
N VAL I 202 -12.89 -49.74 -21.58
CA VAL I 202 -11.85 -49.07 -22.35
C VAL I 202 -11.74 -47.56 -22.01
N LYS I 203 -12.55 -47.15 -21.05
CA LYS I 203 -12.68 -45.79 -20.51
C LYS I 203 -11.34 -45.07 -20.35
N HIS I 204 -10.41 -45.74 -19.67
CA HIS I 204 -9.08 -45.22 -19.44
C HIS I 204 -8.01 -46.27 -19.19
N THR I 205 -7.07 -46.36 -20.14
CA THR I 205 -5.96 -47.35 -20.05
C THR I 205 -4.61 -46.72 -20.44
N GLU I 206 -3.63 -46.83 -19.54
CA GLU I 206 -2.26 -46.44 -19.86
C GLU I 206 -1.08 -47.26 -19.37
N GLU I 207 0.03 -47.05 -20.07
CA GLU I 207 1.29 -47.66 -19.77
C GLU I 207 1.12 -49.13 -19.45
N CYS I 208 0.61 -49.90 -20.41
CA CYS I 208 0.46 -51.34 -20.13
C CYS I 208 1.81 -52.00 -20.00
N THR I 209 1.89 -52.86 -19.00
CA THR I 209 3.00 -53.76 -18.79
C THR I 209 2.49 -55.11 -19.28
N CYS I 210 3.06 -55.57 -20.40
CA CYS I 210 2.55 -56.72 -21.15
C CYS I 210 3.50 -57.94 -21.25
N GLY I 211 2.95 -59.14 -21.21
CA GLY I 211 3.74 -60.34 -21.48
C GLY I 211 2.88 -61.46 -22.06
N PHE I 212 3.52 -62.56 -22.44
CA PHE I 212 2.82 -63.75 -22.93
C PHE I 212 2.40 -64.63 -21.80
N ALA I 213 1.09 -64.94 -21.75
CA ALA I 213 0.57 -65.98 -20.88
C ALA I 213 0.67 -67.32 -21.58
N SER I 214 0.85 -67.30 -22.90
CA SER I 214 1.01 -68.52 -23.71
C SER I 214 1.25 -68.16 -25.16
N ASN I 215 1.34 -69.16 -26.04
CA ASN I 215 1.49 -68.88 -27.51
C ASN I 215 0.25 -68.15 -28.11
N LYS I 216 -0.88 -68.19 -27.38
CA LYS I 216 -2.18 -67.66 -27.84
C LYS I 216 -2.50 -66.24 -27.26
N THR I 217 -1.99 -65.91 -26.07
CA THR I 217 -2.48 -64.75 -25.34
C THR I 217 -1.39 -63.87 -24.75
N ILE I 218 -1.55 -62.56 -24.94
CA ILE I 218 -0.77 -61.54 -24.27
C ILE I 218 -1.67 -60.94 -23.24
N GLU I 219 -1.14 -60.68 -22.05
CA GLU I 219 -1.91 -60.02 -20.98
C GLU I 219 -1.14 -58.81 -20.51
N CYS I 220 -1.85 -57.75 -20.17
CA CYS I 220 -1.22 -56.53 -19.72
C CYS I 220 -1.89 -56.03 -18.46
N ALA I 221 -1.08 -55.65 -17.47
CA ALA I 221 -1.58 -54.89 -16.30
C ALA I 221 -1.26 -53.41 -16.52
N CYS I 222 -2.31 -52.58 -16.51
CA CYS I 222 -2.17 -51.18 -16.94
C CYS I 222 -2.50 -50.18 -15.83
N ARG I 223 -2.60 -48.92 -16.22
CA ARG I 223 -2.82 -47.80 -15.30
C ARG I 223 -4.02 -46.97 -15.73
N ASP I 224 -4.92 -46.72 -14.79
CA ASP I 224 -6.02 -45.80 -14.99
C ASP I 224 -5.69 -44.57 -14.15
N ASN I 225 -5.50 -43.46 -14.82
CA ASN I 225 -4.97 -42.26 -14.17
C ASN I 225 -6.08 -41.29 -13.69
N SER I 226 -7.34 -41.70 -13.92
CA SER I 226 -8.51 -40.90 -13.55
C SER I 226 -9.49 -41.54 -12.58
N TYR I 227 -9.90 -42.77 -12.89
CA TYR I 227 -11.16 -43.28 -12.37
C TYR I 227 -11.06 -44.27 -11.23
N THR I 228 -10.00 -45.07 -11.20
CA THR I 228 -9.94 -46.21 -10.28
C THR I 228 -8.50 -46.56 -9.86
N ALA I 229 -8.33 -47.16 -8.68
CA ALA I 229 -7.02 -47.71 -8.26
C ALA I 229 -6.88 -49.21 -8.57
N LYS I 230 -7.92 -49.83 -9.12
CA LYS I 230 -7.82 -51.18 -9.67
C LYS I 230 -7.10 -51.04 -10.99
N ARG I 231 -6.21 -51.98 -11.30
CA ARG I 231 -5.51 -51.92 -12.58
C ARG I 231 -6.41 -52.47 -13.70
N PRO I 232 -6.49 -51.74 -14.84
CA PRO I 232 -7.17 -52.34 -16.00
C PRO I 232 -6.38 -53.51 -16.48
N PHE I 233 -7.03 -54.58 -16.95
CA PHE I 233 -6.29 -55.81 -17.30
C PHE I 233 -6.65 -56.31 -18.70
N VAL I 234 -5.67 -56.35 -19.58
CA VAL I 234 -5.90 -56.63 -21.01
C VAL I 234 -5.62 -58.08 -21.32
N LYS I 235 -6.52 -58.71 -22.08
CA LYS I 235 -6.24 -60.01 -22.70
C LYS I 235 -6.34 -59.89 -24.21
N LEU I 236 -5.20 -59.99 -24.88
CA LEU I 236 -5.06 -59.97 -26.32
C LEU I 236 -4.90 -61.39 -26.91
N ASN I 237 -5.79 -61.79 -27.79
CA ASN I 237 -5.66 -63.07 -28.48
C ASN I 237 -4.84 -62.81 -29.74
N VAL I 238 -3.62 -63.36 -29.80
CA VAL I 238 -2.75 -63.08 -30.92
C VAL I 238 -2.95 -63.94 -32.19
N GLU I 239 -3.88 -64.91 -32.12
CA GLU I 239 -4.29 -65.70 -33.31
C GLU I 239 -5.44 -65.04 -34.05
N THR I 240 -6.40 -64.49 -33.32
CA THR I 240 -7.52 -63.76 -33.92
C THR I 240 -7.30 -62.24 -33.93
N ASP I 241 -6.23 -61.80 -33.25
CA ASP I 241 -5.93 -60.35 -33.10
C ASP I 241 -7.13 -59.55 -32.54
N THR I 242 -7.66 -59.99 -31.40
CA THR I 242 -8.76 -59.32 -30.69
C THR I 242 -8.29 -59.04 -29.27
N ALA I 243 -8.81 -57.97 -28.67
CA ALA I 243 -8.40 -57.60 -27.31
C ALA I 243 -9.60 -57.19 -26.47
N GLU I 244 -9.53 -57.50 -25.19
CA GLU I 244 -10.60 -57.23 -24.26
C GLU I 244 -10.00 -56.67 -22.97
N ILE I 245 -10.72 -55.77 -22.32
CA ILE I 245 -10.24 -55.11 -21.11
C ILE I 245 -11.32 -55.11 -20.02
N ARG I 246 -10.94 -55.49 -18.82
CA ARG I 246 -11.80 -55.37 -17.63
C ARG I 246 -10.90 -55.02 -16.46
N LEU I 247 -11.46 -54.47 -15.39
CA LEU I 247 -10.66 -54.15 -14.20
C LEU I 247 -10.20 -55.44 -13.50
N MET I 248 -9.02 -55.42 -12.90
CA MET I 248 -8.62 -56.50 -11.95
C MET I 248 -9.53 -56.53 -10.70
N CYS I 249 -10.00 -57.74 -10.35
CA CYS I 249 -10.98 -57.87 -9.29
C CYS I 249 -10.38 -57.98 -7.89
N THR I 250 -9.08 -58.29 -7.79
CA THR I 250 -8.44 -58.55 -6.50
C THR I 250 -8.57 -57.40 -5.48
N GLU I 251 -8.67 -57.77 -4.21
CA GLU I 251 -8.78 -56.76 -3.16
C GLU I 251 -7.44 -56.08 -2.87
N THR I 252 -6.37 -56.66 -3.41
CA THR I 252 -5.01 -56.12 -3.35
C THR I 252 -4.82 -55.13 -4.50
N TYR I 253 -5.34 -53.92 -4.34
CA TYR I 253 -5.30 -52.93 -5.44
C TYR I 253 -3.86 -52.50 -5.72
N LEU I 254 -3.48 -52.48 -7.01
CA LEU I 254 -2.06 -52.39 -7.39
C LEU I 254 -1.58 -51.01 -7.76
N ASP I 255 -2.50 -50.04 -7.78
CA ASP I 255 -2.18 -48.68 -8.17
C ASP I 255 -1.71 -47.87 -6.99
N THR I 256 -1.13 -46.69 -7.25
CA THR I 256 -0.84 -45.66 -6.25
C THR I 256 -1.22 -44.30 -6.86
N PRO I 257 -2.07 -43.52 -6.16
CA PRO I 257 -2.72 -43.76 -4.86
C PRO I 257 -3.74 -44.89 -4.90
N ARG I 258 -4.12 -45.38 -3.72
CA ARG I 258 -5.15 -46.41 -3.63
C ARG I 258 -5.72 -46.32 -2.24
N PRO I 259 -6.97 -46.79 -2.05
CA PRO I 259 -7.55 -46.91 -0.70
C PRO I 259 -7.10 -48.24 -0.03
N ASP I 260 -7.58 -48.52 1.18
CA ASP I 260 -7.25 -49.77 1.88
C ASP I 260 -7.65 -50.98 1.06
N ASP I 261 -6.96 -52.08 1.24
CA ASP I 261 -7.30 -53.25 0.47
C ASP I 261 -8.70 -53.74 0.79
N GLY I 262 -9.45 -54.10 -0.26
CA GLY I 262 -10.79 -54.66 -0.12
C GLY I 262 -11.94 -53.71 0.18
N SER I 263 -11.66 -52.41 0.28
CA SER I 263 -12.64 -51.42 0.74
C SER I 263 -13.47 -50.82 -0.38
N ILE I 264 -13.22 -51.24 -1.61
CA ILE I 264 -14.09 -50.83 -2.68
C ILE I 264 -15.22 -51.85 -2.74
N THR I 265 -16.43 -51.37 -2.45
CA THR I 265 -17.61 -52.22 -2.37
C THR I 265 -18.22 -52.47 -3.75
N GLY I 266 -19.14 -53.40 -3.85
CA GLY I 266 -19.75 -53.70 -5.14
C GLY I 266 -19.07 -54.91 -5.79
N PRO I 267 -19.45 -55.25 -7.03
CA PRO I 267 -18.79 -56.39 -7.65
C PRO I 267 -17.48 -55.98 -8.36
N CYS I 268 -16.95 -56.91 -9.15
CA CYS I 268 -15.63 -56.74 -9.74
C CYS I 268 -15.50 -55.45 -10.54
N GLU I 269 -16.61 -54.97 -11.08
CA GLU I 269 -16.53 -53.80 -11.97
C GLU I 269 -16.49 -52.39 -11.33
N SER I 270 -16.72 -52.28 -10.02
CA SER I 270 -16.76 -50.96 -9.37
C SER I 270 -15.43 -50.22 -9.39
N ASN I 271 -15.51 -48.89 -9.55
CA ASN I 271 -14.30 -48.06 -9.61
C ASN I 271 -13.35 -47.97 -8.37
N GLY I 272 -13.75 -47.56 -7.15
CA GLY I 272 -14.80 -46.64 -6.82
C GLY I 272 -14.07 -45.37 -6.34
N ASP I 273 -13.26 -45.48 -5.27
CA ASP I 273 -12.60 -44.30 -4.63
C ASP I 273 -11.07 -44.14 -4.82
N LYS I 274 -10.56 -42.92 -4.58
CA LYS I 274 -9.14 -42.55 -4.71
C LYS I 274 -8.49 -42.93 -6.06
N GLY I 275 -9.29 -42.91 -7.13
CA GLY I 275 -8.90 -43.34 -8.45
C GLY I 275 -8.08 -42.38 -9.29
N SER I 276 -8.04 -41.10 -8.92
CA SER I 276 -7.32 -40.14 -9.77
C SER I 276 -5.84 -40.11 -9.41
N GLY I 277 -4.97 -40.01 -10.44
CA GLY I 277 -3.52 -40.27 -10.31
C GLY I 277 -3.19 -41.76 -10.50
N GLY I 278 -1.91 -42.11 -10.46
CA GLY I 278 -1.54 -43.50 -10.72
C GLY I 278 -0.05 -43.70 -10.98
N ILE I 279 0.32 -44.95 -11.27
CA ILE I 279 1.69 -45.34 -11.46
C ILE I 279 1.75 -46.54 -12.44
N LYS I 280 2.81 -46.63 -13.24
CA LYS I 280 3.09 -47.86 -14.03
C LYS I 280 3.49 -48.97 -13.08
N GLY I 281 3.00 -50.19 -13.37
CA GLY I 281 3.16 -51.31 -12.49
C GLY I 281 3.80 -52.55 -13.08
N GLY I 282 4.63 -53.20 -12.27
CA GLY I 282 5.31 -54.43 -12.66
C GLY I 282 4.36 -55.61 -12.84
N PHE I 283 4.67 -56.43 -13.84
CA PHE I 283 3.83 -57.60 -14.13
C PHE I 283 4.58 -58.53 -15.05
N VAL I 284 4.74 -59.78 -14.63
CA VAL I 284 5.42 -60.79 -15.46
C VAL I 284 4.85 -62.20 -15.25
N HIS I 285 4.94 -63.03 -16.31
CA HIS I 285 4.37 -64.38 -16.28
C HIS I 285 5.38 -65.49 -15.93
N GLN I 286 4.94 -66.45 -15.13
CA GLN I 286 5.68 -67.69 -14.91
C GLN I 286 4.87 -68.80 -15.56
N ARG I 287 5.29 -69.26 -16.75
CA ARG I 287 4.57 -70.32 -17.50
C ARG I 287 5.08 -71.74 -17.17
N MET I 288 4.22 -72.54 -16.55
CA MET I 288 4.52 -73.94 -16.26
C MET I 288 3.62 -74.84 -17.11
N ALA I 289 3.90 -76.15 -17.09
CA ALA I 289 3.21 -77.14 -17.91
C ALA I 289 1.69 -77.08 -17.81
N SER I 290 1.17 -77.18 -16.59
CA SER I 290 -0.28 -77.17 -16.35
C SER I 290 -0.77 -76.11 -15.33
N LYS I 291 -0.09 -74.96 -15.30
CA LYS I 291 -0.28 -73.97 -14.24
C LYS I 291 0.30 -72.65 -14.76
N ILE I 292 -0.28 -71.53 -14.33
CA ILE I 292 0.31 -70.23 -14.63
C ILE I 292 0.43 -69.34 -13.37
N GLY I 293 1.60 -68.75 -13.20
CA GLY I 293 1.77 -67.80 -12.11
C GLY I 293 1.77 -66.39 -12.63
N ARG I 294 1.10 -65.49 -11.91
CA ARG I 294 1.12 -64.07 -12.25
C ARG I 294 1.80 -63.30 -11.12
N TRP I 295 2.90 -62.64 -11.47
CA TRP I 295 3.66 -61.87 -10.49
C TRP I 295 3.41 -60.38 -10.71
N TYR I 296 3.17 -59.64 -9.63
CA TYR I 296 2.93 -58.21 -9.70
C TYR I 296 3.69 -57.42 -8.61
N SER I 297 3.83 -56.13 -8.80
CA SER I 297 4.48 -55.29 -7.78
C SER I 297 3.70 -54.03 -7.49
N ARG I 298 3.81 -53.51 -6.29
CA ARG I 298 3.14 -52.25 -5.98
C ARG I 298 3.87 -51.54 -4.89
N THR I 299 3.70 -50.24 -4.80
CA THR I 299 4.38 -49.47 -3.76
C THR I 299 4.00 -49.97 -2.38
N MET I 300 4.87 -49.72 -1.42
CA MET I 300 4.64 -50.12 -0.06
C MET I 300 3.67 -49.17 0.59
N SER I 301 3.86 -47.89 0.28
CA SER I 301 2.95 -46.80 0.69
C SER I 301 1.71 -46.72 -0.19
N LYS I 302 0.58 -46.41 0.43
CA LYS I 302 -0.70 -46.28 -0.29
C LYS I 302 -0.85 -44.97 -1.11
N THR I 303 -0.06 -43.96 -0.77
CA THR I 303 -0.29 -42.59 -1.23
C THR I 303 0.96 -42.11 -1.95
N LYS I 304 2.10 -42.67 -1.56
CA LYS I 304 3.38 -42.17 -2.02
C LYS I 304 4.21 -43.18 -2.80
N ARG I 305 5.18 -42.66 -3.54
CA ARG I 305 6.00 -43.51 -4.38
C ARG I 305 7.22 -43.99 -3.57
N MET I 306 6.92 -44.77 -2.54
CA MET I 306 7.92 -45.25 -1.60
C MET I 306 7.74 -46.76 -1.44
N GLY I 307 8.85 -47.49 -1.53
CA GLY I 307 8.82 -48.93 -1.37
C GLY I 307 8.30 -49.68 -2.60
N MET I 308 8.52 -50.99 -2.63
CA MET I 308 7.94 -51.87 -3.63
C MET I 308 7.85 -53.31 -3.11
N GLY I 309 6.62 -53.82 -3.00
CA GLY I 309 6.42 -55.21 -2.61
C GLY I 309 6.12 -56.08 -3.82
N LEU I 310 6.50 -57.36 -3.72
CA LEU I 310 6.21 -58.32 -4.77
C LEU I 310 5.06 -59.23 -4.33
N TYR I 311 4.12 -59.47 -5.26
CA TYR I 311 2.92 -60.27 -4.98
C TYR I 311 2.75 -61.31 -6.09
N VAL I 312 2.05 -62.41 -5.77
CA VAL I 312 1.86 -63.53 -6.71
C VAL I 312 0.50 -64.21 -6.54
N LYS I 313 -0.03 -64.68 -7.66
CA LYS I 313 -1.21 -65.56 -7.67
C LYS I 313 -1.10 -66.58 -8.79
N TYR I 314 -1.46 -67.82 -8.48
CA TYR I 314 -1.42 -68.93 -9.44
C TYR I 314 -2.80 -69.24 -10.03
N ASP I 315 -2.89 -69.32 -11.36
CA ASP I 315 -4.16 -69.62 -12.06
C ASP I 315 -5.34 -68.67 -11.75
N GLY I 316 -6.57 -69.12 -11.99
CA GLY I 316 -7.73 -68.27 -11.85
C GLY I 316 -7.87 -67.28 -13.01
N ASP I 317 -8.79 -66.35 -12.87
CA ASP I 317 -9.08 -65.32 -13.85
C ASP I 317 -9.07 -64.01 -13.07
N PRO I 318 -8.08 -63.16 -13.34
CA PRO I 318 -7.87 -61.87 -12.66
C PRO I 318 -9.03 -60.89 -12.84
N TRP I 319 -9.88 -61.12 -13.85
CA TRP I 319 -11.09 -60.30 -14.03
C TRP I 319 -12.21 -60.59 -13.01
N THR I 320 -12.25 -61.82 -12.48
CA THR I 320 -13.35 -62.24 -11.58
C THR I 320 -12.91 -62.71 -10.20
N ASP I 321 -11.61 -62.93 -10.01
CA ASP I 321 -11.09 -63.33 -8.71
C ASP I 321 -10.87 -62.19 -7.72
N SER I 322 -11.67 -62.18 -6.66
CA SER I 322 -11.57 -61.13 -5.65
C SER I 322 -10.59 -61.52 -4.54
N ASP I 323 -10.11 -62.77 -4.56
CA ASP I 323 -9.13 -63.25 -3.56
C ASP I 323 -7.93 -62.27 -3.53
N ALA I 324 -7.38 -62.06 -2.33
CA ALA I 324 -6.15 -61.27 -2.13
C ALA I 324 -4.97 -61.98 -2.76
N LEU I 325 -4.10 -61.17 -3.38
CA LEU I 325 -2.80 -61.59 -3.87
C LEU I 325 -1.89 -61.91 -2.66
N ALA I 326 -1.15 -63.01 -2.77
CA ALA I 326 -0.18 -63.38 -1.74
C ALA I 326 1.04 -62.44 -1.80
N LEU I 327 1.38 -61.86 -0.65
CA LEU I 327 2.56 -61.02 -0.54
C LEU I 327 3.80 -61.90 -0.49
N SER I 328 4.71 -61.71 -1.45
CA SER I 328 5.86 -62.55 -1.58
C SER I 328 7.12 -61.99 -0.90
N GLY I 329 7.41 -60.70 -1.08
CA GLY I 329 8.48 -60.06 -0.30
C GLY I 329 8.64 -58.56 -0.50
N VAL I 330 9.41 -57.92 0.38
CA VAL I 330 9.70 -56.49 0.24
C VAL I 330 10.96 -56.30 -0.60
N MET I 331 10.83 -55.77 -1.80
CA MET I 331 11.97 -55.49 -2.67
C MET I 331 12.62 -54.14 -2.36
N VAL I 332 11.83 -53.18 -1.90
CA VAL I 332 12.34 -51.85 -1.59
C VAL I 332 11.57 -51.41 -0.36
N SER I 333 12.31 -51.14 0.72
CA SER I 333 11.70 -50.67 1.94
C SER I 333 11.03 -49.32 1.74
N MET I 334 10.08 -49.04 2.63
CA MET I 334 9.33 -47.80 2.72
C MET I 334 10.21 -46.56 2.77
N GLU I 335 11.46 -46.72 3.18
CA GLU I 335 12.39 -45.61 3.27
C GLU I 335 13.12 -45.30 1.95
N GLU I 336 12.92 -46.15 0.93
CA GLU I 336 13.55 -45.95 -0.38
C GLU I 336 12.50 -45.63 -1.44
N PRO I 337 12.89 -44.94 -2.52
CA PRO I 337 11.86 -44.55 -3.51
C PRO I 337 11.46 -45.69 -4.45
N GLY I 338 10.16 -45.80 -4.74
CA GLY I 338 9.62 -46.86 -5.59
C GLY I 338 8.71 -46.23 -6.62
N TRP I 339 9.23 -46.01 -7.81
CA TRP I 339 8.42 -45.36 -8.83
C TRP I 339 7.92 -46.43 -9.82
N TYR I 340 8.09 -46.20 -11.12
CA TYR I 340 7.61 -47.16 -12.12
C TYR I 340 8.21 -48.54 -11.89
N SER I 341 7.50 -49.57 -12.34
CA SER I 341 7.99 -50.96 -12.24
C SER I 341 7.53 -51.72 -13.48
N PHE I 342 8.31 -52.72 -13.89
CA PHE I 342 8.05 -53.35 -15.17
C PHE I 342 8.48 -54.82 -15.22
N GLY I 343 7.95 -55.54 -16.22
CA GLY I 343 8.31 -56.96 -16.38
C GLY I 343 9.15 -57.22 -17.62
N PHE I 344 9.95 -58.27 -17.55
CA PHE I 344 10.72 -58.74 -18.72
C PHE I 344 11.17 -60.16 -18.47
N GLU I 345 11.71 -60.78 -19.52
CA GLU I 345 12.13 -62.14 -19.48
C GLU I 345 13.50 -62.31 -20.09
N ILE I 346 14.37 -63.00 -19.36
CA ILE I 346 15.73 -63.31 -19.85
C ILE I 346 15.70 -64.68 -20.50
N LYS I 347 16.40 -64.84 -21.60
CA LYS I 347 16.36 -66.10 -22.36
C LYS I 347 17.55 -67.01 -22.00
N ASP I 348 17.32 -67.97 -21.11
CA ASP I 348 18.32 -69.04 -20.83
C ASP I 348 18.30 -70.03 -22.01
N LYS I 349 19.20 -71.01 -22.01
CA LYS I 349 19.39 -71.89 -23.17
C LYS I 349 18.10 -72.56 -23.71
N LYS I 350 17.24 -72.99 -22.81
CA LYS I 350 16.07 -73.80 -23.18
C LYS I 350 14.80 -73.34 -22.51
N CYS I 351 14.88 -72.29 -21.70
CA CYS I 351 13.73 -71.78 -20.95
C CYS I 351 13.87 -70.30 -20.68
N ASP I 352 12.76 -69.64 -20.30
CA ASP I 352 12.70 -68.19 -20.08
C ASP I 352 12.63 -67.82 -18.60
N VAL I 353 13.35 -66.79 -18.18
CA VAL I 353 13.34 -66.38 -16.78
C VAL I 353 12.56 -65.08 -16.54
N PRO I 354 11.44 -65.16 -15.80
CA PRO I 354 10.68 -63.96 -15.50
C PRO I 354 11.43 -63.05 -14.50
N CYS I 355 11.28 -61.74 -14.69
CA CYS I 355 11.95 -60.72 -13.86
C CYS I 355 11.07 -59.47 -13.72
N ILE I 356 11.20 -58.77 -12.60
CA ILE I 356 10.59 -57.48 -12.40
C ILE I 356 11.68 -56.47 -12.16
N GLY I 357 11.56 -55.30 -12.79
CA GLY I 357 12.54 -54.21 -12.63
C GLY I 357 11.87 -53.02 -11.97
N ILE I 358 12.65 -52.22 -11.25
CA ILE I 358 12.06 -51.11 -10.48
C ILE I 358 12.86 -49.85 -10.65
N GLU I 359 12.21 -48.83 -11.20
CA GLU I 359 12.73 -47.49 -11.25
C GLU I 359 12.72 -46.88 -9.86
N MET I 360 13.86 -46.37 -9.44
CA MET I 360 14.05 -45.86 -8.10
C MET I 360 14.57 -44.44 -8.26
N VAL I 361 13.64 -43.49 -8.29
CA VAL I 361 13.93 -42.12 -8.66
C VAL I 361 14.58 -41.31 -7.54
N HIS I 362 15.62 -40.57 -7.91
CA HIS I 362 16.25 -39.61 -7.01
C HIS I 362 15.49 -38.30 -7.16
N ASP I 363 14.52 -38.08 -6.24
CA ASP I 363 13.70 -36.89 -6.28
C ASP I 363 14.05 -35.88 -5.19
N GLY I 364 14.53 -34.71 -5.61
CA GLY I 364 14.77 -33.58 -4.73
C GLY I 364 14.07 -32.31 -5.20
N GLY I 365 13.00 -32.42 -5.98
CA GLY I 365 12.27 -31.25 -6.39
C GLY I 365 12.77 -30.64 -7.68
N LYS I 366 12.18 -29.52 -8.13
CA LYS I 366 12.54 -28.95 -9.43
C LYS I 366 13.84 -28.11 -9.40
N GLU I 367 14.40 -27.89 -8.22
CA GLU I 367 15.56 -27.01 -8.09
C GLU I 367 16.91 -27.72 -8.25
N THR I 368 16.90 -29.03 -8.46
CA THR I 368 18.13 -29.80 -8.62
C THR I 368 17.85 -30.92 -9.64
N TRP I 369 18.77 -31.86 -9.81
CA TRP I 369 18.64 -32.90 -10.86
C TRP I 369 17.55 -33.94 -10.56
N HIS I 370 17.07 -34.60 -11.59
CA HIS I 370 16.02 -35.59 -11.42
C HIS I 370 16.33 -36.79 -12.28
N SER I 371 16.71 -37.91 -11.65
CA SER I 371 17.00 -39.15 -12.39
C SER I 371 16.65 -40.38 -11.52
N ALA I 372 17.15 -41.55 -11.90
CA ALA I 372 16.72 -42.81 -11.30
C ALA I 372 17.75 -43.90 -11.39
N ALA I 373 17.79 -44.74 -10.37
CA ALA I 373 18.47 -46.03 -10.45
C ALA I 373 17.49 -47.08 -10.96
N THR I 374 17.97 -48.32 -11.23
CA THR I 374 17.13 -49.44 -11.66
C THR I 374 17.52 -50.71 -10.93
N ALA I 375 16.61 -51.26 -10.12
CA ALA I 375 16.83 -52.52 -9.38
C ALA I 375 16.14 -53.68 -10.05
N ILE I 376 16.81 -54.82 -10.14
CA ILE I 376 16.26 -56.01 -10.84
C ILE I 376 16.03 -57.21 -9.92
N TYR I 377 14.81 -57.77 -9.94
CA TYR I 377 14.48 -59.02 -9.26
C TYR I 377 14.05 -60.17 -10.22
N CYS I 378 14.59 -61.38 -10.03
CA CYS I 378 14.23 -62.50 -10.96
C CYS I 378 13.87 -63.75 -10.22
N LEU I 379 13.08 -64.58 -10.88
CA LEU I 379 12.76 -65.92 -10.42
C LEU I 379 14.04 -66.74 -10.41
N MET I 380 14.44 -67.18 -9.21
CA MET I 380 15.59 -68.07 -9.06
C MET I 380 15.53 -68.96 -7.80
N GLY I 381 15.55 -70.28 -8.02
CA GLY I 381 15.59 -71.27 -6.95
C GLY I 381 14.29 -71.36 -6.18
N SER I 382 14.35 -71.88 -4.95
CA SER I 382 13.16 -72.03 -4.11
C SER I 382 13.30 -71.23 -2.76
N GLY I 383 12.25 -71.23 -1.94
CA GLY I 383 12.23 -70.54 -0.64
C GLY I 383 11.47 -69.21 -0.65
N GLN I 384 11.93 -68.23 0.14
CA GLN I 384 11.28 -66.90 0.15
C GLN I 384 12.26 -65.83 -0.27
N LEU I 385 11.75 -64.72 -0.81
CA LEU I 385 12.54 -63.56 -1.18
C LEU I 385 13.31 -63.00 0.04
N LEU I 386 14.65 -62.87 -0.10
CA LEU I 386 15.52 -62.56 1.05
C LEU I 386 16.01 -61.10 1.27
N TRP I 387 16.33 -60.31 0.23
CA TRP I 387 16.93 -59.00 0.53
C TRP I 387 16.39 -57.80 -0.28
N ASP I 388 16.38 -56.63 0.34
CA ASP I 388 15.86 -55.44 -0.29
C ASP I 388 16.97 -54.67 -0.99
N THR I 389 16.60 -53.60 -1.69
CA THR I 389 17.54 -52.79 -2.48
C THR I 389 17.54 -51.32 -2.06
N VAL I 390 18.72 -50.75 -1.83
CA VAL I 390 18.84 -49.30 -1.63
C VAL I 390 19.62 -48.70 -2.82
N THR I 391 19.52 -47.40 -3.08
CA THR I 391 20.28 -46.83 -4.21
C THR I 391 21.67 -46.43 -3.81
N GLY I 392 21.86 -46.10 -2.53
CA GLY I 392 23.16 -45.70 -1.97
C GLY I 392 23.50 -44.24 -2.23
N VAL I 393 22.63 -43.55 -2.98
CA VAL I 393 22.91 -42.20 -3.47
C VAL I 393 22.45 -41.09 -2.49
N ASP I 394 23.38 -40.20 -2.17
CA ASP I 394 23.08 -38.99 -1.43
C ASP I 394 23.01 -37.84 -2.46
N MET I 395 21.87 -37.16 -2.54
CA MET I 395 21.66 -36.17 -3.63
C MET I 395 22.40 -34.87 -3.49
N ALA I 396 22.91 -34.58 -2.31
CA ALA I 396 23.74 -33.40 -2.02
C ALA I 396 25.15 -33.41 -2.67
N LEU I 397 25.64 -34.61 -3.04
CA LEU I 397 27.04 -34.79 -3.46
C LEU I 397 27.26 -34.46 -4.93
N PRO J 9 30.18 -61.05 -48.82
CA PRO J 9 29.42 -59.86 -49.19
C PRO J 9 29.62 -59.48 -50.67
N GLU J 10 28.80 -58.55 -51.16
CA GLU J 10 28.74 -58.15 -52.57
C GLU J 10 28.69 -56.61 -52.80
N TRP J 11 28.89 -56.15 -54.03
CA TRP J 11 28.73 -54.72 -54.35
C TRP J 11 27.29 -54.28 -54.12
N THR J 12 27.11 -53.08 -53.58
CA THR J 12 25.78 -52.52 -53.41
C THR J 12 25.41 -51.56 -54.55
N TYR J 13 24.10 -51.38 -54.72
CA TYR J 13 23.52 -50.53 -55.76
C TYR J 13 22.36 -49.75 -55.10
N PRO J 14 21.96 -48.59 -55.68
CA PRO J 14 20.79 -47.91 -55.12
C PRO J 14 19.52 -48.71 -55.42
N ARG J 15 18.61 -48.81 -54.46
CA ARG J 15 17.33 -49.49 -54.66
C ARG J 15 16.13 -48.51 -54.57
N LEU J 16 14.92 -49.02 -54.76
CA LEU J 16 13.73 -48.23 -54.47
C LEU J 16 13.71 -47.77 -53.00
N SER J 17 13.32 -46.52 -52.78
CA SER J 17 13.19 -45.99 -51.45
C SER J 17 12.08 -46.75 -50.71
N CYS J 18 12.13 -46.72 -49.39
CA CYS J 18 11.06 -47.28 -48.56
C CYS J 18 9.82 -46.41 -48.72
N PRO J 19 8.62 -46.98 -48.46
CA PRO J 19 7.37 -46.21 -48.47
C PRO J 19 7.36 -45.00 -47.53
N GLY J 20 6.79 -43.89 -48.01
CA GLY J 20 6.63 -42.68 -47.19
C GLY J 20 6.28 -41.48 -48.07
N SER J 21 5.64 -40.47 -47.49
CA SER J 21 5.40 -39.21 -48.21
C SER J 21 5.74 -37.95 -47.37
N THR J 22 6.41 -38.15 -46.24
CA THR J 22 6.88 -37.01 -45.43
C THR J 22 8.12 -37.33 -44.61
N PHE J 23 8.92 -36.30 -44.34
CA PHE J 23 10.05 -36.46 -43.42
C PHE J 23 9.60 -36.22 -41.98
N GLN J 24 10.28 -36.83 -41.02
CA GLN J 24 10.04 -36.47 -39.61
C GLN J 24 11.36 -36.29 -38.91
N LYS J 25 11.30 -35.70 -37.72
CA LYS J 25 12.46 -35.54 -36.84
C LYS J 25 12.90 -36.93 -36.37
N ALA J 26 14.17 -37.29 -36.58
CA ALA J 26 14.68 -38.61 -36.17
C ALA J 26 15.58 -38.61 -34.92
N LEU J 27 16.63 -37.79 -34.91
CA LEU J 27 17.67 -37.94 -33.95
C LEU J 27 18.55 -36.69 -33.88
N LEU J 28 18.98 -36.33 -32.69
CA LEU J 28 19.88 -35.24 -32.48
C LEU J 28 21.18 -35.75 -31.87
N ILE J 29 22.30 -35.30 -32.43
CA ILE J 29 23.63 -35.54 -31.89
C ILE J 29 24.19 -34.20 -31.38
N SER J 30 24.01 -33.93 -30.09
CA SER J 30 24.46 -32.67 -29.53
C SER J 30 25.53 -32.91 -28.48
N PRO J 31 26.77 -33.17 -28.91
CA PRO J 31 27.82 -33.57 -28.01
C PRO J 31 28.13 -32.51 -27.00
N HIS J 32 27.85 -31.24 -27.34
CA HIS J 32 28.25 -30.14 -26.47
C HIS J 32 27.31 -29.86 -25.32
N ARG J 33 26.19 -30.59 -25.30
CA ARG J 33 25.35 -30.74 -24.10
C ARG J 33 26.14 -31.30 -22.88
N PHE J 34 27.32 -31.86 -23.15
CA PHE J 34 28.17 -32.48 -22.13
C PHE J 34 29.53 -31.79 -21.98
N GLY J 35 29.67 -30.57 -22.53
CA GLY J 35 30.93 -29.87 -22.50
C GLY J 35 31.07 -28.76 -21.47
N GLU J 36 30.24 -28.79 -20.42
CA GLU J 36 30.36 -27.81 -19.35
C GLU J 36 31.69 -27.91 -18.55
N THR J 37 32.09 -26.78 -17.96
CA THR J 37 33.20 -26.75 -17.00
C THR J 37 32.89 -27.67 -15.85
N LYS J 38 31.64 -27.65 -15.37
CA LYS J 38 31.15 -28.40 -14.19
C LYS J 38 30.95 -29.92 -14.47
N GLY J 39 31.03 -30.33 -15.74
CA GLY J 39 30.83 -31.73 -16.18
C GLY J 39 32.14 -32.50 -16.31
N ASN J 40 32.09 -33.76 -16.75
CA ASN J 40 33.27 -34.63 -16.81
C ASN J 40 33.40 -35.31 -18.14
N SER J 41 33.05 -34.62 -19.22
CA SER J 41 33.15 -35.22 -20.55
C SER J 41 34.09 -34.47 -21.48
N ALA J 42 34.32 -35.09 -22.65
CA ALA J 42 35.25 -34.61 -23.66
C ALA J 42 34.68 -34.74 -25.10
N PRO J 43 33.59 -33.99 -25.41
CA PRO J 43 33.13 -33.88 -26.82
C PRO J 43 34.17 -33.18 -27.71
N LEU J 44 34.43 -33.73 -28.89
CA LEU J 44 35.40 -33.15 -29.81
C LEU J 44 34.90 -31.90 -30.52
N ILE J 45 35.79 -30.91 -30.63
CA ILE J 45 35.51 -29.69 -31.40
C ILE J 45 35.55 -30.01 -32.90
N ILE J 46 34.45 -29.76 -33.60
CA ILE J 46 34.33 -30.13 -35.01
C ILE J 46 33.56 -29.10 -35.80
N ARG J 47 33.53 -29.33 -37.11
CA ARG J 47 32.63 -28.66 -38.08
C ARG J 47 32.54 -29.59 -39.32
N GLU J 48 31.73 -29.25 -40.30
CA GLU J 48 31.56 -30.09 -41.49
C GLU J 48 31.21 -31.54 -41.17
N PRO J 49 30.11 -31.76 -40.42
CA PRO J 49 29.72 -33.14 -40.21
C PRO J 49 28.95 -33.72 -41.40
N PHE J 50 28.95 -35.04 -41.51
CA PHE J 50 28.11 -35.73 -42.46
C PHE J 50 27.94 -37.18 -42.09
N ILE J 51 26.95 -37.84 -42.70
CA ILE J 51 26.67 -39.22 -42.41
C ILE J 51 26.75 -40.06 -43.68
N ALA J 52 27.26 -41.28 -43.57
CA ALA J 52 27.28 -42.26 -44.67
C ALA J 52 27.07 -43.66 -44.11
N CYS J 53 26.29 -44.47 -44.83
CA CYS J 53 25.88 -45.77 -44.32
C CYS J 53 26.24 -46.91 -45.25
N GLY J 54 26.60 -48.05 -44.66
CA GLY J 54 26.76 -49.30 -45.38
C GLY J 54 25.60 -50.26 -45.07
N PRO J 55 25.74 -51.55 -45.41
CA PRO J 55 24.64 -52.51 -45.27
C PRO J 55 24.28 -52.85 -43.81
N LYS J 56 25.19 -52.56 -42.87
CA LYS J 56 24.88 -52.82 -41.47
C LYS J 56 25.03 -51.63 -40.49
N GLU J 57 25.79 -50.62 -40.89
CA GLU J 57 26.22 -49.54 -39.99
C GLU J 57 26.10 -48.18 -40.67
N CYS J 58 25.68 -47.15 -39.93
CA CYS J 58 25.80 -45.75 -40.35
C CYS J 58 26.87 -45.07 -39.51
N LYS J 59 27.83 -44.43 -40.17
CA LYS J 59 28.87 -43.68 -39.47
C LYS J 59 28.64 -42.19 -39.58
N HIS J 60 28.97 -41.49 -38.51
CA HIS J 60 28.80 -40.06 -38.40
C HIS J 60 30.19 -39.47 -38.47
N PHE J 61 30.48 -38.76 -39.55
CA PHE J 61 31.82 -38.18 -39.77
C PHE J 61 31.87 -36.71 -39.44
N ALA J 62 33.07 -36.21 -39.17
CA ALA J 62 33.27 -34.75 -39.02
C ALA J 62 34.72 -34.37 -39.20
N LEU J 63 34.98 -33.08 -39.41
CA LEU J 63 36.35 -32.62 -39.39
C LEU J 63 36.67 -31.95 -38.03
N THR J 64 37.47 -32.59 -37.19
CA THR J 64 37.89 -32.05 -35.90
C THR J 64 39.10 -31.08 -35.98
N HIS J 65 39.26 -30.19 -34.97
CA HIS J 65 40.46 -29.32 -34.84
C HIS J 65 41.35 -29.97 -33.79
N TYR J 66 41.15 -31.27 -33.58
CA TYR J 66 42.01 -32.03 -32.66
C TYR J 66 42.05 -31.35 -31.28
N ALA J 67 40.88 -30.91 -30.82
CA ALA J 67 40.75 -30.27 -29.51
C ALA J 67 39.37 -30.65 -28.93
N ALA J 68 39.16 -30.41 -27.62
CA ALA J 68 37.93 -30.85 -26.95
C ALA J 68 37.40 -29.76 -26.07
N GLN J 69 36.12 -29.87 -25.70
CA GLN J 69 35.49 -28.93 -24.77
C GLN J 69 35.06 -29.64 -23.50
N PRO J 70 35.53 -29.19 -22.30
CA PRO J 70 36.44 -28.04 -22.09
C PRO J 70 37.90 -28.37 -22.37
N GLY J 71 38.68 -27.33 -22.62
CA GLY J 71 40.08 -27.44 -22.98
C GLY J 71 40.71 -26.08 -23.15
N GLY J 72 41.95 -26.03 -23.59
CA GLY J 72 42.69 -24.79 -23.73
C GLY J 72 43.19 -24.53 -25.15
N TYR J 73 42.62 -25.24 -26.12
CA TYR J 73 42.99 -25.06 -27.52
C TYR J 73 41.90 -24.44 -28.42
N TYR J 74 41.09 -23.58 -27.83
CA TYR J 74 40.00 -22.91 -28.53
C TYR J 74 40.51 -21.97 -29.63
N ASN J 75 41.59 -21.23 -29.34
CA ASN J 75 42.19 -20.37 -30.39
C ASN J 75 42.44 -21.13 -31.71
N GLY J 76 41.75 -20.72 -32.77
CA GLY J 76 41.92 -21.29 -34.10
C GLY J 76 40.81 -22.24 -34.53
N THR J 77 39.83 -22.44 -33.66
CA THR J 77 38.76 -23.37 -34.00
C THR J 77 37.69 -22.80 -34.95
N ARG J 78 37.71 -21.47 -35.17
CA ARG J 78 36.91 -20.83 -36.25
C ARG J 78 37.55 -20.87 -37.65
N GLY J 79 38.85 -21.13 -37.70
CA GLY J 79 39.60 -21.26 -38.96
C GLY J 79 39.20 -22.48 -39.78
N ASP J 80 39.50 -22.45 -41.08
CA ASP J 80 39.03 -23.53 -41.97
C ASP J 80 40.02 -24.68 -42.15
N ARG J 81 41.32 -24.33 -42.22
CA ARG J 81 42.40 -25.26 -42.54
C ARG J 81 43.59 -25.05 -41.59
N ASN J 82 44.18 -26.13 -41.12
CA ASN J 82 45.45 -26.12 -40.39
C ASN J 82 46.01 -27.53 -40.41
N LYS J 83 47.17 -27.68 -39.80
CA LYS J 83 47.94 -28.93 -39.80
C LYS J 83 47.44 -29.96 -38.80
N LEU J 84 46.45 -29.61 -37.97
CA LEU J 84 45.97 -30.53 -36.90
C LEU J 84 44.61 -31.22 -37.24
N ARG J 85 43.83 -30.54 -38.08
CA ARG J 85 42.57 -30.98 -38.58
C ARG J 85 42.57 -32.47 -39.11
N HIS J 86 41.55 -33.22 -38.73
CA HIS J 86 41.50 -34.65 -38.97
C HIS J 86 40.08 -35.08 -39.24
N LEU J 87 39.92 -36.03 -40.17
CA LEU J 87 38.64 -36.71 -40.37
C LEU J 87 38.52 -37.78 -39.29
N ILE J 88 37.39 -37.75 -38.59
CA ILE J 88 37.05 -38.69 -37.52
C ILE J 88 35.63 -39.27 -37.73
N SER J 89 35.32 -40.34 -37.00
CA SER J 89 33.99 -40.90 -37.06
C SER J 89 33.59 -41.63 -35.78
N VAL J 90 32.27 -41.74 -35.59
CA VAL J 90 31.66 -42.70 -34.65
C VAL J 90 30.48 -43.38 -35.34
N LYS J 91 30.09 -44.52 -34.80
CA LYS J 91 28.87 -45.19 -35.17
C LYS J 91 27.73 -44.23 -34.86
N LEU J 92 26.81 -44.00 -35.81
CA LEU J 92 25.78 -43.00 -35.63
C LEU J 92 24.98 -43.40 -34.41
N GLY J 93 24.83 -42.50 -33.45
CA GLY J 93 24.12 -42.76 -32.23
C GLY J 93 25.04 -42.65 -31.02
N LYS J 94 26.35 -42.61 -31.27
CA LYS J 94 27.35 -42.41 -30.25
C LYS J 94 27.81 -40.95 -30.23
N ILE J 95 28.11 -40.44 -29.04
CA ILE J 95 28.61 -39.09 -28.88
C ILE J 95 30.07 -39.08 -29.28
N PRO J 96 30.44 -38.22 -30.23
CA PRO J 96 31.83 -38.18 -30.64
C PRO J 96 32.72 -37.43 -29.63
N THR J 97 33.24 -38.21 -28.68
CA THR J 97 34.13 -37.73 -27.65
C THR J 97 35.55 -38.16 -28.03
N VAL J 98 36.53 -37.81 -27.20
CA VAL J 98 37.93 -38.21 -27.40
C VAL J 98 38.06 -39.75 -27.50
N GLU J 99 37.46 -40.45 -26.54
CA GLU J 99 37.62 -41.88 -26.49
C GLU J 99 36.71 -42.64 -27.47
N ASN J 100 35.53 -42.10 -27.74
CA ASN J 100 34.59 -42.80 -28.60
C ASN J 100 34.98 -42.77 -30.07
N SER J 101 35.62 -41.68 -30.48
CA SER J 101 35.89 -41.46 -31.92
C SER J 101 37.06 -42.31 -32.39
N ILE J 102 37.18 -42.45 -33.71
CA ILE J 102 38.37 -42.98 -34.35
C ILE J 102 38.90 -41.91 -35.33
N PHE J 103 40.22 -41.71 -35.36
CA PHE J 103 40.85 -40.75 -36.26
C PHE J 103 41.33 -41.48 -37.52
N HIS J 104 40.76 -41.11 -38.65
CA HIS J 104 41.04 -41.78 -39.93
C HIS J 104 42.30 -41.29 -40.62
N MET J 105 42.38 -39.97 -40.82
CA MET J 105 43.51 -39.32 -41.45
C MET J 105 43.53 -37.80 -41.22
N ALA J 106 44.68 -37.17 -41.45
CA ALA J 106 44.74 -35.72 -41.44
C ALA J 106 43.92 -35.17 -42.63
N ALA J 107 43.17 -34.10 -42.39
CA ALA J 107 42.33 -33.55 -43.44
C ALA J 107 41.64 -32.29 -42.97
N TRP J 108 41.54 -31.31 -43.87
CA TRP J 108 40.68 -30.17 -43.59
C TRP J 108 39.53 -30.08 -44.60
N SER J 109 39.32 -31.18 -45.35
CA SER J 109 38.16 -31.36 -46.25
C SER J 109 38.01 -32.84 -46.46
N GLY J 110 36.81 -33.40 -46.30
CA GLY J 110 36.58 -34.84 -46.31
C GLY J 110 35.37 -35.40 -47.09
N SER J 111 35.33 -36.72 -47.18
CA SER J 111 34.19 -37.48 -47.68
C SER J 111 34.44 -38.94 -47.34
N ALA J 112 33.41 -39.76 -47.45
CA ALA J 112 33.53 -41.19 -47.17
C ALA J 112 32.36 -41.93 -47.78
N CYS J 113 32.49 -43.24 -47.99
CA CYS J 113 31.40 -44.05 -48.60
C CYS J 113 31.73 -45.53 -48.59
N HIS J 114 30.71 -46.37 -48.49
CA HIS J 114 30.85 -47.81 -48.45
C HIS J 114 30.43 -48.39 -49.80
N ASP J 115 31.19 -49.36 -50.30
CA ASP J 115 30.93 -49.87 -51.65
C ASP J 115 30.19 -51.22 -51.62
N GLY J 116 29.87 -51.66 -50.39
CA GLY J 116 29.23 -52.96 -50.18
C GLY J 116 30.16 -53.94 -49.52
N LYS J 117 31.46 -53.78 -49.76
CA LYS J 117 32.50 -54.65 -49.16
C LYS J 117 33.33 -53.91 -48.12
N GLU J 118 33.52 -52.60 -48.30
CA GLU J 118 34.53 -51.86 -47.53
C GLU J 118 34.35 -50.36 -47.60
N TRP J 119 34.82 -49.68 -46.57
CA TRP J 119 34.77 -48.22 -46.46
C TRP J 119 35.90 -47.56 -47.24
N THR J 120 35.56 -46.57 -48.05
CA THR J 120 36.56 -45.66 -48.60
C THR J 120 36.52 -44.35 -47.81
N TYR J 121 37.68 -43.80 -47.45
CA TYR J 121 37.76 -42.52 -46.71
C TYR J 121 38.55 -41.51 -47.53
N ILE J 122 38.09 -40.28 -47.54
CA ILE J 122 38.70 -39.29 -48.37
C ILE J 122 39.03 -38.06 -47.53
N GLY J 123 40.27 -37.61 -47.61
CA GLY J 123 40.67 -36.40 -46.92
C GLY J 123 41.75 -35.61 -47.67
N VAL J 124 41.54 -34.29 -47.74
CA VAL J 124 42.46 -33.38 -48.36
C VAL J 124 43.19 -32.60 -47.29
N ASP J 125 44.52 -32.53 -47.41
CA ASP J 125 45.31 -31.55 -46.67
C ASP J 125 46.43 -31.00 -47.55
N GLY J 126 47.43 -30.36 -46.91
CA GLY J 126 48.54 -29.76 -47.64
C GLY J 126 48.43 -28.24 -47.72
N PRO J 127 49.39 -27.59 -48.38
CA PRO J 127 49.34 -26.14 -48.36
C PRO J 127 48.34 -25.55 -49.36
N GLU J 128 48.00 -24.28 -49.16
CA GLU J 128 47.03 -23.53 -49.97
C GLU J 128 47.19 -23.74 -51.48
N ASN J 129 48.38 -23.45 -51.96
CA ASN J 129 48.70 -23.44 -53.37
C ASN J 129 49.07 -24.81 -53.93
N ASN J 130 48.99 -25.85 -53.11
CA ASN J 130 49.32 -27.22 -53.56
C ASN J 130 48.78 -28.33 -52.67
N ALA J 131 47.53 -28.18 -52.24
CA ALA J 131 46.87 -29.21 -51.45
C ALA J 131 46.80 -30.57 -52.17
N LEU J 132 46.43 -31.61 -51.41
CA LEU J 132 46.52 -32.98 -51.87
C LEU J 132 45.40 -33.83 -51.28
N LEU J 133 44.66 -34.50 -52.15
CA LEU J 133 43.56 -35.34 -51.73
C LEU J 133 44.11 -36.73 -51.52
N LYS J 134 43.69 -37.39 -50.43
CA LYS J 134 44.25 -38.66 -50.02
C LYS J 134 43.12 -39.63 -49.85
N ILE J 135 43.35 -40.86 -50.30
CA ILE J 135 42.36 -41.92 -50.25
C ILE J 135 42.85 -43.13 -49.43
N LYS J 136 41.94 -43.65 -48.60
CA LYS J 136 42.22 -44.75 -47.68
C LYS J 136 41.09 -45.80 -47.84
N TYR J 137 41.48 -47.07 -48.04
CA TYR J 137 40.50 -48.17 -48.20
C TYR J 137 40.63 -49.15 -47.06
N GLY J 138 39.63 -49.17 -46.19
CA GLY J 138 39.73 -49.87 -44.91
C GLY J 138 40.81 -49.20 -44.07
N GLU J 139 41.92 -49.91 -43.86
CA GLU J 139 43.06 -49.42 -43.05
C GLU J 139 44.21 -48.88 -43.90
N ALA J 140 44.21 -49.22 -45.19
CA ALA J 140 45.32 -48.91 -46.07
C ALA J 140 45.17 -47.60 -46.83
N TYR J 141 46.20 -46.77 -46.77
CA TYR J 141 46.34 -45.61 -47.67
C TYR J 141 46.66 -46.12 -49.07
N THR J 142 45.88 -45.71 -50.06
CA THR J 142 45.93 -46.35 -51.38
C THR J 142 46.26 -45.47 -52.60
N ASP J 143 45.97 -44.16 -52.54
CA ASP J 143 46.09 -43.26 -53.69
C ASP J 143 46.00 -41.75 -53.34
N THR J 144 46.40 -40.90 -54.29
CA THR J 144 46.29 -39.44 -54.15
C THR J 144 45.93 -38.73 -55.47
N TYR J 145 45.41 -37.51 -55.35
CA TYR J 145 45.13 -36.65 -56.49
C TYR J 145 45.66 -35.27 -56.16
N HIS J 146 46.30 -34.67 -57.15
CA HIS J 146 46.99 -33.42 -56.99
C HIS J 146 46.15 -32.20 -57.39
N SER J 147 46.43 -31.10 -56.72
CA SER J 147 45.86 -29.82 -57.01
C SER J 147 46.09 -29.47 -58.49
N TYR J 148 45.05 -29.00 -59.19
CA TYR J 148 45.14 -28.67 -60.63
C TYR J 148 44.88 -27.19 -60.96
N ALA J 149 44.46 -26.41 -59.96
CA ALA J 149 44.34 -24.97 -60.14
C ALA J 149 45.10 -24.23 -59.02
N ASN J 150 45.77 -24.99 -58.15
CA ASN J 150 46.74 -24.40 -57.20
C ASN J 150 46.12 -23.38 -56.27
N ASN J 151 44.85 -23.61 -55.89
CA ASN J 151 44.20 -22.78 -54.90
C ASN J 151 43.16 -23.59 -54.19
N ILE J 152 43.59 -24.18 -53.08
CA ILE J 152 42.73 -24.92 -52.13
C ILE J 152 41.94 -26.03 -52.82
N LEU J 153 42.61 -27.06 -53.31
CA LEU J 153 41.95 -28.30 -53.68
C LEU J 153 41.03 -28.75 -52.54
N ARG J 154 39.86 -29.28 -52.89
CA ARG J 154 38.70 -29.25 -52.03
C ARG J 154 37.79 -30.39 -52.40
N THR J 155 37.05 -30.93 -51.43
CA THR J 155 36.03 -31.94 -51.75
C THR J 155 34.67 -31.66 -51.10
N GLN J 156 33.76 -32.61 -51.18
CA GLN J 156 32.33 -32.45 -50.86
C GLN J 156 31.87 -32.06 -49.45
N GLU J 157 32.58 -32.52 -48.42
N GLU J 157 32.58 -32.54 -48.43
CA GLU J 157 32.07 -32.48 -47.05
CA GLU J 157 32.11 -32.50 -47.05
C GLU J 157 30.81 -33.29 -46.88
C GLU J 157 30.84 -33.29 -46.87
N SER J 158 30.68 -34.34 -47.68
CA SER J 158 29.57 -35.32 -47.55
C SER J 158 29.87 -36.62 -48.30
N ALA J 159 28.92 -37.55 -48.17
CA ALA J 159 29.10 -38.93 -48.62
C ALA J 159 29.35 -39.01 -50.11
N CYS J 160 30.34 -39.78 -50.53
CA CYS J 160 30.51 -40.12 -51.94
C CYS J 160 29.48 -41.21 -52.23
N ASN J 161 29.49 -41.77 -53.42
CA ASN J 161 28.38 -42.63 -53.83
C ASN J 161 28.88 -43.76 -54.67
N CYS J 162 28.68 -44.99 -54.22
CA CYS J 162 29.26 -46.15 -54.88
C CYS J 162 28.19 -47.01 -55.54
N ILE J 163 28.45 -47.41 -56.78
CA ILE J 163 27.64 -48.40 -57.50
C ILE J 163 28.55 -49.47 -58.14
N GLY J 164 28.24 -50.75 -57.88
CA GLY J 164 28.90 -51.83 -58.60
C GLY J 164 30.36 -51.73 -58.35
N GLY J 165 30.71 -51.14 -57.20
CA GLY J 165 32.07 -51.08 -56.73
C GLY J 165 32.85 -49.88 -57.19
N ASN J 166 32.24 -49.07 -58.06
CA ASN J 166 32.75 -47.78 -58.51
C ASN J 166 32.14 -46.63 -57.69
N CYS J 167 33.01 -45.92 -56.98
CA CYS J 167 32.59 -44.76 -56.17
C CYS J 167 32.95 -43.48 -56.87
N TYR J 168 32.04 -42.52 -56.83
CA TYR J 168 32.22 -41.27 -57.58
C TYR J 168 32.28 -40.13 -56.57
N LEU J 169 33.23 -39.23 -56.77
CA LEU J 169 33.51 -38.14 -55.84
C LEU J 169 33.68 -36.80 -56.58
N MET J 170 33.09 -35.71 -56.07
CA MET J 170 33.28 -34.38 -56.61
C MET J 170 34.43 -33.72 -55.90
N ILE J 171 35.29 -33.03 -56.69
CA ILE J 171 36.35 -32.18 -56.18
C ILE J 171 36.34 -30.85 -56.91
N THR J 172 36.96 -29.84 -56.29
CA THR J 172 37.14 -28.56 -56.95
C THR J 172 38.43 -27.88 -56.53
N ASP J 173 38.79 -26.83 -57.25
CA ASP J 173 40.07 -26.16 -57.05
C ASP J 173 39.93 -24.84 -57.77
N GLY J 174 40.41 -23.78 -57.16
CA GLY J 174 40.24 -22.48 -57.74
C GLY J 174 39.96 -21.44 -56.67
N SER J 175 39.69 -20.22 -57.10
CA SER J 175 39.48 -19.15 -56.16
C SER J 175 38.07 -19.23 -55.55
N ALA J 176 38.00 -19.03 -54.25
CA ALA J 176 36.70 -18.98 -53.57
C ALA J 176 35.82 -17.78 -54.04
N SER J 177 36.47 -16.83 -54.74
CA SER J 177 35.88 -15.58 -55.19
C SER J 177 35.76 -15.50 -56.73
N GLY J 178 36.35 -16.44 -57.44
CA GLY J 178 36.34 -16.39 -58.89
C GLY J 178 35.98 -17.75 -59.46
N ILE J 179 36.79 -18.20 -60.42
CA ILE J 179 36.58 -19.46 -61.12
C ILE J 179 37.01 -20.60 -60.20
N SER J 180 36.15 -21.61 -60.08
CA SER J 180 36.48 -22.87 -59.46
C SER J 180 35.77 -23.97 -60.23
N GLU J 181 36.43 -24.50 -61.25
CA GLU J 181 35.88 -25.54 -62.11
C GLU J 181 36.10 -26.95 -61.52
N CYS J 182 35.01 -27.58 -61.07
CA CYS J 182 35.04 -28.89 -60.44
C CYS J 182 35.25 -30.05 -61.41
N ARG J 183 35.79 -31.15 -60.84
CA ARG J 183 35.92 -32.44 -61.57
C ARG J 183 35.28 -33.53 -60.73
N PHE J 184 35.15 -34.73 -61.32
CA PHE J 184 34.70 -35.91 -60.60
C PHE J 184 35.73 -37.03 -60.74
N LEU J 185 36.01 -37.75 -59.64
CA LEU J 185 36.89 -38.90 -59.70
C LEU J 185 36.07 -40.15 -59.56
N LYS J 186 36.42 -41.17 -60.33
CA LYS J 186 35.81 -42.48 -60.23
C LYS J 186 36.80 -43.41 -59.54
N ILE J 187 36.41 -44.02 -58.43
CA ILE J 187 37.37 -44.68 -57.55
C ILE J 187 36.94 -46.12 -57.25
N ARG J 188 37.85 -47.06 -57.46
CA ARG J 188 37.58 -48.48 -57.26
C ARG J 188 38.58 -49.10 -56.32
N GLU J 189 38.07 -49.72 -55.27
CA GLU J 189 38.92 -50.33 -54.25
C GLU J 189 40.11 -49.43 -53.87
N GLY J 190 39.80 -48.14 -53.72
CA GLY J 190 40.72 -47.17 -53.11
C GLY J 190 41.58 -46.44 -54.11
N ARG J 191 41.46 -46.85 -55.36
CA ARG J 191 42.31 -46.31 -56.45
C ARG J 191 41.51 -45.66 -57.54
N ILE J 192 42.07 -44.58 -58.10
CA ILE J 192 41.40 -43.75 -59.07
C ILE J 192 41.53 -44.38 -60.43
N ILE J 193 40.40 -44.68 -61.05
CA ILE J 193 40.45 -45.30 -62.38
C ILE J 193 39.97 -44.42 -63.54
N LYS J 194 39.42 -43.25 -63.24
CA LYS J 194 39.05 -42.29 -64.29
C LYS J 194 38.86 -40.87 -63.72
N GLU J 195 39.29 -39.87 -64.45
CA GLU J 195 38.91 -38.46 -64.23
C GLU J 195 37.79 -38.09 -65.18
N ILE J 196 36.80 -37.37 -64.67
CA ILE J 196 35.63 -36.97 -65.41
C ILE J 196 35.57 -35.44 -65.39
N PHE J 197 35.57 -34.86 -66.59
CA PHE J 197 35.51 -33.40 -66.77
C PHE J 197 34.12 -32.96 -67.22
N PRO J 198 33.36 -32.29 -66.33
CA PRO J 198 31.99 -31.95 -66.67
C PRO J 198 31.95 -30.85 -67.74
N THR J 199 30.86 -30.83 -68.52
CA THR J 199 30.62 -29.83 -69.55
C THR J 199 29.46 -28.90 -69.11
N GLY J 200 29.28 -27.77 -69.81
CA GLY J 200 28.23 -26.80 -69.50
C GLY J 200 28.57 -25.65 -68.55
N ARG J 201 27.66 -25.36 -67.61
CA ARG J 201 27.86 -24.26 -66.70
C ARG J 201 28.86 -24.65 -65.59
N VAL J 202 30.14 -24.46 -65.87
CA VAL J 202 31.22 -24.99 -65.04
C VAL J 202 32.05 -23.88 -64.34
N LYS J 203 31.65 -22.64 -64.61
CA LYS J 203 32.21 -21.41 -64.00
C LYS J 203 32.63 -21.55 -62.52
N HIS J 204 31.66 -21.96 -61.71
CA HIS J 204 31.91 -22.13 -60.32
C HIS J 204 31.00 -23.15 -59.62
N THR J 205 31.59 -24.24 -59.14
CA THR J 205 30.84 -25.31 -58.44
C THR J 205 31.61 -25.81 -57.22
N GLU J 206 30.94 -25.78 -56.06
CA GLU J 206 31.48 -26.42 -54.85
C GLU J 206 30.59 -27.25 -53.97
N GLU J 207 31.24 -28.06 -53.16
CA GLU J 207 30.61 -28.82 -52.10
C GLU J 207 29.33 -29.49 -52.59
N CYS J 208 29.43 -30.23 -53.69
CA CYS J 208 28.26 -30.97 -54.18
C CYS J 208 27.70 -31.95 -53.16
N THR J 209 26.40 -31.87 -52.94
CA THR J 209 25.68 -32.88 -52.19
C THR J 209 25.08 -33.81 -53.26
N CYS J 210 25.57 -35.08 -53.31
CA CYS J 210 25.29 -35.99 -54.43
C CYS J 210 24.51 -37.20 -54.01
N GLY J 211 23.67 -37.73 -54.90
CA GLY J 211 22.98 -39.01 -54.67
C GLY J 211 22.59 -39.66 -56.00
N PHE J 212 22.06 -40.88 -55.95
CA PHE J 212 21.53 -41.58 -57.12
C PHE J 212 20.10 -41.22 -57.38
N ALA J 213 19.84 -40.79 -58.60
CA ALA J 213 18.47 -40.68 -59.08
C ALA J 213 18.01 -42.02 -59.64
N SER J 214 18.96 -42.91 -59.93
CA SER J 214 18.68 -44.23 -60.51
C SER J 214 20.00 -45.00 -60.70
N ASN J 215 19.91 -46.22 -61.22
CA ASN J 215 21.13 -47.00 -61.53
C ASN J 215 22.01 -46.33 -62.61
N LYS J 216 21.43 -45.35 -63.32
CA LYS J 216 22.10 -44.69 -64.49
C LYS J 216 22.68 -43.31 -64.14
N THR J 217 22.09 -42.58 -63.18
CA THR J 217 22.40 -41.18 -62.98
C THR J 217 22.68 -40.82 -61.54
N ILE J 218 23.74 -40.03 -61.32
CA ILE J 218 23.95 -39.35 -60.07
C ILE J 218 23.61 -37.89 -60.27
N GLU J 219 22.95 -37.25 -59.31
CA GLU J 219 22.69 -35.82 -59.40
C GLU J 219 23.23 -35.14 -58.18
N CYS J 220 23.69 -33.90 -58.32
CA CYS J 220 24.26 -33.16 -57.18
C CYS J 220 23.75 -31.75 -57.12
N ALA J 221 23.43 -31.28 -55.93
CA ALA J 221 23.09 -29.86 -55.76
C ALA J 221 24.24 -29.19 -55.05
N CYS J 222 24.81 -28.17 -55.68
CA CYS J 222 26.09 -27.64 -55.24
C CYS J 222 26.04 -26.17 -54.87
N ARG J 223 27.21 -25.59 -54.65
CA ARG J 223 27.31 -24.19 -54.20
C ARG J 223 28.14 -23.38 -55.18
N ASP J 224 27.66 -22.21 -55.57
CA ASP J 224 28.45 -21.22 -56.30
C ASP J 224 28.71 -20.13 -55.30
N ASN J 225 29.97 -19.94 -54.93
CA ASN J 225 30.33 -19.03 -53.85
C ASN J 225 30.66 -17.61 -54.34
N SER J 226 30.49 -17.37 -55.66
CA SER J 226 30.78 -16.05 -56.29
C SER J 226 29.62 -15.41 -57.04
N TYR J 227 28.99 -16.19 -57.92
CA TYR J 227 28.23 -15.59 -59.03
C TYR J 227 26.73 -15.57 -58.87
N THR J 228 26.16 -16.59 -58.25
CA THR J 228 24.71 -16.76 -58.18
C THR J 228 24.21 -17.43 -56.89
N ALA J 229 22.98 -17.12 -56.51
CA ALA J 229 22.31 -17.80 -55.37
C ALA J 229 21.45 -18.99 -55.83
N LYS J 230 21.39 -19.22 -57.14
CA LYS J 230 20.83 -20.48 -57.67
C LYS J 230 21.87 -21.56 -57.44
N ARG J 231 21.45 -22.76 -57.08
CA ARG J 231 22.43 -23.85 -56.90
C ARG J 231 22.80 -24.43 -58.28
N PRO J 232 24.09 -24.60 -58.56
CA PRO J 232 24.45 -25.36 -59.74
C PRO J 232 23.93 -26.77 -59.56
N PHE J 233 23.62 -27.49 -60.65
CA PHE J 233 23.00 -28.80 -60.56
C PHE J 233 23.68 -29.76 -61.52
N VAL J 234 24.34 -30.79 -60.97
CA VAL J 234 25.07 -31.77 -61.79
C VAL J 234 24.23 -33.02 -62.09
N LYS J 235 24.36 -33.49 -63.34
CA LYS J 235 23.84 -34.79 -63.77
C LYS J 235 24.96 -35.58 -64.38
N LEU J 236 25.40 -36.61 -63.66
CA LEU J 236 26.48 -37.49 -64.05
C LEU J 236 25.88 -38.81 -64.55
N ASN J 237 26.23 -39.20 -65.77
CA ASN J 237 25.77 -40.49 -66.26
C ASN J 237 26.82 -41.54 -65.89
N VAL J 238 26.46 -42.51 -65.04
CA VAL J 238 27.50 -43.49 -64.59
C VAL J 238 27.79 -44.67 -65.52
N GLU J 239 27.06 -44.77 -66.63
CA GLU J 239 27.31 -45.79 -67.65
C GLU J 239 28.30 -45.29 -68.72
N THR J 240 28.12 -44.05 -69.15
CA THR J 240 29.08 -43.43 -70.07
C THR J 240 30.18 -42.62 -69.35
N ASP J 241 30.00 -42.37 -68.04
CA ASP J 241 30.91 -41.51 -67.26
C ASP J 241 31.06 -40.09 -67.83
N THR J 242 29.93 -39.43 -68.05
CA THR J 242 29.93 -38.06 -68.55
C THR J 242 29.14 -37.23 -67.55
N ALA J 243 29.49 -35.96 -67.39
CA ALA J 243 28.75 -35.08 -66.47
C ALA J 243 28.44 -33.73 -67.07
N GLU J 244 27.30 -33.18 -66.70
CA GLU J 244 26.81 -31.90 -67.23
C GLU J 244 26.31 -31.04 -66.04
N ILE J 245 26.44 -29.73 -66.17
CA ILE J 245 26.08 -28.82 -65.10
C ILE J 245 25.30 -27.62 -65.65
N ARG J 246 24.13 -27.34 -65.06
CA ARG J 246 23.39 -26.12 -65.32
C ARG J 246 22.83 -25.61 -63.98
N LEU J 247 22.53 -24.32 -63.90
CA LEU J 247 21.84 -23.77 -62.72
C LEU J 247 20.42 -24.33 -62.53
N MET J 248 20.06 -24.52 -61.26
CA MET J 248 18.66 -24.81 -60.91
C MET J 248 17.77 -23.63 -61.25
N CYS J 249 16.65 -23.92 -61.94
CA CYS J 249 15.78 -22.87 -62.49
C CYS J 249 14.71 -22.41 -61.50
N THR J 250 14.48 -23.15 -60.43
CA THR J 250 13.38 -22.86 -59.50
C THR J 250 13.46 -21.46 -58.93
N GLU J 251 12.30 -20.87 -58.66
CA GLU J 251 12.29 -19.53 -58.06
C GLU J 251 12.59 -19.58 -56.55
N THR J 252 12.59 -20.79 -55.99
CA THR J 252 12.90 -21.03 -54.61
C THR J 252 14.42 -21.20 -54.51
N TYR J 253 15.16 -20.10 -54.50
CA TYR J 253 16.64 -20.15 -54.53
C TYR J 253 17.17 -20.75 -53.21
N LEU J 254 18.04 -21.75 -53.33
CA LEU J 254 18.43 -22.60 -52.19
C LEU J 254 19.69 -22.13 -51.42
N ASP J 255 20.45 -21.20 -52.03
CA ASP J 255 21.69 -20.72 -51.41
C ASP J 255 21.44 -19.71 -50.29
N THR J 256 22.48 -19.36 -49.55
CA THR J 256 22.47 -18.25 -48.56
C THR J 256 23.84 -17.58 -48.62
N PRO J 257 23.89 -16.27 -48.86
CA PRO J 257 22.81 -15.28 -49.09
C PRO J 257 22.04 -15.54 -50.36
N ARG J 258 20.86 -14.93 -50.44
CA ARG J 258 20.00 -15.03 -51.62
C ARG J 258 19.03 -13.82 -51.65
N PRO J 259 18.56 -13.42 -52.85
CA PRO J 259 17.51 -12.40 -52.94
C PRO J 259 16.11 -13.01 -52.69
N ASP J 260 15.05 -12.20 -52.77
CA ASP J 260 13.68 -12.70 -52.69
C ASP J 260 13.37 -13.77 -53.76
N ASP J 261 12.51 -14.73 -53.40
CA ASP J 261 12.19 -15.80 -54.33
C ASP J 261 11.59 -15.23 -55.61
N GLY J 262 12.05 -15.70 -56.77
CA GLY J 262 11.44 -15.32 -58.05
C GLY J 262 11.92 -14.01 -58.67
N SER J 263 12.77 -13.27 -57.94
CA SER J 263 13.17 -11.92 -58.33
C SER J 263 14.38 -11.85 -59.28
N ILE J 264 14.94 -13.00 -59.65
CA ILE J 264 15.99 -13.00 -60.64
C ILE J 264 15.34 -13.16 -62.00
N THR J 265 15.41 -12.07 -62.77
CA THR J 265 14.71 -11.97 -64.06
C THR J 265 15.51 -12.68 -65.14
N GLY J 266 14.88 -12.92 -66.30
CA GLY J 266 15.58 -13.61 -67.39
C GLY J 266 15.23 -15.07 -67.37
N PRO J 267 15.84 -15.87 -68.26
CA PRO J 267 15.47 -17.28 -68.30
C PRO J 267 16.26 -18.08 -67.26
N CYS J 268 16.21 -19.40 -67.38
CA CYS J 268 16.78 -20.27 -66.36
C CYS J 268 18.26 -20.00 -66.13
N GLU J 269 18.98 -19.56 -67.16
CA GLU J 269 20.42 -19.36 -67.01
C GLU J 269 20.94 -18.11 -66.28
N SER J 270 20.10 -17.12 -66.03
CA SER J 270 20.59 -15.87 -65.39
C SER J 270 21.15 -16.03 -63.99
N ASN J 271 22.18 -15.24 -63.66
CA ASN J 271 22.85 -15.38 -62.34
C ASN J 271 22.09 -15.04 -61.03
N GLY J 272 21.55 -13.84 -60.78
CA GLY J 272 21.86 -12.55 -61.34
C GLY J 272 22.46 -11.80 -60.16
N ASP J 273 21.67 -11.59 -59.09
CA ASP J 273 22.07 -10.78 -57.89
C ASP J 273 22.33 -11.55 -56.55
N LYS J 274 23.02 -10.87 -55.62
CA LYS J 274 23.39 -11.37 -54.29
C LYS J 274 24.05 -12.78 -54.30
N GLY J 275 24.84 -13.02 -55.37
CA GLY J 275 25.44 -14.31 -55.65
C GLY J 275 26.72 -14.65 -54.90
N SER J 276 27.42 -13.64 -54.37
CA SER J 276 28.71 -13.87 -53.71
C SER J 276 28.51 -14.36 -52.27
N GLY J 277 29.30 -15.33 -51.84
CA GLY J 277 29.03 -16.06 -50.59
C GLY J 277 28.15 -17.27 -50.88
N GLY J 278 27.95 -18.12 -49.88
CA GLY J 278 27.15 -19.34 -50.07
C GLY J 278 27.20 -20.31 -48.88
N ILE J 279 26.56 -21.47 -49.06
CA ILE J 279 26.44 -22.46 -48.03
C ILE J 279 26.29 -23.83 -48.75
N LYS J 280 26.82 -24.91 -48.13
CA LYS J 280 26.53 -26.28 -48.55
C LYS J 280 25.09 -26.65 -48.23
N GLY J 281 24.40 -27.26 -49.20
CA GLY J 281 22.98 -27.53 -49.10
C GLY J 281 22.57 -28.99 -49.11
N GLY J 282 21.56 -29.32 -48.30
CA GLY J 282 20.97 -30.65 -48.28
C GLY J 282 20.21 -31.03 -49.55
N PHE J 283 20.26 -32.33 -49.87
CA PHE J 283 19.65 -32.84 -51.11
C PHE J 283 19.68 -34.34 -51.10
N VAL J 284 18.50 -34.94 -51.25
CA VAL J 284 18.42 -36.39 -51.26
C VAL J 284 17.30 -36.88 -52.22
N HIS J 285 17.41 -38.11 -52.72
CA HIS J 285 16.39 -38.68 -53.63
C HIS J 285 15.40 -39.65 -52.95
N GLN J 286 14.16 -39.56 -53.38
CA GLN J 286 13.13 -40.54 -53.07
C GLN J 286 12.78 -41.26 -54.40
N ARG J 287 13.28 -42.48 -54.54
CA ARG J 287 13.09 -43.26 -55.76
C ARG J 287 11.89 -44.21 -55.69
N MET J 288 10.87 -43.90 -56.51
CA MET J 288 9.65 -44.71 -56.59
C MET J 288 9.58 -45.37 -57.96
N ALA J 289 8.67 -46.35 -58.08
CA ALA J 289 8.52 -47.13 -59.34
C ALA J 289 8.48 -46.25 -60.62
N SER J 290 7.56 -45.30 -60.69
CA SER J 290 7.39 -44.48 -61.90
C SER J 290 7.36 -42.98 -61.60
N LYS J 291 8.16 -42.56 -60.61
CA LYS J 291 8.09 -41.20 -60.07
C LYS J 291 9.37 -41.00 -59.28
N ILE J 292 9.87 -39.77 -59.26
CA ILE J 292 11.03 -39.42 -58.47
C ILE J 292 10.81 -38.13 -57.68
N GLY J 293 11.06 -38.19 -56.37
CA GLY J 293 11.00 -36.99 -55.56
C GLY J 293 12.39 -36.44 -55.27
N ARG J 294 12.49 -35.11 -55.29
CA ARG J 294 13.74 -34.46 -54.94
C ARG J 294 13.51 -33.64 -53.71
N TRP J 295 14.20 -33.96 -52.62
CA TRP J 295 14.03 -33.21 -51.38
C TRP J 295 15.23 -32.28 -51.18
N TYR J 296 15.00 -31.02 -50.76
CA TYR J 296 16.09 -30.02 -50.56
C TYR J 296 15.90 -29.25 -49.26
N SER J 297 16.95 -28.60 -48.77
CA SER J 297 16.82 -27.82 -47.54
C SER J 297 17.55 -26.53 -47.68
N ARG J 298 17.05 -25.50 -47.01
CA ARG J 298 17.68 -24.18 -47.10
C ARG J 298 17.40 -23.38 -45.85
N THR J 299 18.29 -22.43 -45.56
CA THR J 299 18.14 -21.65 -44.34
C THR J 299 16.81 -20.93 -44.32
N MET J 300 16.37 -20.59 -43.12
CA MET J 300 15.08 -19.92 -42.99
C MET J 300 15.27 -18.47 -43.32
N SER J 301 16.39 -17.92 -42.87
CA SER J 301 16.81 -16.54 -43.19
C SER J 301 17.48 -16.46 -44.54
N LYS J 302 17.22 -15.35 -45.24
CA LYS J 302 17.80 -15.09 -46.57
C LYS J 302 19.28 -14.65 -46.57
N THR J 303 19.74 -14.13 -45.45
CA THR J 303 21.06 -13.49 -45.32
C THR J 303 21.95 -14.27 -44.36
N LYS J 304 21.33 -14.98 -43.42
CA LYS J 304 22.03 -15.52 -42.27
C LYS J 304 21.90 -17.03 -42.13
N ARG J 305 22.84 -17.61 -41.39
CA ARG J 305 22.86 -19.05 -41.19
C ARG J 305 21.98 -19.46 -39.98
N MET J 306 20.69 -19.13 -40.10
CA MET J 306 19.70 -19.37 -39.09
C MET J 306 18.53 -20.14 -39.71
N GLY J 307 18.05 -21.15 -38.98
CA GLY J 307 16.92 -21.98 -39.40
C GLY J 307 17.21 -22.96 -40.53
N MET J 308 16.30 -23.90 -40.73
CA MET J 308 16.36 -24.78 -41.88
C MET J 308 14.99 -25.32 -42.25
N GLY J 309 14.52 -24.98 -43.46
CA GLY J 309 13.26 -25.47 -43.98
C GLY J 309 13.46 -26.60 -44.96
N LEU J 310 12.52 -27.55 -45.00
CA LEU J 310 12.61 -28.68 -45.93
C LEU J 310 11.66 -28.46 -47.09
N TYR J 311 12.11 -28.75 -48.32
CA TYR J 311 11.31 -28.46 -49.54
C TYR J 311 11.30 -29.70 -50.43
N VAL J 312 10.29 -29.84 -51.28
CA VAL J 312 10.19 -31.02 -52.15
C VAL J 312 9.58 -30.73 -53.52
N LYS J 313 10.04 -31.46 -54.54
CA LYS J 313 9.40 -31.47 -55.87
C LYS J 313 9.48 -32.85 -56.50
N TYR J 314 8.38 -33.27 -57.11
CA TYR J 314 8.29 -34.58 -57.76
C TYR J 314 8.50 -34.43 -59.27
N ASP J 315 9.30 -35.31 -59.86
CA ASP J 315 9.54 -35.30 -61.32
C ASP J 315 10.00 -33.94 -61.92
N GLY J 316 9.77 -33.76 -63.22
CA GLY J 316 10.28 -32.58 -63.93
C GLY J 316 11.79 -32.57 -64.14
N ASP J 317 12.32 -31.44 -64.56
CA ASP J 317 13.74 -31.27 -64.86
C ASP J 317 14.15 -30.01 -64.13
N PRO J 318 14.95 -30.13 -63.08
CA PRO J 318 15.36 -28.98 -62.25
C PRO J 318 16.16 -27.91 -63.00
N TRP J 319 16.71 -28.29 -64.16
CA TRP J 319 17.40 -27.33 -65.01
C TRP J 319 16.46 -26.33 -65.71
N THR J 320 15.19 -26.74 -65.95
CA THR J 320 14.26 -25.93 -66.79
C THR J 320 12.96 -25.54 -66.09
N ASP J 321 12.65 -26.21 -64.98
CA ASP J 321 11.45 -25.93 -64.19
C ASP J 321 11.62 -24.71 -63.32
N SER J 322 10.85 -23.66 -63.61
CA SER J 322 10.86 -22.46 -62.82
C SER J 322 9.84 -22.48 -61.67
N ASP J 323 8.97 -23.49 -61.67
CA ASP J 323 7.96 -23.67 -60.63
C ASP J 323 8.64 -23.61 -59.25
N ALA J 324 8.00 -22.95 -58.29
CA ALA J 324 8.41 -22.95 -56.87
C ALA J 324 8.40 -24.35 -56.28
N LEU J 325 9.41 -24.63 -55.44
CA LEU J 325 9.45 -25.83 -54.61
C LEU J 325 8.40 -25.74 -53.48
N ALA J 326 7.70 -26.86 -53.23
CA ALA J 326 6.72 -26.93 -52.15
C ALA J 326 7.44 -26.98 -50.81
N LEU J 327 7.09 -26.04 -49.93
CA LEU J 327 7.62 -26.02 -48.57
C LEU J 327 7.02 -27.14 -47.72
N SER J 328 7.86 -28.07 -47.28
CA SER J 328 7.38 -29.23 -46.54
C SER J 328 7.32 -29.06 -45.01
N GLY J 329 8.34 -28.44 -44.43
CA GLY J 329 8.28 -28.04 -43.01
C GLY J 329 9.53 -27.32 -42.46
N VAL J 330 9.40 -26.79 -41.26
CA VAL J 330 10.50 -26.12 -40.61
C VAL J 330 11.22 -27.15 -39.72
N MET J 331 12.46 -27.51 -40.09
CA MET J 331 13.30 -28.41 -39.28
C MET J 331 14.05 -27.65 -38.18
N VAL J 332 14.43 -26.41 -38.45
CA VAL J 332 15.12 -25.61 -37.46
C VAL J 332 14.53 -24.19 -37.48
N SER J 333 13.98 -23.74 -36.35
CA SER J 333 13.42 -22.42 -36.28
C SER J 333 14.48 -21.36 -36.47
N MET J 334 14.03 -20.20 -36.93
CA MET J 334 14.80 -18.99 -37.19
C MET J 334 15.65 -18.54 -36.02
N GLU J 335 15.29 -18.97 -34.82
CA GLU J 335 16.05 -18.67 -33.63
C GLU J 335 17.19 -19.63 -33.37
N GLU J 336 17.30 -20.74 -34.13
CA GLU J 336 18.41 -21.70 -33.99
C GLU J 336 19.37 -21.64 -35.18
N PRO J 337 20.64 -22.04 -34.99
CA PRO J 337 21.58 -21.93 -36.09
C PRO J 337 21.41 -23.07 -37.10
N GLY J 338 21.50 -22.70 -38.39
CA GLY J 338 21.41 -23.60 -39.50
C GLY J 338 22.57 -23.37 -40.44
N TRP J 339 23.56 -24.22 -40.35
CA TRP J 339 24.68 -24.08 -41.24
C TRP J 339 24.61 -25.11 -42.39
N TYR J 340 25.68 -25.86 -42.62
CA TYR J 340 25.71 -26.87 -43.68
C TYR J 340 24.58 -27.86 -43.51
N SER J 341 24.13 -28.44 -44.63
CA SER J 341 23.13 -29.50 -44.62
C SER J 341 23.50 -30.51 -45.70
N PHE J 342 23.10 -31.77 -45.53
CA PHE J 342 23.57 -32.81 -46.45
C PHE J 342 22.57 -33.92 -46.57
N GLY J 343 22.72 -34.78 -47.56
CA GLY J 343 21.84 -35.96 -47.72
C GLY J 343 22.55 -37.30 -47.57
N PHE J 344 21.79 -38.32 -47.17
CA PHE J 344 22.29 -39.66 -47.06
C PHE J 344 21.14 -40.62 -46.99
N GLU J 345 21.45 -41.92 -47.04
CA GLU J 345 20.44 -42.94 -47.15
C GLU J 345 20.79 -44.08 -46.24
N ILE J 346 19.80 -44.53 -45.48
CA ILE J 346 19.96 -45.64 -44.55
C ILE J 346 19.45 -46.90 -45.25
N LYS J 347 20.11 -48.02 -45.05
CA LYS J 347 19.76 -49.24 -45.77
C LYS J 347 18.88 -50.14 -44.92
N ASP J 348 17.57 -50.15 -45.20
CA ASP J 348 16.64 -51.09 -44.57
C ASP J 348 16.79 -52.45 -45.26
N LYS J 349 16.10 -53.48 -44.78
CA LYS J 349 16.32 -54.85 -45.29
C LYS J 349 16.16 -54.99 -46.82
N LYS J 350 15.18 -54.29 -47.41
CA LYS J 350 14.87 -54.43 -48.82
C LYS J 350 14.66 -53.12 -49.54
N CYS J 351 14.88 -51.99 -48.83
CA CYS J 351 14.72 -50.65 -49.45
C CYS J 351 15.61 -49.61 -48.75
N ASP J 352 15.73 -48.42 -49.33
CA ASP J 352 16.62 -47.37 -48.83
C ASP J 352 15.83 -46.20 -48.26
N VAL J 353 16.31 -45.62 -47.16
CA VAL J 353 15.58 -44.53 -46.54
C VAL J 353 16.28 -43.17 -46.69
N PRO J 354 15.69 -42.25 -47.48
CA PRO J 354 16.31 -40.93 -47.67
C PRO J 354 16.24 -40.07 -46.40
N CYS J 355 17.34 -39.35 -46.13
CA CYS J 355 17.48 -38.55 -44.91
C CYS J 355 18.22 -37.24 -45.21
N ILE J 356 17.93 -36.18 -44.44
CA ILE J 356 18.71 -34.94 -44.52
C ILE J 356 19.27 -34.66 -43.15
N GLY J 357 20.55 -34.32 -43.09
CA GLY J 357 21.17 -33.96 -41.83
C GLY J 357 21.50 -32.49 -41.78
N ILE J 358 21.60 -31.91 -40.59
CA ILE J 358 21.84 -30.47 -40.53
C ILE J 358 22.87 -30.14 -39.48
N GLU J 359 23.93 -29.45 -39.93
CA GLU J 359 24.99 -28.94 -39.06
C GLU J 359 24.50 -27.70 -38.33
N MET J 360 24.54 -27.75 -37.02
CA MET J 360 23.97 -26.71 -36.19
C MET J 360 25.05 -26.10 -35.34
N VAL J 361 25.69 -25.06 -35.85
CA VAL J 361 26.96 -24.58 -35.32
C VAL J 361 26.80 -23.69 -34.10
N HIS J 362 27.57 -23.97 -33.05
CA HIS J 362 27.65 -23.08 -31.88
C HIS J 362 28.68 -22.01 -32.22
N ASP J 363 28.18 -20.83 -32.59
CA ASP J 363 29.02 -19.71 -32.93
C ASP J 363 28.95 -18.56 -31.91
N GLY J 364 30.05 -18.33 -31.21
CA GLY J 364 30.22 -17.18 -30.36
C GLY J 364 31.45 -16.33 -30.69
N GLY J 365 31.89 -16.33 -31.95
CA GLY J 365 33.04 -15.53 -32.39
C GLY J 365 34.38 -16.22 -32.21
N LYS J 366 35.44 -15.54 -32.66
CA LYS J 366 36.79 -16.10 -32.52
C LYS J 366 37.41 -16.13 -31.11
N GLU J 367 36.74 -15.57 -30.11
CA GLU J 367 37.29 -15.51 -28.73
C GLU J 367 36.92 -16.71 -27.83
N THR J 368 36.13 -17.64 -28.36
CA THR J 368 35.71 -18.82 -27.61
C THR J 368 35.70 -20.03 -28.55
N TRP J 369 35.24 -21.20 -28.08
CA TRP J 369 35.21 -22.41 -28.94
C TRP J 369 34.21 -22.35 -30.12
N HIS J 370 34.42 -23.20 -31.11
CA HIS J 370 33.60 -23.21 -32.30
C HIS J 370 33.34 -24.65 -32.74
N SER J 371 32.14 -25.16 -32.50
CA SER J 371 31.79 -26.51 -32.92
C SER J 371 30.34 -26.62 -33.39
N ALA J 372 29.80 -27.83 -33.46
CA ALA J 372 28.46 -28.02 -34.05
C ALA J 372 27.73 -29.23 -33.52
N ALA J 373 26.42 -29.11 -33.40
CA ALA J 373 25.60 -30.30 -33.22
C ALA J 373 25.17 -30.84 -34.63
N THR J 374 24.50 -31.99 -34.67
CA THR J 374 23.98 -32.56 -35.91
C THR J 374 22.55 -33.08 -35.72
N ALA J 375 21.61 -32.48 -36.44
CA ALA J 375 20.20 -32.93 -36.43
C ALA J 375 19.86 -33.77 -37.67
N ILE J 376 19.07 -34.82 -37.50
CA ILE J 376 18.74 -35.76 -38.58
C ILE J 376 17.23 -35.87 -38.84
N TYR J 377 16.84 -35.73 -40.10
CA TYR J 377 15.44 -35.89 -40.54
C TYR J 377 15.36 -36.97 -41.59
N CYS J 378 14.36 -37.84 -41.50
CA CYS J 378 14.25 -38.94 -42.49
C CYS J 378 12.85 -39.11 -42.95
N LEU J 379 12.68 -39.68 -44.14
CA LEU J 379 11.36 -40.03 -44.67
C LEU J 379 10.80 -41.12 -43.84
N MET J 380 9.64 -40.87 -43.20
CA MET J 380 8.95 -41.91 -42.41
C MET J 380 7.44 -41.68 -42.28
N GLY J 381 6.65 -42.65 -42.75
CA GLY J 381 5.19 -42.60 -42.68
C GLY J 381 4.57 -41.59 -43.64
N SER J 382 3.33 -41.22 -43.35
CA SER J 382 2.60 -40.21 -44.11
C SER J 382 2.21 -38.95 -43.25
N GLY J 383 1.66 -37.92 -43.89
CA GLY J 383 1.22 -36.68 -43.19
C GLY J 383 2.07 -35.45 -43.45
N GLN J 384 2.26 -34.61 -42.43
CA GLN J 384 3.18 -33.46 -42.56
C GLN J 384 4.26 -33.51 -41.50
N LEU J 385 5.41 -32.91 -41.83
CA LEU J 385 6.50 -32.76 -40.86
C LEU J 385 6.01 -32.07 -39.56
N LEU J 386 6.24 -32.72 -38.43
CA LEU J 386 5.70 -32.20 -37.15
C LEU J 386 6.59 -31.37 -36.21
N TRP J 387 7.86 -31.72 -35.97
CA TRP J 387 8.62 -30.99 -34.92
C TRP J 387 10.02 -30.45 -35.31
N ASP J 388 10.37 -29.28 -34.76
CA ASP J 388 11.68 -28.69 -35.02
C ASP J 388 12.74 -29.18 -34.01
N THR J 389 13.99 -28.75 -34.23
CA THR J 389 15.15 -29.23 -33.44
C THR J 389 15.90 -28.06 -32.82
N VAL J 390 16.21 -28.16 -31.56
CA VAL J 390 17.05 -27.17 -30.87
C VAL J 390 18.34 -27.90 -30.37
N THR J 391 19.45 -27.19 -30.21
CA THR J 391 20.66 -27.86 -29.72
C THR J 391 20.66 -28.02 -28.22
N GLY J 392 20.01 -27.09 -27.51
CA GLY J 392 19.92 -27.15 -26.05
C GLY J 392 21.15 -26.56 -25.37
N VAL J 393 22.15 -26.16 -26.17
CA VAL J 393 23.46 -25.74 -25.64
C VAL J 393 23.56 -24.22 -25.34
N ASP J 394 24.02 -23.93 -24.13
CA ASP J 394 24.33 -22.59 -23.72
C ASP J 394 25.85 -22.46 -23.76
N MET J 395 26.35 -21.55 -24.58
CA MET J 395 27.80 -21.46 -24.85
C MET J 395 28.65 -20.87 -23.72
N ALA J 396 28.00 -20.24 -22.74
CA ALA J 396 28.63 -19.72 -21.51
C ALA J 396 29.10 -20.81 -20.52
N LEU J 397 28.54 -22.02 -20.63
CA LEU J 397 28.75 -23.05 -19.63
C LEU J 397 30.03 -23.85 -19.85
N PRO K 9 42.14 -69.20 -41.02
CA PRO K 9 43.22 -68.30 -41.46
C PRO K 9 44.52 -69.05 -41.64
N GLU K 10 45.46 -68.41 -42.32
CA GLU K 10 46.76 -69.01 -42.73
C GLU K 10 47.98 -68.19 -42.31
N TRP K 11 49.18 -68.75 -42.45
CA TRP K 11 50.41 -67.96 -42.24
C TRP K 11 50.55 -66.87 -43.29
N THR K 12 51.05 -65.72 -42.88
CA THR K 12 51.34 -64.63 -43.81
C THR K 12 52.79 -64.54 -44.26
N TYR K 13 52.99 -63.90 -45.40
CA TYR K 13 54.30 -63.76 -46.04
C TYR K 13 54.36 -62.31 -46.55
N PRO K 14 55.57 -61.74 -46.75
CA PRO K 14 55.63 -60.41 -47.37
C PRO K 14 55.26 -60.53 -48.85
N ARG K 15 54.53 -59.55 -49.38
CA ARG K 15 54.13 -59.54 -50.80
C ARG K 15 54.72 -58.31 -51.49
N LEU K 16 54.39 -58.13 -52.76
CA LEU K 16 54.80 -56.95 -53.49
C LEU K 16 54.11 -55.72 -52.85
N SER K 17 54.84 -54.61 -52.71
CA SER K 17 54.26 -53.37 -52.20
C SER K 17 53.22 -52.84 -53.17
N CYS K 18 52.31 -52.03 -52.66
CA CYS K 18 51.28 -51.38 -53.47
C CYS K 18 51.96 -50.33 -54.37
N PRO K 19 51.31 -49.95 -55.49
CA PRO K 19 51.88 -48.93 -56.39
C PRO K 19 52.08 -47.55 -55.70
N GLY K 20 53.15 -46.86 -56.10
CA GLY K 20 53.49 -45.56 -55.54
C GLY K 20 54.95 -45.18 -55.76
N SER K 21 55.23 -43.89 -55.74
CA SER K 21 56.64 -43.41 -55.81
C SER K 21 56.98 -42.28 -54.83
N THR K 22 56.07 -41.97 -53.91
CA THR K 22 56.32 -40.99 -52.84
C THR K 22 55.50 -41.27 -51.57
N PHE K 23 56.06 -40.85 -50.45
CA PHE K 23 55.36 -40.88 -49.18
C PHE K 23 54.56 -39.60 -48.99
N GLN K 24 53.46 -39.70 -48.25
CA GLN K 24 52.71 -38.51 -47.84
C GLN K 24 52.36 -38.63 -46.36
N LYS K 25 51.89 -37.52 -45.80
CA LYS K 25 51.43 -37.43 -44.43
C LYS K 25 50.11 -38.17 -44.30
N ALA K 26 50.02 -39.11 -43.37
CA ALA K 26 48.81 -39.89 -43.26
C ALA K 26 47.98 -39.58 -42.01
N LEU K 27 48.59 -39.58 -40.84
CA LEU K 27 47.81 -39.53 -39.65
C LEU K 27 48.65 -39.10 -38.45
N LEU K 28 48.07 -38.31 -37.56
CA LEU K 28 48.74 -37.95 -36.32
C LEU K 28 47.98 -38.54 -35.10
N ILE K 29 48.73 -39.15 -34.19
CA ILE K 29 48.20 -39.55 -32.89
C ILE K 29 48.83 -38.68 -31.81
N SER K 30 48.15 -37.58 -31.47
CA SER K 30 48.63 -36.68 -30.43
C SER K 30 47.73 -36.70 -29.22
N PRO K 31 47.93 -37.68 -28.32
CA PRO K 31 47.03 -37.87 -27.19
C PRO K 31 47.11 -36.75 -26.22
N HIS K 32 48.20 -36.01 -26.20
CA HIS K 32 48.36 -34.95 -25.22
C HIS K 32 47.70 -33.61 -25.56
N ARG K 33 47.16 -33.52 -26.77
CA ARG K 33 46.18 -32.49 -27.13
C ARG K 33 44.95 -32.49 -26.20
N PHE K 34 44.78 -33.57 -25.42
CA PHE K 34 43.63 -33.69 -24.52
C PHE K 34 44.05 -33.80 -23.04
N GLY K 35 45.32 -33.50 -22.74
CA GLY K 35 45.76 -33.60 -21.35
C GLY K 35 45.83 -32.32 -20.53
N GLU K 36 45.10 -31.29 -20.92
CA GLU K 36 45.06 -30.04 -20.14
C GLU K 36 44.46 -30.20 -18.72
N THR K 37 44.93 -29.37 -17.79
CA THR K 37 44.27 -29.25 -16.49
C THR K 37 42.79 -28.98 -16.67
N LYS K 38 42.46 -28.09 -17.63
CA LYS K 38 41.08 -27.62 -17.91
C LYS K 38 40.21 -28.66 -18.65
N GLY K 39 40.82 -29.73 -19.13
CA GLY K 39 40.11 -30.78 -19.88
C GLY K 39 39.63 -31.91 -18.99
N ASN K 40 39.05 -32.93 -19.60
CA ASN K 40 38.51 -34.08 -18.87
C ASN K 40 38.99 -35.40 -19.41
N SER K 41 40.23 -35.46 -19.90
CA SER K 41 40.75 -36.75 -20.43
C SER K 41 41.94 -37.32 -19.67
N ALA K 42 42.30 -38.55 -20.05
CA ALA K 42 43.35 -39.30 -19.44
C ALA K 42 44.29 -40.00 -20.48
N PRO K 43 45.02 -39.20 -21.32
CA PRO K 43 46.06 -39.81 -22.18
C PRO K 43 47.15 -40.43 -21.35
N LEU K 44 47.62 -41.62 -21.73
CA LEU K 44 48.74 -42.30 -21.03
C LEU K 44 50.10 -41.67 -21.34
N ILE K 45 50.94 -41.59 -20.31
CA ILE K 45 52.31 -41.14 -20.44
C ILE K 45 53.16 -42.31 -20.98
N ILE K 46 53.86 -42.08 -22.10
CA ILE K 46 54.52 -43.14 -22.82
C ILE K 46 55.78 -42.62 -23.49
N ARG K 47 56.60 -43.56 -23.97
CA ARG K 47 57.69 -43.32 -24.90
C ARG K 47 57.89 -44.60 -25.73
N GLU K 48 58.80 -44.60 -26.68
CA GLU K 48 59.06 -45.80 -27.53
C GLU K 48 57.80 -46.35 -28.19
N PRO K 49 57.08 -45.51 -28.92
CA PRO K 49 55.92 -46.06 -29.61
C PRO K 49 56.31 -46.80 -30.89
N PHE K 50 55.41 -47.66 -31.38
CA PHE K 50 55.60 -48.31 -32.69
C PHE K 50 54.33 -48.95 -33.16
N ILE K 51 54.27 -49.30 -34.43
CA ILE K 51 53.05 -49.85 -34.99
C ILE K 51 53.33 -51.20 -35.65
N ALA K 52 52.37 -52.11 -35.59
CA ALA K 52 52.49 -53.42 -36.25
C ALA K 52 51.11 -53.85 -36.71
N CYS K 53 51.01 -54.44 -37.89
CA CYS K 53 49.70 -54.75 -38.47
C CYS K 53 49.55 -56.23 -38.77
N GLY K 54 48.33 -56.74 -38.55
CA GLY K 54 47.91 -58.05 -39.08
C GLY K 54 47.06 -57.90 -40.35
N PRO K 55 46.38 -58.98 -40.77
CA PRO K 55 45.57 -58.99 -41.98
C PRO K 55 44.34 -58.12 -41.92
N LYS K 56 43.83 -57.83 -40.72
CA LYS K 56 42.65 -56.94 -40.60
C LYS K 56 42.85 -55.64 -39.76
N GLU K 57 43.86 -55.63 -38.88
CA GLU K 57 44.01 -54.59 -37.84
C GLU K 57 45.46 -54.08 -37.72
N CYS K 58 45.63 -52.78 -37.54
CA CYS K 58 46.93 -52.23 -37.13
C CYS K 58 46.83 -51.81 -35.68
N LYS K 59 47.78 -52.25 -34.88
CA LYS K 59 47.84 -51.83 -33.47
C LYS K 59 48.97 -50.83 -33.26
N HIS K 60 48.72 -49.85 -32.40
CA HIS K 60 49.70 -48.85 -32.02
C HIS K 60 50.22 -49.22 -30.64
N PHE K 61 51.48 -49.59 -30.54
CA PHE K 61 52.06 -49.97 -29.24
C PHE K 61 52.90 -48.85 -28.63
N ALA K 62 53.08 -48.90 -27.32
CA ALA K 62 54.02 -48.02 -26.63
C ALA K 62 54.39 -48.56 -25.26
N LEU K 63 55.45 -48.02 -24.67
CA LEU K 63 55.85 -48.37 -23.34
C LEU K 63 55.42 -47.26 -22.37
N THR K 64 54.34 -47.48 -21.62
CA THR K 64 53.86 -46.52 -20.63
C THR K 64 54.69 -46.51 -19.32
N HIS K 65 54.69 -45.40 -18.58
CA HIS K 65 55.12 -45.39 -17.19
C HIS K 65 53.91 -45.58 -16.23
N TYR K 66 52.80 -46.12 -16.74
CA TYR K 66 51.64 -46.44 -15.91
C TYR K 66 51.19 -45.20 -15.14
N ALA K 67 51.10 -44.08 -15.85
CA ALA K 67 50.69 -42.80 -15.30
C ALA K 67 50.01 -42.05 -16.42
N ALA K 68 49.23 -41.02 -16.08
CA ALA K 68 48.43 -40.27 -17.05
C ALA K 68 48.54 -38.77 -16.86
N GLN K 69 48.16 -38.00 -17.88
CA GLN K 69 48.22 -36.52 -17.82
C GLN K 69 46.85 -35.94 -18.02
N PRO K 70 46.37 -35.09 -17.09
CA PRO K 70 47.01 -34.71 -15.82
C PRO K 70 46.97 -35.76 -14.72
N GLY K 71 47.92 -35.64 -13.80
CA GLY K 71 48.04 -36.56 -12.68
C GLY K 71 49.22 -36.15 -11.82
N GLY K 72 49.56 -37.01 -10.86
CA GLY K 72 50.56 -36.68 -9.84
C GLY K 72 51.72 -37.66 -9.77
N TYR K 73 51.92 -38.43 -10.84
CA TYR K 73 53.05 -39.34 -10.96
C TYR K 73 54.06 -38.98 -12.06
N TYR K 74 54.28 -37.69 -12.28
CA TYR K 74 55.22 -37.21 -13.29
C TYR K 74 56.70 -37.52 -12.97
N ASN K 75 57.07 -37.41 -11.69
CA ASN K 75 58.41 -37.76 -11.24
C ASN K 75 58.79 -39.20 -11.70
N GLY K 76 59.81 -39.27 -12.58
CA GLY K 76 60.36 -40.55 -13.06
C GLY K 76 59.94 -40.94 -14.47
N THR K 77 59.18 -40.08 -15.12
CA THR K 77 58.70 -40.39 -16.44
C THR K 77 59.75 -40.10 -17.53
N ARG K 78 60.86 -39.40 -17.21
CA ARG K 78 62.06 -39.29 -18.09
C ARG K 78 63.04 -40.49 -17.97
N GLY K 79 62.89 -41.29 -16.92
CA GLY K 79 63.68 -42.51 -16.72
C GLY K 79 63.40 -43.57 -17.80
N ASP K 80 64.28 -44.56 -17.90
CA ASP K 80 64.19 -45.50 -19.00
C ASP K 80 63.57 -46.80 -18.59
N ARG K 81 63.88 -47.25 -17.38
CA ARG K 81 63.41 -48.54 -16.87
C ARG K 81 62.96 -48.34 -15.43
N ASN K 82 61.88 -49.02 -15.04
CA ASN K 82 61.44 -49.16 -13.64
C ASN K 82 60.44 -50.32 -13.57
N LYS K 83 59.89 -50.54 -12.37
CA LYS K 83 59.04 -51.70 -12.07
C LYS K 83 57.59 -51.53 -12.49
N LEU K 84 57.22 -50.35 -12.97
CA LEU K 84 55.80 -50.04 -13.34
C LEU K 84 55.54 -50.07 -14.85
N ARG K 85 56.59 -49.79 -15.60
CA ARG K 85 56.59 -49.75 -17.04
C ARG K 85 55.89 -50.98 -17.67
N HIS K 86 55.03 -50.74 -18.67
CA HIS K 86 54.25 -51.81 -19.30
C HIS K 86 54.12 -51.57 -20.80
N LEU K 87 54.08 -52.68 -21.54
CA LEU K 87 53.71 -52.67 -22.96
C LEU K 87 52.21 -52.58 -23.08
N ILE K 88 51.75 -51.55 -23.81
CA ILE K 88 50.32 -51.27 -24.06
C ILE K 88 49.99 -51.07 -25.56
N SER K 89 48.70 -51.11 -25.89
CA SER K 89 48.29 -50.94 -27.26
C SER K 89 46.87 -50.44 -27.37
N VAL K 90 46.59 -49.82 -28.51
CA VAL K 90 45.22 -49.57 -28.97
C VAL K 90 45.17 -49.90 -30.46
N LYS K 91 43.95 -50.00 -30.99
CA LYS K 91 43.75 -50.05 -32.43
C LYS K 91 44.20 -48.73 -33.02
N LEU K 92 45.03 -48.78 -34.07
CA LEU K 92 45.62 -47.57 -34.62
C LEU K 92 44.48 -46.70 -35.08
N GLY K 93 44.43 -45.44 -34.61
CA GLY K 93 43.33 -44.49 -34.84
C GLY K 93 42.60 -44.10 -33.56
N LYS K 94 42.79 -44.90 -32.50
CA LYS K 94 42.24 -44.59 -31.18
C LYS K 94 43.28 -43.86 -30.30
N ILE K 95 42.82 -42.91 -29.49
CA ILE K 95 43.71 -42.21 -28.58
C ILE K 95 44.00 -43.15 -27.44
N PRO K 96 45.28 -43.41 -27.14
CA PRO K 96 45.64 -44.28 -26.01
C PRO K 96 45.48 -43.61 -24.63
N THR K 97 44.26 -43.72 -24.12
CA THR K 97 43.92 -43.20 -22.80
C THR K 97 43.91 -44.38 -21.83
N VAL K 98 43.62 -44.11 -20.56
CA VAL K 98 43.51 -45.15 -19.56
C VAL K 98 42.51 -46.22 -19.97
N GLU K 99 41.32 -45.79 -20.38
CA GLU K 99 40.26 -46.74 -20.67
C GLU K 99 40.39 -47.42 -22.00
N ASN K 100 40.89 -46.71 -23.01
CA ASN K 100 40.99 -47.23 -24.36
C ASN K 100 42.08 -48.28 -24.57
N SER K 101 43.13 -48.20 -23.76
CA SER K 101 44.32 -49.06 -23.94
C SER K 101 44.13 -50.43 -23.34
N ILE K 102 44.96 -51.37 -23.74
CA ILE K 102 45.03 -52.65 -23.07
C ILE K 102 46.48 -52.82 -22.58
N PHE K 103 46.65 -53.33 -21.37
CA PHE K 103 47.98 -53.63 -20.83
C PHE K 103 48.37 -55.08 -21.10
N HIS K 104 49.42 -55.29 -21.89
CA HIS K 104 49.82 -56.64 -22.32
C HIS K 104 50.70 -57.35 -21.31
N MET K 105 51.77 -56.68 -20.88
CA MET K 105 52.72 -57.20 -19.86
C MET K 105 53.66 -56.13 -19.31
N ALA K 106 54.25 -56.41 -18.14
CA ALA K 106 55.30 -55.55 -17.61
C ALA K 106 56.50 -55.54 -18.56
N ALA K 107 57.08 -54.37 -18.82
CA ALA K 107 58.16 -54.28 -19.83
C ALA K 107 58.72 -52.88 -19.91
N TRP K 108 60.04 -52.77 -19.96
CA TRP K 108 60.66 -51.49 -20.25
C TRP K 108 61.42 -51.52 -21.55
N SER K 109 61.18 -52.58 -22.33
CA SER K 109 61.62 -52.71 -23.71
C SER K 109 60.65 -53.71 -24.41
N GLY K 110 60.23 -53.42 -25.63
CA GLY K 110 59.18 -54.22 -26.25
C GLY K 110 59.26 -54.43 -27.75
N SER K 111 58.34 -55.25 -28.24
CA SER K 111 58.14 -55.52 -29.66
C SER K 111 56.82 -56.28 -29.79
N ALA K 112 56.29 -56.36 -31.02
CA ALA K 112 55.15 -57.24 -31.27
C ALA K 112 55.05 -57.53 -32.75
N CYS K 113 54.32 -58.60 -33.12
CA CYS K 113 54.09 -58.94 -34.54
C CYS K 113 52.99 -59.99 -34.70
N HIS K 114 52.31 -59.98 -35.84
CA HIS K 114 51.25 -60.92 -36.15
C HIS K 114 51.76 -61.90 -37.17
N ASP K 115 51.50 -63.20 -36.95
CA ASP K 115 52.00 -64.23 -37.87
C ASP K 115 50.99 -64.66 -38.95
N GLY K 116 49.84 -64.04 -38.94
CA GLY K 116 48.76 -64.47 -39.81
C GLY K 116 47.63 -65.16 -39.07
N LYS K 117 47.95 -65.80 -37.93
CA LYS K 117 46.96 -66.45 -37.07
C LYS K 117 46.76 -65.75 -35.74
N GLU K 118 47.84 -65.17 -35.21
CA GLU K 118 47.79 -64.63 -33.87
C GLU K 118 48.93 -63.66 -33.59
N TRP K 119 48.72 -62.82 -32.60
CA TRP K 119 49.66 -61.81 -32.13
C TRP K 119 50.70 -62.36 -31.17
N THR K 120 51.97 -62.08 -31.46
CA THR K 120 53.06 -62.32 -30.51
C THR K 120 53.48 -61.00 -29.85
N TYR K 121 53.61 -60.99 -28.52
CA TYR K 121 53.97 -59.79 -27.76
C TYR K 121 55.28 -60.03 -27.01
N ILE K 122 56.18 -59.09 -27.11
CA ILE K 122 57.48 -59.24 -26.52
C ILE K 122 57.77 -58.11 -25.53
N GLY K 123 58.19 -58.47 -24.33
CA GLY K 123 58.58 -57.49 -23.34
C GLY K 123 59.72 -57.91 -22.43
N VAL K 124 60.66 -57.01 -22.23
CA VAL K 124 61.76 -57.27 -21.33
C VAL K 124 61.58 -56.46 -20.07
N ASP K 125 61.73 -57.11 -18.92
CA ASP K 125 61.92 -56.37 -17.67
C ASP K 125 62.97 -57.08 -16.79
N GLY K 126 63.04 -56.75 -15.51
CA GLY K 126 63.96 -57.39 -14.59
C GLY K 126 65.08 -56.44 -14.25
N PRO K 127 66.03 -56.88 -13.40
CA PRO K 127 67.08 -55.94 -12.99
C PRO K 127 68.16 -55.72 -14.06
N GLU K 128 68.92 -54.63 -13.88
CA GLU K 128 70.01 -54.21 -14.77
C GLU K 128 70.95 -55.34 -15.20
N ASN K 129 71.46 -56.07 -14.20
CA ASN K 129 72.49 -57.08 -14.41
C ASN K 129 71.94 -58.49 -14.75
N ASN K 130 70.62 -58.60 -14.87
CA ASN K 130 69.98 -59.89 -15.18
C ASN K 130 68.51 -59.76 -15.69
N ALA K 131 68.28 -58.85 -16.63
CA ALA K 131 66.98 -58.68 -17.24
C ALA K 131 66.50 -59.92 -17.97
N LEU K 132 65.23 -59.92 -18.35
CA LEU K 132 64.55 -61.10 -18.83
C LEU K 132 63.53 -60.76 -19.90
N LEU K 133 63.70 -61.33 -21.08
CA LEU K 133 62.76 -61.14 -22.20
C LEU K 133 61.64 -62.14 -22.07
N LYS K 134 60.41 -61.66 -22.28
CA LYS K 134 59.20 -62.44 -22.00
C LYS K 134 58.33 -62.45 -23.24
N ILE K 135 57.80 -63.62 -23.58
CA ILE K 135 56.99 -63.80 -24.76
C ILE K 135 55.58 -64.26 -24.41
N LYS K 136 54.61 -63.57 -25.04
CA LYS K 136 53.18 -63.84 -24.86
C LYS K 136 52.54 -64.11 -26.25
N TYR K 137 51.78 -65.19 -26.37
CA TYR K 137 51.08 -65.52 -27.63
C TYR K 137 49.59 -65.45 -27.42
N GLY K 138 48.98 -64.41 -27.98
CA GLY K 138 47.58 -64.12 -27.70
C GLY K 138 47.52 -63.82 -26.21
N GLU K 139 46.84 -64.67 -25.43
CA GLU K 139 46.62 -64.36 -24.01
C GLU K 139 47.63 -65.04 -23.12
N ALA K 140 48.29 -66.05 -23.67
CA ALA K 140 49.19 -66.91 -22.91
C ALA K 140 50.65 -66.45 -22.90
N TYR K 141 51.22 -66.41 -21.69
CA TYR K 141 52.69 -66.36 -21.51
C TYR K 141 53.29 -67.73 -21.85
N THR K 142 54.27 -67.73 -22.76
CA THR K 142 54.76 -68.97 -23.41
C THR K 142 56.27 -69.30 -23.30
N ASP K 143 57.13 -68.29 -23.15
CA ASP K 143 58.59 -68.51 -23.13
C ASP K 143 59.38 -67.30 -22.60
N THR K 144 60.67 -67.54 -22.28
CA THR K 144 61.63 -66.50 -21.88
C THR K 144 63.02 -66.70 -22.45
N TYR K 145 63.77 -65.60 -22.53
CA TYR K 145 65.18 -65.65 -22.87
C TYR K 145 65.94 -64.88 -21.80
N HIS K 146 67.10 -65.39 -21.42
CA HIS K 146 67.88 -64.80 -20.35
C HIS K 146 68.99 -63.88 -20.85
N SER K 147 69.35 -62.93 -19.97
CA SER K 147 70.46 -62.04 -20.21
C SER K 147 71.73 -62.84 -20.40
N TYR K 148 72.52 -62.50 -21.42
CA TYR K 148 73.76 -63.21 -21.76
C TYR K 148 75.04 -62.35 -21.65
N ALA K 149 74.90 -61.07 -21.40
CA ALA K 149 76.06 -60.23 -21.12
C ALA K 149 75.87 -59.47 -19.81
N ASN K 150 74.74 -59.71 -19.16
CA ASN K 150 74.50 -59.18 -17.83
C ASN K 150 74.54 -57.67 -17.75
N ASN K 151 74.08 -57.01 -18.82
CA ASN K 151 73.98 -55.56 -18.81
C ASN K 151 72.85 -55.06 -19.68
N ILE K 152 71.65 -54.97 -19.07
CA ILE K 152 70.43 -54.46 -19.71
C ILE K 152 70.12 -55.23 -21.00
N LEU K 153 69.65 -56.46 -20.87
CA LEU K 153 69.07 -57.18 -22.01
C LEU K 153 67.96 -56.31 -22.60
N ARG K 154 67.86 -56.29 -23.91
CA ARG K 154 67.23 -55.20 -24.59
C ARG K 154 66.60 -55.69 -25.90
N THR K 155 65.54 -55.04 -26.37
CA THR K 155 65.01 -55.43 -27.69
C THR K 155 64.72 -54.22 -28.65
N GLN K 156 64.08 -54.49 -29.77
CA GLN K 156 63.92 -53.54 -30.87
C GLN K 156 63.20 -52.19 -30.69
N GLU K 157 62.17 -52.17 -29.85
N GLU K 157 62.16 -52.18 -29.86
CA GLU K 157 61.25 -51.03 -29.80
CA GLU K 157 61.23 -51.06 -29.77
C GLU K 157 60.50 -50.83 -31.12
C GLU K 157 60.50 -50.84 -31.10
N SER K 158 60.36 -51.91 -31.88
CA SER K 158 59.49 -51.91 -33.08
C SER K 158 59.07 -53.34 -33.43
N ALA K 159 58.30 -53.46 -34.52
CA ALA K 159 57.67 -54.71 -34.94
C ALA K 159 58.68 -55.75 -35.22
N CYS K 160 58.45 -56.96 -34.73
CA CYS K 160 59.20 -58.12 -35.21
C CYS K 160 58.64 -58.51 -36.58
N ASN K 161 59.14 -59.58 -37.18
CA ASN K 161 58.76 -59.91 -38.53
C ASN K 161 58.51 -61.39 -38.74
N CYS K 162 57.30 -61.75 -39.18
CA CYS K 162 56.93 -63.16 -39.29
C CYS K 162 56.74 -63.63 -40.73
N ILE K 163 57.30 -64.81 -41.02
CA ILE K 163 57.12 -65.48 -42.31
C ILE K 163 56.83 -66.98 -42.09
N GLY K 164 55.77 -67.48 -42.75
CA GLY K 164 55.44 -68.89 -42.68
C GLY K 164 55.40 -69.36 -41.23
N GLY K 165 55.07 -68.43 -40.35
CA GLY K 165 54.78 -68.76 -38.96
C GLY K 165 55.99 -68.62 -38.10
N ASN K 166 57.09 -68.24 -38.71
CA ASN K 166 58.33 -68.07 -38.04
C ASN K 166 58.57 -66.58 -37.88
N CYS K 167 58.69 -66.12 -36.63
CA CYS K 167 58.90 -64.70 -36.32
C CYS K 167 60.33 -64.45 -35.86
N TYR K 168 60.96 -63.42 -36.41
CA TYR K 168 62.36 -63.14 -36.15
C TYR K 168 62.53 -61.84 -35.39
N LEU K 169 63.33 -61.88 -34.31
CA LEU K 169 63.43 -60.75 -33.35
C LEU K 169 64.88 -60.45 -33.00
N MET K 170 65.29 -59.17 -33.08
CA MET K 170 66.63 -58.76 -32.65
C MET K 170 66.60 -58.47 -31.19
N ILE K 171 67.66 -58.90 -30.49
CA ILE K 171 67.91 -58.51 -29.10
C ILE K 171 69.38 -58.12 -28.92
N THR K 172 69.67 -57.38 -27.85
CA THR K 172 71.04 -57.07 -27.50
C THR K 172 71.26 -57.04 -26.00
N ASP K 173 72.54 -57.04 -25.59
CA ASP K 173 72.94 -57.09 -24.18
C ASP K 173 74.38 -56.60 -24.13
N GLY K 174 74.72 -55.85 -23.10
CA GLY K 174 76.06 -55.27 -23.06
C GLY K 174 76.01 -53.81 -22.67
N SER K 175 77.16 -53.15 -22.72
CA SER K 175 77.27 -51.79 -22.23
C SER K 175 76.79 -50.80 -23.29
N ALA K 176 75.92 -49.88 -22.89
CA ALA K 176 75.51 -48.80 -23.80
C ALA K 176 76.74 -47.97 -24.30
N SER K 177 77.85 -48.07 -23.57
CA SER K 177 79.08 -47.31 -23.84
C SER K 177 80.23 -48.09 -24.49
N GLY K 178 80.09 -49.43 -24.53
CA GLY K 178 81.15 -50.29 -25.07
C GLY K 178 80.55 -51.35 -25.97
N ILE K 179 80.91 -52.61 -25.73
CA ILE K 179 80.51 -53.73 -26.57
C ILE K 179 79.05 -54.13 -26.26
N SER K 180 78.23 -54.24 -27.31
CA SER K 180 76.88 -54.80 -27.21
C SER K 180 76.58 -55.65 -28.43
N GLU K 181 76.92 -56.93 -28.36
CA GLU K 181 76.82 -57.81 -29.49
C GLU K 181 75.43 -58.43 -29.54
N CYS K 182 74.67 -58.06 -30.58
CA CYS K 182 73.29 -58.51 -30.72
C CYS K 182 73.14 -59.97 -31.20
N ARG K 183 71.98 -60.56 -30.90
CA ARG K 183 71.55 -61.87 -31.45
C ARG K 183 70.15 -61.75 -32.07
N PHE K 184 69.72 -62.81 -32.73
CA PHE K 184 68.35 -62.88 -33.23
C PHE K 184 67.67 -64.11 -32.69
N LEU K 185 66.41 -63.98 -32.30
CA LEU K 185 65.63 -65.13 -31.93
C LEU K 185 64.69 -65.50 -33.06
N LYS K 186 64.52 -66.80 -33.29
CA LYS K 186 63.49 -67.33 -34.20
C LYS K 186 62.32 -67.92 -33.38
N ILE K 187 61.13 -67.36 -33.52
CA ILE K 187 60.02 -67.68 -32.61
C ILE K 187 58.81 -68.25 -33.36
N ARG K 188 58.29 -69.38 -32.89
CA ARG K 188 57.13 -70.01 -33.51
C ARG K 188 56.04 -70.31 -32.49
N GLU K 189 54.86 -69.73 -32.73
CA GLU K 189 53.74 -69.87 -31.82
C GLU K 189 54.19 -69.62 -30.36
N GLY K 190 54.94 -68.52 -30.20
CA GLY K 190 55.29 -67.98 -28.88
C GLY K 190 56.48 -68.62 -28.19
N ARG K 191 57.07 -69.62 -28.86
CA ARG K 191 58.23 -70.35 -28.34
C ARG K 191 59.45 -70.20 -29.24
N ILE K 192 60.62 -70.14 -28.59
CA ILE K 192 61.89 -69.94 -29.26
C ILE K 192 62.40 -71.25 -29.81
N ILE K 193 62.57 -71.32 -31.12
CA ILE K 193 63.05 -72.57 -31.72
C ILE K 193 64.49 -72.53 -32.28
N LYS K 194 65.12 -71.34 -32.32
CA LYS K 194 66.52 -71.18 -32.72
C LYS K 194 67.13 -69.85 -32.26
N GLU K 195 68.38 -69.89 -31.81
CA GLU K 195 69.19 -68.70 -31.60
C GLU K 195 70.09 -68.54 -32.79
N ILE K 196 70.20 -67.31 -33.28
CA ILE K 196 71.00 -66.96 -34.45
C ILE K 196 72.08 -65.97 -34.04
N PHE K 197 73.35 -66.35 -34.24
CA PHE K 197 74.48 -65.49 -33.91
C PHE K 197 75.06 -64.85 -35.17
N PRO K 198 74.90 -63.52 -35.31
CA PRO K 198 75.37 -62.83 -36.49
C PRO K 198 76.89 -62.90 -36.58
N THR K 199 77.43 -62.74 -37.79
CA THR K 199 78.86 -62.66 -38.07
C THR K 199 79.18 -61.29 -38.70
N GLY K 200 80.47 -60.92 -38.72
CA GLY K 200 80.94 -59.63 -39.23
C GLY K 200 81.13 -58.48 -38.23
N ARG K 201 80.63 -57.31 -38.59
CA ARG K 201 80.79 -56.12 -37.76
C ARG K 201 79.74 -56.17 -36.62
N VAL K 202 80.12 -56.79 -35.49
CA VAL K 202 79.17 -57.11 -34.45
C VAL K 202 79.49 -56.39 -33.10
N LYS K 203 80.57 -55.63 -33.13
CA LYS K 203 81.03 -54.72 -32.06
C LYS K 203 79.89 -54.09 -31.23
N HIS K 204 78.97 -53.40 -31.93
CA HIS K 204 77.88 -52.73 -31.28
C HIS K 204 76.66 -52.51 -32.18
N THR K 205 75.57 -53.17 -31.83
CA THR K 205 74.28 -53.09 -32.55
C THR K 205 73.06 -52.97 -31.59
N GLU K 206 72.28 -51.91 -31.75
CA GLU K 206 71.00 -51.78 -31.05
C GLU K 206 69.76 -51.32 -31.83
N GLU K 207 68.60 -51.65 -31.23
CA GLU K 207 67.31 -51.20 -31.66
C GLU K 207 67.17 -51.32 -33.18
N CYS K 208 67.32 -52.53 -33.69
CA CYS K 208 67.21 -52.71 -35.15
C CYS K 208 65.79 -52.42 -35.59
N THR K 209 65.66 -51.68 -36.66
CA THR K 209 64.39 -51.47 -37.36
C THR K 209 64.44 -52.37 -38.60
N CYS K 210 63.64 -53.45 -38.57
CA CYS K 210 63.78 -54.59 -39.50
C CYS K 210 62.56 -54.77 -40.41
N GLY K 211 62.79 -55.24 -41.61
CA GLY K 211 61.71 -55.67 -42.49
C GLY K 211 62.21 -56.62 -43.57
N PHE K 212 61.29 -57.17 -44.35
CA PHE K 212 61.59 -58.08 -45.44
C PHE K 212 61.98 -57.32 -46.67
N ALA K 213 63.12 -57.68 -47.23
CA ALA K 213 63.52 -57.27 -48.56
C ALA K 213 62.98 -58.26 -49.59
N SER K 214 62.61 -59.45 -49.12
CA SER K 214 62.04 -60.49 -49.99
C SER K 214 61.62 -61.69 -49.16
N ASN K 215 61.10 -62.74 -49.80
CA ASN K 215 60.79 -64.00 -49.06
C ASN K 215 62.04 -64.67 -48.42
N LYS K 216 63.23 -64.26 -48.86
CA LYS K 216 64.53 -64.85 -48.47
C LYS K 216 65.27 -64.02 -47.40
N THR K 217 65.11 -62.70 -47.39
CA THR K 217 65.97 -61.83 -46.60
C THR K 217 65.23 -60.81 -45.76
N ILE K 218 65.66 -60.70 -44.51
CA ILE K 218 65.25 -59.61 -43.62
C ILE K 218 66.41 -58.67 -43.50
N GLU K 219 66.17 -57.36 -43.62
CA GLU K 219 67.23 -56.35 -43.44
C GLU K 219 66.86 -55.42 -42.29
N CYS K 220 67.85 -54.99 -41.51
CA CYS K 220 67.59 -54.09 -40.39
C CYS K 220 68.56 -52.95 -40.44
N ALA K 221 68.09 -51.72 -40.21
CA ALA K 221 68.98 -50.57 -39.99
C ALA K 221 69.03 -50.27 -38.50
N CYS K 222 70.23 -50.28 -37.92
CA CYS K 222 70.33 -50.29 -36.43
C CYS K 222 71.07 -49.10 -35.88
N ARG K 223 71.41 -49.19 -34.58
CA ARG K 223 72.03 -48.09 -33.84
C ARG K 223 73.34 -48.51 -33.17
N ASP K 224 74.40 -47.76 -33.44
CA ASP K 224 75.61 -47.94 -32.68
C ASP K 224 75.69 -46.77 -31.72
N ASN K 225 75.57 -47.06 -30.43
CA ASN K 225 75.55 -46.01 -29.41
C ASN K 225 76.95 -45.60 -28.87
N SER K 226 78.02 -46.19 -29.42
CA SER K 226 79.38 -45.89 -28.97
C SER K 226 80.35 -45.43 -30.03
N TYR K 227 80.38 -46.15 -31.16
CA TYR K 227 81.56 -46.10 -32.02
C TYR K 227 81.44 -45.27 -33.28
N THR K 228 80.25 -45.20 -33.85
CA THR K 228 80.06 -44.61 -35.20
C THR K 228 78.67 -44.00 -35.38
N ALA K 229 78.56 -42.98 -36.22
CA ALA K 229 77.28 -42.44 -36.65
C ALA K 229 76.77 -43.07 -37.96
N LYS K 230 77.52 -44.00 -38.54
CA LYS K 230 76.97 -44.84 -39.63
C LYS K 230 76.07 -45.88 -38.97
N ARG K 231 74.94 -46.20 -39.61
CA ARG K 231 74.07 -47.22 -39.02
C ARG K 231 74.59 -48.63 -39.36
N PRO K 232 74.74 -49.51 -38.35
CA PRO K 232 74.98 -50.91 -38.67
C PRO K 232 73.85 -51.48 -39.48
N PHE K 233 74.10 -52.41 -40.38
CA PHE K 233 73.06 -52.87 -41.29
C PHE K 233 73.09 -54.37 -41.38
N VAL K 234 72.01 -55.01 -40.99
CA VAL K 234 71.92 -56.46 -40.87
C VAL K 234 71.23 -57.04 -42.10
N LYS K 235 71.79 -58.15 -42.61
CA LYS K 235 71.16 -59.02 -43.59
C LYS K 235 71.00 -60.43 -43.06
N LEU K 236 69.76 -60.82 -42.75
CA LEU K 236 69.41 -62.13 -42.23
C LEU K 236 68.81 -62.99 -43.34
N ASN K 237 69.40 -64.14 -43.61
CA ASN K 237 68.83 -65.06 -44.57
C ASN K 237 67.88 -66.01 -43.81
N VAL K 238 66.59 -65.91 -44.07
CA VAL K 238 65.62 -66.70 -43.32
C VAL K 238 65.45 -68.18 -43.79
N GLU K 239 66.12 -68.57 -44.88
CA GLU K 239 66.09 -69.97 -45.34
C GLU K 239 67.19 -70.77 -44.70
N THR K 240 68.40 -70.19 -44.62
CA THR K 240 69.51 -70.81 -43.89
C THR K 240 69.63 -70.37 -42.41
N ASP K 241 68.85 -69.38 -42.00
CA ASP K 241 68.96 -68.78 -40.66
C ASP K 241 70.39 -68.31 -40.30
N THR K 242 70.99 -67.52 -41.18
CA THR K 242 72.30 -66.92 -40.94
C THR K 242 72.16 -65.40 -41.03
N ALA K 243 73.01 -64.68 -40.30
CA ALA K 243 72.94 -63.22 -40.28
C ALA K 243 74.30 -62.57 -40.34
N GLU K 244 74.40 -61.48 -41.07
CA GLU K 244 75.67 -60.77 -41.29
C GLU K 244 75.45 -59.26 -41.04
N ILE K 245 76.46 -58.58 -40.50
CA ILE K 245 76.34 -57.14 -40.19
C ILE K 245 77.58 -56.40 -40.73
N ARG K 246 77.34 -55.31 -41.47
CA ARG K 246 78.40 -54.33 -41.83
C ARG K 246 77.82 -52.94 -41.70
N LEU K 247 78.67 -51.92 -41.56
CA LEU K 247 78.21 -50.53 -41.52
C LEU K 247 77.63 -50.09 -42.88
N MET K 248 76.60 -49.25 -42.85
CA MET K 248 76.13 -48.56 -44.06
C MET K 248 77.18 -47.60 -44.62
N CYS K 249 77.45 -47.75 -45.91
CA CYS K 249 78.51 -47.00 -46.56
C CYS K 249 78.14 -45.60 -47.00
N THR K 250 76.84 -45.29 -47.03
CA THR K 250 76.38 -44.00 -47.57
C THR K 250 76.99 -42.77 -46.86
N GLU K 251 77.26 -41.70 -47.61
CA GLU K 251 77.77 -40.45 -47.00
C GLU K 251 76.67 -39.71 -46.22
N THR K 252 75.42 -40.13 -46.42
CA THR K 252 74.26 -39.61 -45.70
C THR K 252 74.08 -40.35 -44.37
N TYR K 253 74.91 -40.03 -43.39
CA TYR K 253 74.91 -40.73 -42.10
C TYR K 253 73.60 -40.55 -41.35
N LEU K 254 72.98 -41.66 -40.96
CA LEU K 254 71.58 -41.66 -40.47
C LEU K 254 71.39 -41.50 -38.99
N ASP K 255 72.47 -41.57 -38.22
CA ASP K 255 72.41 -41.47 -36.76
C ASP K 255 72.37 -40.01 -36.28
N THR K 256 72.05 -39.84 -34.99
CA THR K 256 72.18 -38.54 -34.29
C THR K 256 72.73 -38.83 -32.91
N PRO K 257 73.85 -38.17 -32.52
CA PRO K 257 74.68 -37.18 -33.25
C PRO K 257 75.34 -37.75 -34.49
N ARG K 258 75.85 -36.88 -35.35
CA ARG K 258 76.59 -37.28 -36.52
C ARG K 258 77.43 -36.11 -36.97
N PRO K 259 78.54 -36.35 -37.72
CA PRO K 259 79.32 -35.26 -38.36
C PRO K 259 78.73 -34.89 -39.71
N ASP K 260 79.34 -33.95 -40.43
CA ASP K 260 78.83 -33.54 -41.73
C ASP K 260 78.79 -34.73 -42.70
N ASP K 261 77.88 -34.68 -43.66
CA ASP K 261 77.74 -35.79 -44.60
C ASP K 261 79.02 -35.93 -45.41
N GLY K 262 79.50 -37.17 -45.54
CA GLY K 262 80.67 -37.47 -46.37
C GLY K 262 82.03 -37.24 -45.74
N SER K 263 82.08 -36.71 -44.53
CA SER K 263 83.34 -36.28 -43.91
C SER K 263 84.07 -37.37 -43.12
N ILE K 264 83.53 -38.59 -43.12
CA ILE K 264 84.26 -39.72 -42.56
C ILE K 264 85.12 -40.33 -43.67
N THR K 265 86.43 -40.24 -43.49
CA THR K 265 87.38 -40.61 -44.54
C THR K 265 87.70 -42.09 -44.44
N GLY K 266 88.33 -42.67 -45.45
CA GLY K 266 88.58 -44.11 -45.42
C GLY K 266 87.53 -44.82 -46.24
N PRO K 267 87.59 -46.16 -46.28
CA PRO K 267 86.58 -46.92 -47.05
C PRO K 267 85.31 -47.18 -46.22
N CYS K 268 84.45 -48.04 -46.75
CA CYS K 268 83.14 -48.26 -46.18
C CYS K 268 83.19 -48.61 -44.69
N GLU K 269 84.24 -49.27 -44.25
CA GLU K 269 84.31 -49.75 -42.87
C GLU K 269 84.73 -48.78 -41.77
N SER K 270 85.17 -47.57 -42.12
CA SER K 270 85.62 -46.61 -41.10
C SER K 270 84.52 -46.10 -40.15
N ASN K 271 84.88 -45.89 -38.89
CA ASN K 271 83.91 -45.48 -37.87
C ASN K 271 83.24 -44.07 -38.03
N GLY K 272 83.92 -42.92 -38.08
CA GLY K 272 85.20 -42.60 -37.51
C GLY K 272 84.88 -41.66 -36.34
N ASP K 273 84.30 -40.50 -36.63
CA ASP K 273 84.05 -39.44 -35.59
C ASP K 273 82.59 -39.22 -35.12
N LYS K 274 82.43 -38.57 -33.95
CA LYS K 274 81.14 -38.23 -33.32
C LYS K 274 80.18 -39.43 -33.15
N GLY K 275 80.76 -40.60 -32.90
CA GLY K 275 80.05 -41.86 -32.88
C GLY K 275 79.34 -42.20 -31.60
N SER K 276 79.69 -41.55 -30.50
CA SER K 276 79.09 -41.91 -29.19
C SER K 276 77.75 -41.20 -29.02
N GLY K 277 76.76 -41.92 -28.46
CA GLY K 277 75.33 -41.51 -28.47
C GLY K 277 74.64 -42.05 -29.74
N GLY K 278 73.34 -41.81 -29.87
CA GLY K 278 72.60 -42.31 -31.02
C GLY K 278 71.10 -42.23 -30.88
N ILE K 279 70.38 -42.79 -31.85
CA ILE K 279 68.94 -42.74 -31.95
C ILE K 279 68.43 -43.97 -32.76
N LYS K 280 67.23 -44.44 -32.45
CA LYS K 280 66.60 -45.48 -33.28
C LYS K 280 66.10 -44.82 -34.55
N GLY K 281 66.30 -45.51 -35.69
CA GLY K 281 66.01 -44.94 -37.01
C GLY K 281 64.96 -45.64 -37.86
N GLY K 282 64.17 -44.88 -38.59
CA GLY K 282 63.12 -45.42 -39.45
C GLY K 282 63.71 -46.06 -40.68
N PHE K 283 63.02 -47.08 -41.18
CA PHE K 283 63.53 -47.90 -42.29
C PHE K 283 62.44 -48.87 -42.73
N VAL K 284 62.08 -48.80 -44.00
CA VAL K 284 61.07 -49.69 -44.54
C VAL K 284 61.31 -50.02 -46.04
N HIS K 285 60.85 -51.19 -46.48
CA HIS K 285 61.09 -51.68 -47.87
C HIS K 285 59.92 -51.42 -48.82
N GLN K 286 60.25 -51.06 -50.05
CA GLN K 286 59.28 -50.94 -51.10
C GLN K 286 59.67 -52.02 -52.11
N ARG K 287 58.96 -53.15 -52.09
CA ARG K 287 59.28 -54.30 -52.97
C ARG K 287 58.51 -54.25 -54.29
N MET K 288 59.28 -54.11 -55.37
CA MET K 288 58.74 -54.10 -56.72
C MET K 288 59.22 -55.34 -57.46
N ALA K 289 58.64 -55.59 -58.64
CA ALA K 289 58.90 -56.82 -59.43
C ALA K 289 60.40 -57.03 -59.67
N SER K 290 61.05 -56.02 -60.24
CA SER K 290 62.49 -56.13 -60.58
C SER K 290 63.36 -55.02 -59.97
N LYS K 291 62.96 -54.53 -58.80
CA LYS K 291 63.53 -53.33 -58.22
C LYS K 291 63.21 -53.33 -56.73
N ILE K 292 64.10 -52.77 -55.91
CA ILE K 292 63.81 -52.61 -54.48
C ILE K 292 64.16 -51.21 -53.99
N GLY K 293 63.22 -50.59 -53.29
CA GLY K 293 63.46 -49.27 -52.74
C GLY K 293 63.68 -49.37 -51.26
N ARG K 294 64.71 -48.67 -50.77
CA ARG K 294 64.94 -48.56 -49.33
C ARG K 294 64.66 -47.14 -48.84
N TRP K 295 63.69 -47.00 -47.94
CA TRP K 295 63.32 -45.69 -47.40
C TRP K 295 63.85 -45.55 -45.97
N TYR K 296 64.44 -44.40 -45.66
CA TYR K 296 65.05 -44.18 -44.32
C TYR K 296 64.70 -42.80 -43.77
N SER K 297 64.80 -42.61 -42.47
CA SER K 297 64.55 -41.26 -41.91
C SER K 297 65.65 -40.85 -40.96
N ARG K 298 65.88 -39.55 -40.83
CA ARG K 298 66.86 -39.08 -39.87
C ARG K 298 66.52 -37.69 -39.43
N THR K 299 66.99 -37.31 -38.25
CA THR K 299 66.71 -35.97 -37.72
C THR K 299 67.17 -34.91 -38.67
N MET K 300 66.61 -33.73 -38.54
CA MET K 300 66.99 -32.63 -39.40
C MET K 300 68.26 -32.02 -38.87
N SER K 301 68.34 -31.97 -37.55
CA SER K 301 69.51 -31.48 -36.84
C SER K 301 70.55 -32.58 -36.72
N LYS K 302 71.82 -32.19 -36.84
CA LYS K 302 72.93 -33.13 -36.72
C LYS K 302 73.26 -33.54 -35.27
N THR K 303 72.84 -32.72 -34.32
CA THR K 303 73.24 -32.84 -32.93
C THR K 303 72.06 -33.14 -32.03
N LYS K 304 70.90 -32.68 -32.47
CA LYS K 304 69.72 -32.67 -31.60
C LYS K 304 68.54 -33.45 -32.15
N ARG K 305 67.64 -33.81 -31.24
CA ARG K 305 66.48 -34.61 -31.62
C ARG K 305 65.34 -33.70 -32.11
N MET K 306 65.62 -33.03 -33.24
CA MET K 306 64.73 -32.06 -33.81
C MET K 306 64.57 -32.34 -35.30
N GLY K 307 63.31 -32.35 -35.75
CA GLY K 307 62.98 -32.58 -37.14
C GLY K 307 63.06 -34.04 -37.58
N MET K 308 62.54 -34.32 -38.76
CA MET K 308 62.75 -35.62 -39.39
C MET K 308 62.60 -35.55 -40.91
N GLY K 309 63.66 -35.91 -41.62
CA GLY K 309 63.62 -35.91 -43.07
C GLY K 309 63.47 -37.33 -43.56
N LEU K 310 62.84 -37.50 -44.72
CA LEU K 310 62.73 -38.81 -45.36
C LEU K 310 63.72 -38.90 -46.54
N TYR K 311 64.43 -40.05 -46.64
CA TYR K 311 65.39 -40.32 -47.68
C TYR K 311 65.12 -41.67 -48.36
N VAL K 312 65.66 -41.86 -49.57
CA VAL K 312 65.37 -43.04 -50.39
C VAL K 312 66.51 -43.39 -51.31
N LYS K 313 66.71 -44.70 -51.50
CA LYS K 313 67.60 -45.24 -52.53
C LYS K 313 67.04 -46.52 -53.14
N TYR K 314 67.15 -46.64 -54.45
CA TYR K 314 66.69 -47.82 -55.16
C TYR K 314 67.84 -48.75 -55.50
N ASP K 315 67.71 -50.04 -55.18
CA ASP K 315 68.73 -51.08 -55.49
C ASP K 315 70.14 -50.83 -54.91
N GLY K 316 71.13 -51.52 -55.44
CA GLY K 316 72.48 -51.41 -54.93
C GLY K 316 72.66 -52.21 -53.65
N ASP K 317 73.80 -52.03 -53.01
CA ASP K 317 74.16 -52.74 -51.79
C ASP K 317 74.55 -51.65 -50.78
N PRO K 318 73.76 -51.48 -49.73
CA PRO K 318 73.98 -50.45 -48.73
C PRO K 318 75.26 -50.63 -47.94
N TRP K 319 75.85 -51.84 -47.99
CA TRP K 319 77.17 -52.11 -47.40
C TRP K 319 78.35 -51.45 -48.16
N THR K 320 78.20 -51.27 -49.49
CA THR K 320 79.34 -50.86 -50.34
C THR K 320 79.05 -49.59 -51.12
N ASP K 321 77.78 -49.17 -51.16
CA ASP K 321 77.41 -47.92 -51.83
C ASP K 321 77.68 -46.67 -51.01
N SER K 322 78.63 -45.88 -51.47
CA SER K 322 78.94 -44.62 -50.81
C SER K 322 78.07 -43.46 -51.32
N ASP K 323 77.36 -43.66 -52.44
CA ASP K 323 76.47 -42.64 -53.01
C ASP K 323 75.53 -42.04 -51.93
N ALA K 324 75.24 -40.74 -52.05
CA ALA K 324 74.32 -40.04 -51.14
C ALA K 324 72.89 -40.53 -51.34
N LEU K 325 72.17 -40.73 -50.25
CA LEU K 325 70.73 -40.99 -50.31
C LEU K 325 70.00 -39.73 -50.81
N ALA K 326 68.99 -39.93 -51.65
CA ALA K 326 68.17 -38.83 -52.14
C ALA K 326 67.22 -38.36 -51.04
N LEU K 327 67.27 -37.06 -50.73
CA LEU K 327 66.34 -36.43 -49.82
C LEU K 327 64.93 -36.32 -50.45
N SER K 328 63.95 -36.97 -49.84
CA SER K 328 62.60 -37.06 -50.40
C SER K 328 61.64 -35.99 -49.86
N GLY K 329 61.67 -35.71 -48.54
CA GLY K 329 60.99 -34.57 -47.96
C GLY K 329 61.17 -34.33 -46.46
N VAL K 330 60.70 -33.15 -46.01
CA VAL K 330 60.72 -32.84 -44.58
C VAL K 330 59.38 -33.26 -43.94
N MET K 331 59.42 -34.26 -43.05
CA MET K 331 58.25 -34.75 -42.35
C MET K 331 58.02 -33.96 -41.09
N VAL K 332 59.06 -33.48 -40.46
CA VAL K 332 58.94 -32.73 -39.20
C VAL K 332 59.97 -31.60 -39.31
N SER K 333 59.51 -30.37 -39.22
CA SER K 333 60.43 -29.24 -39.30
C SER K 333 61.36 -29.16 -38.10
N MET K 334 62.49 -28.51 -38.31
CA MET K 334 63.53 -28.29 -37.32
C MET K 334 63.00 -27.73 -36.00
N GLU K 335 61.81 -27.14 -36.05
CA GLU K 335 61.25 -26.51 -34.87
C GLU K 335 60.36 -27.48 -34.07
N GLU K 336 60.16 -28.69 -34.58
CA GLU K 336 59.40 -29.73 -33.87
C GLU K 336 60.32 -30.88 -33.44
N PRO K 337 59.91 -31.63 -32.40
CA PRO K 337 60.79 -32.70 -31.91
C PRO K 337 60.73 -33.98 -32.77
N GLY K 338 61.89 -34.56 -33.03
CA GLY K 338 62.03 -35.78 -33.82
C GLY K 338 62.89 -36.76 -33.02
N TRP K 339 62.25 -37.70 -32.36
CA TRP K 339 62.96 -38.70 -31.61
C TRP K 339 62.98 -40.01 -32.42
N TYR K 340 62.67 -41.14 -31.77
CA TYR K 340 62.76 -42.44 -32.45
C TYR K 340 61.90 -42.44 -33.72
N SER K 341 62.31 -43.24 -34.69
CA SER K 341 61.48 -43.46 -35.88
C SER K 341 61.52 -44.96 -36.25
N PHE K 342 60.47 -45.44 -36.93
CA PHE K 342 60.37 -46.86 -37.20
C PHE K 342 59.62 -47.12 -38.47
N GLY K 343 59.69 -48.36 -38.96
CA GLY K 343 58.95 -48.76 -40.17
C GLY K 343 57.92 -49.83 -39.88
N PHE K 344 56.91 -49.90 -40.74
CA PHE K 344 55.91 -50.94 -40.67
C PHE K 344 55.16 -50.97 -41.97
N GLU K 345 54.29 -51.97 -42.12
CA GLU K 345 53.60 -52.19 -43.36
C GLU K 345 52.16 -52.47 -43.09
N ILE K 346 51.28 -51.81 -43.85
CA ILE K 346 49.84 -52.02 -43.76
C ILE K 346 49.38 -53.00 -44.84
N LYS K 347 48.48 -53.90 -44.50
CA LYS K 347 48.06 -54.95 -45.44
C LYS K 347 46.81 -54.54 -46.21
N ASP K 348 46.97 -54.11 -47.46
CA ASP K 348 45.83 -53.89 -48.35
C ASP K 348 45.38 -55.26 -48.88
N LYS K 349 44.29 -55.28 -49.65
CA LYS K 349 43.69 -56.53 -50.10
C LYS K 349 44.66 -57.49 -50.81
N LYS K 350 45.50 -56.93 -51.70
CA LYS K 350 46.42 -57.77 -52.49
C LYS K 350 47.89 -57.34 -52.43
N CYS K 351 48.18 -56.26 -51.70
CA CYS K 351 49.56 -55.75 -51.63
C CYS K 351 49.84 -55.05 -50.31
N ASP K 352 51.11 -54.78 -50.05
CA ASP K 352 51.56 -54.24 -48.76
C ASP K 352 51.98 -52.79 -48.86
N VAL K 353 51.60 -51.98 -47.88
CA VAL K 353 51.90 -50.54 -47.93
C VAL K 353 53.01 -50.14 -46.93
N PRO K 354 54.20 -49.77 -47.44
CA PRO K 354 55.28 -49.29 -46.56
C PRO K 354 55.01 -47.92 -45.92
N CYS K 355 55.38 -47.79 -44.64
CA CYS K 355 55.12 -46.59 -43.85
C CYS K 355 56.24 -46.36 -42.85
N ILE K 356 56.43 -45.09 -42.50
CA ILE K 356 57.38 -44.71 -41.45
C ILE K 356 56.60 -43.97 -40.38
N GLY K 357 56.79 -44.36 -39.12
CA GLY K 357 56.21 -43.65 -37.99
C GLY K 357 57.27 -42.81 -37.29
N ILE K 358 56.86 -41.76 -36.57
CA ILE K 358 57.81 -40.89 -35.85
C ILE K 358 57.31 -40.54 -34.47
N GLU K 359 58.11 -40.91 -33.47
CA GLU K 359 57.90 -40.51 -32.09
C GLU K 359 58.28 -39.04 -31.98
N MET K 360 57.39 -38.24 -31.40
CA MET K 360 57.57 -36.81 -31.31
C MET K 360 57.40 -36.42 -29.85
N VAL K 361 58.50 -36.43 -29.14
CA VAL K 361 58.49 -36.34 -27.70
C VAL K 361 58.24 -34.92 -27.16
N HIS K 362 57.35 -34.81 -26.18
CA HIS K 362 57.15 -33.59 -25.43
C HIS K 362 58.15 -33.60 -24.29
N ASP K 363 59.27 -32.90 -24.52
CA ASP K 363 60.33 -32.83 -23.54
C ASP K 363 60.44 -31.48 -22.87
N GLY K 364 60.19 -31.45 -21.56
CA GLY K 364 60.40 -30.26 -20.77
C GLY K 364 61.29 -30.50 -19.56
N GLY K 365 62.13 -31.52 -19.61
CA GLY K 365 63.01 -31.81 -18.48
C GLY K 365 62.43 -32.71 -17.41
N LYS K 366 63.23 -33.00 -16.38
CA LYS K 366 62.78 -33.97 -15.36
C LYS K 366 61.73 -33.42 -14.38
N GLU K 367 61.47 -32.12 -14.43
CA GLU K 367 60.59 -31.48 -13.43
C GLU K 367 59.10 -31.51 -13.81
N THR K 368 58.78 -32.04 -14.97
CA THR K 368 57.40 -32.12 -15.43
C THR K 368 57.19 -33.44 -16.21
N TRP K 369 56.03 -33.63 -16.84
CA TRP K 369 55.76 -34.89 -17.53
C TRP K 369 56.63 -35.13 -18.79
N HIS K 370 56.73 -36.38 -19.21
CA HIS K 370 57.52 -36.74 -20.38
C HIS K 370 56.75 -37.82 -21.16
N SER K 371 56.27 -37.44 -22.34
CA SER K 371 55.58 -38.39 -23.22
C SER K 371 55.80 -38.04 -24.70
N ALA K 372 55.00 -38.62 -25.58
CA ALA K 372 55.21 -38.43 -27.01
C ALA K 372 53.94 -38.52 -27.85
N ALA K 373 53.90 -37.74 -28.94
CA ALA K 373 52.94 -37.96 -30.01
C ALA K 373 53.51 -38.95 -31.03
N THR K 374 52.68 -39.44 -31.97
CA THR K 374 53.15 -40.36 -33.03
C THR K 374 52.65 -39.91 -34.39
N ALA K 375 53.56 -39.56 -35.30
CA ALA K 375 53.18 -39.14 -36.67
C ALA K 375 53.42 -40.27 -37.68
N ILE K 376 52.52 -40.44 -38.65
CA ILE K 376 52.63 -41.54 -39.61
C ILE K 376 52.71 -41.06 -41.08
N TYR K 377 53.74 -41.51 -41.80
CA TYR K 377 53.88 -41.28 -43.22
C TYR K 377 53.84 -42.60 -44.00
N CYS K 378 53.07 -42.66 -45.09
CA CYS K 378 52.99 -43.89 -45.90
C CYS K 378 53.17 -43.57 -47.39
N LEU K 379 53.58 -44.60 -48.15
CA LEU K 379 53.71 -44.53 -49.57
C LEU K 379 52.32 -44.46 -50.09
N MET K 380 52.02 -43.40 -50.86
CA MET K 380 50.73 -43.24 -51.53
C MET K 380 50.80 -42.30 -52.74
N GLY K 381 50.41 -42.84 -53.88
CA GLY K 381 50.35 -42.09 -55.16
C GLY K 381 51.72 -41.70 -55.69
N SER K 382 51.75 -40.74 -56.60
CA SER K 382 52.98 -40.24 -57.19
C SER K 382 53.28 -38.73 -56.84
N GLY K 383 54.43 -38.20 -57.28
CA GLY K 383 54.85 -36.79 -57.02
C GLY K 383 55.89 -36.61 -55.93
N GLN K 384 55.81 -35.52 -55.17
CA GLN K 384 56.72 -35.32 -54.02
C GLN K 384 55.97 -35.20 -52.71
N LEU K 385 56.63 -35.52 -51.61
CA LEU K 385 56.09 -35.33 -50.27
C LEU K 385 55.70 -33.86 -50.03
N LEU K 386 54.48 -33.65 -49.56
CA LEU K 386 53.88 -32.30 -49.51
C LEU K 386 53.79 -31.58 -48.14
N TRP K 387 53.52 -32.27 -47.01
CA TRP K 387 53.30 -31.50 -45.78
C TRP K 387 53.95 -32.08 -44.54
N ASP K 388 54.36 -31.18 -43.63
CA ASP K 388 54.95 -31.60 -42.38
C ASP K 388 53.93 -31.84 -41.24
N THR K 389 54.44 -32.29 -40.09
CA THR K 389 53.60 -32.56 -38.91
C THR K 389 54.03 -31.76 -37.67
N VAL K 390 53.09 -31.08 -37.02
CA VAL K 390 53.32 -30.52 -35.69
C VAL K 390 52.50 -31.29 -34.62
N THR K 391 52.84 -31.21 -33.34
CA THR K 391 52.06 -31.98 -32.36
C THR K 391 50.88 -31.17 -31.88
N GLY K 392 51.06 -29.86 -31.86
CA GLY K 392 50.01 -28.94 -31.48
C GLY K 392 50.00 -28.70 -29.98
N VAL K 393 50.87 -29.40 -29.27
CA VAL K 393 50.82 -29.42 -27.79
C VAL K 393 51.68 -28.32 -27.13
N ASP K 394 51.05 -27.58 -26.23
CA ASP K 394 51.74 -26.65 -25.35
C ASP K 394 51.88 -27.30 -23.97
N MET K 395 53.11 -27.53 -23.54
CA MET K 395 53.37 -28.31 -22.30
C MET K 395 53.04 -27.61 -20.99
N ALA K 396 52.77 -26.31 -21.04
CA ALA K 396 52.32 -25.55 -19.88
C ALA K 396 50.84 -25.82 -19.47
N LEU K 397 50.03 -26.35 -20.39
CA LEU K 397 48.59 -26.51 -20.16
C LEU K 397 48.20 -27.76 -19.36
N PRO L 9 31.45 -75.16 -30.27
CA PRO L 9 32.40 -75.40 -29.16
C PRO L 9 32.03 -76.66 -28.33
N GLU L 10 32.91 -77.05 -27.40
CA GLU L 10 32.85 -78.31 -26.64
C GLU L 10 33.30 -78.16 -25.17
N TRP L 11 32.98 -79.13 -24.33
CA TRP L 11 33.41 -79.11 -22.91
C TRP L 11 34.91 -79.12 -22.77
N THR L 12 35.43 -78.37 -21.83
CA THR L 12 36.87 -78.36 -21.63
C THR L 12 37.26 -79.25 -20.47
N TYR L 13 38.54 -79.61 -20.46
CA TYR L 13 39.14 -80.53 -19.49
C TYR L 13 40.56 -79.96 -19.18
N PRO L 14 41.07 -80.23 -17.96
CA PRO L 14 42.48 -79.82 -17.71
C PRO L 14 43.43 -80.62 -18.59
N ARG L 15 44.46 -79.97 -19.15
CA ARG L 15 45.47 -80.68 -19.93
C ARG L 15 46.84 -80.60 -19.23
N LEU L 16 47.86 -81.18 -19.87
CA LEU L 16 49.21 -80.99 -19.43
C LEU L 16 49.59 -79.51 -19.44
N SER L 17 50.29 -79.08 -18.39
CA SER L 17 50.82 -77.73 -18.32
C SER L 17 51.85 -77.49 -19.41
N CYS L 18 52.01 -76.22 -19.81
CA CYS L 18 53.01 -75.85 -20.82
C CYS L 18 54.39 -76.09 -20.17
N PRO L 19 55.46 -76.24 -20.99
CA PRO L 19 56.82 -76.38 -20.48
C PRO L 19 57.28 -75.18 -19.64
N GLY L 20 58.03 -75.45 -18.57
CA GLY L 20 58.64 -74.41 -17.73
C GLY L 20 59.08 -74.99 -16.41
N SER L 21 60.00 -74.27 -15.74
CA SER L 21 60.38 -74.70 -14.38
C SER L 21 60.47 -73.55 -13.39
N THR L 22 60.01 -72.36 -13.80
CA THR L 22 59.99 -71.20 -12.90
C THR L 22 58.87 -70.24 -13.25
N PHE L 23 58.37 -69.56 -12.23
CA PHE L 23 57.44 -68.45 -12.44
C PHE L 23 58.20 -67.15 -12.70
N GLN L 24 57.56 -66.22 -13.41
CA GLN L 24 58.10 -64.87 -13.59
C GLN L 24 56.98 -63.84 -13.44
N LYS L 25 57.36 -62.57 -13.29
CA LYS L 25 56.43 -61.45 -13.17
C LYS L 25 55.83 -61.25 -14.54
N ALA L 26 54.50 -61.29 -14.63
CA ALA L 26 53.80 -61.10 -15.90
C ALA L 26 53.15 -59.72 -16.11
N LEU L 27 52.36 -59.27 -15.15
CA LEU L 27 51.44 -58.16 -15.41
C LEU L 27 50.91 -57.58 -14.11
N LEU L 28 50.80 -56.25 -14.08
CA LEU L 28 50.24 -55.53 -12.98
C LEU L 28 49.00 -54.79 -13.40
N ILE L 29 47.91 -55.01 -12.63
CA ILE L 29 46.68 -54.20 -12.78
C ILE L 29 46.52 -53.23 -11.57
N SER L 30 47.00 -51.99 -11.75
CA SER L 30 46.96 -51.02 -10.66
C SER L 30 46.07 -49.87 -11.06
N PRO L 31 44.75 -50.03 -10.90
CA PRO L 31 43.82 -49.03 -11.35
C PRO L 31 43.93 -47.71 -10.60
N HIS L 32 44.51 -47.75 -9.39
CA HIS L 32 44.53 -46.56 -8.55
C HIS L 32 45.72 -45.66 -8.80
N ARG L 33 46.62 -46.11 -9.67
CA ARG L 33 47.56 -45.21 -10.32
C ARG L 33 46.88 -44.06 -11.13
N PHE L 34 45.56 -44.17 -11.33
CA PHE L 34 44.78 -43.19 -12.10
C PHE L 34 43.66 -42.54 -11.27
N GLY L 35 43.68 -42.76 -9.93
CA GLY L 35 42.65 -42.19 -9.10
C GLY L 35 42.95 -40.87 -8.38
N GLU L 36 43.92 -40.10 -8.86
CA GLU L 36 44.25 -38.83 -8.21
C GLU L 36 43.09 -37.79 -8.28
N THR L 37 43.03 -36.90 -7.30
CA THR L 37 42.22 -35.68 -7.41
C THR L 37 42.51 -34.94 -8.71
N LYS L 38 43.80 -34.74 -9.03
CA LYS L 38 44.27 -33.98 -10.18
C LYS L 38 44.06 -34.69 -11.55
N GLY L 39 43.68 -35.98 -11.54
CA GLY L 39 43.45 -36.77 -12.76
C GLY L 39 42.00 -36.73 -13.24
N ASN L 40 41.67 -37.52 -14.24
CA ASN L 40 40.34 -37.55 -14.81
C ASN L 40 39.81 -38.96 -15.01
N SER L 41 40.14 -39.88 -14.10
CA SER L 41 39.66 -41.25 -14.24
C SER L 41 38.77 -41.72 -13.10
N ALA L 42 38.22 -42.93 -13.27
CA ALA L 42 37.25 -43.51 -12.35
C ALA L 42 37.48 -45.00 -12.07
N PRO L 43 38.64 -45.35 -11.46
CA PRO L 43 38.87 -46.77 -11.07
C PRO L 43 37.91 -47.18 -9.96
N LEU L 44 37.35 -48.37 -10.06
CA LEU L 44 36.36 -48.80 -9.09
C LEU L 44 37.01 -49.25 -7.80
N ILE L 45 36.38 -48.93 -6.69
CA ILE L 45 36.80 -49.38 -5.37
C ILE L 45 36.40 -50.85 -5.15
N ILE L 46 37.40 -51.71 -4.91
CA ILE L 46 37.18 -53.17 -4.85
C ILE L 46 38.05 -53.82 -3.79
N ARG L 47 37.78 -55.10 -3.56
CA ARG L 47 38.63 -56.04 -2.83
C ARG L 47 38.27 -57.46 -3.32
N GLU L 48 39.00 -58.48 -2.87
CA GLU L 48 38.75 -59.88 -3.29
C GLU L 48 38.80 -60.07 -4.80
N PRO L 49 39.91 -59.69 -5.45
CA PRO L 49 39.97 -59.92 -6.88
C PRO L 49 40.32 -61.36 -7.19
N PHE L 50 40.12 -61.74 -8.44
CA PHE L 50 40.53 -63.06 -8.91
C PHE L 50 40.42 -63.17 -10.40
N ILE L 51 41.05 -64.17 -10.98
CA ILE L 51 41.07 -64.30 -12.43
C ILE L 51 40.60 -65.71 -12.85
N ALA L 52 39.87 -65.77 -13.97
CA ALA L 52 39.37 -67.05 -14.52
C ALA L 52 39.32 -66.96 -16.02
N CYS L 53 39.69 -68.06 -16.68
CA CYS L 53 39.93 -68.00 -18.15
C CYS L 53 39.15 -69.07 -18.87
N GLY L 54 38.63 -68.72 -20.04
CA GLY L 54 38.06 -69.70 -20.94
C GLY L 54 39.02 -69.91 -22.08
N PRO L 55 38.57 -70.55 -23.17
CA PRO L 55 39.45 -70.94 -24.30
C PRO L 55 39.97 -69.77 -25.09
N LYS L 56 39.33 -68.60 -24.96
CA LYS L 56 39.78 -67.42 -25.74
C LYS L 56 40.08 -66.16 -24.90
N GLU L 57 39.52 -66.09 -23.70
CA GLU L 57 39.52 -64.86 -22.90
C GLU L 57 39.87 -65.14 -21.41
N CYS L 58 40.66 -64.28 -20.79
CA CYS L 58 40.79 -64.26 -19.32
C CYS L 58 40.07 -63.04 -18.76
N LYS L 59 39.21 -63.26 -17.76
CA LYS L 59 38.47 -62.18 -17.14
C LYS L 59 39.02 -61.95 -15.74
N HIS L 60 39.01 -60.69 -15.33
CA HIS L 60 39.56 -60.23 -14.06
C HIS L 60 38.39 -59.81 -13.20
N PHE L 61 38.07 -60.62 -12.20
CA PHE L 61 36.90 -60.37 -11.37
C PHE L 61 37.25 -59.63 -10.09
N ALA L 62 36.26 -58.96 -9.51
CA ALA L 62 36.39 -58.38 -8.16
C ALA L 62 35.05 -58.05 -7.52
N LEU L 63 35.04 -57.92 -6.20
CA LEU L 63 33.87 -57.43 -5.50
C LEU L 63 34.02 -55.93 -5.22
N THR L 64 33.23 -55.12 -5.91
CA THR L 64 33.20 -53.67 -5.74
C THR L 64 32.28 -53.22 -4.59
N HIS L 65 32.56 -52.07 -3.98
CA HIS L 65 31.60 -51.38 -3.10
C HIS L 65 30.75 -50.34 -3.91
N TYR L 66 30.70 -50.48 -5.24
CA TYR L 66 29.84 -49.64 -6.08
C TYR L 66 30.15 -48.17 -5.86
N ALA L 67 31.45 -47.85 -5.87
CA ALA L 67 31.96 -46.51 -5.61
C ALA L 67 33.27 -46.41 -6.34
N ALA L 68 33.77 -45.20 -6.53
CA ALA L 68 34.96 -44.96 -7.38
C ALA L 68 35.90 -43.99 -6.70
N GLN L 69 37.16 -43.98 -7.13
CA GLN L 69 38.14 -42.99 -6.66
C GLN L 69 38.56 -42.09 -7.82
N PRO L 70 38.45 -40.74 -7.66
CA PRO L 70 37.93 -40.03 -6.49
C PRO L 70 36.42 -40.03 -6.44
N GLY L 71 35.88 -39.87 -5.24
CA GLY L 71 34.45 -39.81 -5.02
C GLY L 71 34.12 -39.43 -3.59
N GLY L 72 32.85 -39.53 -3.22
CA GLY L 72 32.41 -39.22 -1.87
C GLY L 72 31.73 -40.36 -1.15
N TYR L 73 32.02 -41.62 -1.55
CA TYR L 73 31.42 -42.79 -0.91
C TYR L 73 32.41 -43.72 -0.23
N TYR L 74 33.47 -43.12 0.28
CA TYR L 74 34.58 -43.84 0.90
C TYR L 74 34.15 -44.52 2.19
N ASN L 75 33.34 -43.83 3.00
CA ASN L 75 32.76 -44.43 4.22
C ASN L 75 32.09 -45.79 3.96
N GLY L 76 32.62 -46.84 4.58
CA GLY L 76 32.12 -48.21 4.44
C GLY L 76 32.90 -49.12 3.49
N THR L 77 33.99 -48.61 2.88
CA THR L 77 34.69 -49.43 1.93
C THR L 77 35.66 -50.42 2.55
N ARG L 78 36.00 -50.22 3.84
CA ARG L 78 36.72 -51.25 4.65
C ARG L 78 35.82 -52.42 5.14
N GLY L 79 34.50 -52.23 5.13
CA GLY L 79 33.54 -53.26 5.54
C GLY L 79 33.49 -54.45 4.59
N ASP L 80 33.01 -55.58 5.09
CA ASP L 80 33.03 -56.82 4.30
C ASP L 80 31.77 -57.10 3.46
N ARG L 81 30.61 -56.80 4.05
CA ARG L 81 29.31 -57.04 3.43
C ARG L 81 28.40 -55.79 3.56
N ASN L 82 27.63 -55.53 2.50
CA ASN L 82 26.55 -54.52 2.51
C ASN L 82 25.69 -54.78 1.28
N LYS L 83 24.66 -53.95 1.12
CA LYS L 83 23.62 -54.11 0.11
C LYS L 83 24.00 -53.53 -1.25
N LEU L 84 25.17 -52.90 -1.37
CA LEU L 84 25.63 -52.30 -2.65
C LEU L 84 26.71 -53.11 -3.41
N ARG L 85 27.43 -53.92 -2.66
CA ARG L 85 28.50 -54.78 -3.15
C ARG L 85 28.08 -55.62 -4.39
N HIS L 86 28.93 -55.70 -5.39
CA HIS L 86 28.57 -56.38 -6.63
C HIS L 86 29.78 -57.08 -7.15
N LEU L 87 29.56 -58.23 -7.81
CA LEU L 87 30.55 -58.91 -8.60
C LEU L 87 30.66 -58.19 -9.93
N ILE L 88 31.89 -57.78 -10.29
CA ILE L 88 32.19 -57.14 -11.58
C ILE L 88 33.34 -57.80 -12.32
N SER L 89 33.51 -57.48 -13.59
CA SER L 89 34.64 -58.00 -14.34
C SER L 89 35.06 -57.08 -15.48
N VAL L 90 36.30 -57.26 -15.91
CA VAL L 90 36.79 -56.77 -17.18
C VAL L 90 37.62 -57.87 -17.86
N LYS L 91 37.91 -57.66 -19.13
CA LYS L 91 38.85 -58.50 -19.87
C LYS L 91 40.24 -58.24 -19.26
N LEU L 92 40.98 -59.31 -18.94
CA LEU L 92 42.24 -59.15 -18.24
C LEU L 92 43.14 -58.27 -19.12
N GLY L 93 43.70 -57.20 -18.53
CA GLY L 93 44.51 -56.26 -19.25
C GLY L 93 43.86 -54.88 -19.34
N LYS L 94 42.56 -54.81 -19.04
CA LYS L 94 41.81 -53.57 -19.03
C LYS L 94 41.70 -53.07 -17.60
N ILE L 95 41.74 -51.74 -17.43
CA ILE L 95 41.61 -51.12 -16.13
C ILE L 95 40.14 -51.14 -15.75
N PRO L 96 39.80 -51.74 -14.59
CA PRO L 96 38.42 -51.76 -14.16
C PRO L 96 37.92 -50.41 -13.63
N THR L 97 37.46 -49.58 -14.55
CA THR L 97 36.87 -48.30 -14.26
C THR L 97 35.35 -48.43 -14.31
N VAL L 98 34.65 -47.34 -14.05
CA VAL L 98 33.18 -47.32 -14.14
C VAL L 98 32.68 -47.77 -15.51
N GLU L 99 33.27 -47.22 -16.57
CA GLU L 99 32.74 -47.51 -17.89
C GLU L 99 33.24 -48.83 -18.43
N ASN L 100 34.45 -49.24 -18.04
CA ASN L 100 35.07 -50.44 -18.62
C ASN L 100 34.44 -51.71 -18.07
N SER L 101 34.01 -51.65 -16.81
CA SER L 101 33.53 -52.87 -16.13
C SER L 101 32.14 -53.30 -16.58
N ILE L 102 31.77 -54.53 -16.26
CA ILE L 102 30.41 -54.96 -16.39
C ILE L 102 30.01 -55.47 -15.01
N PHE L 103 28.78 -55.16 -14.57
CA PHE L 103 28.23 -55.59 -13.28
C PHE L 103 27.39 -56.87 -13.49
N HIS L 104 27.84 -57.96 -12.89
CA HIS L 104 27.19 -59.27 -13.07
C HIS L 104 25.97 -59.50 -12.18
N MET L 105 26.16 -59.30 -10.88
CA MET L 105 25.11 -59.44 -9.87
C MET L 105 25.50 -58.84 -8.50
N ALA L 106 24.50 -58.60 -7.66
CA ALA L 106 24.79 -58.16 -6.32
C ALA L 106 25.46 -59.34 -5.58
N ALA L 107 26.48 -59.04 -4.77
CA ALA L 107 27.25 -60.07 -4.10
C ALA L 107 28.30 -59.48 -3.18
N TRP L 108 28.44 -60.09 -2.00
CA TRP L 108 29.58 -59.75 -1.15
C TRP L 108 30.53 -60.94 -0.97
N SER L 109 30.34 -61.95 -1.82
CA SER L 109 31.22 -63.11 -1.90
C SER L 109 30.97 -63.72 -3.26
N GLY L 110 32.04 -64.10 -3.96
CA GLY L 110 31.95 -64.49 -5.36
C GLY L 110 32.85 -65.62 -5.87
N SER L 111 32.55 -66.05 -7.09
CA SER L 111 33.36 -66.99 -7.88
C SER L 111 32.85 -66.98 -9.35
N ALA L 112 33.64 -67.54 -10.23
CA ALA L 112 33.26 -67.64 -11.63
C ALA L 112 34.10 -68.72 -12.31
N CYS L 113 33.62 -69.24 -13.45
CA CYS L 113 34.34 -70.26 -14.21
C CYS L 113 33.70 -70.55 -15.54
N HIS L 114 34.53 -70.88 -16.53
CA HIS L 114 34.06 -71.22 -17.86
C HIS L 114 34.05 -72.74 -18.05
N ASP L 115 33.01 -73.30 -18.64
CA ASP L 115 32.96 -74.74 -18.82
C ASP L 115 33.34 -75.21 -20.21
N GLY L 116 33.79 -74.28 -21.07
CA GLY L 116 34.08 -74.56 -22.47
C GLY L 116 33.01 -74.00 -23.43
N LYS L 117 31.77 -73.88 -22.97
CA LYS L 117 30.67 -73.29 -23.77
C LYS L 117 30.23 -71.94 -23.25
N GLU L 118 30.28 -71.76 -21.94
CA GLU L 118 29.69 -70.56 -21.33
C GLU L 118 30.25 -70.29 -19.94
N TRP L 119 30.15 -69.03 -19.54
CA TRP L 119 30.54 -68.55 -18.21
C TRP L 119 29.47 -68.84 -17.13
N THR L 120 29.90 -69.34 -15.99
CA THR L 120 29.04 -69.43 -14.82
C THR L 120 29.56 -68.36 -13.84
N TYR L 121 28.67 -67.55 -13.28
CA TYR L 121 28.98 -66.55 -12.27
C TYR L 121 28.31 -66.85 -10.96
N ILE L 122 29.04 -66.70 -9.88
CA ILE L 122 28.52 -67.05 -8.58
C ILE L 122 28.63 -65.85 -7.64
N GLY L 123 27.55 -65.55 -6.92
CA GLY L 123 27.52 -64.44 -5.97
C GLY L 123 26.57 -64.65 -4.79
N VAL L 124 27.10 -64.42 -3.60
CA VAL L 124 26.33 -64.56 -2.39
C VAL L 124 26.01 -63.18 -1.84
N ASP L 125 24.73 -62.95 -1.53
CA ASP L 125 24.34 -61.82 -0.68
C ASP L 125 23.21 -62.25 0.26
N GLY L 126 22.57 -61.28 0.88
CA GLY L 126 21.49 -61.52 1.84
C GLY L 126 21.95 -61.22 3.25
N PRO L 127 21.09 -61.44 4.24
CA PRO L 127 21.47 -61.04 5.59
C PRO L 127 22.35 -62.08 6.27
N GLU L 128 23.05 -61.64 7.33
CA GLU L 128 24.00 -62.44 8.10
C GLU L 128 23.52 -63.87 8.41
N ASN L 129 22.34 -63.94 9.02
CA ASN L 129 21.78 -65.20 9.52
C ASN L 129 21.02 -66.02 8.48
N ASN L 130 20.98 -65.53 7.23
CA ASN L 130 20.29 -66.25 6.16
C ASN L 130 20.73 -65.84 4.75
N ALA L 131 22.04 -65.72 4.54
CA ALA L 131 22.54 -65.35 3.21
C ALA L 131 22.16 -66.36 2.13
N LEU L 132 22.36 -65.98 0.88
CA LEU L 132 21.90 -66.77 -0.25
C LEU L 132 22.91 -66.75 -1.40
N LEU L 133 23.30 -67.93 -1.88
CA LEU L 133 24.20 -68.04 -3.02
C LEU L 133 23.39 -68.02 -4.28
N LYS L 134 23.85 -67.27 -5.28
CA LYS L 134 23.10 -67.11 -6.50
C LYS L 134 23.96 -67.49 -7.69
N ILE L 135 23.35 -68.15 -8.66
CA ILE L 135 24.07 -68.63 -9.83
C ILE L 135 23.45 -68.04 -11.11
N LYS L 136 24.34 -67.59 -12.00
CA LYS L 136 23.99 -66.97 -13.28
C LYS L 136 24.78 -67.66 -14.40
N TYR L 137 24.10 -68.11 -15.45
CA TYR L 137 24.74 -68.80 -16.58
C TYR L 137 24.55 -67.95 -17.82
N GLY L 138 25.66 -67.36 -18.27
CA GLY L 138 25.64 -66.38 -19.36
C GLY L 138 24.91 -65.18 -18.81
N GLU L 139 23.73 -64.92 -19.38
CA GLU L 139 22.93 -63.76 -18.98
C GLU L 139 21.83 -64.08 -17.98
N ALA L 140 21.45 -65.37 -17.92
CA ALA L 140 20.32 -65.86 -17.10
C ALA L 140 20.66 -66.21 -15.66
N TYR L 141 19.86 -65.72 -14.73
CA TYR L 141 19.84 -66.25 -13.37
C TYR L 141 19.14 -67.61 -13.37
N THR L 142 19.79 -68.65 -12.81
CA THR L 142 19.39 -70.06 -12.97
C THR L 142 19.09 -70.91 -11.72
N ASP L 143 19.65 -70.53 -10.57
CA ASP L 143 19.59 -71.34 -9.34
C ASP L 143 20.12 -70.62 -8.07
N THR L 144 19.77 -71.19 -6.90
CA THR L 144 20.24 -70.70 -5.58
C THR L 144 20.52 -71.83 -4.61
N TYR L 145 21.35 -71.54 -3.60
CA TYR L 145 21.58 -72.45 -2.49
C TYR L 145 21.45 -71.69 -1.20
N HIS L 146 20.85 -72.32 -0.21
CA HIS L 146 20.49 -71.65 1.04
C HIS L 146 21.49 -71.86 2.14
N SER L 147 21.59 -70.87 2.99
CA SER L 147 22.40 -70.97 4.18
C SER L 147 21.99 -72.19 5.02
N TYR L 148 22.98 -72.98 5.46
CA TYR L 148 22.71 -74.22 6.24
C TYR L 148 23.26 -74.19 7.68
N ALA L 149 24.01 -73.14 8.04
CA ALA L 149 24.42 -72.97 9.42
C ALA L 149 24.06 -71.57 9.92
N ASN L 150 23.34 -70.82 9.10
CA ASN L 150 22.78 -69.54 9.49
C ASN L 150 23.79 -68.53 10.04
N ASN L 151 24.99 -68.53 9.45
CA ASN L 151 26.00 -67.59 9.81
C ASN L 151 26.92 -67.33 8.64
N ILE L 152 26.55 -66.34 7.83
CA ILE L 152 27.36 -65.82 6.69
C ILE L 152 27.75 -66.92 5.72
N LEU L 153 26.77 -67.46 5.00
CA LEU L 153 27.07 -68.37 3.89
C LEU L 153 28.02 -67.65 2.93
N ARG L 154 28.99 -68.37 2.41
CA ARG L 154 30.24 -67.80 1.98
C ARG L 154 30.77 -68.65 0.83
N THR L 155 31.62 -68.06 -0.02
CA THR L 155 32.24 -68.86 -1.09
C THR L 155 33.73 -68.54 -1.29
N GLN L 156 34.33 -69.04 -2.36
CA GLN L 156 35.80 -69.09 -2.54
C GLN L 156 36.60 -67.78 -2.67
N GLU L 157 36.00 -66.80 -3.33
N GLU L 157 35.99 -66.80 -3.32
CA GLU L 157 36.71 -65.59 -3.78
CA GLU L 157 36.67 -65.59 -3.79
C GLU L 157 37.76 -65.95 -4.79
C GLU L 157 37.74 -65.95 -4.79
N SER L 158 37.52 -67.04 -5.52
CA SER L 158 38.35 -67.40 -6.67
C SER L 158 37.63 -68.37 -7.62
N ALA L 159 38.32 -68.69 -8.72
CA ALA L 159 37.77 -69.47 -9.82
C ALA L 159 37.26 -70.84 -9.37
N CYS L 160 36.02 -71.18 -9.73
CA CYS L 160 35.54 -72.57 -9.63
C CYS L 160 36.25 -73.38 -10.74
N ASN L 161 35.93 -74.64 -10.87
CA ASN L 161 36.66 -75.50 -11.76
C ASN L 161 35.73 -76.45 -12.50
N CYS L 162 35.78 -76.44 -13.82
CA CYS L 162 34.83 -77.21 -14.62
C CYS L 162 35.52 -78.30 -15.41
N ILE L 163 34.91 -79.49 -15.42
CA ILE L 163 35.35 -80.62 -16.24
C ILE L 163 34.15 -81.31 -16.89
N GLY L 164 34.22 -81.51 -18.19
CA GLY L 164 33.15 -82.19 -18.93
C GLY L 164 31.82 -81.59 -18.62
N GLY L 165 31.83 -80.29 -18.37
CA GLY L 165 30.59 -79.53 -18.18
C GLY L 165 30.12 -79.47 -16.74
N ASN L 166 30.75 -80.25 -15.88
CA ASN L 166 30.45 -80.18 -14.48
C ASN L 166 31.42 -79.22 -13.78
N CYS L 167 30.87 -78.21 -13.10
CA CYS L 167 31.68 -77.25 -12.36
C CYS L 167 31.57 -77.49 -10.87
N TYR L 168 32.69 -77.41 -10.19
CA TYR L 168 32.72 -77.72 -8.76
C TYR L 168 33.09 -76.48 -7.98
N LEU L 169 32.30 -76.22 -6.92
CA LEU L 169 32.42 -75.01 -6.11
C LEU L 169 32.43 -75.29 -4.62
N MET L 170 33.36 -74.70 -3.88
CA MET L 170 33.36 -74.79 -2.42
C MET L 170 32.50 -73.67 -1.85
N ILE L 171 31.74 -74.01 -0.82
CA ILE L 171 31.05 -73.07 0.07
C ILE L 171 31.28 -73.39 1.55
N THR L 172 31.07 -72.39 2.39
CA THR L 172 31.06 -72.62 3.83
C THR L 172 30.04 -71.73 4.54
N ASP L 173 29.81 -72.04 5.81
CA ASP L 173 28.78 -71.40 6.61
C ASP L 173 29.07 -71.78 8.05
N GLY L 174 28.97 -70.81 8.93
CA GLY L 174 29.34 -71.02 10.32
C GLY L 174 30.10 -69.87 10.89
N SER L 175 30.52 -70.00 12.13
CA SER L 175 31.17 -68.90 12.82
C SER L 175 32.59 -68.67 12.30
N ALA L 176 32.94 -67.42 12.04
CA ALA L 176 34.32 -67.09 11.67
C ALA L 176 35.30 -67.41 12.82
N SER L 177 34.78 -67.60 14.02
CA SER L 177 35.56 -67.89 15.23
C SER L 177 35.44 -69.31 15.73
N GLY L 178 34.51 -70.09 15.19
CA GLY L 178 34.26 -71.43 15.67
C GLY L 178 34.18 -72.41 14.51
N ILE L 179 33.14 -73.23 14.52
CA ILE L 179 32.96 -74.26 13.52
C ILE L 179 32.42 -73.62 12.24
N SER L 180 33.05 -73.96 11.12
CA SER L 180 32.56 -73.66 9.77
C SER L 180 32.86 -74.86 8.85
N GLU L 181 31.91 -75.77 8.75
CA GLU L 181 32.07 -76.97 7.98
C GLU L 181 31.64 -76.73 6.54
N CYS L 182 32.63 -76.74 5.64
CA CYS L 182 32.38 -76.50 4.23
C CYS L 182 31.69 -77.65 3.46
N ARG L 183 31.00 -77.29 2.36
CA ARG L 183 30.48 -78.28 1.39
C ARG L 183 30.98 -77.92 -0.01
N PHE L 184 30.68 -78.80 -0.98
CA PHE L 184 30.98 -78.54 -2.38
C PHE L 184 29.72 -78.72 -3.21
N LEU L 185 29.47 -77.78 -4.11
CA LEU L 185 28.37 -77.94 -5.05
C LEU L 185 28.90 -78.40 -6.39
N LYS L 186 28.14 -79.28 -7.04
CA LYS L 186 28.44 -79.70 -8.42
C LYS L 186 27.39 -79.08 -9.35
N ILE L 187 27.85 -78.23 -10.27
CA ILE L 187 26.92 -77.36 -11.04
C ILE L 187 27.04 -77.61 -12.54
N ARG L 188 25.92 -77.82 -13.21
CA ARG L 188 25.88 -78.06 -14.65
C ARG L 188 24.92 -77.09 -15.33
N GLU L 189 25.45 -76.36 -16.30
CA GLU L 189 24.68 -75.37 -17.05
C GLU L 189 23.84 -74.50 -16.11
N GLY L 190 24.49 -74.06 -15.03
CA GLY L 190 23.94 -73.05 -14.09
C GLY L 190 23.11 -73.62 -12.96
N ARG L 191 22.89 -74.94 -13.01
CA ARG L 191 22.00 -75.61 -12.04
C ARG L 191 22.76 -76.64 -11.20
N ILE L 192 22.34 -76.77 -9.94
CA ILE L 192 23.02 -77.61 -8.97
C ILE L 192 22.48 -79.02 -9.09
N ILE L 193 23.35 -79.98 -9.39
CA ILE L 193 22.93 -81.36 -9.58
C ILE L 193 23.45 -82.33 -8.50
N LYS L 194 24.32 -81.86 -7.61
CA LYS L 194 24.73 -82.66 -6.44
C LYS L 194 25.36 -81.80 -5.32
N GLU L 195 25.02 -82.13 -4.08
CA GLU L 195 25.76 -81.63 -2.91
C GLU L 195 26.74 -82.69 -2.44
N ILE L 196 27.96 -82.26 -2.16
CA ILE L 196 29.04 -83.15 -1.74
C ILE L 196 29.48 -82.76 -0.34
N PHE L 197 29.41 -83.71 0.59
CA PHE L 197 29.76 -83.47 2.00
C PHE L 197 31.14 -84.09 2.29
N PRO L 198 32.15 -83.26 2.53
CA PRO L 198 33.49 -83.81 2.73
C PRO L 198 33.58 -84.59 4.06
N THR L 199 34.50 -85.55 4.14
CA THR L 199 34.78 -86.30 5.36
C THR L 199 36.19 -85.93 5.85
N GLY L 200 36.49 -86.26 7.12
CA GLY L 200 37.80 -86.01 7.73
C GLY L 200 37.94 -84.78 8.63
N ARG L 201 39.00 -84.01 8.41
CA ARG L 201 39.23 -82.82 9.23
C ARG L 201 38.41 -81.65 8.70
N VAL L 202 37.17 -81.54 9.19
CA VAL L 202 36.14 -80.64 8.60
C VAL L 202 35.69 -79.54 9.57
N LYS L 203 36.30 -79.56 10.76
CA LYS L 203 36.17 -78.55 11.81
C LYS L 203 36.04 -77.09 11.27
N HIS L 204 37.00 -76.68 10.45
CA HIS L 204 36.97 -75.34 9.94
C HIS L 204 37.71 -75.16 8.61
N THR L 205 36.94 -74.83 7.57
CA THR L 205 37.51 -74.68 6.22
C THR L 205 36.92 -73.50 5.50
N GLU L 206 37.78 -72.60 5.02
CA GLU L 206 37.32 -71.48 4.17
C GLU L 206 38.15 -71.05 3.01
N GLU L 207 37.48 -70.32 2.11
CA GLU L 207 38.07 -69.72 0.93
C GLU L 207 39.05 -70.66 0.27
N CYS L 208 38.62 -71.87 -0.06
CA CYS L 208 39.47 -72.79 -0.82
C CYS L 208 39.95 -72.19 -2.10
N THR L 209 41.23 -72.31 -2.37
CA THR L 209 41.80 -72.03 -3.68
C THR L 209 42.01 -73.39 -4.35
N CYS L 210 41.24 -73.67 -5.40
CA CYS L 210 41.11 -75.02 -5.96
C CYS L 210 41.61 -75.15 -7.38
N GLY L 211 42.03 -76.35 -7.75
CA GLY L 211 42.48 -76.61 -9.12
C GLY L 211 42.53 -78.11 -9.38
N PHE L 212 42.73 -78.48 -10.64
CA PHE L 212 42.88 -79.88 -11.03
C PHE L 212 44.31 -80.36 -10.88
N ALA L 213 44.46 -81.46 -10.16
CA ALA L 213 45.69 -82.20 -10.11
C ALA L 213 45.70 -83.22 -11.26
N SER L 214 44.52 -83.49 -11.84
CA SER L 214 44.38 -84.46 -12.95
C SER L 214 42.91 -84.54 -13.38
N ASN L 215 42.60 -85.38 -14.37
CA ASN L 215 41.19 -85.56 -14.80
C ASN L 215 40.32 -86.19 -13.71
N LYS L 216 40.96 -86.72 -12.66
CA LYS L 216 40.26 -87.46 -11.59
C LYS L 216 40.16 -86.66 -10.29
N THR L 217 41.06 -85.71 -10.03
CA THR L 217 41.13 -85.06 -8.71
C THR L 217 41.23 -83.55 -8.74
N ILE L 218 40.43 -82.90 -7.91
CA ILE L 218 40.58 -81.48 -7.60
C ILE L 218 41.22 -81.36 -6.22
N GLU L 219 42.15 -80.43 -6.06
CA GLU L 219 42.74 -80.21 -4.73
C GLU L 219 42.65 -78.75 -4.36
N CYS L 220 42.45 -78.47 -3.09
CA CYS L 220 42.26 -77.10 -2.65
C CYS L 220 43.09 -76.85 -1.40
N ALA L 221 43.79 -75.71 -1.38
CA ALA L 221 44.42 -75.19 -0.16
C ALA L 221 43.55 -74.10 0.43
N CYS L 222 43.15 -74.29 1.67
CA CYS L 222 42.12 -73.42 2.24
C CYS L 222 42.64 -72.66 3.48
N ARG L 223 41.70 -72.12 4.25
CA ARG L 223 41.97 -71.25 5.39
C ARG L 223 41.18 -71.73 6.59
N ASP L 224 41.88 -71.91 7.71
CA ASP L 224 41.23 -72.14 8.98
C ASP L 224 41.40 -70.84 9.73
N ASN L 225 40.29 -70.16 9.97
CA ASN L 225 40.32 -68.84 10.57
C ASN L 225 40.28 -68.88 12.10
N SER L 226 40.23 -70.10 12.68
CA SER L 226 40.13 -70.27 14.15
C SER L 226 41.23 -71.05 14.81
N TYR L 227 41.55 -72.21 14.23
CA TYR L 227 42.23 -73.28 15.00
C TYR L 227 43.72 -73.46 14.77
N THR L 228 44.18 -73.25 13.53
CA THR L 228 45.51 -73.65 13.10
C THR L 228 46.05 -72.75 11.99
N ALA L 229 47.39 -72.61 11.93
CA ALA L 229 48.08 -71.87 10.83
C ALA L 229 48.56 -72.82 9.73
N LYS L 230 48.28 -74.12 9.91
CA LYS L 230 48.39 -75.06 8.78
C LYS L 230 47.17 -74.88 7.90
N ARG L 231 47.35 -74.92 6.58
CA ARG L 231 46.22 -74.80 5.64
C ARG L 231 45.49 -76.13 5.52
N PRO L 232 44.19 -76.15 5.73
CA PRO L 232 43.42 -77.39 5.43
C PRO L 232 43.56 -77.74 3.97
N PHE L 233 43.56 -79.02 3.63
CA PHE L 233 43.86 -79.41 2.25
C PHE L 233 42.83 -80.43 1.74
N VAL L 234 42.07 -80.04 0.72
CA VAL L 234 40.97 -80.84 0.20
C VAL L 234 41.40 -81.64 -1.02
N LYS L 235 40.92 -82.89 -1.09
CA LYS L 235 41.09 -83.78 -2.25
C LYS L 235 39.75 -84.31 -2.63
N LEU L 236 39.25 -83.84 -3.75
CA LEU L 236 37.92 -84.18 -4.23
C LEU L 236 38.08 -85.13 -5.42
N ASN L 237 37.50 -86.31 -5.31
CA ASN L 237 37.45 -87.20 -6.48
C ASN L 237 36.26 -86.83 -7.38
N VAL L 238 36.51 -86.42 -8.62
CA VAL L 238 35.39 -85.98 -9.49
C VAL L 238 34.64 -87.11 -10.23
N GLU L 239 35.16 -88.33 -10.13
CA GLU L 239 34.49 -89.49 -10.76
C GLU L 239 33.49 -90.12 -9.78
N THR L 240 33.86 -90.22 -8.51
CA THR L 240 32.97 -90.71 -7.46
C THR L 240 32.27 -89.59 -6.70
N ASP L 241 32.72 -88.34 -6.92
CA ASP L 241 32.14 -87.16 -6.22
C ASP L 241 32.24 -87.28 -4.71
N THR L 242 33.42 -87.65 -4.20
CA THR L 242 33.67 -87.73 -2.78
C THR L 242 34.80 -86.76 -2.43
N ALA L 243 34.77 -86.18 -1.23
CA ALA L 243 35.84 -85.27 -0.83
C ALA L 243 36.36 -85.59 0.55
N GLU L 244 37.67 -85.35 0.73
CA GLU L 244 38.35 -85.58 2.01
C GLU L 244 39.23 -84.37 2.40
N ILE L 245 39.32 -84.10 3.70
CA ILE L 245 40.09 -82.96 4.18
C ILE L 245 41.06 -83.34 5.31
N ARG L 246 42.33 -82.95 5.16
CA ARG L 246 43.29 -83.06 6.26
C ARG L 246 44.18 -81.84 6.22
N LEU L 247 44.81 -81.50 7.36
CA LEU L 247 45.79 -80.41 7.43
C LEU L 247 47.04 -80.69 6.62
N MET L 248 47.59 -79.65 5.98
CA MET L 248 48.91 -79.74 5.32
C MET L 248 49.98 -79.99 6.39
N CYS L 249 50.85 -80.97 6.12
CA CYS L 249 51.85 -81.42 7.08
C CYS L 249 53.15 -80.61 7.06
N THR L 250 53.39 -79.86 5.97
CA THR L 250 54.66 -79.15 5.78
C THR L 250 55.00 -78.25 6.96
N GLU L 251 56.30 -78.07 7.24
CA GLU L 251 56.71 -77.18 8.31
C GLU L 251 56.67 -75.72 7.85
N THR L 252 56.47 -75.53 6.54
CA THR L 252 56.35 -74.21 5.94
C THR L 252 54.87 -73.80 5.99
N TYR L 253 54.42 -73.34 7.16
CA TYR L 253 52.99 -72.98 7.37
C TYR L 253 52.58 -71.80 6.49
N LEU L 254 51.47 -71.96 5.80
CA LEU L 254 51.12 -71.04 4.71
C LEU L 254 50.16 -69.92 5.08
N ASP L 255 49.54 -70.04 6.25
CA ASP L 255 48.61 -69.02 6.75
C ASP L 255 49.30 -67.78 7.31
N THR L 256 48.51 -66.72 7.55
CA THR L 256 48.93 -65.53 8.33
C THR L 256 47.76 -65.12 9.22
N PRO L 257 47.98 -64.98 10.53
CA PRO L 257 49.21 -65.19 11.31
C PRO L 257 49.67 -66.65 11.30
N ARG L 258 50.92 -66.86 11.72
CA ARG L 258 51.53 -68.17 11.85
C ARG L 258 52.72 -68.07 12.81
N PRO L 259 53.08 -69.19 13.49
CA PRO L 259 54.31 -69.25 14.30
C PRO L 259 55.56 -69.51 13.42
N ASP L 260 56.74 -69.68 14.01
CA ASP L 260 57.94 -70.02 13.26
C ASP L 260 57.82 -71.38 12.55
N ASP L 261 58.43 -71.52 11.38
CA ASP L 261 58.33 -72.74 10.60
C ASP L 261 58.82 -73.93 11.40
N GLY L 262 58.07 -75.03 11.38
CA GLY L 262 58.48 -76.27 12.05
C GLY L 262 58.27 -76.35 13.56
N SER L 263 57.77 -75.27 14.17
CA SER L 263 57.65 -75.18 15.62
C SER L 263 56.34 -75.78 16.19
N ILE L 264 55.48 -76.31 15.32
CA ILE L 264 54.28 -77.00 15.79
C ILE L 264 54.64 -78.46 15.97
N THR L 265 54.67 -78.88 17.25
CA THR L 265 55.13 -80.21 17.61
C THR L 265 54.01 -81.22 17.45
N GLY L 266 54.35 -82.51 17.40
CA GLY L 266 53.32 -83.54 17.26
C GLY L 266 53.33 -84.00 15.83
N PRO L 267 52.40 -84.89 15.46
CA PRO L 267 52.43 -85.40 14.08
C PRO L 267 51.69 -84.46 13.13
N CYS L 268 51.40 -84.93 11.92
CA CYS L 268 50.80 -84.08 10.90
C CYS L 268 49.47 -83.44 11.35
N GLU L 269 48.73 -84.11 12.21
CA GLU L 269 47.42 -83.59 12.57
C GLU L 269 47.34 -82.45 13.63
N SER L 270 48.44 -82.12 14.30
CA SER L 270 48.38 -81.09 15.37
C SER L 270 48.07 -79.68 14.88
N ASN L 271 47.30 -78.92 15.68
CA ASN L 271 46.85 -77.59 15.28
C ASN L 271 47.92 -76.45 15.08
N GLY L 272 48.77 -76.07 16.04
CA GLY L 272 48.61 -76.13 17.46
C GLY L 272 48.47 -74.67 17.89
N ASP L 273 49.48 -73.82 17.61
CA ASP L 273 49.48 -72.40 18.10
C ASP L 273 49.28 -71.30 17.03
N LYS L 274 48.95 -70.09 17.49
CA LYS L 274 48.67 -68.87 16.68
C LYS L 274 47.70 -69.08 15.51
N GLY L 275 46.71 -69.96 15.73
CA GLY L 275 45.80 -70.40 14.69
C GLY L 275 44.60 -69.51 14.39
N SER L 276 44.30 -68.55 15.26
CA SER L 276 43.09 -67.72 15.07
C SER L 276 43.41 -66.52 14.20
N GLY L 277 42.52 -66.22 13.26
CA GLY L 277 42.81 -65.29 12.15
C GLY L 277 43.37 -66.10 10.97
N GLY L 278 43.59 -65.45 9.83
CA GLY L 278 44.03 -66.14 8.62
C GLY L 278 43.93 -65.28 7.36
N ILE L 279 44.27 -65.89 6.21
CA ILE L 279 44.27 -65.23 4.93
C ILE L 279 43.96 -66.28 3.83
N LYS L 280 43.32 -65.84 2.73
CA LYS L 280 43.19 -66.67 1.52
C LYS L 280 44.54 -66.80 0.81
N GLY L 281 44.84 -68.03 0.37
CA GLY L 281 46.18 -68.38 -0.10
C GLY L 281 46.27 -68.90 -1.51
N GLY L 282 47.29 -68.42 -2.24
CA GLY L 282 47.53 -68.88 -3.61
C GLY L 282 47.92 -70.34 -3.69
N PHE L 283 47.51 -70.96 -4.79
CA PHE L 283 47.77 -72.39 -5.01
C PHE L 283 47.40 -72.78 -6.41
N VAL L 284 48.34 -73.35 -7.14
CA VAL L 284 48.08 -73.79 -8.51
C VAL L 284 48.90 -75.07 -8.88
N HIS L 285 48.40 -75.86 -9.83
CA HIS L 285 49.10 -77.08 -10.25
C HIS L 285 49.90 -76.91 -11.52
N GLN L 286 51.05 -77.58 -11.56
CA GLN L 286 51.85 -77.80 -12.76
C GLN L 286 51.78 -79.29 -13.12
N ARG L 287 51.00 -79.62 -14.15
CA ARG L 287 50.79 -81.02 -14.51
C ARG L 287 51.74 -81.49 -15.62
N MET L 288 52.60 -82.44 -15.26
CA MET L 288 53.58 -83.03 -16.19
C MET L 288 53.29 -84.50 -16.38
N ALA L 289 53.92 -85.10 -17.40
CA ALA L 289 53.64 -86.49 -17.81
C ALA L 289 53.68 -87.48 -16.65
N SER L 290 54.77 -87.52 -15.91
CA SER L 290 54.90 -88.47 -14.77
C SER L 290 55.26 -87.79 -13.43
N LYS L 291 54.80 -86.54 -13.23
CA LYS L 291 55.27 -85.72 -12.13
C LYS L 291 54.20 -84.65 -11.93
N ILE L 292 54.03 -84.18 -10.70
CA ILE L 292 53.16 -83.04 -10.44
C ILE L 292 53.86 -82.04 -9.51
N GLY L 293 53.90 -80.79 -9.96
CA GLY L 293 54.29 -79.70 -9.06
C GLY L 293 53.14 -78.99 -8.37
N ARG L 294 53.34 -78.66 -7.11
CA ARG L 294 52.38 -77.81 -6.41
C ARG L 294 53.03 -76.50 -6.03
N TRP L 295 52.45 -75.40 -6.47
CA TRP L 295 53.01 -74.07 -6.23
C TRP L 295 52.12 -73.36 -5.24
N TYR L 296 52.70 -72.68 -4.25
CA TYR L 296 51.91 -71.99 -3.20
C TYR L 296 52.52 -70.63 -2.91
N SER L 297 51.75 -69.75 -2.29
CA SER L 297 52.25 -68.42 -1.89
C SER L 297 51.84 -68.08 -0.48
N ARG L 298 52.69 -67.31 0.19
CA ARG L 298 52.37 -66.87 1.56
C ARG L 298 53.04 -65.55 1.84
N THR L 299 52.46 -64.80 2.77
CA THR L 299 53.04 -63.49 3.13
C THR L 299 54.51 -63.61 3.52
N MET L 300 55.22 -62.51 3.42
CA MET L 300 56.62 -62.48 3.80
C MET L 300 56.71 -62.35 5.31
N SER L 301 55.83 -61.52 5.87
CA SER L 301 55.70 -61.38 7.32
C SER L 301 54.83 -62.46 7.92
N LYS L 302 55.24 -62.94 9.10
CA LYS L 302 54.48 -63.95 9.84
C LYS L 302 53.15 -63.45 10.49
N THR L 303 53.06 -62.17 10.77
CA THR L 303 51.98 -61.57 11.56
C THR L 303 51.10 -60.67 10.71
N LYS L 304 51.69 -60.10 9.65
CA LYS L 304 51.08 -59.02 8.91
C LYS L 304 50.91 -59.31 7.42
N ARG L 305 50.03 -58.53 6.78
CA ARG L 305 49.70 -58.73 5.37
C ARG L 305 50.63 -57.91 4.47
N MET L 306 51.92 -58.28 4.55
CA MET L 306 53.00 -57.61 3.89
C MET L 306 53.84 -58.65 3.17
N GLY L 307 54.18 -58.37 1.93
CA GLY L 307 55.01 -59.25 1.11
C GLY L 307 54.29 -60.48 0.58
N MET L 308 54.91 -61.13 -0.40
CA MET L 308 54.44 -62.45 -0.86
C MET L 308 55.54 -63.26 -1.49
N GLY L 309 55.87 -64.40 -0.87
CA GLY L 309 56.84 -65.33 -1.43
C GLY L 309 56.19 -66.49 -2.15
N LEU L 310 56.86 -66.99 -3.19
CA LEU L 310 56.37 -68.14 -3.93
C LEU L 310 57.16 -69.36 -3.49
N TYR L 311 56.44 -70.49 -3.28
CA TYR L 311 57.04 -71.78 -2.83
C TYR L 311 56.57 -72.93 -3.74
N VAL L 312 57.36 -73.99 -3.78
CA VAL L 312 57.05 -75.14 -4.65
C VAL L 312 57.48 -76.49 -4.04
N LYS L 313 56.73 -77.53 -4.38
CA LYS L 313 57.09 -78.91 -4.07
C LYS L 313 56.57 -79.87 -5.15
N TYR L 314 57.42 -80.79 -5.56
CA TYR L 314 57.08 -81.75 -6.60
C TYR L 314 56.69 -83.12 -5.99
N ASP L 315 55.57 -83.69 -6.42
CA ASP L 315 55.08 -85.00 -5.93
C ASP L 315 54.84 -85.10 -4.42
N GLY L 316 54.78 -86.33 -3.91
CA GLY L 316 54.52 -86.57 -2.50
C GLY L 316 53.06 -86.38 -2.18
N ASP L 317 52.74 -86.40 -0.88
CA ASP L 317 51.39 -86.26 -0.37
C ASP L 317 51.44 -85.14 0.67
N PRO L 318 50.78 -84.00 0.40
CA PRO L 318 50.80 -82.83 1.27
C PRO L 318 50.20 -83.07 2.65
N TRP L 319 49.38 -84.13 2.76
CA TRP L 319 48.79 -84.53 4.02
C TRP L 319 49.80 -85.17 4.97
N THR L 320 50.86 -85.78 4.44
CA THR L 320 51.79 -86.56 5.30
C THR L 320 53.26 -86.10 5.20
N ASP L 321 53.58 -85.27 4.21
CA ASP L 321 54.93 -84.75 4.03
C ASP L 321 55.24 -83.57 4.93
N SER L 322 56.16 -83.78 5.86
CA SER L 322 56.57 -82.72 6.76
C SER L 322 57.77 -81.92 6.22
N ASP L 323 58.34 -82.37 5.11
CA ASP L 323 59.44 -81.68 4.45
C ASP L 323 59.06 -80.21 4.18
N ALA L 324 60.04 -79.31 4.32
CA ALA L 324 59.87 -77.88 4.00
C ALA L 324 59.63 -77.68 2.52
N LEU L 325 58.79 -76.69 2.19
CA LEU L 325 58.56 -76.26 0.81
C LEU L 325 59.74 -75.41 0.33
N ALA L 326 60.19 -75.65 -0.90
CA ALA L 326 61.32 -74.91 -1.44
C ALA L 326 60.90 -73.49 -1.76
N LEU L 327 61.61 -72.49 -1.21
CA LEU L 327 61.33 -71.09 -1.50
C LEU L 327 61.79 -70.77 -2.92
N SER L 328 60.86 -70.36 -3.79
CA SER L 328 61.17 -70.10 -5.19
C SER L 328 61.54 -68.64 -5.51
N GLY L 329 60.82 -67.67 -4.95
CA GLY L 329 61.22 -66.24 -5.01
C GLY L 329 60.31 -65.29 -4.24
N VAL L 330 60.74 -64.03 -4.14
CA VAL L 330 59.94 -62.98 -3.53
C VAL L 330 59.18 -62.25 -4.64
N MET L 331 57.85 -62.36 -4.63
CA MET L 331 56.99 -61.67 -5.60
C MET L 331 56.64 -60.25 -5.13
N VAL L 332 56.57 -60.05 -3.82
CA VAL L 332 56.22 -58.75 -3.26
C VAL L 332 57.08 -58.57 -2.01
N SER L 333 57.92 -57.52 -2.03
CA SER L 333 58.79 -57.26 -0.90
C SER L 333 57.99 -56.92 0.33
N MET L 334 58.61 -57.17 1.48
CA MET L 334 58.06 -56.92 2.81
C MET L 334 57.52 -55.48 2.97
N GLU L 335 58.02 -54.56 2.15
CA GLU L 335 57.58 -53.17 2.21
C GLU L 335 56.31 -52.90 1.40
N GLU L 336 55.86 -53.89 0.62
CA GLU L 336 54.57 -53.75 -0.11
C GLU L 336 53.45 -54.62 0.52
N PRO L 337 52.19 -54.24 0.30
CA PRO L 337 51.12 -55.04 0.90
C PRO L 337 50.84 -56.32 0.13
N GLY L 338 50.65 -57.41 0.89
CA GLY L 338 50.28 -58.71 0.33
C GLY L 338 49.09 -59.27 1.05
N TRP L 339 47.94 -59.15 0.41
CA TRP L 339 46.72 -59.66 1.01
C TRP L 339 46.35 -61.03 0.39
N TYR L 340 45.12 -61.16 -0.10
CA TYR L 340 44.68 -62.43 -0.65
C TYR L 340 45.57 -62.83 -1.82
N SER L 341 45.73 -64.13 -2.05
CA SER L 341 46.39 -64.60 -3.24
C SER L 341 45.61 -65.81 -3.77
N PHE L 342 45.72 -66.09 -5.08
CA PHE L 342 44.86 -67.11 -5.72
C PHE L 342 45.51 -67.74 -6.94
N GLY L 343 44.98 -68.86 -7.41
CA GLY L 343 45.52 -69.53 -8.58
C GLY L 343 44.56 -69.54 -9.77
N PHE L 344 45.13 -69.58 -10.98
CA PHE L 344 44.37 -69.77 -12.20
C PHE L 344 45.26 -70.22 -13.31
N GLU L 345 44.66 -70.57 -14.42
CA GLU L 345 45.38 -71.17 -15.52
C GLU L 345 44.92 -70.52 -16.79
N ILE L 346 45.90 -70.16 -17.64
CA ILE L 346 45.64 -69.58 -18.95
C ILE L 346 45.70 -70.68 -20.00
N LYS L 347 44.81 -70.63 -20.97
CA LYS L 347 44.76 -71.68 -21.99
C LYS L 347 45.56 -71.32 -23.23
N ASP L 348 46.77 -71.89 -23.36
CA ASP L 348 47.51 -71.77 -24.62
C ASP L 348 46.90 -72.74 -25.66
N LYS L 349 47.38 -72.72 -26.91
CA LYS L 349 46.80 -73.53 -27.99
C LYS L 349 46.64 -75.03 -27.67
N LYS L 350 47.63 -75.62 -26.98
CA LYS L 350 47.65 -77.06 -26.76
C LYS L 350 48.00 -77.45 -25.32
N CYS L 351 48.22 -76.46 -24.45
CA CYS L 351 48.57 -76.70 -23.05
C CYS L 351 48.09 -75.57 -22.14
N ASP L 352 48.17 -75.78 -20.83
CA ASP L 352 47.65 -74.85 -19.82
C ASP L 352 48.78 -74.19 -19.03
N VAL L 353 48.65 -72.89 -18.74
CA VAL L 353 49.73 -72.16 -18.04
C VAL L 353 49.34 -71.78 -16.61
N PRO L 354 49.96 -72.42 -15.62
CA PRO L 354 49.65 -72.10 -14.21
C PRO L 354 50.16 -70.71 -13.79
N CYS L 355 49.33 -70.00 -13.05
CA CYS L 355 49.56 -68.60 -12.63
C CYS L 355 49.08 -68.35 -11.19
N ILE L 356 49.74 -67.42 -10.50
CA ILE L 356 49.32 -66.99 -9.19
C ILE L 356 49.12 -65.50 -9.26
N GLY L 357 47.96 -65.05 -8.79
CA GLY L 357 47.65 -63.63 -8.69
C GLY L 357 47.71 -63.17 -7.25
N ILE L 358 47.97 -61.88 -7.04
CA ILE L 358 48.09 -61.34 -5.66
C ILE L 358 47.35 -60.01 -5.52
N GLU L 359 46.39 -60.01 -4.58
CA GLU L 359 45.68 -58.79 -4.16
C GLU L 359 46.59 -57.94 -3.30
N MET L 360 46.78 -56.70 -3.71
CA MET L 360 47.71 -55.83 -3.05
C MET L 360 46.95 -54.61 -2.59
N VAL L 361 46.44 -54.69 -1.39
CA VAL L 361 45.47 -53.75 -0.87
C VAL L 361 46.08 -52.40 -0.50
N HIS L 362 45.45 -51.30 -0.94
CA HIS L 362 45.77 -49.95 -0.44
C HIS L 362 45.02 -49.72 0.86
N ASP L 363 45.69 -49.91 2.00
CA ASP L 363 45.07 -49.75 3.28
C ASP L 363 45.58 -48.50 3.99
N GLY L 364 44.67 -47.53 4.19
CA GLY L 364 44.92 -46.36 5.05
C GLY L 364 43.91 -46.18 6.19
N GLY L 365 43.28 -47.27 6.62
CA GLY L 365 42.30 -47.23 7.75
C GLY L 365 40.90 -46.86 7.30
N LYS L 366 39.97 -46.79 8.26
CA LYS L 366 38.56 -46.56 7.92
C LYS L 366 38.21 -45.10 7.57
N GLU L 367 39.16 -44.18 7.70
CA GLU L 367 38.91 -42.75 7.42
C GLU L 367 39.12 -42.32 5.96
N THR L 368 39.56 -43.23 5.12
CA THR L 368 39.80 -42.94 3.69
C THR L 368 39.40 -44.16 2.83
N TRP L 369 39.71 -44.15 1.55
CA TRP L 369 39.27 -45.24 0.66
C TRP L 369 40.01 -46.57 0.91
N HIS L 370 39.41 -47.68 0.45
CA HIS L 370 40.01 -49.00 0.66
C HIS L 370 39.84 -49.83 -0.62
N SER L 371 40.94 -50.12 -1.29
CA SER L 371 40.86 -50.88 -2.55
C SER L 371 42.14 -51.64 -2.76
N ALA L 372 42.36 -52.15 -3.97
CA ALA L 372 43.49 -53.07 -4.20
C ALA L 372 43.97 -53.08 -5.62
N ALA L 373 45.27 -53.25 -5.79
CA ALA L 373 45.81 -53.60 -7.08
C ALA L 373 45.88 -55.14 -7.20
N THR L 374 46.27 -55.64 -8.40
CA THR L 374 46.38 -57.07 -8.68
C THR L 374 47.63 -57.38 -9.47
N ALA L 375 48.54 -58.14 -8.85
CA ALA L 375 49.81 -58.56 -9.49
C ALA L 375 49.69 -60.00 -9.96
N ILE L 376 50.23 -60.32 -11.14
CA ILE L 376 50.13 -61.66 -11.75
C ILE L 376 51.51 -62.28 -12.07
N TYR L 377 51.71 -63.53 -11.62
CA TYR L 377 52.93 -64.30 -11.86
C TYR L 377 52.56 -65.59 -12.61
N CYS L 378 53.33 -65.94 -13.63
CA CYS L 378 53.04 -67.18 -14.36
C CYS L 378 54.29 -68.01 -14.60
N LEU L 379 54.10 -69.33 -14.68
CA LEU L 379 55.13 -70.24 -15.16
C LEU L 379 55.55 -69.85 -16.57
N MET L 380 56.83 -69.48 -16.75
CA MET L 380 57.36 -69.19 -18.07
C MET L 380 58.88 -69.34 -18.13
N GLY L 381 59.35 -70.23 -19.01
CA GLY L 381 60.77 -70.51 -19.22
C GLY L 381 61.44 -71.28 -18.09
N SER L 382 62.77 -71.22 -18.05
CA SER L 382 63.59 -71.83 -17.02
C SER L 382 64.39 -70.80 -16.21
N GLY L 383 65.07 -71.25 -15.14
CA GLY L 383 65.88 -70.35 -14.27
C GLY L 383 65.30 -70.10 -12.89
N GLN L 384 65.53 -68.89 -12.36
CA GLN L 384 64.87 -68.50 -11.10
C GLN L 384 64.03 -67.25 -11.29
N LEU L 385 63.01 -67.07 -10.44
CA LEU L 385 62.17 -65.88 -10.42
C LEU L 385 63.01 -64.59 -10.23
N LEU L 386 62.81 -63.63 -11.13
CA LEU L 386 63.70 -62.47 -11.15
C LEU L 386 63.24 -61.16 -10.50
N TRP L 387 61.99 -60.73 -10.67
CA TRP L 387 61.62 -59.38 -10.18
C TRP L 387 60.35 -59.28 -9.33
N ASP L 388 60.34 -58.35 -8.38
CA ASP L 388 59.17 -58.14 -7.52
C ASP L 388 58.19 -57.09 -8.09
N THR L 389 57.07 -56.88 -7.39
CA THR L 389 56.01 -55.96 -7.86
C THR L 389 55.70 -54.91 -6.81
N VAL L 390 55.63 -53.66 -7.23
CA VAL L 390 55.12 -52.56 -6.39
C VAL L 390 53.79 -52.00 -6.98
N THR L 391 52.96 -51.34 -6.18
CA THR L 391 51.72 -50.81 -6.74
C THR L 391 51.96 -49.44 -7.36
N GLY L 392 52.89 -48.69 -6.79
CA GLY L 392 53.24 -47.39 -7.32
C GLY L 392 52.33 -46.28 -6.81
N VAL L 393 51.34 -46.66 -5.98
CA VAL L 393 50.28 -45.76 -5.55
C VAL L 393 50.59 -45.07 -4.20
N ASP L 394 50.44 -43.75 -4.22
CA ASP L 394 50.53 -42.96 -3.00
C ASP L 394 49.08 -42.60 -2.62
N MET L 395 48.64 -43.03 -1.44
CA MET L 395 47.23 -42.91 -1.04
C MET L 395 46.76 -41.48 -0.68
N ALA L 396 47.70 -40.54 -0.59
CA ALA L 396 47.40 -39.14 -0.29
C ALA L 396 46.87 -38.39 -1.52
N LEU L 397 47.13 -38.95 -2.70
CA LEU L 397 46.89 -38.22 -3.94
C LEU L 397 45.41 -38.30 -4.39
N PRO M 9 -22.02 60.13 47.35
CA PRO M 9 -22.16 58.86 48.06
C PRO M 9 -20.98 58.59 49.03
N GLU M 10 -21.15 57.58 49.89
CA GLU M 10 -20.22 57.27 50.97
C GLU M 10 -19.88 55.76 51.07
N TRP M 11 -18.89 55.40 51.88
CA TRP M 11 -18.57 53.98 52.11
C TRP M 11 -19.74 53.29 52.85
N THR M 12 -20.02 52.05 52.50
CA THR M 12 -21.05 51.29 53.20
C THR M 12 -20.47 50.35 54.25
N TYR M 13 -21.33 49.92 55.16
CA TYR M 13 -20.98 49.10 56.29
C TYR M 13 -22.12 48.08 56.44
N PRO M 14 -21.86 46.91 57.03
CA PRO M 14 -23.04 46.06 57.36
C PRO M 14 -23.93 46.71 58.43
N ARG M 15 -25.25 46.62 58.30
CA ARG M 15 -26.15 47.10 59.38
C ARG M 15 -26.90 45.95 60.02
N LEU M 16 -27.82 46.26 60.93
CA LEU M 16 -28.74 45.27 61.45
C LEU M 16 -29.63 44.70 60.32
N SER M 17 -29.90 43.41 60.38
CA SER M 17 -30.78 42.78 59.41
C SER M 17 -32.20 43.29 59.60
N CYS M 18 -32.99 43.24 58.53
CA CYS M 18 -34.41 43.61 58.61
C CYS M 18 -35.16 42.56 59.46
N PRO M 19 -36.33 42.91 60.00
CA PRO M 19 -37.07 41.96 60.83
C PRO M 19 -37.48 40.68 60.09
N GLY M 20 -37.46 39.53 60.77
CA GLY M 20 -37.96 38.30 60.19
C GLY M 20 -37.51 37.10 60.99
N SER M 21 -38.16 35.95 60.80
CA SER M 21 -37.69 34.74 61.44
C SER M 21 -37.80 33.49 60.54
N THR M 22 -38.14 33.71 59.27
CA THR M 22 -38.08 32.61 58.31
C THR M 22 -37.75 33.12 56.89
N PHE M 23 -37.11 32.27 56.09
CA PHE M 23 -36.90 32.56 54.68
C PHE M 23 -38.11 32.12 53.90
N GLN M 24 -38.32 32.73 52.75
CA GLN M 24 -39.35 32.30 51.80
C GLN M 24 -38.80 32.35 50.36
N LYS M 25 -39.50 31.69 49.44
CA LYS M 25 -39.14 31.66 48.02
C LYS M 25 -39.34 33.02 47.47
N ALA M 26 -38.30 33.63 46.91
CA ALA M 26 -38.41 35.00 46.38
C ALA M 26 -38.51 35.09 44.86
N LEU M 27 -37.65 34.39 44.12
CA LEU M 27 -37.49 34.68 42.68
C LEU M 27 -36.72 33.60 41.96
N LEU M 28 -37.17 33.26 40.76
CA LEU M 28 -36.45 32.31 39.91
C LEU M 28 -35.93 32.97 38.63
N ILE M 29 -34.63 32.80 38.36
CA ILE M 29 -34.03 33.17 37.08
C ILE M 29 -33.72 31.88 36.28
N SER M 30 -34.65 31.49 35.40
CA SER M 30 -34.48 30.30 34.56
C SER M 30 -34.38 30.67 33.08
N PRO M 31 -33.21 31.14 32.65
CA PRO M 31 -33.06 31.67 31.28
C PRO M 31 -33.35 30.62 30.23
N HIS M 32 -33.20 29.36 30.61
CA HIS M 32 -33.27 28.25 29.64
C HIS M 32 -34.66 27.78 29.38
N ARG M 33 -35.61 28.36 30.11
CA ARG M 33 -37.03 28.29 29.71
C ARG M 33 -37.29 28.97 28.35
N PHE M 34 -36.27 29.64 27.81
CA PHE M 34 -36.41 30.33 26.53
C PHE M 34 -35.37 29.82 25.53
N GLY M 35 -34.71 28.72 25.84
CA GLY M 35 -33.72 28.19 24.91
C GLY M 35 -34.15 27.06 23.96
N GLU M 36 -35.45 26.92 23.69
CA GLU M 36 -35.93 25.90 22.72
C GLU M 36 -35.45 26.17 21.29
N THR M 37 -35.31 25.08 20.50
CA THR M 37 -35.12 25.16 19.04
C THR M 37 -36.26 25.99 18.43
N LYS M 38 -37.49 25.75 18.90
CA LYS M 38 -38.70 26.35 18.35
C LYS M 38 -38.86 27.85 18.75
N GLY M 39 -38.11 28.30 19.76
CA GLY M 39 -38.15 29.69 20.28
C GLY M 39 -37.20 30.65 19.58
N ASN M 40 -37.16 31.90 20.02
CA ASN M 40 -36.39 32.95 19.36
C ASN M 40 -35.54 33.70 20.35
N SER M 41 -34.91 33.01 21.29
CA SER M 41 -34.12 33.69 22.34
C SER M 41 -32.72 33.11 22.41
N ALA M 42 -31.85 33.86 23.11
CA ALA M 42 -30.43 33.57 23.26
C ALA M 42 -29.93 33.64 24.73
N PRO M 43 -30.44 32.74 25.58
CA PRO M 43 -29.88 32.67 26.94
C PRO M 43 -28.42 32.22 26.92
N LEU M 44 -27.58 32.88 27.71
CA LEU M 44 -26.19 32.52 27.80
C LEU M 44 -25.91 31.23 28.58
N ILE M 45 -25.05 30.38 28.02
CA ILE M 45 -24.58 29.17 28.71
C ILE M 45 -23.63 29.54 29.87
N ILE M 46 -23.99 29.14 31.08
CA ILE M 46 -23.23 29.59 32.24
C ILE M 46 -23.08 28.50 33.30
N ARG M 47 -22.25 28.78 34.29
CA ARG M 47 -22.26 28.08 35.58
C ARG M 47 -21.72 29.07 36.64
N GLU M 48 -21.62 28.62 37.87
CA GLU M 48 -21.08 29.46 38.98
C GLU M 48 -21.74 30.83 39.03
N PRO M 49 -23.07 30.85 39.18
CA PRO M 49 -23.73 32.14 39.36
C PRO M 49 -23.69 32.61 40.82
N PHE M 50 -23.84 33.91 41.03
CA PHE M 50 -23.89 34.51 42.35
C PHE M 50 -24.44 35.91 42.23
N ILE M 51 -24.94 36.45 43.33
CA ILE M 51 -25.51 37.78 43.35
C ILE M 51 -24.78 38.71 44.35
N ALA M 52 -24.70 40.00 44.00
CA ALA M 52 -24.08 41.00 44.85
C ALA M 52 -24.83 42.30 44.69
N CYS M 53 -25.02 43.04 45.77
CA CYS M 53 -25.88 44.22 45.71
C CYS M 53 -25.18 45.43 46.24
N GLY M 54 -25.50 46.58 45.63
CA GLY M 54 -25.06 47.88 46.13
C GLY M 54 -26.22 48.61 46.77
N PRO M 55 -26.08 49.91 47.04
CA PRO M 55 -27.15 50.69 47.70
C PRO M 55 -28.42 50.89 46.87
N LYS M 56 -28.33 50.76 45.54
CA LYS M 56 -29.52 50.87 44.71
C LYS M 56 -29.85 49.64 43.82
N GLU M 57 -28.86 48.78 43.56
CA GLU M 57 -28.95 47.75 42.51
C GLU M 57 -28.40 46.41 43.02
N CYS M 58 -29.05 45.30 42.67
CA CYS M 58 -28.44 43.96 42.79
C CYS M 58 -28.10 43.45 41.39
N LYS M 59 -26.88 42.93 41.26
CA LYS M 59 -26.43 42.35 39.99
C LYS M 59 -26.28 40.83 40.14
N HIS M 60 -26.65 40.12 39.08
CA HIS M 60 -26.60 38.69 39.01
C HIS M 60 -25.41 38.34 38.13
N PHE M 61 -24.39 37.77 38.74
CA PHE M 61 -23.17 37.42 38.01
C PHE M 61 -23.12 35.90 37.64
N ALA M 62 -22.33 35.58 36.61
CA ALA M 62 -22.07 34.19 36.28
C ALA M 62 -20.83 34.11 35.40
N LEU M 63 -20.25 32.90 35.32
CA LEU M 63 -19.16 32.64 34.40
C LEU M 63 -19.75 31.95 33.18
N THR M 64 -19.85 32.68 32.07
CA THR M 64 -20.30 32.10 30.79
C THR M 64 -19.22 31.32 30.02
N HIS M 65 -19.63 30.44 29.09
CA HIS M 65 -18.66 29.79 28.16
C HIS M 65 -18.71 30.54 26.83
N TYR M 66 -19.29 31.73 26.83
CA TYR M 66 -19.30 32.58 25.64
C TYR M 66 -20.04 31.86 24.50
N ALA M 67 -21.16 31.27 24.87
CA ALA M 67 -21.98 30.48 23.97
C ALA M 67 -23.41 30.61 24.42
N ALA M 68 -24.34 30.33 23.52
CA ALA M 68 -25.76 30.47 23.78
C ALA M 68 -26.53 29.21 23.40
N GLN M 69 -27.76 29.10 23.94
CA GLN M 69 -28.72 28.05 23.61
C GLN M 69 -30.00 28.63 22.96
N PRO M 70 -30.37 28.16 21.73
CA PRO M 70 -29.68 27.16 20.94
C PRO M 70 -28.43 27.72 20.29
N GLY M 71 -27.57 26.81 19.85
CA GLY M 71 -26.31 27.17 19.19
C GLY M 71 -25.51 25.93 18.86
N GLY M 72 -24.27 26.14 18.42
CA GLY M 72 -23.43 25.05 17.97
C GLY M 72 -22.11 24.96 18.69
N TYR M 73 -22.02 25.58 19.88
CA TYR M 73 -20.77 25.56 20.66
C TYR M 73 -20.91 24.82 22.02
N TYR M 74 -21.76 23.80 22.03
CA TYR M 74 -22.04 23.01 23.22
C TYR M 74 -20.83 22.18 23.68
N ASN M 75 -20.06 21.65 22.71
CA ASN M 75 -18.85 20.93 23.07
C ASN M 75 -17.93 21.79 23.94
N GLY M 76 -17.64 21.31 25.17
CA GLY M 76 -16.71 22.00 26.11
C GLY M 76 -17.40 22.75 27.26
N THR M 77 -18.72 22.85 27.22
CA THR M 77 -19.44 23.63 28.21
C THR M 77 -19.52 22.93 29.59
N ARG M 78 -19.24 21.61 29.64
CA ARG M 78 -19.04 20.88 30.92
C ARG M 78 -17.66 21.11 31.60
N GLY M 79 -16.66 21.52 30.82
CA GLY M 79 -15.34 21.84 31.31
C GLY M 79 -15.32 23.04 32.26
N ASP M 80 -14.26 23.12 33.07
CA ASP M 80 -14.17 24.14 34.11
C ASP M 80 -13.42 25.41 33.70
N ARG M 81 -12.33 25.27 32.97
CA ARG M 81 -11.55 26.40 32.53
C ARG M 81 -11.29 26.32 31.03
N ASN M 82 -11.31 27.45 30.33
CA ASN M 82 -10.77 27.61 28.96
C ASN M 82 -10.52 29.11 28.69
N LYS M 83 -10.09 29.44 27.46
CA LYS M 83 -9.71 30.80 27.05
C LYS M 83 -10.89 31.70 26.64
N LEU M 84 -12.10 31.16 26.59
CA LEU M 84 -13.28 31.95 26.19
C LEU M 84 -14.18 32.40 27.38
N ARG M 85 -14.13 31.64 28.45
CA ARG M 85 -14.83 31.92 29.70
C ARG M 85 -14.71 33.39 30.15
N HIS M 86 -15.81 33.95 30.63
CA HIS M 86 -15.89 35.39 30.95
C HIS M 86 -16.85 35.61 32.08
N LEU M 87 -16.52 36.61 32.90
CA LEU M 87 -17.44 37.09 33.95
C LEU M 87 -18.45 38.06 33.32
N ILE M 88 -19.73 37.74 33.42
CA ILE M 88 -20.82 38.58 32.92
C ILE M 88 -21.83 38.93 34.07
N SER M 89 -22.70 39.90 33.81
CA SER M 89 -23.76 40.26 34.72
C SER M 89 -24.98 40.90 34.04
N VAL M 90 -26.11 40.80 34.74
CA VAL M 90 -27.28 41.60 34.46
C VAL M 90 -27.82 42.15 35.79
N LYS M 91 -28.69 43.15 35.67
CA LYS M 91 -29.45 43.62 36.78
C LYS M 91 -30.37 42.45 37.23
N LEU M 92 -30.36 42.12 38.52
CA LEU M 92 -31.12 40.98 39.02
C LEU M 92 -32.56 41.20 38.65
N GLY M 93 -33.16 40.20 38.01
CA GLY M 93 -34.52 40.40 37.49
C GLY M 93 -34.62 40.27 36.00
N LYS M 94 -33.49 40.50 35.32
CA LYS M 94 -33.38 40.39 33.86
C LYS M 94 -32.81 39.03 33.49
N ILE M 95 -33.28 38.49 32.36
CA ILE M 95 -32.77 37.25 31.81
C ILE M 95 -31.40 37.52 31.17
N PRO M 96 -30.35 36.78 31.61
CA PRO M 96 -29.04 36.98 31.01
C PRO M 96 -28.95 36.31 29.63
N THR M 97 -29.26 37.10 28.62
CA THR M 97 -29.17 36.68 27.24
C THR M 97 -27.94 37.35 26.67
N VAL M 98 -27.70 37.14 25.36
CA VAL M 98 -26.56 37.74 24.66
C VAL M 98 -26.65 39.25 24.75
N GLU M 99 -27.81 39.82 24.41
CA GLU M 99 -27.98 41.29 24.40
C GLU M 99 -28.13 41.93 25.79
N ASN M 100 -28.84 41.29 26.69
CA ASN M 100 -29.05 41.86 28.01
C ASN M 100 -27.79 41.94 28.93
N SER M 101 -26.91 40.95 28.79
CA SER M 101 -25.70 40.89 29.59
C SER M 101 -24.65 41.93 29.21
N ILE M 102 -23.72 42.15 30.14
CA ILE M 102 -22.49 42.87 29.90
C ILE M 102 -21.31 41.93 30.26
N PHE M 103 -20.29 41.92 29.41
CA PHE M 103 -19.05 41.15 29.62
C PHE M 103 -17.99 42.01 30.30
N HIS M 104 -17.64 41.65 31.54
CA HIS M 104 -16.73 42.45 32.35
C HIS M 104 -15.25 42.19 32.04
N MET M 105 -14.85 40.91 32.02
CA MET M 105 -13.48 40.47 31.75
C MET M 105 -13.38 38.97 31.49
N ALA M 106 -12.33 38.54 30.81
CA ALA M 106 -12.04 37.09 30.74
C ALA M 106 -11.84 36.49 32.13
N ALA M 107 -12.44 35.33 32.40
CA ALA M 107 -12.28 34.68 33.69
C ALA M 107 -12.86 33.26 33.69
N TRP M 108 -12.18 32.36 34.36
CA TRP M 108 -12.83 31.09 34.69
C TRP M 108 -13.06 30.88 36.20
N SER M 109 -12.91 31.94 36.97
CA SER M 109 -13.26 31.96 38.42
C SER M 109 -13.47 33.43 38.75
N GLY M 110 -14.50 33.75 39.50
CA GLY M 110 -14.82 35.17 39.74
C GLY M 110 -15.34 35.55 41.10
N SER M 111 -15.49 36.87 41.29
CA SER M 111 -16.16 37.46 42.44
C SER M 111 -16.49 38.92 42.12
N ALA M 112 -17.25 39.60 42.97
CA ALA M 112 -17.55 41.02 42.80
C ALA M 112 -18.15 41.57 44.06
N CYS M 113 -18.06 42.89 44.23
CA CYS M 113 -18.67 43.58 45.38
C CYS M 113 -18.69 45.09 45.20
N HIS M 114 -19.61 45.75 45.93
CA HIS M 114 -19.79 47.18 45.88
C HIS M 114 -19.34 47.77 47.19
N ASP M 115 -18.51 48.81 47.13
CA ASP M 115 -17.99 49.41 48.37
C ASP M 115 -18.80 50.60 48.90
N GLY M 116 -19.84 50.97 48.17
CA GLY M 116 -20.64 52.10 48.53
C GLY M 116 -20.53 53.20 47.51
N LYS M 117 -19.38 53.27 46.83
CA LYS M 117 -19.12 54.26 45.76
C LYS M 117 -19.08 53.60 44.38
N GLU M 118 -18.53 52.38 44.31
CA GLU M 118 -18.25 51.75 43.04
C GLU M 118 -18.15 50.23 43.14
N TRP M 119 -18.41 49.57 42.02
CA TRP M 119 -18.22 48.12 41.81
C TRP M 119 -16.74 47.73 41.63
N THR M 120 -16.34 46.67 42.34
CA THR M 120 -15.10 45.96 42.12
C THR M 120 -15.43 44.59 41.50
N TYR M 121 -14.74 44.24 40.42
CA TYR M 121 -14.93 42.94 39.71
C TYR M 121 -13.65 42.14 39.72
N ILE M 122 -13.77 40.86 40.02
CA ILE M 122 -12.60 40.02 40.18
C ILE M 122 -12.74 38.80 39.27
N GLY M 123 -11.67 38.53 38.50
CA GLY M 123 -11.68 37.41 37.57
C GLY M 123 -10.30 36.80 37.38
N VAL M 124 -10.22 35.48 37.48
CA VAL M 124 -8.98 34.76 37.37
C VAL M 124 -9.02 34.02 36.05
N ASP M 125 -7.99 34.21 35.23
CA ASP M 125 -7.68 33.33 34.12
C ASP M 125 -6.17 33.04 34.03
N GLY M 126 -5.71 32.56 32.87
CA GLY M 126 -4.30 32.12 32.69
C GLY M 126 -4.13 30.61 32.80
N PRO M 127 -2.89 30.10 32.58
CA PRO M 127 -2.70 28.66 32.51
C PRO M 127 -2.69 27.97 33.87
N GLU M 128 -2.85 26.65 33.87
CA GLU M 128 -3.00 25.83 35.07
C GLU M 128 -1.91 26.12 36.12
N ASN M 129 -0.67 26.15 35.66
CA ASN M 129 0.47 26.20 36.55
C ASN M 129 0.91 27.62 36.87
N ASN M 130 0.15 28.61 36.40
CA ASN M 130 0.48 30.02 36.62
C ASN M 130 -0.66 30.96 36.24
N ALA M 131 -1.86 30.64 36.72
CA ALA M 131 -3.02 31.48 36.59
C ALA M 131 -2.82 32.84 37.25
N LEU M 132 -3.73 33.78 36.95
CA LEU M 132 -3.59 35.19 37.34
C LEU M 132 -4.92 35.86 37.70
N LEU M 133 -4.96 36.47 38.87
CA LEU M 133 -6.18 37.09 39.35
C LEU M 133 -6.12 38.53 38.90
N LYS M 134 -7.24 39.02 38.37
CA LYS M 134 -7.33 40.34 37.77
C LYS M 134 -8.44 41.12 38.44
N ILE M 135 -8.16 42.39 38.73
CA ILE M 135 -9.10 43.28 39.41
C ILE M 135 -9.49 44.47 38.51
N LYS M 136 -10.78 44.78 38.51
CA LYS M 136 -11.34 45.89 37.72
C LYS M 136 -12.18 46.77 38.65
N TYR M 137 -11.95 48.07 38.63
CA TYR M 137 -12.74 49.03 39.45
C TYR M 137 -13.56 49.96 38.56
N GLY M 138 -14.86 49.79 38.54
CA GLY M 138 -15.69 50.48 37.55
C GLY M 138 -15.33 49.97 36.17
N GLU M 139 -14.68 50.81 35.37
CA GLU M 139 -14.36 50.46 33.98
C GLU M 139 -12.88 50.18 33.80
N ALA M 140 -12.07 50.55 34.80
CA ALA M 140 -10.62 50.42 34.72
C ALA M 140 -10.07 49.09 35.33
N TYR M 141 -9.16 48.46 34.58
CA TYR M 141 -8.35 47.40 35.12
C TYR M 141 -7.29 48.04 36.02
N THR M 142 -7.18 47.58 37.28
CA THR M 142 -6.37 48.27 38.27
C THR M 142 -5.21 47.50 38.96
N ASP M 143 -5.27 46.16 39.02
CA ASP M 143 -4.28 45.36 39.73
C ASP M 143 -4.37 43.85 39.40
N THR M 144 -3.36 43.06 39.84
CA THR M 144 -3.36 41.59 39.71
C THR M 144 -2.68 40.97 40.90
N TYR M 145 -2.97 39.68 41.12
CA TYR M 145 -2.25 38.84 42.08
C TYR M 145 -1.83 37.54 41.38
N HIS M 146 -0.65 37.06 41.73
CA HIS M 146 -0.02 35.93 41.04
C HIS M 146 -0.20 34.61 41.80
N SER M 147 -0.22 33.52 41.03
CA SER M 147 -0.28 32.19 41.58
C SER M 147 0.89 31.96 42.53
N TYR M 148 0.62 31.39 43.69
CA TYR M 148 1.67 31.17 44.69
C TYR M 148 1.90 29.68 45.04
N ALA M 149 1.12 28.78 44.47
CA ALA M 149 1.36 27.37 44.66
C ALA M 149 1.36 26.67 43.29
N ASN M 150 1.31 27.48 42.24
CA ASN M 150 1.39 26.98 40.87
C ASN M 150 0.44 25.83 40.54
N ASN M 151 -0.80 25.91 41.06
CA ASN M 151 -1.82 24.92 40.69
C ASN M 151 -3.23 25.47 40.75
N ILE M 152 -3.66 26.09 39.65
CA ILE M 152 -5.00 26.66 39.52
C ILE M 152 -5.31 27.64 40.63
N LEU M 153 -4.64 28.80 40.64
CA LEU M 153 -5.13 29.95 41.42
C LEU M 153 -6.60 30.22 41.12
N ARG M 154 -7.35 30.51 42.19
CA ARG M 154 -8.80 30.25 42.26
C ARG M 154 -9.42 31.21 43.22
N THR M 155 -10.70 31.58 43.00
CA THR M 155 -11.39 32.46 43.97
C THR M 155 -12.80 31.97 44.45
N GLN M 156 -13.58 32.83 45.08
CA GLN M 156 -14.82 32.43 45.76
C GLN M 156 -16.00 31.89 44.96
N GLU M 157 -16.18 32.41 43.73
N GLU M 157 -16.18 32.42 43.74
CA GLU M 157 -17.46 32.21 43.00
CA GLU M 157 -17.43 32.24 42.97
C GLU M 157 -18.64 32.82 43.74
C GLU M 157 -18.62 32.81 43.73
N SER M 158 -18.38 33.90 44.48
CA SER M 158 -19.45 34.63 45.20
C SER M 158 -18.95 35.96 45.67
N ALA M 159 -19.87 36.78 46.16
CA ALA M 159 -19.62 38.17 46.54
C ALA M 159 -18.49 38.33 47.52
N CYS M 160 -17.55 39.22 47.24
CA CYS M 160 -16.63 39.73 48.26
C CYS M 160 -17.37 40.67 49.21
N ASN M 161 -16.65 41.27 50.15
CA ASN M 161 -17.33 41.96 51.22
C ASN M 161 -16.61 43.21 51.60
N CYS M 162 -17.27 44.35 51.47
CA CYS M 162 -16.61 45.65 51.70
C CYS M 162 -17.06 46.38 52.95
N ILE M 163 -16.10 46.93 53.70
CA ILE M 163 -16.41 47.76 54.86
C ILE M 163 -15.48 48.96 54.86
N GLY M 164 -16.07 50.15 55.01
CA GLY M 164 -15.27 51.37 55.10
C GLY M 164 -14.34 51.54 53.93
N GLY M 165 -14.76 50.97 52.79
CA GLY M 165 -14.02 51.07 51.53
C GLY M 165 -12.97 50.01 51.32
N ASN M 166 -12.79 49.15 52.32
CA ASN M 166 -11.88 48.03 52.23
C ASN M 166 -12.67 46.78 51.89
N CYS M 167 -12.31 46.16 50.78
CA CYS M 167 -12.96 44.90 50.35
C CYS M 167 -12.07 43.68 50.60
N TYR M 168 -12.64 42.64 51.19
CA TYR M 168 -11.92 41.40 51.54
C TYR M 168 -12.32 40.26 50.65
N LEU M 169 -11.33 39.52 50.15
CA LEU M 169 -11.51 38.43 49.19
C LEU M 169 -10.71 37.16 49.56
N MET M 170 -11.35 36.00 49.57
CA MET M 170 -10.67 34.73 49.67
C MET M 170 -10.15 34.27 48.31
N ILE M 171 -8.97 33.66 48.34
CA ILE M 171 -8.37 32.98 47.20
C ILE M 171 -7.75 31.67 47.68
N THR M 172 -7.48 30.77 46.73
CA THR M 172 -6.74 29.57 47.05
C THR M 172 -5.90 29.11 45.84
N ASP M 173 -4.95 28.23 46.11
CA ASP M 173 -4.05 27.74 45.10
C ASP M 173 -3.51 26.39 45.64
N GLY M 174 -3.35 25.41 44.78
CA GLY M 174 -2.89 24.11 45.23
C GLY M 174 -3.68 23.01 44.57
N SER M 175 -3.41 21.79 45.00
CA SER M 175 -4.00 20.64 44.32
C SER M 175 -5.43 20.40 44.82
N ALA M 176 -6.35 20.20 43.89
CA ALA M 176 -7.73 19.93 44.22
C ALA M 176 -7.88 18.62 45.05
N SER M 177 -6.84 17.79 45.01
CA SER M 177 -6.78 16.50 45.68
C SER M 177 -5.89 16.49 46.91
N GLY M 178 -5.17 17.57 47.18
CA GLY M 178 -4.14 17.56 48.22
C GLY M 178 -4.20 18.83 49.03
N ILE M 179 -3.06 19.48 49.22
CA ILE M 179 -3.01 20.72 50.02
C ILE M 179 -3.40 21.88 49.12
N SER M 180 -4.31 22.73 49.62
CA SER M 180 -4.62 24.02 49.01
C SER M 180 -4.83 25.01 50.12
N GLU M 181 -3.76 25.72 50.49
CA GLU M 181 -3.80 26.68 51.59
C GLU M 181 -4.27 28.07 51.10
N CYS M 182 -5.41 28.53 51.60
CA CYS M 182 -6.00 29.79 51.17
C CYS M 182 -5.38 31.07 51.77
N ARG M 183 -5.61 32.19 51.10
CA ARG M 183 -5.20 33.51 51.61
C ARG M 183 -6.36 34.46 51.44
N PHE M 184 -6.23 35.63 52.05
CA PHE M 184 -7.22 36.68 51.87
C PHE M 184 -6.54 37.95 51.37
N LEU M 185 -7.16 38.61 50.38
CA LEU M 185 -6.70 39.92 49.92
C LEU M 185 -7.58 41.02 50.48
N LYS M 186 -6.95 42.13 50.83
CA LYS M 186 -7.66 43.32 51.28
C LYS M 186 -7.49 44.35 50.19
N ILE M 187 -8.59 44.80 49.61
CA ILE M 187 -8.55 45.57 48.34
C ILE M 187 -9.25 46.92 48.49
N ARG M 188 -8.55 47.99 48.12
CA ARG M 188 -9.11 49.33 48.27
C ARG M 188 -9.09 50.10 46.92
N GLU M 189 -10.26 50.51 46.47
CA GLU M 189 -10.42 51.20 45.19
C GLU M 189 -9.64 50.47 44.07
N GLY M 190 -9.77 49.14 44.08
CA GLY M 190 -9.30 48.28 42.97
C GLY M 190 -7.90 47.78 43.09
N ARG M 191 -7.23 48.16 44.19
CA ARG M 191 -5.80 47.84 44.42
C ARG M 191 -5.57 47.12 45.74
N ILE M 192 -4.64 46.17 45.73
CA ILE M 192 -4.40 45.35 46.87
C ILE M 192 -3.49 46.05 47.84
N ILE M 193 -3.93 46.16 49.10
CA ILE M 193 -3.14 46.88 50.10
C ILE M 193 -2.64 46.01 51.27
N LYS M 194 -3.10 44.76 51.33
CA LYS M 194 -2.59 43.79 52.28
C LYS M 194 -2.86 42.33 51.87
N GLU M 195 -1.90 41.45 52.16
CA GLU M 195 -2.11 40.00 52.09
C GLU M 195 -2.28 39.51 53.50
N ILE M 196 -3.27 38.64 53.72
CA ILE M 196 -3.58 38.10 55.03
C ILE M 196 -3.42 36.62 54.93
N PHE M 197 -2.54 36.08 55.79
CA PHE M 197 -2.27 34.63 55.85
C PHE M 197 -2.95 34.05 57.07
N PRO M 198 -3.97 33.19 56.86
CA PRO M 198 -4.73 32.61 57.99
C PRO M 198 -3.92 31.59 58.79
N THR M 199 -4.27 31.38 60.05
CA THR M 199 -3.60 30.44 60.97
C THR M 199 -4.62 29.37 61.32
N GLY M 200 -4.15 28.24 61.89
CA GLY M 200 -5.01 27.13 62.32
C GLY M 200 -5.16 25.95 61.33
N ARG M 201 -6.41 25.53 61.09
CA ARG M 201 -6.66 24.41 60.19
C ARG M 201 -6.69 24.89 58.73
N VAL M 202 -5.51 24.91 58.11
CA VAL M 202 -5.32 25.56 56.79
C VAL M 202 -4.98 24.58 55.66
N LYS M 203 -4.82 23.32 56.03
CA LYS M 203 -4.65 22.16 55.17
C LYS M 203 -5.38 22.30 53.80
N HIS M 204 -6.70 22.54 53.84
CA HIS M 204 -7.47 22.62 52.59
C HIS M 204 -8.74 23.46 52.71
N THR M 205 -8.75 24.61 52.03
CA THR M 205 -9.89 25.53 52.03
C THR M 205 -10.20 26.09 50.64
N GLU M 206 -11.41 25.83 50.14
CA GLU M 206 -11.88 26.53 48.93
C GLU M 206 -13.26 27.12 48.92
N GLU M 207 -13.45 27.99 47.93
CA GLU M 207 -14.75 28.57 47.60
C GLU M 207 -15.50 29.09 48.83
N CYS M 208 -14.87 29.96 49.61
CA CYS M 208 -15.47 30.48 50.80
C CYS M 208 -16.69 31.32 50.48
N THR M 209 -17.79 31.02 51.17
CA THR M 209 -18.96 31.85 51.12
C THR M 209 -18.91 32.69 52.39
N CYS M 210 -18.68 33.98 52.24
CA CYS M 210 -18.32 34.92 53.33
C CYS M 210 -19.31 36.06 53.50
N GLY M 211 -19.50 36.49 54.75
CA GLY M 211 -20.33 37.65 55.06
C GLY M 211 -19.97 38.23 56.44
N PHE M 212 -20.52 39.39 56.79
CA PHE M 212 -20.20 40.02 58.05
C PHE M 212 -21.05 39.44 59.17
N ALA M 213 -20.40 39.10 60.28
CA ALA M 213 -21.08 38.78 61.51
C ALA M 213 -21.26 40.06 62.32
N SER M 214 -20.45 41.06 62.02
CA SER M 214 -20.55 42.36 62.67
C SER M 214 -19.59 43.33 61.97
N ASN M 215 -19.51 44.58 62.44
CA ASN M 215 -18.48 45.54 61.97
C ASN M 215 -17.02 45.05 62.18
N LYS M 216 -16.84 44.09 63.09
CA LYS M 216 -15.50 43.57 63.49
C LYS M 216 -15.11 42.27 62.77
N THR M 217 -16.08 41.43 62.41
CA THR M 217 -15.78 40.06 61.94
C THR M 217 -16.46 39.65 60.62
N ILE M 218 -15.67 39.08 59.72
CA ILE M 218 -16.18 38.34 58.56
C ILE M 218 -16.10 36.84 58.88
N GLU M 219 -17.08 36.08 58.47
CA GLU M 219 -17.01 34.64 58.66
C GLU M 219 -17.30 34.00 57.32
N CYS M 220 -16.72 32.84 57.09
CA CYS M 220 -16.88 32.12 55.84
C CYS M 220 -17.08 30.65 56.06
N ALA M 221 -18.05 30.08 55.38
CA ALA M 221 -18.21 28.63 55.31
C ALA M 221 -17.65 28.13 53.97
N CYS M 222 -16.64 27.26 54.05
CA CYS M 222 -15.86 26.92 52.84
C CYS M 222 -15.92 25.42 52.53
N ARG M 223 -15.09 24.98 51.60
CA ARG M 223 -15.13 23.64 51.04
C ARG M 223 -13.76 22.99 51.17
N ASP M 224 -13.75 21.79 51.71
CA ASP M 224 -12.56 20.96 51.68
C ASP M 224 -12.84 19.87 50.65
N ASN M 225 -12.05 19.83 49.60
CA ASN M 225 -12.33 18.97 48.47
C ASN M 225 -11.56 17.64 48.58
N SER M 226 -10.73 17.50 49.61
CA SER M 226 -9.95 16.24 49.81
C SER M 226 -10.23 15.50 51.08
N TYR M 227 -10.26 16.21 52.20
CA TYR M 227 -10.04 15.56 53.50
C TYR M 227 -11.26 15.25 54.33
N THR M 228 -12.27 16.11 54.27
CA THR M 228 -13.41 16.05 55.21
C THR M 228 -14.72 16.56 54.58
N ALA M 229 -15.84 16.06 55.07
CA ALA M 229 -17.19 16.56 54.71
C ALA M 229 -17.67 17.67 55.67
N LYS M 230 -16.93 17.92 56.76
CA LYS M 230 -17.18 19.12 57.58
C LYS M 230 -16.69 20.31 56.78
N ARG M 231 -17.41 21.42 56.87
CA ARG M 231 -16.96 22.65 56.22
C ARG M 231 -15.92 23.37 57.07
N PRO M 232 -14.81 23.77 56.45
CA PRO M 232 -13.87 24.67 57.14
C PRO M 232 -14.59 25.97 57.44
N PHE M 233 -14.25 26.66 58.53
CA PHE M 233 -14.96 27.86 58.93
C PHE M 233 -13.99 28.97 59.22
N VAL M 234 -14.08 30.09 58.53
CA VAL M 234 -13.10 31.16 58.70
C VAL M 234 -13.66 32.28 59.54
N LYS M 235 -12.80 32.86 60.39
CA LYS M 235 -13.18 34.05 61.18
C LYS M 235 -12.08 35.03 60.97
N LEU M 236 -12.42 36.11 60.24
CA LEU M 236 -11.50 37.18 59.89
C LEU M 236 -11.82 38.42 60.73
N ASN M 237 -10.87 38.90 61.52
CA ASN M 237 -11.04 40.14 62.25
C ASN M 237 -10.56 41.30 61.37
N VAL M 238 -11.47 42.20 61.01
CA VAL M 238 -11.14 43.25 60.02
C VAL M 238 -10.50 44.52 60.63
N GLU M 239 -10.31 44.54 61.94
CA GLU M 239 -9.65 45.66 62.62
C GLU M 239 -8.17 45.36 62.72
N THR M 240 -7.85 44.13 63.14
CA THR M 240 -6.45 43.69 63.17
C THR M 240 -6.00 43.03 61.87
N ASP M 241 -6.92 42.71 60.97
CA ASP M 241 -6.60 41.96 59.73
C ASP M 241 -5.91 40.58 59.98
N THR M 242 -6.54 39.76 60.81
CA THR M 242 -6.02 38.43 61.13
C THR M 242 -7.11 37.43 60.86
N ALA M 243 -6.75 36.23 60.42
CA ALA M 243 -7.74 35.20 60.14
C ALA M 243 -7.37 33.87 60.72
N GLU M 244 -8.39 33.13 61.15
CA GLU M 244 -8.27 31.83 61.77
C GLU M 244 -9.29 30.85 61.16
N ILE M 245 -8.93 29.58 61.04
CA ILE M 245 -9.76 28.59 60.37
C ILE M 245 -9.81 27.32 61.19
N ARG M 246 -11.02 26.83 61.47
CA ARG M 246 -11.18 25.51 62.09
C ARG M 246 -12.40 24.85 61.47
N LEU M 247 -12.48 23.52 61.55
CA LEU M 247 -13.65 22.79 61.03
C LEU M 247 -14.93 23.09 61.81
N MET M 248 -16.08 23.10 61.11
CA MET M 248 -17.39 23.18 61.75
C MET M 248 -17.68 21.90 62.54
N CYS M 249 -17.97 22.08 63.83
CA CYS M 249 -18.20 20.97 64.74
C CYS M 249 -19.59 20.28 64.66
N THR M 250 -20.55 20.93 64.00
CA THR M 250 -21.92 20.42 63.97
C THR M 250 -22.01 19.00 63.40
N GLU M 251 -22.96 18.20 63.89
CA GLU M 251 -23.18 16.87 63.35
C GLU M 251 -23.94 16.91 62.02
N THR M 252 -24.45 18.10 61.65
CA THR M 252 -25.14 18.32 60.39
C THR M 252 -24.11 18.72 59.31
N TYR M 253 -23.40 17.73 58.79
CA TYR M 253 -22.28 17.99 57.85
C TYR M 253 -22.82 18.58 56.56
N LEU M 254 -22.25 19.71 56.14
CA LEU M 254 -22.85 20.55 55.09
C LEU M 254 -22.31 20.29 53.68
N ASP M 255 -21.26 19.50 53.58
CA ASP M 255 -20.66 19.22 52.28
C ASP M 255 -21.41 18.12 51.51
N THR M 256 -21.00 17.89 50.27
CA THR M 256 -21.48 16.77 49.45
C THR M 256 -20.29 16.31 48.60
N PRO M 257 -19.92 15.01 48.65
CA PRO M 257 -20.46 13.91 49.47
C PRO M 257 -20.27 14.13 50.96
N ARG M 258 -20.99 13.35 51.76
CA ARG M 258 -20.88 13.33 53.19
C ARG M 258 -21.38 11.97 53.74
N PRO M 259 -20.91 11.57 54.94
CA PRO M 259 -21.50 10.40 55.61
C PRO M 259 -22.78 10.78 56.40
N ASP M 260 -23.37 9.84 57.15
CA ASP M 260 -24.59 10.14 57.90
C ASP M 260 -24.29 11.15 58.99
N ASP M 261 -25.31 11.94 59.36
CA ASP M 261 -25.09 12.99 60.32
C ASP M 261 -24.58 12.40 61.64
N GLY M 262 -23.60 13.04 62.27
CA GLY M 262 -23.09 12.65 63.60
C GLY M 262 -22.19 11.42 63.68
N SER M 263 -21.96 10.77 62.53
CA SER M 263 -21.19 9.50 62.48
C SER M 263 -19.67 9.69 62.35
N ILE M 264 -19.20 10.93 62.35
CA ILE M 264 -17.76 11.15 62.47
C ILE M 264 -17.38 11.24 63.95
N THR M 265 -16.64 10.24 64.40
CA THR M 265 -16.32 10.08 65.82
C THR M 265 -15.13 10.93 66.22
N GLY M 266 -14.93 11.14 67.53
CA GLY M 266 -13.82 11.97 68.02
C GLY M 266 -14.29 13.39 68.24
N PRO M 267 -13.36 14.29 68.62
CA PRO M 267 -13.82 15.66 68.94
C PRO M 267 -14.03 16.52 67.69
N CYS M 268 -14.28 17.81 67.91
CA CYS M 268 -14.57 18.74 66.83
C CYS M 268 -13.58 18.67 65.67
N GLU M 269 -12.30 18.45 65.95
CA GLU M 269 -11.28 18.49 64.88
C GLU M 269 -11.16 17.28 63.91
N SER M 270 -11.85 16.16 64.19
CA SER M 270 -11.71 14.94 63.33
C SER M 270 -12.25 15.10 61.91
N ASN M 271 -11.53 14.54 60.93
CA ASN M 271 -11.88 14.68 59.53
C ASN M 271 -13.25 14.14 59.03
N GLY M 272 -13.65 12.86 59.19
CA GLY M 272 -12.84 11.66 59.26
C GLY M 272 -13.06 10.95 57.90
N ASP M 273 -14.31 10.54 57.60
CA ASP M 273 -14.63 9.77 56.36
C ASP M 273 -15.42 10.52 55.22
N LYS M 274 -15.41 9.90 54.03
CA LYS M 274 -16.07 10.39 52.81
C LYS M 274 -15.75 11.86 52.46
N GLY M 275 -14.54 12.28 52.82
CA GLY M 275 -14.11 13.66 52.68
C GLY M 275 -13.67 14.12 51.30
N SER M 276 -13.34 13.20 50.40
CA SER M 276 -12.85 13.62 49.07
C SER M 276 -14.01 13.98 48.14
N GLY M 277 -13.84 15.04 47.35
CA GLY M 277 -14.93 15.69 46.62
C GLY M 277 -15.61 16.74 47.50
N GLY M 278 -16.54 17.52 46.94
CA GLY M 278 -17.18 18.61 47.67
C GLY M 278 -18.10 19.46 46.83
N ILE M 279 -18.66 20.49 47.46
CA ILE M 279 -19.51 21.46 46.81
C ILE M 279 -19.42 22.84 47.54
N LYS M 280 -19.56 23.94 46.78
CA LYS M 280 -19.70 25.29 47.35
C LYS M 280 -21.01 25.38 48.11
N GLY M 281 -20.98 25.99 49.30
CA GLY M 281 -22.15 26.00 50.21
C GLY M 281 -22.72 27.38 50.55
N GLY M 282 -24.04 27.45 50.69
CA GLY M 282 -24.69 28.69 51.09
C GLY M 282 -24.49 29.03 52.57
N PHE M 283 -24.41 30.32 52.85
CA PHE M 283 -24.17 30.78 54.17
C PHE M 283 -24.33 32.29 54.21
N VAL M 284 -25.18 32.73 55.14
CA VAL M 284 -25.49 34.16 55.28
C VAL M 284 -25.85 34.52 56.75
N HIS M 285 -25.62 35.77 57.15
CA HIS M 285 -25.87 36.19 58.54
C HIS M 285 -27.18 36.98 58.69
N GLN M 286 -27.86 36.71 59.80
CA GLN M 286 -28.99 37.50 60.29
C GLN M 286 -28.52 38.23 61.57
N ARG M 287 -28.28 39.54 61.47
CA ARG M 287 -27.68 40.30 62.58
C ARG M 287 -28.76 41.04 63.36
N MET M 288 -28.97 40.62 64.59
CA MET M 288 -29.91 41.25 65.49
C MET M 288 -29.18 41.96 66.63
N ALA M 289 -29.91 42.72 67.43
CA ALA M 289 -29.32 43.59 68.46
C ALA M 289 -28.41 42.80 69.43
N SER M 290 -28.92 41.73 70.03
CA SER M 290 -28.18 40.93 71.02
C SER M 290 -28.14 39.43 70.66
N LYS M 291 -28.16 39.13 69.38
CA LYS M 291 -28.30 37.75 68.91
C LYS M 291 -27.77 37.69 67.47
N ILE M 292 -27.17 36.57 67.10
CA ILE M 292 -26.83 36.33 65.70
C ILE M 292 -27.31 34.97 65.18
N GLY M 293 -28.04 34.99 64.06
CA GLY M 293 -28.43 33.75 63.38
C GLY M 293 -27.46 33.43 62.25
N ARG M 294 -27.15 32.15 62.09
CA ARG M 294 -26.34 31.71 60.94
C ARG M 294 -27.18 30.76 60.11
N TRP M 295 -27.35 31.09 58.82
CA TRP M 295 -28.22 30.32 57.96
C TRP M 295 -27.36 29.59 56.94
N TYR M 296 -27.62 28.31 56.71
CA TYR M 296 -26.77 27.49 55.83
C TYR M 296 -27.62 26.62 54.92
N SER M 297 -27.04 26.20 53.79
CA SER M 297 -27.77 25.24 52.92
C SER M 297 -26.94 24.04 52.55
N ARG M 298 -27.60 22.91 52.33
CA ARG M 298 -26.89 21.74 51.85
C ARG M 298 -27.80 20.88 51.00
N THR M 299 -27.21 20.07 50.10
CA THR M 299 -27.98 19.18 49.22
C THR M 299 -28.88 18.27 50.06
N MET M 300 -29.95 17.81 49.44
CA MET M 300 -30.90 16.92 50.13
C MET M 300 -30.28 15.53 50.16
N SER M 301 -29.61 15.17 49.04
CA SER M 301 -28.92 13.90 48.88
C SER M 301 -27.54 13.95 49.49
N LYS M 302 -27.17 12.86 50.16
CA LYS M 302 -25.83 12.77 50.77
C LYS M 302 -24.65 12.56 49.78
N THR M 303 -24.96 12.05 48.59
CA THR M 303 -23.96 11.63 47.59
C THR M 303 -24.01 12.49 46.34
N LYS M 304 -25.19 13.03 46.05
CA LYS M 304 -25.44 13.62 44.75
C LYS M 304 -25.84 15.07 44.87
N ARG M 305 -25.75 15.78 43.74
CA ARG M 305 -26.11 17.19 43.66
C ARG M 305 -27.59 17.38 43.31
N MET M 306 -28.42 16.91 44.26
CA MET M 306 -29.88 16.91 44.16
C MET M 306 -30.54 17.52 45.40
N GLY M 307 -31.45 18.45 45.18
CA GLY M 307 -32.12 19.11 46.28
C GLY M 307 -31.32 20.19 47.02
N MET M 308 -32.00 20.92 47.90
CA MET M 308 -31.32 21.86 48.76
C MET M 308 -32.20 22.20 49.95
N GLY M 309 -31.72 21.92 51.16
CA GLY M 309 -32.46 22.20 52.39
C GLY M 309 -31.87 23.41 53.06
N LEU M 310 -32.64 24.15 53.82
CA LEU M 310 -32.15 25.34 54.50
C LEU M 310 -32.07 24.99 55.95
N TYR M 311 -30.98 25.39 56.61
CA TYR M 311 -30.77 25.10 58.06
C TYR M 311 -30.35 26.38 58.78
N VAL M 312 -30.59 26.40 60.11
CA VAL M 312 -30.33 27.59 60.93
C VAL M 312 -29.89 27.28 62.37
N LYS M 313 -29.03 28.14 62.90
CA LYS M 313 -28.58 28.09 64.29
C LYS M 313 -28.27 29.48 64.83
N TYR M 314 -28.78 29.76 66.01
CA TYR M 314 -28.63 31.07 66.61
C TYR M 314 -27.49 31.04 67.64
N ASP M 315 -26.60 32.04 67.58
CA ASP M 315 -25.49 32.18 68.55
C ASP M 315 -24.56 30.96 68.64
N GLY M 316 -23.86 30.82 69.77
CA GLY M 316 -22.85 29.77 69.94
C GLY M 316 -21.57 30.03 69.14
N ASP M 317 -20.75 28.99 69.07
CA ASP M 317 -19.49 29.00 68.35
C ASP M 317 -19.49 27.77 67.44
N PRO M 318 -19.57 27.99 66.11
CA PRO M 318 -19.62 26.89 65.13
C PRO M 318 -18.39 25.99 65.16
N TRP M 319 -17.31 26.49 65.76
CA TRP M 319 -16.05 25.74 65.89
C TRP M 319 -16.11 24.62 66.94
N THR M 320 -16.96 24.81 67.96
CA THR M 320 -17.03 23.93 69.14
C THR M 320 -18.42 23.37 69.41
N ASP M 321 -19.45 23.91 68.76
CA ASP M 321 -20.82 23.40 68.92
C ASP M 321 -21.11 22.16 68.08
N SER M 322 -21.33 21.04 68.75
CA SER M 322 -21.60 19.78 68.05
C SER M 322 -23.11 19.59 67.84
N ASP M 323 -23.92 20.44 68.47
CA ASP M 323 -25.39 20.37 68.32
C ASP M 323 -25.78 20.37 66.82
N ALA M 324 -26.82 19.62 66.49
CA ALA M 324 -27.37 19.61 65.13
C ALA M 324 -27.95 20.95 64.77
N LEU M 325 -27.77 21.32 63.52
CA LEU M 325 -28.45 22.47 62.90
C LEU M 325 -29.93 22.19 62.73
N ALA M 326 -30.79 23.15 63.09
CA ALA M 326 -32.25 23.02 62.91
C ALA M 326 -32.59 23.10 61.42
N LEU M 327 -33.32 22.09 60.94
CA LEU M 327 -33.82 22.08 59.55
C LEU M 327 -34.97 23.06 59.37
N SER M 328 -34.74 24.11 58.60
CA SER M 328 -35.80 25.11 58.40
C SER M 328 -36.77 24.81 57.23
N GLY M 329 -36.28 24.33 56.09
CA GLY M 329 -37.17 23.96 54.98
C GLY M 329 -36.51 23.37 53.75
N VAL M 330 -37.30 22.77 52.88
CA VAL M 330 -36.79 22.24 51.61
C VAL M 330 -37.01 23.30 50.54
N MET M 331 -35.91 23.87 50.05
CA MET M 331 -35.94 24.85 48.96
C MET M 331 -35.98 24.19 47.58
N VAL M 332 -35.39 22.99 47.47
CA VAL M 332 -35.31 22.26 46.19
C VAL M 332 -35.49 20.78 46.43
N SER M 333 -36.52 20.18 45.86
CA SER M 333 -36.82 18.81 46.19
C SER M 333 -35.75 17.91 45.59
N MET M 334 -35.63 16.73 46.19
CA MET M 334 -34.70 15.69 45.82
C MET M 334 -34.75 15.36 44.32
N GLU M 335 -35.88 15.63 43.67
CA GLU M 335 -36.03 15.41 42.22
C GLU M 335 -35.46 16.54 41.34
N GLU M 336 -35.06 17.67 41.93
CA GLU M 336 -34.47 18.78 41.16
C GLU M 336 -32.98 18.93 41.47
N PRO M 337 -32.21 19.48 40.51
CA PRO M 337 -30.78 19.61 40.74
C PRO M 337 -30.41 20.75 41.71
N GLY M 338 -29.45 20.48 42.60
CA GLY M 338 -28.95 21.42 43.64
C GLY M 338 -27.43 21.42 43.58
N TRP M 339 -26.87 22.41 42.90
CA TRP M 339 -25.44 22.49 42.80
C TRP M 339 -24.97 23.59 43.76
N TYR M 340 -24.00 24.41 43.37
CA TYR M 340 -23.48 25.46 44.24
C TYR M 340 -24.59 26.27 44.90
N SER M 341 -24.33 26.78 46.09
CA SER M 341 -25.24 27.72 46.78
C SER M 341 -24.42 28.80 47.44
N PHE M 342 -24.99 29.98 47.65
CA PHE M 342 -24.22 31.16 48.09
C PHE M 342 -25.08 32.12 48.87
N GLY M 343 -24.47 33.06 49.60
CA GLY M 343 -25.19 34.04 50.35
C GLY M 343 -24.95 35.46 49.84
N PHE M 344 -25.93 36.33 50.09
CA PHE M 344 -25.82 37.77 49.79
C PHE M 344 -26.87 38.52 50.54
N GLU M 345 -26.76 39.84 50.49
CA GLU M 345 -27.62 40.69 51.27
C GLU M 345 -28.15 41.78 50.37
N ILE M 346 -29.45 42.01 50.44
CA ILE M 346 -30.08 43.13 49.72
C ILE M 346 -30.25 44.33 50.65
N LYS M 347 -30.01 45.54 50.14
CA LYS M 347 -30.01 46.74 50.98
C LYS M 347 -31.35 47.45 50.94
N ASP M 348 -32.22 47.20 51.94
CA ASP M 348 -33.47 48.00 52.16
C ASP M 348 -33.07 49.40 52.71
N LYS M 349 -34.04 50.29 52.87
CA LYS M 349 -33.78 51.69 53.23
C LYS M 349 -32.91 51.88 54.47
N LYS M 350 -33.20 51.12 55.54
CA LYS M 350 -32.48 51.28 56.80
C LYS M 350 -31.95 49.95 57.38
N CYS M 351 -32.07 48.85 56.62
CA CYS M 351 -31.63 47.57 57.15
C CYS M 351 -31.29 46.60 56.01
N ASP M 352 -30.58 45.52 56.33
CA ASP M 352 -30.10 44.58 55.34
C ASP M 352 -30.89 43.29 55.34
N VAL M 353 -31.21 42.75 54.16
CA VAL M 353 -31.96 41.49 54.02
C VAL M 353 -31.09 40.28 53.60
N PRO M 354 -30.84 39.34 54.53
CA PRO M 354 -30.12 38.12 54.17
C PRO M 354 -30.88 37.20 53.18
N CYS M 355 -30.16 36.68 52.20
CA CYS M 355 -30.71 35.81 51.14
C CYS M 355 -29.71 34.73 50.79
N ILE M 356 -30.21 33.59 50.31
CA ILE M 356 -29.42 32.44 49.83
C ILE M 356 -29.88 32.15 48.40
N GLY M 357 -28.91 32.08 47.49
CA GLY M 357 -29.18 31.70 46.10
C GLY M 357 -28.72 30.27 45.80
N ILE M 358 -29.34 29.63 44.83
CA ILE M 358 -29.00 28.26 44.52
C ILE M 358 -28.86 28.09 43.04
N GLU M 359 -27.68 27.67 42.60
CA GLU M 359 -27.41 27.29 41.22
C GLU M 359 -28.06 25.92 40.95
N MET M 360 -28.90 25.85 39.93
CA MET M 360 -29.65 24.63 39.63
C MET M 360 -29.27 24.22 38.23
N VAL M 361 -28.31 23.31 38.16
CA VAL M 361 -27.64 22.99 36.89
C VAL M 361 -28.43 22.03 35.99
N HIS M 362 -28.50 22.34 34.70
CA HIS M 362 -29.15 21.46 33.72
C HIS M 362 -28.02 20.60 33.24
N ASP M 363 -27.95 19.38 33.79
CA ASP M 363 -26.90 18.44 33.44
C ASP M 363 -27.42 17.25 32.63
N GLY M 364 -26.93 17.13 31.40
CA GLY M 364 -27.27 15.98 30.55
C GLY M 364 -26.03 15.32 29.95
N GLY M 365 -24.89 15.51 30.61
CA GLY M 365 -23.64 14.92 30.16
C GLY M 365 -22.86 15.78 29.18
N LYS M 366 -21.69 15.31 28.78
CA LYS M 366 -20.82 16.08 27.89
C LYS M 366 -21.28 16.15 26.40
N GLU M 367 -22.36 15.45 26.05
CA GLU M 367 -22.81 15.35 24.64
C GLU M 367 -23.85 16.41 24.25
N THR M 368 -24.21 17.25 25.21
CA THR M 368 -25.19 18.33 24.98
C THR M 368 -24.77 19.57 25.82
N TRP M 369 -25.62 20.59 25.90
CA TRP M 369 -25.24 21.84 26.58
C TRP M 369 -25.26 21.70 28.11
N HIS M 370 -24.53 22.59 28.78
CA HIS M 370 -24.43 22.54 30.23
C HIS M 370 -24.50 23.96 30.80
N SER M 371 -25.60 24.24 31.51
CA SER M 371 -25.82 25.54 32.11
C SER M 371 -26.66 25.40 33.39
N ALA M 372 -27.20 26.53 33.90
CA ALA M 372 -27.87 26.56 35.19
C ALA M 372 -28.93 27.64 35.31
N ALA M 373 -29.98 27.34 36.06
CA ALA M 373 -30.89 28.38 36.53
C ALA M 373 -30.40 28.88 37.91
N THR M 374 -31.03 29.93 38.42
CA THR M 374 -30.66 30.48 39.75
C THR M 374 -31.90 30.78 40.58
N ALA M 375 -32.09 30.08 41.71
CA ALA M 375 -33.26 30.29 42.57
C ALA M 375 -32.88 31.15 43.78
N ILE M 376 -33.74 32.06 44.23
CA ILE M 376 -33.39 32.97 45.32
C ILE M 376 -34.34 32.86 46.54
N TYR M 377 -33.78 32.63 47.72
CA TYR M 377 -34.56 32.63 48.97
C TYR M 377 -34.11 33.74 49.91
N CYS M 378 -35.02 34.52 50.46
CA CYS M 378 -34.64 35.57 51.43
C CYS M 378 -35.50 35.54 52.68
N LEU M 379 -34.95 36.14 53.73
CA LEU M 379 -35.63 36.29 55.01
C LEU M 379 -36.76 37.27 54.78
N MET M 380 -37.99 36.82 55.00
CA MET M 380 -39.17 37.69 54.95
C MET M 380 -40.33 37.18 55.81
N GLY M 381 -40.72 38.01 56.79
CA GLY M 381 -41.90 37.77 57.63
C GLY M 381 -41.59 36.74 58.68
N SER M 382 -42.64 36.15 59.23
CA SER M 382 -42.56 35.13 60.24
C SER M 382 -43.22 33.80 59.77
N GLY M 383 -43.06 32.71 60.55
CA GLY M 383 -43.68 31.42 60.22
C GLY M 383 -42.67 30.41 59.74
N GLN M 384 -43.05 29.53 58.80
CA GLN M 384 -42.12 28.51 58.24
C GLN M 384 -42.02 28.64 56.73
N LEU M 385 -40.88 28.20 56.20
CA LEU M 385 -40.63 28.22 54.75
C LEU M 385 -41.69 27.33 54.03
N LEU M 386 -42.36 27.93 53.04
CA LEU M 386 -43.56 27.35 52.43
C LEU M 386 -43.39 26.59 51.10
N TRP M 387 -42.58 27.09 50.14
CA TRP M 387 -42.59 26.43 48.82
C TRP M 387 -41.20 26.18 48.21
N ASP M 388 -41.11 25.10 47.43
CA ASP M 388 -39.88 24.73 46.73
C ASP M 388 -39.79 25.33 45.31
N THR M 389 -38.70 25.04 44.62
CA THR M 389 -38.41 25.64 43.33
C THR M 389 -38.07 24.57 42.31
N VAL M 390 -38.71 24.60 41.16
CA VAL M 390 -38.32 23.76 40.05
C VAL M 390 -37.74 24.68 38.91
N THR M 391 -36.98 24.12 37.95
CA THR M 391 -36.49 24.97 36.86
C THR M 391 -37.52 25.10 35.74
N GLY M 392 -38.38 24.07 35.63
CA GLY M 392 -39.34 23.94 34.52
C GLY M 392 -38.72 23.55 33.19
N VAL M 393 -37.39 23.36 33.15
CA VAL M 393 -36.66 23.10 31.89
C VAL M 393 -36.57 21.62 31.44
N ASP M 394 -37.02 21.35 30.22
CA ASP M 394 -36.80 20.07 29.59
C ASP M 394 -35.63 20.19 28.59
N MET M 395 -34.57 19.43 28.82
CA MET M 395 -33.30 19.61 28.13
C MET M 395 -33.35 19.11 26.71
N ALA M 396 -34.43 18.41 26.36
CA ALA M 396 -34.60 17.84 25.01
C ALA M 396 -35.01 18.88 24.00
N LEU M 397 -35.54 20.00 24.49
CA LEU M 397 -36.23 20.98 23.65
C LEU M 397 -35.26 21.99 23.01
N PRO N 9 -19.24 69.70 34.05
CA PRO N 9 -18.02 69.02 33.61
C PRO N 9 -17.02 69.97 32.92
N GLU N 10 -15.78 69.49 32.76
CA GLU N 10 -14.64 70.27 32.33
C GLU N 10 -13.84 69.58 31.22
N TRP N 11 -12.91 70.31 30.57
CA TRP N 11 -12.07 69.74 29.51
C TRP N 11 -11.11 68.75 30.14
N THR N 12 -10.81 67.68 29.42
CA THR N 12 -9.87 66.69 29.91
C THR N 12 -8.49 66.86 29.32
N TYR N 13 -7.50 66.31 30.03
CA TYR N 13 -6.08 66.40 29.70
C TYR N 13 -5.50 64.99 29.95
N PRO N 14 -4.39 64.63 29.27
CA PRO N 14 -3.73 63.37 29.65
C PRO N 14 -3.09 63.46 31.05
N ARG N 15 -3.18 62.39 31.84
CA ARG N 15 -2.56 62.39 33.17
C ARG N 15 -1.53 61.30 33.20
N LEU N 16 -0.83 61.20 34.32
CA LEU N 16 0.12 60.09 34.58
C LEU N 16 -0.63 58.77 34.52
N SER N 17 -0.01 57.78 33.87
CA SER N 17 -0.57 56.44 33.81
C SER N 17 -0.68 55.81 35.17
N CYS N 18 -1.58 54.84 35.30
CA CYS N 18 -1.70 54.12 36.56
C CYS N 18 -0.45 53.25 36.73
N PRO N 19 -0.16 52.82 37.98
CA PRO N 19 0.99 51.92 38.22
C PRO N 19 0.86 50.59 37.49
N GLY N 20 2.00 50.05 37.04
CA GLY N 20 2.08 48.73 36.40
C GLY N 20 3.37 48.62 35.58
N SER N 21 3.80 47.39 35.32
CA SER N 21 4.93 47.18 34.43
C SER N 21 4.70 46.08 33.38
N THR N 22 3.48 45.52 33.32
CA THR N 22 3.16 44.53 32.27
C THR N 22 1.71 44.61 31.83
N PHE N 23 1.48 44.33 30.55
CA PHE N 23 0.14 44.17 30.07
C PHE N 23 -0.41 42.77 30.37
N GLN N 24 -1.74 42.65 30.51
CA GLN N 24 -2.41 41.34 30.63
C GLN N 24 -3.67 41.28 29.79
N LYS N 25 -4.17 40.09 29.52
CA LYS N 25 -5.38 39.87 28.75
C LYS N 25 -6.56 40.38 29.56
N ALA N 26 -7.38 41.29 29.00
CA ALA N 26 -8.48 41.89 29.75
C ALA N 26 -9.87 41.38 29.34
N LEU N 27 -10.16 41.36 28.03
CA LEU N 27 -11.53 41.17 27.56
C LEU N 27 -11.61 40.80 26.10
N LEU N 28 -12.52 39.89 25.78
CA LEU N 28 -12.79 39.55 24.39
C LEU N 28 -14.22 39.90 24.00
N ILE N 29 -14.38 40.63 22.90
CA ILE N 29 -15.68 40.88 22.27
C ILE N 29 -15.71 40.05 20.98
N SER N 30 -16.28 38.85 21.07
CA SER N 30 -16.45 37.99 19.89
C SER N 30 -17.91 37.78 19.53
N PRO N 31 -18.50 38.74 18.81
CA PRO N 31 -19.93 38.74 18.56
C PRO N 31 -20.32 37.56 17.68
N HIS N 32 -19.38 37.04 16.93
CA HIS N 32 -19.73 35.96 16.01
C HIS N 32 -19.83 34.58 16.61
N ARG N 33 -19.53 34.48 17.90
CA ARG N 33 -19.81 33.26 18.69
C ARG N 33 -21.33 33.02 18.79
N PHE N 34 -22.11 34.01 18.36
CA PHE N 34 -23.58 33.97 18.48
C PHE N 34 -24.26 34.08 17.11
N GLY N 35 -23.48 34.01 16.04
CA GLY N 35 -24.04 34.07 14.68
C GLY N 35 -24.31 32.75 13.96
N GLU N 36 -24.45 31.64 14.68
CA GLU N 36 -24.85 30.37 14.05
C GLU N 36 -26.22 30.42 13.35
N THR N 37 -26.37 29.67 12.24
CA THR N 37 -27.70 29.32 11.70
C THR N 37 -28.63 28.80 12.79
N LYS N 38 -28.13 27.92 13.69
CA LYS N 38 -28.93 27.28 14.76
C LYS N 38 -29.21 28.17 16.02
N GLY N 39 -28.55 29.32 16.10
CA GLY N 39 -28.79 30.32 17.14
C GLY N 39 -29.88 31.34 16.78
N ASN N 40 -30.04 32.33 17.65
CA ASN N 40 -31.12 33.33 17.52
C ASN N 40 -30.63 34.78 17.67
N SER N 41 -29.39 35.05 17.27
CA SER N 41 -28.82 36.41 17.43
C SER N 41 -28.48 37.07 16.11
N ALA N 42 -28.10 38.35 16.22
CA ALA N 42 -27.85 39.21 15.08
C ALA N 42 -26.61 40.12 15.33
N PRO N 43 -25.41 39.50 15.49
CA PRO N 43 -24.19 40.30 15.52
C PRO N 43 -24.01 41.01 14.20
N LEU N 44 -23.59 42.28 14.25
CA LEU N 44 -23.33 43.06 13.06
C LEU N 44 -22.03 42.66 12.37
N ILE N 45 -22.06 42.55 11.03
CA ILE N 45 -20.85 42.40 10.19
C ILE N 45 -20.02 43.68 10.12
N ILE N 46 -18.79 43.62 10.62
CA ILE N 46 -17.93 44.80 10.75
C ILE N 46 -16.47 44.54 10.40
N ARG N 47 -15.71 45.64 10.27
CA ARG N 47 -14.24 45.66 10.27
C ARG N 47 -13.73 46.97 10.88
N GLU N 48 -12.44 47.20 10.86
CA GLU N 48 -11.87 48.41 11.45
C GLU N 48 -12.47 48.81 12.83
N PRO N 49 -12.34 47.93 13.81
CA PRO N 49 -12.86 48.34 15.11
C PRO N 49 -11.86 49.19 15.86
N PHE N 50 -12.33 49.95 16.83
CA PHE N 50 -11.47 50.66 17.76
C PHE N 50 -12.25 51.08 18.99
N ILE N 51 -11.53 51.52 20.01
CA ILE N 51 -12.13 51.91 21.29
C ILE N 51 -11.66 53.31 21.68
N ALA N 52 -12.55 54.07 22.30
CA ALA N 52 -12.25 55.39 22.81
C ALA N 52 -13.07 55.61 24.06
N CYS N 53 -12.50 56.28 25.03
CA CYS N 53 -13.10 56.39 26.35
C CYS N 53 -13.23 57.81 26.79
N GLY N 54 -14.35 58.11 27.47
CA GLY N 54 -14.57 59.39 28.18
C GLY N 54 -14.37 59.19 29.67
N PRO N 55 -14.75 60.21 30.49
CA PRO N 55 -14.54 60.17 31.95
C PRO N 55 -15.39 59.13 32.67
N LYS N 56 -16.48 58.66 32.04
CA LYS N 56 -17.31 57.65 32.67
C LYS N 56 -17.55 56.36 31.84
N GLU N 57 -17.41 56.47 30.51
CA GLU N 57 -17.76 55.38 29.58
C GLU N 57 -16.66 55.10 28.56
N CYS N 58 -16.46 53.84 28.18
CA CYS N 58 -15.65 53.45 27.00
C CYS N 58 -16.57 52.91 25.93
N LYS N 59 -16.41 53.43 24.72
CA LYS N 59 -17.27 53.01 23.56
C LYS N 59 -16.46 52.23 22.54
N HIS N 60 -17.07 51.17 22.02
CA HIS N 60 -16.44 50.25 21.12
C HIS N 60 -17.02 50.61 19.78
N PHE N 61 -16.19 51.18 18.91
CA PHE N 61 -16.61 51.60 17.55
C PHE N 61 -16.20 50.60 16.47
N ALA N 62 -16.96 50.59 15.38
CA ALA N 62 -16.62 49.80 14.20
C ALA N 62 -17.32 50.37 12.93
N LEU N 63 -16.78 50.00 11.76
CA LEU N 63 -17.39 50.28 10.50
C LEU N 63 -18.18 49.07 10.06
N THR N 64 -19.50 49.13 10.12
CA THR N 64 -20.35 48.00 9.65
C THR N 64 -20.64 48.01 8.15
N HIS N 65 -20.98 46.87 7.57
CA HIS N 65 -21.49 46.87 6.17
C HIS N 65 -23.02 46.86 6.18
N TYR N 66 -23.61 47.21 7.32
CA TYR N 66 -25.06 47.32 7.45
C TYR N 66 -25.71 45.95 7.16
N ALA N 67 -25.07 44.91 7.65
CA ALA N 67 -25.56 43.56 7.45
C ALA N 67 -25.21 42.73 8.67
N ALA N 68 -25.96 41.64 8.89
CA ALA N 68 -25.80 40.80 10.08
C ALA N 68 -25.59 39.32 9.76
N GLN N 69 -25.09 38.56 10.74
CA GLN N 69 -24.90 37.14 10.61
C GLN N 69 -25.75 36.37 11.63
N PRO N 70 -26.60 35.41 11.16
CA PRO N 70 -26.84 35.03 9.75
C PRO N 70 -27.70 36.00 9.05
N GLY N 71 -27.57 36.02 7.71
CA GLY N 71 -28.33 36.93 6.82
C GLY N 71 -28.01 36.56 5.37
N GLY N 72 -28.44 37.44 4.46
CA GLY N 72 -28.29 37.20 3.03
C GLY N 72 -27.61 38.32 2.29
N TYR N 73 -26.87 39.15 3.02
CA TYR N 73 -26.11 40.26 2.40
C TYR N 73 -24.58 40.14 2.53
N TYR N 74 -24.09 38.90 2.55
CA TYR N 74 -22.66 38.59 2.64
C TYR N 74 -21.84 39.11 1.46
N ASN N 75 -22.38 38.96 0.24
CA ASN N 75 -21.72 39.50 -0.96
C ASN N 75 -21.33 41.02 -0.81
N GLY N 76 -20.03 41.30 -0.85
CA GLY N 76 -19.54 42.68 -0.71
C GLY N 76 -18.92 43.01 0.64
N THR N 77 -18.98 42.08 1.60
CA THR N 77 -18.51 42.39 2.96
C THR N 77 -16.99 42.32 3.12
N ARG N 78 -16.29 41.75 2.12
CA ARG N 78 -14.81 41.88 1.97
C ARG N 78 -14.33 43.21 1.36
N GLY N 79 -15.17 43.89 0.61
CA GLY N 79 -14.85 45.24 0.08
C GLY N 79 -14.58 46.33 1.14
N ASP N 80 -13.89 47.38 0.71
CA ASP N 80 -13.48 48.41 1.65
C ASP N 80 -14.44 49.58 1.83
N ARG N 81 -15.05 50.02 0.71
CA ARG N 81 -15.94 51.18 0.66
C ARG N 81 -17.21 50.85 -0.17
N ASN N 82 -18.37 51.28 0.34
CA ASN N 82 -19.61 51.29 -0.43
C ASN N 82 -20.54 52.32 0.20
N LYS N 83 -21.76 52.44 -0.36
CA LYS N 83 -22.76 53.42 0.09
C LYS N 83 -23.58 53.02 1.35
N LEU N 84 -23.35 51.83 1.89
CA LEU N 84 -24.15 51.37 3.09
C LEU N 84 -23.32 51.38 4.39
N ARG N 85 -22.03 51.45 4.23
CA ARG N 85 -21.07 51.41 5.31
C ARG N 85 -21.35 52.54 6.34
N HIS N 86 -21.39 52.19 7.64
CA HIS N 86 -21.71 53.16 8.69
C HIS N 86 -20.80 52.99 9.91
N LEU N 87 -20.51 54.11 10.58
CA LEU N 87 -19.84 54.11 11.87
C LEU N 87 -20.89 53.77 12.94
N ILE N 88 -20.65 52.73 13.72
CA ILE N 88 -21.53 52.32 14.80
C ILE N 88 -20.73 52.22 16.11
N SER N 89 -21.44 52.12 17.23
CA SER N 89 -20.82 51.88 18.52
C SER N 89 -21.76 51.16 19.52
N VAL N 90 -21.15 50.56 20.54
CA VAL N 90 -21.80 50.11 21.75
C VAL N 90 -20.93 50.47 22.96
N LYS N 91 -21.54 50.46 24.13
CA LYS N 91 -20.77 50.58 25.35
C LYS N 91 -19.84 49.34 25.41
N LEU N 92 -18.57 49.57 25.68
CA LEU N 92 -17.60 48.49 25.70
C LEU N 92 -18.02 47.47 26.74
N GLY N 93 -18.18 46.22 26.29
CA GLY N 93 -18.70 45.15 27.13
C GLY N 93 -19.97 44.56 26.61
N LYS N 94 -20.65 45.30 25.71
CA LYS N 94 -21.88 44.86 25.10
C LYS N 94 -21.55 44.25 23.75
N ILE N 95 -22.28 43.21 23.38
CA ILE N 95 -22.17 42.62 22.02
C ILE N 95 -22.83 43.57 21.02
N PRO N 96 -22.09 43.96 19.94
CA PRO N 96 -22.67 44.84 18.92
C PRO N 96 -23.58 44.08 17.93
N THR N 97 -24.84 43.99 18.32
CA THR N 97 -25.86 43.37 17.54
C THR N 97 -26.68 44.50 16.90
N VAL N 98 -27.63 44.12 16.03
CA VAL N 98 -28.53 45.09 15.39
C VAL N 98 -29.18 46.00 16.45
N GLU N 99 -29.77 45.42 17.50
CA GLU N 99 -30.51 46.20 18.50
C GLU N 99 -29.62 46.91 19.51
N ASN N 100 -28.54 46.28 19.92
CA ASN N 100 -27.64 46.93 20.90
C ASN N 100 -26.87 48.16 20.37
N SER N 101 -26.46 48.12 19.10
CA SER N 101 -25.67 49.21 18.48
C SER N 101 -26.46 50.50 18.25
N ILE N 102 -25.73 51.57 17.99
CA ILE N 102 -26.27 52.84 17.55
C ILE N 102 -25.49 53.24 16.31
N PHE N 103 -26.20 53.67 15.27
CA PHE N 103 -25.59 54.09 14.01
C PHE N 103 -25.40 55.59 14.08
N HIS N 104 -24.15 56.02 14.00
CA HIS N 104 -23.78 57.44 14.10
C HIS N 104 -23.90 58.19 12.79
N MET N 105 -23.23 57.68 11.75
CA MET N 105 -23.29 58.29 10.41
C MET N 105 -22.81 57.33 9.33
N ALA N 106 -23.16 57.63 8.09
CA ALA N 106 -22.57 56.92 6.96
C ALA N 106 -21.07 57.18 6.92
N ALA N 107 -20.28 56.12 6.70
CA ALA N 107 -18.81 56.22 6.72
C ALA N 107 -18.16 54.92 6.29
N TRP N 108 -17.11 55.04 5.46
CA TRP N 108 -16.25 53.89 5.23
C TRP N 108 -14.84 54.08 5.76
N SER N 109 -14.66 55.05 6.66
CA SER N 109 -13.40 55.34 7.36
C SER N 109 -13.85 56.20 8.53
N GLY N 110 -13.31 55.97 9.73
CA GLY N 110 -13.84 56.65 10.89
C GLY N 110 -12.87 56.94 12.03
N SER N 111 -13.32 57.76 12.96
CA SER N 111 -12.60 58.04 14.19
C SER N 111 -13.60 58.61 15.21
N ALA N 112 -13.19 58.70 16.48
CA ALA N 112 -14.02 59.32 17.50
C ALA N 112 -13.19 59.67 18.72
N CYS N 113 -13.67 60.61 19.53
CA CYS N 113 -12.99 61.02 20.78
C CYS N 113 -13.90 61.90 21.68
N HIS N 114 -13.62 61.83 22.98
CA HIS N 114 -14.31 62.63 23.97
C HIS N 114 -13.42 63.75 24.47
N ASP N 115 -13.95 64.96 24.56
CA ASP N 115 -13.12 66.10 24.97
C ASP N 115 -13.23 66.45 26.44
N GLY N 116 -14.08 65.71 27.14
CA GLY N 116 -14.37 65.98 28.53
C GLY N 116 -15.78 66.38 28.76
N LYS N 117 -16.41 66.98 27.74
CA LYS N 117 -17.81 67.45 27.80
C LYS N 117 -18.69 66.65 26.86
N GLU N 118 -18.13 66.22 25.73
CA GLU N 118 -18.96 65.64 24.68
C GLU N 118 -18.17 64.86 23.66
N TRP N 119 -18.82 63.88 23.05
CA TRP N 119 -18.29 63.03 21.97
C TRP N 119 -18.24 63.74 20.62
N THR N 120 -17.09 63.60 19.94
CA THR N 120 -16.90 64.01 18.56
C THR N 120 -16.78 62.73 17.72
N TYR N 121 -17.55 62.64 16.65
CA TYR N 121 -17.57 61.45 15.78
C TYR N 121 -17.10 61.82 14.41
N ILE N 122 -16.26 60.99 13.80
CA ILE N 122 -15.70 61.35 12.51
C ILE N 122 -15.93 60.24 11.52
N GLY N 123 -16.39 60.58 10.32
CA GLY N 123 -16.74 59.59 9.32
C GLY N 123 -16.57 60.12 7.92
N VAL N 124 -15.83 59.37 7.08
CA VAL N 124 -15.59 59.77 5.72
C VAL N 124 -16.40 58.87 4.78
N ASP N 125 -17.13 59.50 3.86
CA ASP N 125 -17.71 58.78 2.73
C ASP N 125 -17.61 59.64 1.43
N GLY N 126 -18.37 59.24 0.40
CA GLY N 126 -18.30 59.91 -0.89
C GLY N 126 -17.52 59.14 -1.93
N PRO N 127 -17.48 59.64 -3.17
CA PRO N 127 -16.81 58.86 -4.23
C PRO N 127 -15.27 58.88 -4.12
N GLU N 128 -14.64 57.92 -4.81
CA GLU N 128 -13.19 57.72 -4.81
C GLU N 128 -12.40 59.01 -5.03
N ASN N 129 -12.75 59.74 -6.07
CA ASN N 129 -12.00 60.89 -6.51
C ASN N 129 -12.37 62.21 -5.82
N ASN N 130 -13.29 62.13 -4.86
CA ASN N 130 -13.75 63.31 -4.15
C ASN N 130 -14.50 63.00 -2.85
N ALA N 131 -13.96 62.09 -2.06
CA ALA N 131 -14.53 61.73 -0.75
C ALA N 131 -14.62 62.94 0.21
N LEU N 132 -15.38 62.76 1.28
CA LEU N 132 -15.72 63.87 2.19
C LEU N 132 -15.75 63.44 3.64
N LEU N 133 -14.96 64.13 4.48
CA LEU N 133 -14.88 63.84 5.90
C LEU N 133 -15.93 64.66 6.61
N LYS N 134 -16.68 63.99 7.47
CA LYS N 134 -17.84 64.60 8.12
C LYS N 134 -17.68 64.53 9.61
N ILE N 135 -18.05 65.62 10.29
CA ILE N 135 -17.88 65.73 11.74
C ILE N 135 -19.22 65.89 12.46
N LYS N 136 -19.41 65.16 13.56
CA LYS N 136 -20.64 65.19 14.34
C LYS N 136 -20.28 65.42 15.80
N TYR N 137 -20.90 66.42 16.42
CA TYR N 137 -20.67 66.72 17.84
C TYR N 137 -21.93 66.42 18.67
N GLY N 138 -21.90 65.36 19.46
CA GLY N 138 -23.12 64.89 20.15
C GLY N 138 -24.06 64.39 19.08
N GLU N 139 -25.18 65.07 18.94
CA GLU N 139 -26.20 64.71 17.97
C GLU N 139 -26.11 65.50 16.70
N ALA N 140 -25.37 66.60 16.72
CA ALA N 140 -25.34 67.55 15.59
C ALA N 140 -24.20 67.31 14.57
N TYR N 141 -24.55 67.28 13.29
CA TYR N 141 -23.57 67.39 12.20
C TYR N 141 -23.06 68.83 12.13
N THR N 142 -21.74 69.03 12.25
CA THR N 142 -21.19 70.37 12.49
C THR N 142 -20.19 70.93 11.46
N ASP N 143 -19.45 70.07 10.75
CA ASP N 143 -18.42 70.51 9.77
C ASP N 143 -17.98 69.40 8.81
N THR N 144 -17.24 69.79 7.76
CA THR N 144 -16.64 68.86 6.78
C THR N 144 -15.27 69.30 6.30
N TYR N 145 -14.49 68.33 5.81
CA TYR N 145 -13.23 68.62 5.14
C TYR N 145 -13.25 67.92 3.80
N HIS N 146 -12.65 68.57 2.79
CA HIS N 146 -12.71 68.08 1.42
C HIS N 146 -11.43 67.39 1.00
N SER N 147 -11.56 66.34 0.18
CA SER N 147 -10.43 65.70 -0.47
C SER N 147 -9.50 66.73 -1.12
N TYR N 148 -8.20 66.58 -0.89
CA TYR N 148 -7.16 67.51 -1.40
C TYR N 148 -6.14 66.86 -2.34
N ALA N 149 -6.21 65.53 -2.50
CA ALA N 149 -5.43 64.86 -3.52
C ALA N 149 -6.31 64.01 -4.43
N ASN N 150 -7.61 64.09 -4.26
CA ASN N 150 -8.55 63.41 -5.15
C ASN N 150 -8.34 61.89 -5.30
N ASN N 151 -7.91 61.24 -4.22
CA ASN N 151 -7.81 59.79 -4.20
C ASN N 151 -8.06 59.26 -2.79
N ILE N 152 -9.33 58.93 -2.53
CA ILE N 152 -9.74 58.26 -1.30
C ILE N 152 -9.26 59.00 -0.06
N LEU N 153 -9.81 60.20 0.17
CA LEU N 153 -9.66 60.86 1.47
C LEU N 153 -10.00 59.86 2.56
N ARG N 154 -9.28 59.88 3.68
CA ARG N 154 -9.12 58.69 4.54
C ARG N 154 -8.75 59.16 5.94
N THR N 155 -9.21 58.46 6.97
CA THR N 155 -8.75 58.82 8.33
C THR N 155 -8.16 57.63 9.20
N GLN N 156 -8.03 57.81 10.52
CA GLN N 156 -7.21 56.91 11.38
C GLN N 156 -7.68 55.44 11.60
N GLU N 157 -8.99 55.23 11.60
N GLU N 157 -9.00 55.24 11.60
CA GLU N 157 -9.59 53.98 12.10
CA GLU N 157 -9.62 54.00 12.09
C GLU N 157 -9.25 53.76 13.56
C GLU N 157 -9.26 53.76 13.55
N SER N 158 -9.10 54.86 14.29
CA SER N 158 -8.86 54.83 15.76
C SER N 158 -9.08 56.18 16.41
N ALA N 159 -9.04 56.18 17.74
CA ALA N 159 -9.44 57.32 18.55
C ALA N 159 -8.64 58.55 18.22
N CYS N 160 -9.33 59.66 17.96
CA CYS N 160 -8.68 60.98 17.98
C CYS N 160 -8.29 61.35 19.43
N ASN N 161 -7.70 62.52 19.64
CA ASN N 161 -7.10 62.86 20.92
C ASN N 161 -7.34 64.28 21.29
N CYS N 162 -8.01 64.51 22.40
CA CYS N 162 -8.40 65.87 22.78
C CYS N 162 -7.65 66.38 24.00
N ILE N 163 -7.20 67.63 23.93
CA ILE N 163 -6.64 68.30 25.09
C ILE N 163 -7.22 69.72 25.21
N GLY N 164 -7.62 70.10 26.42
CA GLY N 164 -8.11 71.46 26.66
C GLY N 164 -9.21 71.85 25.67
N GLY N 165 -9.92 70.82 25.20
CA GLY N 165 -11.05 71.02 24.31
C GLY N 165 -10.71 71.03 22.84
N ASN N 166 -9.43 70.89 22.54
CA ASN N 166 -8.94 70.85 21.17
C ASN N 166 -8.65 69.40 20.82
N CYS N 167 -9.33 68.89 19.80
CA CYS N 167 -9.12 67.50 19.37
C CYS N 167 -8.30 67.45 18.08
N TYR N 168 -7.32 66.52 18.03
CA TYR N 168 -6.36 66.41 16.89
C TYR N 168 -6.60 65.11 16.15
N LEU N 169 -6.66 65.19 14.83
CA LEU N 169 -7.04 64.06 13.95
C LEU N 169 -6.14 63.99 12.70
N MET N 170 -5.58 62.81 12.41
CA MET N 170 -4.85 62.57 11.18
C MET N 170 -5.79 62.25 10.05
N ILE N 171 -5.43 62.72 8.87
CA ILE N 171 -6.08 62.31 7.63
C ILE N 171 -5.02 62.17 6.54
N THR N 172 -5.40 61.46 5.48
CA THR N 172 -4.52 61.32 4.34
C THR N 172 -5.35 61.20 3.07
N ASP N 173 -4.67 61.32 1.93
CA ASP N 173 -5.31 61.36 0.68
C ASP N 173 -4.20 61.12 -0.34
N GLY N 174 -4.48 60.34 -1.38
CA GLY N 174 -3.43 59.98 -2.32
C GLY N 174 -3.49 58.52 -2.69
N SER N 175 -2.48 58.06 -3.43
CA SER N 175 -2.54 56.75 -3.98
C SER N 175 -2.05 55.76 -2.92
N ALA N 176 -2.80 54.67 -2.75
CA ALA N 176 -2.41 53.60 -1.84
C ALA N 176 -1.09 52.95 -2.29
N SER N 177 -0.73 53.16 -3.56
CA SER N 177 0.50 52.65 -4.15
C SER N 177 1.61 53.66 -4.34
N GLY N 178 1.32 54.95 -4.14
CA GLY N 178 2.29 56.01 -4.45
C GLY N 178 2.35 57.01 -3.29
N ILE N 179 2.40 58.30 -3.66
CA ILE N 179 2.43 59.37 -2.66
C ILE N 179 1.08 59.52 -1.98
N SER N 180 1.12 59.57 -0.65
CA SER N 180 -0.04 59.91 0.17
C SER N 180 0.44 60.76 1.35
N GLU N 181 0.44 62.07 1.14
CA GLU N 181 0.91 63.02 2.14
C GLU N 181 -0.22 63.42 3.11
N CYS N 182 -0.06 63.01 4.37
CA CYS N 182 -1.06 63.25 5.42
C CYS N 182 -1.07 64.69 5.96
N ARG N 183 -2.20 65.06 6.59
CA ARG N 183 -2.35 66.30 7.35
C ARG N 183 -2.97 66.01 8.72
N PHE N 184 -3.05 67.04 9.54
CA PHE N 184 -3.73 66.94 10.82
C PHE N 184 -4.76 68.05 10.95
N LEU N 185 -5.97 67.72 11.43
CA LEU N 185 -7.00 68.69 11.72
C LEU N 185 -7.03 68.94 13.22
N LYS N 186 -7.26 70.20 13.59
CA LYS N 186 -7.45 70.60 14.96
C LYS N 186 -8.91 71.03 15.05
N ILE N 187 -9.67 70.37 15.95
CA ILE N 187 -11.13 70.48 15.95
C ILE N 187 -11.61 70.87 17.36
N ARG N 188 -12.50 71.86 17.39
CA ARG N 188 -13.01 72.31 18.66
C ARG N 188 -14.52 72.36 18.59
N GLU N 189 -15.16 71.67 19.54
CA GLU N 189 -16.62 71.59 19.61
C GLU N 189 -17.22 71.30 18.23
N GLY N 190 -16.64 70.33 17.53
CA GLY N 190 -17.17 69.86 16.26
C GLY N 190 -16.76 70.62 15.02
N ARG N 191 -16.04 71.72 15.20
CA ARG N 191 -15.59 72.52 14.06
C ARG N 191 -14.08 72.66 13.92
N ILE N 192 -13.62 72.71 12.67
CA ILE N 192 -12.20 72.75 12.36
C ILE N 192 -11.63 74.15 12.51
N ILE N 193 -10.64 74.31 13.39
CA ILE N 193 -10.09 75.65 13.63
C ILE N 193 -8.63 75.86 13.14
N LYS N 194 -7.99 74.78 12.70
CA LYS N 194 -6.66 74.82 12.07
C LYS N 194 -6.34 73.56 11.22
N GLU N 195 -5.63 73.78 10.13
CA GLU N 195 -5.02 72.71 9.33
C GLU N 195 -3.55 72.73 9.63
N ILE N 196 -2.97 71.56 9.87
CA ILE N 196 -1.57 71.45 10.20
C ILE N 196 -0.94 70.59 9.11
N PHE N 197 0.09 71.13 8.45
CA PHE N 197 0.84 70.44 7.42
C PHE N 197 2.19 69.98 7.98
N PRO N 198 2.40 68.65 8.08
CA PRO N 198 3.64 68.15 8.67
C PRO N 198 4.84 68.39 7.72
N THR N 199 6.04 68.45 8.31
CA THR N 199 7.32 68.57 7.60
C THR N 199 8.12 67.27 7.82
N GLY N 200 9.16 67.08 7.00
CA GLY N 200 10.04 65.89 7.06
C GLY N 200 9.71 64.75 6.09
N ARG N 201 9.71 63.53 6.60
CA ARG N 201 9.48 62.35 5.77
C ARG N 201 7.97 62.20 5.57
N VAL N 202 7.44 62.85 4.53
CA VAL N 202 6.00 62.94 4.35
C VAL N 202 5.46 62.20 3.11
N LYS N 203 6.39 61.59 2.40
CA LYS N 203 6.17 60.73 1.22
C LYS N 203 4.89 59.87 1.31
N HIS N 204 4.79 59.09 2.40
CA HIS N 204 3.64 58.20 2.59
C HIS N 204 3.30 57.89 4.06
N THR N 205 2.15 58.39 4.51
CA THR N 205 1.70 58.15 5.89
C THR N 205 0.20 57.79 5.97
N GLU N 206 -0.14 56.64 6.54
CA GLU N 206 -1.54 56.34 6.79
C GLU N 206 -1.90 55.71 8.13
N GLU N 207 -3.19 55.79 8.43
CA GLU N 207 -3.81 55.17 9.60
C GLU N 207 -2.96 55.32 10.88
N CYS N 208 -2.64 56.56 11.23
CA CYS N 208 -1.85 56.83 12.43
C CYS N 208 -2.59 56.43 13.67
N THR N 209 -1.90 55.67 14.51
CA THR N 209 -2.37 55.31 15.82
C THR N 209 -1.68 56.29 16.77
N CYS N 210 -2.44 57.18 17.37
CA CYS N 210 -1.91 58.39 18.02
C CYS N 210 -2.28 58.48 19.49
N GLY N 211 -1.39 59.07 20.29
CA GLY N 211 -1.65 59.29 21.72
C GLY N 211 -0.76 60.38 22.30
N PHE N 212 -1.00 60.77 23.56
CA PHE N 212 -0.21 61.80 24.20
C PHE N 212 1.01 61.21 24.87
N ALA N 213 2.18 61.74 24.48
CA ALA N 213 3.41 61.49 25.22
C ALA N 213 3.52 62.46 26.40
N SER N 214 2.79 63.58 26.33
CA SER N 214 2.70 64.52 27.45
C SER N 214 1.69 65.61 27.11
N ASN N 215 1.49 66.58 28.03
CA ASN N 215 0.65 67.77 27.74
C ASN N 215 1.10 68.58 26.50
N LYS N 216 2.35 68.40 26.07
CA LYS N 216 2.96 69.16 24.94
C LYS N 216 2.99 68.36 23.63
N THR N 217 3.07 67.03 23.69
CA THR N 217 3.30 66.22 22.47
C THR N 217 2.34 65.06 22.23
N ILE N 218 1.84 64.97 21.00
CA ILE N 218 1.16 63.78 20.48
C ILE N 218 2.14 63.02 19.59
N GLU N 219 2.13 61.69 19.68
CA GLU N 219 2.99 60.89 18.81
C GLU N 219 2.11 59.89 18.13
N CYS N 220 2.50 59.46 16.94
CA CYS N 220 1.69 58.50 16.20
C CYS N 220 2.57 57.48 15.50
N ALA N 221 2.17 56.23 15.55
CA ALA N 221 2.85 55.20 14.79
C ALA N 221 1.96 54.84 13.61
N CYS N 222 2.46 55.10 12.39
CA CYS N 222 1.59 55.00 11.20
C CYS N 222 1.93 53.86 10.26
N ARG N 223 1.38 53.91 9.04
CA ARG N 223 1.55 52.86 8.04
C ARG N 223 1.99 53.46 6.76
N ASP N 224 3.05 52.90 6.17
CA ASP N 224 3.49 53.25 4.82
C ASP N 224 3.08 52.06 3.96
N ASN N 225 2.18 52.30 3.01
CA ASN N 225 1.62 51.21 2.24
C ASN N 225 2.37 50.95 0.91
N SER N 226 3.45 51.70 0.64
CA SER N 226 4.24 51.56 -0.62
C SER N 226 5.73 51.31 -0.45
N TYR N 227 6.36 52.09 0.42
CA TYR N 227 7.80 52.26 0.35
C TYR N 227 8.63 51.50 1.37
N THR N 228 8.09 51.25 2.55
CA THR N 228 8.91 50.70 3.63
C THR N 228 8.11 49.90 4.67
N ALA N 229 8.79 49.00 5.36
CA ALA N 229 8.20 48.22 6.44
C ALA N 229 8.55 48.85 7.81
N LYS N 230 9.31 49.94 7.81
CA LYS N 230 9.48 50.73 9.03
C LYS N 230 8.22 51.59 9.14
N ARG N 231 7.72 51.76 10.36
CA ARG N 231 6.60 52.62 10.55
C ARG N 231 7.01 54.10 10.56
N PRO N 232 6.29 54.94 9.80
CA PRO N 232 6.50 56.38 9.94
C PRO N 232 6.14 56.78 11.34
N PHE N 233 6.75 57.82 11.87
CA PHE N 233 6.51 58.17 13.28
C PHE N 233 6.32 59.67 13.37
N VAL N 234 5.15 60.10 13.81
CA VAL N 234 4.81 61.52 13.90
C VAL N 234 4.98 62.08 15.30
N LYS N 235 5.54 63.29 15.38
CA LYS N 235 5.58 64.08 16.60
C LYS N 235 4.91 65.41 16.33
N LEU N 236 3.81 65.64 17.03
CA LEU N 236 2.97 66.83 16.89
C LEU N 236 3.08 67.63 18.17
N ASN N 237 3.53 68.88 18.05
CA ASN N 237 3.61 69.78 19.20
C ASN N 237 2.31 70.54 19.29
N VAL N 238 1.52 70.28 20.34
CA VAL N 238 0.17 70.86 20.44
C VAL N 238 0.14 72.32 20.96
N GLU N 239 1.28 72.87 21.38
CA GLU N 239 1.38 74.28 21.84
C GLU N 239 1.70 75.19 20.65
N THR N 240 2.60 74.73 19.79
CA THR N 240 2.87 75.48 18.55
C THR N 240 2.07 74.96 17.34
N ASP N 241 1.39 73.81 17.49
CA ASP N 241 0.64 73.17 16.39
C ASP N 241 1.52 72.91 15.16
N THR N 242 2.69 72.32 15.40
CA THR N 242 3.61 71.90 14.34
C THR N 242 3.79 70.39 14.39
N ALA N 243 4.07 69.74 13.26
CA ALA N 243 4.25 68.30 13.22
C ALA N 243 5.39 67.88 12.32
N GLU N 244 6.09 66.84 12.77
CA GLU N 244 7.26 66.33 12.07
C GLU N 244 7.17 64.81 11.91
N ILE N 245 7.65 64.29 10.80
CA ILE N 245 7.59 62.84 10.56
C ILE N 245 8.94 62.30 10.12
N ARG N 246 9.39 61.23 10.75
CA ARG N 246 10.55 60.45 10.29
C ARG N 246 10.26 58.97 10.54
N LEU N 247 10.93 58.11 9.80
CA LEU N 247 10.80 56.66 10.00
C LEU N 247 11.33 56.18 11.37
N MET N 248 10.63 55.21 11.97
CA MET N 248 11.16 54.53 13.19
C MET N 248 12.44 53.77 12.86
N CYS N 249 13.47 54.02 13.66
CA CYS N 249 14.84 53.46 13.42
C CYS N 249 15.07 52.02 13.93
N THR N 250 14.19 51.52 14.78
CA THR N 250 14.36 50.19 15.39
C THR N 250 14.49 49.07 14.38
N GLU N 251 15.28 48.06 14.72
CA GLU N 251 15.45 46.92 13.83
C GLU N 251 14.27 45.99 13.89
N THR N 252 13.37 46.22 14.86
CA THR N 252 12.15 45.44 15.07
C THR N 252 11.05 46.08 14.26
N TYR N 253 11.10 45.87 12.94
CA TYR N 253 10.14 46.48 12.01
C TYR N 253 8.71 46.03 12.32
N LEU N 254 7.81 47.03 12.46
CA LEU N 254 6.46 46.84 12.98
C LEU N 254 5.36 46.60 11.95
N ASP N 255 5.68 46.70 10.66
CA ASP N 255 4.67 46.60 9.63
C ASP N 255 4.54 45.13 9.23
N THR N 256 3.60 44.85 8.31
CA THR N 256 3.42 43.53 7.70
C THR N 256 2.87 43.82 6.31
N PRO N 257 3.52 43.33 5.21
CA PRO N 257 4.76 42.52 5.19
C PRO N 257 5.98 43.28 5.69
N ARG N 258 7.03 42.52 6.06
CA ARG N 258 8.31 43.05 6.49
C ARG N 258 9.44 42.03 6.26
N PRO N 259 10.69 42.49 6.05
CA PRO N 259 11.82 41.55 5.95
C PRO N 259 12.28 41.12 7.37
N ASP N 260 13.32 40.31 7.49
CA ASP N 260 13.85 39.92 8.81
C ASP N 260 14.36 41.14 9.62
N ASP N 261 14.24 41.07 10.93
CA ASP N 261 14.59 42.22 11.77
C ASP N 261 16.05 42.59 11.51
N GLY N 262 16.32 43.89 11.38
CA GLY N 262 17.68 44.41 11.32
C GLY N 262 18.37 44.32 9.98
N SER N 263 17.72 43.69 9.00
CA SER N 263 18.28 43.43 7.67
C SER N 263 18.11 44.58 6.65
N ILE N 264 17.57 45.72 7.06
CA ILE N 264 17.59 46.90 6.21
C ILE N 264 18.87 47.69 6.55
N THR N 265 19.79 47.71 5.59
CA THR N 265 21.10 48.35 5.76
C THR N 265 21.05 49.84 5.57
N GLY N 266 22.10 50.55 5.99
CA GLY N 266 22.12 52.02 5.88
C GLY N 266 21.63 52.64 7.18
N PRO N 267 21.53 53.99 7.23
CA PRO N 267 21.16 54.60 8.52
C PRO N 267 19.64 54.60 8.75
N CYS N 268 19.21 55.34 9.77
CA CYS N 268 17.82 55.31 10.21
C CYS N 268 16.85 55.60 9.06
N GLU N 269 17.25 56.42 8.09
CA GLU N 269 16.31 56.85 7.05
C GLU N 269 16.02 55.85 5.90
N SER N 270 16.78 54.76 5.79
CA SER N 270 16.63 53.85 4.65
C SER N 270 15.29 53.10 4.60
N ASN N 271 14.74 52.89 3.39
CA ASN N 271 13.41 52.31 3.24
C ASN N 271 13.21 50.83 3.68
N GLY N 272 13.92 49.82 3.19
CA GLY N 272 14.57 49.71 1.91
C GLY N 272 13.73 48.66 1.17
N ASP N 273 13.62 47.44 1.71
CA ASP N 273 12.94 46.29 1.02
C ASP N 273 11.57 45.80 1.60
N LYS N 274 10.79 45.09 0.76
CA LYS N 274 9.48 44.51 1.14
C LYS N 274 8.54 45.55 1.77
N GLY N 275 8.65 46.79 1.26
CA GLY N 275 7.87 47.93 1.73
C GLY N 275 6.44 48.06 1.24
N SER N 276 6.06 47.38 0.14
CA SER N 276 4.73 47.61 -0.42
C SER N 276 3.71 46.72 0.30
N GLY N 277 2.52 47.27 0.55
CA GLY N 277 1.54 46.62 1.45
C GLY N 277 1.79 47.11 2.87
N GLY N 278 0.92 46.73 3.81
CA GLY N 278 1.01 47.24 5.16
C GLY N 278 -0.19 46.88 6.00
N ILE N 279 -0.16 47.33 7.25
CA ILE N 279 -1.20 47.07 8.24
C ILE N 279 -1.24 48.25 9.28
N LYS N 280 -2.41 48.49 9.87
CA LYS N 280 -2.51 49.46 10.96
C LYS N 280 -1.95 48.84 12.24
N GLY N 281 -1.27 49.63 13.06
CA GLY N 281 -0.46 49.08 14.14
C GLY N 281 -0.76 49.64 15.52
N GLY N 282 -0.81 48.77 16.53
CA GLY N 282 -1.03 49.22 17.88
C GLY N 282 0.07 50.11 18.42
N PHE N 283 -0.30 51.04 19.30
CA PHE N 283 0.66 51.97 19.89
C PHE N 283 0.01 52.78 20.99
N VAL N 284 0.65 52.78 22.16
CA VAL N 284 0.05 53.48 23.29
C VAL N 284 1.15 53.91 24.28
N HIS N 285 0.92 54.97 25.03
CA HIS N 285 1.94 55.51 25.97
C HIS N 285 1.69 55.11 27.39
N GLN N 286 2.77 54.81 28.10
CA GLN N 286 2.77 54.71 29.56
C GLN N 286 3.52 55.92 30.12
N ARG N 287 2.82 56.88 30.71
CA ARG N 287 3.48 58.11 31.18
C ARG N 287 3.83 58.06 32.67
N MET N 288 5.12 58.04 32.96
CA MET N 288 5.60 58.06 34.35
C MET N 288 6.26 59.39 34.71
N ALA N 289 6.47 59.62 36.00
CA ALA N 289 7.05 60.91 36.48
C ALA N 289 8.31 61.39 35.67
N SER N 290 9.31 60.53 35.56
CA SER N 290 10.57 60.89 34.90
C SER N 290 10.99 59.86 33.85
N LYS N 291 10.02 59.26 33.17
CA LYS N 291 10.27 58.13 32.28
C LYS N 291 9.04 57.99 31.39
N ILE N 292 9.24 57.52 30.16
CA ILE N 292 8.11 57.23 29.29
C ILE N 292 8.27 55.88 28.61
N GLY N 293 7.25 55.04 28.68
CA GLY N 293 7.26 53.76 27.99
C GLY N 293 6.48 53.87 26.69
N ARG N 294 6.97 53.21 25.64
CA ARG N 294 6.21 53.14 24.40
C ARG N 294 5.89 51.70 24.10
N TRP N 295 4.60 51.37 24.04
CA TRP N 295 4.16 49.99 23.82
C TRP N 295 3.65 49.83 22.41
N TYR N 296 4.04 48.75 21.71
CA TYR N 296 3.70 48.55 20.29
C TYR N 296 3.27 47.13 20.04
N SER N 297 2.55 46.89 18.96
CA SER N 297 2.23 45.50 18.61
C SER N 297 2.49 45.23 17.17
N ARG N 298 2.88 44.00 16.84
CA ARG N 298 2.99 43.60 15.43
C ARG N 298 2.63 42.15 15.23
N THR N 299 2.22 41.80 14.00
CA THR N 299 1.88 40.40 13.69
C THR N 299 3.03 39.48 14.07
N MET N 300 2.68 38.22 14.35
CA MET N 300 3.65 37.18 14.65
C MET N 300 4.35 36.76 13.34
N SER N 301 3.56 36.69 12.26
CA SER N 301 4.08 36.33 10.94
C SER N 301 4.60 37.55 10.18
N LYS N 302 5.69 37.35 9.45
CA LYS N 302 6.32 38.44 8.70
C LYS N 302 5.59 38.81 7.42
N THR N 303 4.78 37.90 6.91
CA THR N 303 4.13 37.99 5.61
C THR N 303 2.61 38.05 5.72
N LYS N 304 2.08 37.49 6.82
CA LYS N 304 0.66 37.24 6.90
C LYS N 304 -0.01 37.88 8.11
N ARG N 305 -1.34 38.02 8.03
CA ARG N 305 -2.05 38.64 9.12
C ARG N 305 -2.45 37.64 10.20
N MET N 306 -1.44 37.06 10.83
CA MET N 306 -1.61 35.99 11.82
C MET N 306 -0.79 36.31 13.07
N GLY N 307 -1.43 36.16 14.24
CA GLY N 307 -0.79 36.39 15.52
C GLY N 307 -0.66 37.85 15.87
N MET N 308 -0.28 38.13 17.13
CA MET N 308 0.06 39.47 17.55
C MET N 308 0.98 39.46 18.79
N GLY N 309 2.20 39.98 18.63
CA GLY N 309 3.12 40.16 19.75
C GLY N 309 3.09 41.56 20.33
N LEU N 310 3.29 41.69 21.63
CA LEU N 310 3.41 42.99 22.26
C LEU N 310 4.87 43.28 22.53
N TYR N 311 5.30 44.51 22.21
CA TYR N 311 6.70 44.96 22.41
C TYR N 311 6.74 46.28 23.18
N VAL N 312 7.88 46.57 23.82
CA VAL N 312 8.04 47.79 24.65
C VAL N 312 9.46 48.35 24.63
N LYS N 313 9.55 49.67 24.76
CA LYS N 313 10.80 50.38 24.94
C LYS N 313 10.59 51.62 25.79
N TYR N 314 11.44 51.80 26.79
CA TYR N 314 11.40 52.96 27.67
C TYR N 314 12.36 54.08 27.24
N ASP N 315 11.87 55.32 27.15
CA ASP N 315 12.69 56.51 26.79
C ASP N 315 13.37 56.45 25.41
N GLY N 316 14.43 57.25 25.21
CA GLY N 316 15.08 57.32 23.90
C GLY N 316 14.31 58.16 22.89
N ASP N 317 14.76 58.11 21.65
CA ASP N 317 14.10 58.79 20.55
C ASP N 317 13.92 57.73 19.49
N PRO N 318 12.65 57.37 19.18
CA PRO N 318 12.33 56.32 18.18
C PRO N 318 12.82 56.66 16.78
N TRP N 319 13.10 57.93 16.53
CA TRP N 319 13.61 58.35 15.22
C TRP N 319 15.05 57.97 14.95
N THR N 320 15.84 57.87 16.03
CA THR N 320 17.30 57.60 15.94
C THR N 320 17.78 56.30 16.63
N ASP N 321 16.94 55.71 17.48
CA ASP N 321 17.30 54.47 18.17
C ASP N 321 17.14 53.22 17.30
N SER N 322 18.26 52.58 16.98
CA SER N 322 18.23 51.34 16.22
C SER N 322 18.15 50.10 17.12
N ASP N 323 18.25 50.31 18.44
CA ASP N 323 18.13 49.16 19.36
C ASP N 323 16.84 48.38 19.05
N ALA N 324 16.88 47.07 19.27
CA ALA N 324 15.70 46.22 19.17
C ALA N 324 14.70 46.54 20.29
N LEU N 325 13.41 46.46 19.94
CA LEU N 325 12.31 46.52 20.89
C LEU N 325 12.24 45.20 21.71
N ALA N 326 12.07 45.36 23.02
CA ALA N 326 11.88 44.22 23.92
C ALA N 326 10.56 43.51 23.64
N LEU N 327 10.61 42.23 23.28
CA LEU N 327 9.42 41.38 23.19
C LEU N 327 8.78 41.12 24.56
N SER N 328 7.55 41.60 24.77
CA SER N 328 6.88 41.48 26.07
C SER N 328 5.96 40.26 26.19
N GLY N 329 5.21 39.92 25.15
CA GLY N 329 4.46 38.67 25.11
C GLY N 329 3.66 38.40 23.84
N VAL N 330 3.19 37.17 23.70
CA VAL N 330 2.32 36.80 22.58
C VAL N 330 0.86 36.98 23.00
N MET N 331 0.16 37.93 22.33
CA MET N 331 -1.26 38.18 22.61
C MET N 331 -2.13 37.27 21.78
N VAL N 332 -1.66 36.91 20.60
CA VAL N 332 -2.44 36.08 19.68
C VAL N 332 -1.47 35.12 19.01
N SER N 333 -1.71 33.83 19.18
CA SER N 333 -0.78 32.87 18.63
C SER N 333 -0.85 32.91 17.11
N MET N 334 0.23 32.38 16.49
CA MET N 334 0.39 32.29 15.03
C MET N 334 -0.75 31.55 14.33
N GLU N 335 -1.54 30.79 15.11
CA GLU N 335 -2.68 30.05 14.55
C GLU N 335 -3.98 30.86 14.49
N GLU N 336 -4.00 32.03 15.14
CA GLU N 336 -5.19 32.91 15.13
C GLU N 336 -4.93 34.18 14.30
N PRO N 337 -6.02 34.80 13.81
CA PRO N 337 -5.86 35.95 12.95
C PRO N 337 -5.50 37.22 13.73
N GLY N 338 -4.63 38.03 13.14
CA GLY N 338 -4.14 39.26 13.71
C GLY N 338 -4.16 40.33 12.63
N TRP N 339 -5.19 41.16 12.67
CA TRP N 339 -5.31 42.18 11.64
C TRP N 339 -4.96 43.54 12.28
N TYR N 340 -5.76 44.59 12.05
CA TYR N 340 -5.47 45.90 12.63
C TYR N 340 -5.29 45.82 14.15
N SER N 341 -4.47 46.69 14.70
CA SER N 341 -4.34 46.82 16.15
C SER N 341 -4.25 48.30 16.46
N PHE N 342 -4.65 48.71 17.65
CA PHE N 342 -4.78 50.13 18.00
C PHE N 342 -4.57 50.40 19.50
N GLY N 343 -4.32 51.65 19.87
CA GLY N 343 -4.21 52.00 21.29
C GLY N 343 -5.33 52.89 21.80
N PHE N 344 -5.57 52.81 23.09
CA PHE N 344 -6.49 53.71 23.78
C PHE N 344 -6.21 53.68 25.26
N GLU N 345 -6.85 54.58 25.98
CA GLU N 345 -6.61 54.72 27.40
C GLU N 345 -7.93 54.76 28.11
N ILE N 346 -8.05 53.98 29.18
CA ILE N 346 -9.21 54.01 30.08
C ILE N 346 -8.92 54.96 31.24
N LYS N 347 -9.94 55.69 31.70
CA LYS N 347 -9.77 56.72 32.74
C LYS N 347 -10.20 56.18 34.10
N ASP N 348 -9.25 55.70 34.90
CA ASP N 348 -9.49 55.43 36.33
C ASP N 348 -9.69 56.77 37.09
N LYS N 349 -9.96 56.70 38.39
CA LYS N 349 -10.31 57.90 39.19
C LYS N 349 -9.28 59.05 39.11
N LYS N 350 -7.99 58.68 39.19
CA LYS N 350 -6.93 59.68 39.29
C LYS N 350 -5.75 59.43 38.34
N CYS N 351 -5.87 58.41 37.49
CA CYS N 351 -4.83 58.09 36.52
C CYS N 351 -5.37 57.38 35.29
N ASP N 352 -4.56 57.31 34.23
CA ASP N 352 -4.97 56.73 32.96
C ASP N 352 -4.37 55.35 32.71
N VAL N 353 -5.14 54.42 32.16
CA VAL N 353 -4.67 53.05 31.92
C VAL N 353 -4.47 52.75 30.44
N PRO N 354 -3.20 52.62 29.99
CA PRO N 354 -2.91 52.33 28.59
C PRO N 354 -3.35 50.91 28.20
N CYS N 355 -3.96 50.77 27.01
CA CYS N 355 -4.43 49.49 26.52
C CYS N 355 -4.18 49.37 25.06
N ILE N 356 -4.05 48.12 24.57
CA ILE N 356 -3.97 47.80 23.13
C ILE N 356 -5.11 46.88 22.74
N GLY N 357 -5.84 47.25 21.70
CA GLY N 357 -6.89 46.40 21.13
C GLY N 357 -6.47 45.73 19.84
N ILE N 358 -7.05 44.56 19.55
CA ILE N 358 -6.64 43.83 18.34
C ILE N 358 -7.86 43.33 17.57
N GLU N 359 -7.98 43.75 16.31
CA GLU N 359 -8.99 43.25 15.41
C GLU N 359 -8.63 41.82 15.00
N MET N 360 -9.54 40.90 15.18
CA MET N 360 -9.26 39.48 14.86
C MET N 360 -10.21 38.98 13.77
N VAL N 361 -9.82 39.17 12.51
CA VAL N 361 -10.77 39.04 11.40
C VAL N 361 -11.10 37.60 11.07
N HIS N 362 -12.40 37.31 10.89
CA HIS N 362 -12.83 35.98 10.44
C HIS N 362 -12.83 36.10 8.94
N ASP N 363 -11.80 35.49 8.34
CA ASP N 363 -11.61 35.56 6.89
C ASP N 363 -11.78 34.21 6.25
N GLY N 364 -12.80 34.10 5.38
CA GLY N 364 -13.05 32.89 4.59
C GLY N 364 -13.24 33.18 3.10
N GLY N 365 -12.57 34.23 2.61
CA GLY N 365 -12.72 34.60 1.19
C GLY N 365 -13.97 35.40 0.85
N LYS N 366 -14.10 35.75 -0.45
CA LYS N 366 -15.22 36.58 -0.88
C LYS N 366 -16.56 35.83 -1.01
N GLU N 367 -16.55 34.52 -0.84
CA GLU N 367 -17.75 33.73 -1.06
C GLU N 367 -18.63 33.55 0.18
N THR N 368 -18.18 34.09 1.32
CA THR N 368 -18.93 33.98 2.59
C THR N 368 -18.76 35.27 3.40
N TRP N 369 -19.26 35.34 4.63
CA TRP N 369 -19.22 36.60 5.40
C TRP N 369 -17.82 37.03 5.86
N HIS N 370 -17.67 38.32 6.16
CA HIS N 370 -16.36 38.86 6.53
C HIS N 370 -16.53 39.83 7.69
N SER N 371 -16.05 39.47 8.87
CA SER N 371 -16.16 40.34 10.01
C SER N 371 -15.01 40.12 10.96
N ALA N 372 -15.14 40.57 12.22
CA ALA N 372 -14.02 40.53 13.17
C ALA N 372 -14.45 40.48 14.62
N ALA N 373 -13.65 39.80 15.43
CA ALA N 373 -13.70 39.95 16.87
C ALA N 373 -12.75 41.09 17.35
N THR N 374 -12.79 41.44 18.62
CA THR N 374 -11.88 42.47 19.15
C THR N 374 -11.36 42.01 20.50
N ALA N 375 -10.04 41.84 20.60
CA ALA N 375 -9.36 41.42 21.83
C ALA N 375 -8.68 42.62 22.51
N ILE N 376 -8.77 42.70 23.83
CA ILE N 376 -8.23 43.86 24.57
C ILE N 376 -7.16 43.48 25.62
N TYR N 377 -5.99 44.10 25.51
CA TYR N 377 -4.95 43.96 26.52
C TYR N 377 -4.69 45.30 27.19
N CYS N 378 -4.61 45.32 28.53
CA CYS N 378 -4.25 46.55 29.28
C CYS N 378 -3.15 46.36 30.35
N LEU N 379 -2.50 47.48 30.68
CA LEU N 379 -1.43 47.52 31.66
C LEU N 379 -2.09 47.28 32.97
N MET N 380 -1.66 46.21 33.66
CA MET N 380 -2.19 45.87 34.99
C MET N 380 -1.22 45.01 35.83
N GLY N 381 -0.79 45.58 36.97
CA GLY N 381 0.05 44.87 37.92
C GLY N 381 1.45 44.71 37.41
N SER N 382 2.17 43.74 37.98
CA SER N 382 3.58 43.50 37.65
C SER N 382 3.76 42.10 37.12
N GLY N 383 4.93 41.76 36.55
CA GLY N 383 5.27 40.40 36.09
C GLY N 383 5.54 40.29 34.57
N GLN N 384 5.12 39.18 33.97
CA GLN N 384 5.09 39.04 32.51
C GLN N 384 3.70 38.72 32.01
N LEU N 385 3.45 39.05 30.74
CA LEU N 385 2.17 38.79 30.11
C LEU N 385 1.93 37.27 30.11
N LEU N 386 0.76 36.85 30.58
CA LEU N 386 0.45 35.41 30.79
C LEU N 386 -0.35 34.62 29.70
N TRP N 387 -1.37 35.20 29.06
CA TRP N 387 -2.23 34.34 28.22
C TRP N 387 -2.63 34.97 26.90
N ASP N 388 -2.84 34.12 25.90
CA ASP N 388 -3.22 34.58 24.57
C ASP N 388 -4.73 34.58 24.39
N THR N 389 -5.19 35.04 23.23
CA THR N 389 -6.63 35.12 22.92
C THR N 389 -6.97 34.34 21.65
N VAL N 390 -8.06 33.56 21.71
CA VAL N 390 -8.66 32.91 20.52
C VAL N 390 -10.06 33.49 20.28
N THR N 391 -10.57 33.48 19.04
CA THR N 391 -11.93 33.98 18.82
C THR N 391 -13.00 32.96 19.22
N GLY N 392 -12.65 31.67 19.14
CA GLY N 392 -13.61 30.60 19.41
C GLY N 392 -14.55 30.31 18.25
N VAL N 393 -14.45 31.11 17.18
CA VAL N 393 -15.45 31.03 16.07
C VAL N 393 -15.10 30.05 14.96
N ASP N 394 -16.07 29.19 14.66
CA ASP N 394 -15.99 28.32 13.48
C ASP N 394 -16.87 28.92 12.36
N MET N 395 -16.25 29.30 11.26
CA MET N 395 -16.93 30.04 10.19
C MET N 395 -17.94 29.24 9.37
N ALA N 396 -17.97 27.93 9.61
CA ALA N 396 -18.91 27.04 8.98
C ALA N 396 -20.32 27.08 9.60
N LEU N 397 -20.38 27.53 10.83
CA LEU N 397 -21.63 27.36 11.58
C LEU N 397 -22.65 28.47 11.26
N PRO O 9 -35.30 73.52 32.91
CA PRO O 9 -35.33 73.82 31.48
C PRO O 9 -36.34 74.92 31.16
N GLU O 10 -36.24 75.45 29.94
CA GLU O 10 -37.03 76.60 29.44
C GLU O 10 -37.65 76.37 28.03
N TRP O 11 -38.58 77.26 27.61
CA TRP O 11 -39.17 77.19 26.26
C TRP O 11 -38.11 77.44 25.19
N THR O 12 -38.22 76.72 24.09
CA THR O 12 -37.29 76.90 23.00
C THR O 12 -37.87 77.78 21.90
N TYR O 13 -36.97 78.37 21.12
CA TYR O 13 -37.31 79.28 20.04
C TYR O 13 -36.43 78.88 18.85
N PRO O 14 -36.83 79.23 17.61
CA PRO O 14 -35.86 79.03 16.50
C PRO O 14 -34.68 79.99 16.59
N ARG O 15 -33.47 79.51 16.28
CA ARG O 15 -32.31 80.41 16.28
C ARG O 15 -31.76 80.53 14.88
N LEU O 16 -30.64 81.24 14.76
CA LEU O 16 -29.91 81.27 13.51
C LEU O 16 -29.39 79.88 13.19
N SER O 17 -29.40 79.54 11.90
CA SER O 17 -28.88 78.26 11.45
C SER O 17 -27.36 78.21 11.62
N CYS O 18 -26.81 76.99 11.76
CA CYS O 18 -25.37 76.81 11.80
C CYS O 18 -24.75 77.18 10.43
N PRO O 19 -23.45 77.57 10.42
CA PRO O 19 -22.79 77.89 9.14
C PRO O 19 -22.82 76.74 8.14
N GLY O 20 -22.89 77.06 6.85
CA GLY O 20 -22.85 76.06 5.79
C GLY O 20 -23.47 76.62 4.52
N SER O 21 -23.14 76.00 3.38
CA SER O 21 -23.77 76.38 2.12
C SER O 21 -24.11 75.19 1.21
N THR O 22 -24.01 73.99 1.76
CA THR O 22 -24.48 72.81 1.04
C THR O 22 -24.92 71.71 2.01
N PHE O 23 -25.87 70.90 1.56
CA PHE O 23 -26.24 69.69 2.29
C PHE O 23 -25.30 68.56 1.92
N GLN O 24 -25.18 67.57 2.78
CA GLN O 24 -24.46 66.30 2.49
C GLN O 24 -25.22 65.13 3.10
N LYS O 25 -24.90 63.93 2.60
CA LYS O 25 -25.48 62.67 3.06
C LYS O 25 -25.06 62.45 4.50
N ALA O 26 -26.02 62.23 5.40
CA ALA O 26 -25.68 62.09 6.80
C ALA O 26 -25.79 60.68 7.36
N LEU O 27 -26.94 60.03 7.13
CA LEU O 27 -27.26 58.82 7.85
C LEU O 27 -28.38 58.06 7.18
N LEU O 28 -28.23 56.75 7.10
CA LEU O 28 -29.28 55.88 6.60
C LEU O 28 -29.84 54.94 7.67
N ILE O 29 -31.16 54.94 7.85
CA ILE O 29 -31.88 53.98 8.70
C ILE O 29 -32.62 52.99 7.80
N SER O 30 -31.95 51.87 7.49
CA SER O 30 -32.55 50.80 6.72
C SER O 30 -32.83 49.50 7.53
N PRO O 31 -33.92 49.49 8.31
CA PRO O 31 -34.18 48.40 9.22
C PRO O 31 -34.37 47.08 8.50
N HIS O 32 -34.77 47.14 7.23
CA HIS O 32 -35.09 45.92 6.49
C HIS O 32 -33.89 45.21 5.89
N ARG O 33 -32.72 45.84 6.01
CA ARG O 33 -31.44 45.13 5.85
C ARG O 33 -31.30 43.93 6.85
N PHE O 34 -32.19 43.84 7.86
CA PHE O 34 -32.10 42.79 8.87
C PHE O 34 -33.36 41.96 8.89
N GLY O 35 -34.19 42.08 7.86
CA GLY O 35 -35.47 41.37 7.86
C GLY O 35 -35.54 40.06 7.08
N GLU O 36 -34.40 39.48 6.73
CA GLU O 36 -34.35 38.22 5.96
C GLU O 36 -34.99 37.06 6.74
N THR O 37 -35.52 36.07 6.02
CA THR O 37 -35.89 34.77 6.57
C THR O 37 -34.71 34.17 7.36
N LYS O 38 -33.52 34.21 6.76
CA LYS O 38 -32.29 33.60 7.28
C LYS O 38 -31.68 34.34 8.47
N GLY O 39 -32.16 35.55 8.75
CA GLY O 39 -31.69 36.39 9.89
C GLY O 39 -32.48 36.15 11.17
N ASN O 40 -32.14 36.87 12.23
CA ASN O 40 -32.82 36.75 13.53
C ASN O 40 -33.31 38.11 14.09
N SER O 41 -33.84 38.99 13.24
CA SER O 41 -34.28 40.31 13.68
C SER O 41 -35.75 40.55 13.38
N ALA O 42 -36.27 41.59 14.01
CA ALA O 42 -37.65 41.97 13.96
C ALA O 42 -37.86 43.50 13.70
N PRO O 43 -37.43 44.00 12.53
CA PRO O 43 -37.72 45.39 12.16
C PRO O 43 -39.20 45.56 11.96
N LEU O 44 -39.75 46.67 12.47
CA LEU O 44 -41.18 46.98 12.31
C LEU O 44 -41.55 47.41 10.89
N ILE O 45 -42.68 46.89 10.39
CA ILE O 45 -43.31 47.34 9.15
C ILE O 45 -43.96 48.72 9.34
N ILE O 46 -43.46 49.70 8.60
CA ILE O 46 -43.92 51.08 8.77
C ILE O 46 -44.07 51.82 7.44
N ARG O 47 -44.67 53.01 7.53
CA ARG O 47 -44.65 54.05 6.48
C ARG O 47 -44.75 55.43 7.17
N GLU O 48 -44.69 56.49 6.37
CA GLU O 48 -44.82 57.89 6.87
C GLU O 48 -43.84 58.15 8.02
N PRO O 49 -42.54 57.96 7.77
CA PRO O 49 -41.59 58.27 8.82
C PRO O 49 -41.29 59.77 8.87
N PHE O 50 -40.90 60.25 10.06
CA PHE O 50 -40.41 61.61 10.21
C PHE O 50 -39.58 61.77 11.46
N ILE O 51 -38.85 62.87 11.52
CA ILE O 51 -37.92 63.13 12.62
C ILE O 51 -38.23 64.49 13.30
N ALA O 52 -38.09 64.52 14.63
CA ALA O 52 -38.26 65.73 15.39
C ALA O 52 -37.26 65.72 16.53
N CYS O 53 -36.72 66.89 16.86
CA CYS O 53 -35.61 66.97 17.80
C CYS O 53 -35.92 67.93 18.92
N GLY O 54 -35.52 67.56 20.14
CA GLY O 54 -35.47 68.48 21.28
C GLY O 54 -34.05 68.96 21.57
N PRO O 55 -33.83 69.60 22.73
CA PRO O 55 -32.52 70.15 23.09
C PRO O 55 -31.41 69.12 23.30
N LYS O 56 -31.78 67.86 23.58
CA LYS O 56 -30.77 66.85 23.76
C LYS O 56 -30.90 65.59 22.87
N GLU O 57 -32.08 65.36 22.31
CA GLU O 57 -32.40 64.10 21.60
C GLU O 57 -33.16 64.32 20.29
N CYS O 58 -32.87 63.53 19.27
CA CYS O 58 -33.72 63.47 18.06
C CYS O 58 -34.40 62.13 18.00
N LYS O 59 -35.72 62.15 17.77
CA LYS O 59 -36.49 60.92 17.73
C LYS O 59 -36.95 60.70 16.32
N HIS O 60 -36.99 59.44 15.92
CA HIS O 60 -37.34 59.02 14.59
C HIS O 60 -38.69 58.40 14.73
N PHE O 61 -39.72 59.06 14.16
CA PHE O 61 -41.12 58.55 14.29
C PHE O 61 -41.59 57.80 13.02
N ALA O 62 -42.64 57.00 13.16
CA ALA O 62 -43.25 56.34 12.02
C ALA O 62 -44.60 55.76 12.42
N LEU O 63 -45.43 55.54 11.40
CA LEU O 63 -46.70 54.87 11.60
C LEU O 63 -46.56 53.40 11.25
N THR O 64 -46.54 52.53 12.27
CA THR O 64 -46.43 51.07 12.07
C THR O 64 -47.74 50.40 11.74
N HIS O 65 -47.73 49.22 11.11
CA HIS O 65 -49.00 48.39 10.96
C HIS O 65 -49.02 47.31 12.04
N TYR O 66 -48.18 47.48 13.06
CA TYR O 66 -48.17 46.58 14.22
C TYR O 66 -47.78 45.17 13.82
N ALA O 67 -46.81 45.08 12.92
CA ALA O 67 -46.39 43.82 12.31
C ALA O 67 -44.91 43.94 12.03
N ALA O 68 -44.23 42.80 11.85
CA ALA O 68 -42.77 42.81 11.70
C ALA O 68 -42.36 41.98 10.50
N GLN O 69 -41.14 42.20 10.01
CA GLN O 69 -40.53 41.33 8.98
C GLN O 69 -39.28 40.54 9.51
N PRO O 70 -39.27 39.20 9.38
CA PRO O 70 -40.31 38.34 8.81
C PRO O 70 -41.48 38.17 9.76
N GLY O 71 -42.63 37.78 9.19
CA GLY O 71 -43.84 37.54 9.96
C GLY O 71 -44.94 37.04 9.06
N GLY O 72 -46.15 36.95 9.61
CA GLY O 72 -47.31 36.47 8.86
C GLY O 72 -48.47 37.45 8.73
N TYR O 73 -48.24 38.74 9.01
CA TYR O 73 -49.31 39.74 8.94
C TYR O 73 -49.09 40.78 7.82
N TYR O 74 -48.44 40.34 6.75
CA TYR O 74 -48.16 41.21 5.58
C TYR O 74 -49.44 41.70 4.89
N ASN O 75 -50.46 40.83 4.83
CA ASN O 75 -51.74 41.25 4.23
C ASN O 75 -52.30 42.53 4.91
N GLY O 76 -52.46 43.60 4.10
CA GLY O 76 -53.01 44.88 4.59
C GLY O 76 -51.97 45.97 4.90
N THR O 77 -50.69 45.65 4.69
CA THR O 77 -49.64 46.61 5.04
C THR O 77 -49.45 47.67 3.95
N ARG O 78 -50.05 47.47 2.76
CA ARG O 78 -50.21 48.53 1.71
C ARG O 78 -51.33 49.56 1.96
N GLY O 79 -52.35 49.16 2.71
CA GLY O 79 -53.45 50.06 3.12
C GLY O 79 -53.04 51.24 4.00
N ASP O 80 -53.88 52.27 4.01
CA ASP O 80 -53.52 53.52 4.66
C ASP O 80 -53.95 53.64 6.13
N ARG O 81 -55.15 53.13 6.45
CA ARG O 81 -55.78 53.25 7.76
C ARG O 81 -56.40 51.90 8.19
N ASN O 82 -56.18 51.53 9.44
CA ASN O 82 -56.88 50.40 10.06
C ASN O 82 -56.80 50.58 11.57
N LYS O 83 -57.39 49.64 12.30
CA LYS O 83 -57.49 49.70 13.74
C LYS O 83 -56.24 49.31 14.51
N LEU O 84 -55.21 48.78 13.83
CA LEU O 84 -53.94 48.36 14.48
C LEU O 84 -52.81 49.40 14.41
N ARG O 85 -52.88 50.27 13.43
CA ARG O 85 -51.87 51.27 13.15
C ARG O 85 -51.51 52.10 14.41
N HIS O 86 -50.22 52.38 14.61
CA HIS O 86 -49.73 53.05 15.82
C HIS O 86 -48.56 53.99 15.53
N LEU O 87 -48.55 55.12 16.25
CA LEU O 87 -47.40 56.01 16.23
C LEU O 87 -46.36 55.44 17.17
N ILE O 88 -45.17 55.16 16.64
CA ILE O 88 -44.01 54.64 17.38
C ILE O 88 -42.77 55.58 17.18
N SER O 89 -41.75 55.40 18.03
CA SER O 89 -40.48 56.09 17.87
C SER O 89 -39.31 55.32 18.46
N VAL O 90 -38.12 55.66 17.95
CA VAL O 90 -36.84 55.33 18.56
C VAL O 90 -35.96 56.58 18.57
N LYS O 91 -34.94 56.56 19.42
CA LYS O 91 -33.88 57.54 19.39
C LYS O 91 -33.20 57.44 18.00
N LEU O 92 -33.04 58.57 17.32
CA LEU O 92 -32.52 58.55 15.96
C LEU O 92 -31.17 57.91 16.02
N GLY O 93 -30.96 56.92 15.17
CA GLY O 93 -29.71 56.16 15.19
C GLY O 93 -29.89 54.71 15.60
N LYS O 94 -31.03 54.42 16.25
CA LYS O 94 -31.41 53.05 16.60
C LYS O 94 -32.33 52.46 15.52
N ILE O 95 -32.20 51.17 15.29
CA ILE O 95 -33.06 50.43 14.37
C ILE O 95 -34.40 50.23 15.04
N PRO O 96 -35.51 50.67 14.39
CA PRO O 96 -36.84 50.47 14.98
C PRO O 96 -37.32 49.04 14.79
N THR O 97 -37.01 48.23 15.80
CA THR O 97 -37.44 46.85 15.86
C THR O 97 -38.53 46.76 16.93
N VAL O 98 -39.11 45.57 17.12
CA VAL O 98 -40.15 45.33 18.11
C VAL O 98 -39.70 45.80 19.47
N GLU O 99 -38.49 45.43 19.87
CA GLU O 99 -38.01 45.69 21.25
C GLU O 99 -37.46 47.09 21.41
N ASN O 100 -36.81 47.61 20.39
CA ASN O 100 -36.23 48.96 20.44
C ASN O 100 -37.26 50.12 20.47
N SER O 101 -38.38 49.92 19.77
CA SER O 101 -39.42 50.95 19.66
C SER O 101 -40.23 51.15 20.94
N ILE O 102 -40.88 52.33 21.04
CA ILE O 102 -41.92 52.58 22.02
C ILE O 102 -43.18 52.92 21.24
N PHE O 103 -44.34 52.42 21.68
CA PHE O 103 -45.64 52.64 21.07
C PHE O 103 -46.34 53.74 21.82
N HIS O 104 -46.56 54.88 21.15
CA HIS O 104 -47.11 56.09 21.77
C HIS O 104 -48.64 56.07 21.91
N MET O 105 -49.30 55.85 20.77
CA MET O 105 -50.76 55.78 20.71
C MET O 105 -51.23 55.18 19.42
N ALA O 106 -52.49 54.76 19.36
CA ALA O 106 -53.09 54.29 18.11
C ALA O 106 -53.21 55.47 17.19
N ALA O 107 -52.87 55.27 15.92
CA ALA O 107 -52.91 56.38 14.96
C ALA O 107 -52.67 55.87 13.55
N TRP O 108 -53.41 56.42 12.59
CA TRP O 108 -53.04 56.19 11.19
C TRP O 108 -52.65 57.49 10.49
N SER O 109 -52.48 58.54 11.29
CA SER O 109 -51.88 59.83 10.80
C SER O 109 -51.23 60.49 12.02
N GLY O 110 -50.07 61.11 11.85
CA GLY O 110 -49.27 61.47 13.05
C GLY O 110 -48.49 62.75 12.98
N SER O 111 -48.06 63.24 14.15
CA SER O 111 -47.09 64.35 14.24
C SER O 111 -46.48 64.38 15.63
N ALA O 112 -45.42 65.15 15.81
CA ALA O 112 -44.83 65.29 17.16
C ALA O 112 -43.89 66.47 17.18
N CYS O 113 -43.62 67.00 18.37
CA CYS O 113 -42.68 68.11 18.57
C CYS O 113 -42.37 68.34 20.05
N HIS O 114 -41.20 68.94 20.30
CA HIS O 114 -40.71 69.25 21.63
C HIS O 114 -40.78 70.75 21.83
N ASP O 115 -41.28 71.21 22.96
CA ASP O 115 -41.46 72.65 23.20
C ASP O 115 -40.31 73.24 24.03
N GLY O 116 -39.40 72.38 24.45
CA GLY O 116 -38.29 72.81 25.27
C GLY O 116 -38.33 72.16 26.61
N LYS O 117 -39.55 71.87 27.10
CA LYS O 117 -39.73 71.17 28.38
C LYS O 117 -40.15 69.71 28.22
N GLU O 118 -40.96 69.43 27.18
CA GLU O 118 -41.62 68.14 27.04
C GLU O 118 -42.05 67.86 25.61
N TRP O 119 -42.12 66.58 25.28
CA TRP O 119 -42.70 66.06 24.02
C TRP O 119 -44.23 66.12 23.93
N THR O 120 -44.72 66.64 22.81
CA THR O 120 -46.12 66.53 22.43
C THR O 120 -46.25 65.51 21.29
N TYR O 121 -47.18 64.58 21.40
CA TYR O 121 -47.39 63.53 20.38
C TYR O 121 -48.80 63.65 19.85
N ILE O 122 -48.95 63.55 18.53
CA ILE O 122 -50.24 63.72 17.91
C ILE O 122 -50.55 62.52 17.03
N GLY O 123 -51.74 61.97 17.24
CA GLY O 123 -52.20 60.81 16.46
C GLY O 123 -53.67 60.82 16.19
N VAL O 124 -54.04 60.62 14.93
CA VAL O 124 -55.43 60.59 14.49
C VAL O 124 -55.83 59.16 14.21
N ASP O 125 -56.93 58.69 14.81
CA ASP O 125 -57.59 57.45 14.37
C ASP O 125 -59.11 57.64 14.33
N GLY O 126 -59.84 56.54 14.32
CA GLY O 126 -61.31 56.61 14.22
C GLY O 126 -61.84 56.40 12.80
N PRO O 127 -63.18 56.34 12.63
CA PRO O 127 -63.71 55.91 11.33
C PRO O 127 -63.60 57.03 10.30
N GLU O 128 -63.69 56.61 9.03
CA GLU O 128 -63.64 57.49 7.86
C GLU O 128 -64.45 58.78 8.03
N ASN O 129 -65.70 58.61 8.42
CA ASN O 129 -66.64 59.72 8.38
C ASN O 129 -66.67 60.52 9.67
N ASN O 130 -65.78 60.18 10.62
CA ASN O 130 -65.73 60.85 11.92
C ASN O 130 -64.46 60.53 12.72
N ALA O 131 -63.32 60.65 12.05
CA ALA O 131 -62.04 60.47 12.67
C ALA O 131 -61.80 61.45 13.81
N LEU O 132 -60.74 61.19 14.60
CA LEU O 132 -60.48 61.92 15.86
C LEU O 132 -58.99 62.11 16.14
N LEU O 133 -58.60 63.37 16.31
CA LEU O 133 -57.21 63.70 16.54
C LEU O 133 -56.97 63.68 18.04
N LYS O 134 -55.92 62.97 18.44
CA LYS O 134 -55.62 62.79 19.85
C LYS O 134 -54.25 63.36 20.22
N ILE O 135 -54.18 64.04 21.34
CA ILE O 135 -52.96 64.69 21.79
C ILE O 135 -52.48 64.09 23.12
N LYS O 136 -51.17 63.87 23.20
CA LYS O 136 -50.56 63.28 24.38
C LYS O 136 -49.39 64.15 24.77
N TYR O 137 -49.30 64.53 26.04
CA TYR O 137 -48.17 65.36 26.52
C TYR O 137 -47.30 64.60 27.53
N GLY O 138 -46.11 64.22 27.11
CA GLY O 138 -45.33 63.30 27.93
C GLY O 138 -46.06 61.99 27.92
N GLU O 139 -46.58 61.61 29.09
CA GLU O 139 -47.20 60.30 29.24
C GLU O 139 -48.71 60.39 29.27
N ALA O 140 -49.24 61.59 29.49
CA ALA O 140 -50.68 61.85 29.63
C ALA O 140 -51.40 62.16 28.30
N TYR O 141 -52.54 61.51 28.08
CA TYR O 141 -53.48 61.93 27.05
C TYR O 141 -54.20 63.17 27.54
N THR O 142 -54.17 64.26 26.77
CA THR O 142 -54.63 65.57 27.27
C THR O 142 -55.78 66.29 26.55
N ASP O 143 -56.05 65.97 25.27
CA ASP O 143 -57.05 66.69 24.46
C ASP O 143 -57.40 65.98 23.12
N THR O 144 -58.46 66.43 22.45
CA THR O 144 -58.84 65.91 21.12
C THR O 144 -59.44 66.99 20.29
N TYR O 145 -59.42 66.77 18.97
CA TYR O 145 -60.10 67.64 17.99
C TYR O 145 -60.95 66.78 17.10
N HIS O 146 -62.13 67.27 16.73
CA HIS O 146 -63.11 66.46 16.02
C HIS O 146 -63.10 66.75 14.53
N SER O 147 -63.48 65.75 13.74
CA SER O 147 -63.62 65.89 12.32
C SER O 147 -64.60 67.00 11.99
N TYR O 148 -64.24 67.86 11.05
CA TYR O 148 -65.15 68.99 10.71
C TYR O 148 -65.69 69.00 9.28
N ALA O 149 -65.22 68.08 8.46
CA ALA O 149 -65.77 67.89 7.14
C ALA O 149 -66.13 66.44 6.90
N ASN O 150 -66.07 65.63 7.97
CA ASN O 150 -66.54 64.26 7.95
C ASN O 150 -65.98 63.40 6.83
N ASN O 151 -64.70 63.61 6.47
CA ASN O 151 -63.99 62.78 5.50
C ASN O 151 -62.49 62.69 5.75
N ILE O 152 -62.13 61.73 6.62
CA ILE O 152 -60.75 61.40 6.97
C ILE O 152 -59.99 62.62 7.48
N LEU O 153 -60.36 63.09 8.66
CA LEU O 153 -59.55 64.05 9.38
C LEU O 153 -58.12 63.49 9.51
N ARG O 154 -57.14 64.38 9.33
CA ARG O 154 -55.84 64.03 8.78
C ARG O 154 -54.84 65.05 9.29
N THR O 155 -53.58 64.64 9.52
CA THR O 155 -52.53 65.61 9.90
C THR O 155 -51.21 65.57 9.07
N GLN O 156 -50.13 66.21 9.55
CA GLN O 156 -48.92 66.48 8.72
C GLN O 156 -48.05 65.30 8.26
N GLU O 157 -47.96 64.25 9.07
N GLU O 157 -47.97 64.26 9.09
CA GLU O 157 -46.93 63.22 8.89
CA GLU O 157 -46.96 63.20 8.91
C GLU O 157 -45.54 63.81 9.01
C GLU O 157 -45.55 63.79 9.02
N SER O 158 -45.41 64.87 9.79
CA SER O 158 -44.09 65.43 10.12
C SER O 158 -44.22 66.33 11.34
N ALA O 159 -43.05 66.82 11.79
CA ALA O 159 -42.88 67.56 13.05
C ALA O 159 -43.71 68.80 13.13
N CYS O 160 -44.46 68.97 14.20
CA CYS O 160 -45.11 70.25 14.47
C CYS O 160 -44.02 71.23 14.93
N ASN O 161 -44.39 72.43 15.34
CA ASN O 161 -43.39 73.48 15.55
C ASN O 161 -43.74 74.31 16.73
N CYS O 162 -42.88 74.34 17.73
CA CYS O 162 -43.14 75.06 18.97
C CYS O 162 -42.29 76.31 19.15
N ILE O 163 -42.93 77.39 19.61
CA ILE O 163 -42.22 78.61 20.00
C ILE O 163 -42.83 79.14 21.31
N GLY O 164 -41.97 79.51 22.26
CA GLY O 164 -42.43 80.09 23.52
C GLY O 164 -43.49 79.24 24.19
N GLY O 165 -43.47 77.95 23.86
CA GLY O 165 -44.33 76.96 24.50
C GLY O 165 -45.61 76.71 23.73
N ASN O 166 -45.81 77.48 22.67
CA ASN O 166 -46.97 77.34 21.81
C ASN O 166 -46.61 76.51 20.58
N CYS O 167 -47.28 75.37 20.42
CA CYS O 167 -47.01 74.49 19.28
C CYS O 167 -48.08 74.62 18.21
N TYR O 168 -47.66 74.72 16.96
CA TYR O 168 -48.56 74.90 15.85
C TYR O 168 -48.61 73.67 14.98
N LEU O 169 -49.83 73.24 14.64
CA LEU O 169 -50.10 71.99 13.88
C LEU O 169 -51.09 72.20 12.74
N MET O 170 -50.75 71.74 11.55
CA MET O 170 -51.69 71.69 10.43
C MET O 170 -52.53 70.44 10.50
N ILE O 171 -53.82 70.58 10.15
CA ILE O 171 -54.75 69.47 9.93
C ILE O 171 -55.58 69.75 8.67
N THR O 172 -56.17 68.69 8.12
CA THR O 172 -57.14 68.85 7.05
C THR O 172 -58.25 67.79 7.12
N ASP O 173 -59.31 68.02 6.38
CA ASP O 173 -60.48 67.15 6.39
C ASP O 173 -61.24 67.43 5.08
N GLY O 174 -61.77 66.40 4.45
CA GLY O 174 -62.41 66.58 3.17
C GLY O 174 -62.01 65.51 2.18
N SER O 175 -62.44 65.67 0.95
CA SER O 175 -62.26 64.61 -0.03
C SER O 175 -60.85 64.64 -0.60
N ALA O 176 -60.22 63.48 -0.69
CA ALA O 176 -58.89 63.39 -1.28
C ALA O 176 -58.98 63.79 -2.76
N SER O 177 -60.19 63.78 -3.33
CA SER O 177 -60.43 64.11 -4.74
C SER O 177 -61.03 65.49 -5.01
N GLY O 178 -61.54 66.13 -3.96
CA GLY O 178 -62.26 67.39 -4.14
C GLY O 178 -61.71 68.42 -3.18
N ILE O 179 -62.62 69.08 -2.43
CA ILE O 179 -62.25 70.14 -1.50
C ILE O 179 -61.71 69.53 -0.20
N SER O 180 -60.56 70.00 0.27
CA SER O 180 -60.09 69.73 1.64
C SER O 180 -59.45 71.00 2.15
N GLU O 181 -60.20 71.76 2.93
CA GLU O 181 -59.76 73.03 3.44
C GLU O 181 -59.13 72.86 4.84
N CYS O 182 -57.83 73.10 4.92
CA CYS O 182 -57.05 72.89 6.15
C CYS O 182 -57.24 73.95 7.25
N ARG O 183 -56.86 73.59 8.48
CA ARG O 183 -56.86 74.53 9.59
C ARG O 183 -55.55 74.36 10.31
N PHE O 184 -55.30 75.25 11.27
CA PHE O 184 -54.13 75.11 12.15
C PHE O 184 -54.56 75.13 13.60
N LEU O 185 -53.99 74.23 14.40
CA LEU O 185 -54.22 74.22 15.81
C LEU O 185 -53.03 74.83 16.52
N LYS O 186 -53.31 75.58 17.58
CA LYS O 186 -52.27 76.15 18.45
C LYS O 186 -52.43 75.42 19.77
N ILE O 187 -51.37 74.73 20.20
CA ILE O 187 -51.46 73.81 21.33
C ILE O 187 -50.44 74.22 22.40
N ARG O 188 -50.87 74.23 23.66
CA ARG O 188 -49.98 74.56 24.76
C ARG O 188 -50.07 73.50 25.85
N GLU O 189 -48.94 72.93 26.21
CA GLU O 189 -48.86 71.88 27.23
C GLU O 189 -49.94 70.83 27.01
N GLY O 190 -50.08 70.43 25.73
CA GLY O 190 -50.94 69.30 25.36
C GLY O 190 -52.37 69.66 25.13
N ARG O 191 -52.71 70.96 25.24
CA ARG O 191 -54.12 71.39 25.13
C ARG O 191 -54.33 72.48 24.09
N ILE O 192 -55.47 72.44 23.42
CA ILE O 192 -55.71 73.34 22.30
C ILE O 192 -56.22 74.70 22.77
N ILE O 193 -55.51 75.76 22.42
CA ILE O 193 -55.92 77.05 22.95
C ILE O 193 -56.47 78.05 21.89
N LYS O 194 -56.32 77.68 20.60
CA LYS O 194 -56.84 78.45 19.48
C LYS O 194 -56.98 77.64 18.17
N GLU O 195 -58.05 77.88 17.43
CA GLU O 195 -58.21 77.37 16.07
C GLU O 195 -57.91 78.52 15.16
N ILE O 196 -57.17 78.25 14.09
CA ILE O 196 -56.74 79.27 13.14
C ILE O 196 -57.27 78.84 11.80
N PHE O 197 -58.03 79.73 11.16
CA PHE O 197 -58.64 79.42 9.87
C PHE O 197 -57.93 80.25 8.81
N PRO O 198 -57.19 79.58 7.92
CA PRO O 198 -56.44 80.28 6.88
C PRO O 198 -57.32 80.99 5.84
N THR O 199 -56.82 82.07 5.27
CA THR O 199 -57.46 82.83 4.19
C THR O 199 -56.69 82.63 2.87
N GLY O 200 -57.32 82.97 1.74
CA GLY O 200 -56.67 82.90 0.40
C GLY O 200 -56.98 81.63 -0.43
N ARG O 201 -55.94 80.99 -0.95
CA ARG O 201 -56.10 79.80 -1.78
C ARG O 201 -56.19 78.57 -0.90
N VAL O 202 -57.43 78.25 -0.49
CA VAL O 202 -57.68 77.25 0.55
C VAL O 202 -58.39 76.00 0.02
N LYS O 203 -58.76 76.06 -1.26
CA LYS O 203 -59.43 75.00 -2.03
C LYS O 203 -58.95 73.60 -1.62
N HIS O 204 -57.63 73.37 -1.62
CA HIS O 204 -57.13 72.06 -1.27
C HIS O 204 -55.71 72.12 -0.71
N THR O 205 -55.55 71.76 0.56
CA THR O 205 -54.21 71.70 1.20
C THR O 205 -54.01 70.47 2.10
N GLU O 206 -52.97 69.68 1.83
CA GLU O 206 -52.57 68.59 2.73
C GLU O 206 -51.11 68.42 3.09
N GLU O 207 -50.91 67.61 4.13
CA GLU O 207 -49.59 67.19 4.58
C GLU O 207 -48.55 68.31 4.53
N CYS O 208 -48.85 69.44 5.15
CA CYS O 208 -47.93 70.54 5.19
C CYS O 208 -46.63 70.14 5.90
N THR O 209 -45.51 70.48 5.25
CA THR O 209 -44.19 70.36 5.84
C THR O 209 -43.83 71.79 6.24
N CYS O 210 -43.74 72.02 7.55
CA CYS O 210 -43.70 73.37 8.12
C CYS O 210 -42.45 73.61 8.96
N GLY O 211 -41.96 74.85 8.93
CA GLY O 211 -40.85 75.26 9.81
C GLY O 211 -40.86 76.76 9.99
N PHE O 212 -39.96 77.26 10.84
CA PHE O 212 -39.85 78.68 11.12
C PHE O 212 -38.96 79.37 10.08
N ALA O 213 -39.49 80.45 9.51
CA ALA O 213 -38.70 81.36 8.71
C ALA O 213 -38.12 82.45 9.64
N SER O 214 -38.70 82.60 10.84
CA SER O 214 -38.21 83.54 11.85
C SER O 214 -39.05 83.41 13.13
N ASN O 215 -38.74 84.21 14.13
CA ASN O 215 -39.56 84.28 15.37
C ASN O 215 -41.03 84.68 15.13
N LYS O 216 -41.30 85.26 13.97
CA LYS O 216 -42.62 85.81 13.62
C LYS O 216 -43.41 84.90 12.67
N THR O 217 -42.73 84.12 11.83
CA THR O 217 -43.42 83.39 10.74
C THR O 217 -43.13 81.90 10.62
N ILE O 218 -44.17 81.10 10.51
CA ILE O 218 -44.04 79.71 10.10
C ILE O 218 -44.41 79.62 8.65
N GLU O 219 -43.67 78.84 7.89
CA GLU O 219 -44.06 78.61 6.49
C GLU O 219 -44.21 77.10 6.28
N CYS O 220 -45.10 76.69 5.38
CA CYS O 220 -45.26 75.28 5.04
C CYS O 220 -45.41 75.10 3.54
N ALA O 221 -44.75 74.09 3.00
CA ALA O 221 -44.93 73.65 1.62
C ALA O 221 -45.78 72.39 1.67
N CYS O 222 -46.94 72.45 0.99
CA CYS O 222 -47.96 71.43 1.20
C CYS O 222 -48.27 70.61 -0.09
N ARG O 223 -49.34 69.82 -0.06
CA ARG O 223 -49.75 68.99 -1.17
C ARG O 223 -51.18 69.30 -1.58
N ASP O 224 -51.42 69.50 -2.86
CA ASP O 224 -52.76 69.55 -3.39
C ASP O 224 -52.92 68.23 -4.12
N ASN O 225 -53.86 67.42 -3.67
CA ASN O 225 -54.01 66.09 -4.23
C ASN O 225 -55.05 65.99 -5.39
N SER O 226 -55.64 67.12 -5.79
CA SER O 226 -56.72 67.16 -6.85
C SER O 226 -56.42 68.11 -7.98
N TYR O 227 -56.05 69.34 -7.65
CA TYR O 227 -56.12 70.44 -8.63
C TYR O 227 -54.85 70.81 -9.37
N THR O 228 -53.71 70.74 -8.71
CA THR O 228 -52.48 71.33 -9.23
C THR O 228 -51.21 70.55 -8.82
N ALA O 229 -50.16 70.67 -9.63
CA ALA O 229 -48.85 70.13 -9.26
C ALA O 229 -47.98 71.20 -8.61
N LYS O 230 -48.47 72.45 -8.54
CA LYS O 230 -47.78 73.48 -7.75
C LYS O 230 -48.10 73.17 -6.29
N ARG O 231 -47.12 73.36 -5.43
CA ARG O 231 -47.35 73.15 -4.00
C ARG O 231 -48.00 74.38 -3.42
N PRO O 232 -49.08 74.20 -2.65
CA PRO O 232 -49.63 75.32 -1.88
C PRO O 232 -48.64 75.77 -0.84
N PHE O 233 -48.64 77.05 -0.49
CA PHE O 233 -47.60 77.54 0.39
C PHE O 233 -48.22 78.37 1.47
N VAL O 234 -48.05 77.95 2.72
CA VAL O 234 -48.65 78.65 3.86
C VAL O 234 -47.68 79.62 4.52
N LYS O 235 -48.18 80.81 4.88
CA LYS O 235 -47.48 81.75 5.75
C LYS O 235 -48.30 82.06 6.98
N LEU O 236 -47.83 81.61 8.13
CA LEU O 236 -48.55 81.74 9.40
C LEU O 236 -47.86 82.78 10.26
N ASN O 237 -48.51 83.89 10.55
CA ASN O 237 -47.95 84.83 11.52
C ASN O 237 -48.25 84.39 12.96
N VAL O 238 -47.22 84.03 13.72
CA VAL O 238 -47.45 83.50 15.09
C VAL O 238 -47.66 84.57 16.19
N GLU O 239 -47.57 85.84 15.86
CA GLU O 239 -47.83 86.93 16.82
C GLU O 239 -49.32 87.34 16.76
N THR O 240 -49.83 87.51 15.53
CA THR O 240 -51.27 87.70 15.35
C THR O 240 -52.09 86.41 15.18
N ASP O 241 -51.43 85.26 15.01
CA ASP O 241 -52.11 83.98 14.78
C ASP O 241 -53.07 84.02 13.58
N THR O 242 -52.54 84.45 12.44
CA THR O 242 -53.29 84.50 11.18
C THR O 242 -52.51 83.74 10.12
N ALA O 243 -53.20 83.09 9.19
CA ALA O 243 -52.54 82.31 8.16
C ALA O 243 -53.13 82.59 6.78
N GLU O 244 -52.24 82.57 5.78
CA GLU O 244 -52.57 82.84 4.38
C GLU O 244 -51.93 81.77 3.44
N ILE O 245 -52.64 81.39 2.39
CA ILE O 245 -52.16 80.33 1.52
C ILE O 245 -52.28 80.78 0.07
N ARG O 246 -51.20 80.63 -0.68
CA ARG O 246 -51.17 80.83 -2.13
C ARG O 246 -50.27 79.77 -2.74
N LEU O 247 -50.50 79.43 -4.01
CA LEU O 247 -49.66 78.48 -4.73
C LEU O 247 -48.23 79.03 -4.87
N MET O 248 -47.25 78.12 -4.89
CA MET O 248 -45.89 78.45 -5.25
C MET O 248 -45.82 78.80 -6.74
N CYS O 249 -45.19 79.93 -7.04
CA CYS O 249 -45.07 80.43 -8.41
C CYS O 249 -43.96 79.84 -9.27
N THR O 250 -42.97 79.20 -8.64
CA THR O 250 -41.78 78.69 -9.35
C THR O 250 -42.11 77.77 -10.52
N GLU O 251 -41.29 77.79 -11.57
CA GLU O 251 -41.53 76.88 -12.68
C GLU O 251 -41.07 75.45 -12.38
N THR O 252 -40.30 75.30 -11.28
CA THR O 252 -39.79 74.02 -10.79
C THR O 252 -40.88 73.40 -9.90
N TYR O 253 -41.91 72.81 -10.55
CA TYR O 253 -43.06 72.26 -9.80
C TYR O 253 -42.64 71.10 -8.92
N LEU O 254 -43.00 71.13 -7.64
CA LEU O 254 -42.43 70.22 -6.62
C LEU O 254 -43.26 68.95 -6.35
N ASP O 255 -44.43 68.86 -6.96
CA ASP O 255 -45.32 67.73 -6.70
C ASP O 255 -44.98 66.56 -7.61
N THR O 256 -45.62 65.43 -7.36
CA THR O 256 -45.59 64.27 -8.27
C THR O 256 -46.99 63.64 -8.20
N PRO O 257 -47.66 63.45 -9.36
CA PRO O 257 -47.25 63.77 -10.71
C PRO O 257 -47.08 65.29 -10.93
N ARG O 258 -46.52 65.64 -12.09
CA ARG O 258 -46.33 67.03 -12.50
C ARG O 258 -46.00 67.08 -13.99
N PRO O 259 -46.38 68.16 -14.67
CA PRO O 259 -45.97 68.34 -16.08
C PRO O 259 -44.53 68.86 -16.20
N ASP O 260 -44.05 69.16 -17.40
CA ASP O 260 -42.68 69.65 -17.55
C ASP O 260 -42.56 71.01 -16.84
N ASP O 261 -41.37 71.37 -16.40
CA ASP O 261 -41.15 72.61 -15.67
C ASP O 261 -41.53 73.80 -16.56
N GLY O 262 -42.24 74.79 -16.00
CA GLY O 262 -42.52 76.04 -16.72
C GLY O 262 -43.67 76.02 -17.73
N SER O 263 -44.24 74.83 -17.94
CA SER O 263 -45.27 74.61 -18.96
C SER O 263 -46.73 74.90 -18.51
N ILE O 264 -46.91 75.32 -17.26
CA ILE O 264 -48.20 75.83 -16.83
C ILE O 264 -48.26 77.31 -17.15
N THR O 265 -49.10 77.66 -18.12
CA THR O 265 -49.21 79.05 -18.64
C THR O 265 -50.08 79.92 -17.75
N GLY O 266 -50.05 81.24 -17.95
CA GLY O 266 -50.84 82.15 -17.09
C GLY O 266 -50.01 82.65 -15.93
N PRO O 267 -50.62 83.42 -15.00
CA PRO O 267 -49.79 84.00 -13.91
C PRO O 267 -49.62 83.03 -12.73
N CYS O 268 -49.03 83.53 -11.65
CA CYS O 268 -48.70 82.71 -10.50
C CYS O 268 -49.85 81.81 -10.03
N GLU O 269 -51.10 82.28 -10.16
CA GLU O 269 -52.25 81.54 -9.59
C GLU O 269 -52.81 80.33 -10.39
N SER O 270 -52.41 80.17 -11.66
CA SER O 270 -52.97 79.07 -12.48
C SER O 270 -52.65 77.66 -11.97
N ASN O 271 -53.60 76.73 -12.12
CA ASN O 271 -53.48 75.39 -11.58
C ASN O 271 -52.40 74.44 -12.20
N GLY O 272 -52.33 74.16 -13.51
CA GLY O 272 -53.38 74.10 -14.48
C GLY O 272 -53.53 72.59 -14.75
N ASP O 273 -52.47 71.95 -15.26
CA ASP O 273 -52.55 70.51 -15.69
C ASP O 273 -51.82 69.43 -14.81
N LYS O 274 -52.21 68.17 -15.02
CA LYS O 274 -51.67 66.98 -14.29
C LYS O 274 -51.70 67.09 -12.76
N GLY O 275 -52.71 67.78 -12.24
CA GLY O 275 -52.77 68.15 -10.84
C GLY O 275 -53.37 67.14 -9.89
N SER O 276 -54.02 66.11 -10.42
CA SER O 276 -54.65 65.10 -9.54
C SER O 276 -53.59 64.05 -9.10
N GLY O 277 -53.70 63.60 -7.86
CA GLY O 277 -52.61 62.86 -7.21
C GLY O 277 -51.59 63.80 -6.58
N GLY O 278 -50.61 63.26 -5.85
CA GLY O 278 -49.64 64.08 -5.13
C GLY O 278 -48.71 63.29 -4.22
N ILE O 279 -47.83 64.01 -3.53
CA ILE O 279 -46.87 63.44 -2.61
C ILE O 279 -46.49 64.48 -1.57
N LYS O 280 -46.26 64.05 -0.32
CA LYS O 280 -45.71 64.94 0.71
C LYS O 280 -44.25 65.36 0.33
N GLY O 281 -43.92 66.63 0.54
CA GLY O 281 -42.63 67.18 0.05
C GLY O 281 -41.71 67.81 1.11
N GLY O 282 -40.41 67.59 0.94
CA GLY O 282 -39.43 68.12 1.88
C GLY O 282 -39.34 69.64 1.78
N PHE O 283 -39.05 70.27 2.91
CA PHE O 283 -38.93 71.70 3.00
C PHE O 283 -38.34 72.09 4.33
N VAL O 284 -37.22 72.80 4.29
CA VAL O 284 -36.61 73.27 5.52
C VAL O 284 -35.99 74.68 5.37
N HIS O 285 -35.88 75.43 6.46
CA HIS O 285 -35.29 76.80 6.42
C HIS O 285 -33.84 76.84 6.86
N GLN O 286 -33.06 77.71 6.19
CA GLN O 286 -31.70 78.08 6.57
C GLN O 286 -31.76 79.58 6.95
N ARG O 287 -31.71 79.88 8.25
CA ARG O 287 -31.88 81.26 8.73
C ARG O 287 -30.54 81.95 9.00
N MET O 288 -30.25 82.95 8.19
CA MET O 288 -29.02 83.72 8.32
C MET O 288 -29.35 85.14 8.77
N ALA O 289 -28.33 85.90 9.16
CA ALA O 289 -28.52 87.27 9.71
C ALA O 289 -29.39 88.20 8.80
N SER O 290 -29.00 88.34 7.54
CA SER O 290 -29.74 89.21 6.62
C SER O 290 -30.21 88.49 5.34
N LYS O 291 -30.49 87.20 5.45
CA LYS O 291 -30.77 86.40 4.26
C LYS O 291 -31.57 85.20 4.76
N ILE O 292 -32.41 84.62 3.90
CA ILE O 292 -33.04 83.34 4.18
C ILE O 292 -32.98 82.36 3.00
N GLY O 293 -32.47 81.15 3.24
CA GLY O 293 -32.53 80.09 2.23
C GLY O 293 -33.73 79.20 2.44
N ARG O 294 -34.34 78.76 1.34
CA ARG O 294 -35.44 77.78 1.40
C ARG O 294 -35.01 76.57 0.62
N TRP O 295 -34.96 75.42 1.29
CA TRP O 295 -34.49 74.18 0.69
C TRP O 295 -35.64 73.22 0.48
N TYR O 296 -35.71 72.58 -0.68
CA TYR O 296 -36.89 71.76 -1.04
C TYR O 296 -36.43 70.49 -1.71
N SER O 297 -37.27 69.46 -1.69
CA SER O 297 -36.94 68.22 -2.46
C SER O 297 -38.10 67.75 -3.35
N ARG O 298 -37.78 67.10 -4.45
CA ARG O 298 -38.84 66.52 -5.27
C ARG O 298 -38.33 65.28 -5.95
N THR O 299 -39.24 64.42 -6.36
CA THR O 299 -38.87 63.14 -7.00
C THR O 299 -38.06 63.47 -8.22
N MET O 300 -37.23 62.52 -8.65
CA MET O 300 -36.45 62.68 -9.88
C MET O 300 -37.38 62.47 -11.10
N SER O 301 -38.31 61.53 -10.97
CA SER O 301 -39.29 61.22 -12.00
C SER O 301 -40.51 62.13 -11.89
N LYS O 302 -41.00 62.56 -13.05
CA LYS O 302 -42.17 63.43 -13.09
C LYS O 302 -43.49 62.70 -12.78
N THR O 303 -43.51 61.38 -12.99
CA THR O 303 -44.73 60.54 -12.90
C THR O 303 -44.71 59.57 -11.72
N LYS O 304 -43.52 59.19 -11.32
CA LYS O 304 -43.36 58.07 -10.41
C LYS O 304 -42.61 58.46 -9.15
N ARG O 305 -42.68 57.59 -8.16
CA ARG O 305 -42.06 57.85 -6.86
C ARG O 305 -40.70 57.22 -6.85
N MET O 306 -39.82 57.78 -7.69
CA MET O 306 -38.45 57.30 -7.92
C MET O 306 -37.49 58.46 -7.84
N GLY O 307 -36.47 58.33 -7.01
CA GLY O 307 -35.42 59.35 -6.89
C GLY O 307 -35.77 60.50 -5.97
N MET O 308 -34.79 61.35 -5.68
CA MET O 308 -35.06 62.57 -4.92
C MET O 308 -33.94 63.60 -5.15
N GLY O 309 -34.31 64.77 -5.71
CA GLY O 309 -33.37 65.86 -5.96
C GLY O 309 -33.52 66.93 -4.89
N LEU O 310 -32.45 67.66 -4.59
CA LEU O 310 -32.52 68.71 -3.59
C LEU O 310 -32.45 70.01 -4.34
N TYR O 311 -33.28 70.98 -3.95
CA TYR O 311 -33.34 72.30 -4.63
C TYR O 311 -33.27 73.45 -3.61
N VAL O 312 -32.80 74.61 -4.05
CA VAL O 312 -32.62 75.77 -3.13
C VAL O 312 -32.86 77.10 -3.79
N LYS O 313 -33.38 78.04 -3.01
CA LYS O 313 -33.53 79.44 -3.41
C LYS O 313 -33.44 80.36 -2.21
N TYR O 314 -32.65 81.42 -2.36
CA TYR O 314 -32.39 82.39 -1.30
C TYR O 314 -33.27 83.63 -1.46
N ASP O 315 -33.98 84.02 -0.39
CA ASP O 315 -34.85 85.23 -0.37
C ASP O 315 -36.00 85.23 -1.39
N GLY O 316 -36.50 86.42 -1.72
CA GLY O 316 -37.67 86.53 -2.58
C GLY O 316 -38.95 86.13 -1.88
N ASP O 317 -40.01 86.01 -2.68
CA ASP O 317 -41.32 85.63 -2.20
C ASP O 317 -41.76 84.46 -3.07
N PRO O 318 -41.86 83.25 -2.48
CA PRO O 318 -42.23 82.02 -3.22
C PRO O 318 -43.63 82.10 -3.85
N TRP O 319 -44.44 83.04 -3.36
CA TRP O 319 -45.80 83.28 -3.90
C TRP O 319 -45.81 83.97 -5.28
N THR O 320 -44.79 84.81 -5.54
CA THR O 320 -44.73 85.65 -6.75
C THR O 320 -43.51 85.43 -7.64
N ASP O 321 -42.52 84.68 -7.15
CA ASP O 321 -41.29 84.39 -7.93
C ASP O 321 -41.42 83.20 -8.86
N SER O 322 -41.38 83.47 -10.15
CA SER O 322 -41.51 82.41 -11.16
C SER O 322 -40.15 81.81 -11.54
N ASP O 323 -39.08 82.45 -11.08
CA ASP O 323 -37.70 81.95 -11.30
C ASP O 323 -37.59 80.46 -10.91
N ALA O 324 -36.77 79.73 -11.68
CA ALA O 324 -36.52 78.32 -11.40
C ALA O 324 -35.70 78.18 -10.14
N LEU O 325 -35.96 77.11 -9.38
CA LEU O 325 -35.18 76.74 -8.21
C LEU O 325 -33.89 76.14 -8.71
N ALA O 326 -32.79 76.50 -8.05
CA ALA O 326 -31.44 75.94 -8.36
C ALA O 326 -31.38 74.50 -7.86
N LEU O 327 -31.03 73.58 -8.77
CA LEU O 327 -30.82 72.17 -8.48
C LEU O 327 -29.51 71.98 -7.70
N SER O 328 -29.59 71.56 -6.45
CA SER O 328 -28.38 71.43 -5.62
C SER O 328 -27.68 70.05 -5.65
N GLY O 329 -28.45 68.96 -5.62
CA GLY O 329 -27.93 67.61 -5.88
C GLY O 329 -28.95 66.50 -6.00
N VAL O 330 -28.46 65.32 -6.37
CA VAL O 330 -29.30 64.11 -6.40
C VAL O 330 -29.02 63.34 -5.14
N MET O 331 -30.05 63.22 -4.29
CA MET O 331 -29.97 62.47 -3.03
C MET O 331 -30.35 61.02 -3.23
N VAL O 332 -31.24 60.75 -4.18
CA VAL O 332 -31.66 59.37 -4.48
C VAL O 332 -31.77 59.23 -6.02
N SER O 333 -30.97 58.33 -6.59
CA SER O 333 -30.98 58.16 -8.02
C SER O 333 -32.35 57.64 -8.46
N MET O 334 -32.64 57.89 -9.75
CA MET O 334 -33.86 57.46 -10.41
C MET O 334 -34.14 55.95 -10.29
N GLU O 335 -33.11 55.16 -9.99
CA GLU O 335 -33.26 53.71 -9.79
C GLU O 335 -33.64 53.29 -8.35
N GLU O 336 -33.68 54.24 -7.42
CA GLU O 336 -34.10 53.95 -6.06
C GLU O 336 -35.44 54.62 -5.75
N PRO O 337 -36.21 54.07 -4.80
CA PRO O 337 -37.53 54.67 -4.54
C PRO O 337 -37.44 55.96 -3.71
N GLY O 338 -38.23 56.96 -4.12
CA GLY O 338 -38.35 58.25 -3.44
C GLY O 338 -39.78 58.51 -3.14
N TRP O 339 -40.18 58.33 -1.87
CA TRP O 339 -41.55 58.58 -1.52
C TRP O 339 -41.68 59.92 -0.78
N TYR O 340 -42.42 59.96 0.33
CA TYR O 340 -42.54 61.17 1.13
C TYR O 340 -41.17 61.77 1.48
N SER O 341 -41.12 63.07 1.68
CA SER O 341 -39.91 63.71 2.17
C SER O 341 -40.31 64.83 3.12
N PHE O 342 -39.46 65.16 4.09
CA PHE O 342 -39.82 66.08 5.18
C PHE O 342 -38.64 66.87 5.70
N GLY O 343 -38.90 67.97 6.41
CA GLY O 343 -37.84 68.75 7.01
C GLY O 343 -37.85 68.75 8.52
N PHE O 344 -36.66 68.95 9.08
CA PHE O 344 -36.44 69.05 10.55
C PHE O 344 -35.12 69.70 10.87
N GLU O 345 -34.93 70.02 12.13
CA GLU O 345 -33.78 70.79 12.54
C GLU O 345 -33.18 70.13 13.74
N ILE O 346 -31.86 69.93 13.70
CA ILE O 346 -31.08 69.42 14.84
C ILE O 346 -30.52 70.58 15.64
N LYS O 347 -30.51 70.45 16.96
CA LYS O 347 -30.12 71.56 17.83
C LYS O 347 -28.69 71.43 18.29
N ASP O 348 -27.78 72.14 17.61
CA ASP O 348 -26.37 72.22 18.07
C ASP O 348 -26.30 73.17 19.30
N LYS O 349 -25.14 73.28 19.94
CA LYS O 349 -25.00 74.05 21.19
C LYS O 349 -25.57 75.48 21.11
N LYS O 350 -25.31 76.19 20.00
CA LYS O 350 -25.70 77.59 19.87
C LYS O 350 -26.43 77.92 18.57
N CYS O 351 -26.78 76.91 17.79
CA CYS O 351 -27.41 77.16 16.49
C CYS O 351 -28.13 75.93 16.01
N ASP O 352 -28.96 76.09 14.99
CA ASP O 352 -29.82 75.03 14.51
C ASP O 352 -29.35 74.50 13.15
N VAL O 353 -29.38 73.18 12.97
CA VAL O 353 -28.97 72.55 11.69
C VAL O 353 -30.15 72.02 10.86
N PRO O 354 -30.42 72.64 9.70
CA PRO O 354 -31.50 72.21 8.82
C PRO O 354 -31.23 70.86 8.14
N CYS O 355 -32.22 69.98 8.13
CA CYS O 355 -32.06 68.67 7.50
C CYS O 355 -33.29 68.28 6.72
N ILE O 356 -33.11 67.43 5.70
CA ILE O 356 -34.24 66.82 4.94
C ILE O 356 -34.12 65.31 5.04
N GLY O 357 -35.20 64.67 5.47
CA GLY O 357 -35.30 63.22 5.46
C GLY O 357 -36.14 62.67 4.30
N ILE O 358 -35.88 61.44 3.90
CA ILE O 358 -36.59 60.87 2.76
C ILE O 358 -37.04 59.47 3.05
N GLU O 359 -38.34 59.26 3.00
CA GLU O 359 -38.93 57.92 3.09
C GLU O 359 -38.63 57.18 1.81
N MET O 360 -38.09 55.97 1.93
CA MET O 360 -37.67 55.19 0.77
C MET O 360 -38.37 53.84 0.82
N VAL O 361 -39.49 53.77 0.12
CA VAL O 361 -40.44 52.67 0.35
C VAL O 361 -40.06 51.41 -0.39
N HIS O 362 -40.04 50.28 0.31
CA HIS O 362 -39.89 48.96 -0.33
C HIS O 362 -41.26 48.53 -0.82
N ASP O 363 -41.52 48.75 -2.12
CA ASP O 363 -42.80 48.42 -2.73
C ASP O 363 -42.71 47.22 -3.68
N GLY O 364 -43.37 46.12 -3.32
CA GLY O 364 -43.50 44.98 -4.21
C GLY O 364 -44.94 44.52 -4.41
N GLY O 365 -45.90 45.45 -4.26
CA GLY O 365 -47.30 45.15 -4.45
C GLY O 365 -48.03 44.67 -3.21
N LYS O 366 -49.34 44.39 -3.33
CA LYS O 366 -50.14 44.00 -2.16
C LYS O 366 -49.95 42.52 -1.70
N GLU O 367 -49.14 41.75 -2.43
CA GLU O 367 -49.02 40.30 -2.17
C GLU O 367 -47.84 40.00 -1.25
N THR O 368 -47.12 41.04 -0.84
CA THR O 368 -45.97 40.88 0.07
C THR O 368 -45.89 42.09 1.02
N TRP O 369 -44.87 42.18 1.86
CA TRP O 369 -44.77 43.24 2.88
C TRP O 369 -44.51 44.60 2.26
N HIS O 370 -44.89 45.67 2.98
CA HIS O 370 -44.79 47.05 2.51
C HIS O 370 -44.25 47.94 3.64
N SER O 371 -43.04 48.44 3.49
CA SER O 371 -42.42 49.27 4.51
C SER O 371 -41.44 50.22 3.86
N ALA O 372 -40.55 50.83 4.64
CA ALA O 372 -39.68 51.91 4.14
C ALA O 372 -38.39 52.06 4.95
N ALA O 373 -37.32 52.50 4.27
CA ALA O 373 -36.11 52.97 4.92
C ALA O 373 -36.25 54.47 5.08
N THR O 374 -35.33 55.11 5.83
CA THR O 374 -35.30 56.60 5.98
C THR O 374 -33.89 57.18 5.79
N ALA O 375 -33.69 58.02 4.76
CA ALA O 375 -32.36 58.59 4.49
C ALA O 375 -32.34 60.04 4.99
N ILE O 376 -31.25 60.47 5.60
CA ILE O 376 -31.14 61.83 6.13
C ILE O 376 -30.02 62.69 5.49
N TYR O 377 -30.39 63.88 5.01
CA TYR O 377 -29.41 64.87 4.47
C TYR O 377 -29.45 66.13 5.35
N CYS O 378 -28.28 66.68 5.68
CA CYS O 378 -28.22 67.93 6.47
C CYS O 378 -27.23 68.93 5.90
N LEU O 379 -27.41 70.20 6.27
CA LEU O 379 -26.52 71.25 5.91
C LEU O 379 -25.23 71.04 6.69
N MET O 380 -24.12 70.90 5.96
CA MET O 380 -22.80 70.76 6.59
C MET O 380 -21.67 71.15 5.66
N GLY O 381 -20.90 72.17 6.10
CA GLY O 381 -19.69 72.66 5.45
C GLY O 381 -20.03 73.40 4.18
N SER O 382 -19.08 73.46 3.24
CA SER O 382 -19.21 74.20 1.99
C SER O 382 -18.99 73.29 0.75
N GLY O 383 -19.33 73.75 -0.46
CA GLY O 383 -19.08 72.95 -1.68
C GLY O 383 -20.36 72.50 -2.36
N GLN O 384 -20.37 71.29 -2.92
CA GLN O 384 -21.59 70.72 -3.56
C GLN O 384 -21.92 69.39 -2.96
N LEU O 385 -23.20 69.03 -2.96
CA LEU O 385 -23.66 67.72 -2.49
C LEU O 385 -23.00 66.58 -3.30
N LEU O 386 -22.40 65.64 -2.58
CA LEU O 386 -21.47 64.64 -3.13
C LEU O 386 -21.98 63.22 -3.37
N TRP O 387 -22.86 62.66 -2.51
CA TRP O 387 -23.25 61.25 -2.68
C TRP O 387 -24.74 60.90 -2.48
N ASP O 388 -25.21 59.91 -3.26
CA ASP O 388 -26.59 59.40 -3.15
C ASP O 388 -26.79 58.27 -2.13
N THR O 389 -28.05 57.86 -1.98
CA THR O 389 -28.40 56.85 -0.98
C THR O 389 -29.17 55.71 -1.65
N VAL O 390 -28.74 54.48 -1.36
CA VAL O 390 -29.47 53.26 -1.72
C VAL O 390 -29.95 52.52 -0.43
N THR O 391 -31.02 51.71 -0.50
CA THR O 391 -31.51 51.05 0.72
C THR O 391 -30.72 49.77 1.02
N GLY O 392 -30.24 49.12 -0.06
CA GLY O 392 -29.44 47.90 0.02
C GLY O 392 -30.34 46.70 0.17
N VAL O 393 -31.66 46.91 0.15
CA VAL O 393 -32.61 45.82 0.45
C VAL O 393 -33.12 45.08 -0.78
N ASP O 394 -33.01 43.76 -0.74
CA ASP O 394 -33.62 42.91 -1.75
C ASP O 394 -34.88 42.28 -1.13
N MET O 395 -36.02 42.57 -1.73
CA MET O 395 -37.32 42.26 -1.15
C MET O 395 -37.66 40.77 -1.16
N ALA O 396 -36.91 39.98 -1.95
CA ALA O 396 -37.12 38.52 -2.02
C ALA O 396 -36.60 37.77 -0.79
N LEU O 397 -35.70 38.40 -0.03
CA LEU O 397 -34.98 37.71 1.04
C LEU O 397 -35.77 37.64 2.35
N PRO P 9 -38.02 64.11 46.25
CA PRO P 9 -39.45 63.81 45.98
C PRO P 9 -40.28 63.64 47.25
N GLU P 10 -41.61 63.65 47.09
CA GLU P 10 -42.59 63.73 48.15
C GLU P 10 -43.75 62.71 48.01
N TRP P 11 -44.52 62.48 49.08
CA TRP P 11 -45.67 61.57 48.98
C TRP P 11 -46.69 62.13 48.01
N THR P 12 -47.39 61.24 47.30
CA THR P 12 -48.40 61.67 46.36
C THR P 12 -49.78 61.46 46.92
N TYR P 13 -50.75 62.23 46.39
CA TYR P 13 -52.14 62.27 46.82
C TYR P 13 -52.99 62.31 45.52
N PRO P 14 -54.24 61.79 45.57
CA PRO P 14 -55.10 61.99 44.39
C PRO P 14 -55.40 63.47 44.18
N ARG P 15 -55.46 63.91 42.93
CA ARG P 15 -55.84 65.29 42.64
C ARG P 15 -57.10 65.31 41.80
N LEU P 16 -57.57 66.51 41.46
CA LEU P 16 -58.67 66.66 40.54
C LEU P 16 -58.29 66.04 39.20
N SER P 17 -59.25 65.35 38.60
CA SER P 17 -59.10 64.81 37.25
C SER P 17 -58.84 65.90 36.19
N CYS P 18 -58.12 65.56 35.13
CA CYS P 18 -58.02 66.46 33.99
C CYS P 18 -59.40 66.70 33.31
N PRO P 19 -59.55 67.83 32.60
CA PRO P 19 -60.81 68.12 31.93
C PRO P 19 -61.18 67.07 30.90
N GLY P 20 -62.46 66.75 30.78
CA GLY P 20 -62.98 65.86 29.73
C GLY P 20 -64.38 65.36 30.06
N SER P 21 -65.07 64.86 29.05
CA SER P 21 -66.36 64.24 29.31
C SER P 21 -66.60 62.95 28.53
N THR P 22 -65.57 62.47 27.83
CA THR P 22 -65.66 61.15 27.20
C THR P 22 -64.33 60.38 27.19
N PHE P 23 -64.43 59.04 27.25
CA PHE P 23 -63.24 58.20 27.01
C PHE P 23 -63.03 58.01 25.53
N GLN P 24 -61.78 57.82 25.12
CA GLN P 24 -61.41 57.44 23.75
C GLN P 24 -60.33 56.33 23.75
N LYS P 25 -60.19 55.65 22.62
CA LYS P 25 -59.19 54.61 22.40
C LYS P 25 -57.79 55.22 22.45
N ALA P 26 -56.94 54.75 23.36
CA ALA P 26 -55.58 55.33 23.50
C ALA P 26 -54.44 54.48 22.93
N LEU P 27 -54.40 53.19 23.26
CA LEU P 27 -53.22 52.39 22.98
C LEU P 27 -53.48 50.91 23.08
N LEU P 28 -52.85 50.14 22.19
CA LEU P 28 -52.92 48.69 22.22
C LEU P 28 -51.53 48.12 22.44
N ILE P 29 -51.42 47.23 23.41
CA ILE P 29 -50.25 46.40 23.58
C ILE P 29 -50.63 44.98 23.17
N SER P 30 -50.27 44.60 21.94
CA SER P 30 -50.57 43.24 21.45
C SER P 30 -49.32 42.47 21.11
N PRO P 31 -48.61 41.96 22.15
CA PRO P 31 -47.30 41.35 21.96
C PRO P 31 -47.37 40.14 21.05
N HIS P 32 -48.51 39.50 20.97
CA HIS P 32 -48.57 38.27 20.18
C HIS P 32 -48.73 38.45 18.68
N ARG P 33 -48.84 39.71 18.25
CA ARG P 33 -48.70 40.08 16.81
C ARG P 33 -47.28 39.74 16.30
N PHE P 34 -46.39 39.42 17.23
CA PHE P 34 -44.97 39.12 16.90
C PHE P 34 -44.57 37.70 17.36
N GLY P 35 -45.54 36.86 17.72
CA GLY P 35 -45.24 35.48 18.10
C GLY P 35 -45.37 34.38 17.06
N GLU P 36 -45.44 34.72 15.77
CA GLU P 36 -45.46 33.70 14.68
C GLU P 36 -44.21 32.78 14.63
N THR P 37 -44.41 31.55 14.16
CA THR P 37 -43.31 30.60 13.86
C THR P 37 -42.34 31.26 12.90
N LYS P 38 -42.89 31.94 11.88
CA LYS P 38 -42.11 32.61 10.83
C LYS P 38 -41.37 33.90 11.28
N GLY P 39 -41.71 34.46 12.44
CA GLY P 39 -41.04 35.65 12.96
C GLY P 39 -39.86 35.36 13.90
N ASN P 40 -39.27 36.44 14.43
CA ASN P 40 -38.07 36.32 15.27
C ASN P 40 -38.19 36.99 16.63
N SER P 41 -39.35 36.93 17.26
CA SER P 41 -39.56 37.56 18.59
C SER P 41 -40.00 36.57 19.67
N ALA P 42 -40.08 37.10 20.89
CA ALA P 42 -40.31 36.32 22.10
C ALA P 42 -41.22 37.06 23.09
N PRO P 43 -42.43 37.41 22.65
CA PRO P 43 -43.44 37.86 23.61
C PRO P 43 -43.67 36.85 24.75
N LEU P 44 -43.76 37.33 25.99
CA LEU P 44 -44.05 36.49 27.10
C LEU P 44 -45.52 36.04 27.17
N ILE P 45 -45.73 34.76 27.46
CA ILE P 45 -47.05 34.21 27.79
C ILE P 45 -47.55 34.70 29.18
N ILE P 46 -48.68 35.41 29.16
CA ILE P 46 -49.19 36.08 30.38
C ILE P 46 -50.71 36.06 30.48
N ARG P 47 -51.20 36.39 31.67
CA ARG P 47 -52.62 36.74 31.89
C ARG P 47 -52.64 37.76 33.04
N GLU P 48 -53.82 38.14 33.49
CA GLU P 48 -53.98 39.11 34.60
C GLU P 48 -53.08 40.34 34.44
N PRO P 49 -53.26 41.08 33.34
CA PRO P 49 -52.43 42.28 33.23
C PRO P 49 -53.07 43.45 33.95
N PHE P 50 -52.29 44.48 34.24
CA PHE P 50 -52.78 45.68 34.83
C PHE P 50 -51.71 46.76 34.76
N ILE P 51 -52.13 48.02 34.92
CA ILE P 51 -51.25 49.19 34.78
C ILE P 51 -51.28 50.05 36.06
N ALA P 52 -50.12 50.57 36.45
CA ALA P 52 -50.03 51.49 37.58
C ALA P 52 -48.98 52.55 37.25
N CYS P 53 -49.24 53.78 37.65
CA CYS P 53 -48.36 54.88 37.28
C CYS P 53 -47.80 55.67 38.46
N GLY P 54 -46.54 56.08 38.37
CA GLY P 54 -45.97 57.03 39.32
C GLY P 54 -45.93 58.42 38.69
N PRO P 55 -45.22 59.37 39.32
CA PRO P 55 -45.17 60.76 38.84
C PRO P 55 -44.45 60.93 37.50
N LYS P 56 -43.64 59.96 37.08
CA LYS P 56 -42.94 60.09 35.79
C LYS P 56 -43.16 58.92 34.78
N GLU P 57 -43.57 57.75 35.28
CA GLU P 57 -43.59 56.54 34.50
C GLU P 57 -44.89 55.74 34.77
N CYS P 58 -45.46 55.13 33.72
CA CYS P 58 -46.51 54.12 33.88
C CYS P 58 -45.95 52.76 33.52
N LYS P 59 -46.14 51.78 34.40
CA LYS P 59 -45.64 50.42 34.19
C LYS P 59 -46.78 49.46 33.89
N HIS P 60 -46.53 48.50 33.02
CA HIS P 60 -47.53 47.56 32.55
C HIS P 60 -47.16 46.24 33.16
N PHE P 61 -47.98 45.77 34.10
CA PHE P 61 -47.68 44.54 34.84
C PHE P 61 -48.48 43.35 34.29
N ALA P 62 -47.95 42.14 34.48
CA ALA P 62 -48.66 40.88 34.24
C ALA P 62 -48.11 39.70 35.06
N LEU P 63 -48.89 38.63 35.10
CA LEU P 63 -48.47 37.38 35.64
C LEU P 63 -48.09 36.44 34.50
N THR P 64 -46.80 36.27 34.27
CA THR P 64 -46.30 35.32 33.26
C THR P 64 -46.29 33.85 33.69
N HIS P 65 -46.31 32.92 32.71
CA HIS P 65 -46.10 31.49 33.02
C HIS P 65 -44.65 31.11 32.77
N TYR P 66 -43.80 32.13 32.65
CA TYR P 66 -42.35 31.93 32.47
C TYR P 66 -42.11 31.12 31.20
N ALA P 67 -42.85 31.49 30.15
CA ALA P 67 -42.75 30.83 28.84
C ALA P 67 -43.05 31.86 27.80
N ALA P 68 -42.61 31.61 26.57
CA ALA P 68 -42.77 32.57 25.48
C ALA P 68 -43.35 31.91 24.23
N GLN P 69 -43.84 32.73 23.31
CA GLN P 69 -44.36 32.28 22.03
C GLN P 69 -43.54 32.84 20.84
N PRO P 70 -43.05 31.93 19.94
CA PRO P 70 -43.12 30.45 20.01
C PRO P 70 -42.20 29.84 21.05
N GLY P 71 -42.52 28.61 21.41
CA GLY P 71 -41.82 27.89 22.45
C GLY P 71 -42.40 26.50 22.58
N GLY P 72 -41.88 25.71 23.54
CA GLY P 72 -42.38 24.38 23.81
C GLY P 72 -42.89 24.18 25.24
N TYR P 73 -43.25 25.27 25.92
CA TYR P 73 -43.86 25.15 27.27
C TYR P 73 -45.34 25.59 27.39
N TYR P 74 -46.09 25.44 26.29
CA TYR P 74 -47.52 25.76 26.22
C TYR P 74 -48.37 24.95 27.22
N ASN P 75 -48.08 23.66 27.39
CA ASN P 75 -48.84 22.85 28.35
C ASN P 75 -48.80 23.46 29.77
N GLY P 76 -49.97 23.88 30.24
CA GLY P 76 -50.14 24.41 31.60
C GLY P 76 -50.40 25.92 31.60
N THR P 77 -50.38 26.55 30.41
CA THR P 77 -50.55 28.00 30.37
C THR P 77 -51.99 28.50 30.58
N ARG P 78 -52.96 27.57 30.55
CA ARG P 78 -54.39 27.83 30.94
C ARG P 78 -54.65 27.72 32.47
N GLY P 79 -53.78 27.01 33.17
CA GLY P 79 -53.85 26.88 34.63
C GLY P 79 -53.64 28.21 35.35
N ASP P 80 -54.09 28.29 36.60
CA ASP P 80 -54.12 29.55 37.29
C ASP P 80 -52.93 29.78 38.21
N ARG P 81 -52.45 28.70 38.81
CA ARG P 81 -51.35 28.75 39.77
C ARG P 81 -50.35 27.59 39.48
N ASN P 82 -49.05 27.90 39.51
CA ASN P 82 -48.00 26.90 39.57
C ASN P 82 -46.74 27.54 40.20
N LYS P 83 -45.67 26.76 40.32
CA LYS P 83 -44.39 27.22 40.86
C LYS P 83 -43.51 28.09 39.93
N LEU P 84 -43.90 28.27 38.68
CA LEU P 84 -43.10 29.09 37.76
C LEU P 84 -43.61 30.53 37.56
N ARG P 85 -44.86 30.73 37.89
CA ARG P 85 -45.58 31.99 37.69
C ARG P 85 -44.90 33.21 38.36
N HIS P 86 -44.78 34.32 37.64
CA HIS P 86 -44.01 35.45 38.16
C HIS P 86 -44.69 36.76 37.81
N LEU P 87 -44.58 37.73 38.71
CA LEU P 87 -44.97 39.11 38.42
C LEU P 87 -43.82 39.75 37.61
N ILE P 88 -44.17 40.31 36.44
CA ILE P 88 -43.24 41.00 35.52
C ILE P 88 -43.79 42.39 35.16
N SER P 89 -42.93 43.23 34.58
CA SER P 89 -43.34 44.53 34.12
C SER P 89 -42.47 45.08 32.98
N VAL P 90 -43.06 45.97 32.19
CA VAL P 90 -42.34 46.85 31.29
C VAL P 90 -42.87 48.28 31.45
N LYS P 91 -42.09 49.26 31.00
CA LYS P 91 -42.58 50.62 30.85
C LYS P 91 -43.71 50.54 29.81
N LEU P 92 -44.86 51.12 30.15
CA LEU P 92 -46.03 51.08 29.28
C LEU P 92 -45.63 51.68 27.96
N GLY P 93 -45.89 50.95 26.87
CA GLY P 93 -45.51 51.34 25.52
C GLY P 93 -44.49 50.40 24.92
N LYS P 94 -43.86 49.57 25.76
CA LYS P 94 -42.89 48.60 25.31
C LYS P 94 -43.62 47.26 25.26
N ILE P 95 -43.26 46.43 24.27
CA ILE P 95 -43.74 45.05 24.16
C ILE P 95 -43.05 44.22 25.23
N PRO P 96 -43.81 43.51 26.06
CA PRO P 96 -43.22 42.64 27.07
C PRO P 96 -42.71 41.31 26.48
N THR P 97 -41.46 41.33 26.05
CA THR P 97 -40.79 40.17 25.54
C THR P 97 -39.86 39.69 26.66
N VAL P 98 -39.13 38.58 26.39
CA VAL P 98 -38.17 38.01 27.35
C VAL P 98 -37.14 39.05 27.79
N GLU P 99 -36.60 39.82 26.83
CA GLU P 99 -35.49 40.73 27.10
C GLU P 99 -35.99 42.08 27.64
N ASN P 100 -37.11 42.56 27.12
CA ASN P 100 -37.65 43.85 27.55
C ASN P 100 -38.16 43.86 28.99
N SER P 101 -38.80 42.77 29.42
CA SER P 101 -39.39 42.67 30.77
C SER P 101 -38.35 42.59 31.91
N ILE P 102 -38.85 42.84 33.13
CA ILE P 102 -38.12 42.59 34.35
C ILE P 102 -38.99 41.70 35.24
N PHE P 103 -38.38 40.68 35.84
CA PHE P 103 -39.05 39.74 36.74
C PHE P 103 -38.90 40.24 38.18
N HIS P 104 -40.03 40.56 38.81
CA HIS P 104 -40.03 41.14 40.12
C HIS P 104 -39.95 40.07 41.23
N MET P 105 -40.89 39.12 41.18
CA MET P 105 -40.97 38.04 42.17
C MET P 105 -41.86 36.88 41.72
N ALA P 106 -41.67 35.73 42.33
CA ALA P 106 -42.56 34.62 42.06
C ALA P 106 -43.94 35.00 42.59
N ALA P 107 -44.99 34.70 41.82
CA ALA P 107 -46.36 35.09 42.15
C ALA P 107 -47.35 34.48 41.20
N TRP P 108 -48.47 33.96 41.71
CA TRP P 108 -49.60 33.67 40.82
C TRP P 108 -50.83 34.59 41.06
N SER P 109 -50.62 35.67 41.80
CA SER P 109 -51.61 36.72 42.06
C SER P 109 -50.78 37.94 42.41
N GLY P 110 -51.12 39.10 41.85
CA GLY P 110 -50.30 40.30 42.08
C GLY P 110 -50.97 41.66 42.20
N SER P 111 -50.16 42.66 42.53
CA SER P 111 -50.58 44.05 42.62
C SER P 111 -49.32 44.90 42.68
N ALA P 112 -49.47 46.21 42.48
CA ALA P 112 -48.34 47.14 42.59
C ALA P 112 -48.85 48.56 42.67
N CYS P 113 -48.01 49.46 43.17
CA CYS P 113 -48.35 50.89 43.28
C CYS P 113 -47.15 51.74 43.70
N HIS P 114 -47.20 53.01 43.32
CA HIS P 114 -46.15 53.97 43.59
C HIS P 114 -46.66 54.95 44.65
N ASP P 115 -45.82 55.26 45.65
CA ASP P 115 -46.26 56.12 46.76
C ASP P 115 -45.83 57.55 46.60
N GLY P 116 -45.10 57.82 45.53
CA GLY P 116 -44.49 59.12 45.30
C GLY P 116 -42.99 59.08 45.40
N LYS P 117 -42.46 58.17 46.21
CA LYS P 117 -41.01 58.03 46.36
C LYS P 117 -40.52 56.71 45.73
N GLU P 118 -41.35 55.67 45.84
CA GLU P 118 -40.87 54.34 45.48
C GLU P 118 -42.00 53.36 45.13
N TRP P 119 -41.67 52.36 44.30
CA TRP P 119 -42.58 51.26 43.94
C TRP P 119 -42.70 50.18 45.01
N THR P 120 -43.95 49.82 45.30
CA THR P 120 -44.29 48.67 46.10
C THR P 120 -44.81 47.57 45.16
N TYR P 121 -44.30 46.37 45.31
CA TYR P 121 -44.71 45.20 44.47
C TYR P 121 -45.32 44.11 45.34
N ILE P 122 -46.44 43.56 44.91
CA ILE P 122 -47.12 42.60 45.74
C ILE P 122 -47.31 41.33 44.93
N GLY P 123 -46.98 40.18 45.52
CA GLY P 123 -47.11 38.90 44.85
C GLY P 123 -47.37 37.74 45.81
N VAL P 124 -48.38 36.95 45.48
CA VAL P 124 -48.78 35.83 46.32
C VAL P 124 -48.38 34.56 45.58
N ASP P 125 -47.74 33.66 46.34
CA ASP P 125 -47.50 32.29 45.89
C ASP P 125 -47.61 31.31 47.09
N GLY P 126 -47.15 30.07 46.90
CA GLY P 126 -47.29 29.03 47.92
C GLY P 126 -48.46 28.06 47.70
N PRO P 127 -48.58 27.06 48.57
CA PRO P 127 -49.58 26.01 48.29
C PRO P 127 -51.00 26.43 48.57
N GLU P 128 -51.94 25.71 47.97
CA GLU P 128 -53.38 25.99 48.04
C GLU P 128 -53.86 26.33 49.45
N ASN P 129 -53.55 25.45 50.37
CA ASN P 129 -54.07 25.49 51.73
C ASN P 129 -53.28 26.39 52.67
N ASN P 130 -52.24 27.07 52.16
CA ASN P 130 -51.43 27.96 52.98
C ASN P 130 -50.54 28.90 52.14
N ALA P 131 -51.11 29.53 51.13
CA ALA P 131 -50.44 30.52 50.33
C ALA P 131 -49.89 31.67 51.17
N LEU P 132 -49.02 32.48 50.57
CA LEU P 132 -48.30 33.57 51.22
C LEU P 132 -48.16 34.80 50.35
N LEU P 133 -48.59 35.96 50.86
CA LEU P 133 -48.44 37.20 50.16
C LEU P 133 -47.10 37.78 50.55
N LYS P 134 -46.41 38.29 49.54
CA LYS P 134 -45.07 38.82 49.69
C LYS P 134 -44.98 40.24 49.18
N ILE P 135 -44.28 41.08 49.93
CA ILE P 135 -44.16 42.51 49.64
C ILE P 135 -42.68 42.89 49.36
N LYS P 136 -42.47 43.65 48.31
CA LYS P 136 -41.15 44.11 47.89
C LYS P 136 -41.21 45.65 47.71
N TYR P 137 -40.26 46.36 48.32
CA TYR P 137 -40.17 47.82 48.22
C TYR P 137 -38.90 48.21 47.50
N GLY P 138 -39.04 48.68 46.27
CA GLY P 138 -37.90 48.93 45.38
C GLY P 138 -37.30 47.59 45.03
N GLU P 139 -36.07 47.36 45.53
CA GLU P 139 -35.35 46.12 45.31
C GLU P 139 -35.45 45.16 46.47
N ALA P 140 -35.98 45.63 47.60
CA ALA P 140 -35.95 44.84 48.83
C ALA P 140 -37.23 44.09 49.14
N TYR P 141 -37.11 42.82 49.46
CA TYR P 141 -38.21 42.07 50.06
C TYR P 141 -38.40 42.50 51.52
N THR P 142 -39.60 42.99 51.87
CA THR P 142 -39.78 43.65 53.16
C THR P 142 -40.75 43.03 54.18
N ASP P 143 -41.74 42.24 53.74
CA ASP P 143 -42.81 41.75 54.66
C ASP P 143 -43.68 40.64 54.00
N THR P 144 -44.48 39.95 54.81
CA THR P 144 -45.44 38.95 54.34
C THR P 144 -46.71 38.96 55.14
N TYR P 145 -47.78 38.47 54.49
CA TYR P 145 -49.04 38.21 55.19
C TYR P 145 -49.45 36.75 54.97
N HIS P 146 -50.02 36.14 55.99
CA HIS P 146 -50.34 34.71 55.97
C HIS P 146 -51.78 34.40 55.65
N SER P 147 -51.99 33.30 54.92
CA SER P 147 -53.34 32.79 54.68
C SER P 147 -54.13 32.65 56.00
N TYR P 148 -55.41 33.06 55.98
CA TYR P 148 -56.27 33.14 57.19
C TYR P 148 -57.58 32.38 57.05
N ALA P 149 -57.84 31.84 55.86
CA ALA P 149 -58.94 30.90 55.69
C ALA P 149 -58.45 29.62 55.00
N ASN P 150 -57.14 29.51 54.85
CA ASN P 150 -56.54 28.28 54.31
C ASN P 150 -57.13 27.79 52.98
N ASN P 151 -57.51 28.74 52.11
CA ASN P 151 -57.95 28.37 50.77
C ASN P 151 -57.60 29.43 49.74
N ILE P 152 -56.42 29.31 49.15
CA ILE P 152 -55.93 30.21 48.09
C ILE P 152 -56.01 31.68 48.50
N LEU P 153 -55.21 32.07 49.51
CA LEU P 153 -54.94 33.51 49.71
C LEU P 153 -54.68 34.21 48.38
N ARG P 154 -55.28 35.38 48.19
CA ARG P 154 -55.49 35.98 46.85
C ARG P 154 -55.48 37.48 46.96
N THR P 155 -54.98 38.18 45.93
CA THR P 155 -55.11 39.66 45.86
C THR P 155 -55.79 40.26 44.58
N GLN P 156 -55.61 41.57 44.35
CA GLN P 156 -56.43 42.34 43.39
C GLN P 156 -56.30 42.09 41.88
N GLU P 157 -55.12 41.69 41.43
N GLU P 157 -55.11 41.69 41.44
CA GLU P 157 -54.76 41.71 40.01
CA GLU P 157 -54.73 41.69 40.03
C GLU P 157 -54.89 43.10 39.41
C GLU P 157 -54.88 43.09 39.42
N SER P 158 -54.71 44.11 40.27
CA SER P 158 -54.67 45.52 39.83
C SER P 158 -54.00 46.43 40.86
N ALA P 159 -53.85 47.70 40.45
CA ALA P 159 -53.05 48.67 41.18
C ALA P 159 -53.59 48.85 42.59
N CYS P 160 -52.72 48.73 43.60
CA CYS P 160 -53.02 49.26 44.91
C CYS P 160 -53.06 50.80 44.89
N ASN P 161 -53.33 51.43 46.04
CA ASN P 161 -53.60 52.85 46.08
C ASN P 161 -52.92 53.52 47.26
N CYS P 162 -52.05 54.48 46.98
CA CYS P 162 -51.25 55.13 48.01
C CYS P 162 -51.62 56.59 48.27
N ILE P 163 -51.79 56.91 49.55
CA ILE P 163 -51.98 58.31 49.94
C ILE P 163 -51.06 58.66 51.12
N GLY P 164 -50.36 59.79 51.02
CA GLY P 164 -49.52 60.25 52.15
C GLY P 164 -48.59 59.18 52.62
N GLY P 165 -48.28 58.26 51.70
CA GLY P 165 -47.27 57.24 51.93
C GLY P 165 -47.84 55.95 52.42
N ASN P 166 -49.13 55.95 52.63
CA ASN P 166 -49.88 54.78 53.07
C ASN P 166 -50.56 54.15 51.86
N CYS P 167 -50.25 52.88 51.61
CA CYS P 167 -50.82 52.17 50.48
C CYS P 167 -51.81 51.14 50.97
N TYR P 168 -52.96 51.08 50.28
CA TYR P 168 -54.06 50.22 50.70
C TYR P 168 -54.29 49.12 49.70
N LEU P 169 -54.44 47.89 50.20
CA LEU P 169 -54.50 46.68 49.35
C LEU P 169 -55.61 45.72 49.78
N MET P 170 -56.46 45.29 48.85
CA MET P 170 -57.43 44.24 49.10
C MET P 170 -56.80 42.88 48.96
N ILE P 171 -57.21 41.95 49.83
CA ILE P 171 -56.88 40.54 49.74
C ILE P 171 -58.11 39.74 50.09
N THR P 172 -58.12 38.46 49.72
CA THR P 172 -59.19 37.56 50.13
C THR P 172 -58.69 36.13 50.28
N ASP P 173 -59.51 35.27 50.88
CA ASP P 173 -59.09 33.90 51.18
C ASP P 173 -60.40 33.16 51.44
N GLY P 174 -60.48 31.90 51.02
CA GLY P 174 -61.71 31.18 51.15
C GLY P 174 -62.07 30.49 49.87
N SER P 175 -63.27 29.92 49.82
CA SER P 175 -63.62 29.02 48.75
C SER P 175 -64.12 29.86 47.59
N ALA P 176 -63.65 29.54 46.40
CA ALA P 176 -64.13 30.22 45.19
C ALA P 176 -65.63 29.97 44.95
N SER P 177 -66.18 28.95 45.62
CA SER P 177 -67.57 28.52 45.50
C SER P 177 -68.42 28.87 46.71
N GLY P 178 -67.80 29.31 47.81
CA GLY P 178 -68.56 29.58 49.03
C GLY P 178 -68.15 30.93 49.62
N ILE P 179 -67.91 30.92 50.94
CA ILE P 179 -67.55 32.14 51.67
C ILE P 179 -66.12 32.49 51.35
N SER P 180 -65.87 33.74 50.96
CA SER P 180 -64.53 34.32 50.89
C SER P 180 -64.60 35.76 51.41
N GLU P 181 -64.33 35.92 52.69
CA GLU P 181 -64.40 37.22 53.35
C GLU P 181 -63.08 37.98 53.21
N CYS P 182 -63.10 39.08 52.48
CA CYS P 182 -61.90 39.87 52.21
C CYS P 182 -61.40 40.75 53.40
N ARG P 183 -60.14 41.17 53.33
CA ARG P 183 -59.60 42.16 54.24
C ARG P 183 -58.83 43.22 53.44
N PHE P 184 -58.39 44.26 54.15
CA PHE P 184 -57.54 45.28 53.54
C PHE P 184 -56.26 45.47 54.33
N LEU P 185 -55.11 45.53 53.63
CA LEU P 185 -53.85 45.83 54.27
C LEU P 185 -53.49 47.27 54.08
N LYS P 186 -52.99 47.90 55.15
CA LYS P 186 -52.41 49.24 55.08
C LYS P 186 -50.88 49.11 55.18
N ILE P 187 -50.18 49.50 54.12
CA ILE P 187 -48.75 49.24 53.97
C ILE P 187 -47.93 50.54 53.82
N ARG P 188 -46.86 50.64 54.59
CA ARG P 188 -46.03 51.83 54.55
C ARG P 188 -44.56 51.44 54.34
N GLU P 189 -43.94 52.03 53.32
CA GLU P 189 -42.58 51.71 52.96
C GLU P 189 -42.31 50.21 52.98
N GLY P 190 -43.21 49.46 52.33
CA GLY P 190 -43.11 47.99 52.20
C GLY P 190 -43.50 47.14 53.40
N ARG P 191 -43.91 47.79 54.50
CA ARG P 191 -44.33 47.04 55.69
C ARG P 191 -45.78 47.27 56.10
N ILE P 192 -46.43 46.23 56.60
CA ILE P 192 -47.84 46.29 56.98
C ILE P 192 -47.98 46.91 58.35
N ILE P 193 -48.77 47.99 58.44
CA ILE P 193 -48.93 48.70 59.70
C ILE P 193 -50.36 48.67 60.29
N LYS P 194 -51.31 48.12 59.51
CA LYS P 194 -52.67 47.86 59.99
C LYS P 194 -53.40 46.82 59.13
N GLU P 195 -54.23 45.99 59.78
CA GLU P 195 -55.20 45.12 59.13
C GLU P 195 -56.54 45.78 59.33
N ILE P 196 -57.35 45.81 58.26
CA ILE P 196 -58.66 46.41 58.28
C ILE P 196 -59.67 45.32 57.95
N PHE P 197 -60.66 45.15 58.84
CA PHE P 197 -61.70 44.14 58.65
C PHE P 197 -63.01 44.84 58.28
N PRO P 198 -63.49 44.64 57.04
CA PRO P 198 -64.69 45.35 56.59
C PRO P 198 -65.94 44.84 57.32
N THR P 199 -66.97 45.69 57.38
CA THR P 199 -68.29 45.34 57.92
C THR P 199 -69.36 45.35 56.81
N GLY P 200 -70.55 44.83 57.13
CA GLY P 200 -71.64 44.74 56.15
C GLY P 200 -71.71 43.45 55.31
N ARG P 201 -71.98 43.61 54.01
CA ARG P 201 -72.14 42.45 53.11
C ARG P 201 -70.75 41.91 52.76
N VAL P 202 -70.26 40.98 53.59
CA VAL P 202 -68.88 40.51 53.47
C VAL P 202 -68.77 39.03 53.04
N LYS P 203 -69.92 38.38 52.92
CA LYS P 203 -70.12 37.00 52.40
C LYS P 203 -69.10 36.57 51.35
N HIS P 204 -68.96 37.36 50.29
CA HIS P 204 -68.04 37.01 49.21
C HIS P 204 -67.58 38.23 48.40
N THR P 205 -66.28 38.48 48.48
CA THR P 205 -65.67 39.60 47.75
C THR P 205 -64.30 39.22 47.16
N GLU P 206 -64.14 39.41 45.85
CA GLU P 206 -62.83 39.25 45.23
C GLU P 206 -62.41 40.25 44.19
N GLU P 207 -61.11 40.26 43.94
CA GLU P 207 -60.48 41.05 42.88
C GLU P 207 -61.04 42.45 42.77
N CYS P 208 -61.03 43.17 43.88
CA CYS P 208 -61.47 44.57 43.93
C CYS P 208 -60.62 45.43 43.04
N THR P 209 -61.32 46.21 42.22
CA THR P 209 -60.74 47.25 41.39
C THR P 209 -61.00 48.53 42.13
N CYS P 210 -59.95 49.18 42.63
CA CYS P 210 -60.07 50.25 43.62
C CYS P 210 -59.43 51.54 43.14
N GLY P 211 -60.01 52.68 43.53
CA GLY P 211 -59.40 54.00 43.31
C GLY P 211 -59.89 55.01 44.36
N PHE P 212 -59.33 56.20 44.34
CA PHE P 212 -59.78 57.27 45.24
C PHE P 212 -60.99 58.01 44.70
N ALA P 213 -62.04 58.12 45.51
CA ALA P 213 -63.13 59.03 45.27
C ALA P 213 -62.81 60.43 45.82
N SER P 214 -61.88 60.47 46.79
CA SER P 214 -61.37 61.73 47.31
C SER P 214 -60.18 61.50 48.22
N ASN P 215 -59.65 62.56 48.83
CA ASN P 215 -58.61 62.39 49.88
C ASN P 215 -59.08 61.58 51.10
N LYS P 216 -60.39 61.38 51.24
CA LYS P 216 -61.00 60.69 52.40
C LYS P 216 -61.43 59.23 52.09
N THR P 217 -61.78 58.95 50.83
CA THR P 217 -62.41 57.68 50.49
C THR P 217 -61.80 56.90 49.30
N ILE P 218 -61.54 55.59 49.52
CA ILE P 218 -61.27 54.65 48.47
C ILE P 218 -62.54 53.83 48.22
N GLU P 219 -62.82 53.57 46.95
CA GLU P 219 -63.99 52.77 46.60
C GLU P 219 -63.52 51.68 45.69
N CYS P 220 -64.14 50.52 45.76
CA CYS P 220 -63.74 49.40 44.93
C CYS P 220 -64.97 48.69 44.37
N ALA P 221 -64.91 48.31 43.10
CA ALA P 221 -65.93 47.46 42.51
C ALA P 221 -65.35 46.05 42.38
N CYS P 222 -65.99 45.08 43.03
CA CYS P 222 -65.39 43.77 43.15
C CYS P 222 -66.17 42.64 42.45
N ARG P 223 -65.79 41.40 42.75
CA ARG P 223 -66.39 40.23 42.14
C ARG P 223 -66.93 39.28 43.20
N ASP P 224 -68.14 38.78 43.01
CA ASP P 224 -68.70 37.74 43.85
C ASP P 224 -68.76 36.53 42.91
N ASN P 225 -68.01 35.49 43.25
CA ASN P 225 -67.86 34.37 42.36
C ASN P 225 -68.84 33.23 42.67
N SER P 226 -69.76 33.45 43.62
CA SER P 226 -70.73 32.42 44.05
C SER P 226 -72.18 32.85 44.04
N TYR P 227 -72.44 34.00 44.65
CA TYR P 227 -73.81 34.33 45.04
C TYR P 227 -74.60 35.25 44.12
N THR P 228 -73.94 36.19 43.47
CA THR P 228 -74.68 37.24 42.79
C THR P 228 -73.93 37.85 41.61
N ALA P 229 -74.69 38.36 40.63
CA ALA P 229 -74.13 39.07 39.47
C ALA P 229 -74.08 40.60 39.70
N LYS P 230 -74.55 41.07 40.86
CA LYS P 230 -74.29 42.46 41.23
C LYS P 230 -72.85 42.50 41.76
N ARG P 231 -72.15 43.58 41.49
CA ARG P 231 -70.82 43.70 42.03
C ARG P 231 -70.89 44.19 43.47
N PRO P 232 -70.15 43.52 44.39
CA PRO P 232 -69.97 44.10 45.74
C PRO P 232 -69.23 45.43 45.65
N PHE P 233 -69.53 46.38 46.52
CA PHE P 233 -68.96 47.72 46.37
C PHE P 233 -68.42 48.14 47.72
N VAL P 234 -67.14 48.43 47.78
CA VAL P 234 -66.47 48.77 49.02
C VAL P 234 -66.28 50.28 49.16
N LYS P 235 -66.48 50.79 50.37
CA LYS P 235 -66.15 52.15 50.71
C LYS P 235 -65.22 52.15 51.90
N LEU P 236 -63.98 52.59 51.69
CA LEU P 236 -62.96 52.58 52.70
C LEU P 236 -62.68 54.01 53.10
N ASN P 237 -62.85 54.34 54.37
CA ASN P 237 -62.48 55.65 54.86
C ASN P 237 -61.03 55.59 55.30
N VAL P 238 -60.14 56.30 54.61
CA VAL P 238 -58.70 56.23 54.92
C VAL P 238 -58.23 57.13 56.09
N GLU P 239 -59.13 57.94 56.66
CA GLU P 239 -58.78 58.72 57.88
C GLU P 239 -59.05 57.91 59.15
N THR P 240 -60.17 57.17 59.15
CA THR P 240 -60.49 56.30 60.29
C THR P 240 -60.06 54.86 60.05
N ASP P 241 -59.68 54.54 58.81
CA ASP P 241 -59.31 53.17 58.41
C ASP P 241 -60.43 52.17 58.69
N THR P 242 -61.63 52.48 58.22
CA THR P 242 -62.79 51.60 58.36
C THR P 242 -63.33 51.30 56.96
N ALA P 243 -63.93 50.13 56.78
CA ALA P 243 -64.45 49.78 55.47
C ALA P 243 -65.80 49.12 55.57
N GLU P 244 -66.64 49.42 54.59
CA GLU P 244 -67.98 48.89 54.51
C GLU P 244 -68.23 48.33 53.12
N ILE P 245 -69.09 47.31 53.02
CA ILE P 245 -69.37 46.65 51.71
C ILE P 245 -70.85 46.37 51.57
N ARG P 246 -71.42 46.80 50.45
CA ARG P 246 -72.80 46.46 50.10
C ARG P 246 -72.85 46.25 48.61
N LEU P 247 -73.78 45.43 48.15
CA LEU P 247 -74.00 45.22 46.70
C LEU P 247 -74.35 46.52 45.95
N MET P 248 -73.88 46.63 44.73
CA MET P 248 -74.32 47.67 43.80
C MET P 248 -75.79 47.51 43.42
N CYS P 249 -76.58 48.57 43.65
CA CYS P 249 -78.03 48.52 43.39
C CYS P 249 -78.47 48.62 41.91
N THR P 250 -77.60 49.15 41.04
CA THR P 250 -77.97 49.43 39.65
C THR P 250 -78.55 48.24 38.90
N GLU P 251 -79.49 48.48 38.00
CA GLU P 251 -80.08 47.39 37.24
C GLU P 251 -79.17 46.93 36.09
N THR P 252 -78.10 47.72 35.88
CA THR P 252 -77.06 47.39 34.90
C THR P 252 -76.01 46.51 35.58
N TYR P 253 -76.28 45.22 35.69
CA TYR P 253 -75.40 44.31 36.46
C TYR P 253 -74.08 44.16 35.72
N LEU P 254 -72.97 44.30 36.46
CA LEU P 254 -71.64 44.43 35.82
C LEU P 254 -70.81 43.13 35.72
N ASP P 255 -71.31 42.05 36.32
CA ASP P 255 -70.59 40.79 36.36
C ASP P 255 -70.92 39.97 35.13
N THR P 256 -70.21 38.83 34.98
CA THR P 256 -70.42 37.88 33.88
C THR P 256 -70.08 36.52 34.49
N PRO P 257 -71.00 35.53 34.41
CA PRO P 257 -72.39 35.58 33.90
C PRO P 257 -73.31 36.55 34.65
N ARG P 258 -74.40 36.95 33.98
CA ARG P 258 -75.45 37.78 34.58
C ARG P 258 -76.79 37.49 33.91
N PRO P 259 -77.90 37.78 34.63
CA PRO P 259 -79.22 37.72 33.99
C PRO P 259 -79.55 39.03 33.23
N ASP P 260 -80.75 39.17 32.66
CA ASP P 260 -81.11 40.43 32.00
C ASP P 260 -81.09 41.63 32.97
N ASP P 261 -80.78 42.82 32.46
CA ASP P 261 -80.73 43.99 33.31
C ASP P 261 -82.09 44.19 33.98
N GLY P 262 -82.06 44.46 35.29
CA GLY P 262 -83.23 44.84 36.07
C GLY P 262 -84.08 43.70 36.57
N SER P 263 -83.75 42.48 36.15
CA SER P 263 -84.65 41.35 36.37
C SER P 263 -84.47 40.64 37.72
N ILE P 264 -83.56 41.15 38.55
CA ILE P 264 -83.44 40.69 39.93
C ILE P 264 -84.38 41.53 40.79
N THR P 265 -85.41 40.85 41.30
CA THR P 265 -86.51 41.48 42.02
C THR P 265 -86.14 41.70 43.48
N GLY P 266 -86.88 42.55 44.19
CA GLY P 266 -86.58 42.81 45.60
C GLY P 266 -85.81 44.09 45.70
N PRO P 267 -85.36 44.45 46.92
CA PRO P 267 -84.65 45.75 47.03
C PRO P 267 -83.16 45.62 46.67
N CYS P 268 -82.40 46.67 46.96
CA CYS P 268 -80.99 46.74 46.64
C CYS P 268 -80.17 45.53 47.10
N GLU P 269 -80.53 44.93 48.23
CA GLU P 269 -79.72 43.82 48.76
C GLU P 269 -79.91 42.42 48.15
N SER P 270 -80.91 42.21 47.28
CA SER P 270 -81.16 40.85 46.75
C SER P 270 -80.04 40.31 45.86
N ASN P 271 -79.77 39.00 45.97
CA ASN P 271 -78.69 38.36 45.22
C ASN P 271 -78.74 38.31 43.66
N GLY P 272 -79.74 37.74 42.96
CA GLY P 272 -80.63 36.69 43.36
C GLY P 272 -80.25 35.50 42.45
N ASP P 273 -80.28 35.71 41.12
CA ASP P 273 -80.04 34.62 40.11
C ASP P 273 -78.75 34.74 39.23
N LYS P 274 -78.35 33.59 38.65
CA LYS P 274 -77.13 33.44 37.83
C LYS P 274 -75.85 34.03 38.48
N GLY P 275 -75.78 33.93 39.81
CA GLY P 275 -74.71 34.51 40.61
C GLY P 275 -73.39 33.75 40.64
N SER P 276 -73.38 32.48 40.26
CA SER P 276 -72.14 31.69 40.40
C SER P 276 -71.24 31.90 39.16
N GLY P 277 -69.94 31.96 39.39
CA GLY P 277 -68.97 32.43 38.38
C GLY P 277 -68.83 33.94 38.44
N GLY P 278 -67.95 34.52 37.61
CA GLY P 278 -67.66 35.95 37.70
C GLY P 278 -66.44 36.35 36.89
N ILE P 279 -66.16 37.64 36.91
CA ILE P 279 -65.05 38.24 36.16
C ILE P 279 -64.59 39.48 36.94
N LYS P 280 -63.30 39.83 36.83
CA LYS P 280 -62.80 41.10 37.36
C LYS P 280 -63.28 42.25 36.46
N GLY P 281 -63.56 43.41 37.08
CA GLY P 281 -64.30 44.45 36.38
C GLY P 281 -63.67 45.81 36.46
N GLY P 282 -63.64 46.52 35.33
CA GLY P 282 -63.08 47.87 35.29
C GLY P 282 -63.86 48.88 36.12
N PHE P 283 -63.15 49.87 36.67
CA PHE P 283 -63.77 50.90 37.51
C PHE P 283 -62.72 51.95 37.85
N VAL P 284 -63.09 53.20 37.61
CA VAL P 284 -62.16 54.31 37.79
C VAL P 284 -62.95 55.62 38.09
N HIS P 285 -62.33 56.54 38.85
CA HIS P 285 -63.00 57.81 39.22
C HIS P 285 -62.60 58.98 38.35
N GLN P 286 -63.58 59.82 38.06
CA GLN P 286 -63.41 61.15 37.49
C GLN P 286 -63.75 62.18 38.58
N ARG P 287 -62.74 62.78 39.21
CA ARG P 287 -62.99 63.72 40.32
C ARG P 287 -63.00 65.17 39.86
N MET P 288 -64.18 65.79 39.96
CA MET P 288 -64.39 67.20 39.64
C MET P 288 -64.69 68.01 40.90
N ALA P 289 -64.61 69.34 40.77
CA ALA P 289 -64.79 70.24 41.96
C ALA P 289 -66.03 69.89 42.82
N SER P 290 -67.21 69.85 42.22
CA SER P 290 -68.45 69.61 42.97
C SER P 290 -69.28 68.46 42.36
N LYS P 291 -68.60 67.43 41.88
CA LYS P 291 -69.24 66.39 41.16
C LYS P 291 -68.27 65.21 41.10
N ILE P 292 -68.80 63.99 41.02
CA ILE P 292 -67.93 62.83 40.83
C ILE P 292 -68.55 61.88 39.83
N GLY P 293 -67.79 61.51 38.80
CA GLY P 293 -68.20 60.48 37.86
C GLY P 293 -67.60 59.12 38.22
N ARG P 294 -68.38 58.07 38.02
CA ARG P 294 -67.91 56.72 38.22
C ARG P 294 -68.05 56.00 36.90
N TRP P 295 -66.93 55.47 36.40
CA TRP P 295 -66.86 54.84 35.09
C TRP P 295 -66.64 53.35 35.26
N TYR P 296 -67.35 52.52 34.51
CA TYR P 296 -67.32 51.07 34.71
C TYR P 296 -67.29 50.37 33.38
N SER P 297 -66.82 49.13 33.34
CA SER P 297 -66.92 48.36 32.10
C SER P 297 -67.48 46.94 32.34
N ARG P 298 -68.16 46.39 31.35
CA ARG P 298 -68.62 45.02 31.48
C ARG P 298 -68.70 44.38 30.11
N THR P 299 -68.61 43.04 30.08
CA THR P 299 -68.68 42.32 28.81
C THR P 299 -69.93 42.70 28.05
N MET P 300 -69.87 42.52 26.74
CA MET P 300 -70.99 42.81 25.84
C MET P 300 -71.95 41.64 25.95
N SER P 301 -71.40 40.42 26.03
CA SER P 301 -72.20 39.20 26.23
C SER P 301 -72.57 38.98 27.72
N LYS P 302 -73.77 38.48 27.94
CA LYS P 302 -74.22 38.18 29.30
C LYS P 302 -73.62 36.90 29.91
N THR P 303 -73.14 36.01 29.04
CA THR P 303 -72.73 34.64 29.43
C THR P 303 -71.25 34.42 29.22
N LYS P 304 -70.69 35.15 28.26
CA LYS P 304 -69.38 34.83 27.75
C LYS P 304 -68.39 35.99 27.84
N ARG P 305 -67.10 35.66 27.75
CA ARG P 305 -66.10 36.70 27.88
C ARG P 305 -65.78 37.30 26.53
N MET P 306 -66.79 37.99 25.97
CA MET P 306 -66.72 38.61 24.65
C MET P 306 -67.20 40.05 24.71
N GLY P 307 -66.42 40.95 24.10
CA GLY P 307 -66.72 42.36 24.06
C GLY P 307 -66.39 43.13 25.35
N MET P 308 -66.46 44.46 25.27
CA MET P 308 -66.42 45.28 26.50
C MET P 308 -67.08 46.64 26.26
N GLY P 309 -68.13 46.93 27.03
CA GLY P 309 -68.81 48.21 26.96
C GLY P 309 -68.38 49.12 28.09
N LEU P 310 -68.40 50.44 27.86
CA LEU P 310 -68.05 51.41 28.89
C LEU P 310 -69.32 52.10 29.37
N TYR P 311 -69.47 52.18 30.69
CA TYR P 311 -70.67 52.81 31.29
C TYR P 311 -70.25 53.86 32.31
N VAL P 312 -71.16 54.80 32.60
CA VAL P 312 -70.88 55.96 33.48
C VAL P 312 -72.12 56.44 34.25
N LYS P 313 -71.86 56.96 35.44
CA LYS P 313 -72.87 57.59 36.27
C LYS P 313 -72.24 58.66 37.13
N TYR P 314 -72.86 59.82 37.21
CA TYR P 314 -72.35 60.94 37.98
C TYR P 314 -73.10 61.03 39.31
N ASP P 315 -72.35 61.17 40.41
CA ASP P 315 -72.90 61.34 41.78
C ASP P 315 -73.80 60.20 42.24
N GLY P 316 -74.60 60.44 43.27
CA GLY P 316 -75.49 59.43 43.81
C GLY P 316 -74.71 58.52 44.71
N ASP P 317 -75.36 57.44 45.15
CA ASP P 317 -74.80 56.44 46.03
C ASP P 317 -75.06 55.12 45.34
N PRO P 318 -73.99 54.44 44.87
CA PRO P 318 -74.10 53.16 44.14
C PRO P 318 -74.71 52.05 44.96
N TRP P 319 -74.76 52.24 46.28
CA TRP P 319 -75.37 51.25 47.17
C TRP P 319 -76.88 51.21 47.11
N THR P 320 -77.50 52.37 46.82
CA THR P 320 -78.97 52.56 46.88
C THR P 320 -79.61 53.06 45.56
N ASP P 321 -78.80 53.43 44.58
CA ASP P 321 -79.31 53.86 43.29
C ASP P 321 -79.62 52.70 42.32
N SER P 322 -80.89 52.53 42.01
CA SER P 322 -81.29 51.44 41.11
C SER P 322 -81.33 51.91 39.66
N ASP P 323 -81.20 53.21 39.45
CA ASP P 323 -81.14 53.75 38.08
C ASP P 323 -80.12 52.98 37.23
N ALA P 324 -80.46 52.77 35.96
CA ALA P 324 -79.55 52.21 34.99
C ALA P 324 -78.32 53.11 34.75
N LEU P 325 -77.18 52.46 34.54
CA LEU P 325 -75.94 53.14 34.16
C LEU P 325 -76.04 53.51 32.69
N ALA P 326 -75.63 54.73 32.37
CA ALA P 326 -75.59 55.23 30.99
C ALA P 326 -74.51 54.50 30.16
N LEU P 327 -74.93 53.84 29.09
CA LEU P 327 -74.00 53.25 28.13
C LEU P 327 -73.22 54.29 27.35
N SER P 328 -71.90 54.35 27.56
CA SER P 328 -71.02 55.37 26.94
C SER P 328 -70.44 54.93 25.58
N GLY P 329 -69.96 53.70 25.48
CA GLY P 329 -69.57 53.15 24.18
C GLY P 329 -69.11 51.71 24.17
N VAL P 330 -68.95 51.16 22.96
CA VAL P 330 -68.37 49.82 22.79
C VAL P 330 -66.86 49.91 22.56
N MET P 331 -66.08 49.43 23.54
CA MET P 331 -64.61 49.37 23.47
C MET P 331 -64.12 48.12 22.77
N VAL P 332 -64.86 47.03 22.88
CA VAL P 332 -64.50 45.78 22.21
C VAL P 332 -65.77 45.17 21.69
N SER P 333 -65.85 44.97 20.40
CA SER P 333 -67.04 44.36 19.80
C SER P 333 -67.22 42.91 20.29
N MET P 334 -68.46 42.45 20.14
CA MET P 334 -68.91 41.11 20.56
C MET P 334 -68.09 40.00 19.89
N GLU P 335 -67.44 40.30 18.79
CA GLU P 335 -66.60 39.34 18.09
C GLU P 335 -65.16 39.24 18.60
N GLU P 336 -64.77 40.10 19.55
CA GLU P 336 -63.42 40.04 20.15
C GLU P 336 -63.50 39.68 21.62
N PRO P 337 -62.40 39.12 22.17
CA PRO P 337 -62.45 38.61 23.54
C PRO P 337 -62.29 39.75 24.57
N GLY P 338 -63.09 39.67 25.63
CA GLY P 338 -63.11 40.66 26.69
C GLY P 338 -63.10 39.95 28.02
N TRP P 339 -61.91 39.87 28.61
CA TRP P 339 -61.76 39.18 29.86
C TRP P 339 -61.65 40.22 30.99
N TYR P 340 -60.71 40.07 31.90
CA TYR P 340 -60.55 41.03 33.00
C TYR P 340 -60.51 42.49 32.49
N SER P 341 -60.96 43.41 33.32
CA SER P 341 -60.77 44.84 33.02
C SER P 341 -60.39 45.56 34.33
N PHE P 342 -59.72 46.70 34.25
CA PHE P 342 -59.20 47.37 35.45
C PHE P 342 -59.12 48.86 35.26
N GLY P 343 -58.92 49.59 36.35
CA GLY P 343 -58.77 51.05 36.29
C GLY P 343 -57.42 51.50 36.80
N PHE P 344 -56.99 52.67 36.32
CA PHE P 344 -55.76 53.33 36.72
C PHE P 344 -55.75 54.78 36.24
N GLU P 345 -54.77 55.54 36.73
CA GLU P 345 -54.76 56.96 36.52
C GLU P 345 -53.36 57.33 36.16
N ILE P 346 -53.22 58.05 35.05
CA ILE P 346 -51.97 58.64 34.61
C ILE P 346 -51.82 60.07 35.17
N LYS P 347 -50.60 60.44 35.58
CA LYS P 347 -50.37 61.72 36.22
C LYS P 347 -49.87 62.73 35.21
N ASP P 348 -50.75 63.64 34.75
CA ASP P 348 -50.31 64.80 33.96
C ASP P 348 -49.70 65.86 34.93
N LYS P 349 -49.19 66.98 34.41
CA LYS P 349 -48.44 67.93 35.23
C LYS P 349 -49.20 68.42 36.49
N LYS P 350 -50.49 68.72 36.33
CA LYS P 350 -51.27 69.30 37.41
C LYS P 350 -52.61 68.62 37.68
N CYS P 351 -52.86 67.50 37.00
CA CYS P 351 -54.10 66.77 37.19
C CYS P 351 -53.95 65.30 36.81
N ASP P 352 -54.93 64.48 37.19
CA ASP P 352 -54.91 63.03 36.98
C ASP P 352 -55.85 62.59 35.85
N VAL P 353 -55.43 61.63 35.03
CA VAL P 353 -56.24 61.15 33.90
C VAL P 353 -56.77 59.73 34.10
N PRO P 354 -58.09 59.59 34.33
CA PRO P 354 -58.66 58.28 34.57
C PRO P 354 -58.66 57.44 33.28
N CYS P 355 -58.36 56.14 33.40
CA CYS P 355 -58.29 55.22 32.27
C CYS P 355 -58.81 53.87 32.65
N ILE P 356 -59.29 53.10 31.67
CA ILE P 356 -59.69 51.71 31.85
C ILE P 356 -58.90 50.86 30.89
N GLY P 357 -58.27 49.80 31.43
CA GLY P 357 -57.54 48.80 30.63
C GLY P 357 -58.33 47.51 30.47
N ILE P 358 -58.10 46.79 29.38
CA ILE P 358 -58.86 45.57 29.13
C ILE P 358 -57.98 44.43 28.68
N GLU P 359 -57.97 43.35 29.46
CA GLU P 359 -57.31 42.10 29.08
C GLU P 359 -58.03 41.40 27.95
N MET P 360 -57.33 41.12 26.87
CA MET P 360 -57.98 40.54 25.71
C MET P 360 -57.32 39.19 25.43
N VAL P 361 -57.93 38.15 25.97
CA VAL P 361 -57.27 36.86 26.03
C VAL P 361 -57.34 36.10 24.70
N HIS P 362 -56.19 35.55 24.29
CA HIS P 362 -56.17 34.65 23.14
C HIS P 362 -56.41 33.27 23.68
N ASP P 363 -57.67 32.82 23.56
CA ASP P 363 -58.09 31.51 24.04
C ASP P 363 -58.33 30.52 22.87
N GLY P 364 -57.56 29.42 22.88
CA GLY P 364 -57.81 28.32 21.96
C GLY P 364 -57.83 26.97 22.66
N GLY P 365 -58.18 26.97 23.95
CA GLY P 365 -58.25 25.73 24.74
C GLY P 365 -56.91 25.30 25.31
N LYS P 366 -56.90 24.15 26.02
CA LYS P 366 -55.70 23.68 26.73
C LYS P 366 -54.61 23.01 25.86
N GLU P 367 -54.90 22.82 24.57
CA GLU P 367 -53.97 22.14 23.69
C GLU P 367 -52.98 23.08 22.99
N THR P 368 -53.14 24.38 23.19
CA THR P 368 -52.24 25.37 22.58
C THR P 368 -51.90 26.48 23.60
N TRP P 369 -51.17 27.53 23.20
CA TRP P 369 -50.80 28.59 24.15
C TRP P 369 -51.97 29.42 24.65
N HIS P 370 -51.79 30.08 25.79
CA HIS P 370 -52.84 30.90 26.38
C HIS P 370 -52.25 32.20 26.92
N SER P 371 -52.58 33.32 26.30
CA SER P 371 -52.07 34.60 26.75
C SER P 371 -53.06 35.71 26.48
N ALA P 372 -52.61 36.98 26.54
CA ALA P 372 -53.51 38.13 26.34
C ALA P 372 -52.84 39.34 25.75
N ALA P 373 -53.61 40.12 24.99
CA ALA P 373 -53.26 41.50 24.69
C ALA P 373 -53.82 42.44 25.78
N THR P 374 -53.48 43.73 25.70
CA THR P 374 -54.02 44.76 26.62
C THR P 374 -54.45 46.03 25.87
N ALA P 375 -55.73 46.36 25.93
CA ALA P 375 -56.25 47.58 25.29
C ALA P 375 -56.48 48.69 26.34
N ILE P 376 -56.18 49.94 25.97
CA ILE P 376 -56.29 51.04 26.95
C ILE P 376 -57.19 52.18 26.46
N TYR P 377 -58.19 52.52 27.30
CA TYR P 377 -59.09 53.66 27.04
C TYR P 377 -58.93 54.73 28.12
N CYS P 378 -58.79 55.99 27.71
CA CYS P 378 -58.65 57.09 28.71
C CYS P 378 -59.59 58.27 28.43
N LEU P 379 -59.92 58.98 29.50
CA LEU P 379 -60.69 60.24 29.42
C LEU P 379 -59.89 61.26 28.64
N MET P 380 -60.43 61.68 27.49
CA MET P 380 -59.81 62.73 26.69
C MET P 380 -60.80 63.53 25.81
N GLY P 381 -60.85 64.84 26.06
CA GLY P 381 -61.63 65.78 25.26
C GLY P 381 -63.11 65.58 25.52
N SER P 382 -63.94 66.05 24.57
CA SER P 382 -65.40 65.97 24.70
C SER P 382 -66.03 65.14 23.55
N GLY P 383 -67.34 64.88 23.59
CA GLY P 383 -68.05 64.15 22.52
C GLY P 383 -68.48 62.74 22.94
N GLN P 384 -68.42 61.78 22.01
CA GLN P 384 -68.72 60.36 22.33
C GLN P 384 -67.58 59.46 21.94
N LEU P 385 -67.46 58.32 22.64
CA LEU P 385 -66.44 57.34 22.35
C LEU P 385 -66.58 56.85 20.88
N LEU P 386 -65.48 56.92 20.13
CA LEU P 386 -65.47 56.68 18.69
C LEU P 386 -65.08 55.29 18.10
N TRP P 387 -64.08 54.59 18.65
CA TRP P 387 -63.59 53.39 17.96
C TRP P 387 -63.30 52.23 18.90
N ASP P 388 -63.47 51.02 18.36
CA ASP P 388 -63.21 49.79 19.11
C ASP P 388 -61.78 49.26 18.90
N THR P 389 -61.44 48.18 19.61
CA THR P 389 -60.11 47.58 19.55
C THR P 389 -60.18 46.11 19.17
N VAL P 390 -59.32 45.71 18.23
CA VAL P 390 -59.14 44.29 17.89
C VAL P 390 -57.69 43.87 18.26
N THR P 391 -57.43 42.57 18.50
CA THR P 391 -56.06 42.19 18.82
C THR P 391 -55.23 42.03 17.55
N GLY P 392 -55.90 41.68 16.45
CA GLY P 392 -55.21 41.44 15.16
C GLY P 392 -54.55 40.06 15.09
N VAL P 393 -54.70 39.23 16.16
CA VAL P 393 -53.92 38.00 16.29
C VAL P 393 -54.67 36.77 15.76
N ASP P 394 -53.97 35.97 14.96
CA ASP P 394 -54.47 34.71 14.47
C ASP P 394 -53.67 33.62 15.21
N MET P 395 -54.38 32.82 16.00
CA MET P 395 -53.70 31.89 16.90
C MET P 395 -53.05 30.67 16.23
N ALA P 396 -53.30 30.53 14.92
CA ALA P 396 -52.73 29.43 14.12
C ALA P 396 -51.28 29.70 13.72
N LEU P 397 -50.88 30.96 13.75
CA LEU P 397 -49.61 31.38 13.17
C LEU P 397 -48.43 31.18 14.11
#